data_5VKQ
#
_entry.id   5VKQ
#
_cell.length_a   1.0
_cell.length_b   1.0
_cell.length_c   1.0
_cell.angle_alpha   90.0
_cell.angle_beta   90.0
_cell.angle_gamma   90.0
#
_symmetry.space_group_name_H-M   'P 1'
#
loop_
_entity.id
_entity.type
_entity.pdbx_description
1 polymer 'No mechanoreceptor potential C isoform L'
2 non-polymer 1,2-DIACYL-SN-GLYCERO-3-PHOSHOCHOLINE
#
_entity_poly.entity_id   1
_entity_poly.type   'polypeptide(L)'
_entity_poly.pdbx_seq_one_letter_code
;MSQPRGGRGGGRGGGVGRKTPSSLTGPPDESATPSERATPASKADSDPKDDSSSNGDKKDMDLFPAPKPPSAGASIRDTA
NKVLGLAMKSEWTPIEAELKKLEKYVANVGEDGNHIPLAGVHDMNTGMTPLMYATKDNKTAIMDRMIELGADVGARNNDN
YNVLHIAAMYSREDVVKLLLTKRGVDPFSTGGSRSQTAVHLVSSRQTGTATNILRALLAAAGKDIRLKADGRGKIPLLLA
VESGNQSMCRELLAAQTAEQLKATTANGDTALHLAARRRDVDMVRILVDYGTNVDTQNGEGQTPLHIAAAEGDEALLKYF
YGVRASASIADNQDRTPMHLAAENGHAHVIEILADKFKASIFERTKDGSTLMHIASLNGHAECATMLFKKGVYLHMPNKD
GARSIHTAAAYGHTGIINTLLQKGEKVDVTTNDNYTALHIAVESAKPAVVETLLGFGADVHVRGGKLRETPLHIAARVKD
GDRCALMLLKSGASPNLTTDDCLTPVHVAARHGNLATLMQLLEDEGDPLYKSNTGETPLHMACRACHPDIVRHLIETVKE
KHGPDKATTYINSVNEDGATALHYTCQITKEEVKIPESDKQIVRMLLENGADVTLQTKTALETAFHYCAVAGNNDVLMEM
ISHMNPTDIQKAMNRQSSVGWTPLLIACHRGHMELVNNLLANHARVDVFDTEGRSALHLAAERGYLHVCDALLTNKAFIN
SKSRVGRTALHLAAMNGFTHLVKFLIKDHNAVIDILTLRKQTPLHLAAASGQMEVCQLLLELGANIDATDDLGQKPIHVA
AQNNYSEVAKLFLQQHPSLVNATSKDGNTCAHIAAMQGSVKVIEELMKFDRSGVISARNKLTDATPLQLAAEGGHADVVK
ALVRAGASCTEENKAGFTAVHLAAQNGHGQVLDVLKSTNSLRINSKKLGLTPLHVAAYYGQADTVRELLTSVPATVKSET
PTGQSLFGDLGTESGMTPLHLAAFSGNENVVRLLLNSAGVQVDAATIENGYNPLHLACFGGHMSVVGLLLSRSAELLQSQ
DRNGRTGLHIAAMHGHIQMVEILLGQGAEINATDRNGWTPLHCAAKAGHLEVVKLLCEAGASPKSETNYGCAAIWFAASE
GHNEVLRYLMNKEHDTYGLMEDKRFVYNLMVVSKNHNNKPIQEFVLVSPAPVDTAAKLSNIYIVLSTKEKERAKDLVAAG
KQCEAMATELLALAAGSDSAGKILQATDKRNVEFLDVLIENEQKEVIAHTVVQRYLQELWHGSLTWASWKILLLLVAFIV
CPPVWIGFTFPMGHKFNKVPIIKFMSYLTSHIYLMIHLSIVGITPIYPVLRLSLVPYWYEVGLLIWLSGLLLFELTNPSD
KSGLGSIKVLVLLLGMAGVGVHVSAFLFVSKEYWPTLVYCRNQCFALAFLLACVQILDFLSFHHLFGPWAIIIGDLLKDL
ARFLAVLAIFVFGFSMHIVALNQSFANFSPEDLRSFEKKNRNRGYFSDVRMHPINSFELLFFAVFGQTTTEQTQVDKIKN
VATPTQPYWVEYLFKIVFGIYMLVSVVVLIQLLIAMMSDTYQRIQAQSDIEWKFGLSKLIRNMHRTTTAPSPLNLVTTWF
MWIVEKVKARMKKKKRPSLVQMMGIRQASPRTKAGAKWLSKIKKDSVALSQVHLSPLGSQASFSQANQNRIENVADWEAI
AKKYRALVGDEEGGSLKDSDAESGSQEGSGGQQPPAQVGRRAIKATLADTTK
;
_entity_poly.pdbx_strand_id   A,B,C,D
#
loop_
_chem_comp.id
_chem_comp.type
_chem_comp.name
_chem_comp.formula
PCF non-polymer 1,2-DIACYL-SN-GLYCERO-3-PHOSHOCHOLINE 'C40 H80 N O8 P'
#
# COMPACT_ATOMS: atom_id res chain seq x y z
N MET A 124 -29.18 -60.32 -119.86
CA MET A 124 -29.55 -59.24 -118.95
C MET A 124 -29.04 -57.90 -119.46
N ASN A 125 -29.90 -56.88 -119.40
CA ASN A 125 -29.54 -55.55 -119.86
C ASN A 125 -30.22 -54.52 -118.97
N THR A 126 -29.48 -53.46 -118.64
CA THR A 126 -30.01 -52.38 -117.82
C THR A 126 -29.30 -51.08 -118.20
N GLY A 127 -29.84 -49.97 -117.70
CA GLY A 127 -29.27 -48.67 -117.97
C GLY A 127 -28.43 -48.17 -116.81
N MET A 128 -28.57 -46.87 -116.54
CA MET A 128 -27.89 -46.26 -115.40
C MET A 128 -28.43 -46.77 -114.07
N THR A 129 -29.74 -46.93 -113.96
CA THR A 129 -30.30 -47.54 -112.75
C THR A 129 -30.17 -49.06 -112.76
N PRO A 130 -30.15 -49.75 -111.62
CA PRO A 130 -29.96 -51.21 -111.67
C PRO A 130 -31.26 -51.99 -111.87
N LEU A 131 -32.35 -51.27 -112.12
CA LEU A 131 -33.63 -51.91 -112.36
C LEU A 131 -33.66 -52.54 -113.75
N MET A 132 -34.38 -53.65 -113.87
CA MET A 132 -34.50 -54.41 -115.11
C MET A 132 -35.95 -54.42 -115.57
N TYR A 133 -36.22 -55.25 -116.60
CA TYR A 133 -37.56 -55.35 -117.15
C TYR A 133 -38.51 -56.08 -116.21
N ALA A 134 -37.97 -56.84 -115.24
CA ALA A 134 -38.83 -57.52 -114.27
C ALA A 134 -39.43 -56.51 -113.28
N THR A 135 -38.61 -55.58 -112.78
CA THR A 135 -39.13 -54.57 -111.86
C THR A 135 -39.90 -53.50 -112.60
N LYS A 136 -39.56 -53.23 -113.86
CA LYS A 136 -40.28 -52.24 -114.64
C LYS A 136 -41.63 -52.76 -115.10
N ASP A 137 -41.69 -54.04 -115.50
CA ASP A 137 -42.97 -54.62 -115.90
C ASP A 137 -43.78 -55.09 -114.69
N ASN A 138 -43.13 -55.26 -113.53
CA ASN A 138 -43.84 -55.70 -112.34
C ASN A 138 -44.61 -54.56 -111.67
N LYS A 139 -44.30 -53.32 -112.01
CA LYS A 139 -44.97 -52.16 -111.41
C LYS A 139 -45.75 -51.33 -112.42
N THR A 140 -45.98 -51.84 -113.63
CA THR A 140 -46.69 -51.08 -114.66
C THR A 140 -48.01 -51.72 -115.08
N ALA A 141 -48.54 -52.66 -114.28
CA ALA A 141 -49.76 -53.41 -114.55
C ALA A 141 -49.74 -54.09 -115.91
N ILE A 142 -48.68 -54.84 -116.19
CA ILE A 142 -48.44 -55.46 -117.49
C ILE A 142 -48.42 -56.96 -117.34
N MET A 143 -49.26 -57.50 -116.44
CA MET A 143 -49.26 -58.87 -115.93
C MET A 143 -49.19 -59.98 -116.98
N ASP A 144 -49.66 -59.72 -118.21
CA ASP A 144 -49.43 -60.67 -119.30
C ASP A 144 -47.97 -60.63 -119.74
N ARG A 145 -47.48 -59.44 -120.12
CA ARG A 145 -46.08 -59.28 -120.47
C ARG A 145 -45.18 -59.35 -119.24
N MET A 146 -45.72 -59.12 -118.04
CA MET A 146 -44.98 -59.38 -116.82
C MET A 146 -45.07 -60.84 -116.40
N ILE A 147 -45.92 -61.63 -117.06
CA ILE A 147 -45.96 -63.06 -116.84
C ILE A 147 -45.03 -63.79 -117.80
N GLU A 148 -44.95 -63.33 -119.05
CA GLU A 148 -43.96 -63.86 -119.98
C GLU A 148 -42.56 -63.37 -119.62
N LEU A 149 -42.43 -62.06 -119.39
CA LEU A 149 -41.17 -61.50 -118.91
C LEU A 149 -40.90 -61.89 -117.46
N GLY A 150 -41.95 -62.22 -116.71
CA GLY A 150 -41.77 -62.81 -115.40
C GLY A 150 -41.42 -64.29 -115.45
N ALA A 151 -41.60 -64.92 -116.61
CA ALA A 151 -41.17 -66.31 -116.79
C ALA A 151 -39.73 -66.38 -117.27
N ASP A 152 -39.37 -65.54 -118.24
CA ASP A 152 -37.97 -65.46 -118.67
C ASP A 152 -37.10 -64.84 -117.59
N VAL A 153 -37.63 -63.82 -116.90
CA VAL A 153 -36.94 -63.27 -115.74
C VAL A 153 -37.06 -64.22 -114.56
N GLY A 154 -38.11 -65.06 -114.56
CA GLY A 154 -38.22 -66.10 -113.55
C GLY A 154 -37.20 -67.20 -113.73
N ALA A 155 -36.70 -67.38 -114.96
CA ALA A 155 -35.61 -68.33 -115.18
C ALA A 155 -34.26 -67.65 -115.05
N ARG A 156 -34.20 -66.34 -115.26
CA ARG A 156 -32.93 -65.60 -115.26
C ARG A 156 -32.63 -64.95 -113.90
N ASN A 157 -33.50 -64.05 -113.45
CA ASN A 157 -33.23 -63.20 -112.29
C ASN A 157 -34.44 -63.15 -111.35
N ASN A 158 -34.95 -64.33 -111.00
CA ASN A 158 -36.16 -64.41 -110.17
C ASN A 158 -35.89 -63.93 -108.74
N ASP A 159 -34.67 -64.12 -108.26
CA ASP A 159 -34.29 -63.70 -106.91
C ASP A 159 -33.54 -62.37 -106.91
N ASN A 160 -33.85 -61.49 -107.85
CA ASN A 160 -33.15 -60.22 -107.97
C ASN A 160 -33.90 -59.13 -107.19
N TYR A 161 -33.13 -58.25 -106.55
CA TYR A 161 -33.69 -57.11 -105.83
C TYR A 161 -33.27 -55.82 -106.51
N ASN A 162 -33.85 -54.71 -106.05
CA ASN A 162 -33.55 -53.40 -106.60
C ASN A 162 -32.32 -52.81 -105.91
N VAL A 163 -32.09 -51.51 -106.17
CA VAL A 163 -30.96 -50.83 -105.53
C VAL A 163 -31.24 -50.59 -104.05
N LEU A 164 -32.50 -50.41 -103.68
CA LEU A 164 -32.90 -50.27 -102.29
C LEU A 164 -33.45 -51.58 -101.71
N HIS A 165 -32.94 -52.71 -102.17
CA HIS A 165 -33.29 -54.08 -101.80
C HIS A 165 -34.77 -54.40 -102.04
N ILE A 166 -35.43 -53.74 -103.00
CA ILE A 166 -36.82 -54.03 -103.32
C ILE A 166 -36.84 -55.25 -104.23
N ALA A 167 -37.10 -56.42 -103.64
CA ALA A 167 -37.13 -57.67 -104.38
C ALA A 167 -38.42 -57.76 -105.21
N ALA A 168 -38.55 -58.82 -106.01
CA ALA A 168 -39.73 -58.98 -106.85
C ALA A 168 -40.98 -59.24 -106.02
N MET A 169 -40.84 -59.99 -104.93
CA MET A 169 -41.96 -60.13 -104.00
C MET A 169 -42.16 -58.85 -103.20
N TYR A 170 -41.08 -58.11 -102.94
CA TYR A 170 -41.17 -56.88 -102.17
C TYR A 170 -41.71 -55.72 -103.00
N SER A 171 -41.20 -55.52 -104.21
CA SER A 171 -41.69 -54.44 -105.05
C SER A 171 -43.03 -54.79 -105.68
N ARG A 172 -43.16 -56.04 -106.16
CA ARG A 172 -44.42 -56.48 -106.74
C ARG A 172 -45.52 -56.57 -105.69
N GLU A 173 -45.20 -57.07 -104.50
CA GLU A 173 -46.18 -57.05 -103.41
C GLU A 173 -46.24 -55.68 -102.74
N ASP A 174 -45.40 -54.74 -103.17
CA ASP A 174 -45.42 -53.40 -102.59
C ASP A 174 -46.29 -52.43 -103.36
N VAL A 175 -46.24 -52.42 -104.70
CA VAL A 175 -46.88 -51.31 -105.39
C VAL A 175 -48.38 -51.54 -105.60
N VAL A 176 -48.77 -52.45 -106.50
CA VAL A 176 -50.19 -52.72 -106.69
C VAL A 176 -50.47 -54.21 -106.90
N LYS A 177 -49.42 -54.97 -107.22
CA LYS A 177 -49.58 -56.26 -107.91
C LYS A 177 -49.88 -57.37 -106.90
N LEU A 178 -51.01 -58.05 -107.11
CA LEU A 178 -51.26 -59.30 -106.42
C LEU A 178 -51.13 -60.49 -107.36
N LEU A 179 -51.43 -60.27 -108.65
CA LEU A 179 -51.30 -61.34 -109.63
C LEU A 179 -49.83 -61.58 -109.99
N LEU A 180 -49.00 -60.54 -109.94
CA LEU A 180 -47.58 -60.73 -110.19
C LEU A 180 -46.88 -61.29 -108.95
N THR A 181 -47.48 -61.12 -107.77
CA THR A 181 -46.95 -61.77 -106.57
C THR A 181 -47.40 -63.22 -106.49
N LYS A 182 -48.58 -63.53 -107.02
CA LYS A 182 -49.07 -64.91 -107.03
C LYS A 182 -48.40 -65.72 -108.13
N ARG A 183 -48.28 -65.16 -109.33
CA ARG A 183 -47.61 -65.85 -110.42
C ARG A 183 -46.10 -65.80 -110.26
N GLY A 184 -45.59 -64.68 -109.71
CA GLY A 184 -44.16 -64.58 -109.48
C GLY A 184 -43.70 -65.40 -108.29
N VAL A 185 -44.55 -65.51 -107.27
CA VAL A 185 -44.22 -66.34 -106.11
C VAL A 185 -44.60 -67.79 -106.35
N ASP A 186 -45.39 -68.04 -107.39
CA ASP A 186 -45.80 -69.40 -107.70
C ASP A 186 -44.69 -70.14 -108.44
N PRO A 187 -44.08 -69.53 -109.47
CA PRO A 187 -43.11 -70.24 -110.30
C PRO A 187 -41.81 -70.63 -109.60
N PHE A 188 -41.07 -69.65 -109.08
CA PHE A 188 -39.75 -69.90 -108.53
C PHE A 188 -39.44 -69.15 -107.23
N SER A 189 -40.34 -68.30 -106.74
CA SER A 189 -40.03 -67.52 -105.55
C SER A 189 -40.76 -68.07 -104.33
N THR A 190 -40.08 -68.89 -103.52
CA THR A 190 -40.70 -69.52 -102.35
C THR A 190 -41.05 -68.51 -101.27
N GLY A 191 -41.96 -68.89 -100.38
CA GLY A 191 -42.45 -68.00 -99.34
C GLY A 191 -41.42 -67.64 -98.29
N GLY A 192 -40.97 -66.39 -98.30
CA GLY A 192 -39.98 -65.93 -97.36
C GLY A 192 -38.93 -65.08 -98.04
N SER A 193 -38.75 -63.89 -97.49
CA SER A 193 -37.78 -62.93 -98.02
C SER A 193 -37.28 -62.00 -96.92
N ARG A 194 -36.34 -61.13 -97.25
CA ARG A 194 -35.79 -60.18 -96.29
C ARG A 194 -35.30 -58.94 -97.03
N SER A 195 -35.72 -57.78 -96.54
CA SER A 195 -35.29 -56.51 -97.11
C SER A 195 -34.02 -56.04 -96.41
N GLN A 196 -33.65 -54.78 -96.64
CA GLN A 196 -32.48 -54.22 -95.98
C GLN A 196 -32.74 -53.99 -94.50
N THR A 197 -33.98 -53.63 -94.14
CA THR A 197 -34.38 -53.50 -92.75
C THR A 197 -35.09 -54.75 -92.23
N ALA A 198 -34.74 -55.92 -92.76
CA ALA A 198 -35.28 -57.25 -92.44
C ALA A 198 -36.79 -57.34 -92.63
N VAL A 199 -37.37 -56.54 -93.53
CA VAL A 199 -38.81 -56.59 -93.78
C VAL A 199 -39.12 -57.84 -94.58
N HIS A 200 -39.76 -58.82 -93.94
CA HIS A 200 -40.15 -60.05 -94.60
C HIS A 200 -41.32 -59.80 -95.56
N LEU A 201 -41.62 -60.81 -96.37
CA LEU A 201 -42.71 -60.70 -97.34
C LEU A 201 -44.05 -60.58 -96.65
N VAL A 202 -44.24 -61.29 -95.53
CA VAL A 202 -45.43 -61.09 -94.71
C VAL A 202 -45.33 -59.78 -93.94
N SER A 203 -44.11 -59.37 -93.58
CA SER A 203 -43.93 -58.15 -92.81
C SER A 203 -44.10 -56.92 -93.69
N SER A 204 -43.42 -56.89 -94.84
CA SER A 204 -43.61 -55.79 -95.78
C SER A 204 -44.97 -55.87 -96.47
N ARG A 205 -45.55 -57.07 -96.51
CA ARG A 205 -46.95 -57.20 -96.92
C ARG A 205 -47.87 -56.58 -95.87
N GLN A 206 -47.50 -56.68 -94.59
CA GLN A 206 -48.26 -56.00 -93.55
C GLN A 206 -47.85 -54.54 -93.41
N THR A 207 -46.66 -54.17 -93.86
CA THR A 207 -46.25 -52.77 -93.80
C THR A 207 -46.98 -51.94 -94.84
N GLY A 208 -47.28 -52.53 -96.00
CA GLY A 208 -48.06 -51.88 -97.03
C GLY A 208 -49.56 -52.07 -96.91
N THR A 209 -50.02 -52.67 -95.80
CA THR A 209 -51.44 -52.92 -95.50
C THR A 209 -52.12 -53.75 -96.59
N ALA A 210 -51.40 -54.76 -97.09
CA ALA A 210 -51.93 -55.65 -98.10
C ALA A 210 -52.69 -56.79 -97.43
N THR A 211 -53.84 -57.15 -97.99
CA THR A 211 -54.67 -58.18 -97.39
C THR A 211 -54.34 -59.56 -97.97
N ASN A 212 -54.26 -59.67 -99.30
CA ASN A 212 -54.00 -60.95 -99.92
C ASN A 212 -52.54 -61.36 -99.83
N ILE A 213 -51.63 -60.38 -99.76
CA ILE A 213 -50.20 -60.70 -99.68
C ILE A 213 -49.82 -61.12 -98.27
N LEU A 214 -50.36 -60.44 -97.26
CA LEU A 214 -50.08 -60.83 -95.88
C LEU A 214 -50.93 -62.03 -95.46
N ARG A 215 -52.08 -62.22 -96.10
CA ARG A 215 -52.92 -63.38 -95.80
C ARG A 215 -52.36 -64.64 -96.44
N ALA A 216 -51.99 -64.56 -97.72
CA ALA A 216 -51.39 -65.70 -98.39
C ALA A 216 -49.96 -65.93 -97.92
N LEU A 217 -49.29 -64.88 -97.46
CA LEU A 217 -47.95 -65.04 -96.90
C LEU A 217 -48.00 -65.61 -95.50
N LEU A 218 -49.01 -65.23 -94.72
CA LEU A 218 -49.17 -65.80 -93.38
C LEU A 218 -49.74 -67.21 -93.45
N ALA A 219 -50.42 -67.56 -94.55
CA ALA A 219 -50.87 -68.93 -94.74
C ALA A 219 -49.72 -69.86 -95.07
N ALA A 220 -48.67 -69.33 -95.67
CA ALA A 220 -47.46 -70.10 -95.95
C ALA A 220 -46.56 -70.14 -94.72
N ALA A 221 -45.80 -71.23 -94.62
CA ALA A 221 -44.97 -71.48 -93.43
C ALA A 221 -43.54 -70.97 -93.64
N GLY A 222 -43.46 -69.67 -93.95
CA GLY A 222 -42.16 -69.02 -93.98
C GLY A 222 -41.59 -68.84 -92.59
N LYS A 223 -42.24 -68.02 -91.76
CA LYS A 223 -41.98 -67.98 -90.33
C LYS A 223 -42.91 -68.93 -89.58
N ASP A 224 -44.05 -69.28 -90.18
CA ASP A 224 -44.98 -70.35 -89.77
C ASP A 224 -45.76 -70.02 -88.50
N ILE A 225 -45.44 -68.90 -87.86
CA ILE A 225 -46.18 -68.43 -86.70
C ILE A 225 -46.42 -66.93 -86.84
N ARG A 226 -45.82 -66.33 -87.87
CA ARG A 226 -45.73 -64.88 -88.07
C ARG A 226 -45.17 -64.15 -86.86
N LEU A 227 -44.26 -64.78 -86.12
CA LEU A 227 -43.71 -64.20 -84.91
C LEU A 227 -42.19 -64.14 -84.94
N LYS A 228 -41.57 -64.76 -85.95
CA LYS A 228 -40.15 -64.58 -86.20
C LYS A 228 -39.95 -63.18 -86.74
N ALA A 229 -39.66 -62.24 -85.85
CA ALA A 229 -39.73 -60.82 -86.14
C ALA A 229 -38.52 -60.37 -86.96
N ASP A 230 -38.48 -59.08 -87.26
CA ASP A 230 -37.40 -58.47 -88.02
C ASP A 230 -36.25 -58.10 -87.09
N GLY A 231 -35.32 -57.30 -87.58
CA GLY A 231 -34.21 -56.86 -86.74
C GLY A 231 -34.64 -55.87 -85.67
N ARG A 232 -35.65 -55.05 -85.98
CA ARG A 232 -36.21 -54.12 -85.02
C ARG A 232 -37.48 -54.67 -84.35
N GLY A 233 -37.66 -55.98 -84.34
CA GLY A 233 -38.87 -56.56 -83.81
C GLY A 233 -40.09 -56.40 -84.70
N LYS A 234 -39.90 -56.00 -85.94
CA LYS A 234 -41.01 -55.70 -86.85
C LYS A 234 -41.58 -57.01 -87.43
N ILE A 235 -42.40 -57.66 -86.61
CA ILE A 235 -43.18 -58.81 -87.05
C ILE A 235 -44.47 -58.29 -87.67
N PRO A 236 -45.38 -59.17 -88.11
CA PRO A 236 -46.66 -58.66 -88.63
C PRO A 236 -47.55 -58.06 -87.55
N LEU A 237 -47.40 -58.52 -86.30
CA LEU A 237 -48.18 -57.94 -85.21
C LEU A 237 -47.66 -56.57 -84.82
N LEU A 238 -46.34 -56.36 -84.90
CA LEU A 238 -45.75 -55.08 -84.53
C LEU A 238 -46.02 -54.03 -85.60
N LEU A 239 -45.73 -54.35 -86.86
CA LEU A 239 -45.94 -53.40 -87.94
C LEU A 239 -47.42 -53.21 -88.24
N ALA A 240 -48.22 -54.27 -88.08
CA ALA A 240 -49.65 -54.14 -88.31
C ALA A 240 -50.32 -53.43 -87.13
N VAL A 241 -49.77 -53.60 -85.92
CA VAL A 241 -50.36 -52.94 -84.75
C VAL A 241 -49.99 -51.47 -84.72
N GLU A 242 -48.77 -51.12 -85.15
CA GLU A 242 -48.32 -49.75 -85.08
C GLU A 242 -48.92 -48.85 -86.16
N SER A 243 -49.43 -49.43 -87.24
CA SER A 243 -49.91 -48.66 -88.39
C SER A 243 -51.43 -48.62 -88.48
N GLY A 244 -52.15 -49.20 -87.53
CA GLY A 244 -53.59 -49.26 -87.60
C GLY A 244 -54.07 -50.25 -88.64
N ASN A 245 -53.33 -51.35 -88.77
CA ASN A 245 -53.61 -52.41 -89.74
C ASN A 245 -54.22 -53.63 -89.08
N GLN A 246 -55.17 -53.42 -88.16
CA GLN A 246 -55.78 -54.50 -87.39
C GLN A 246 -56.59 -55.47 -88.25
N SER A 247 -56.97 -55.06 -89.46
CA SER A 247 -57.56 -56.00 -90.42
C SER A 247 -56.54 -57.05 -90.85
N MET A 248 -55.27 -56.66 -90.92
CA MET A 248 -54.20 -57.62 -91.17
C MET A 248 -53.70 -58.27 -89.88
N CYS A 249 -53.83 -57.57 -88.74
CA CYS A 249 -53.43 -58.10 -87.46
C CYS A 249 -54.48 -59.02 -86.83
N ARG A 250 -55.58 -59.26 -87.52
CA ARG A 250 -56.54 -60.27 -87.07
C ARG A 250 -55.98 -61.67 -87.29
N GLU A 251 -55.62 -62.01 -88.52
CA GLU A 251 -54.96 -63.29 -88.78
C GLU A 251 -53.47 -63.20 -88.47
N LEU A 252 -52.84 -62.06 -88.78
CA LEU A 252 -51.42 -61.89 -88.52
C LEU A 252 -51.13 -61.85 -87.02
N LEU A 253 -52.02 -61.23 -86.24
CA LEU A 253 -51.88 -61.29 -84.79
C LEU A 253 -52.71 -62.43 -84.20
N ALA A 254 -53.37 -63.22 -85.05
CA ALA A 254 -53.95 -64.47 -84.56
C ALA A 254 -52.90 -65.58 -84.51
N ALA A 255 -52.08 -65.68 -85.55
CA ALA A 255 -50.90 -66.56 -85.46
C ALA A 255 -49.83 -65.92 -84.61
N GLN A 256 -49.61 -64.60 -84.78
CA GLN A 256 -48.59 -63.90 -84.01
C GLN A 256 -49.00 -63.69 -82.57
N THR A 257 -50.28 -63.84 -82.24
CA THR A 257 -50.68 -63.95 -80.85
C THR A 257 -50.83 -65.41 -80.42
N ALA A 258 -50.88 -66.33 -81.39
CA ALA A 258 -50.85 -67.74 -81.05
C ALA A 258 -49.45 -68.19 -80.64
N GLU A 259 -48.44 -67.42 -81.04
CA GLU A 259 -47.06 -67.67 -80.62
C GLU A 259 -46.52 -66.56 -79.72
N GLN A 260 -46.85 -65.30 -80.02
CA GLN A 260 -46.23 -64.13 -79.41
C GLN A 260 -47.28 -63.12 -78.98
N LEU A 261 -48.26 -63.58 -78.20
CA LEU A 261 -49.26 -62.67 -77.61
C LEU A 261 -48.60 -61.66 -76.69
N LYS A 262 -47.66 -62.11 -75.87
CA LYS A 262 -46.77 -61.20 -75.13
C LYS A 262 -45.63 -60.77 -76.06
N ALA A 263 -45.94 -59.83 -76.94
CA ALA A 263 -45.03 -59.39 -77.99
C ALA A 263 -43.93 -58.54 -77.38
N THR A 264 -42.85 -59.21 -76.97
CA THR A 264 -41.72 -58.53 -76.36
C THR A 264 -40.95 -57.76 -77.43
N THR A 265 -41.12 -56.45 -77.45
CA THR A 265 -40.44 -55.59 -78.41
C THR A 265 -39.09 -55.15 -77.84
N ALA A 266 -38.45 -54.19 -78.52
CA ALA A 266 -37.18 -53.66 -78.02
C ALA A 266 -37.39 -52.64 -76.92
N ASN A 267 -38.37 -51.75 -77.10
CA ASN A 267 -38.74 -50.76 -76.10
C ASN A 267 -39.86 -51.24 -75.19
N GLY A 268 -40.23 -52.52 -75.28
CA GLY A 268 -41.32 -53.05 -74.49
C GLY A 268 -42.71 -52.71 -74.98
N ASP A 269 -42.83 -51.97 -76.09
CA ASP A 269 -44.12 -51.57 -76.63
C ASP A 269 -44.74 -52.75 -77.37
N THR A 270 -45.58 -53.50 -76.66
CA THR A 270 -46.36 -54.57 -77.24
C THR A 270 -47.58 -54.00 -77.96
N ALA A 271 -48.53 -54.86 -78.31
CA ALA A 271 -49.71 -54.43 -79.04
C ALA A 271 -50.58 -53.49 -78.21
N LEU A 272 -50.82 -53.85 -76.95
CA LEU A 272 -51.55 -52.97 -76.05
C LEU A 272 -50.70 -51.81 -75.57
N HIS A 273 -49.36 -51.92 -75.66
CA HIS A 273 -48.49 -50.88 -75.15
C HIS A 273 -48.11 -49.86 -76.22
N LEU A 274 -47.85 -50.33 -77.45
CA LEU A 274 -47.71 -49.38 -78.56
C LEU A 274 -49.07 -48.84 -78.99
N ALA A 275 -50.13 -49.63 -78.80
CA ALA A 275 -51.48 -49.09 -78.95
C ALA A 275 -51.82 -48.14 -77.83
N ALA A 276 -51.25 -48.34 -76.64
CA ALA A 276 -51.50 -47.45 -75.51
C ALA A 276 -50.78 -46.13 -75.67
N ARG A 277 -49.47 -46.17 -75.97
CA ARG A 277 -48.71 -44.95 -76.19
C ARG A 277 -49.11 -44.27 -77.49
N ARG A 278 -49.59 -45.03 -78.47
CA ARG A 278 -50.09 -44.46 -79.71
C ARG A 278 -51.55 -44.04 -79.59
N ARG A 279 -52.17 -44.28 -78.43
CA ARG A 279 -53.57 -44.00 -78.12
C ARG A 279 -54.51 -44.69 -79.10
N ASP A 280 -54.22 -45.94 -79.42
CA ASP A 280 -55.05 -46.72 -80.33
C ASP A 280 -56.04 -47.54 -79.54
N VAL A 281 -57.34 -47.29 -79.74
CA VAL A 281 -58.36 -47.97 -78.98
C VAL A 281 -58.86 -49.22 -79.71
N ASP A 282 -58.73 -49.26 -81.04
CA ASP A 282 -59.17 -50.43 -81.80
C ASP A 282 -58.21 -51.59 -81.60
N MET A 283 -56.90 -51.32 -81.66
CA MET A 283 -55.90 -52.34 -81.39
C MET A 283 -55.83 -52.72 -79.91
N VAL A 284 -56.33 -51.88 -79.01
CA VAL A 284 -56.43 -52.24 -77.61
C VAL A 284 -57.68 -53.08 -77.37
N ARG A 285 -58.73 -52.83 -78.15
CA ARG A 285 -59.94 -53.64 -78.03
C ARG A 285 -59.76 -55.01 -78.65
N ILE A 286 -58.99 -55.10 -79.74
CA ILE A 286 -58.77 -56.36 -80.43
C ILE A 286 -57.63 -57.12 -79.76
N LEU A 287 -56.56 -56.40 -79.43
CA LEU A 287 -55.42 -57.02 -78.75
C LEU A 287 -55.76 -57.40 -77.32
N VAL A 288 -56.54 -56.57 -76.62
CA VAL A 288 -57.04 -56.95 -75.30
C VAL A 288 -58.16 -57.97 -75.44
N ASP A 289 -58.84 -57.98 -76.59
CA ASP A 289 -59.77 -59.06 -76.90
C ASP A 289 -59.04 -60.34 -77.28
N TYR A 290 -57.76 -60.23 -77.68
CA TYR A 290 -56.94 -61.41 -77.93
C TYR A 290 -56.31 -61.96 -76.66
N GLY A 291 -56.50 -61.30 -75.52
CA GLY A 291 -55.96 -61.79 -74.27
C GLY A 291 -54.63 -61.20 -73.85
N THR A 292 -54.38 -59.93 -74.15
CA THR A 292 -53.12 -59.31 -73.78
C THR A 292 -53.11 -58.96 -72.29
N ASN A 293 -51.93 -58.60 -71.80
CA ASN A 293 -51.77 -58.23 -70.39
C ASN A 293 -52.39 -56.87 -70.14
N VAL A 294 -53.30 -56.80 -69.16
CA VAL A 294 -53.91 -55.53 -68.80
C VAL A 294 -52.95 -54.64 -68.00
N ASP A 295 -51.94 -55.23 -67.37
CA ASP A 295 -50.98 -54.49 -66.58
C ASP A 295 -49.57 -54.67 -67.13
N THR A 296 -49.43 -54.54 -68.45
CA THR A 296 -48.17 -54.77 -69.14
C THR A 296 -47.11 -53.77 -68.70
N GLN A 297 -45.84 -54.17 -68.87
CA GLN A 297 -44.73 -53.37 -68.39
C GLN A 297 -43.62 -53.39 -69.44
N ASN A 298 -43.17 -52.21 -69.84
CA ASN A 298 -42.07 -52.08 -70.80
C ASN A 298 -40.75 -52.12 -70.05
N GLY A 299 -39.67 -51.73 -70.73
CA GLY A 299 -38.38 -51.63 -70.08
C GLY A 299 -38.31 -50.47 -69.10
N GLU A 300 -39.07 -49.41 -69.34
CA GLU A 300 -39.17 -48.29 -68.42
C GLU A 300 -40.11 -48.57 -67.26
N GLY A 301 -40.93 -49.61 -67.34
CA GLY A 301 -41.84 -49.97 -66.28
C GLY A 301 -43.16 -49.24 -66.27
N GLN A 302 -43.34 -48.22 -67.12
CA GLN A 302 -44.60 -47.49 -67.20
C GLN A 302 -45.65 -48.39 -67.84
N THR A 303 -46.78 -48.53 -67.17
CA THR A 303 -47.82 -49.46 -67.61
C THR A 303 -48.56 -48.91 -68.83
N PRO A 304 -49.26 -49.79 -69.56
CA PRO A 304 -50.07 -49.29 -70.69
C PRO A 304 -51.25 -48.45 -70.22
N LEU A 305 -51.84 -48.78 -69.08
CA LEU A 305 -52.83 -47.90 -68.47
C LEU A 305 -52.17 -46.64 -67.93
N HIS A 306 -50.91 -46.74 -67.48
CA HIS A 306 -50.16 -45.57 -67.07
C HIS A 306 -49.75 -44.75 -68.30
N ILE A 307 -49.63 -45.40 -69.45
CA ILE A 307 -49.42 -44.67 -70.69
C ILE A 307 -50.74 -44.14 -71.23
N ALA A 308 -51.86 -44.63 -70.70
CA ALA A 308 -53.16 -44.10 -71.10
C ALA A 308 -53.50 -42.86 -70.28
N ALA A 309 -53.20 -42.90 -68.97
CA ALA A 309 -53.38 -41.71 -68.15
C ALA A 309 -52.30 -40.67 -68.46
N ALA A 310 -51.08 -41.13 -68.71
CA ALA A 310 -50.01 -40.21 -69.13
C ALA A 310 -50.23 -39.71 -70.55
N GLU A 311 -50.91 -40.50 -71.38
CA GLU A 311 -51.27 -40.06 -72.72
C GLU A 311 -52.41 -39.06 -72.73
N GLY A 312 -53.21 -39.00 -71.66
CA GLY A 312 -54.36 -38.12 -71.61
C GLY A 312 -55.48 -38.63 -72.49
N ASP A 313 -55.59 -39.94 -72.62
CA ASP A 313 -56.60 -40.59 -73.45
C ASP A 313 -57.53 -41.37 -72.52
N GLU A 314 -58.74 -40.84 -72.34
CA GLU A 314 -59.73 -41.50 -71.48
C GLU A 314 -60.39 -42.69 -72.16
N ALA A 315 -60.18 -42.87 -73.47
CA ALA A 315 -60.74 -44.03 -74.16
C ALA A 315 -60.02 -45.31 -73.73
N LEU A 316 -58.68 -45.29 -73.75
CA LEU A 316 -57.92 -46.45 -73.29
C LEU A 316 -57.95 -46.55 -71.77
N LEU A 317 -58.24 -45.45 -71.07
CA LEU A 317 -58.41 -45.50 -69.63
C LEU A 317 -59.73 -46.17 -69.24
N LYS A 318 -60.79 -45.92 -70.00
CA LYS A 318 -62.06 -46.60 -69.74
C LYS A 318 -62.03 -48.02 -70.27
N TYR A 319 -61.19 -48.28 -71.27
CA TYR A 319 -61.06 -49.65 -71.79
C TYR A 319 -60.25 -50.51 -70.84
N PHE A 320 -59.15 -49.98 -70.31
CA PHE A 320 -58.39 -50.70 -69.28
C PHE A 320 -59.15 -50.75 -67.97
N TYR A 321 -59.98 -49.74 -67.71
CA TYR A 321 -60.84 -49.77 -66.53
C TYR A 321 -61.97 -50.77 -66.70
N GLY A 322 -62.35 -51.06 -67.94
CA GLY A 322 -63.36 -52.09 -68.17
C GLY A 322 -62.81 -53.49 -67.95
N VAL A 323 -61.50 -53.67 -68.13
CA VAL A 323 -60.89 -54.97 -67.89
C VAL A 323 -60.34 -55.05 -66.46
N ARG A 324 -60.58 -54.00 -65.67
CA ARG A 324 -60.11 -53.85 -64.28
C ARG A 324 -58.59 -54.00 -64.18
N ALA A 325 -57.87 -53.24 -65.00
CA ALA A 325 -56.41 -53.27 -65.02
C ALA A 325 -55.82 -52.68 -63.75
N SER A 326 -54.97 -53.45 -63.08
CA SER A 326 -54.29 -52.95 -61.90
C SER A 326 -53.24 -51.92 -62.29
N ALA A 327 -53.20 -50.82 -61.53
CA ALA A 327 -52.32 -49.71 -61.84
C ALA A 327 -51.31 -49.38 -60.77
N SER A 328 -51.11 -50.25 -59.78
CA SER A 328 -50.15 -49.97 -58.71
C SER A 328 -48.70 -50.08 -59.18
N ILE A 329 -48.45 -50.85 -60.25
CA ILE A 329 -47.10 -51.02 -60.77
C ILE A 329 -46.75 -49.83 -61.64
N ALA A 330 -46.09 -48.83 -61.06
CA ALA A 330 -45.70 -47.63 -61.78
C ALA A 330 -44.36 -47.86 -62.49
N ASP A 331 -43.77 -46.78 -62.99
CA ASP A 331 -42.50 -46.86 -63.69
C ASP A 331 -41.35 -46.86 -62.67
N ASN A 332 -40.12 -46.71 -63.16
CA ASN A 332 -38.96 -46.66 -62.27
C ASN A 332 -38.91 -45.35 -61.49
N GLN A 333 -39.49 -44.28 -62.05
CA GLN A 333 -39.53 -42.97 -61.40
C GLN A 333 -40.78 -42.78 -60.55
N ASP A 334 -41.48 -43.87 -60.22
CA ASP A 334 -42.67 -43.91 -59.37
C ASP A 334 -43.83 -43.06 -59.91
N ARG A 335 -43.85 -42.80 -61.22
CA ARG A 335 -44.91 -42.02 -61.84
C ARG A 335 -46.11 -42.94 -62.06
N THR A 336 -47.02 -42.95 -61.08
CA THR A 336 -48.25 -43.72 -61.13
C THR A 336 -49.27 -43.04 -62.04
N PRO A 337 -50.47 -43.61 -62.19
CA PRO A 337 -51.43 -43.07 -63.18
C PRO A 337 -51.90 -41.65 -62.90
N MET A 338 -52.14 -41.30 -61.63
CA MET A 338 -52.38 -39.91 -61.29
C MET A 338 -51.09 -39.10 -61.33
N HIS A 339 -49.94 -39.74 -61.07
CA HIS A 339 -48.67 -39.02 -61.04
C HIS A 339 -48.13 -38.78 -62.43
N LEU A 340 -48.27 -39.78 -63.32
CA LEU A 340 -47.89 -39.56 -64.71
C LEU A 340 -48.95 -38.80 -65.48
N ALA A 341 -50.22 -38.92 -65.05
CA ALA A 341 -51.27 -38.09 -65.60
C ALA A 341 -51.07 -36.63 -65.19
N ALA A 342 -50.51 -36.41 -64.01
CA ALA A 342 -50.11 -35.07 -63.62
C ALA A 342 -48.77 -34.68 -64.24
N GLU A 343 -48.00 -35.67 -64.70
CA GLU A 343 -46.83 -35.35 -65.50
C GLU A 343 -47.23 -34.92 -66.90
N ASN A 344 -48.43 -35.31 -67.33
CA ASN A 344 -49.03 -34.75 -68.55
C ASN A 344 -49.87 -33.52 -68.24
N GLY A 345 -50.89 -33.69 -67.40
CA GLY A 345 -51.75 -32.59 -67.03
C GLY A 345 -53.23 -32.90 -67.18
N HIS A 346 -53.56 -34.15 -67.46
CA HIS A 346 -54.95 -34.53 -67.67
C HIS A 346 -55.69 -34.63 -66.35
N ALA A 347 -56.99 -34.33 -66.38
CA ALA A 347 -57.82 -34.37 -65.19
C ALA A 347 -58.81 -35.52 -65.21
N HIS A 348 -59.44 -35.76 -66.36
CA HIS A 348 -60.36 -36.89 -66.49
C HIS A 348 -59.62 -38.22 -66.46
N VAL A 349 -58.33 -38.23 -66.79
CA VAL A 349 -57.53 -39.43 -66.63
C VAL A 349 -57.23 -39.68 -65.15
N ILE A 350 -57.18 -38.62 -64.36
CA ILE A 350 -56.97 -38.78 -62.91
C ILE A 350 -58.26 -39.22 -62.24
N GLU A 351 -59.39 -38.66 -62.67
CA GLU A 351 -60.67 -39.08 -62.12
C GLU A 351 -61.03 -40.49 -62.57
N ILE A 352 -60.63 -40.87 -63.78
CA ILE A 352 -60.83 -42.23 -64.25
C ILE A 352 -59.82 -43.17 -63.59
N LEU A 353 -58.68 -42.63 -63.17
CA LEU A 353 -57.77 -43.41 -62.33
C LEU A 353 -58.39 -43.66 -60.96
N ALA A 354 -59.12 -42.68 -60.43
CA ALA A 354 -59.88 -42.89 -59.20
C ALA A 354 -61.04 -43.85 -59.43
N ASP A 355 -61.55 -43.92 -60.67
CA ASP A 355 -62.49 -44.97 -61.02
C ASP A 355 -61.79 -46.32 -61.08
N LYS A 356 -60.49 -46.32 -61.39
CA LYS A 356 -59.68 -47.53 -61.24
C LYS A 356 -59.03 -47.61 -59.87
N PHE A 357 -59.56 -46.87 -58.89
CA PHE A 357 -59.18 -46.86 -57.48
C PHE A 357 -57.71 -46.46 -57.27
N LYS A 358 -57.28 -45.39 -57.93
CA LYS A 358 -55.95 -44.86 -57.65
C LYS A 358 -55.97 -44.09 -56.33
N ALA A 359 -55.02 -44.41 -55.47
CA ALA A 359 -54.94 -43.74 -54.17
C ALA A 359 -54.42 -42.32 -54.33
N SER A 360 -55.31 -41.35 -54.09
CA SER A 360 -54.97 -39.94 -54.16
C SER A 360 -54.34 -39.42 -52.87
N ILE A 361 -54.11 -40.29 -51.89
CA ILE A 361 -53.58 -39.89 -50.60
C ILE A 361 -52.28 -40.64 -50.31
N PHE A 362 -51.54 -40.99 -51.36
CA PHE A 362 -50.41 -41.91 -51.20
C PHE A 362 -49.12 -41.43 -51.85
N GLU A 363 -49.08 -40.19 -52.35
CA GLU A 363 -47.92 -39.74 -53.12
C GLU A 363 -46.77 -39.39 -52.18
N ARG A 364 -45.72 -40.20 -52.20
CA ARG A 364 -44.48 -39.95 -51.47
C ARG A 364 -43.31 -40.51 -52.27
N THR A 365 -42.21 -39.78 -52.30
CA THR A 365 -41.04 -40.22 -53.07
C THR A 365 -39.74 -39.95 -52.33
N LYS A 366 -39.74 -40.20 -51.01
CA LYS A 366 -38.65 -39.98 -50.04
C LYS A 366 -38.26 -38.51 -49.91
N ASP A 367 -39.01 -37.58 -50.51
CA ASP A 367 -38.79 -36.15 -50.35
C ASP A 367 -40.12 -35.41 -50.21
N GLY A 368 -41.18 -36.13 -49.86
CA GLY A 368 -42.50 -35.53 -49.82
C GLY A 368 -43.03 -35.21 -51.19
N SER A 369 -43.36 -36.24 -51.98
CA SER A 369 -43.86 -36.03 -53.34
C SER A 369 -45.17 -35.26 -53.32
N THR A 370 -46.24 -35.89 -52.80
CA THR A 370 -47.52 -35.23 -52.44
C THR A 370 -48.09 -34.44 -53.62
N LEU A 371 -48.63 -35.17 -54.60
CA LEU A 371 -48.71 -34.74 -56.01
C LEU A 371 -49.44 -33.43 -56.35
N MET A 372 -49.92 -32.69 -55.35
CA MET A 372 -50.18 -31.27 -55.55
C MET A 372 -48.89 -30.51 -55.82
N HIS A 373 -47.76 -30.99 -55.30
CA HIS A 373 -46.45 -30.47 -55.68
C HIS A 373 -46.16 -30.75 -57.15
N ILE A 374 -46.56 -31.95 -57.60
CA ILE A 374 -46.42 -32.30 -59.02
C ILE A 374 -47.32 -31.41 -59.87
N ALA A 375 -48.51 -31.10 -59.37
CA ALA A 375 -49.36 -30.11 -60.02
C ALA A 375 -48.79 -28.71 -59.88
N SER A 376 -47.89 -28.50 -58.91
CA SER A 376 -47.14 -27.25 -58.84
C SER A 376 -45.83 -27.34 -59.61
N LEU A 377 -45.34 -28.55 -59.89
CA LEU A 377 -44.20 -28.69 -60.79
C LEU A 377 -44.57 -28.28 -62.21
N ASN A 378 -45.61 -28.91 -62.77
CA ASN A 378 -45.97 -28.74 -64.16
C ASN A 378 -46.95 -27.60 -64.39
N GLY A 379 -47.81 -27.31 -63.42
CA GLY A 379 -48.65 -26.13 -63.50
C GLY A 379 -49.95 -26.30 -64.26
N HIS A 380 -50.80 -27.22 -63.83
CA HIS A 380 -52.07 -27.50 -64.50
C HIS A 380 -53.21 -27.25 -63.51
N ALA A 381 -53.97 -26.17 -63.75
CA ALA A 381 -55.02 -25.76 -62.82
C ALA A 381 -56.24 -26.66 -62.91
N GLU A 382 -56.59 -27.09 -64.13
CA GLU A 382 -57.69 -28.04 -64.29
C GLU A 382 -57.36 -29.39 -63.68
N CYS A 383 -56.09 -29.75 -63.62
CA CYS A 383 -55.67 -30.90 -62.83
C CYS A 383 -55.60 -30.56 -61.36
N ALA A 384 -55.49 -29.28 -61.02
CA ALA A 384 -55.33 -28.89 -59.62
C ALA A 384 -56.67 -28.86 -58.90
N THR A 385 -57.76 -28.60 -59.63
CA THR A 385 -59.07 -28.57 -58.99
C THR A 385 -59.59 -29.98 -58.72
N MET A 386 -59.55 -30.85 -59.73
CA MET A 386 -59.93 -32.25 -59.53
C MET A 386 -58.88 -32.96 -58.67
N LEU A 387 -57.65 -32.48 -58.69
CA LEU A 387 -56.64 -33.01 -57.78
C LEU A 387 -56.71 -32.29 -56.44
N PHE A 388 -57.65 -31.37 -56.28
CA PHE A 388 -57.93 -30.83 -54.96
C PHE A 388 -59.10 -31.54 -54.31
N LYS A 389 -60.15 -31.82 -55.09
CA LYS A 389 -61.26 -32.62 -54.57
C LYS A 389 -60.84 -34.06 -54.37
N LYS A 390 -59.95 -34.57 -55.24
CA LYS A 390 -59.49 -35.94 -55.10
C LYS A 390 -58.24 -36.03 -54.25
N GLY A 391 -57.15 -35.39 -54.69
CA GLY A 391 -55.93 -35.40 -53.89
C GLY A 391 -55.96 -34.36 -52.78
N VAL A 392 -56.68 -34.66 -51.70
CA VAL A 392 -57.26 -33.67 -50.80
C VAL A 392 -56.22 -32.87 -50.02
N TYR A 393 -54.96 -33.33 -50.00
CA TYR A 393 -53.94 -32.68 -49.18
C TYR A 393 -53.49 -31.32 -49.69
N LEU A 394 -53.79 -30.29 -48.89
CA LEU A 394 -53.33 -28.94 -49.16
C LEU A 394 -51.81 -28.82 -49.03
N HIS A 395 -51.26 -29.45 -48.01
CA HIS A 395 -50.27 -28.73 -47.24
C HIS A 395 -49.01 -29.51 -46.86
N MET A 396 -48.94 -30.80 -47.22
CA MET A 396 -47.86 -31.65 -46.75
C MET A 396 -46.54 -31.24 -47.41
N PRO A 397 -45.57 -30.76 -46.63
CA PRO A 397 -44.37 -30.14 -47.22
C PRO A 397 -43.34 -31.15 -47.72
N ASN A 398 -42.31 -30.63 -48.39
CA ASN A 398 -41.23 -31.46 -48.90
C ASN A 398 -40.28 -31.84 -47.76
N LYS A 399 -39.27 -32.64 -48.10
CA LYS A 399 -38.24 -32.96 -47.11
C LYS A 399 -37.38 -31.75 -46.78
N ASP A 400 -37.28 -30.80 -47.71
CA ASP A 400 -36.69 -29.51 -47.40
C ASP A 400 -37.63 -28.64 -46.56
N GLY A 401 -38.91 -28.97 -46.53
CA GLY A 401 -39.88 -28.20 -45.81
C GLY A 401 -40.75 -27.30 -46.67
N ALA A 402 -40.75 -27.51 -47.99
CA ALA A 402 -41.42 -26.61 -48.91
C ALA A 402 -42.79 -27.16 -49.28
N ARG A 403 -43.79 -26.30 -49.20
CA ARG A 403 -45.18 -26.61 -49.49
C ARG A 403 -45.48 -26.27 -50.95
N SER A 404 -46.74 -26.45 -51.33
CA SER A 404 -47.09 -26.46 -52.75
C SER A 404 -46.98 -25.06 -53.37
N ILE A 405 -47.18 -24.03 -52.57
CA ILE A 405 -47.01 -22.66 -53.05
C ILE A 405 -45.53 -22.36 -53.23
N HIS A 406 -44.66 -23.05 -52.50
CA HIS A 406 -43.22 -22.81 -52.63
C HIS A 406 -42.67 -23.40 -53.91
N THR A 407 -43.19 -24.55 -54.34
CA THR A 407 -42.75 -25.14 -55.60
C THR A 407 -43.49 -24.54 -56.79
N ALA A 408 -44.74 -24.12 -56.58
CA ALA A 408 -45.46 -23.38 -57.62
C ALA A 408 -44.79 -22.03 -57.87
N ALA A 409 -44.32 -21.38 -56.81
CA ALA A 409 -43.59 -20.13 -56.98
C ALA A 409 -42.17 -20.39 -57.48
N ALA A 410 -41.63 -21.57 -57.18
CA ALA A 410 -40.29 -21.92 -57.65
C ALA A 410 -40.28 -22.14 -59.16
N TYR A 411 -41.16 -23.02 -59.64
CA TYR A 411 -41.15 -23.35 -61.06
C TYR A 411 -41.98 -22.40 -61.89
N GLY A 412 -42.60 -21.39 -61.27
CA GLY A 412 -43.22 -20.30 -62.00
C GLY A 412 -44.52 -20.64 -62.69
N HIS A 413 -45.54 -20.97 -61.92
CA HIS A 413 -46.88 -21.28 -62.44
C HIS A 413 -47.87 -20.43 -61.67
N THR A 414 -48.34 -19.34 -62.29
CA THR A 414 -49.12 -18.35 -61.58
C THR A 414 -50.53 -18.84 -61.27
N GLY A 415 -51.14 -19.61 -62.19
CA GLY A 415 -52.51 -20.06 -61.98
C GLY A 415 -52.66 -21.03 -60.83
N ILE A 416 -51.63 -21.84 -60.59
CA ILE A 416 -51.59 -22.71 -59.42
C ILE A 416 -51.55 -21.90 -58.14
N ILE A 417 -50.87 -20.74 -58.18
CA ILE A 417 -50.85 -19.87 -57.03
C ILE A 417 -52.19 -19.16 -56.87
N ASN A 418 -52.90 -18.92 -57.99
CA ASN A 418 -54.24 -18.36 -57.90
C ASN A 418 -55.23 -19.36 -57.30
N THR A 419 -55.07 -20.65 -57.60
CA THR A 419 -56.02 -21.63 -57.12
C THR A 419 -55.68 -22.10 -55.70
N LEU A 420 -54.40 -22.22 -55.37
CA LEU A 420 -54.02 -22.55 -54.01
C LEU A 420 -54.27 -21.39 -53.07
N LEU A 421 -54.04 -20.16 -53.54
CA LEU A 421 -54.42 -19.00 -52.75
C LEU A 421 -55.94 -18.85 -52.69
N GLN A 422 -56.64 -19.32 -53.71
CA GLN A 422 -58.10 -19.34 -53.65
C GLN A 422 -58.61 -20.35 -52.64
N LYS A 423 -57.92 -21.49 -52.51
CA LYS A 423 -58.33 -22.53 -51.59
C LYS A 423 -57.97 -22.23 -50.14
N GLY A 424 -57.10 -21.25 -49.90
CA GLY A 424 -56.83 -20.80 -48.55
C GLY A 424 -55.52 -21.30 -47.97
N GLU A 425 -54.49 -20.46 -48.06
CA GLU A 425 -53.20 -20.72 -47.43
C GLU A 425 -52.47 -19.39 -47.37
N LYS A 426 -52.10 -18.96 -46.17
CA LYS A 426 -51.47 -17.66 -45.97
C LYS A 426 -50.09 -17.64 -46.58
N VAL A 427 -49.77 -16.57 -47.31
CA VAL A 427 -48.47 -16.44 -47.97
C VAL A 427 -47.37 -15.98 -47.04
N ASP A 428 -47.62 -15.88 -45.74
CA ASP A 428 -46.52 -15.77 -44.78
C ASP A 428 -46.05 -17.14 -44.32
N VAL A 429 -46.38 -18.18 -45.10
CA VAL A 429 -45.90 -19.53 -44.81
C VAL A 429 -44.40 -19.60 -45.03
N THR A 430 -43.71 -20.29 -44.13
CA THR A 430 -42.28 -20.47 -44.26
C THR A 430 -41.94 -21.94 -44.47
N THR A 431 -40.68 -22.20 -44.78
CA THR A 431 -40.21 -23.57 -44.86
C THR A 431 -39.43 -23.92 -43.59
N ASN A 432 -38.77 -25.08 -43.61
CA ASN A 432 -37.81 -25.40 -42.57
C ASN A 432 -36.64 -24.43 -42.61
N ASP A 433 -36.26 -23.96 -43.80
CA ASP A 433 -35.22 -22.95 -43.90
C ASP A 433 -35.82 -21.55 -44.03
N ASN A 434 -37.00 -21.33 -43.44
CA ASN A 434 -37.60 -20.01 -43.20
C ASN A 434 -37.94 -19.19 -44.43
N TYR A 435 -37.77 -19.74 -45.63
CA TYR A 435 -38.04 -18.97 -46.83
C TYR A 435 -39.54 -18.87 -47.09
N THR A 436 -40.04 -17.65 -47.21
CA THR A 436 -41.41 -17.45 -47.66
C THR A 436 -41.50 -17.64 -49.18
N ALA A 437 -42.70 -17.40 -49.70
CA ALA A 437 -42.94 -17.60 -51.13
C ALA A 437 -42.20 -16.58 -51.97
N LEU A 438 -42.04 -15.36 -51.46
CA LEU A 438 -41.17 -14.39 -52.12
C LEU A 438 -39.72 -14.83 -52.06
N HIS A 439 -39.31 -15.44 -50.95
CA HIS A 439 -37.94 -15.85 -50.76
C HIS A 439 -37.55 -17.07 -51.57
N ILE A 440 -38.46 -17.63 -52.36
CA ILE A 440 -38.17 -18.68 -53.31
C ILE A 440 -38.47 -18.23 -54.74
N ALA A 441 -39.52 -17.43 -54.91
CA ALA A 441 -39.86 -16.93 -56.24
C ALA A 441 -38.85 -15.91 -56.72
N VAL A 442 -38.22 -15.18 -55.81
CA VAL A 442 -37.14 -14.27 -56.20
C VAL A 442 -35.85 -15.05 -56.44
N GLU A 443 -35.67 -16.20 -55.79
CA GLU A 443 -34.54 -17.08 -56.09
C GLU A 443 -34.63 -17.63 -57.51
N SER A 444 -35.84 -17.83 -58.02
CA SER A 444 -36.00 -18.23 -59.42
C SER A 444 -36.22 -17.04 -60.34
N ALA A 445 -36.46 -15.85 -59.75
CA ALA A 445 -36.62 -14.58 -60.47
C ALA A 445 -37.78 -14.62 -61.48
N LYS A 446 -38.89 -15.23 -61.07
CA LYS A 446 -40.10 -15.27 -61.88
C LYS A 446 -40.93 -14.04 -61.56
N PRO A 447 -41.04 -13.07 -62.46
CA PRO A 447 -41.60 -11.76 -62.09
C PRO A 447 -43.10 -11.73 -61.78
N ALA A 448 -43.94 -12.27 -62.67
CA ALA A 448 -45.38 -12.19 -62.47
C ALA A 448 -45.83 -13.11 -61.35
N VAL A 449 -45.03 -14.12 -61.03
CA VAL A 449 -45.23 -14.91 -59.82
C VAL A 449 -45.15 -14.03 -58.59
N VAL A 450 -44.12 -13.18 -58.52
CA VAL A 450 -43.95 -12.23 -57.43
C VAL A 450 -45.06 -11.19 -57.44
N GLU A 451 -45.59 -10.87 -58.63
CA GLU A 451 -46.77 -10.00 -58.72
C GLU A 451 -47.99 -10.65 -58.08
N THR A 452 -48.19 -11.95 -58.34
CA THR A 452 -49.32 -12.64 -57.74
C THR A 452 -49.12 -12.85 -56.24
N LEU A 453 -47.88 -12.98 -55.79
CA LEU A 453 -47.62 -13.14 -54.36
C LEU A 453 -47.83 -11.83 -53.62
N LEU A 454 -47.50 -10.71 -54.27
CA LEU A 454 -47.83 -9.42 -53.70
C LEU A 454 -49.33 -9.17 -53.72
N GLY A 455 -50.02 -9.68 -54.73
CA GLY A 455 -51.47 -9.57 -54.74
C GLY A 455 -52.12 -10.46 -53.69
N PHE A 456 -51.44 -11.55 -53.32
CA PHE A 456 -51.99 -12.45 -52.32
C PHE A 456 -51.86 -11.86 -50.92
N GLY A 457 -50.87 -10.99 -50.70
CA GLY A 457 -50.71 -10.37 -49.40
C GLY A 457 -49.40 -10.64 -48.70
N ALA A 458 -48.33 -10.84 -49.46
CA ALA A 458 -47.03 -11.08 -48.87
C ALA A 458 -46.39 -9.78 -48.41
N ASP A 459 -45.73 -9.84 -47.26
CA ASP A 459 -45.04 -8.70 -46.67
C ASP A 459 -43.61 -8.69 -47.19
N VAL A 460 -43.25 -7.65 -47.92
CA VAL A 460 -41.96 -7.57 -48.61
C VAL A 460 -40.74 -7.36 -47.74
N HIS A 461 -40.93 -7.27 -46.42
CA HIS A 461 -39.78 -7.00 -45.55
C HIS A 461 -39.21 -8.29 -44.96
N VAL A 462 -40.01 -9.35 -44.90
CA VAL A 462 -40.14 -10.12 -43.67
C VAL A 462 -38.85 -10.72 -43.04
N ARG A 463 -38.25 -11.80 -43.55
CA ARG A 463 -37.08 -12.47 -42.96
C ARG A 463 -36.61 -13.54 -43.94
N GLY A 464 -35.36 -13.96 -43.75
CA GLY A 464 -34.80 -15.02 -44.58
C GLY A 464 -34.22 -16.11 -43.72
N GLY A 465 -33.86 -17.21 -44.38
CA GLY A 465 -33.35 -18.36 -43.66
C GLY A 465 -31.83 -18.33 -43.58
N LYS A 466 -31.31 -18.54 -42.36
CA LYS A 466 -29.89 -18.71 -42.03
C LYS A 466 -28.98 -17.52 -42.35
N LEU A 467 -29.55 -16.42 -42.85
CA LEU A 467 -28.82 -15.21 -43.10
C LEU A 467 -29.67 -14.05 -42.60
N ARG A 468 -30.95 -14.37 -42.35
CA ARG A 468 -31.96 -13.42 -41.84
C ARG A 468 -32.09 -12.22 -42.78
N GLU A 469 -32.57 -12.49 -44.00
CA GLU A 469 -32.40 -11.59 -45.13
C GLU A 469 -33.73 -11.14 -45.70
N THR A 470 -33.81 -9.85 -46.04
CA THR A 470 -34.90 -9.32 -46.84
C THR A 470 -34.84 -9.92 -48.25
N PRO A 471 -35.97 -9.96 -48.98
CA PRO A 471 -35.90 -10.53 -50.34
C PRO A 471 -35.12 -9.69 -51.33
N LEU A 472 -34.90 -8.40 -51.04
CA LEU A 472 -33.98 -7.61 -51.84
C LEU A 472 -32.56 -8.17 -51.79
N HIS A 473 -32.18 -8.73 -50.64
CA HIS A 473 -30.91 -9.41 -50.52
C HIS A 473 -30.86 -10.69 -51.34
N ILE A 474 -32.01 -11.21 -51.75
CA ILE A 474 -32.09 -12.23 -52.78
C ILE A 474 -32.16 -11.61 -54.17
N ALA A 475 -32.86 -10.47 -54.27
CA ALA A 475 -33.04 -9.83 -55.58
C ALA A 475 -31.76 -9.20 -56.07
N ALA A 476 -30.87 -8.83 -55.15
CA ALA A 476 -29.56 -8.33 -55.55
C ALA A 476 -28.50 -9.42 -55.55
N ARG A 477 -28.91 -10.68 -55.45
CA ARG A 477 -27.96 -11.79 -55.44
C ARG A 477 -28.17 -12.75 -56.60
N VAL A 478 -29.41 -12.95 -57.02
CA VAL A 478 -29.72 -13.81 -58.15
C VAL A 478 -29.30 -13.10 -59.44
N LYS A 479 -28.93 -13.87 -60.46
CA LYS A 479 -28.36 -13.31 -61.67
C LYS A 479 -29.41 -12.58 -62.51
N ASP A 480 -30.67 -12.99 -62.40
CA ASP A 480 -31.75 -12.39 -63.18
C ASP A 480 -32.64 -11.49 -62.33
N GLY A 481 -32.06 -10.75 -61.39
CA GLY A 481 -32.86 -10.00 -60.44
C GLY A 481 -33.48 -8.73 -61.00
N ASP A 482 -32.94 -8.22 -62.11
CA ASP A 482 -33.36 -6.91 -62.62
C ASP A 482 -34.78 -6.91 -63.13
N ARG A 483 -35.29 -8.05 -63.58
CA ARG A 483 -36.70 -8.13 -63.96
C ARG A 483 -37.60 -8.12 -62.74
N CYS A 484 -37.09 -8.57 -61.59
CA CYS A 484 -37.93 -8.78 -60.43
C CYS A 484 -37.78 -7.72 -59.35
N ALA A 485 -36.58 -7.15 -59.16
CA ALA A 485 -36.32 -6.26 -58.02
C ALA A 485 -37.12 -4.97 -58.12
N LEU A 486 -37.38 -4.50 -59.35
CA LEU A 486 -38.22 -3.31 -59.52
C LEU A 486 -39.64 -3.58 -59.06
N MET A 487 -40.10 -4.83 -59.19
CA MET A 487 -41.42 -5.18 -58.71
C MET A 487 -41.42 -5.30 -57.20
N LEU A 488 -40.24 -5.48 -56.60
CA LEU A 488 -40.14 -5.30 -55.15
C LEU A 488 -40.20 -3.82 -54.80
N LEU A 489 -39.79 -2.96 -55.72
CA LEU A 489 -39.77 -1.53 -55.44
C LEU A 489 -40.99 -0.83 -56.03
N LYS A 490 -41.69 -1.50 -56.96
CA LYS A 490 -43.01 -1.05 -57.36
C LYS A 490 -43.97 -1.11 -56.19
N SER A 491 -43.88 -2.18 -55.40
CA SER A 491 -44.70 -2.28 -54.21
C SER A 491 -43.99 -1.68 -53.00
N GLY A 492 -42.81 -1.13 -53.22
CA GLY A 492 -42.08 -0.49 -52.14
C GLY A 492 -41.34 -1.51 -51.30
N ALA A 493 -40.06 -1.23 -51.08
CA ALA A 493 -39.26 -2.09 -50.24
C ALA A 493 -38.21 -1.25 -49.55
N SER A 494 -37.31 -1.89 -48.82
CA SER A 494 -36.35 -1.16 -48.01
C SER A 494 -34.91 -1.44 -48.38
N PRO A 495 -34.29 -0.51 -49.13
CA PRO A 495 -32.84 -0.53 -49.34
C PRO A 495 -32.08 -0.01 -48.12
N ASN A 496 -32.84 0.54 -47.16
CA ASN A 496 -32.25 0.92 -45.88
C ASN A 496 -32.13 -0.28 -44.94
N LEU A 497 -32.83 -1.38 -45.26
CA LEU A 497 -32.85 -2.53 -44.38
C LEU A 497 -31.55 -3.31 -44.46
N THR A 498 -30.89 -3.46 -43.33
CA THR A 498 -29.62 -4.17 -43.27
C THR A 498 -29.84 -5.67 -43.14
N THR A 499 -28.77 -6.43 -43.36
CA THR A 499 -28.81 -7.88 -43.17
C THR A 499 -28.42 -8.20 -41.73
N ASP A 500 -28.15 -9.47 -41.45
CA ASP A 500 -27.61 -9.84 -40.15
C ASP A 500 -26.19 -9.33 -39.98
N ASP A 501 -25.44 -9.24 -41.08
CA ASP A 501 -24.10 -8.67 -41.08
C ASP A 501 -24.09 -7.17 -41.32
N CYS A 502 -25.24 -6.51 -41.13
CA CYS A 502 -25.41 -5.05 -41.23
C CYS A 502 -25.01 -4.50 -42.59
N LEU A 503 -25.74 -4.90 -43.62
CA LEU A 503 -25.46 -4.47 -44.99
C LEU A 503 -26.74 -4.39 -45.81
N THR A 504 -26.85 -3.30 -46.55
CA THR A 504 -27.98 -3.00 -47.42
C THR A 504 -28.00 -3.96 -48.61
N PRO A 505 -29.10 -4.03 -49.38
CA PRO A 505 -29.02 -4.74 -50.66
C PRO A 505 -28.17 -4.04 -51.70
N VAL A 506 -27.86 -2.76 -51.51
CA VAL A 506 -26.84 -2.09 -52.30
C VAL A 506 -25.50 -2.79 -52.15
N HIS A 507 -25.20 -3.23 -50.91
CA HIS A 507 -24.01 -4.04 -50.68
C HIS A 507 -24.10 -5.38 -51.37
N VAL A 508 -25.31 -5.93 -51.50
CA VAL A 508 -25.47 -7.26 -52.08
C VAL A 508 -25.27 -7.22 -53.59
N ALA A 509 -25.87 -6.20 -54.24
CA ALA A 509 -25.62 -6.00 -55.67
C ALA A 509 -24.20 -5.52 -55.92
N ALA A 510 -23.56 -4.93 -54.90
CA ALA A 510 -22.14 -4.64 -54.98
C ALA A 510 -21.33 -5.93 -54.96
N ARG A 511 -21.78 -6.93 -54.18
CA ARG A 511 -21.06 -8.19 -54.13
C ARG A 511 -21.20 -8.98 -55.42
N HIS A 512 -22.44 -9.32 -55.78
CA HIS A 512 -22.66 -10.39 -56.73
C HIS A 512 -22.67 -9.94 -58.19
N GLY A 513 -22.30 -8.69 -58.47
CA GLY A 513 -22.05 -8.30 -59.85
C GLY A 513 -23.29 -8.01 -60.67
N ASN A 514 -24.37 -7.61 -60.03
CA ASN A 514 -25.63 -7.35 -60.72
C ASN A 514 -25.74 -5.86 -61.00
N LEU A 515 -25.77 -5.50 -62.28
CA LEU A 515 -25.68 -4.11 -62.73
C LEU A 515 -27.01 -3.37 -62.63
N ALA A 516 -28.01 -3.84 -63.38
CA ALA A 516 -29.26 -3.12 -63.53
C ALA A 516 -30.07 -3.14 -62.24
N THR A 517 -29.88 -4.19 -61.43
CA THR A 517 -30.51 -4.23 -60.11
C THR A 517 -29.97 -3.11 -59.24
N LEU A 518 -28.66 -2.90 -59.28
CA LEU A 518 -28.02 -1.83 -58.52
C LEU A 518 -28.44 -0.46 -59.05
N MET A 519 -28.69 -0.37 -60.36
CA MET A 519 -29.23 0.86 -60.92
C MET A 519 -30.64 1.12 -60.41
N GLN A 520 -31.44 0.07 -60.23
CA GLN A 520 -32.77 0.24 -59.66
C GLN A 520 -32.70 0.58 -58.17
N LEU A 521 -31.70 0.05 -57.46
CA LEU A 521 -31.55 0.34 -56.04
C LEU A 521 -31.13 1.79 -55.82
N LEU A 522 -30.22 2.29 -56.66
CA LEU A 522 -29.86 3.68 -56.55
C LEU A 522 -30.94 4.61 -57.11
N GLU A 523 -31.76 4.12 -58.03
CA GLU A 523 -32.88 4.93 -58.52
C GLU A 523 -33.98 5.07 -57.48
N ASP A 524 -34.10 4.09 -56.57
CA ASP A 524 -35.13 4.09 -55.55
C ASP A 524 -34.66 4.66 -54.23
N GLU A 525 -33.76 5.64 -54.28
CA GLU A 525 -33.24 6.39 -53.12
C GLU A 525 -32.52 5.48 -52.11
N GLY A 526 -31.98 4.37 -52.61
CA GLY A 526 -31.05 3.61 -51.81
C GLY A 526 -29.71 4.32 -51.71
N ASP A 527 -29.25 4.52 -50.49
CA ASP A 527 -28.05 5.32 -50.27
C ASP A 527 -26.82 4.49 -50.54
N PRO A 528 -25.86 4.98 -51.33
CA PRO A 528 -24.56 4.31 -51.42
C PRO A 528 -23.63 4.61 -50.27
N LEU A 529 -24.06 5.46 -49.33
CA LEU A 529 -23.22 5.95 -48.25
C LEU A 529 -23.32 5.11 -46.99
N TYR A 530 -23.90 3.91 -47.05
CA TYR A 530 -23.97 3.09 -45.86
C TYR A 530 -22.61 2.48 -45.53
N LYS A 531 -22.56 1.82 -44.38
CA LYS A 531 -21.29 1.39 -43.80
C LYS A 531 -21.55 0.07 -43.09
N SER A 532 -20.80 -0.97 -43.48
CA SER A 532 -21.05 -2.30 -42.96
C SER A 532 -20.54 -2.45 -41.52
N ASN A 533 -20.69 -3.67 -41.00
CA ASN A 533 -20.17 -3.96 -39.66
C ASN A 533 -18.65 -3.90 -39.63
N THR A 534 -18.01 -4.28 -40.73
CA THR A 534 -16.57 -4.10 -40.89
C THR A 534 -16.23 -2.75 -41.50
N GLY A 535 -17.13 -1.77 -41.44
CA GLY A 535 -16.87 -0.46 -41.99
C GLY A 535 -16.94 -0.35 -43.49
N GLU A 536 -17.34 -1.41 -44.18
CA GLU A 536 -17.25 -1.46 -45.63
C GLU A 536 -18.40 -0.70 -46.27
N THR A 537 -18.06 0.26 -47.12
CA THR A 537 -19.02 0.83 -48.06
C THR A 537 -19.31 -0.19 -49.15
N PRO A 538 -20.39 -0.02 -49.94
CA PRO A 538 -20.53 -0.89 -51.11
C PRO A 538 -19.48 -0.67 -52.18
N LEU A 539 -18.73 0.44 -52.11
CA LEU A 539 -17.58 0.61 -52.98
C LEU A 539 -16.48 -0.39 -52.65
N HIS A 540 -16.28 -0.67 -51.36
CA HIS A 540 -15.24 -1.62 -50.93
C HIS A 540 -15.52 -3.03 -51.45
N MET A 541 -16.67 -3.59 -51.06
CA MET A 541 -16.96 -4.96 -51.46
C MET A 541 -17.41 -5.03 -52.92
N ALA A 542 -17.80 -3.89 -53.49
CA ALA A 542 -17.95 -3.83 -54.94
C ALA A 542 -16.60 -3.97 -55.63
N CYS A 543 -15.57 -3.42 -55.00
CA CYS A 543 -14.25 -3.43 -55.63
C CYS A 543 -13.54 -4.75 -55.43
N ARG A 544 -13.76 -5.39 -54.27
CA ARG A 544 -13.12 -6.67 -53.98
C ARG A 544 -13.62 -7.78 -54.89
N ALA A 545 -14.89 -7.73 -55.31
CA ALA A 545 -15.43 -8.72 -56.24
C ALA A 545 -15.05 -8.43 -57.69
N CYS A 546 -14.29 -7.36 -57.95
CA CYS A 546 -13.76 -6.95 -59.24
C CYS A 546 -14.85 -6.70 -60.28
N HIS A 547 -15.69 -5.69 -60.11
CA HIS A 547 -16.68 -5.36 -61.12
C HIS A 547 -16.52 -3.90 -61.53
N PRO A 548 -16.16 -3.64 -62.79
CA PRO A 548 -15.81 -2.26 -63.19
C PRO A 548 -17.00 -1.32 -63.31
N ASP A 549 -18.10 -1.79 -63.90
CA ASP A 549 -19.22 -0.90 -64.17
C ASP A 549 -19.99 -0.58 -62.89
N ILE A 550 -19.89 -1.43 -61.88
CA ILE A 550 -20.51 -1.12 -60.59
C ILE A 550 -19.75 -0.01 -59.88
N VAL A 551 -18.42 -0.14 -59.83
CA VAL A 551 -17.57 0.88 -59.20
C VAL A 551 -17.71 2.21 -59.93
N ARG A 552 -17.66 2.15 -61.27
CA ARG A 552 -17.96 3.26 -62.17
C ARG A 552 -19.28 3.93 -61.85
N HIS A 553 -20.34 3.13 -61.72
CA HIS A 553 -21.67 3.67 -61.50
C HIS A 553 -21.82 4.27 -60.11
N LEU A 554 -21.15 3.67 -59.11
CA LEU A 554 -21.21 4.18 -57.75
C LEU A 554 -20.52 5.52 -57.63
N ILE A 555 -19.34 5.66 -58.26
CA ILE A 555 -18.65 6.94 -58.23
C ILE A 555 -19.41 7.98 -59.04
N GLU A 556 -20.07 7.55 -60.12
CA GLU A 556 -20.90 8.48 -60.89
C GLU A 556 -22.15 8.91 -60.13
N THR A 557 -22.62 8.13 -59.16
CA THR A 557 -23.78 8.59 -58.38
C THR A 557 -23.37 9.44 -57.18
N VAL A 558 -22.29 9.04 -56.49
CA VAL A 558 -21.83 9.81 -55.33
C VAL A 558 -21.26 11.15 -55.80
N LYS A 559 -20.67 11.20 -56.99
CA LYS A 559 -20.18 12.44 -57.56
C LYS A 559 -21.31 13.43 -57.82
N GLU A 560 -22.51 12.94 -58.15
CA GLU A 560 -23.65 13.82 -58.35
C GLU A 560 -24.30 14.19 -57.02
N LYS A 561 -24.79 13.20 -56.28
CA LYS A 561 -25.68 13.46 -55.15
C LYS A 561 -24.96 13.91 -53.89
N HIS A 562 -23.63 13.99 -53.91
CA HIS A 562 -22.91 14.54 -52.77
C HIS A 562 -21.75 15.44 -53.19
N GLY A 563 -21.56 15.66 -54.48
CA GLY A 563 -20.47 16.48 -54.94
C GLY A 563 -19.19 15.68 -55.12
N PRO A 564 -18.28 16.19 -55.96
CA PRO A 564 -17.03 15.45 -56.21
C PRO A 564 -16.08 15.43 -55.04
N ASP A 565 -16.18 16.38 -54.11
CA ASP A 565 -15.34 16.35 -52.91
C ASP A 565 -15.74 15.20 -51.99
N LYS A 566 -17.05 15.05 -51.76
CA LYS A 566 -17.54 13.92 -51.00
C LYS A 566 -17.43 12.63 -51.79
N ALA A 567 -17.29 12.71 -53.11
CA ALA A 567 -16.93 11.53 -53.89
C ALA A 567 -15.49 11.12 -53.62
N THR A 568 -14.58 12.09 -53.47
CA THR A 568 -13.19 11.77 -53.17
C THR A 568 -13.05 11.23 -51.76
N THR A 569 -13.79 11.79 -50.80
CA THR A 569 -13.77 11.20 -49.47
C THR A 569 -14.55 9.90 -49.40
N TYR A 570 -15.46 9.66 -50.35
CA TYR A 570 -16.16 8.39 -50.43
C TYR A 570 -15.26 7.29 -50.97
N ILE A 571 -14.40 7.64 -51.93
CA ILE A 571 -13.39 6.69 -52.40
C ILE A 571 -12.39 6.40 -51.30
N ASN A 572 -11.97 7.44 -50.60
CA ASN A 572 -11.02 7.31 -49.51
C ASN A 572 -11.69 7.04 -48.18
N SER A 573 -12.94 6.59 -48.19
CA SER A 573 -13.62 6.13 -46.99
C SER A 573 -12.90 4.90 -46.43
N VAL A 574 -12.95 4.77 -45.12
CA VAL A 574 -12.07 3.89 -44.38
C VAL A 574 -12.91 2.86 -43.64
N ASN A 575 -12.70 1.58 -43.96
CA ASN A 575 -13.37 0.50 -43.27
C ASN A 575 -12.67 0.20 -41.94
N GLU A 576 -13.07 -0.90 -41.32
CA GLU A 576 -12.40 -1.36 -40.11
C GLU A 576 -10.98 -1.81 -40.45
N ASP A 577 -10.09 -1.68 -39.45
CA ASP A 577 -8.64 -1.88 -39.58
C ASP A 577 -8.03 -1.01 -40.67
N GLY A 578 -8.55 0.20 -40.85
CA GLY A 578 -7.91 1.18 -41.71
C GLY A 578 -8.03 0.95 -43.20
N ALA A 579 -8.88 0.02 -43.62
CA ALA A 579 -8.95 -0.41 -45.01
C ALA A 579 -9.77 0.60 -45.82
N THR A 580 -9.17 1.10 -46.90
CA THR A 580 -9.88 1.89 -47.90
C THR A 580 -10.21 0.99 -49.08
N ALA A 581 -10.84 1.58 -50.12
CA ALA A 581 -11.20 0.82 -51.30
C ALA A 581 -9.99 0.48 -52.15
N LEU A 582 -8.92 1.29 -52.06
CA LEU A 582 -7.67 0.96 -52.74
C LEU A 582 -7.04 -0.30 -52.16
N HIS A 583 -7.28 -0.58 -50.89
CA HIS A 583 -6.83 -1.82 -50.30
C HIS A 583 -7.60 -3.00 -50.87
N TYR A 584 -8.89 -2.81 -51.15
CA TYR A 584 -9.68 -3.89 -51.74
C TYR A 584 -9.53 -3.97 -53.25
N THR A 585 -8.81 -3.03 -53.88
CA THR A 585 -8.37 -3.24 -55.26
C THR A 585 -7.40 -4.40 -55.33
N CYS A 586 -6.36 -4.37 -54.50
CA CYS A 586 -5.12 -5.05 -54.82
C CYS A 586 -5.17 -6.50 -54.39
N GLN A 587 -6.15 -6.87 -53.57
CA GLN A 587 -6.14 -8.18 -52.96
C GLN A 587 -6.63 -9.26 -53.91
N ILE A 588 -7.18 -8.86 -55.06
CA ILE A 588 -7.61 -9.85 -56.04
C ILE A 588 -6.41 -10.39 -56.78
N THR A 589 -6.56 -11.57 -57.37
CA THR A 589 -5.45 -12.29 -57.98
C THR A 589 -5.70 -12.46 -59.48
N LYS A 590 -4.70 -13.04 -60.16
CA LYS A 590 -4.82 -13.25 -61.59
C LYS A 590 -5.58 -14.53 -61.91
N GLU A 591 -5.93 -15.30 -60.88
CA GLU A 591 -6.76 -16.48 -61.11
C GLU A 591 -8.23 -16.15 -60.91
N GLU A 592 -8.53 -15.33 -59.90
CA GLU A 592 -9.92 -14.99 -59.62
C GLU A 592 -10.33 -13.68 -60.26
N VAL A 593 -9.68 -13.31 -61.37
CA VAL A 593 -10.03 -12.05 -62.02
C VAL A 593 -11.13 -12.25 -63.06
N LYS A 594 -10.98 -13.27 -63.92
CA LYS A 594 -11.96 -13.87 -64.84
C LYS A 594 -12.55 -12.90 -65.86
N ILE A 595 -12.13 -11.64 -65.87
CA ILE A 595 -12.47 -10.63 -66.88
C ILE A 595 -11.15 -9.92 -67.17
N PRO A 596 -10.71 -9.85 -68.45
CA PRO A 596 -9.31 -9.53 -68.75
C PRO A 596 -8.77 -8.18 -68.26
N GLU A 597 -9.39 -7.08 -68.65
CA GLU A 597 -8.84 -5.77 -68.30
C GLU A 597 -9.68 -5.07 -67.24
N SER A 598 -10.26 -5.84 -66.32
CA SER A 598 -11.17 -5.27 -65.33
C SER A 598 -10.45 -4.52 -64.22
N ASP A 599 -9.41 -5.13 -63.63
CA ASP A 599 -8.77 -4.55 -62.46
C ASP A 599 -8.03 -3.26 -62.79
N LYS A 600 -7.47 -3.20 -64.00
CA LYS A 600 -6.76 -2.00 -64.44
C LYS A 600 -7.70 -0.81 -64.55
N GLN A 601 -8.89 -1.03 -65.13
CA GLN A 601 -9.81 0.08 -65.29
C GLN A 601 -10.56 0.40 -64.00
N ILE A 602 -10.64 -0.56 -63.07
CA ILE A 602 -11.11 -0.22 -61.72
C ILE A 602 -10.12 0.72 -61.03
N VAL A 603 -8.83 0.41 -61.16
CA VAL A 603 -7.79 1.29 -60.59
C VAL A 603 -7.77 2.64 -61.30
N ARG A 604 -8.10 2.66 -62.60
CA ARG A 604 -8.22 3.94 -63.30
C ARG A 604 -9.42 4.74 -62.79
N MET A 605 -10.54 4.07 -62.52
CA MET A 605 -11.71 4.78 -62.01
C MET A 605 -11.52 5.25 -60.58
N LEU A 606 -10.64 4.61 -59.81
CA LEU A 606 -10.44 5.03 -58.43
C LEU A 606 -9.35 6.09 -58.31
N LEU A 607 -8.26 5.94 -59.07
CA LEU A 607 -7.22 6.95 -59.04
C LEU A 607 -7.64 8.21 -59.77
N GLU A 608 -8.36 8.05 -60.89
CA GLU A 608 -8.75 9.21 -61.70
C GLU A 608 -9.80 10.07 -61.02
N ASN A 609 -10.61 9.49 -60.14
CA ASN A 609 -11.66 10.23 -59.46
C ASN A 609 -11.24 10.68 -58.06
N GLY A 610 -9.94 10.75 -57.81
CA GLY A 610 -9.46 11.17 -56.50
C GLY A 610 -9.15 9.99 -55.61
N ALA A 611 -7.97 10.00 -55.01
CA ALA A 611 -7.54 8.90 -54.17
C ALA A 611 -6.57 9.41 -53.12
N ASP A 612 -6.31 8.58 -52.12
CA ASP A 612 -5.35 8.85 -51.05
C ASP A 612 -4.21 7.83 -51.07
N VAL A 613 -3.59 7.67 -52.24
CA VAL A 613 -2.86 6.50 -52.76
C VAL A 613 -2.00 5.77 -51.72
N THR A 614 -1.37 6.52 -50.80
CA THR A 614 -0.76 5.86 -49.66
C THR A 614 -1.82 5.23 -48.74
N LEU A 615 -2.53 6.07 -48.00
CA LEU A 615 -3.50 5.72 -46.96
C LEU A 615 -3.00 4.58 -46.08
N GLN A 616 -1.94 4.85 -45.32
CA GLN A 616 -1.41 3.98 -44.27
C GLN A 616 -2.52 3.43 -43.37
N THR A 617 -2.64 2.10 -43.27
CA THR A 617 -3.78 1.48 -42.59
C THR A 617 -3.62 1.61 -41.08
N LYS A 618 -4.66 1.25 -40.34
CA LYS A 618 -4.70 1.51 -38.91
C LYS A 618 -3.82 0.54 -38.14
N THR A 619 -4.16 -0.76 -38.21
CA THR A 619 -3.51 -1.77 -37.38
C THR A 619 -2.16 -2.21 -37.93
N ALA A 620 -2.15 -2.77 -39.14
CA ALA A 620 -0.97 -3.46 -39.66
C ALA A 620 -0.03 -2.56 -40.44
N LEU A 621 -0.27 -1.24 -40.43
CA LEU A 621 0.62 -0.15 -40.84
C LEU A 621 0.82 -0.09 -42.35
N GLU A 622 0.39 -1.10 -43.11
CA GLU A 622 0.75 -1.27 -44.51
C GLU A 622 -0.20 -0.50 -45.39
N THR A 623 0.34 0.09 -46.45
CA THR A 623 -0.50 0.77 -47.44
C THR A 623 -1.11 -0.24 -48.42
N ALA A 624 -1.92 0.27 -49.35
CA ALA A 624 -2.59 -0.61 -50.30
C ALA A 624 -1.60 -1.11 -51.35
N PHE A 625 -0.46 -0.45 -51.45
CA PHE A 625 0.61 -0.85 -52.35
C PHE A 625 1.16 -2.22 -51.95
N HIS A 626 1.31 -2.44 -50.63
CA HIS A 626 1.82 -3.71 -50.09
C HIS A 626 0.94 -4.89 -50.47
N TYR A 627 -0.37 -4.66 -50.59
CA TYR A 627 -1.28 -5.75 -50.94
C TYR A 627 -1.08 -6.20 -52.37
N CYS A 628 -0.58 -5.31 -53.24
CA CYS A 628 -0.17 -5.69 -54.59
C CYS A 628 0.82 -6.85 -54.57
N ALA A 629 1.89 -6.68 -53.79
CA ALA A 629 2.91 -7.69 -53.59
C ALA A 629 2.36 -8.91 -52.86
N VAL A 630 1.23 -8.76 -52.17
CA VAL A 630 0.60 -9.93 -51.57
C VAL A 630 0.01 -10.82 -52.66
N ALA A 631 -0.63 -10.22 -53.65
CA ALA A 631 -1.53 -11.00 -54.50
C ALA A 631 -0.88 -11.52 -55.77
N GLY A 632 -0.38 -10.64 -56.62
CA GLY A 632 0.07 -11.05 -57.93
C GLY A 632 -0.73 -10.51 -59.09
N ASN A 633 -1.83 -9.81 -58.83
CA ASN A 633 -2.49 -9.02 -59.88
C ASN A 633 -1.72 -7.76 -60.21
N ASN A 634 -0.67 -7.46 -59.45
CA ASN A 634 0.35 -6.47 -59.74
C ASN A 634 1.27 -6.87 -60.88
N ASP A 635 0.99 -7.95 -61.61
CA ASP A 635 1.44 -8.02 -62.99
C ASP A 635 0.83 -6.89 -63.80
N VAL A 636 -0.39 -6.45 -63.45
CA VAL A 636 -1.05 -5.33 -64.10
C VAL A 636 -1.11 -4.13 -63.16
N LEU A 637 -1.49 -4.38 -61.90
CA LEU A 637 -1.88 -3.28 -61.02
C LEU A 637 -0.68 -2.47 -60.54
N MET A 638 0.51 -3.08 -60.53
CA MET A 638 1.71 -2.34 -60.18
C MET A 638 2.04 -1.28 -61.21
N GLU A 639 1.80 -1.61 -62.48
CA GLU A 639 1.89 -0.61 -63.54
C GLU A 639 0.87 0.49 -63.33
N MET A 640 -0.40 0.11 -63.15
CA MET A 640 -1.51 1.06 -63.16
C MET A 640 -1.44 2.02 -61.97
N ILE A 641 -1.06 1.53 -60.80
CA ILE A 641 -0.80 2.44 -59.69
C ILE A 641 0.52 3.18 -59.92
N SER A 642 1.45 2.54 -60.62
CA SER A 642 2.77 3.14 -60.80
C SER A 642 2.82 4.10 -61.98
N HIS A 643 1.66 4.46 -62.55
CA HIS A 643 1.69 5.48 -63.61
C HIS A 643 1.47 6.88 -63.04
N MET A 644 0.54 7.03 -62.10
CA MET A 644 0.02 8.36 -61.81
C MET A 644 0.75 9.01 -60.63
N ASN A 645 2.03 8.70 -60.45
CA ASN A 645 2.87 9.39 -59.48
C ASN A 645 4.24 9.64 -60.08
N PRO A 646 4.74 10.88 -60.06
CA PRO A 646 6.01 11.16 -60.75
C PRO A 646 7.26 10.62 -60.07
N THR A 647 7.42 10.86 -58.78
CA THR A 647 8.63 10.44 -58.08
C THR A 647 8.28 9.81 -56.74
N ASP A 648 7.09 10.14 -56.20
CA ASP A 648 6.70 9.69 -54.87
C ASP A 648 6.36 8.20 -54.84
N ILE A 649 6.36 7.56 -56.02
CA ILE A 649 6.48 6.10 -56.13
C ILE A 649 7.56 5.57 -55.21
N GLN A 650 8.76 6.20 -55.24
CA GLN A 650 9.82 5.81 -54.34
C GLN A 650 9.44 6.08 -52.89
N LYS A 651 8.71 7.18 -52.65
CA LYS A 651 8.18 7.46 -51.32
C LYS A 651 7.14 6.42 -50.92
N ALA A 652 6.48 5.81 -51.91
CA ALA A 652 5.62 4.67 -51.61
C ALA A 652 6.44 3.41 -51.39
N MET A 653 7.57 3.28 -52.09
CA MET A 653 8.30 2.01 -52.06
C MET A 653 9.30 1.96 -50.92
N ASN A 654 9.55 3.09 -50.26
CA ASN A 654 10.58 3.11 -49.23
C ASN A 654 9.96 3.00 -47.84
N ARG A 655 8.65 2.86 -47.77
CA ARG A 655 8.00 2.76 -46.46
C ARG A 655 7.90 1.32 -46.01
N GLN A 656 7.82 1.12 -44.70
CA GLN A 656 7.82 -0.22 -44.16
C GLN A 656 6.52 -0.53 -43.46
N SER A 657 6.20 -1.82 -43.35
CA SER A 657 4.99 -2.30 -42.71
C SER A 657 5.15 -2.28 -41.21
N SER A 658 4.16 -2.86 -40.52
CA SER A 658 4.23 -3.02 -39.07
C SER A 658 5.30 -4.05 -38.73
N VAL A 659 5.39 -5.08 -39.57
CA VAL A 659 6.52 -5.99 -39.51
C VAL A 659 7.80 -5.26 -39.88
N GLY A 660 7.72 -4.36 -40.86
CA GLY A 660 8.89 -3.67 -41.35
C GLY A 660 9.11 -3.99 -42.81
N TRP A 661 8.05 -4.44 -43.48
CA TRP A 661 8.19 -4.95 -44.83
C TRP A 661 7.87 -3.89 -45.88
N THR A 662 8.68 -3.86 -46.92
CA THR A 662 8.44 -3.11 -48.15
C THR A 662 7.80 -4.11 -49.12
N PRO A 663 7.14 -3.66 -50.20
CA PRO A 663 6.62 -4.63 -51.18
C PRO A 663 7.69 -5.46 -51.90
N LEU A 664 8.96 -5.05 -51.87
CA LEU A 664 10.02 -5.97 -52.27
C LEU A 664 10.08 -7.16 -51.33
N LEU A 665 9.89 -6.93 -50.03
CA LEU A 665 9.97 -8.02 -49.07
C LEU A 665 8.78 -8.95 -49.19
N ILE A 666 7.62 -8.43 -49.57
CA ILE A 666 6.43 -9.27 -49.69
C ILE A 666 6.45 -10.02 -51.02
N ALA A 667 6.78 -9.32 -52.10
CA ALA A 667 6.82 -9.95 -53.42
C ALA A 667 7.96 -10.95 -53.52
N CYS A 668 9.13 -10.59 -52.98
CA CYS A 668 10.22 -11.55 -52.90
C CYS A 668 9.95 -12.62 -51.87
N HIS A 669 9.08 -12.34 -50.89
CA HIS A 669 8.64 -13.37 -49.96
C HIS A 669 7.69 -14.37 -50.61
N ARG A 670 6.94 -13.96 -51.62
CA ARG A 670 6.02 -14.87 -52.30
C ARG A 670 6.58 -15.48 -53.56
N GLY A 671 7.35 -14.72 -54.34
CA GLY A 671 7.97 -15.25 -55.53
C GLY A 671 7.27 -14.86 -56.82
N HIS A 672 6.58 -13.72 -56.81
CA HIS A 672 5.97 -13.19 -58.03
C HIS A 672 7.09 -12.55 -58.83
N MET A 673 7.67 -13.35 -59.74
CA MET A 673 8.95 -13.01 -60.36
C MET A 673 8.85 -11.80 -61.26
N GLU A 674 7.81 -11.76 -62.11
CA GLU A 674 7.62 -10.62 -63.00
C GLU A 674 7.29 -9.35 -62.21
N LEU A 675 6.67 -9.50 -61.04
CA LEU A 675 6.45 -8.36 -60.17
C LEU A 675 7.76 -7.85 -59.58
N VAL A 676 8.68 -8.76 -59.26
CA VAL A 676 10.00 -8.34 -58.77
C VAL A 676 10.76 -7.63 -59.90
N ASN A 677 10.60 -8.11 -61.14
CA ASN A 677 11.14 -7.39 -62.28
C ASN A 677 10.46 -6.03 -62.48
N ASN A 678 9.20 -5.90 -62.09
CA ASN A 678 8.53 -4.61 -62.16
C ASN A 678 9.00 -3.65 -61.08
N LEU A 679 9.24 -4.14 -59.87
CA LEU A 679 9.65 -3.28 -58.76
C LEU A 679 11.11 -2.84 -58.90
N LEU A 680 11.96 -3.72 -59.42
CA LEU A 680 13.36 -3.35 -59.56
C LEU A 680 13.59 -2.47 -60.78
N ALA A 681 12.73 -2.60 -61.81
CA ALA A 681 12.73 -1.62 -62.87
C ALA A 681 12.18 -0.28 -62.38
N ASN A 682 11.36 -0.32 -61.33
CA ASN A 682 10.89 0.92 -60.70
C ASN A 682 11.77 1.29 -59.52
N HIS A 683 13.00 0.75 -59.49
CA HIS A 683 14.16 1.19 -58.69
C HIS A 683 13.87 1.33 -57.19
N ALA A 684 13.18 0.34 -56.62
CA ALA A 684 13.06 0.32 -55.17
C ALA A 684 14.35 -0.17 -54.53
N ARG A 685 14.62 0.33 -53.32
CA ARG A 685 15.87 0.08 -52.62
C ARG A 685 15.88 -1.33 -52.06
N VAL A 686 16.93 -2.09 -52.40
CA VAL A 686 17.05 -3.48 -51.98
C VAL A 686 17.56 -3.57 -50.54
N ASP A 687 18.10 -2.48 -50.00
CA ASP A 687 18.72 -2.48 -48.69
C ASP A 687 17.73 -2.19 -47.57
N VAL A 688 16.45 -2.53 -47.76
CA VAL A 688 15.48 -2.44 -46.68
C VAL A 688 15.67 -3.60 -45.72
N PHE A 689 15.24 -3.42 -44.48
CA PHE A 689 15.38 -4.44 -43.46
C PHE A 689 14.11 -4.47 -42.61
N ASP A 690 13.72 -5.67 -42.21
CA ASP A 690 12.52 -5.86 -41.40
C ASP A 690 12.88 -5.70 -39.92
N THR A 691 11.95 -6.08 -39.04
CA THR A 691 12.26 -6.07 -37.61
C THR A 691 13.21 -7.19 -37.25
N GLU A 692 13.25 -8.26 -38.04
CA GLU A 692 14.18 -9.36 -37.83
C GLU A 692 15.50 -9.16 -38.55
N GLY A 693 15.79 -7.95 -39.04
CA GLY A 693 17.04 -7.67 -39.70
C GLY A 693 17.24 -8.40 -41.01
N ARG A 694 16.16 -8.66 -41.75
CA ARG A 694 16.24 -9.52 -42.91
C ARG A 694 16.06 -8.72 -44.19
N SER A 695 16.73 -9.16 -45.25
CA SER A 695 16.60 -8.57 -46.56
C SER A 695 15.79 -9.49 -47.45
N ALA A 696 15.64 -9.09 -48.71
CA ALA A 696 14.82 -9.87 -49.64
C ALA A 696 15.55 -11.15 -50.07
N LEU A 697 16.88 -11.15 -49.98
CA LEU A 697 17.62 -12.40 -50.18
C LEU A 697 17.34 -13.40 -49.07
N HIS A 698 17.06 -12.94 -47.86
CA HIS A 698 16.77 -13.87 -46.78
C HIS A 698 15.35 -14.41 -46.88
N LEU A 699 14.42 -13.62 -47.41
CA LEU A 699 13.05 -14.09 -47.57
C LEU A 699 12.94 -15.03 -48.76
N ALA A 700 13.46 -14.59 -49.92
CA ALA A 700 13.42 -15.43 -51.11
C ALA A 700 14.32 -16.64 -50.97
N ALA A 701 15.43 -16.50 -50.25
CA ALA A 701 16.25 -17.67 -49.95
C ALA A 701 15.59 -18.55 -48.91
N GLU A 702 14.74 -17.98 -48.05
CA GLU A 702 14.02 -18.79 -47.08
C GLU A 702 12.94 -19.62 -47.73
N ARG A 703 12.25 -19.06 -48.73
CA ARG A 703 11.25 -19.82 -49.47
C ARG A 703 11.82 -20.50 -50.71
N GLY A 704 13.05 -20.22 -51.08
CA GLY A 704 13.72 -20.92 -52.16
C GLY A 704 13.22 -20.63 -53.55
N TYR A 705 13.44 -19.42 -54.04
CA TYR A 705 13.12 -19.07 -55.42
C TYR A 705 14.39 -18.64 -56.13
N LEU A 706 14.65 -19.24 -57.29
CA LEU A 706 15.89 -19.00 -58.01
C LEU A 706 15.89 -17.62 -58.67
N HIS A 707 14.92 -17.37 -59.55
CA HIS A 707 14.96 -16.18 -60.39
C HIS A 707 14.59 -14.92 -59.62
N VAL A 708 14.00 -15.06 -58.43
CA VAL A 708 13.79 -13.90 -57.58
C VAL A 708 15.12 -13.42 -57.02
N CYS A 709 15.94 -14.35 -56.55
CA CYS A 709 17.27 -14.00 -56.06
C CYS A 709 18.18 -13.56 -57.20
N ASP A 710 18.00 -14.16 -58.38
CA ASP A 710 18.72 -13.71 -59.57
C ASP A 710 18.34 -12.28 -59.94
N ALA A 711 17.05 -11.97 -59.84
CA ALA A 711 16.59 -10.62 -60.11
C ALA A 711 17.11 -9.63 -59.07
N LEU A 712 17.25 -10.07 -57.81
CA LEU A 712 17.84 -9.22 -56.78
C LEU A 712 19.31 -8.95 -57.07
N LEU A 713 20.07 -9.98 -57.40
CA LEU A 713 21.49 -9.82 -57.63
C LEU A 713 21.83 -9.11 -58.94
N THR A 714 20.90 -9.09 -59.91
CA THR A 714 21.05 -8.16 -61.01
C THR A 714 20.84 -6.72 -60.58
N ASN A 715 20.02 -6.50 -59.56
CA ASN A 715 19.75 -5.15 -59.04
C ASN A 715 20.70 -4.76 -57.91
N LYS A 716 21.91 -5.31 -57.90
CA LYS A 716 22.99 -4.98 -56.96
C LYS A 716 22.59 -5.28 -55.51
N ALA A 717 21.97 -6.42 -55.29
CA ALA A 717 21.74 -6.88 -53.93
C ALA A 717 23.04 -7.33 -53.29
N PHE A 718 23.07 -7.35 -51.97
CA PHE A 718 24.26 -7.69 -51.21
C PHE A 718 24.11 -9.08 -50.63
N ILE A 719 24.80 -10.07 -51.21
CA ILE A 719 24.93 -11.35 -50.55
C ILE A 719 25.87 -11.21 -49.37
N ASN A 720 25.87 -12.23 -48.51
CA ASN A 720 26.50 -12.24 -47.18
C ASN A 720 26.01 -11.07 -46.33
N SER A 721 24.73 -10.73 -46.42
CA SER A 721 24.10 -9.92 -45.38
C SER A 721 23.63 -10.84 -44.26
N LYS A 722 23.38 -10.26 -43.10
CA LYS A 722 23.09 -11.07 -41.93
C LYS A 722 21.85 -10.56 -41.20
N SER A 723 21.20 -11.47 -40.49
CA SER A 723 19.99 -11.15 -39.73
C SER A 723 20.37 -10.85 -38.29
N ARG A 724 19.35 -10.81 -37.42
CA ARG A 724 19.59 -10.67 -35.98
C ARG A 724 20.32 -11.89 -35.43
N VAL A 725 20.07 -13.06 -36.01
CA VAL A 725 20.81 -14.27 -35.68
C VAL A 725 22.12 -14.33 -36.47
N GLY A 726 22.33 -13.39 -37.39
CA GLY A 726 23.51 -13.42 -38.23
C GLY A 726 23.42 -14.39 -39.37
N ARG A 727 22.23 -14.86 -39.71
CA ARG A 727 22.06 -15.85 -40.75
C ARG A 727 22.24 -15.20 -42.12
N THR A 728 23.04 -15.83 -42.97
CA THR A 728 23.15 -15.39 -44.35
C THR A 728 22.06 -16.07 -45.19
N ALA A 729 22.05 -15.73 -46.48
CA ALA A 729 21.12 -16.39 -47.40
C ALA A 729 21.51 -17.84 -47.61
N LEU A 730 22.81 -18.13 -47.56
CA LEU A 730 23.28 -19.52 -47.66
C LEU A 730 22.86 -20.31 -46.44
N HIS A 731 22.75 -19.65 -45.28
CA HIS A 731 22.28 -20.33 -44.08
C HIS A 731 20.82 -20.74 -44.22
N LEU A 732 20.00 -19.89 -44.83
CA LEU A 732 18.59 -20.21 -44.93
C LEU A 732 18.32 -21.21 -46.06
N ALA A 733 19.08 -21.09 -47.16
CA ALA A 733 18.94 -22.04 -48.26
C ALA A 733 19.45 -23.42 -47.84
N ALA A 734 20.51 -23.44 -47.04
CA ALA A 734 20.96 -24.70 -46.47
C ALA A 734 20.02 -25.19 -45.37
N MET A 735 19.29 -24.29 -44.73
CA MET A 735 18.32 -24.72 -43.72
C MET A 735 17.09 -25.35 -44.35
N ASN A 736 16.67 -24.86 -45.51
CA ASN A 736 15.36 -25.20 -46.05
C ASN A 736 15.41 -26.02 -47.32
N GLY A 737 16.59 -26.52 -47.71
CA GLY A 737 16.66 -27.50 -48.78
C GLY A 737 16.43 -26.98 -50.18
N PHE A 738 17.33 -26.14 -50.67
CA PHE A 738 17.24 -25.65 -52.05
C PHE A 738 18.65 -25.73 -52.65
N THR A 739 18.95 -26.88 -53.25
CA THR A 739 20.31 -27.15 -53.72
C THR A 739 20.67 -26.29 -54.92
N HIS A 740 19.68 -25.96 -55.76
CA HIS A 740 19.94 -25.10 -56.90
C HIS A 740 20.21 -23.67 -56.45
N LEU A 741 19.64 -23.27 -55.31
CA LEU A 741 19.91 -21.94 -54.78
C LEU A 741 21.28 -21.89 -54.12
N VAL A 742 21.72 -23.01 -53.55
CA VAL A 742 23.05 -23.07 -52.94
C VAL A 742 24.12 -23.06 -54.03
N LYS A 743 23.93 -23.86 -55.09
CA LYS A 743 24.81 -23.80 -56.25
C LYS A 743 24.78 -22.44 -56.93
N PHE A 744 23.61 -21.79 -56.88
CA PHE A 744 23.47 -20.48 -57.51
C PHE A 744 24.25 -19.43 -56.71
N LEU A 745 24.19 -19.49 -55.39
CA LEU A 745 24.91 -18.52 -54.57
C LEU A 745 26.41 -18.76 -54.62
N ILE A 746 26.85 -19.97 -54.26
CA ILE A 746 28.27 -20.26 -54.12
C ILE A 746 28.94 -20.30 -55.49
N LYS A 747 28.31 -20.99 -56.44
CA LYS A 747 28.88 -21.07 -57.78
C LYS A 747 28.64 -19.78 -58.56
N ASP A 748 27.38 -19.33 -58.62
CA ASP A 748 27.04 -18.25 -59.53
C ASP A 748 27.45 -16.89 -58.98
N HIS A 749 27.60 -16.75 -57.66
CA HIS A 749 27.83 -15.43 -57.10
C HIS A 749 28.90 -15.39 -56.01
N ASN A 750 29.67 -16.47 -55.84
CA ASN A 750 30.87 -16.53 -55.00
C ASN A 750 30.58 -16.19 -53.53
N ALA A 751 29.45 -16.67 -53.02
CA ALA A 751 29.14 -16.49 -51.61
C ALA A 751 30.09 -17.36 -50.76
N VAL A 752 30.47 -16.82 -49.61
CA VAL A 752 31.42 -17.46 -48.70
C VAL A 752 30.73 -18.66 -48.07
N ILE A 753 31.46 -19.76 -47.96
CA ILE A 753 30.88 -21.03 -47.52
C ILE A 753 30.81 -21.08 -46.01
N ASP A 754 31.88 -20.65 -45.35
CA ASP A 754 32.07 -20.88 -43.90
C ASP A 754 31.59 -19.69 -43.07
N ILE A 755 30.49 -19.05 -43.48
CA ILE A 755 29.96 -17.92 -42.73
C ILE A 755 29.41 -18.39 -41.39
N LEU A 756 29.83 -17.73 -40.33
CA LEU A 756 29.38 -18.04 -38.98
C LEU A 756 28.16 -17.18 -38.63
N THR A 757 27.28 -17.74 -37.81
CA THR A 757 26.15 -16.99 -37.29
C THR A 757 26.56 -16.19 -36.06
N LEU A 758 25.56 -15.66 -35.35
CA LEU A 758 25.82 -15.09 -34.03
C LEU A 758 26.11 -16.21 -33.04
N ARG A 759 25.58 -17.41 -33.29
CA ARG A 759 25.95 -18.60 -32.55
C ARG A 759 27.14 -19.32 -33.17
N LYS A 760 27.84 -18.67 -34.10
CA LYS A 760 29.08 -19.14 -34.73
C LYS A 760 28.86 -20.47 -35.44
N GLN A 761 27.93 -20.46 -36.39
CA GLN A 761 27.50 -21.68 -37.05
C GLN A 761 27.70 -21.57 -38.56
N THR A 762 28.50 -22.47 -39.12
CA THR A 762 28.57 -22.65 -40.55
C THR A 762 27.29 -23.33 -41.04
N PRO A 763 26.90 -23.12 -42.31
CA PRO A 763 25.66 -23.74 -42.78
C PRO A 763 25.75 -25.23 -43.05
N LEU A 764 26.89 -25.87 -42.82
CA LEU A 764 26.92 -27.33 -42.95
C LEU A 764 26.24 -28.00 -41.75
N HIS A 765 26.44 -27.48 -40.54
CA HIS A 765 25.74 -28.03 -39.39
C HIS A 765 24.52 -27.23 -38.99
N LEU A 766 24.37 -26.01 -39.50
CA LEU A 766 23.05 -25.40 -39.49
C LEU A 766 22.17 -26.06 -40.53
N ALA A 767 22.79 -26.61 -41.59
CA ALA A 767 22.05 -27.47 -42.51
C ALA A 767 21.79 -28.83 -41.89
N ALA A 768 22.73 -29.34 -41.10
CA ALA A 768 22.51 -30.62 -40.43
C ALA A 768 21.60 -30.46 -39.23
N ALA A 769 21.33 -29.22 -38.82
CA ALA A 769 20.34 -28.96 -37.78
C ALA A 769 18.94 -29.35 -38.24
N SER A 770 18.56 -28.89 -39.43
CA SER A 770 17.29 -29.32 -40.00
C SER A 770 17.42 -30.70 -40.63
N GLY A 771 18.64 -31.18 -40.81
CA GLY A 771 18.88 -32.53 -41.30
C GLY A 771 18.59 -32.76 -42.76
N GLN A 772 19.15 -31.95 -43.65
CA GLN A 772 18.91 -32.11 -45.07
C GLN A 772 20.12 -32.72 -45.75
N MET A 773 19.96 -33.99 -46.17
CA MET A 773 21.07 -34.85 -46.56
C MET A 773 21.75 -34.40 -47.84
N GLU A 774 20.97 -34.17 -48.90
CA GLU A 774 21.56 -33.82 -50.19
C GLU A 774 22.16 -32.41 -50.18
N VAL A 775 21.64 -31.53 -49.32
CA VAL A 775 22.21 -30.20 -49.16
C VAL A 775 23.60 -30.31 -48.53
N CYS A 776 23.74 -31.17 -47.53
CA CYS A 776 25.05 -31.39 -46.92
C CYS A 776 25.98 -32.14 -47.86
N GLN A 777 25.42 -32.98 -48.75
CA GLN A 777 26.20 -33.56 -49.84
C GLN A 777 26.73 -32.48 -50.76
N LEU A 778 25.94 -31.44 -50.99
CA LEU A 778 26.36 -30.36 -51.87
C LEU A 778 27.41 -29.48 -51.20
N LEU A 779 27.25 -29.24 -49.89
CA LEU A 779 28.21 -28.40 -49.17
C LEU A 779 29.54 -29.12 -48.98
N LEU A 780 29.50 -30.42 -48.76
CA LEU A 780 30.74 -31.19 -48.75
C LEU A 780 31.30 -31.39 -50.14
N GLU A 781 30.45 -31.38 -51.17
CA GLU A 781 30.95 -31.38 -52.54
C GLU A 781 31.65 -30.08 -52.88
N LEU A 782 31.24 -28.98 -52.25
CA LEU A 782 31.93 -27.70 -52.37
C LEU A 782 33.00 -27.50 -51.31
N GLY A 783 32.92 -28.21 -50.19
CA GLY A 783 34.01 -28.23 -49.22
C GLY A 783 34.02 -27.07 -48.26
N ALA A 784 34.16 -27.38 -46.97
CA ALA A 784 34.26 -26.37 -45.91
C ALA A 784 34.92 -27.01 -44.71
N ASN A 785 35.21 -26.18 -43.71
CA ASN A 785 35.72 -26.67 -42.43
C ASN A 785 34.64 -27.45 -41.71
N ILE A 786 34.79 -28.78 -41.68
CA ILE A 786 33.75 -29.64 -41.13
C ILE A 786 33.65 -29.47 -39.61
N ASP A 787 34.76 -29.74 -38.92
CA ASP A 787 34.77 -29.79 -37.46
C ASP A 787 34.86 -28.41 -36.80
N ALA A 788 34.54 -27.34 -37.52
CA ALA A 788 34.48 -26.00 -36.95
C ALA A 788 33.44 -25.92 -35.85
N THR A 789 33.89 -25.66 -34.63
CA THR A 789 33.02 -25.71 -33.46
C THR A 789 32.08 -24.51 -33.41
N ASP A 790 30.90 -24.72 -32.85
CA ASP A 790 29.91 -23.68 -32.70
C ASP A 790 30.09 -22.97 -31.35
N ASP A 791 29.08 -22.20 -30.94
CA ASP A 791 29.15 -21.47 -29.68
C ASP A 791 29.18 -22.40 -28.48
N LEU A 792 28.57 -23.57 -28.59
CA LEU A 792 28.68 -24.61 -27.57
C LEU A 792 29.83 -25.57 -27.84
N GLY A 793 30.75 -25.19 -28.73
CA GLY A 793 31.83 -26.07 -29.12
C GLY A 793 31.36 -27.25 -29.95
N GLN A 794 30.42 -27.03 -30.85
CA GLN A 794 29.70 -28.13 -31.51
C GLN A 794 30.34 -28.45 -32.85
N LYS A 795 31.02 -29.60 -32.91
CA LYS A 795 31.33 -30.25 -34.17
C LYS A 795 30.01 -30.73 -34.80
N PRO A 796 29.93 -30.89 -36.13
CA PRO A 796 28.61 -30.93 -36.79
C PRO A 796 27.74 -32.13 -36.44
N ILE A 797 28.36 -33.25 -36.07
CA ILE A 797 27.58 -34.45 -35.78
C ILE A 797 26.91 -34.34 -34.41
N HIS A 798 27.39 -33.42 -33.57
CA HIS A 798 26.68 -33.10 -32.33
C HIS A 798 25.33 -32.46 -32.62
N VAL A 799 25.32 -31.48 -33.53
CA VAL A 799 24.08 -30.81 -33.91
C VAL A 799 23.20 -31.77 -34.71
N ALA A 800 23.82 -32.67 -35.48
CA ALA A 800 23.06 -33.72 -36.15
C ALA A 800 22.46 -34.70 -35.15
N ALA A 801 23.08 -34.87 -33.99
CA ALA A 801 22.58 -35.82 -33.00
C ALA A 801 21.58 -35.19 -32.05
N GLN A 802 21.60 -33.86 -31.89
CA GLN A 802 20.59 -33.20 -31.07
C GLN A 802 19.21 -33.30 -31.70
N ASN A 803 19.13 -33.21 -33.03
CA ASN A 803 17.88 -33.35 -33.74
C ASN A 803 17.76 -34.72 -34.42
N ASN A 804 18.60 -35.66 -33.98
CA ASN A 804 18.67 -37.11 -34.28
C ASN A 804 18.32 -37.51 -35.72
N TYR A 805 18.94 -36.84 -36.69
CA TYR A 805 18.84 -37.24 -38.08
C TYR A 805 19.91 -38.27 -38.37
N SER A 806 19.49 -39.52 -38.58
CA SER A 806 20.44 -40.62 -38.68
C SER A 806 21.16 -40.62 -40.02
N GLU A 807 20.46 -40.27 -41.10
CA GLU A 807 21.07 -40.34 -42.43
C GLU A 807 22.10 -39.24 -42.64
N VAL A 808 21.96 -38.13 -41.92
CA VAL A 808 22.94 -37.05 -42.01
C VAL A 808 24.23 -37.46 -41.32
N ALA A 809 24.12 -38.14 -40.18
CA ALA A 809 25.28 -38.75 -39.55
C ALA A 809 25.85 -39.87 -40.39
N LYS A 810 25.01 -40.55 -41.16
CA LYS A 810 25.49 -41.52 -42.12
C LYS A 810 26.19 -40.84 -43.29
N LEU A 811 25.92 -39.57 -43.54
CA LEU A 811 26.67 -38.84 -44.54
C LEU A 811 28.02 -38.40 -44.01
N PHE A 812 28.04 -37.76 -42.83
CA PHE A 812 29.31 -37.31 -42.25
C PHE A 812 30.20 -38.45 -41.83
N LEU A 813 29.65 -39.63 -41.62
CA LEU A 813 30.44 -40.77 -41.18
C LEU A 813 30.67 -41.81 -42.26
N GLN A 814 29.72 -41.99 -43.18
CA GLN A 814 29.92 -42.94 -44.28
C GLN A 814 30.94 -42.42 -45.28
N GLN A 815 30.90 -41.12 -45.57
CA GLN A 815 31.97 -40.51 -46.36
C GLN A 815 33.28 -40.46 -45.58
N HIS A 816 33.17 -40.27 -44.26
CA HIS A 816 34.29 -40.23 -43.33
C HIS A 816 35.43 -39.26 -43.72
N PRO A 817 35.19 -37.95 -43.72
CA PRO A 817 36.27 -37.04 -44.12
C PRO A 817 37.12 -36.53 -42.97
N SER A 818 36.66 -36.68 -41.72
CA SER A 818 37.30 -36.03 -40.60
C SER A 818 37.54 -36.94 -39.40
N LEU A 819 37.08 -38.20 -39.47
CA LEU A 819 37.24 -39.20 -38.41
C LEU A 819 36.65 -38.71 -37.08
N VAL A 820 35.40 -38.24 -37.15
CA VAL A 820 34.77 -37.56 -36.02
C VAL A 820 33.89 -38.48 -35.19
N ASN A 821 34.09 -39.79 -35.27
CA ASN A 821 33.43 -40.70 -34.35
C ASN A 821 33.85 -40.43 -32.91
N ALA A 822 35.14 -40.15 -32.70
CA ALA A 822 35.65 -39.76 -31.39
C ALA A 822 35.73 -38.23 -31.32
N THR A 823 34.58 -37.60 -31.54
CA THR A 823 34.50 -36.15 -31.49
C THR A 823 34.56 -35.66 -30.06
N SER A 824 34.82 -34.36 -29.90
CA SER A 824 34.86 -33.71 -28.60
C SER A 824 34.17 -32.36 -28.70
N LYS A 825 33.29 -32.08 -27.74
CA LYS A 825 32.68 -30.76 -27.64
C LYS A 825 33.06 -30.16 -26.30
N ASP A 826 32.44 -29.02 -25.99
CA ASP A 826 32.64 -28.41 -24.67
C ASP A 826 31.98 -29.25 -23.59
N GLY A 827 30.84 -29.87 -23.90
CA GLY A 827 30.19 -30.72 -22.93
C GLY A 827 30.66 -32.15 -22.99
N ASN A 828 30.52 -32.80 -24.15
CA ASN A 828 30.71 -34.24 -24.25
C ASN A 828 31.00 -34.66 -25.69
N THR A 829 30.85 -35.96 -25.96
CA THR A 829 31.01 -36.45 -27.34
C THR A 829 29.65 -36.55 -28.00
N CYS A 830 29.64 -37.07 -29.23
CA CYS A 830 28.40 -37.18 -29.98
C CYS A 830 27.51 -38.29 -29.43
N ALA A 831 28.13 -39.37 -28.95
CA ALA A 831 27.36 -40.51 -28.45
C ALA A 831 26.64 -40.17 -27.16
N HIS A 832 27.17 -39.21 -26.40
CA HIS A 832 26.48 -38.77 -25.19
C HIS A 832 25.21 -38.01 -25.55
N ILE A 833 25.26 -37.18 -26.58
CA ILE A 833 24.06 -36.51 -27.08
C ILE A 833 23.08 -37.52 -27.65
N ALA A 834 23.62 -38.56 -28.30
CA ALA A 834 22.80 -39.67 -28.76
C ALA A 834 22.12 -40.39 -27.60
N ALA A 835 22.78 -40.41 -26.43
CA ALA A 835 22.13 -40.96 -25.24
C ALA A 835 21.11 -39.99 -24.66
N MET A 836 21.35 -38.69 -24.82
CA MET A 836 20.44 -37.69 -24.27
C MET A 836 19.12 -37.66 -25.03
N GLN A 837 19.17 -37.83 -26.35
CA GLN A 837 17.97 -37.63 -27.14
C GLN A 837 17.08 -38.87 -27.19
N GLY A 838 17.66 -40.05 -27.05
CA GLY A 838 16.90 -41.25 -27.37
C GLY A 838 16.87 -41.48 -28.86
N SER A 839 18.05 -41.73 -29.43
CA SER A 839 18.28 -41.68 -30.87
C SER A 839 18.74 -43.05 -31.37
N VAL A 840 17.93 -44.09 -31.08
CA VAL A 840 18.29 -45.49 -31.31
C VAL A 840 18.67 -45.77 -32.77
N LYS A 841 18.12 -45.00 -33.71
CA LYS A 841 18.58 -45.10 -35.09
C LYS A 841 19.95 -44.48 -35.27
N VAL A 842 20.18 -43.32 -34.64
CA VAL A 842 21.45 -42.61 -34.79
C VAL A 842 22.57 -43.38 -34.10
N ILE A 843 22.31 -43.84 -32.87
CA ILE A 843 23.30 -44.63 -32.17
C ILE A 843 23.37 -46.04 -32.74
N GLU A 844 22.35 -46.46 -33.49
CA GLU A 844 22.45 -47.70 -34.23
C GLU A 844 23.42 -47.55 -35.40
N GLU A 845 23.45 -46.36 -36.01
CA GLU A 845 24.42 -46.11 -37.08
C GLU A 845 25.82 -45.92 -36.53
N LEU A 846 25.94 -45.16 -35.41
CA LEU A 846 27.24 -44.90 -34.81
C LEU A 846 27.85 -46.15 -34.23
N MET A 847 27.04 -46.94 -33.50
CA MET A 847 27.51 -48.21 -32.98
C MET A 847 27.74 -49.21 -34.12
N LYS A 848 26.93 -49.12 -35.17
CA LYS A 848 27.09 -50.01 -36.33
C LYS A 848 28.34 -49.68 -37.12
N PHE A 849 28.91 -48.50 -36.96
CA PHE A 849 30.20 -48.18 -37.56
C PHE A 849 31.36 -48.47 -36.61
N ASP A 850 31.32 -47.88 -35.42
CA ASP A 850 32.44 -47.87 -34.49
C ASP A 850 31.97 -48.22 -33.08
N ARG A 851 31.29 -49.37 -32.96
CA ARG A 851 30.67 -49.78 -31.69
C ARG A 851 31.68 -49.88 -30.54
N SER A 852 32.89 -50.36 -30.83
CA SER A 852 33.93 -50.48 -29.81
C SER A 852 34.36 -49.10 -29.31
N GLY A 853 34.47 -48.13 -30.21
CA GLY A 853 34.79 -46.78 -29.79
C GLY A 853 33.60 -45.96 -29.36
N VAL A 854 32.39 -46.53 -29.39
CA VAL A 854 31.21 -45.77 -29.01
C VAL A 854 30.76 -46.26 -27.64
N ILE A 855 31.23 -47.45 -27.25
CA ILE A 855 30.96 -47.92 -25.89
C ILE A 855 31.86 -47.22 -24.89
N SER A 856 33.13 -47.03 -25.22
CA SER A 856 34.13 -46.50 -24.29
C SER A 856 34.10 -44.99 -24.14
N ALA A 857 33.00 -44.34 -24.51
CA ALA A 857 32.92 -42.88 -24.43
C ALA A 857 32.83 -42.41 -22.99
N ARG A 858 33.98 -42.06 -22.41
CA ARG A 858 34.04 -41.43 -21.11
C ARG A 858 34.21 -39.93 -21.32
N ASN A 859 33.27 -39.15 -20.81
CA ASN A 859 33.34 -37.70 -20.95
C ASN A 859 34.47 -37.16 -20.09
N LYS A 860 35.34 -36.35 -20.69
CA LYS A 860 36.52 -35.86 -19.98
C LYS A 860 36.16 -34.85 -18.90
N LEU A 861 34.97 -34.25 -18.98
CA LEU A 861 34.55 -33.28 -17.98
C LEU A 861 33.73 -33.89 -16.85
N THR A 862 33.15 -35.08 -17.04
CA THR A 862 32.25 -35.65 -16.05
C THR A 862 32.45 -37.13 -15.77
N ASP A 863 33.34 -37.82 -16.51
CA ASP A 863 33.59 -39.28 -16.38
C ASP A 863 32.31 -40.09 -16.58
N ALA A 864 31.44 -39.62 -17.46
CA ALA A 864 30.15 -40.23 -17.70
C ALA A 864 30.21 -41.15 -18.91
N THR A 865 29.35 -42.17 -18.91
CA THR A 865 29.24 -43.11 -20.01
C THR A 865 27.87 -42.95 -20.67
N PRO A 866 27.70 -43.39 -21.93
CA PRO A 866 26.38 -43.22 -22.57
C PRO A 866 25.26 -44.04 -21.97
N LEU A 867 25.56 -45.14 -21.25
CA LEU A 867 24.49 -45.84 -20.55
C LEU A 867 23.96 -45.03 -19.39
N GLN A 868 24.82 -44.23 -18.76
CA GLN A 868 24.40 -43.44 -17.62
C GLN A 868 23.52 -42.28 -18.08
N LEU A 869 23.84 -41.67 -19.22
CA LEU A 869 22.95 -40.65 -19.76
C LEU A 869 21.71 -41.26 -20.39
N ALA A 870 21.77 -42.54 -20.78
CA ALA A 870 20.59 -43.22 -21.29
C ALA A 870 19.61 -43.50 -20.16
N ALA A 871 20.10 -44.05 -19.04
CA ALA A 871 19.24 -44.35 -17.91
C ALA A 871 18.81 -43.09 -17.19
N GLU A 872 19.67 -42.06 -17.18
CA GLU A 872 19.26 -40.77 -16.66
C GLU A 872 18.20 -40.12 -17.53
N GLY A 873 18.30 -40.30 -18.84
CA GLY A 873 17.27 -39.82 -19.75
C GLY A 873 16.09 -40.76 -19.79
N GLY A 874 16.29 -41.99 -19.33
CA GLY A 874 15.22 -42.97 -19.31
C GLY A 874 14.88 -43.57 -20.65
N HIS A 875 15.82 -43.58 -21.59
CA HIS A 875 15.57 -44.14 -22.93
C HIS A 875 16.00 -45.60 -22.91
N ALA A 876 15.02 -46.50 -22.81
CA ALA A 876 15.31 -47.92 -22.65
C ALA A 876 15.86 -48.54 -23.92
N ASP A 877 15.51 -47.97 -25.09
CA ASP A 877 15.94 -48.55 -26.35
C ASP A 877 17.42 -48.34 -26.60
N VAL A 878 17.96 -47.20 -26.11
CA VAL A 878 19.39 -46.96 -26.19
C VAL A 878 20.13 -47.95 -25.28
N VAL A 879 19.51 -48.31 -24.16
CA VAL A 879 20.07 -49.32 -23.28
C VAL A 879 20.03 -50.69 -23.95
N LYS A 880 18.98 -50.96 -24.71
CA LYS A 880 18.89 -52.22 -25.47
C LYS A 880 19.96 -52.28 -26.54
N ALA A 881 20.26 -51.14 -27.16
CA ALA A 881 21.27 -51.11 -28.22
C ALA A 881 22.67 -51.26 -27.65
N LEU A 882 23.01 -50.48 -26.62
CA LEU A 882 24.36 -50.49 -26.09
C LEU A 882 24.65 -51.74 -25.27
N VAL A 883 23.69 -52.21 -24.47
CA VAL A 883 23.82 -53.49 -23.80
C VAL A 883 23.81 -54.63 -24.81
N ARG A 884 23.06 -54.49 -25.91
CA ARG A 884 23.14 -55.46 -27.00
C ARG A 884 24.49 -55.42 -27.71
N ALA A 885 25.23 -54.32 -27.57
CA ALA A 885 26.57 -54.22 -28.15
C ALA A 885 27.68 -54.48 -27.15
N GLY A 886 27.35 -54.61 -25.86
CA GLY A 886 28.37 -54.76 -24.83
C GLY A 886 28.06 -53.91 -23.62
N ALA A 887 28.97 -53.01 -23.28
CA ALA A 887 28.74 -51.88 -22.35
C ALA A 887 28.34 -52.37 -20.95
N SER A 888 29.33 -52.93 -20.25
CA SER A 888 29.17 -53.29 -18.84
C SER A 888 28.78 -52.07 -18.01
N CYS A 889 27.90 -52.31 -17.03
CA CYS A 889 27.29 -51.24 -16.27
C CYS A 889 28.18 -50.69 -15.16
N THR A 890 29.28 -51.35 -14.83
CA THR A 890 30.02 -51.04 -13.62
C THR A 890 30.95 -49.84 -13.74
N GLU A 891 30.83 -49.04 -14.80
CA GLU A 891 31.64 -47.83 -14.94
C GLU A 891 31.12 -46.77 -13.99
N GLU A 892 31.86 -46.53 -12.91
CA GLU A 892 31.45 -45.54 -11.91
C GLU A 892 31.69 -44.14 -12.43
N ASN A 893 30.85 -43.20 -11.99
CA ASN A 893 31.01 -41.80 -12.36
C ASN A 893 32.12 -41.15 -11.53
N LYS A 894 32.32 -39.86 -11.78
CA LYS A 894 33.12 -39.04 -10.87
C LYS A 894 32.47 -38.97 -9.50
N ALA A 895 31.14 -38.80 -9.46
CA ALA A 895 30.41 -38.99 -8.22
C ALA A 895 30.39 -40.46 -7.83
N GLY A 896 30.27 -41.35 -8.83
CA GLY A 896 30.36 -42.77 -8.61
C GLY A 896 29.01 -43.45 -8.59
N PHE A 897 28.63 -44.02 -9.74
CA PHE A 897 27.35 -44.69 -9.92
C PHE A 897 27.47 -45.68 -11.07
N THR A 898 26.81 -46.82 -10.95
CA THR A 898 26.48 -47.58 -12.13
C THR A 898 25.27 -46.97 -12.79
N ALA A 899 25.03 -47.34 -14.05
CA ALA A 899 23.86 -46.82 -14.76
C ALA A 899 22.56 -47.32 -14.16
N VAL A 900 22.61 -48.48 -13.49
CA VAL A 900 21.46 -48.97 -12.72
C VAL A 900 21.14 -48.00 -11.59
N HIS A 901 22.17 -47.39 -10.99
CA HIS A 901 21.92 -46.42 -9.93
C HIS A 901 21.33 -45.12 -10.47
N LEU A 902 21.63 -44.77 -11.72
CA LEU A 902 20.97 -43.61 -12.30
C LEU A 902 19.53 -43.94 -12.68
N ALA A 903 19.28 -45.20 -13.02
CA ALA A 903 17.90 -45.63 -13.22
C ALA A 903 17.13 -45.61 -11.90
N ALA A 904 17.81 -45.94 -10.81
CA ALA A 904 17.18 -45.87 -9.50
C ALA A 904 16.97 -44.43 -9.06
N GLN A 905 17.87 -43.54 -9.44
CA GLN A 905 17.74 -42.14 -9.06
C GLN A 905 16.68 -41.45 -9.91
N ASN A 906 16.53 -41.87 -11.17
CA ASN A 906 15.66 -41.13 -12.08
C ASN A 906 14.28 -41.78 -12.19
N GLY A 907 14.15 -43.03 -11.77
CA GLY A 907 12.85 -43.68 -11.79
C GLY A 907 12.38 -44.13 -13.15
N HIS A 908 13.07 -45.12 -13.73
CA HIS A 908 12.71 -45.67 -15.03
C HIS A 908 12.77 -47.18 -14.95
N GLY A 909 11.62 -47.81 -14.69
CA GLY A 909 11.60 -49.24 -14.42
C GLY A 909 11.79 -50.09 -15.65
N GLN A 910 11.58 -49.53 -16.83
CA GLN A 910 11.86 -50.25 -18.07
C GLN A 910 13.35 -50.49 -18.23
N VAL A 911 14.17 -49.49 -17.88
CA VAL A 911 15.61 -49.64 -17.86
C VAL A 911 16.02 -50.64 -16.78
N LEU A 912 15.25 -50.68 -15.69
CA LEU A 912 15.48 -51.67 -14.64
C LEU A 912 15.11 -53.07 -15.12
N ASP A 913 14.23 -53.17 -16.11
CA ASP A 913 13.89 -54.47 -16.67
C ASP A 913 14.96 -54.93 -17.65
N VAL A 914 15.39 -54.04 -18.54
CA VAL A 914 16.40 -54.39 -19.53
C VAL A 914 17.74 -54.69 -18.86
N LEU A 915 18.08 -53.92 -17.82
CA LEU A 915 19.27 -54.24 -17.05
C LEU A 915 18.99 -55.36 -16.06
N LYS A 916 17.72 -55.61 -15.75
CA LYS A 916 17.38 -56.74 -14.89
C LYS A 916 17.54 -58.06 -15.63
N SER A 917 17.57 -58.02 -16.95
CA SER A 917 17.93 -59.20 -17.73
C SER A 917 19.37 -59.63 -17.45
N THR A 918 20.29 -58.67 -17.35
CA THR A 918 21.70 -59.02 -17.25
C THR A 918 22.21 -58.90 -15.82
N ASN A 919 22.08 -57.72 -15.21
CA ASN A 919 22.79 -57.41 -13.96
C ASN A 919 22.23 -58.10 -12.73
N SER A 920 23.04 -58.16 -11.68
CA SER A 920 22.62 -58.78 -10.43
C SER A 920 21.88 -57.80 -9.53
N LEU A 921 21.93 -56.51 -9.90
CA LEU A 921 21.18 -55.39 -9.33
C LEU A 921 21.50 -55.09 -7.87
N ARG A 922 22.57 -55.65 -7.30
CA ARG A 922 23.08 -55.25 -5.98
C ARG A 922 24.61 -55.30 -6.05
N ILE A 923 25.23 -54.18 -6.43
CA ILE A 923 26.62 -54.24 -6.87
C ILE A 923 27.51 -53.31 -6.04
N ASN A 924 27.22 -52.02 -6.05
CA ASN A 924 28.20 -50.92 -5.87
C ASN A 924 29.15 -50.96 -4.67
N SER A 925 30.44 -50.85 -4.98
CA SER A 925 31.48 -50.65 -3.98
C SER A 925 32.34 -49.46 -4.36
N LYS A 926 32.56 -49.26 -5.66
CA LYS A 926 33.43 -48.20 -6.15
C LYS A 926 32.75 -46.86 -5.95
N LYS A 927 33.36 -46.01 -5.11
CA LYS A 927 33.03 -44.62 -4.78
C LYS A 927 31.77 -44.48 -3.93
N LEU A 928 31.04 -45.59 -3.76
CA LEU A 928 29.87 -45.70 -2.90
C LEU A 928 29.65 -47.17 -2.64
N GLY A 929 29.71 -47.58 -1.37
CA GLY A 929 29.41 -48.95 -1.03
C GLY A 929 27.95 -49.12 -0.66
N LEU A 930 27.14 -49.50 -1.64
CA LEU A 930 25.69 -49.58 -1.48
C LEU A 930 25.12 -50.42 -2.63
N THR A 931 23.80 -50.42 -2.74
CA THR A 931 23.07 -51.15 -3.77
C THR A 931 22.21 -50.15 -4.51
N PRO A 932 21.73 -50.49 -5.71
CA PRO A 932 20.72 -49.65 -6.36
C PRO A 932 19.42 -49.54 -5.58
N LEU A 933 19.10 -50.52 -4.73
CA LEU A 933 17.90 -50.43 -3.91
C LEU A 933 18.07 -49.38 -2.82
N HIS A 934 19.32 -49.11 -2.41
CA HIS A 934 19.58 -47.97 -1.54
C HIS A 934 19.30 -46.65 -2.24
N VAL A 935 19.72 -46.53 -3.50
CA VAL A 935 19.51 -45.29 -4.24
C VAL A 935 18.03 -45.11 -4.57
N ALA A 936 17.38 -46.19 -4.97
CA ALA A 936 15.94 -46.14 -5.23
C ALA A 936 15.15 -45.87 -3.96
N ALA A 937 15.61 -46.40 -2.82
CA ALA A 937 14.94 -46.13 -1.56
C ALA A 937 15.25 -44.72 -1.07
N TYR A 938 16.34 -44.13 -1.56
CA TYR A 938 16.77 -42.85 -1.03
C TYR A 938 16.03 -41.70 -1.70
N TYR A 939 15.94 -41.70 -3.03
CA TYR A 939 15.49 -40.51 -3.73
C TYR A 939 13.98 -40.51 -3.95
N GLY A 940 13.26 -41.47 -3.38
CA GLY A 940 11.84 -41.53 -3.64
C GLY A 940 11.41 -42.78 -4.35
N GLN A 941 11.04 -42.65 -5.63
CA GLN A 941 10.10 -43.50 -6.39
C GLN A 941 9.95 -44.98 -6.02
N ALA A 942 8.69 -45.39 -5.83
CA ALA A 942 8.40 -46.49 -4.91
C ALA A 942 8.10 -47.79 -5.65
N ASP A 943 7.58 -47.72 -6.86
CA ASP A 943 7.29 -48.96 -7.58
C ASP A 943 8.56 -49.56 -8.17
N THR A 944 9.54 -48.71 -8.46
CA THR A 944 10.89 -49.15 -8.77
C THR A 944 11.49 -49.90 -7.59
N VAL A 945 11.25 -49.38 -6.39
CA VAL A 945 11.62 -50.06 -5.15
C VAL A 945 10.92 -51.41 -5.06
N ARG A 946 9.63 -51.48 -5.44
CA ARG A 946 8.90 -52.74 -5.39
C ARG A 946 9.49 -53.78 -6.33
N GLU A 947 9.83 -53.37 -7.56
CA GLU A 947 10.45 -54.28 -8.51
C GLU A 947 11.82 -54.74 -8.03
N LEU A 948 12.56 -53.84 -7.38
CA LEU A 948 13.83 -54.25 -6.82
C LEU A 948 13.65 -55.12 -5.58
N LEU A 949 12.49 -55.03 -4.91
CA LEU A 949 12.19 -56.00 -3.85
C LEU A 949 11.94 -57.37 -4.46
N THR A 950 11.35 -57.40 -5.66
CA THR A 950 11.13 -58.67 -6.32
C THR A 950 12.41 -59.21 -6.94
N SER A 951 13.45 -58.39 -7.10
CA SER A 951 14.68 -58.88 -7.71
C SER A 951 15.85 -59.01 -6.75
N VAL A 952 15.89 -58.20 -5.69
CA VAL A 952 17.02 -58.14 -4.76
C VAL A 952 16.51 -58.58 -3.40
N PRO A 953 17.30 -59.29 -2.57
CA PRO A 953 16.79 -59.78 -1.28
C PRO A 953 16.48 -58.73 -0.21
N ALA A 954 16.50 -57.44 -0.55
CA ALA A 954 15.70 -56.39 0.10
C ALA A 954 16.19 -55.93 1.46
N THR A 955 17.19 -56.60 2.04
CA THR A 955 17.80 -56.15 3.29
C THR A 955 19.23 -56.67 3.27
N VAL A 956 20.19 -55.79 2.99
CA VAL A 956 21.54 -56.24 2.69
C VAL A 956 22.59 -55.65 3.63
N LYS A 957 22.29 -54.48 4.22
CA LYS A 957 23.14 -53.79 5.20
C LYS A 957 24.54 -53.52 4.64
N SER A 958 24.56 -52.61 3.66
CA SER A 958 25.46 -52.66 2.51
C SER A 958 26.97 -52.74 2.76
N GLU A 959 27.60 -51.65 3.19
CA GLU A 959 29.05 -51.53 3.10
C GLU A 959 29.52 -50.23 3.72
N THR A 960 30.84 -50.06 3.75
CA THR A 960 31.48 -48.78 3.99
C THR A 960 31.63 -48.03 2.68
N PRO A 961 31.31 -46.75 2.66
CA PRO A 961 31.55 -45.94 1.45
C PRO A 961 33.03 -45.64 1.29
N THR A 962 33.45 -45.59 0.03
CA THR A 962 34.85 -45.38 -0.32
C THR A 962 35.02 -44.01 -0.95
N GLY A 963 35.99 -43.25 -0.44
CA GLY A 963 36.36 -41.98 -1.03
C GLY A 963 35.50 -40.81 -0.61
N GLN A 964 34.29 -40.73 -1.16
CA GLN A 964 33.39 -39.62 -0.90
C GLN A 964 31.97 -40.14 -0.80
N SER A 965 31.40 -40.04 0.41
CA SER A 965 30.06 -40.53 0.66
C SER A 965 29.04 -39.43 0.45
N LEU A 966 27.78 -39.83 0.48
CA LEU A 966 26.64 -38.93 0.44
C LEU A 966 26.27 -38.61 1.90
N PHE A 967 25.07 -38.09 2.12
CA PHE A 967 24.29 -38.10 3.37
C PHE A 967 24.70 -36.99 4.33
N GLY A 968 25.67 -36.16 3.96
CA GLY A 968 26.00 -35.01 4.79
C GLY A 968 26.68 -35.35 6.10
N ASP A 969 25.94 -35.24 7.20
CA ASP A 969 26.46 -35.50 8.54
C ASP A 969 26.96 -36.93 8.69
N LEU A 970 26.31 -37.89 8.06
CA LEU A 970 26.83 -39.25 7.99
C LEU A 970 27.91 -39.27 6.93
N GLY A 971 29.12 -38.90 7.33
CA GLY A 971 30.26 -38.99 6.44
C GLY A 971 30.68 -40.40 6.11
N THR A 972 30.38 -41.36 6.99
CA THR A 972 30.64 -42.77 6.74
C THR A 972 29.72 -43.59 7.63
N GLU A 973 28.89 -44.42 7.00
CA GLU A 973 28.04 -45.34 7.73
C GLU A 973 28.23 -46.73 7.15
N SER A 974 28.44 -47.70 8.02
CA SER A 974 28.78 -49.06 7.61
C SER A 974 27.63 -49.99 7.93
N GLY A 975 26.87 -50.38 6.90
CA GLY A 975 25.82 -51.36 7.09
C GLY A 975 24.44 -50.77 7.15
N MET A 976 24.21 -49.70 6.41
CA MET A 976 22.87 -49.12 6.36
C MET A 976 21.99 -49.92 5.41
N THR A 977 20.95 -50.54 5.96
CA THR A 977 19.92 -51.15 5.15
C THR A 977 19.12 -50.04 4.46
N PRO A 978 18.45 -50.35 3.34
CA PRO A 978 17.70 -49.29 2.64
C PRO A 978 16.46 -48.79 3.36
N LEU A 979 16.08 -49.41 4.48
CA LEU A 979 15.06 -48.81 5.33
C LEU A 979 15.61 -47.54 5.99
N HIS A 980 16.91 -47.52 6.27
CA HIS A 980 17.54 -46.38 6.91
C HIS A 980 17.52 -45.16 6.02
N LEU A 981 17.84 -45.34 4.75
CA LEU A 981 17.97 -44.20 3.85
C LEU A 981 16.61 -43.63 3.48
N ALA A 982 15.61 -44.51 3.32
CA ALA A 982 14.24 -44.05 3.17
C ALA A 982 13.75 -43.35 4.43
N ALA A 983 14.23 -43.79 5.60
CA ALA A 983 13.95 -43.06 6.83
C ALA A 983 14.72 -41.74 6.87
N PHE A 984 15.78 -41.63 6.07
CA PHE A 984 16.68 -40.48 6.18
C PHE A 984 16.25 -39.34 5.28
N SER A 985 16.01 -39.63 4.00
CA SER A 985 15.69 -38.56 3.06
C SER A 985 14.23 -38.16 3.13
N GLY A 986 13.40 -38.98 3.75
CA GLY A 986 12.05 -38.59 4.09
C GLY A 986 10.93 -39.42 3.50
N ASN A 987 10.99 -39.71 2.20
CA ASN A 987 10.56 -40.98 1.56
C ASN A 987 9.47 -41.81 2.25
N GLU A 988 8.36 -41.17 2.66
CA GLU A 988 7.46 -41.76 3.65
C GLU A 988 6.68 -42.94 3.06
N ASN A 989 6.38 -42.89 1.77
CA ASN A 989 5.72 -44.02 1.11
C ASN A 989 6.68 -45.19 1.01
N VAL A 990 7.96 -44.91 0.80
CA VAL A 990 8.97 -45.96 0.73
C VAL A 990 9.19 -46.56 2.11
N VAL A 991 9.06 -45.73 3.14
CA VAL A 991 9.05 -46.22 4.52
C VAL A 991 7.87 -47.17 4.72
N ARG A 992 6.70 -46.80 4.22
CA ARG A 992 5.51 -47.63 4.37
C ARG A 992 5.63 -48.94 3.60
N LEU A 993 6.37 -48.92 2.49
CA LEU A 993 6.62 -50.17 1.78
C LEU A 993 7.61 -51.05 2.53
N LEU A 994 8.71 -50.45 3.02
CA LEU A 994 9.78 -51.25 3.61
C LEU A 994 9.41 -51.70 5.02
N LEU A 995 8.38 -51.09 5.62
CA LEU A 995 7.86 -51.60 6.88
C LEU A 995 6.91 -52.76 6.65
N ASN A 996 6.52 -52.99 5.40
CA ASN A 996 5.63 -54.09 5.05
C ASN A 996 6.30 -55.11 4.15
N SER A 997 7.63 -55.17 4.13
CA SER A 997 8.37 -56.06 3.26
C SER A 997 8.70 -57.34 4.01
N ALA A 998 9.53 -58.18 3.40
CA ALA A 998 9.87 -59.50 3.95
C ALA A 998 10.86 -59.29 5.09
N GLY A 999 12.05 -58.74 4.85
CA GLY A 999 12.96 -58.43 5.94
C GLY A 999 12.83 -56.99 6.39
N VAL A 1000 12.08 -56.76 7.47
CA VAL A 1000 11.87 -55.38 7.92
C VAL A 1000 13.03 -54.90 8.80
N GLN A 1001 13.25 -55.56 9.94
CA GLN A 1001 14.35 -55.30 10.88
C GLN A 1001 14.37 -53.84 11.34
N VAL A 1002 13.24 -53.38 11.87
CA VAL A 1002 13.17 -52.01 12.40
C VAL A 1002 13.82 -51.96 13.77
N ASP A 1003 13.89 -53.08 14.47
CA ASP A 1003 14.34 -53.09 15.86
C ASP A 1003 15.87 -53.09 15.95
N ALA A 1004 16.51 -54.08 15.33
CA ALA A 1004 17.95 -54.26 15.49
C ALA A 1004 18.72 -53.19 14.72
N ALA A 1005 18.65 -53.24 13.39
CA ALA A 1005 18.96 -52.13 12.48
C ALA A 1005 20.37 -51.55 12.69
N THR A 1006 21.32 -52.42 13.01
CA THR A 1006 22.59 -52.00 13.56
C THR A 1006 23.55 -51.49 12.49
N ILE A 1007 24.30 -50.45 12.85
CA ILE A 1007 25.33 -49.85 12.02
C ILE A 1007 26.61 -49.90 12.85
N GLU A 1008 27.76 -49.82 12.18
CA GLU A 1008 29.03 -49.71 12.90
C GLU A 1008 29.12 -48.36 13.62
N ASN A 1009 28.50 -47.33 13.06
CA ASN A 1009 28.36 -46.07 13.78
C ASN A 1009 27.35 -46.21 14.91
N GLY A 1010 26.39 -47.15 14.77
CA GLY A 1010 25.53 -47.53 15.86
C GLY A 1010 24.08 -47.12 15.76
N TYR A 1011 23.67 -46.46 14.69
CA TYR A 1011 22.37 -45.80 14.67
C TYR A 1011 21.24 -46.77 14.36
N ASN A 1012 20.03 -46.28 14.54
CA ASN A 1012 18.76 -46.94 14.27
C ASN A 1012 17.93 -45.95 13.45
N PRO A 1013 16.93 -46.39 12.63
CA PRO A 1013 16.34 -45.47 11.64
C PRO A 1013 15.49 -44.35 12.24
N LEU A 1014 15.13 -44.49 13.51
CA LEU A 1014 14.54 -43.35 14.21
C LEU A 1014 15.55 -42.22 14.36
N HIS A 1015 16.80 -42.56 14.66
CA HIS A 1015 17.84 -41.55 14.79
C HIS A 1015 18.15 -40.93 13.43
N LEU A 1016 18.15 -41.75 12.40
CA LEU A 1016 18.33 -41.26 11.04
C LEU A 1016 17.17 -40.41 10.58
N ALA A 1017 15.99 -40.61 11.16
CA ALA A 1017 14.92 -39.63 11.00
C ALA A 1017 15.21 -38.37 11.81
N CYS A 1018 15.90 -38.51 12.95
CA CYS A 1018 16.18 -37.34 13.78
C CYS A 1018 17.25 -36.44 13.17
N PHE A 1019 18.07 -36.97 12.26
CA PHE A 1019 19.09 -36.14 11.61
C PHE A 1019 18.49 -35.06 10.73
N GLY A 1020 17.30 -35.30 10.18
CA GLY A 1020 16.49 -34.25 9.60
C GLY A 1020 15.27 -33.96 10.47
N GLY A 1021 14.35 -33.21 9.90
CA GLY A 1021 13.08 -33.06 10.58
C GLY A 1021 12.30 -34.35 10.48
N HIS A 1022 11.77 -34.61 9.29
CA HIS A 1022 11.19 -35.89 8.82
C HIS A 1022 10.24 -36.52 9.83
N MET A 1023 9.30 -35.69 10.31
CA MET A 1023 8.47 -36.07 11.45
C MET A 1023 7.43 -37.10 11.06
N SER A 1024 7.12 -37.18 9.76
CA SER A 1024 6.20 -38.21 9.27
C SER A 1024 6.80 -39.60 9.43
N VAL A 1025 8.09 -39.75 9.17
CA VAL A 1025 8.76 -41.03 9.36
C VAL A 1025 8.81 -41.38 10.84
N VAL A 1026 8.90 -40.36 11.69
CA VAL A 1026 8.87 -40.58 13.12
C VAL A 1026 7.51 -41.07 13.57
N GLY A 1027 6.45 -40.51 12.98
CA GLY A 1027 5.11 -41.01 13.25
C GLY A 1027 4.91 -42.44 12.76
N LEU A 1028 5.51 -42.77 11.61
CA LEU A 1028 5.38 -44.12 11.07
C LEU A 1028 6.15 -45.14 11.92
N LEU A 1029 7.35 -44.78 12.37
CA LEU A 1029 8.17 -45.73 13.09
C LEU A 1029 7.71 -45.88 14.53
N LEU A 1030 7.40 -44.77 15.20
CA LEU A 1030 6.90 -44.85 16.57
C LEU A 1030 5.49 -45.44 16.59
N SER A 1031 4.71 -45.23 15.54
CA SER A 1031 3.44 -45.95 15.43
C SER A 1031 3.67 -47.43 15.19
N ARG A 1032 4.73 -47.79 14.45
CA ARG A 1032 4.98 -49.19 14.12
C ARG A 1032 5.63 -49.95 15.26
N SER A 1033 6.80 -49.51 15.71
CA SER A 1033 7.60 -50.31 16.63
C SER A 1033 7.29 -50.00 18.10
N ALA A 1034 7.50 -48.76 18.52
CA ALA A 1034 7.29 -48.18 19.85
C ALA A 1034 8.19 -48.76 20.93
N GLU A 1035 9.05 -49.73 20.61
CA GLU A 1035 10.16 -50.14 21.48
C GLU A 1035 11.45 -49.48 21.03
N LEU A 1036 11.32 -48.31 20.43
CA LEU A 1036 12.42 -47.61 19.77
C LEU A 1036 12.66 -46.23 20.34
N LEU A 1037 11.74 -45.69 21.15
CA LEU A 1037 11.97 -44.46 21.90
C LEU A 1037 13.17 -44.58 22.82
N GLN A 1038 13.35 -45.72 23.45
CA GLN A 1038 14.42 -45.94 24.40
C GLN A 1038 15.58 -46.71 23.79
N SER A 1039 15.61 -46.85 22.47
CA SER A 1039 16.70 -47.54 21.78
C SER A 1039 17.94 -46.67 21.81
N GLN A 1040 18.99 -47.15 22.48
CA GLN A 1040 20.25 -46.43 22.53
C GLN A 1040 21.16 -46.92 21.42
N ASP A 1041 22.08 -46.06 20.99
CA ASP A 1041 23.00 -46.43 19.92
C ASP A 1041 24.25 -47.07 20.51
N ARG A 1042 25.27 -47.21 19.66
CA ARG A 1042 26.56 -47.75 20.13
C ARG A 1042 27.25 -46.77 21.06
N ASN A 1043 27.05 -45.47 20.84
CA ASN A 1043 27.54 -44.45 21.76
C ASN A 1043 26.55 -44.13 22.87
N GLY A 1044 25.51 -44.95 23.03
CA GLY A 1044 24.55 -44.76 24.09
C GLY A 1044 23.52 -43.69 23.86
N ARG A 1045 23.60 -42.95 22.75
CA ARG A 1045 22.68 -41.84 22.53
C ARG A 1045 21.30 -42.34 22.13
N THR A 1046 20.28 -41.60 22.56
CA THR A 1046 18.93 -41.86 22.12
C THR A 1046 18.57 -40.90 21.00
N GLY A 1047 17.31 -40.97 20.56
CA GLY A 1047 16.84 -40.05 19.54
C GLY A 1047 16.66 -38.63 20.04
N LEU A 1048 16.44 -38.46 21.34
CA LEU A 1048 16.23 -37.14 21.89
C LEU A 1048 17.54 -36.36 21.92
N HIS A 1049 18.66 -37.09 22.07
CA HIS A 1049 19.98 -36.48 21.99
C HIS A 1049 20.23 -35.90 20.61
N ILE A 1050 19.93 -36.68 19.57
CA ILE A 1050 20.24 -36.27 18.20
C ILE A 1050 19.28 -35.19 17.73
N ALA A 1051 18.00 -35.33 18.11
CA ALA A 1051 17.03 -34.28 17.82
C ALA A 1051 17.33 -33.00 18.59
N ALA A 1052 17.97 -33.13 19.76
CA ALA A 1052 18.41 -31.96 20.49
C ALA A 1052 19.59 -31.29 19.79
N MET A 1053 20.67 -32.04 19.57
CA MET A 1053 21.91 -31.47 19.06
C MET A 1053 21.86 -31.14 17.57
N HIS A 1054 20.77 -31.46 16.88
CA HIS A 1054 20.54 -30.92 15.55
C HIS A 1054 19.46 -29.87 15.53
N GLY A 1055 18.78 -29.64 16.65
CA GLY A 1055 17.95 -28.47 16.81
C GLY A 1055 16.60 -28.48 16.11
N HIS A 1056 16.08 -29.66 15.80
CA HIS A 1056 14.77 -29.79 15.19
C HIS A 1056 13.75 -29.73 16.32
N ILE A 1057 13.04 -28.60 16.43
CA ILE A 1057 12.29 -28.30 17.65
C ILE A 1057 11.06 -29.18 17.77
N GLN A 1058 10.22 -29.20 16.74
CA GLN A 1058 8.97 -29.95 16.80
C GLN A 1058 9.24 -31.45 16.75
N MET A 1059 10.40 -31.85 16.23
CA MET A 1059 10.86 -33.23 16.39
C MET A 1059 11.07 -33.57 17.86
N VAL A 1060 11.61 -32.64 18.64
CA VAL A 1060 11.74 -32.87 20.08
C VAL A 1060 10.36 -32.87 20.73
N GLU A 1061 9.45 -32.03 20.25
CA GLU A 1061 8.09 -32.00 20.78
C GLU A 1061 7.35 -33.32 20.56
N ILE A 1062 7.51 -33.92 19.38
CA ILE A 1062 6.87 -35.21 19.12
C ILE A 1062 7.56 -36.31 19.92
N LEU A 1063 8.87 -36.19 20.11
CA LEU A 1063 9.61 -37.26 20.77
C LEU A 1063 9.34 -37.24 22.28
N LEU A 1064 8.99 -36.08 22.83
CA LEU A 1064 8.44 -36.03 24.18
C LEU A 1064 6.96 -36.41 24.17
N GLY A 1065 6.29 -36.23 23.03
CA GLY A 1065 4.87 -36.53 22.95
C GLY A 1065 4.58 -38.01 23.02
N GLN A 1066 5.40 -38.81 22.35
CA GLN A 1066 5.30 -40.27 22.50
C GLN A 1066 5.78 -40.70 23.88
N GLY A 1067 6.69 -39.92 24.48
CA GLY A 1067 7.10 -40.14 25.84
C GLY A 1067 8.45 -40.83 25.96
N ALA A 1068 9.50 -40.05 26.22
CA ALA A 1068 10.84 -40.57 26.40
C ALA A 1068 11.39 -40.04 27.72
N GLU A 1069 12.26 -40.83 28.34
CA GLU A 1069 12.95 -40.36 29.54
C GLU A 1069 13.91 -39.24 29.17
N ILE A 1070 13.63 -38.04 29.67
CA ILE A 1070 14.45 -36.88 29.33
C ILE A 1070 15.80 -36.97 30.03
N ASN A 1071 15.80 -37.20 31.34
CA ASN A 1071 17.03 -37.42 32.08
C ASN A 1071 17.55 -38.83 31.80
N ALA A 1072 18.16 -38.98 30.63
CA ALA A 1072 18.72 -40.24 30.18
C ALA A 1072 20.15 -40.01 29.71
N THR A 1073 21.06 -40.76 30.30
CA THR A 1073 22.49 -40.56 30.13
C THR A 1073 22.97 -41.30 28.89
N ASP A 1074 24.08 -40.85 28.32
CA ASP A 1074 24.81 -41.67 27.38
C ASP A 1074 25.75 -42.60 28.14
N ARG A 1075 26.68 -43.20 27.40
CA ARG A 1075 27.74 -43.94 28.07
C ARG A 1075 28.72 -43.02 28.78
N ASN A 1076 28.78 -41.74 28.38
CA ASN A 1076 29.64 -40.80 29.08
C ASN A 1076 28.83 -39.93 30.04
N GLY A 1077 27.53 -40.20 30.17
CA GLY A 1077 26.71 -39.47 31.10
C GLY A 1077 26.03 -38.24 30.55
N TRP A 1078 26.07 -38.04 29.24
CA TRP A 1078 25.41 -36.89 28.61
C TRP A 1078 23.90 -37.02 28.71
N THR A 1079 23.28 -36.05 29.35
CA THR A 1079 21.85 -35.83 29.17
C THR A 1079 21.71 -35.17 27.82
N PRO A 1080 20.53 -35.27 27.17
CA PRO A 1080 20.36 -34.54 25.91
C PRO A 1080 20.34 -33.03 26.08
N LEU A 1081 20.16 -32.53 27.29
CA LEU A 1081 20.27 -31.10 27.52
C LEU A 1081 21.72 -30.65 27.44
N HIS A 1082 22.65 -31.57 27.74
CA HIS A 1082 24.07 -31.27 27.52
C HIS A 1082 24.38 -31.15 26.03
N CYS A 1083 23.78 -32.03 25.22
CA CYS A 1083 24.02 -31.96 23.78
C CYS A 1083 23.34 -30.75 23.16
N ALA A 1084 22.16 -30.41 23.65
CA ALA A 1084 21.44 -29.24 23.17
C ALA A 1084 22.16 -27.97 23.58
N ALA A 1085 22.73 -27.97 24.79
CA ALA A 1085 23.49 -26.81 25.26
C ALA A 1085 24.81 -26.67 24.52
N LYS A 1086 25.47 -27.81 24.25
CA LYS A 1086 26.73 -27.79 23.52
C LYS A 1086 26.52 -27.32 22.08
N ALA A 1087 25.46 -27.81 21.44
CA ALA A 1087 25.10 -27.28 20.13
C ALA A 1087 24.47 -25.90 20.21
N GLY A 1088 23.99 -25.51 21.39
CA GLY A 1088 23.51 -24.16 21.60
C GLY A 1088 22.17 -23.83 20.98
N HIS A 1089 21.32 -24.81 20.74
CA HIS A 1089 19.97 -24.52 20.25
C HIS A 1089 19.12 -24.06 21.42
N LEU A 1090 18.78 -22.77 21.42
CA LEU A 1090 18.19 -22.13 22.60
C LEU A 1090 16.79 -22.65 22.89
N GLU A 1091 15.95 -22.78 21.87
CA GLU A 1091 14.56 -23.16 22.10
C GLU A 1091 14.43 -24.63 22.46
N VAL A 1092 15.39 -25.45 22.05
CA VAL A 1092 15.44 -26.83 22.51
C VAL A 1092 15.76 -26.88 24.00
N VAL A 1093 16.65 -25.99 24.44
CA VAL A 1093 16.97 -25.90 25.86
C VAL A 1093 15.80 -25.36 26.66
N LYS A 1094 15.05 -24.41 26.08
CA LYS A 1094 13.83 -23.92 26.73
C LYS A 1094 12.78 -25.00 26.82
N LEU A 1095 12.73 -25.88 25.83
CA LEU A 1095 11.75 -26.96 25.86
C LEU A 1095 12.14 -28.03 26.87
N LEU A 1096 13.42 -28.38 26.95
CA LEU A 1096 13.84 -29.42 27.87
C LEU A 1096 13.86 -28.93 29.31
N CYS A 1097 14.21 -27.66 29.53
CA CYS A 1097 14.14 -27.10 30.87
C CYS A 1097 12.70 -26.86 31.31
N GLU A 1098 11.87 -26.32 30.41
CA GLU A 1098 10.52 -25.93 30.77
C GLU A 1098 9.62 -27.13 31.05
N ALA A 1099 9.98 -28.32 30.59
CA ALA A 1099 9.16 -29.50 30.82
C ALA A 1099 10.01 -30.73 31.08
N GLY A 1100 10.96 -30.65 32.02
CA GLY A 1100 11.88 -31.76 32.16
C GLY A 1100 13.20 -31.48 32.86
N ALA A 1101 14.29 -31.82 32.16
CA ALA A 1101 15.60 -32.19 32.69
C ALA A 1101 16.15 -31.21 33.72
N SER A 1102 16.84 -31.78 34.71
CA SER A 1102 17.50 -30.98 35.74
C SER A 1102 18.81 -30.42 35.21
N PRO A 1103 19.07 -29.13 35.37
CA PRO A 1103 20.39 -28.60 34.99
C PRO A 1103 21.52 -29.11 35.85
N LYS A 1104 21.27 -29.35 37.14
CA LYS A 1104 22.27 -29.94 38.03
C LYS A 1104 22.39 -31.42 37.71
N SER A 1105 23.19 -31.72 36.70
CA SER A 1105 23.34 -33.07 36.17
C SER A 1105 24.74 -33.20 35.60
N GLU A 1106 25.54 -34.07 36.19
CA GLU A 1106 26.96 -34.12 35.88
C GLU A 1106 27.22 -34.95 34.64
N THR A 1107 28.50 -35.22 34.38
CA THR A 1107 28.96 -36.02 33.25
C THR A 1107 30.05 -36.92 33.84
N ASN A 1108 30.58 -37.84 33.04
CA ASN A 1108 31.59 -38.75 33.59
C ASN A 1108 33.00 -38.19 33.52
N TYR A 1109 33.13 -36.86 33.42
CA TYR A 1109 34.36 -36.19 33.81
C TYR A 1109 34.11 -35.20 34.94
N GLY A 1110 32.85 -34.88 35.17
CA GLY A 1110 32.44 -33.91 36.17
C GLY A 1110 32.16 -32.60 35.49
N CYS A 1111 30.89 -32.34 35.16
CA CYS A 1111 30.54 -31.21 34.32
C CYS A 1111 29.14 -30.75 34.69
N ALA A 1112 28.58 -29.89 33.86
CA ALA A 1112 27.20 -29.45 33.96
C ALA A 1112 26.78 -29.00 32.56
N ALA A 1113 25.63 -28.33 32.49
CA ALA A 1113 25.18 -27.78 31.21
C ALA A 1113 25.89 -26.47 30.91
N ILE A 1114 26.17 -25.69 31.95
CA ILE A 1114 26.74 -24.36 31.74
C ILE A 1114 28.21 -24.46 31.36
N TRP A 1115 28.85 -25.60 31.65
CA TRP A 1115 30.22 -25.79 31.21
C TRP A 1115 30.29 -25.93 29.70
N PHE A 1116 29.33 -26.63 29.11
CA PHE A 1116 29.27 -26.73 27.65
C PHE A 1116 28.72 -25.46 27.04
N ALA A 1117 27.78 -24.81 27.73
CA ALA A 1117 27.23 -23.55 27.22
C ALA A 1117 28.25 -22.43 27.29
N ALA A 1118 29.28 -22.59 28.12
CA ALA A 1118 30.35 -21.60 28.18
C ALA A 1118 31.53 -22.01 27.32
N SER A 1119 31.71 -23.32 27.13
CA SER A 1119 32.89 -23.81 26.45
C SER A 1119 32.89 -23.51 24.96
N GLU A 1120 31.72 -23.25 24.37
CA GLU A 1120 31.61 -22.91 22.95
C GLU A 1120 30.56 -21.83 22.80
N GLY A 1121 30.98 -20.56 22.90
CA GLY A 1121 30.16 -19.39 22.62
C GLY A 1121 28.83 -19.32 23.33
N HIS A 1122 27.77 -18.97 22.59
CA HIS A 1122 26.36 -19.16 22.97
C HIS A 1122 26.01 -18.41 24.25
N ASN A 1123 25.95 -17.08 24.12
CA ASN A 1123 25.64 -16.24 25.28
C ASN A 1123 24.22 -16.47 25.79
N GLU A 1124 23.26 -16.69 24.89
CA GLU A 1124 21.86 -16.72 25.29
C GLU A 1124 21.50 -18.04 25.96
N VAL A 1125 22.07 -19.14 25.48
CA VAL A 1125 21.95 -20.43 26.16
C VAL A 1125 22.61 -20.35 27.52
N LEU A 1126 23.70 -19.59 27.60
CA LEU A 1126 24.42 -19.43 28.87
C LEU A 1126 23.62 -18.58 29.85
N ARG A 1127 22.84 -17.62 29.36
CA ARG A 1127 22.06 -16.80 30.28
C ARG A 1127 20.78 -17.51 30.69
N TYR A 1128 20.23 -18.34 29.79
CA TYR A 1128 19.07 -19.14 30.15
C TYR A 1128 19.43 -20.21 31.17
N LEU A 1129 20.49 -20.97 30.90
CA LEU A 1129 20.94 -21.99 31.84
C LEU A 1129 21.51 -21.35 33.10
N MET A 1130 22.08 -20.16 32.96
CA MET A 1130 22.63 -19.47 34.12
C MET A 1130 21.52 -18.90 34.99
N ASN A 1131 20.36 -18.64 34.41
CA ASN A 1131 19.21 -18.26 35.21
C ASN A 1131 18.65 -19.44 36.01
N LYS A 1132 18.97 -20.67 35.60
CA LYS A 1132 18.50 -21.87 36.28
C LYS A 1132 19.38 -22.16 37.50
N GLU A 1133 19.22 -23.34 38.09
CA GLU A 1133 19.96 -23.73 39.27
C GLU A 1133 21.24 -24.45 38.90
N HIS A 1134 22.31 -24.14 39.63
CA HIS A 1134 23.63 -24.69 39.38
C HIS A 1134 24.51 -24.44 40.60
N ASP A 1135 25.56 -25.25 40.71
CA ASP A 1135 26.47 -25.16 41.85
C ASP A 1135 27.67 -24.31 41.44
N THR A 1136 27.73 -23.08 41.97
CA THR A 1136 28.76 -22.15 41.54
C THR A 1136 30.13 -22.52 42.11
N TYR A 1137 30.15 -23.01 43.35
CA TYR A 1137 31.43 -23.30 44.00
C TYR A 1137 32.08 -24.53 43.39
N GLY A 1138 31.29 -25.40 42.78
CA GLY A 1138 31.87 -26.45 41.96
C GLY A 1138 32.32 -25.94 40.60
N LEU A 1139 31.79 -24.78 40.19
CA LEU A 1139 32.11 -24.26 38.86
C LEU A 1139 33.36 -23.41 38.88
N MET A 1140 33.61 -22.68 39.96
CA MET A 1140 34.75 -21.78 39.99
C MET A 1140 36.05 -22.53 40.18
N GLU A 1141 35.99 -23.77 40.64
CA GLU A 1141 37.20 -24.56 40.77
C GLU A 1141 37.59 -25.18 39.43
N ASP A 1142 36.64 -25.28 38.52
CA ASP A 1142 36.96 -25.66 37.15
C ASP A 1142 37.56 -24.46 36.42
N LYS A 1143 38.88 -24.45 36.28
CA LYS A 1143 39.57 -23.28 35.76
C LYS A 1143 39.28 -23.08 34.27
N ARG A 1144 38.99 -24.17 33.56
CA ARG A 1144 38.60 -24.04 32.16
C ARG A 1144 37.25 -23.35 32.02
N PHE A 1145 36.33 -23.61 32.95
CA PHE A 1145 35.05 -22.92 32.94
C PHE A 1145 35.23 -21.44 33.22
N VAL A 1146 36.14 -21.11 34.13
CA VAL A 1146 36.42 -19.72 34.46
C VAL A 1146 37.02 -19.00 33.26
N TYR A 1147 37.94 -19.67 32.57
CA TYR A 1147 38.59 -19.10 31.39
C TYR A 1147 37.61 -18.91 30.24
N ASN A 1148 36.75 -19.90 29.99
CA ASN A 1148 35.77 -19.77 28.92
C ASN A 1148 34.70 -18.74 29.25
N LEU A 1149 34.39 -18.59 30.54
CA LEU A 1149 33.45 -17.54 30.94
C LEU A 1149 34.07 -16.17 30.73
N MET A 1150 35.39 -16.06 30.92
CA MET A 1150 36.10 -14.83 30.56
C MET A 1150 36.02 -14.58 29.06
N VAL A 1151 36.16 -15.63 28.26
CA VAL A 1151 36.18 -15.48 26.81
C VAL A 1151 34.82 -15.03 26.28
N VAL A 1152 33.74 -15.63 26.79
CA VAL A 1152 32.39 -15.25 26.38
C VAL A 1152 32.06 -13.84 26.86
N SER A 1153 32.51 -13.51 28.08
CA SER A 1153 32.27 -12.17 28.60
C SER A 1153 33.05 -11.10 27.84
N LYS A 1154 34.18 -11.50 27.23
CA LYS A 1154 34.91 -10.56 26.38
C LYS A 1154 34.10 -10.19 25.15
N ASN A 1155 33.40 -11.16 24.57
CA ASN A 1155 32.70 -10.91 23.31
C ASN A 1155 31.36 -10.22 23.56
N HIS A 1156 30.71 -10.49 24.69
CA HIS A 1156 29.32 -10.09 24.84
C HIS A 1156 29.14 -8.97 25.87
N ASN A 1157 30.03 -7.96 25.85
CA ASN A 1157 29.94 -6.73 26.64
C ASN A 1157 29.92 -6.96 28.14
N ASN A 1158 30.58 -8.06 28.58
CA ASN A 1158 30.70 -8.56 29.96
C ASN A 1158 29.42 -8.47 30.79
N LYS A 1159 28.28 -8.66 30.13
CA LYS A 1159 27.05 -9.04 30.81
C LYS A 1159 27.04 -10.46 31.41
N PRO A 1160 27.55 -11.53 30.76
CA PRO A 1160 27.38 -12.86 31.38
C PRO A 1160 28.19 -13.10 32.64
N ILE A 1161 29.35 -12.45 32.78
CA ILE A 1161 30.11 -12.56 34.02
C ILE A 1161 29.38 -11.86 35.16
N GLN A 1162 28.73 -10.74 34.85
CA GLN A 1162 27.84 -10.07 35.78
C GLN A 1162 26.67 -10.96 36.15
N GLU A 1163 26.17 -11.73 35.18
CA GLU A 1163 25.07 -12.65 35.45
C GLU A 1163 25.53 -13.79 36.36
N PHE A 1164 26.75 -14.29 36.14
CA PHE A 1164 27.25 -15.38 36.98
C PHE A 1164 27.53 -14.90 38.39
N VAL A 1165 27.82 -13.62 38.55
CA VAL A 1165 27.92 -13.08 39.91
C VAL A 1165 26.54 -12.95 40.53
N LEU A 1166 25.61 -12.31 39.81
CA LEU A 1166 24.34 -11.92 40.42
C LEU A 1166 23.38 -13.07 40.61
N VAL A 1167 23.58 -14.20 39.94
CA VAL A 1167 22.72 -15.36 40.18
C VAL A 1167 23.12 -16.12 41.44
N SER A 1168 24.42 -16.22 41.72
CA SER A 1168 25.00 -17.05 42.77
C SER A 1168 24.43 -16.71 44.16
N PRO A 1169 24.35 -17.68 45.07
CA PRO A 1169 23.63 -17.42 46.34
C PRO A 1169 24.32 -16.43 47.25
N ALA A 1170 25.65 -16.34 47.17
CA ALA A 1170 26.41 -15.27 47.81
C ALA A 1170 27.13 -14.55 46.69
N PRO A 1171 26.57 -13.44 46.19
CA PRO A 1171 27.19 -12.76 45.03
C PRO A 1171 28.51 -12.11 45.34
N VAL A 1172 28.71 -11.67 46.58
CA VAL A 1172 29.95 -10.98 46.93
C VAL A 1172 31.10 -11.99 47.04
N ASP A 1173 30.82 -13.17 47.59
CA ASP A 1173 31.80 -14.25 47.62
C ASP A 1173 32.19 -14.69 46.22
N THR A 1174 31.22 -14.75 45.32
CA THR A 1174 31.51 -15.23 43.97
C THR A 1174 32.29 -14.20 43.18
N ALA A 1175 31.92 -12.92 43.33
CA ALA A 1175 32.64 -11.85 42.66
C ALA A 1175 34.07 -11.74 43.16
N ALA A 1176 34.25 -11.81 44.48
CA ALA A 1176 35.57 -11.61 45.07
C ALA A 1176 36.48 -12.82 44.80
N LYS A 1177 36.01 -14.03 45.16
CA LYS A 1177 36.81 -15.24 44.97
C LYS A 1177 37.09 -15.49 43.51
N LEU A 1178 36.10 -15.24 42.65
CA LEU A 1178 36.27 -15.46 41.23
C LEU A 1178 37.19 -14.42 40.61
N SER A 1179 37.21 -13.21 41.19
CA SER A 1179 38.19 -12.22 40.77
C SER A 1179 39.60 -12.66 41.16
N ASN A 1180 39.75 -13.34 42.30
CA ASN A 1180 41.06 -13.85 42.65
C ASN A 1180 41.47 -14.99 41.74
N ILE A 1181 40.51 -15.79 41.30
CA ILE A 1181 40.81 -16.86 40.34
C ILE A 1181 41.25 -16.27 39.02
N TYR A 1182 40.66 -15.14 38.63
CA TYR A 1182 41.13 -14.38 37.47
C TYR A 1182 42.57 -13.89 37.63
N ILE A 1183 42.88 -13.29 38.78
CA ILE A 1183 44.21 -12.73 38.97
C ILE A 1183 45.28 -13.82 39.09
N VAL A 1184 44.94 -14.96 39.69
CA VAL A 1184 45.88 -16.08 39.73
C VAL A 1184 46.08 -16.68 38.35
N LEU A 1185 45.00 -16.80 37.56
CA LEU A 1185 45.15 -17.32 36.20
C LEU A 1185 45.85 -16.33 35.28
N SER A 1186 45.91 -15.05 35.66
CA SER A 1186 46.68 -14.08 34.90
C SER A 1186 48.16 -14.41 34.91
N THR A 1187 48.67 -14.91 36.03
CA THR A 1187 50.06 -15.34 36.09
C THR A 1187 50.24 -16.79 35.68
N LYS A 1188 49.24 -17.63 35.94
CA LYS A 1188 49.42 -19.06 35.72
C LYS A 1188 49.29 -19.43 34.25
N GLU A 1189 48.66 -18.56 33.45
CA GLU A 1189 48.52 -18.80 32.02
C GLU A 1189 49.18 -17.67 31.24
N LYS A 1190 49.35 -17.89 29.94
CA LYS A 1190 50.03 -16.91 29.10
C LYS A 1190 49.28 -16.66 27.80
N GLU A 1191 48.06 -17.19 27.69
CA GLU A 1191 47.22 -17.05 26.48
C GLU A 1191 46.88 -15.57 26.33
N ARG A 1192 46.15 -14.96 27.25
CA ARG A 1192 45.95 -13.52 27.23
C ARG A 1192 45.84 -13.02 28.69
N ALA A 1193 46.95 -12.47 29.17
CA ALA A 1193 46.99 -12.00 30.55
C ALA A 1193 46.44 -10.60 30.66
N LYS A 1194 46.18 -9.95 29.53
CA LYS A 1194 45.65 -8.58 29.56
C LYS A 1194 44.15 -8.58 29.76
N ASP A 1195 43.51 -9.75 29.70
CA ASP A 1195 42.06 -9.80 29.68
C ASP A 1195 41.52 -10.48 30.91
N LEU A 1196 42.29 -11.41 31.49
CA LEU A 1196 41.93 -11.98 32.78
C LEU A 1196 42.01 -10.92 33.87
N VAL A 1197 42.96 -10.00 33.76
CA VAL A 1197 43.08 -8.91 34.72
C VAL A 1197 41.89 -7.96 34.63
N ALA A 1198 41.41 -7.71 33.40
CA ALA A 1198 40.26 -6.83 33.22
C ALA A 1198 39.00 -7.43 33.80
N ALA A 1199 38.85 -8.75 33.71
CA ALA A 1199 37.70 -9.41 34.31
C ALA A 1199 37.83 -9.49 35.83
N GLY A 1200 39.06 -9.65 36.34
CA GLY A 1200 39.25 -9.63 37.78
C GLY A 1200 38.99 -8.27 38.38
N LYS A 1201 39.32 -7.21 37.64
CA LYS A 1201 39.00 -5.87 38.09
C LYS A 1201 37.52 -5.59 37.97
N GLN A 1202 36.87 -6.20 36.97
CA GLN A 1202 35.42 -6.07 36.85
C GLN A 1202 34.70 -6.70 38.03
N CYS A 1203 35.12 -7.90 38.43
CA CYS A 1203 34.46 -8.54 39.56
C CYS A 1203 34.89 -7.96 40.89
N GLU A 1204 36.07 -7.35 40.95
CA GLU A 1204 36.45 -6.62 42.15
C GLU A 1204 35.58 -5.39 42.33
N ALA A 1205 35.38 -4.62 41.25
CA ALA A 1205 34.53 -3.44 41.33
C ALA A 1205 33.07 -3.83 41.54
N MET A 1206 32.67 -4.98 41.00
CA MET A 1206 31.32 -5.47 41.23
C MET A 1206 31.15 -5.90 42.69
N ALA A 1207 32.22 -6.40 43.30
CA ALA A 1207 32.17 -6.70 44.72
C ALA A 1207 32.10 -5.43 45.56
N THR A 1208 32.74 -4.35 45.10
CA THR A 1208 32.61 -3.07 45.80
C THR A 1208 31.18 -2.55 45.74
N GLU A 1209 30.56 -2.63 44.56
CA GLU A 1209 29.23 -2.06 44.42
C GLU A 1209 28.17 -2.94 45.07
N LEU A 1210 28.38 -4.26 45.08
CA LEU A 1210 27.42 -5.14 45.75
C LEU A 1210 27.57 -5.06 47.26
N LEU A 1211 28.79 -4.83 47.75
CA LEU A 1211 28.93 -4.63 49.19
C LEU A 1211 28.44 -3.25 49.58
N ALA A 1212 28.46 -2.31 48.64
CA ALA A 1212 27.97 -0.97 48.92
C ALA A 1212 26.44 -0.95 48.97
N LEU A 1213 25.79 -1.64 48.04
CA LEU A 1213 24.34 -1.72 48.07
C LEU A 1213 23.84 -2.65 49.17
N ALA A 1214 24.56 -3.73 49.42
CA ALA A 1214 24.13 -4.75 50.39
C ALA A 1214 24.28 -4.31 51.82
N ALA A 1215 25.24 -3.44 52.13
CA ALA A 1215 25.36 -2.95 53.50
C ALA A 1215 24.25 -1.97 53.85
N GLY A 1216 23.74 -1.23 52.88
CA GLY A 1216 22.68 -0.28 53.16
C GLY A 1216 23.22 0.88 53.97
N SER A 1217 22.65 1.08 55.16
CA SER A 1217 23.13 2.14 56.04
C SER A 1217 24.33 1.67 56.88
N ASP A 1218 24.12 0.68 57.74
CA ASP A 1218 25.12 0.32 58.75
C ASP A 1218 25.22 -1.19 58.95
N SER A 1219 24.64 -1.98 58.06
CA SER A 1219 24.60 -3.43 58.26
C SER A 1219 25.87 -4.13 57.79
N ALA A 1220 27.00 -3.43 57.69
CA ALA A 1220 28.23 -4.05 57.23
C ALA A 1220 28.79 -5.03 58.25
N GLY A 1221 28.43 -4.87 59.52
CA GLY A 1221 28.93 -5.77 60.55
C GLY A 1221 28.40 -7.18 60.40
N LYS A 1222 27.16 -7.31 59.94
CA LYS A 1222 26.61 -8.64 59.66
C LYS A 1222 27.29 -9.28 58.46
N ILE A 1223 27.49 -8.51 57.40
CA ILE A 1223 28.00 -9.08 56.15
C ILE A 1223 29.48 -9.43 56.29
N LEU A 1224 30.24 -8.55 56.92
CA LEU A 1224 31.66 -8.83 57.10
C LEU A 1224 31.88 -9.82 58.23
N GLN A 1225 30.95 -9.87 59.19
CA GLN A 1225 31.06 -10.84 60.26
C GLN A 1225 30.37 -12.16 59.89
N ALA A 1226 29.85 -12.25 58.67
CA ALA A 1226 29.22 -13.49 58.22
C ALA A 1226 30.25 -14.57 57.96
N THR A 1227 29.80 -15.82 58.00
CA THR A 1227 30.68 -16.93 57.68
C THR A 1227 30.73 -17.14 56.17
N ASP A 1228 31.41 -18.21 55.75
CA ASP A 1228 31.50 -18.54 54.34
C ASP A 1228 30.96 -19.94 54.09
N LYS A 1229 31.17 -20.43 52.87
CA LYS A 1229 30.89 -21.83 52.58
C LYS A 1229 31.81 -22.74 53.38
N ARG A 1230 33.11 -22.45 53.38
CA ARG A 1230 33.99 -23.02 54.38
C ARG A 1230 33.79 -22.30 55.71
N ASN A 1231 34.23 -22.95 56.79
CA ASN A 1231 33.98 -22.44 58.14
C ASN A 1231 35.01 -21.36 58.50
N VAL A 1232 34.95 -20.25 57.76
CA VAL A 1232 35.77 -19.07 58.03
C VAL A 1232 34.88 -17.84 57.88
N GLU A 1233 35.32 -16.73 58.46
CA GLU A 1233 34.57 -15.49 58.34
C GLU A 1233 34.75 -14.90 56.94
N PHE A 1234 33.94 -13.89 56.65
CA PHE A 1234 33.97 -13.29 55.32
C PHE A 1234 35.15 -12.35 55.15
N LEU A 1235 35.52 -11.64 56.22
CA LEU A 1235 36.57 -10.65 56.11
C LEU A 1235 37.94 -11.33 56.02
N ASP A 1236 38.10 -12.46 56.70
CA ASP A 1236 39.33 -13.25 56.56
C ASP A 1236 39.45 -13.84 55.17
N VAL A 1237 38.34 -14.22 54.55
CA VAL A 1237 38.33 -14.51 53.13
C VAL A 1237 38.85 -13.31 52.36
N LEU A 1238 38.23 -12.15 52.59
CA LEU A 1238 38.47 -10.96 51.80
C LEU A 1238 39.90 -10.43 51.94
N ILE A 1239 40.59 -10.77 53.03
CA ILE A 1239 42.02 -10.46 53.08
C ILE A 1239 42.85 -11.55 52.42
N GLU A 1240 42.43 -12.82 52.52
CA GLU A 1240 43.11 -13.86 51.76
C GLU A 1240 42.72 -13.83 50.30
N ASN A 1241 41.61 -13.16 49.99
CA ASN A 1241 41.17 -12.92 48.64
C ASN A 1241 41.94 -11.79 48.00
N GLU A 1242 42.59 -10.94 48.80
CA GLU A 1242 43.46 -9.84 48.38
C GLU A 1242 42.72 -8.85 47.49
N GLN A 1243 41.52 -8.51 47.94
CA GLN A 1243 40.65 -7.59 47.21
C GLN A 1243 40.85 -6.19 47.77
N LYS A 1244 41.97 -5.58 47.38
CA LYS A 1244 42.38 -4.27 47.87
C LYS A 1244 41.42 -3.18 47.44
N GLU A 1245 40.87 -3.31 46.23
CA GLU A 1245 39.89 -2.33 45.76
C GLU A 1245 38.59 -2.45 46.54
N VAL A 1246 38.28 -3.65 47.02
CA VAL A 1246 37.09 -3.84 47.84
C VAL A 1246 37.33 -3.34 49.25
N ILE A 1247 38.49 -3.67 49.79
CA ILE A 1247 38.74 -3.46 51.21
C ILE A 1247 39.13 -2.01 51.49
N ALA A 1248 39.39 -1.23 50.44
CA ALA A 1248 39.63 0.20 50.60
C ALA A 1248 38.38 1.03 50.36
N HIS A 1249 37.26 0.41 50.06
CA HIS A 1249 36.00 1.14 49.96
C HIS A 1249 35.58 1.61 51.35
N THR A 1250 34.80 2.69 51.39
CA THR A 1250 34.56 3.41 52.64
C THR A 1250 33.68 2.63 53.61
N VAL A 1251 32.92 1.65 53.13
CA VAL A 1251 32.01 0.92 54.00
C VAL A 1251 32.77 -0.01 54.91
N VAL A 1252 33.58 -0.90 54.32
CA VAL A 1252 34.41 -1.82 55.09
C VAL A 1252 35.50 -1.05 55.84
N GLN A 1253 35.85 0.13 55.36
CA GLN A 1253 36.86 0.94 56.05
C GLN A 1253 36.30 1.55 57.32
N ARG A 1254 35.09 2.13 57.26
CA ARG A 1254 34.54 2.76 58.46
C ARG A 1254 34.02 1.70 59.44
N TYR A 1255 33.54 0.56 58.93
CA TYR A 1255 33.26 -0.55 59.84
C TYR A 1255 34.54 -1.05 60.50
N LEU A 1256 35.62 -1.12 59.73
CA LEU A 1256 36.86 -1.65 60.28
C LEU A 1256 37.48 -0.68 61.27
N GLN A 1257 37.17 0.61 61.13
CA GLN A 1257 37.54 1.55 62.18
C GLN A 1257 36.64 1.39 63.40
N GLU A 1258 35.38 1.02 63.20
CA GLU A 1258 34.52 0.71 64.35
C GLU A 1258 35.00 -0.54 65.07
N LEU A 1259 35.49 -1.53 64.33
CA LEU A 1259 36.07 -2.71 64.94
C LEU A 1259 37.40 -2.39 65.60
N TRP A 1260 38.09 -1.36 65.09
CA TRP A 1260 39.32 -0.92 65.73
C TRP A 1260 39.04 -0.28 67.08
N HIS A 1261 37.98 0.52 67.19
CA HIS A 1261 37.63 1.05 68.50
C HIS A 1261 36.99 -0.01 69.40
N GLY A 1262 36.03 -0.77 68.89
CA GLY A 1262 35.32 -1.73 69.72
C GLY A 1262 34.39 -1.07 70.71
N SER A 1263 33.70 -0.02 70.29
CA SER A 1263 32.81 0.85 71.07
C SER A 1263 33.53 1.46 72.27
N LEU A 1264 34.82 1.76 72.16
CA LEU A 1264 35.53 2.39 73.27
C LEU A 1264 35.12 3.86 73.39
N THR A 1265 35.31 4.62 72.32
CA THR A 1265 34.64 5.91 72.05
C THR A 1265 34.97 7.00 73.07
N TRP A 1266 36.24 7.09 73.46
CA TRP A 1266 36.79 8.38 73.86
C TRP A 1266 38.06 8.55 73.05
N ALA A 1267 37.90 8.99 71.80
CA ALA A 1267 38.80 8.54 70.74
C ALA A 1267 40.11 9.32 70.70
N SER A 1268 40.05 10.62 70.43
CA SER A 1268 41.21 11.30 69.86
C SER A 1268 42.23 11.70 70.92
N TRP A 1269 41.78 11.99 72.13
CA TRP A 1269 42.62 12.69 73.10
C TRP A 1269 42.91 11.87 74.35
N LYS A 1270 41.88 11.27 74.94
CA LYS A 1270 42.08 10.56 76.20
C LYS A 1270 42.78 9.23 75.99
N ILE A 1271 42.80 8.73 74.76
CA ILE A 1271 43.64 7.57 74.44
C ILE A 1271 45.10 7.98 74.38
N LEU A 1272 45.37 9.17 73.85
CA LEU A 1272 46.75 9.66 73.78
C LEU A 1272 47.28 9.96 75.17
N LEU A 1273 46.43 10.48 76.05
CA LEU A 1273 46.81 10.56 77.47
C LEU A 1273 46.92 9.19 78.10
N LEU A 1274 46.06 8.27 77.68
CA LEU A 1274 45.90 6.99 78.37
C LEU A 1274 47.04 6.03 78.03
N LEU A 1275 47.72 6.25 76.90
CA LEU A 1275 49.00 5.59 76.62
C LEU A 1275 50.05 5.97 77.66
N VAL A 1276 50.09 7.25 78.01
CA VAL A 1276 50.99 7.69 79.08
C VAL A 1276 50.56 7.08 80.40
N ALA A 1277 49.24 6.92 80.58
CA ALA A 1277 48.74 6.22 81.76
C ALA A 1277 49.15 4.74 81.77
N PHE A 1278 49.40 4.15 80.59
CA PHE A 1278 50.06 2.85 80.60
C PHE A 1278 51.53 2.98 80.94
N ILE A 1279 52.17 4.07 80.51
CA ILE A 1279 53.63 4.08 80.48
C ILE A 1279 54.20 4.49 81.83
N VAL A 1280 53.40 5.24 82.59
CA VAL A 1280 53.81 5.66 83.92
C VAL A 1280 53.91 4.45 84.86
N CYS A 1281 52.93 3.56 84.75
CA CYS A 1281 52.88 2.36 85.57
C CYS A 1281 52.75 1.11 84.73
N PRO A 1282 53.59 0.11 84.99
CA PRO A 1282 53.37 -1.30 84.61
C PRO A 1282 52.15 -1.95 85.26
N PRO A 1283 51.90 -1.67 86.56
CA PRO A 1283 50.76 -2.31 87.22
C PRO A 1283 49.43 -1.94 86.57
N VAL A 1284 49.25 -0.67 86.25
CA VAL A 1284 48.03 -0.23 85.58
C VAL A 1284 47.91 -0.89 84.21
N TRP A 1285 49.01 -0.93 83.46
CA TRP A 1285 49.04 -1.62 82.19
C TRP A 1285 48.87 -3.12 82.35
N ILE A 1286 49.43 -3.69 83.42
CA ILE A 1286 49.33 -5.12 83.66
C ILE A 1286 47.90 -5.50 83.99
N GLY A 1287 47.13 -4.57 84.57
CA GLY A 1287 45.71 -4.78 84.75
C GLY A 1287 44.94 -4.85 83.44
N PHE A 1288 45.29 -3.97 82.48
CA PHE A 1288 44.61 -3.99 81.19
C PHE A 1288 45.02 -5.18 80.34
N THR A 1289 46.20 -5.75 80.58
CA THR A 1289 46.58 -6.95 79.83
C THR A 1289 45.86 -8.20 80.31
N PHE A 1290 45.52 -8.24 81.59
CA PHE A 1290 44.98 -9.48 82.15
C PHE A 1290 43.50 -9.63 81.82
N PRO A 1291 43.06 -10.85 81.47
CA PRO A 1291 41.62 -11.08 81.31
C PRO A 1291 40.90 -11.44 82.60
N MET A 1292 41.55 -11.27 83.76
CA MET A 1292 40.87 -11.56 85.02
C MET A 1292 40.07 -10.34 85.50
N GLY A 1293 40.70 -9.15 85.53
CA GLY A 1293 39.93 -7.93 85.58
C GLY A 1293 39.73 -7.35 84.20
N HIS A 1294 38.99 -8.08 83.37
CA HIS A 1294 39.08 -8.04 81.89
C HIS A 1294 38.66 -6.67 81.36
N LYS A 1295 37.36 -6.38 81.24
CA LYS A 1295 36.73 -5.07 81.06
C LYS A 1295 37.13 -4.28 79.80
N PHE A 1296 38.30 -4.56 79.21
CA PHE A 1296 38.76 -3.90 77.99
C PHE A 1296 39.62 -4.80 77.12
N ASN A 1297 39.67 -6.10 77.39
CA ASN A 1297 40.70 -6.93 76.76
C ASN A 1297 40.25 -7.46 75.40
N LYS A 1298 39.13 -6.95 74.88
CA LYS A 1298 38.65 -7.42 73.58
C LYS A 1298 38.81 -6.36 72.50
N VAL A 1299 38.99 -5.11 72.89
CA VAL A 1299 39.19 -4.05 71.91
C VAL A 1299 40.63 -4.10 71.43
N PRO A 1300 40.90 -3.82 70.15
CA PRO A 1300 42.27 -3.99 69.66
C PRO A 1300 43.15 -2.77 69.85
N ILE A 1301 42.56 -1.61 70.18
CA ILE A 1301 43.36 -0.43 70.49
C ILE A 1301 44.21 -0.67 71.73
N ILE A 1302 43.64 -1.32 72.74
CA ILE A 1302 44.35 -1.49 74.01
C ILE A 1302 45.33 -2.66 73.92
N LYS A 1303 45.01 -3.67 73.10
CA LYS A 1303 45.97 -4.73 72.84
C LYS A 1303 47.15 -4.21 72.04
N PHE A 1304 46.85 -3.40 71.01
CA PHE A 1304 47.88 -2.74 70.23
C PHE A 1304 48.72 -1.81 71.08
N MET A 1305 48.07 -1.16 72.05
CA MET A 1305 48.76 -0.30 72.98
C MET A 1305 49.63 -1.13 73.93
N SER A 1306 49.24 -2.38 74.15
CA SER A 1306 50.01 -3.26 75.03
C SER A 1306 51.28 -3.71 74.34
N TYR A 1307 51.22 -4.03 73.05
CA TYR A 1307 52.45 -4.30 72.32
C TYR A 1307 53.27 -3.03 72.15
N LEU A 1308 52.60 -1.88 72.10
CA LEU A 1308 53.28 -0.60 71.96
C LEU A 1308 54.12 -0.28 73.19
N THR A 1309 53.48 -0.11 74.35
CA THR A 1309 54.23 0.26 75.54
C THR A 1309 55.08 -0.90 76.05
N SER A 1310 54.70 -2.13 75.70
CA SER A 1310 55.57 -3.28 75.89
C SER A 1310 56.89 -3.08 75.16
N HIS A 1311 56.82 -2.66 73.90
CA HIS A 1311 58.04 -2.42 73.15
C HIS A 1311 58.77 -1.19 73.64
N ILE A 1312 58.06 -0.21 74.21
CA ILE A 1312 58.73 0.96 74.73
C ILE A 1312 59.53 0.61 75.97
N TYR A 1313 58.97 -0.23 76.85
CA TYR A 1313 59.76 -0.70 77.98
C TYR A 1313 60.90 -1.60 77.53
N LEU A 1314 60.75 -2.29 76.40
CA LEU A 1314 61.90 -2.97 75.81
C LEU A 1314 62.98 -1.97 75.39
N MET A 1315 62.57 -0.82 74.84
CA MET A 1315 63.53 0.22 74.46
C MET A 1315 64.24 0.80 75.68
N ILE A 1316 63.50 1.01 76.77
CA ILE A 1316 64.06 1.61 77.97
C ILE A 1316 65.05 0.65 78.62
N HIS A 1317 64.69 -0.63 78.73
CA HIS A 1317 65.60 -1.59 79.32
C HIS A 1317 66.82 -1.85 78.44
N LEU A 1318 66.65 -1.78 77.11
CA LEU A 1318 67.84 -1.83 76.25
C LEU A 1318 68.72 -0.60 76.43
N SER A 1319 68.11 0.55 76.70
CA SER A 1319 68.89 1.78 76.92
C SER A 1319 69.69 1.70 78.20
N ILE A 1320 69.04 1.29 79.29
CA ILE A 1320 69.71 1.21 80.59
C ILE A 1320 70.73 0.09 80.65
N VAL A 1321 70.49 -1.05 79.99
CA VAL A 1321 71.50 -2.10 79.97
C VAL A 1321 72.69 -1.70 79.10
N GLY A 1322 72.43 -1.38 77.84
CA GLY A 1322 73.52 -1.30 76.88
C GLY A 1322 74.12 0.07 76.69
N ILE A 1323 73.31 1.12 76.77
CA ILE A 1323 73.72 2.44 76.31
C ILE A 1323 74.17 3.31 77.48
N THR A 1324 73.26 3.58 78.41
CA THR A 1324 73.52 4.47 79.54
C THR A 1324 73.35 3.72 80.86
N PRO A 1325 74.38 2.99 81.30
CA PRO A 1325 74.21 2.09 82.44
C PRO A 1325 74.21 2.81 83.79
N ILE A 1326 73.18 2.54 84.59
CA ILE A 1326 73.20 2.97 85.98
C ILE A 1326 74.17 2.11 86.76
N TYR A 1327 73.88 0.82 86.85
CA TYR A 1327 74.74 -0.22 87.38
C TYR A 1327 75.97 -0.33 86.49
N PRO A 1328 77.14 0.09 86.97
CA PRO A 1328 78.33 0.15 86.09
C PRO A 1328 78.86 -1.24 85.78
N VAL A 1329 78.95 -1.54 84.49
CA VAL A 1329 78.92 -2.93 84.04
C VAL A 1329 80.27 -3.61 84.28
N LEU A 1330 81.36 -2.87 84.11
CA LEU A 1330 82.69 -3.44 84.29
C LEU A 1330 82.99 -3.67 85.76
N ARG A 1331 82.80 -4.92 86.20
CA ARG A 1331 83.33 -5.37 87.47
C ARG A 1331 83.63 -6.86 87.34
N LEU A 1332 84.55 -7.34 88.18
CA LEU A 1332 84.98 -8.73 88.15
C LEU A 1332 83.89 -9.59 88.77
N SER A 1333 82.92 -9.97 87.94
CA SER A 1333 81.79 -10.78 88.38
C SER A 1333 81.19 -11.48 87.18
N LEU A 1334 79.98 -12.01 87.41
CA LEU A 1334 79.12 -12.43 86.31
C LEU A 1334 78.46 -11.23 85.65
N VAL A 1335 78.56 -10.07 86.31
CA VAL A 1335 77.68 -8.89 86.23
C VAL A 1335 76.23 -9.28 85.97
N PRO A 1336 75.52 -9.86 86.95
CA PRO A 1336 74.06 -9.91 86.82
C PRO A 1336 73.43 -8.68 87.45
N TYR A 1337 72.19 -8.40 87.07
CA TYR A 1337 71.37 -7.37 87.69
C TYR A 1337 69.92 -7.58 87.27
N TRP A 1338 68.99 -7.02 88.04
CA TRP A 1338 67.58 -7.38 87.89
C TRP A 1338 66.97 -6.83 86.61
N TYR A 1339 67.45 -5.69 86.12
CA TYR A 1339 66.94 -5.26 84.82
C TYR A 1339 67.62 -6.02 83.68
N GLU A 1340 68.79 -6.60 83.93
CA GLU A 1340 69.40 -7.45 82.92
C GLU A 1340 68.71 -8.80 82.85
N VAL A 1341 68.25 -9.30 84.00
CA VAL A 1341 67.45 -10.52 84.02
C VAL A 1341 66.07 -10.26 83.43
N GLY A 1342 65.49 -9.09 83.73
CA GLY A 1342 64.22 -8.72 83.14
C GLY A 1342 64.32 -8.51 81.64
N LEU A 1343 65.44 -7.94 81.19
CA LEU A 1343 65.69 -7.85 79.76
C LEU A 1343 65.89 -9.23 79.15
N LEU A 1344 66.48 -10.16 79.92
CA LEU A 1344 66.67 -11.52 79.43
C LEU A 1344 65.34 -12.24 79.26
N ILE A 1345 64.39 -11.99 80.19
CA ILE A 1345 63.10 -12.65 80.12
C ILE A 1345 62.18 -11.88 79.17
N TRP A 1346 62.59 -10.68 78.74
CA TRP A 1346 61.79 -9.97 77.75
C TRP A 1346 62.25 -10.29 76.34
N LEU A 1347 63.55 -10.52 76.15
CA LEU A 1347 64.00 -11.09 74.89
C LEU A 1347 63.52 -12.52 74.73
N SER A 1348 63.57 -13.30 75.81
CA SER A 1348 63.01 -14.64 75.80
C SER A 1348 61.50 -14.60 75.61
N GLY A 1349 60.85 -13.59 76.19
CA GLY A 1349 59.41 -13.46 76.02
C GLY A 1349 59.03 -13.06 74.60
N LEU A 1350 59.83 -12.22 73.97
CA LEU A 1350 59.55 -11.85 72.59
C LEU A 1350 59.84 -13.00 71.64
N LEU A 1351 60.85 -13.82 71.97
CA LEU A 1351 61.03 -15.09 71.26
C LEU A 1351 59.83 -16.00 71.42
N LEU A 1352 59.26 -16.03 72.63
CA LEU A 1352 58.05 -16.80 72.88
C LEU A 1352 56.88 -16.27 72.05
N PHE A 1353 56.76 -14.95 71.91
CA PHE A 1353 55.65 -14.41 71.15
C PHE A 1353 55.80 -14.65 69.66
N GLU A 1354 57.03 -14.51 69.14
CA GLU A 1354 57.21 -14.71 67.70
C GLU A 1354 57.14 -16.20 67.34
N LEU A 1355 57.50 -17.09 68.26
CA LEU A 1355 57.33 -18.51 67.99
C LEU A 1355 55.86 -18.92 68.08
N THR A 1356 55.13 -18.38 69.07
CA THR A 1356 53.71 -18.69 69.16
C THR A 1356 52.91 -17.98 68.07
N ASN A 1357 53.00 -16.66 68.01
CA ASN A 1357 52.32 -15.90 66.99
C ASN A 1357 53.32 -15.42 65.95
N PRO A 1358 53.34 -16.01 64.75
CA PRO A 1358 54.38 -15.66 63.78
C PRO A 1358 54.14 -14.29 63.17
N SER A 1359 55.25 -13.64 62.79
CA SER A 1359 55.23 -12.37 62.10
C SER A 1359 56.06 -12.48 60.83
N ASP A 1360 55.52 -11.98 59.72
CA ASP A 1360 56.09 -12.20 58.41
C ASP A 1360 57.35 -11.37 58.19
N LYS A 1361 58.08 -11.73 57.14
CA LYS A 1361 59.28 -11.03 56.68
C LYS A 1361 58.93 -9.84 55.78
N SER A 1362 57.65 -9.50 55.67
CA SER A 1362 57.19 -8.47 54.73
C SER A 1362 57.60 -7.09 55.24
N GLY A 1363 58.86 -6.74 54.96
CA GLY A 1363 59.37 -5.43 55.28
C GLY A 1363 59.64 -5.18 56.75
N LEU A 1364 58.83 -4.30 57.36
CA LEU A 1364 59.12 -3.80 58.70
C LEU A 1364 58.77 -4.80 59.79
N GLY A 1365 58.16 -5.93 59.45
CA GLY A 1365 58.09 -7.02 60.41
C GLY A 1365 59.42 -7.71 60.58
N SER A 1366 60.24 -7.71 59.52
CA SER A 1366 61.48 -8.47 59.49
C SER A 1366 62.47 -7.98 60.54
N ILE A 1367 62.50 -6.66 60.77
CA ILE A 1367 63.42 -6.09 61.75
C ILE A 1367 63.05 -6.51 63.17
N LYS A 1368 61.79 -6.92 63.39
CA LYS A 1368 61.38 -7.51 64.65
C LYS A 1368 62.26 -8.70 64.99
N VAL A 1369 62.43 -9.60 64.01
CA VAL A 1369 63.33 -10.73 64.15
C VAL A 1369 64.76 -10.24 64.37
N LEU A 1370 65.13 -9.15 63.68
CA LEU A 1370 66.48 -8.60 63.82
C LEU A 1370 66.73 -8.09 65.23
N VAL A 1371 65.68 -7.58 65.90
CA VAL A 1371 65.82 -7.20 67.31
C VAL A 1371 66.18 -8.41 68.14
N LEU A 1372 65.48 -9.51 67.92
CA LEU A 1372 65.81 -10.74 68.61
C LEU A 1372 67.06 -11.41 68.04
N LEU A 1373 67.58 -10.94 66.90
CA LEU A 1373 68.86 -11.46 66.45
C LEU A 1373 70.01 -10.69 67.08
N LEU A 1374 69.70 -9.60 67.80
CA LEU A 1374 70.78 -8.88 68.45
C LEU A 1374 70.84 -9.19 69.93
N GLY A 1375 69.67 -9.39 70.55
CA GLY A 1375 69.59 -9.84 71.92
C GLY A 1375 70.22 -11.20 72.12
N MET A 1376 69.94 -12.13 71.19
CA MET A 1376 70.65 -13.41 71.14
C MET A 1376 72.15 -13.20 70.98
N ALA A 1377 72.56 -12.12 70.31
CA ALA A 1377 73.93 -11.69 70.39
C ALA A 1377 74.29 -11.30 71.83
N GLY A 1378 73.62 -10.25 72.33
CA GLY A 1378 74.14 -9.53 73.48
C GLY A 1378 74.07 -10.31 74.77
N VAL A 1379 72.91 -10.89 75.08
CA VAL A 1379 72.80 -11.87 76.15
C VAL A 1379 73.76 -13.03 75.89
N GLY A 1380 73.76 -13.50 74.65
CA GLY A 1380 74.69 -14.52 74.19
C GLY A 1380 76.13 -14.05 74.07
N VAL A 1381 76.38 -12.79 74.43
CA VAL A 1381 77.73 -12.37 74.77
C VAL A 1381 78.02 -12.64 76.24
N HIS A 1382 77.24 -12.04 77.15
CA HIS A 1382 77.74 -11.93 78.53
C HIS A 1382 77.54 -13.23 79.31
N VAL A 1383 76.50 -13.98 78.98
CA VAL A 1383 76.39 -15.35 79.47
C VAL A 1383 77.56 -16.17 78.93
N SER A 1384 77.91 -15.95 77.66
CA SER A 1384 79.14 -16.50 77.08
C SER A 1384 80.39 -15.77 77.55
N ALA A 1385 80.25 -14.74 78.37
CA ALA A 1385 81.37 -14.31 79.20
C ALA A 1385 81.50 -15.13 80.47
N PHE A 1386 80.39 -15.51 81.11
CA PHE A 1386 80.49 -16.25 82.36
C PHE A 1386 80.73 -17.73 82.10
N LEU A 1387 79.79 -18.38 81.41
CA LEU A 1387 79.82 -19.83 81.23
C LEU A 1387 80.90 -20.31 80.28
N PHE A 1388 81.47 -19.43 79.45
CA PHE A 1388 82.64 -19.81 78.70
C PHE A 1388 83.90 -19.41 79.48
N VAL A 1389 85.04 -19.51 78.81
CA VAL A 1389 86.32 -19.32 79.48
C VAL A 1389 86.56 -17.85 79.79
N SER A 1390 86.10 -16.97 78.89
CA SER A 1390 86.21 -15.49 78.84
C SER A 1390 87.62 -15.01 78.53
N LYS A 1391 88.61 -15.92 78.50
CA LYS A 1391 90.01 -15.64 78.13
C LYS A 1391 90.59 -14.48 78.94
N GLU A 1392 90.74 -14.71 80.26
CA GLU A 1392 91.20 -13.73 81.25
C GLU A 1392 90.25 -12.53 81.35
N TYR A 1393 88.97 -12.77 81.01
CA TYR A 1393 87.84 -11.87 81.31
C TYR A 1393 88.04 -10.47 80.70
N TRP A 1394 87.97 -10.42 79.36
CA TRP A 1394 88.22 -9.19 78.64
C TRP A 1394 87.14 -8.15 78.97
N PRO A 1395 87.52 -6.86 79.05
CA PRO A 1395 86.50 -5.82 79.17
C PRO A 1395 85.90 -5.41 77.85
N THR A 1396 86.52 -5.79 76.72
CA THR A 1396 86.00 -5.44 75.40
C THR A 1396 84.73 -6.21 75.09
N LEU A 1397 84.53 -7.34 75.76
CA LEU A 1397 83.34 -8.14 75.50
C LEU A 1397 82.10 -7.45 76.06
N VAL A 1398 82.27 -6.70 77.15
CA VAL A 1398 81.24 -5.80 77.67
C VAL A 1398 80.95 -4.69 76.67
N TYR A 1399 81.98 -4.22 75.97
CA TYR A 1399 81.77 -3.21 74.95
C TYR A 1399 80.98 -3.78 73.79
N CYS A 1400 81.25 -5.02 73.41
CA CYS A 1400 80.57 -5.62 72.27
C CYS A 1400 79.12 -5.97 72.59
N ARG A 1401 78.82 -6.33 73.85
CA ARG A 1401 77.42 -6.52 74.19
C ARG A 1401 76.69 -5.19 74.28
N ASN A 1402 77.42 -4.12 74.62
CA ASN A 1402 76.82 -2.79 74.57
C ASN A 1402 76.55 -2.38 73.13
N GLN A 1403 77.39 -2.82 72.20
CA GLN A 1403 77.17 -2.51 70.79
C GLN A 1403 75.96 -3.26 70.24
N CYS A 1404 75.86 -4.55 70.56
CA CYS A 1404 74.74 -5.35 70.06
C CYS A 1404 73.42 -4.88 70.66
N PHE A 1405 73.44 -4.47 71.92
CA PHE A 1405 72.24 -3.87 72.51
C PHE A 1405 71.96 -2.50 71.92
N ALA A 1406 72.99 -1.80 71.45
CA ALA A 1406 72.77 -0.49 70.84
C ALA A 1406 72.11 -0.62 69.47
N LEU A 1407 72.60 -1.54 68.63
CA LEU A 1407 71.93 -1.81 67.36
C LEU A 1407 70.52 -2.35 67.57
N ALA A 1408 70.32 -3.12 68.65
CA ALA A 1408 68.97 -3.49 69.03
C ALA A 1408 68.13 -2.28 69.43
N PHE A 1409 68.75 -1.22 69.93
CA PHE A 1409 67.97 -0.02 70.21
C PHE A 1409 67.64 0.76 68.93
N LEU A 1410 68.54 0.73 67.95
CA LEU A 1410 68.24 1.30 66.63
C LEU A 1410 67.05 0.62 65.99
N LEU A 1411 67.13 -0.70 65.84
CA LEU A 1411 66.04 -1.44 65.20
C LEU A 1411 64.80 -1.47 66.07
N ALA A 1412 64.95 -1.21 67.37
CA ALA A 1412 63.80 -0.91 68.21
C ALA A 1412 63.14 0.40 67.78
N CYS A 1413 63.96 1.42 67.48
CA CYS A 1413 63.39 2.70 67.05
C CYS A 1413 62.71 2.58 65.69
N VAL A 1414 63.26 1.76 64.81
CA VAL A 1414 62.60 1.55 63.53
C VAL A 1414 61.36 0.65 63.72
N GLN A 1415 61.36 -0.16 64.79
CA GLN A 1415 60.16 -0.94 65.06
C GLN A 1415 59.05 -0.05 65.63
N ILE A 1416 59.39 1.01 66.34
CA ILE A 1416 58.32 1.94 66.70
C ILE A 1416 58.05 2.91 65.58
N LEU A 1417 58.86 2.87 64.51
CA LEU A 1417 58.39 3.43 63.26
C LEU A 1417 57.40 2.48 62.59
N ASP A 1418 57.47 1.19 62.92
CA ASP A 1418 56.46 0.25 62.41
C ASP A 1418 55.17 0.35 63.22
N PHE A 1419 55.25 0.67 64.51
CA PHE A 1419 54.03 0.76 65.30
C PHE A 1419 53.21 1.99 64.99
N LEU A 1420 53.73 2.93 64.20
CA LEU A 1420 52.92 4.07 63.80
C LEU A 1420 52.19 3.81 62.48
N SER A 1421 52.03 2.55 62.09
CA SER A 1421 51.48 2.25 60.78
C SER A 1421 49.97 2.46 60.73
N PHE A 1422 49.33 2.56 61.90
CA PHE A 1422 47.87 2.62 61.91
C PHE A 1422 47.38 4.00 61.48
N HIS A 1423 48.24 5.01 61.54
CA HIS A 1423 47.79 6.38 61.35
C HIS A 1423 47.88 6.78 59.89
N HIS A 1424 46.92 7.61 59.45
CA HIS A 1424 46.78 7.89 58.02
C HIS A 1424 47.87 8.85 57.52
N LEU A 1425 48.36 9.72 58.39
CA LEU A 1425 49.38 10.68 57.98
C LEU A 1425 50.73 9.99 57.86
N PHE A 1426 50.88 8.82 58.46
CA PHE A 1426 52.13 8.10 58.51
C PHE A 1426 52.07 6.78 57.74
N GLY A 1427 50.88 6.36 57.35
CA GLY A 1427 50.64 5.03 56.86
C GLY A 1427 51.31 4.60 55.57
N PRO A 1428 50.92 5.19 54.43
CA PRO A 1428 51.43 4.71 53.13
C PRO A 1428 52.91 4.97 52.91
N TRP A 1429 53.53 5.84 53.71
CA TRP A 1429 54.97 6.03 53.81
C TRP A 1429 55.77 4.72 53.82
N ALA A 1430 55.44 3.82 54.74
CA ALA A 1430 56.28 2.65 54.99
C ALA A 1430 56.18 1.62 53.88
N ILE A 1431 55.19 1.76 52.99
CA ILE A 1431 55.18 0.94 51.77
C ILE A 1431 56.12 1.56 50.73
N ILE A 1432 56.15 2.88 50.67
CA ILE A 1432 56.94 3.56 49.66
C ILE A 1432 58.42 3.57 50.06
N ILE A 1433 58.71 3.19 51.31
CA ILE A 1433 60.11 3.07 51.72
C ILE A 1433 60.84 1.98 50.93
N GLY A 1434 60.34 0.74 50.96
CA GLY A 1434 61.04 -0.35 50.29
C GLY A 1434 60.95 -0.24 48.77
N ASP A 1435 59.80 0.24 48.30
CA ASP A 1435 59.63 0.74 46.94
C ASP A 1435 60.76 1.66 46.52
N LEU A 1436 61.17 2.56 47.41
CA LEU A 1436 62.29 3.44 47.12
C LEU A 1436 63.61 2.86 47.61
N LEU A 1437 63.58 1.63 48.15
CA LEU A 1437 64.83 0.92 48.36
C LEU A 1437 65.23 0.20 47.09
N LYS A 1438 64.27 -0.04 46.19
CA LYS A 1438 64.63 -0.41 44.82
C LYS A 1438 65.44 0.68 44.15
N ASP A 1439 64.96 1.92 44.21
CA ASP A 1439 65.67 3.02 43.57
C ASP A 1439 66.91 3.41 44.36
N LEU A 1440 66.88 3.22 45.68
CA LEU A 1440 68.04 3.51 46.50
C LEU A 1440 69.17 2.53 46.20
N ALA A 1441 68.85 1.24 46.05
CA ALA A 1441 69.87 0.27 45.68
C ALA A 1441 70.37 0.51 44.27
N ARG A 1442 69.43 0.88 43.37
CA ARG A 1442 69.73 1.19 41.99
C ARG A 1442 70.72 2.33 41.87
N PHE A 1443 70.59 3.34 42.72
CA PHE A 1443 71.59 4.38 42.89
C PHE A 1443 72.87 3.86 43.50
N LEU A 1444 72.73 3.10 44.58
CA LEU A 1444 73.82 2.92 45.54
C LEU A 1444 74.87 1.97 44.98
N ALA A 1445 74.49 1.09 44.06
CA ALA A 1445 75.48 0.30 43.34
C ALA A 1445 76.37 1.18 42.49
N VAL A 1446 75.77 2.15 41.81
CA VAL A 1446 76.51 3.06 40.94
C VAL A 1446 77.41 3.97 41.76
N LEU A 1447 76.90 4.43 42.90
CA LEU A 1447 77.72 5.22 43.81
C LEU A 1447 78.90 4.41 44.34
N ALA A 1448 78.67 3.13 44.63
CA ALA A 1448 79.77 2.26 45.05
C ALA A 1448 80.80 2.09 43.95
N ILE A 1449 80.36 2.09 42.69
CA ILE A 1449 81.28 1.95 41.57
C ILE A 1449 82.15 3.19 41.43
N PHE A 1450 81.53 4.38 41.45
CA PHE A 1450 82.31 5.60 41.24
C PHE A 1450 83.22 5.91 42.43
N VAL A 1451 82.72 5.71 43.66
CA VAL A 1451 83.57 5.95 44.83
C VAL A 1451 84.71 4.95 44.87
N PHE A 1452 84.45 3.71 44.43
CA PHE A 1452 85.49 2.70 44.35
C PHE A 1452 86.57 3.09 43.34
N GLY A 1453 86.16 3.46 42.13
CA GLY A 1453 87.08 3.83 41.08
C GLY A 1453 87.92 5.07 41.36
N PHE A 1454 87.25 6.17 41.70
CA PHE A 1454 87.98 7.39 42.02
C PHE A 1454 88.80 7.24 43.30
N SER A 1455 88.35 6.38 44.22
CA SER A 1455 89.12 6.11 45.43
C SER A 1455 90.44 5.42 45.09
N MET A 1456 90.38 4.42 44.22
CA MET A 1456 91.61 3.75 43.80
C MET A 1456 92.48 4.68 42.95
N HIS A 1457 91.88 5.67 42.29
CA HIS A 1457 92.69 6.65 41.57
C HIS A 1457 93.45 7.54 42.53
N ILE A 1458 92.79 7.99 43.60
CA ILE A 1458 93.47 8.86 44.57
C ILE A 1458 94.49 8.06 45.37
N VAL A 1459 94.31 6.74 45.46
CA VAL A 1459 95.43 5.88 45.85
C VAL A 1459 96.56 5.99 44.85
N ALA A 1460 96.23 5.96 43.56
CA ALA A 1460 97.26 6.02 42.54
C ALA A 1460 97.76 7.45 42.26
N LEU A 1461 97.37 8.44 43.05
CA LEU A 1461 97.92 9.77 42.92
C LEU A 1461 98.96 10.07 43.98
N ASN A 1462 98.86 9.41 45.12
CA ASN A 1462 99.68 9.71 46.28
C ASN A 1462 101.05 9.05 46.24
N GLN A 1463 101.44 8.46 45.11
CA GLN A 1463 102.74 7.83 45.00
C GLN A 1463 103.85 8.86 45.03
N SER A 1464 104.74 8.72 46.00
CA SER A 1464 105.86 9.64 46.18
C SER A 1464 106.87 9.44 45.06
N PHE A 1465 107.15 10.51 44.33
CA PHE A 1465 108.13 10.47 43.26
C PHE A 1465 108.81 11.83 43.16
N ALA A 1466 110.11 11.80 42.91
CA ALA A 1466 110.90 13.00 42.70
C ALA A 1466 111.95 12.67 41.66
N ASN A 1467 112.13 13.61 40.72
CA ASN A 1467 112.98 13.42 39.54
C ASN A 1467 114.43 13.20 39.94
N PHE A 1468 115.15 12.42 39.14
CA PHE A 1468 116.46 11.95 39.53
C PHE A 1468 117.52 13.04 39.45
N SER A 1469 118.08 13.36 40.61
CA SER A 1469 119.38 14.00 40.66
C SER A 1469 120.43 12.94 40.37
N PRO A 1470 121.46 13.23 39.57
CA PRO A 1470 122.48 12.26 39.17
C PRO A 1470 123.29 11.70 40.34
N GLU A 1471 123.41 12.49 41.42
CA GLU A 1471 124.01 11.99 42.64
C GLU A 1471 123.10 10.95 43.31
N ASP A 1472 121.78 11.11 43.16
CA ASP A 1472 120.85 10.15 43.75
C ASP A 1472 120.78 8.86 42.95
N LEU A 1473 121.27 8.88 41.70
CA LEU A 1473 121.43 7.65 40.95
C LEU A 1473 122.47 6.74 41.58
N ARG A 1474 123.55 7.32 42.11
CA ARG A 1474 124.57 6.52 42.77
C ARG A 1474 124.09 5.98 44.11
N SER A 1475 123.19 6.70 44.77
CA SER A 1475 122.65 6.29 46.05
C SER A 1475 121.32 5.55 45.92
N PHE A 1476 121.04 4.95 44.76
CA PHE A 1476 119.73 4.37 44.52
C PHE A 1476 119.65 2.93 44.99
N GLU A 1477 120.54 2.07 44.47
CA GLU A 1477 120.40 0.64 44.69
C GLU A 1477 120.81 0.24 46.11
N LYS A 1478 121.62 1.08 46.77
CA LYS A 1478 121.98 0.79 48.15
C LYS A 1478 120.80 1.03 49.08
N LYS A 1479 119.99 2.05 48.78
CA LYS A 1479 118.82 2.33 49.61
C LYS A 1479 117.60 1.56 49.12
N ASN A 1480 117.70 0.92 47.95
CA ASN A 1480 116.53 0.28 47.36
C ASN A 1480 116.42 -1.19 47.75
N ARG A 1481 116.91 -1.55 48.94
CA ARG A 1481 116.83 -2.95 49.37
C ARG A 1481 115.94 -3.12 50.58
N ASN A 1482 115.60 -2.02 51.26
CA ASN A 1482 114.88 -2.13 52.53
C ASN A 1482 113.36 -2.05 52.30
N ARG A 1483 112.94 -2.08 51.04
CA ARG A 1483 111.53 -1.97 50.71
C ARG A 1483 110.80 -3.29 50.90
N GLY A 1484 109.54 -3.20 51.31
CA GLY A 1484 108.76 -4.36 51.69
C GLY A 1484 107.86 -4.87 50.58
N TYR A 1485 106.74 -5.47 50.99
CA TYR A 1485 105.82 -6.08 50.03
C TYR A 1485 105.03 -5.03 49.27
N PHE A 1486 104.23 -4.24 49.97
CA PHE A 1486 103.45 -3.17 49.37
C PHE A 1486 104.09 -1.84 49.70
N SER A 1487 105.05 -1.43 48.89
CA SER A 1487 105.69 -0.14 49.08
C SER A 1487 104.84 0.94 48.42
N ASP A 1488 105.30 2.19 48.57
CA ASP A 1488 104.91 3.43 47.87
C ASP A 1488 103.41 3.58 47.60
N VAL A 1489 102.56 3.10 48.51
CA VAL A 1489 101.13 3.34 48.34
C VAL A 1489 100.72 4.62 49.03
N ARG A 1490 101.31 4.92 50.20
CA ARG A 1490 101.16 6.15 50.99
C ARG A 1490 99.77 6.37 51.56
N MET A 1491 98.83 5.49 51.24
CA MET A 1491 97.44 5.60 51.69
C MET A 1491 96.81 4.24 51.53
N HIS A 1492 96.34 3.66 52.62
CA HIS A 1492 95.63 2.39 52.59
C HIS A 1492 94.33 2.63 51.84
N PRO A 1493 93.97 1.75 50.88
CA PRO A 1493 92.91 2.12 49.93
C PRO A 1493 91.51 2.15 50.52
N ILE A 1494 91.27 1.47 51.65
CA ILE A 1494 89.95 1.56 52.24
C ILE A 1494 89.85 2.82 53.08
N ASN A 1495 90.98 3.44 53.41
CA ASN A 1495 90.94 4.79 53.95
C ASN A 1495 90.61 5.78 52.85
N SER A 1496 91.02 5.48 51.61
CA SER A 1496 90.62 6.31 50.48
C SER A 1496 89.14 6.11 50.17
N PHE A 1497 88.63 4.90 50.33
CA PHE A 1497 87.21 4.66 50.09
C PHE A 1497 86.35 5.29 51.17
N GLU A 1498 86.76 5.14 52.43
CA GLU A 1498 86.02 5.76 53.53
C GLU A 1498 86.54 7.16 53.82
N LEU A 1499 87.27 7.73 52.87
CA LEU A 1499 87.65 9.13 52.89
C LEU A 1499 86.86 9.86 51.82
N LEU A 1500 86.95 9.33 50.60
CA LEU A 1500 86.27 9.87 49.46
C LEU A 1500 84.78 9.57 49.49
N PHE A 1501 84.35 8.57 50.27
CA PHE A 1501 82.94 8.37 50.50
C PHE A 1501 82.31 9.51 51.28
N PHE A 1502 83.08 10.19 52.13
CA PHE A 1502 82.57 11.36 52.82
C PHE A 1502 82.76 12.64 52.03
N ALA A 1503 83.25 12.55 50.79
CA ALA A 1503 83.30 13.74 49.94
C ALA A 1503 81.92 14.06 49.40
N VAL A 1504 81.04 13.06 49.33
CA VAL A 1504 79.73 13.21 48.70
C VAL A 1504 78.81 13.93 49.68
N PHE A 1505 79.27 14.09 50.91
CA PHE A 1505 78.57 14.79 51.98
C PHE A 1505 79.17 16.16 52.25
N GLY A 1506 80.17 16.56 51.46
CA GLY A 1506 80.83 17.84 51.62
C GLY A 1506 81.64 17.92 52.90
N GLN A 1507 82.53 16.95 53.13
CA GLN A 1507 83.31 16.93 54.35
C GLN A 1507 84.81 16.83 54.11
N THR A 1508 85.25 16.52 52.90
CA THR A 1508 86.67 16.49 52.59
C THR A 1508 86.97 17.56 51.56
N THR A 1509 88.02 18.35 51.84
CA THR A 1509 88.24 19.58 51.10
C THR A 1509 89.50 19.57 50.25
N THR A 1510 89.86 18.42 49.66
CA THR A 1510 90.96 18.14 48.72
C THR A 1510 92.31 18.16 49.45
N GLU A 1511 92.37 18.61 50.69
CA GLU A 1511 93.59 18.61 51.48
C GLU A 1511 93.60 17.49 52.50
N GLN A 1512 92.44 16.87 52.75
CA GLN A 1512 92.37 15.63 53.48
C GLN A 1512 92.65 14.43 52.59
N THR A 1513 92.87 14.64 51.29
CA THR A 1513 93.20 13.56 50.37
C THR A 1513 94.69 13.51 50.06
N GLN A 1514 95.36 14.66 50.03
CA GLN A 1514 96.79 14.66 49.81
C GLN A 1514 97.51 14.23 51.06
N VAL A 1515 98.30 13.15 50.95
CA VAL A 1515 98.94 12.55 52.12
C VAL A 1515 99.99 13.49 52.71
N ASP A 1516 100.61 14.32 51.86
CA ASP A 1516 101.55 15.32 52.34
C ASP A 1516 100.86 16.37 53.21
N LYS A 1517 99.58 16.63 52.94
CA LYS A 1517 98.85 17.55 53.80
C LYS A 1517 98.12 16.80 54.91
N ILE A 1518 98.01 15.48 54.81
CA ILE A 1518 97.49 14.70 55.93
C ILE A 1518 98.54 14.57 57.01
N LYS A 1519 99.67 13.96 56.69
CA LYS A 1519 100.66 13.57 57.67
C LYS A 1519 101.69 14.64 57.94
N ASN A 1520 101.46 15.86 57.44
CA ASN A 1520 102.24 17.06 57.76
C ASN A 1520 103.71 16.90 57.40
N VAL A 1521 103.96 16.34 56.21
CA VAL A 1521 105.32 16.11 55.78
C VAL A 1521 105.99 17.45 55.47
N ALA A 1522 107.19 17.64 56.02
CA ALA A 1522 107.82 18.96 56.00
C ALA A 1522 108.32 19.32 54.61
N THR A 1523 108.93 18.37 53.91
CA THR A 1523 109.38 18.59 52.55
C THR A 1523 108.40 17.94 51.59
N PRO A 1524 107.93 18.65 50.57
CA PRO A 1524 107.00 18.02 49.63
C PRO A 1524 107.69 16.99 48.74
N THR A 1525 107.38 15.71 48.99
CA THR A 1525 107.95 14.64 48.18
C THR A 1525 107.35 14.64 46.77
N GLN A 1526 106.16 15.22 46.62
CA GLN A 1526 105.59 15.40 45.30
C GLN A 1526 106.17 16.64 44.65
N PRO A 1527 106.10 16.76 43.33
CA PRO A 1527 106.30 18.07 42.71
C PRO A 1527 105.04 18.90 42.84
N TYR A 1528 105.16 20.19 42.53
CA TYR A 1528 104.03 21.11 42.72
C TYR A 1528 103.21 21.24 41.43
N TRP A 1529 102.90 20.08 40.84
CA TRP A 1529 101.95 20.08 39.74
C TRP A 1529 101.03 18.87 39.81
N VAL A 1530 101.19 18.05 40.84
CA VAL A 1530 100.22 16.98 41.04
C VAL A 1530 99.03 17.48 41.83
N GLU A 1531 99.19 18.61 42.53
CA GLU A 1531 98.08 19.21 43.24
C GLU A 1531 97.02 19.72 42.27
N TYR A 1532 97.46 20.10 41.07
CA TYR A 1532 96.52 20.40 39.99
C TYR A 1532 95.76 19.14 39.60
N LEU A 1533 96.40 17.98 39.66
CA LEU A 1533 95.70 16.74 39.35
C LEU A 1533 94.76 16.33 40.48
N PHE A 1534 95.11 16.67 41.73
CA PHE A 1534 94.17 16.46 42.82
C PHE A 1534 92.93 17.33 42.66
N LYS A 1535 93.12 18.58 42.24
CA LYS A 1535 91.97 19.47 42.07
C LYS A 1535 91.14 19.08 40.85
N ILE A 1536 91.78 18.56 39.80
CA ILE A 1536 91.03 18.16 38.61
C ILE A 1536 90.26 16.88 38.87
N VAL A 1537 90.94 15.85 39.38
CA VAL A 1537 90.29 14.55 39.58
C VAL A 1537 89.25 14.63 40.69
N PHE A 1538 89.59 15.30 41.79
CA PHE A 1538 88.62 15.46 42.86
C PHE A 1538 87.50 16.39 42.44
N GLY A 1539 87.79 17.36 41.57
CA GLY A 1539 86.73 18.20 41.05
C GLY A 1539 85.74 17.45 40.18
N ILE A 1540 86.25 16.56 39.32
CA ILE A 1540 85.37 15.75 38.47
C ILE A 1540 84.57 14.77 39.31
N TYR A 1541 85.18 14.22 40.37
CA TYR A 1541 84.44 13.33 41.26
C TYR A 1541 83.32 14.06 41.98
N MET A 1542 83.62 15.24 42.54
CA MET A 1542 82.60 16.02 43.24
C MET A 1542 81.49 16.46 42.30
N LEU A 1543 81.84 16.76 41.04
CA LEU A 1543 80.85 17.10 40.04
C LEU A 1543 79.91 15.94 39.76
N VAL A 1544 80.48 14.76 39.51
CA VAL A 1544 79.69 13.59 39.13
C VAL A 1544 78.80 13.15 40.28
N SER A 1545 79.38 12.99 41.47
CA SER A 1545 78.61 12.53 42.62
C SER A 1545 77.62 13.58 43.08
N VAL A 1546 78.14 14.72 43.54
CA VAL A 1546 77.32 15.72 44.22
C VAL A 1546 76.38 16.43 43.25
N VAL A 1547 76.83 16.73 42.03
CA VAL A 1547 75.97 17.33 41.03
C VAL A 1547 75.05 16.30 40.39
N VAL A 1548 75.59 15.17 39.96
CA VAL A 1548 74.91 14.28 39.04
C VAL A 1548 74.20 13.14 39.75
N LEU A 1549 74.92 12.42 40.62
CA LEU A 1549 74.39 11.16 41.12
C LEU A 1549 73.30 11.38 42.15
N ILE A 1550 73.55 12.25 43.12
CA ILE A 1550 72.59 12.58 44.17
C ILE A 1550 71.31 13.15 43.59
N GLN A 1551 71.42 14.07 42.65
CA GLN A 1551 70.25 14.76 42.16
C GLN A 1551 69.54 13.94 41.10
N LEU A 1552 70.27 13.00 40.52
CA LEU A 1552 69.63 11.95 39.74
C LEU A 1552 68.81 11.01 40.64
N LEU A 1553 69.29 10.78 41.87
CA LEU A 1553 68.49 10.03 42.84
C LEU A 1553 67.24 10.79 43.23
N ILE A 1554 67.34 12.11 43.34
CA ILE A 1554 66.16 12.92 43.66
C ILE A 1554 65.15 12.83 42.52
N ALA A 1555 65.64 12.77 41.28
CA ALA A 1555 64.78 12.58 40.13
C ALA A 1555 64.06 11.24 40.19
N MET A 1556 64.78 10.15 40.48
CA MET A 1556 64.14 8.85 40.43
C MET A 1556 63.18 8.62 41.59
N MET A 1557 63.54 9.11 42.79
CA MET A 1557 62.64 8.98 43.94
C MET A 1557 61.36 9.77 43.73
N SER A 1558 61.47 10.98 43.16
CA SER A 1558 60.27 11.73 42.84
C SER A 1558 59.42 10.99 41.81
N ASP A 1559 60.03 10.53 40.75
CA ASP A 1559 59.26 10.05 39.63
C ASP A 1559 58.94 8.57 39.73
N THR A 1560 59.17 7.95 40.88
CA THR A 1560 58.42 6.73 41.19
C THR A 1560 57.48 6.95 42.36
N TYR A 1561 57.71 7.99 43.17
CA TYR A 1561 56.75 8.34 44.19
C TYR A 1561 55.44 8.82 43.57
N GLN A 1562 55.55 9.44 42.40
CA GLN A 1562 54.40 9.86 41.61
C GLN A 1562 53.55 8.67 41.15
N ARG A 1563 54.20 7.58 40.75
CA ARG A 1563 53.50 6.41 40.26
C ARG A 1563 52.85 5.65 41.39
N ILE A 1564 53.58 5.39 42.47
CA ILE A 1564 53.10 4.46 43.48
C ILE A 1564 52.48 5.17 44.69
N GLN A 1565 52.26 6.48 44.60
CA GLN A 1565 51.54 7.20 45.67
C GLN A 1565 50.11 6.70 45.83
N ALA A 1566 49.28 6.89 44.81
CA ALA A 1566 47.84 6.71 44.95
C ALA A 1566 47.48 5.23 45.08
N GLN A 1567 48.34 4.36 44.57
CA GLN A 1567 48.13 2.93 44.77
C GLN A 1567 48.65 2.49 46.13
N SER A 1568 49.67 3.19 46.65
CA SER A 1568 50.19 2.82 47.95
C SER A 1568 49.26 3.28 49.07
N ASP A 1569 48.36 4.23 48.78
CA ASP A 1569 47.26 4.51 49.70
C ASP A 1569 46.38 3.27 49.90
N ILE A 1570 45.94 2.65 48.81
CA ILE A 1570 45.06 1.49 48.88
C ILE A 1570 45.79 0.31 49.51
N GLU A 1571 47.07 0.14 49.19
CA GLU A 1571 47.83 -0.93 49.83
C GLU A 1571 48.06 -0.64 51.31
N TRP A 1572 48.05 0.64 51.72
CA TRP A 1572 48.09 0.93 53.14
C TRP A 1572 46.80 0.52 53.83
N LYS A 1573 45.66 0.76 53.18
CA LYS A 1573 44.40 0.34 53.77
C LYS A 1573 44.30 -1.18 53.86
N PHE A 1574 44.89 -1.89 52.89
CA PHE A 1574 44.91 -3.35 52.94
C PHE A 1574 45.78 -3.85 54.09
N GLY A 1575 46.98 -3.28 54.24
CA GLY A 1575 47.85 -3.72 55.33
C GLY A 1575 47.31 -3.33 56.69
N LEU A 1576 46.60 -2.21 56.76
CA LEU A 1576 45.87 -1.83 57.95
C LEU A 1576 44.79 -2.85 58.28
N SER A 1577 44.14 -3.37 57.24
CA SER A 1577 43.11 -4.38 57.46
C SER A 1577 43.69 -5.66 58.03
N LYS A 1578 44.83 -6.09 57.51
CA LYS A 1578 45.50 -7.26 58.08
C LYS A 1578 45.97 -7.00 59.50
N LEU A 1579 46.33 -5.76 59.81
CA LEU A 1579 46.75 -5.43 61.17
C LEU A 1579 45.59 -5.49 62.14
N ILE A 1580 44.44 -4.91 61.76
CA ILE A 1580 43.28 -4.87 62.64
C ILE A 1580 42.69 -6.26 62.85
N ARG A 1581 42.71 -7.09 61.80
CA ARG A 1581 42.35 -8.50 61.98
C ARG A 1581 43.31 -9.22 62.91
N ASN A 1582 44.61 -9.01 62.72
CA ASN A 1582 45.57 -9.79 63.50
C ASN A 1582 45.70 -9.26 64.92
N MET A 1583 45.04 -8.13 65.22
CA MET A 1583 44.86 -7.77 66.63
C MET A 1583 43.54 -8.33 67.17
N HIS A 1584 42.43 -8.02 66.51
CA HIS A 1584 41.10 -8.39 66.99
C HIS A 1584 40.84 -9.89 66.98
N ARG A 1585 41.10 -10.56 65.86
CA ARG A 1585 40.73 -11.97 65.75
C ARG A 1585 41.87 -12.88 66.21
N THR A 1586 42.75 -12.38 67.08
CA THR A 1586 43.80 -13.18 67.68
C THR A 1586 44.05 -12.66 69.09
N THR A 1587 43.42 -13.32 70.07
CA THR A 1587 43.72 -13.10 71.47
C THR A 1587 45.06 -13.74 71.76
N THR A 1588 46.02 -12.94 72.20
CA THR A 1588 47.39 -13.42 72.30
C THR A 1588 48.11 -12.85 73.50
N ALA A 1589 49.43 -12.97 73.49
CA ALA A 1589 50.22 -12.60 74.65
C ALA A 1589 50.99 -11.31 74.37
N PRO A 1590 50.65 -10.21 75.04
CA PRO A 1590 51.55 -9.04 74.98
C PRO A 1590 52.84 -9.30 75.72
N SER A 1591 53.77 -10.02 75.10
CA SER A 1591 54.67 -10.83 75.91
C SER A 1591 56.11 -10.36 75.99
N PRO A 1592 56.34 -9.24 76.66
CA PRO A 1592 57.44 -9.27 77.60
C PRO A 1592 56.85 -9.55 78.98
N LEU A 1593 55.56 -9.20 79.09
CA LEU A 1593 54.76 -9.57 80.24
C LEU A 1593 54.32 -11.03 80.15
N ASN A 1594 53.61 -11.38 79.09
CA ASN A 1594 52.78 -12.57 79.12
C ASN A 1594 53.51 -13.78 78.55
N LEU A 1595 54.83 -13.82 78.67
CA LEU A 1595 55.53 -15.10 78.66
C LEU A 1595 55.30 -15.83 79.98
N VAL A 1596 55.00 -15.07 81.03
CA VAL A 1596 54.61 -15.65 82.31
C VAL A 1596 53.26 -16.34 82.18
N THR A 1597 52.36 -15.77 81.36
CA THR A 1597 51.00 -16.29 81.23
C THR A 1597 50.98 -17.63 80.51
N THR A 1598 52.04 -17.96 79.77
CA THR A 1598 52.18 -19.31 79.25
C THR A 1598 52.74 -20.25 80.31
N TRP A 1599 53.62 -19.74 81.18
CA TRP A 1599 54.24 -20.58 82.19
C TRP A 1599 53.36 -20.70 83.43
N PHE A 1600 52.53 -19.68 83.71
CA PHE A 1600 51.60 -19.78 84.83
C PHE A 1600 50.36 -20.58 84.43
N MET A 1601 50.19 -20.84 83.14
CA MET A 1601 49.14 -21.76 82.70
C MET A 1601 49.72 -23.13 82.39
N TRP A 1602 51.05 -23.22 82.30
CA TRP A 1602 51.71 -24.49 82.02
C TRP A 1602 53.11 -24.50 82.62
N ARG A 1670 26.25 -19.25 55.75
CA ARG A 1670 25.63 -18.32 56.68
C ARG A 1670 25.46 -16.95 56.02
N ILE A 1671 26.35 -16.65 55.08
CA ILE A 1671 26.31 -15.37 54.38
C ILE A 1671 25.15 -15.33 53.39
N GLU A 1672 24.64 -16.50 53.00
CA GLU A 1672 23.71 -16.59 51.89
C GLU A 1672 22.32 -16.11 52.26
N ASN A 1673 22.08 -15.86 53.54
CA ASN A 1673 20.80 -15.35 54.01
C ASN A 1673 20.92 -14.24 55.04
N VAL A 1674 21.96 -13.42 54.96
CA VAL A 1674 22.01 -12.22 55.80
C VAL A 1674 21.70 -10.99 54.97
N ALA A 1675 21.17 -11.19 53.78
CA ALA A 1675 20.83 -10.06 52.94
C ALA A 1675 19.76 -10.45 51.93
N ASP A 1676 19.04 -9.46 51.42
CA ASP A 1676 18.02 -9.72 50.42
C ASP A 1676 18.66 -9.72 49.03
N TRP A 1677 19.44 -10.76 48.73
CA TRP A 1677 20.41 -10.70 47.66
C TRP A 1677 19.73 -10.50 46.32
N GLU A 1678 18.60 -11.17 46.13
CA GLU A 1678 17.86 -11.06 44.90
C GLU A 1678 17.40 -9.62 44.70
N ALA A 1679 16.97 -8.96 45.77
CA ALA A 1679 16.51 -7.59 45.61
C ALA A 1679 17.69 -6.65 45.40
N ILE A 1680 18.84 -6.98 45.97
CA ILE A 1680 20.05 -6.17 45.80
C ILE A 1680 20.58 -6.32 44.39
N ALA A 1681 20.45 -7.51 43.82
CA ALA A 1681 20.91 -7.76 42.45
C ALA A 1681 20.04 -7.02 41.45
N LYS A 1682 18.77 -6.77 41.79
CA LYS A 1682 17.95 -5.91 40.96
C LYS A 1682 18.38 -4.46 41.10
N LYS A 1683 18.86 -4.08 42.29
CA LYS A 1683 19.34 -2.72 42.48
C LYS A 1683 20.68 -2.50 41.78
N TYR A 1684 21.47 -3.55 41.64
CA TYR A 1684 22.75 -3.42 40.96
C TYR A 1684 22.56 -3.22 39.46
N ARG A 1685 21.53 -3.84 38.90
CA ARG A 1685 21.22 -3.62 37.49
C ARG A 1685 20.55 -2.27 37.30
N ALA A 1686 20.01 -1.69 38.38
CA ALA A 1686 19.45 -0.36 38.29
C ALA A 1686 20.54 0.71 38.22
N LEU A 1687 21.71 0.40 38.77
CA LEU A 1687 22.84 1.32 38.64
C LEU A 1687 23.42 1.28 37.23
N VAL A 1688 23.67 0.07 36.71
CA VAL A 1688 24.40 -0.05 35.46
C VAL A 1688 23.45 0.08 34.27
N GLY A 1689 22.15 -0.06 34.51
CA GLY A 1689 21.17 0.04 33.46
C GLY A 1689 20.90 -1.29 32.75
N MET B 124 -89.72 -103.09 -13.74
CA MET B 124 -88.96 -102.07 -14.47
C MET B 124 -87.77 -102.68 -15.19
N ASN B 125 -87.56 -102.25 -16.44
CA ASN B 125 -86.47 -102.77 -17.25
C ASN B 125 -85.95 -101.64 -18.14
N THR B 126 -84.64 -101.57 -18.28
CA THR B 126 -84.01 -100.57 -19.13
C THR B 126 -82.68 -101.12 -19.65
N GLY B 127 -82.11 -100.43 -20.62
CA GLY B 127 -80.86 -100.82 -21.22
C GLY B 127 -79.68 -100.04 -20.65
N MET B 128 -78.77 -99.68 -21.56
CA MET B 128 -77.63 -98.86 -21.18
C MET B 128 -78.05 -97.43 -20.80
N THR B 129 -79.00 -96.85 -21.54
CA THR B 129 -79.53 -95.56 -21.13
C THR B 129 -80.55 -95.68 -20.01
N PRO B 130 -80.79 -94.66 -19.18
CA PRO B 130 -81.75 -94.83 -18.07
C PRO B 130 -83.19 -94.57 -18.48
N LEU B 131 -83.42 -94.36 -19.77
CA LEU B 131 -84.78 -94.14 -20.25
C LEU B 131 -85.57 -95.45 -20.25
N MET B 132 -86.87 -95.34 -20.01
CA MET B 132 -87.78 -96.47 -19.92
C MET B 132 -88.83 -96.38 -21.02
N TYR B 133 -89.84 -97.26 -20.93
CA TYR B 133 -90.90 -97.27 -21.94
C TYR B 133 -91.85 -96.08 -21.78
N ALA B 134 -91.83 -95.42 -20.63
CA ALA B 134 -92.66 -94.23 -20.44
C ALA B 134 -92.10 -93.05 -21.24
N THR B 135 -90.78 -92.85 -21.18
CA THR B 135 -90.16 -91.76 -21.95
C THR B 135 -90.05 -92.11 -23.42
N LYS B 136 -89.92 -93.40 -23.74
CA LYS B 136 -89.83 -93.82 -25.13
C LYS B 136 -91.20 -93.77 -25.81
N ASP B 137 -92.25 -94.16 -25.10
CA ASP B 137 -93.59 -94.08 -25.66
C ASP B 137 -94.18 -92.68 -25.53
N ASN B 138 -93.62 -91.85 -24.64
CA ASN B 138 -94.14 -90.50 -24.45
C ASN B 138 -93.66 -89.55 -25.54
N LYS B 139 -92.63 -89.94 -26.30
CA LYS B 139 -92.09 -89.09 -27.35
C LYS B 139 -92.22 -89.69 -28.74
N THR B 140 -93.01 -90.75 -28.90
CA THR B 140 -93.14 -91.42 -30.20
C THR B 140 -94.55 -91.34 -30.77
N ALA B 141 -95.40 -90.45 -30.24
CA ALA B 141 -96.81 -90.27 -30.61
C ALA B 141 -97.60 -91.58 -30.55
N ILE B 142 -97.51 -92.25 -29.40
CA ILE B 142 -98.10 -93.57 -29.22
C ILE B 142 -99.16 -93.51 -28.12
N MET B 143 -99.88 -92.38 -28.06
CA MET B 143 -100.78 -91.97 -26.96
C MET B 143 -101.77 -93.01 -26.46
N ASP B 144 -102.16 -93.97 -27.32
CA ASP B 144 -102.94 -95.10 -26.84
C ASP B 144 -102.07 -96.05 -26.03
N ARG B 145 -100.98 -96.53 -26.62
CA ARG B 145 -100.02 -97.37 -25.91
C ARG B 145 -99.22 -96.57 -24.89
N MET B 146 -99.13 -95.25 -25.05
CA MET B 146 -98.56 -94.39 -24.02
C MET B 146 -99.60 -94.03 -22.95
N ILE B 147 -100.86 -94.37 -23.18
CA ILE B 147 -101.89 -94.20 -22.15
C ILE B 147 -102.04 -95.48 -21.33
N GLU B 148 -101.93 -96.64 -21.96
CA GLU B 148 -101.88 -97.89 -21.20
C GLU B 148 -100.53 -98.05 -20.51
N LEU B 149 -99.44 -97.83 -21.26
CA LEU B 149 -98.12 -97.83 -20.66
C LEU B 149 -97.89 -96.60 -19.78
N GLY B 150 -98.65 -95.53 -20.03
CA GLY B 150 -98.68 -94.41 -19.11
C GLY B 150 -99.53 -94.65 -17.88
N ALA B 151 -100.38 -95.68 -17.92
CA ALA B 151 -101.14 -96.06 -16.73
C ALA B 151 -100.37 -97.05 -15.87
N ASP B 152 -99.73 -98.05 -16.50
CA ASP B 152 -98.87 -98.95 -15.74
C ASP B 152 -97.62 -98.24 -15.27
N VAL B 153 -97.06 -97.37 -16.11
CA VAL B 153 -95.96 -96.52 -15.68
C VAL B 153 -96.47 -95.42 -14.76
N GLY B 154 -97.74 -95.06 -14.89
CA GLY B 154 -98.35 -94.13 -13.95
C GLY B 154 -98.53 -94.72 -12.57
N ALA B 155 -98.61 -96.05 -12.48
CA ALA B 155 -98.65 -96.70 -11.17
C ALA B 155 -97.25 -97.06 -10.69
N ARG B 156 -96.30 -97.23 -11.62
CA ARG B 156 -94.96 -97.65 -11.28
C ARG B 156 -93.98 -96.49 -11.12
N ASN B 157 -93.78 -95.70 -12.17
CA ASN B 157 -92.72 -94.69 -12.24
C ASN B 157 -93.26 -93.38 -12.79
N ASN B 158 -94.37 -92.90 -12.23
CA ASN B 158 -95.02 -91.69 -12.73
C ASN B 158 -94.18 -90.44 -12.46
N ASP B 159 -93.42 -90.45 -11.37
CA ASP B 159 -92.56 -89.32 -11.01
C ASP B 159 -91.11 -89.54 -11.42
N ASN B 160 -90.88 -90.27 -12.51
CA ASN B 160 -89.54 -90.58 -12.95
C ASN B 160 -89.04 -89.54 -13.96
N TYR B 161 -87.76 -89.19 -13.86
CA TYR B 161 -87.13 -88.28 -14.79
C TYR B 161 -86.07 -89.01 -15.61
N ASN B 162 -85.54 -88.32 -16.62
CA ASN B 162 -84.52 -88.89 -17.47
C ASN B 162 -83.13 -88.68 -16.85
N VAL B 163 -82.09 -88.95 -17.66
CA VAL B 163 -80.72 -88.74 -17.19
C VAL B 163 -80.40 -87.26 -17.09
N LEU B 164 -81.00 -86.45 -17.95
CA LEU B 164 -80.85 -84.99 -17.90
C LEU B 164 -82.02 -84.31 -17.20
N HIS B 165 -82.62 -84.97 -16.22
CA HIS B 165 -83.76 -84.55 -15.41
C HIS B 165 -85.00 -84.25 -16.26
N ILE B 166 -85.16 -84.87 -17.42
CA ILE B 166 -86.35 -84.66 -18.26
C ILE B 166 -87.46 -85.55 -17.69
N ALA B 167 -88.34 -84.95 -16.90
CA ALA B 167 -89.44 -85.69 -16.28
C ALA B 167 -90.52 -85.98 -17.33
N ALA B 168 -91.56 -86.71 -16.92
CA ALA B 168 -92.64 -87.06 -17.85
C ALA B 168 -93.44 -85.84 -18.26
N MET B 169 -93.66 -84.91 -17.33
CA MET B 169 -94.27 -83.64 -17.70
C MET B 169 -93.29 -82.77 -18.47
N TYR B 170 -91.99 -82.90 -18.18
CA TYR B 170 -90.99 -82.10 -18.86
C TYR B 170 -90.66 -82.62 -20.25
N SER B 171 -90.47 -83.93 -20.41
CA SER B 171 -90.19 -84.47 -21.74
C SER B 171 -91.45 -84.59 -22.57
N ARG B 172 -92.56 -85.04 -21.94
CA ARG B 172 -93.82 -85.12 -22.66
C ARG B 172 -94.37 -83.75 -23.01
N GLU B 173 -94.25 -82.78 -22.10
CA GLU B 173 -94.63 -81.41 -22.45
C GLU B 173 -93.52 -80.70 -23.23
N ASP B 174 -92.39 -81.38 -23.44
CA ASP B 174 -91.29 -80.78 -24.20
C ASP B 174 -91.32 -81.13 -25.67
N VAL B 175 -91.59 -82.39 -26.03
CA VAL B 175 -91.35 -82.75 -27.43
C VAL B 175 -92.53 -82.41 -28.33
N VAL B 176 -93.65 -83.12 -28.24
CA VAL B 176 -94.81 -82.80 -29.05
C VAL B 176 -96.12 -82.95 -28.29
N LYS B 177 -96.08 -83.66 -27.16
CA LYS B 177 -97.26 -84.29 -26.59
C LYS B 177 -98.03 -83.29 -25.74
N LEU B 178 -99.31 -83.10 -26.09
CA LEU B 178 -100.23 -82.41 -25.18
C LEU B 178 -101.22 -83.39 -24.57
N LEU B 179 -101.54 -84.46 -25.30
CA LEU B 179 -102.46 -85.48 -24.78
C LEU B 179 -101.77 -86.36 -23.74
N LEU B 180 -100.47 -86.57 -23.87
CA LEU B 180 -99.74 -87.34 -22.86
C LEU B 180 -99.41 -86.47 -21.65
N THR B 181 -99.42 -85.14 -21.82
CA THR B 181 -99.28 -84.26 -20.67
C THR B 181 -100.61 -84.06 -19.96
N LYS B 182 -101.71 -84.14 -20.69
CA LYS B 182 -103.03 -84.03 -20.07
C LYS B 182 -103.44 -85.33 -19.39
N ARG B 183 -103.23 -86.47 -20.06
CA ARG B 183 -103.55 -87.75 -19.45
C ARG B 183 -102.48 -88.15 -18.44
N GLY B 184 -101.22 -87.79 -18.70
CA GLY B 184 -100.16 -88.10 -17.75
C GLY B 184 -100.21 -87.19 -16.53
N VAL B 185 -100.60 -85.94 -16.72
CA VAL B 185 -100.73 -85.02 -15.59
C VAL B 185 -102.08 -85.16 -14.92
N ASP B 186 -103.01 -85.84 -15.58
CA ASP B 186 -104.34 -86.03 -15.02
C ASP B 186 -104.33 -87.16 -13.99
N PRO B 187 -103.72 -88.32 -14.31
CA PRO B 187 -103.80 -89.48 -13.41
C PRO B 187 -103.08 -89.33 -12.08
N PHE B 188 -101.76 -89.07 -12.11
CA PHE B 188 -100.98 -89.06 -10.88
C PHE B 188 -99.93 -87.94 -10.81
N SER B 189 -99.79 -87.12 -11.85
CA SER B 189 -98.75 -86.09 -11.82
C SER B 189 -99.36 -84.72 -11.57
N THR B 190 -99.32 -84.24 -10.32
CA THR B 190 -99.92 -82.97 -9.94
C THR B 190 -99.16 -81.79 -10.56
N GLY B 191 -99.84 -80.64 -10.65
CA GLY B 191 -99.27 -79.47 -11.28
C GLY B 191 -98.10 -78.85 -10.52
N GLY B 192 -96.92 -78.97 -11.08
CA GLY B 192 -95.71 -78.45 -10.45
C GLY B 192 -94.58 -79.43 -10.54
N SER B 193 -93.45 -78.93 -11.06
CA SER B 193 -92.26 -79.75 -11.23
C SER B 193 -91.01 -78.88 -11.22
N ARG B 194 -89.84 -79.49 -11.28
CA ARG B 194 -88.58 -78.77 -11.28
C ARG B 194 -87.52 -79.58 -12.02
N SER B 195 -86.84 -78.92 -12.94
CA SER B 195 -85.77 -79.56 -13.71
C SER B 195 -84.45 -79.36 -12.96
N GLN B 196 -83.34 -79.66 -13.65
CA GLN B 196 -82.02 -79.45 -13.05
C GLN B 196 -81.68 -77.97 -12.95
N THR B 197 -82.15 -77.17 -13.91
CA THR B 197 -82.00 -75.72 -13.86
C THR B 197 -83.25 -75.03 -13.32
N ALA B 198 -84.00 -75.70 -12.44
CA ALA B 198 -85.24 -75.26 -11.80
C ALA B 198 -86.33 -74.88 -12.80
N VAL B 199 -86.33 -75.46 -14.00
CA VAL B 199 -87.36 -75.17 -15.00
C VAL B 199 -88.65 -75.85 -14.59
N HIS B 200 -89.62 -75.06 -14.15
CA HIS B 200 -90.92 -75.59 -13.77
C HIS B 200 -91.70 -76.03 -15.00
N LEU B 201 -92.82 -76.72 -14.75
CA LEU B 201 -93.67 -77.20 -15.84
C LEU B 201 -94.30 -76.07 -16.62
N VAL B 202 -94.68 -74.98 -15.93
CA VAL B 202 -95.12 -73.78 -16.62
C VAL B 202 -93.93 -73.04 -17.22
N SER B 203 -92.77 -73.14 -16.58
CA SER B 203 -91.58 -72.44 -17.06
C SER B 203 -90.99 -73.15 -18.28
N SER B 204 -90.79 -74.47 -18.18
CA SER B 204 -90.32 -75.23 -19.34
C SER B 204 -91.42 -75.36 -20.39
N ARG B 205 -92.68 -75.24 -19.97
CA ARG B 205 -93.77 -75.10 -20.94
C ARG B 205 -93.68 -73.77 -21.67
N GLN B 206 -93.23 -72.72 -20.98
CA GLN B 206 -92.99 -71.44 -21.64
C GLN B 206 -91.63 -71.40 -22.33
N THR B 207 -90.68 -72.25 -21.91
CA THR B 207 -89.39 -72.29 -22.58
C THR B 207 -89.49 -72.96 -23.95
N GLY B 208 -90.38 -73.94 -24.09
CA GLY B 208 -90.64 -74.58 -25.36
C GLY B 208 -91.73 -73.92 -26.18
N THR B 209 -92.21 -72.74 -25.77
CA THR B 209 -93.24 -71.95 -26.45
C THR B 209 -94.53 -72.74 -26.65
N ALA B 210 -94.90 -73.52 -25.63
CA ALA B 210 -96.13 -74.30 -25.68
C ALA B 210 -97.30 -73.44 -25.20
N THR B 211 -98.43 -73.55 -25.90
CA THR B 211 -99.59 -72.73 -25.55
C THR B 211 -100.51 -73.45 -24.56
N ASN B 212 -100.83 -74.71 -24.83
CA ASN B 212 -101.75 -75.44 -23.96
C ASN B 212 -101.06 -75.91 -22.68
N ILE B 213 -99.75 -76.14 -22.73
CA ILE B 213 -99.05 -76.62 -21.54
C ILE B 213 -98.79 -75.46 -20.57
N LEU B 214 -98.42 -74.29 -21.10
CA LEU B 214 -98.21 -73.13 -20.23
C LEU B 214 -99.54 -72.47 -19.86
N ARG B 215 -100.56 -72.66 -20.69
CA ARG B 215 -101.87 -72.11 -20.36
C ARG B 215 -102.58 -72.96 -19.32
N ALA B 216 -102.57 -74.29 -19.51
CA ALA B 216 -103.17 -75.18 -18.52
C ALA B 216 -102.31 -75.28 -17.26
N LEU B 217 -100.99 -75.06 -17.41
CA LEU B 217 -100.12 -75.05 -16.24
C LEU B 217 -100.25 -73.75 -15.46
N LEU B 218 -100.46 -72.63 -16.17
CA LEU B 218 -100.68 -71.36 -15.49
C LEU B 218 -102.09 -71.27 -14.93
N ALA B 219 -103.03 -72.05 -15.47
CA ALA B 219 -104.36 -72.11 -14.89
C ALA B 219 -104.37 -72.88 -13.58
N ALA B 220 -103.43 -73.82 -13.42
CA ALA B 220 -103.27 -74.56 -12.17
C ALA B 220 -102.45 -73.74 -11.18
N ALA B 221 -102.73 -73.96 -9.89
CA ALA B 221 -102.11 -73.19 -8.82
C ALA B 221 -100.85 -73.89 -8.29
N GLY B 222 -99.92 -74.16 -9.21
CA GLY B 222 -98.61 -74.64 -8.79
C GLY B 222 -97.80 -73.54 -8.12
N LYS B 223 -97.44 -72.51 -8.87
CA LYS B 223 -96.93 -71.27 -8.30
C LYS B 223 -98.04 -70.27 -8.05
N ASP B 224 -99.17 -70.42 -8.76
CA ASP B 224 -100.45 -69.74 -8.51
C ASP B 224 -100.44 -68.25 -8.89
N ILE B 225 -99.27 -67.73 -9.24
CA ILE B 225 -99.15 -66.36 -9.72
C ILE B 225 -98.24 -66.34 -10.94
N ARG B 226 -97.65 -67.50 -11.27
CA ARG B 226 -96.58 -67.66 -12.25
C ARG B 226 -95.41 -66.71 -12.03
N LEU B 227 -95.13 -66.39 -10.76
CA LEU B 227 -94.06 -65.44 -10.43
C LEU B 227 -93.05 -66.03 -9.48
N LYS B 228 -93.32 -67.23 -8.95
CA LYS B 228 -92.33 -67.97 -8.18
C LYS B 228 -91.30 -68.49 -9.18
N ALA B 229 -90.23 -67.72 -9.36
CA ALA B 229 -89.30 -67.92 -10.46
C ALA B 229 -88.37 -69.11 -10.20
N ASP B 230 -87.48 -69.35 -11.16
CA ASP B 230 -86.51 -70.43 -11.08
C ASP B 230 -85.30 -69.97 -10.28
N GLY B 231 -84.20 -70.74 -10.36
CA GLY B 231 -82.98 -70.35 -9.66
C GLY B 231 -82.30 -69.17 -10.31
N ARG B 232 -82.43 -69.04 -11.64
CA ARG B 232 -81.90 -67.89 -12.37
C ARG B 232 -82.96 -66.84 -12.65
N GLY B 233 -84.04 -66.82 -11.86
CA GLY B 233 -85.12 -65.89 -12.12
C GLY B 233 -86.00 -66.26 -13.29
N LYS B 234 -85.86 -67.48 -13.82
CA LYS B 234 -86.57 -67.89 -15.02
C LYS B 234 -88.01 -68.27 -14.68
N ILE B 235 -88.83 -67.24 -14.55
CA ILE B 235 -90.28 -67.40 -14.41
C ILE B 235 -90.87 -67.47 -15.81
N PRO B 236 -92.20 -67.59 -15.95
CA PRO B 236 -92.78 -67.58 -17.30
C PRO B 236 -92.67 -66.22 -17.98
N LEU B 237 -92.64 -65.13 -17.21
CA LEU B 237 -92.47 -63.81 -17.79
C LEU B 237 -91.04 -63.59 -18.27
N LEU B 238 -90.07 -64.14 -17.54
CA LEU B 238 -88.66 -63.96 -17.93
C LEU B 238 -88.31 -64.81 -19.15
N LEU B 239 -88.64 -66.10 -19.09
CA LEU B 239 -88.33 -66.99 -20.21
C LEU B 239 -89.21 -66.70 -21.42
N ALA B 240 -90.46 -66.32 -21.17
CA ALA B 240 -91.35 -65.98 -22.29
C ALA B 240 -91.00 -64.61 -22.88
N VAL B 241 -90.50 -63.70 -22.04
CA VAL B 241 -90.14 -62.37 -22.53
C VAL B 241 -88.81 -62.41 -23.28
N GLU B 242 -87.88 -63.26 -22.83
CA GLU B 242 -86.56 -63.30 -23.45
C GLU B 242 -86.55 -64.04 -24.78
N SER B 243 -87.54 -64.89 -25.05
CA SER B 243 -87.55 -65.73 -26.23
C SER B 243 -88.52 -65.25 -27.31
N GLY B 244 -89.19 -64.14 -27.10
CA GLY B 244 -90.19 -63.67 -28.05
C GLY B 244 -91.46 -64.50 -27.99
N ASN B 245 -91.81 -64.94 -26.78
CA ASN B 245 -92.98 -65.79 -26.53
C ASN B 245 -94.12 -64.99 -25.91
N GLN B 246 -94.37 -63.78 -26.42
CA GLN B 246 -95.37 -62.89 -25.86
C GLN B 246 -96.79 -63.42 -25.99
N SER B 247 -97.01 -64.40 -26.87
CA SER B 247 -98.30 -65.09 -26.91
C SER B 247 -98.50 -65.92 -25.64
N MET B 248 -97.41 -66.44 -25.08
CA MET B 248 -97.47 -67.11 -23.78
C MET B 248 -97.32 -66.13 -22.63
N CYS B 249 -96.65 -64.99 -22.85
CA CYS B 249 -96.48 -63.96 -21.84
C CYS B 249 -97.69 -63.03 -21.74
N ARG B 250 -98.74 -63.28 -22.51
CA ARG B 250 -99.99 -62.55 -22.32
C ARG B 250 -100.70 -63.00 -21.05
N GLU B 251 -100.99 -64.30 -20.95
CA GLU B 251 -101.55 -64.85 -19.71
C GLU B 251 -100.46 -65.10 -18.68
N LEU B 252 -99.29 -65.56 -19.14
CA LEU B 252 -98.18 -65.85 -18.23
C LEU B 252 -97.63 -64.57 -17.62
N LEU B 253 -97.58 -63.48 -18.40
CA LEU B 253 -97.21 -62.20 -17.84
C LEU B 253 -98.44 -61.38 -17.44
N ALA B 254 -99.64 -61.96 -17.59
CA ALA B 254 -100.81 -61.35 -16.98
C ALA B 254 -100.92 -61.73 -15.51
N ALA B 255 -100.70 -63.01 -15.19
CA ALA B 255 -100.56 -63.39 -13.79
C ALA B 255 -99.20 -62.96 -13.25
N GLN B 256 -98.15 -63.16 -14.05
CA GLN B 256 -96.80 -62.79 -13.63
C GLN B 256 -96.59 -61.29 -13.61
N THR B 257 -97.46 -60.52 -14.28
CA THR B 257 -97.48 -59.08 -14.05
C THR B 257 -98.55 -58.70 -13.03
N ALA B 258 -99.46 -59.61 -12.72
CA ALA B 258 -100.40 -59.37 -11.63
C ALA B 258 -99.72 -59.52 -10.28
N GLU B 259 -98.59 -60.24 -10.25
CA GLU B 259 -97.79 -60.36 -9.03
C GLU B 259 -96.43 -59.69 -9.17
N GLN B 260 -95.80 -59.79 -10.33
CA GLN B 260 -94.40 -59.41 -10.54
C GLN B 260 -94.24 -58.58 -11.80
N LEU B 261 -95.04 -57.51 -11.91
CA LEU B 261 -94.89 -56.56 -13.03
C LEU B 261 -93.53 -55.90 -13.01
N LYS B 262 -93.06 -55.50 -11.82
CA LYS B 262 -91.67 -55.11 -11.64
C LYS B 262 -90.82 -56.38 -11.44
N ALA B 263 -90.53 -57.04 -12.56
CA ALA B 263 -89.86 -58.33 -12.56
C ALA B 263 -88.38 -58.13 -12.23
N THR B 264 -88.09 -58.18 -10.94
CA THR B 264 -86.72 -58.01 -10.46
C THR B 264 -85.91 -59.26 -10.80
N THR B 265 -85.05 -59.16 -11.81
CA THR B 265 -84.21 -60.26 -12.22
C THR B 265 -82.89 -60.22 -11.46
N ALA B 266 -81.92 -61.04 -11.88
CA ALA B 266 -80.62 -61.02 -11.25
C ALA B 266 -79.76 -59.88 -11.78
N ASN B 267 -79.78 -59.65 -13.09
CA ASN B 267 -79.07 -58.54 -13.72
C ASN B 267 -79.94 -57.31 -13.86
N GLY B 268 -81.14 -57.30 -13.27
CA GLY B 268 -82.05 -56.19 -13.39
C GLY B 268 -82.82 -56.12 -14.69
N ASP B 269 -82.60 -57.07 -15.60
CA ASP B 269 -83.27 -57.08 -16.91
C ASP B 269 -84.69 -57.60 -16.72
N THR B 270 -85.61 -56.65 -16.57
CA THR B 270 -87.04 -56.95 -16.52
C THR B 270 -87.57 -57.14 -17.94
N ALA B 271 -88.90 -57.14 -18.09
CA ALA B 271 -89.51 -57.38 -19.39
C ALA B 271 -89.20 -56.24 -20.36
N LEU B 272 -89.35 -55.00 -19.90
CA LEU B 272 -88.96 -53.86 -20.73
C LEU B 272 -87.46 -53.67 -20.81
N HIS B 273 -86.70 -54.26 -19.88
CA HIS B 273 -85.25 -54.07 -19.85
C HIS B 273 -84.52 -55.17 -20.61
N LEU B 274 -84.97 -56.42 -20.48
CA LEU B 274 -84.43 -57.46 -21.36
C LEU B 274 -85.02 -57.32 -22.77
N ALA B 275 -86.24 -56.79 -22.88
CA ALA B 275 -86.76 -56.42 -24.18
C ALA B 275 -86.02 -55.20 -24.74
N ALA B 276 -85.53 -54.32 -23.87
CA ALA B 276 -84.80 -53.14 -24.31
C ALA B 276 -83.40 -53.51 -24.79
N ARG B 277 -82.66 -54.28 -23.97
CA ARG B 277 -81.32 -54.71 -24.37
C ARG B 277 -81.38 -55.74 -25.49
N ARG B 278 -82.46 -56.50 -25.56
CA ARG B 278 -82.65 -57.44 -26.67
C ARG B 278 -83.27 -56.78 -27.88
N ARG B 279 -83.56 -55.48 -27.79
CA ARG B 279 -84.20 -54.66 -28.83
C ARG B 279 -85.54 -55.25 -29.27
N ASP B 280 -86.33 -55.71 -28.31
CA ASP B 280 -87.64 -56.29 -28.60
C ASP B 280 -88.71 -55.20 -28.47
N VAL B 281 -89.40 -54.91 -29.57
CA VAL B 281 -90.40 -53.85 -29.56
C VAL B 281 -91.79 -54.40 -29.25
N ASP B 282 -92.03 -55.68 -29.53
CA ASP B 282 -93.34 -56.27 -29.25
C ASP B 282 -93.52 -56.49 -27.76
N MET B 283 -92.49 -57.01 -27.09
CA MET B 283 -92.52 -57.17 -25.63
C MET B 283 -92.42 -55.85 -24.89
N VAL B 284 -91.92 -54.80 -25.54
CA VAL B 284 -91.94 -53.47 -24.94
C VAL B 284 -93.30 -52.82 -25.13
N ARG B 285 -93.98 -53.14 -26.23
CA ARG B 285 -95.33 -52.62 -26.44
C ARG B 285 -96.35 -53.32 -25.57
N ILE B 286 -96.17 -54.62 -25.32
CA ILE B 286 -97.10 -55.40 -24.51
C ILE B 286 -96.76 -55.23 -23.05
N LEU B 287 -95.45 -55.27 -22.72
CA LEU B 287 -95.03 -55.10 -21.33
C LEU B 287 -95.21 -53.66 -20.88
N VAL B 288 -94.94 -52.70 -21.76
CA VAL B 288 -95.25 -51.30 -21.44
C VAL B 288 -96.74 -51.06 -21.53
N ASP B 289 -97.45 -51.87 -22.32
CA ASP B 289 -98.90 -51.85 -22.29
C ASP B 289 -99.45 -52.54 -21.04
N TYR B 290 -98.64 -53.37 -20.39
CA TYR B 290 -99.01 -53.96 -19.11
C TYR B 290 -98.72 -53.03 -17.93
N GLY B 291 -98.11 -51.88 -18.17
CA GLY B 291 -97.84 -50.94 -17.11
C GLY B 291 -96.46 -51.02 -16.49
N THR B 292 -95.44 -51.34 -17.29
CA THR B 292 -94.08 -51.43 -16.77
C THR B 292 -93.49 -50.04 -16.56
N ASN B 293 -92.35 -50.01 -15.87
CA ASN B 293 -91.67 -48.74 -15.60
C ASN B 293 -91.01 -48.22 -16.87
N VAL B 294 -91.33 -46.97 -17.24
CA VAL B 294 -90.72 -46.37 -18.41
C VAL B 294 -89.28 -45.94 -18.14
N ASP B 295 -88.91 -45.75 -16.88
CA ASP B 295 -87.56 -45.34 -16.50
C ASP B 295 -86.93 -46.38 -15.61
N THR B 296 -87.02 -47.65 -16.00
CA THR B 296 -86.54 -48.77 -15.19
C THR B 296 -85.01 -48.71 -15.04
N GLN B 297 -84.53 -49.35 -13.97
CA GLN B 297 -83.12 -49.28 -13.63
C GLN B 297 -82.65 -50.67 -13.20
N ASN B 298 -81.59 -51.16 -13.82
CA ASN B 298 -81.01 -52.44 -13.47
C ASN B 298 -80.00 -52.24 -12.33
N GLY B 299 -79.18 -53.27 -12.08
CA GLY B 299 -78.11 -53.13 -11.10
C GLY B 299 -77.01 -52.20 -11.55
N GLU B 300 -76.79 -52.10 -12.87
CA GLU B 300 -75.83 -51.16 -13.42
C GLU B 300 -76.38 -49.74 -13.51
N GLY B 301 -77.68 -49.56 -13.38
CA GLY B 301 -78.29 -48.25 -13.42
C GLY B 301 -78.61 -47.72 -14.80
N GLN B 302 -78.18 -48.41 -15.86
CA GLN B 302 -78.48 -47.99 -17.22
C GLN B 302 -79.97 -48.23 -17.50
N THR B 303 -80.65 -47.19 -17.97
CA THR B 303 -82.09 -47.25 -18.15
C THR B 303 -82.44 -48.09 -19.37
N PRO B 304 -83.70 -48.54 -19.46
CA PRO B 304 -84.12 -49.27 -20.67
C PRO B 304 -84.18 -48.38 -21.90
N LEU B 305 -84.54 -47.11 -21.72
CA LEU B 305 -84.38 -46.14 -22.81
C LEU B 305 -82.92 -45.82 -23.07
N HIS B 306 -82.09 -45.88 -22.02
CA HIS B 306 -80.65 -45.73 -22.21
C HIS B 306 -80.06 -46.98 -22.86
N ILE B 307 -80.72 -48.12 -22.68
CA ILE B 307 -80.33 -49.33 -23.40
C ILE B 307 -80.92 -49.33 -24.80
N ALA B 308 -81.89 -48.44 -25.06
CA ALA B 308 -82.43 -48.30 -26.40
C ALA B 308 -81.56 -47.36 -27.24
N ALA B 309 -81.10 -46.26 -26.63
CA ALA B 309 -80.17 -45.38 -27.31
C ALA B 309 -78.79 -46.02 -27.40
N ALA B 310 -78.37 -46.73 -26.35
CA ALA B 310 -77.12 -47.47 -26.38
C ALA B 310 -77.21 -48.69 -27.29
N GLU B 311 -78.42 -49.25 -27.46
CA GLU B 311 -78.63 -50.34 -28.39
C GLU B 311 -78.65 -49.88 -29.84
N GLY B 312 -78.87 -48.59 -30.09
CA GLY B 312 -78.97 -48.09 -31.44
C GLY B 312 -80.26 -48.51 -32.11
N ASP B 313 -81.32 -48.65 -31.32
CA ASP B 313 -82.64 -49.07 -31.80
C ASP B 313 -83.60 -47.90 -31.61
N GLU B 314 -83.95 -47.26 -32.73
CA GLU B 314 -84.87 -46.12 -32.68
C GLU B 314 -86.32 -46.56 -32.51
N ALA B 315 -86.62 -47.85 -32.63
CA ALA B 315 -87.97 -48.34 -32.40
C ALA B 315 -88.34 -48.26 -30.93
N LEU B 316 -87.47 -48.77 -30.06
CA LEU B 316 -87.71 -48.67 -28.62
C LEU B 316 -87.48 -47.25 -28.13
N LEU B 317 -86.70 -46.46 -28.86
CA LEU B 317 -86.51 -45.06 -28.52
C LEU B 317 -87.76 -44.24 -28.82
N LYS B 318 -88.45 -44.54 -29.93
CA LYS B 318 -89.70 -43.85 -30.23
C LYS B 318 -90.84 -44.42 -29.39
N TYR B 319 -90.72 -45.67 -28.95
CA TYR B 319 -91.73 -46.26 -28.08
C TYR B 319 -91.63 -45.70 -26.66
N PHE B 320 -90.41 -45.59 -26.14
CA PHE B 320 -90.21 -44.96 -24.84
C PHE B 320 -90.45 -43.46 -24.93
N TYR B 321 -90.19 -42.87 -26.10
CA TYR B 321 -90.50 -41.45 -26.30
C TYR B 321 -92.00 -41.23 -26.42
N GLY B 322 -92.74 -42.26 -26.84
CA GLY B 322 -94.19 -42.15 -26.87
C GLY B 322 -94.81 -42.20 -25.49
N VAL B 323 -94.13 -42.85 -24.54
CA VAL B 323 -94.62 -42.91 -23.17
C VAL B 323 -94.01 -41.79 -22.34
N ARG B 324 -93.22 -40.92 -22.98
CA ARG B 324 -92.49 -39.80 -22.35
C ARG B 324 -91.59 -40.28 -21.21
N ALA B 325 -90.76 -41.27 -21.48
CA ALA B 325 -89.85 -41.84 -20.51
C ALA B 325 -88.74 -40.84 -20.14
N SER B 326 -88.61 -40.57 -18.84
CA SER B 326 -87.53 -39.71 -18.38
C SER B 326 -86.20 -40.42 -18.51
N ALA B 327 -85.20 -39.68 -18.99
CA ALA B 327 -83.88 -40.25 -19.27
C ALA B 327 -82.75 -39.62 -18.50
N SER B 328 -83.03 -38.80 -17.48
CA SER B 328 -81.96 -38.16 -16.72
C SER B 328 -81.22 -39.14 -15.81
N ILE B 329 -81.86 -40.25 -15.45
CA ILE B 329 -81.22 -41.23 -14.58
C ILE B 329 -80.32 -42.13 -15.41
N ALA B 330 -79.04 -41.79 -15.48
CA ALA B 330 -78.07 -42.55 -16.26
C ALA B 330 -77.54 -43.71 -15.42
N ASP B 331 -76.48 -44.36 -15.91
CA ASP B 331 -75.87 -45.48 -15.21
C ASP B 331 -74.89 -44.96 -14.15
N ASN B 332 -74.11 -45.86 -13.58
CA ASN B 332 -73.12 -45.46 -12.58
C ASN B 332 -71.95 -44.70 -13.21
N GLN B 333 -71.67 -44.96 -14.48
CA GLN B 333 -70.60 -44.29 -15.21
C GLN B 333 -71.08 -43.03 -15.93
N ASP B 334 -72.26 -42.51 -15.56
CA ASP B 334 -72.86 -41.28 -16.07
C ASP B 334 -73.11 -41.32 -17.59
N ARG B 335 -73.23 -42.51 -18.16
CA ARG B 335 -73.50 -42.67 -19.59
C ARG B 335 -74.99 -42.47 -19.83
N THR B 336 -75.36 -41.23 -20.13
CA THR B 336 -76.73 -40.84 -20.44
C THR B 336 -77.10 -41.29 -21.85
N PRO B 337 -78.33 -41.00 -22.31
CA PRO B 337 -78.78 -41.54 -23.62
C PRO B 337 -77.98 -41.05 -24.81
N MET B 338 -77.60 -39.77 -24.83
CA MET B 338 -76.67 -39.32 -25.85
C MET B 338 -75.25 -39.79 -25.56
N HIS B 339 -74.92 -40.00 -24.27
CA HIS B 339 -73.57 -40.40 -23.91
C HIS B 339 -73.36 -41.90 -24.13
N LEU B 340 -74.37 -42.70 -23.81
CA LEU B 340 -74.28 -44.13 -24.10
C LEU B 340 -74.59 -44.42 -25.56
N ALA B 341 -75.39 -43.56 -26.20
CA ALA B 341 -75.59 -43.64 -27.64
C ALA B 341 -74.30 -43.29 -28.38
N ALA B 342 -73.52 -42.38 -27.80
CA ALA B 342 -72.19 -42.12 -28.35
C ALA B 342 -71.19 -43.16 -27.89
N GLU B 343 -71.51 -43.92 -26.85
CA GLU B 343 -70.70 -45.09 -26.51
C GLU B 343 -70.96 -46.22 -27.49
N ASN B 344 -72.12 -46.19 -28.15
CA ASN B 344 -72.37 -47.08 -29.28
C ASN B 344 -71.96 -46.42 -30.60
N GLY B 345 -72.55 -45.28 -30.92
CA GLY B 345 -72.22 -44.57 -32.14
C GLY B 345 -73.43 -44.17 -32.96
N HIS B 346 -74.62 -44.37 -32.40
CA HIS B 346 -75.85 -44.07 -33.12
C HIS B 346 -76.10 -42.56 -33.17
N ALA B 347 -76.73 -42.10 -34.25
CA ALA B 347 -77.03 -40.68 -34.42
C ALA B 347 -78.52 -40.39 -34.30
N HIS B 348 -79.36 -41.24 -34.89
CA HIS B 348 -80.80 -41.07 -34.77
C HIS B 348 -81.29 -41.36 -33.37
N VAL B 349 -80.53 -42.15 -32.59
CA VAL B 349 -80.86 -42.34 -31.19
C VAL B 349 -80.51 -41.09 -30.38
N ILE B 350 -79.51 -40.33 -30.83
CA ILE B 350 -79.17 -39.08 -30.16
C ILE B 350 -80.18 -37.99 -30.52
N GLU B 351 -80.60 -37.95 -31.78
CA GLU B 351 -81.62 -36.98 -32.20
C GLU B 351 -82.97 -37.32 -31.60
N ILE B 352 -83.26 -38.61 -31.43
CA ILE B 352 -84.50 -39.03 -30.77
C ILE B 352 -84.38 -38.83 -29.27
N LEU B 353 -83.15 -38.84 -28.74
CA LEU B 353 -82.94 -38.43 -27.36
C LEU B 353 -83.21 -36.94 -27.19
N ALA B 354 -82.85 -36.14 -28.20
CA ALA B 354 -83.22 -34.72 -28.20
C ALA B 354 -84.72 -34.55 -28.38
N ASP B 355 -85.38 -35.51 -29.04
CA ASP B 355 -86.84 -35.53 -29.05
C ASP B 355 -87.38 -35.90 -27.67
N LYS B 356 -86.60 -36.67 -26.90
CA LYS B 356 -86.93 -36.88 -25.49
C LYS B 356 -86.26 -35.85 -24.59
N PHE B 357 -85.83 -34.72 -25.17
CA PHE B 357 -85.26 -33.55 -24.50
C PHE B 357 -83.99 -33.88 -23.73
N LYS B 358 -83.07 -34.61 -24.37
CA LYS B 358 -81.75 -34.82 -23.77
C LYS B 358 -80.92 -33.56 -23.92
N ALA B 359 -80.34 -33.10 -22.81
CA ALA B 359 -79.51 -31.90 -22.83
C ALA B 359 -78.17 -32.19 -23.50
N SER B 360 -77.99 -31.60 -24.69
CA SER B 360 -76.75 -31.74 -25.44
C SER B 360 -75.68 -30.75 -25.00
N ILE B 361 -75.94 -29.96 -23.97
CA ILE B 361 -75.02 -28.94 -23.50
C ILE B 361 -74.66 -29.19 -22.04
N PHE B 362 -74.67 -30.44 -21.61
CA PHE B 362 -74.57 -30.75 -20.18
C PHE B 362 -73.53 -31.81 -19.84
N GLU B 363 -72.71 -32.24 -20.81
CA GLU B 363 -71.81 -33.37 -20.57
C GLU B 363 -70.60 -32.91 -19.76
N ARG B 364 -70.52 -33.34 -18.52
CA ARG B 364 -69.37 -33.11 -17.66
C ARG B 364 -69.20 -34.31 -16.72
N THR B 365 -67.96 -34.72 -16.49
CA THR B 365 -67.70 -35.88 -15.65
C THR B 365 -66.49 -35.66 -14.75
N LYS B 366 -66.37 -34.45 -14.18
CA LYS B 366 -65.30 -33.95 -13.33
C LYS B 366 -63.94 -33.91 -14.03
N ASP B 367 -63.89 -34.14 -15.34
CA ASP B 367 -62.67 -34.03 -16.13
C ASP B 367 -62.95 -33.37 -17.47
N GLY B 368 -64.09 -32.69 -17.59
CA GLY B 368 -64.49 -32.13 -18.87
C GLY B 368 -64.91 -33.21 -19.84
N SER B 369 -66.06 -33.85 -19.59
CA SER B 369 -66.53 -34.92 -20.47
C SER B 369 -66.81 -34.39 -21.87
N THR B 370 -67.85 -33.53 -22.00
CA THR B 370 -68.12 -32.70 -23.19
C THR B 370 -68.18 -33.55 -24.47
N LEU B 371 -69.28 -34.29 -24.62
CA LEU B 371 -69.34 -35.55 -25.37
C LEU B 371 -68.92 -35.55 -26.86
N MET B 372 -68.48 -34.41 -27.39
CA MET B 372 -67.66 -34.43 -28.59
C MET B 372 -66.32 -35.14 -28.34
N HIS B 373 -65.83 -35.10 -27.10
CA HIS B 373 -64.68 -35.91 -26.70
C HIS B 373 -65.04 -37.38 -26.74
N ILE B 374 -66.27 -37.71 -26.33
CA ILE B 374 -66.75 -39.10 -26.41
C ILE B 374 -66.88 -39.52 -27.87
N ALA B 375 -67.32 -38.59 -28.73
CA ALA B 375 -67.28 -38.85 -30.16
C ALA B 375 -65.86 -38.86 -30.70
N SER B 376 -64.91 -38.29 -29.96
CA SER B 376 -63.50 -38.45 -30.29
C SER B 376 -62.88 -39.65 -29.59
N LEU B 377 -63.52 -40.15 -28.51
CA LEU B 377 -63.09 -41.41 -27.92
C LEU B 377 -63.36 -42.57 -28.87
N ASN B 378 -64.61 -42.73 -29.30
CA ASN B 378 -65.03 -43.88 -30.07
C ASN B 378 -64.88 -43.69 -31.56
N GLY B 379 -65.01 -42.46 -32.05
CA GLY B 379 -64.71 -42.18 -33.44
C GLY B 379 -65.85 -42.41 -34.42
N HIS B 380 -66.97 -41.73 -34.22
CA HIS B 380 -68.16 -41.89 -35.08
C HIS B 380 -68.48 -40.54 -35.72
N ALA B 381 -68.25 -40.45 -37.03
CA ALA B 381 -68.41 -39.17 -37.73
C ALA B 381 -69.88 -38.85 -37.97
N GLU B 382 -70.69 -39.87 -38.26
CA GLU B 382 -72.13 -39.66 -38.40
C GLU B 382 -72.77 -39.25 -37.08
N CYS B 383 -72.19 -39.69 -35.96
CA CYS B 383 -72.59 -39.16 -34.67
C CYS B 383 -71.96 -37.79 -34.42
N ALA B 384 -70.87 -37.47 -35.12
CA ALA B 384 -70.18 -36.21 -34.86
C ALA B 384 -70.85 -35.05 -35.56
N THR B 385 -71.53 -35.31 -36.69
CA THR B 385 -72.22 -34.24 -37.40
C THR B 385 -73.51 -33.85 -36.69
N MET B 386 -74.36 -34.84 -36.36
CA MET B 386 -75.57 -34.57 -35.60
C MET B 386 -75.23 -34.18 -34.16
N LEU B 387 -74.07 -34.63 -33.67
CA LEU B 387 -73.60 -34.19 -32.37
C LEU B 387 -72.83 -32.88 -32.51
N PHE B 388 -72.73 -32.36 -33.72
CA PHE B 388 -72.21 -31.00 -33.89
C PHE B 388 -73.35 -30.00 -33.99
N LYS B 389 -74.41 -30.35 -34.74
CA LYS B 389 -75.58 -29.49 -34.77
C LYS B 389 -76.32 -29.52 -33.44
N LYS B 390 -76.31 -30.67 -32.76
CA LYS B 390 -76.99 -30.77 -31.47
C LYS B 390 -76.05 -30.45 -30.32
N GLY B 391 -74.97 -31.23 -30.16
CA GLY B 391 -74.00 -30.94 -29.12
C GLY B 391 -73.02 -29.86 -29.52
N VAL B 392 -73.46 -28.60 -29.46
CA VAL B 392 -72.92 -27.51 -30.27
C VAL B 392 -71.48 -27.14 -29.89
N TYR B 393 -71.00 -27.61 -28.73
CA TYR B 393 -69.68 -27.20 -28.25
C TYR B 393 -68.51 -27.78 -29.03
N LEU B 394 -67.78 -26.88 -29.69
CA LEU B 394 -66.55 -27.25 -30.39
C LEU B 394 -65.46 -27.68 -29.44
N HIS B 395 -65.32 -26.96 -28.33
CA HIS B 395 -63.98 -26.59 -27.93
C HIS B 395 -63.66 -26.74 -26.45
N MET B 396 -64.64 -27.13 -25.63
CA MET B 396 -64.45 -27.15 -24.18
C MET B 396 -63.44 -28.23 -23.79
N PRO B 397 -62.29 -27.84 -23.24
CA PRO B 397 -61.21 -28.82 -23.03
C PRO B 397 -61.37 -29.70 -21.80
N ASN B 398 -60.49 -30.68 -21.66
CA ASN B 398 -60.50 -31.58 -20.53
C ASN B 398 -59.91 -30.90 -19.30
N LYS B 399 -59.90 -31.61 -18.17
CA LYS B 399 -59.26 -31.10 -16.98
C LYS B 399 -57.75 -31.06 -17.14
N ASP B 400 -57.20 -31.91 -18.00
CA ASP B 400 -55.80 -31.78 -18.40
C ASP B 400 -55.59 -30.63 -19.37
N GLY B 401 -56.65 -30.14 -19.99
CA GLY B 401 -56.56 -29.07 -20.95
C GLY B 401 -56.66 -29.52 -22.39
N ALA B 402 -57.10 -30.75 -22.65
CA ALA B 402 -57.09 -31.32 -23.97
C ALA B 402 -58.46 -31.18 -24.62
N ARG B 403 -58.46 -30.70 -25.86
CA ARG B 403 -59.65 -30.47 -26.65
C ARG B 403 -59.93 -31.70 -27.52
N SER B 404 -60.97 -31.60 -28.35
CA SER B 404 -61.52 -32.78 -29.01
C SER B 404 -60.58 -33.35 -30.06
N ILE B 405 -59.77 -32.48 -30.68
CA ILE B 405 -58.77 -32.94 -31.63
C ILE B 405 -57.63 -33.64 -30.91
N HIS B 406 -57.41 -33.31 -29.63
CA HIS B 406 -56.33 -33.94 -28.88
C HIS B 406 -56.69 -35.37 -28.50
N THR B 407 -57.97 -35.62 -28.18
CA THR B 407 -58.39 -36.98 -27.85
C THR B 407 -58.71 -37.78 -29.10
N ALA B 408 -59.15 -37.10 -30.17
CA ALA B 408 -59.32 -37.78 -31.45
C ALA B 408 -57.96 -38.21 -32.00
N ALA B 409 -56.94 -37.37 -31.83
CA ALA B 409 -55.60 -37.74 -32.24
C ALA B 409 -54.99 -38.74 -31.27
N ALA B 410 -55.43 -38.72 -30.01
CA ALA B 410 -54.92 -39.66 -29.02
C ALA B 410 -55.41 -41.07 -29.32
N TYR B 411 -56.73 -41.23 -29.43
CA TYR B 411 -57.28 -42.56 -29.62
C TYR B 411 -57.32 -42.99 -31.08
N GLY B 412 -56.84 -42.15 -31.98
CA GLY B 412 -56.61 -42.55 -33.36
C GLY B 412 -57.87 -42.72 -34.20
N HIS B 413 -58.59 -41.64 -34.43
CA HIS B 413 -59.79 -41.65 -35.27
C HIS B 413 -59.64 -40.52 -36.28
N THR B 414 -59.30 -40.89 -37.52
CA THR B 414 -58.93 -39.90 -38.51
C THR B 414 -60.13 -39.11 -39.03
N GLY B 415 -61.28 -39.77 -39.17
CA GLY B 415 -62.45 -39.09 -39.72
C GLY B 415 -62.99 -38.01 -38.81
N ILE B 416 -62.86 -38.20 -37.50
CA ILE B 416 -63.22 -37.16 -36.54
C ILE B 416 -62.29 -35.96 -36.68
N ILE B 417 -61.03 -36.20 -37.03
CA ILE B 417 -60.12 -35.09 -37.28
C ILE B 417 -60.44 -34.42 -38.61
N ASN B 418 -60.97 -35.19 -39.58
CA ASN B 418 -61.42 -34.59 -40.83
C ASN B 418 -62.64 -33.71 -40.63
N THR B 419 -63.55 -34.11 -39.73
CA THR B 419 -64.78 -33.34 -39.55
C THR B 419 -64.57 -32.17 -38.59
N LEU B 420 -63.76 -32.35 -37.55
CA LEU B 420 -63.44 -31.24 -36.66
C LEU B 420 -62.54 -30.22 -37.35
N LEU B 421 -61.61 -30.68 -38.17
CA LEU B 421 -60.83 -29.77 -38.99
C LEU B 421 -61.68 -29.15 -40.09
N GLN B 422 -62.72 -29.85 -40.54
CA GLN B 422 -63.66 -29.26 -41.48
C GLN B 422 -64.51 -28.17 -40.82
N LYS B 423 -64.86 -28.35 -39.55
CA LYS B 423 -65.67 -27.39 -38.83
C LYS B 423 -64.90 -26.17 -38.37
N GLY B 424 -63.58 -26.22 -38.40
CA GLY B 424 -62.76 -25.06 -38.12
C GLY B 424 -62.15 -25.02 -36.73
N GLU B 425 -60.89 -25.45 -36.64
CA GLU B 425 -60.10 -25.35 -35.43
C GLU B 425 -58.64 -25.51 -35.83
N LYS B 426 -57.82 -24.51 -35.51
CA LYS B 426 -56.42 -24.50 -35.94
C LYS B 426 -55.65 -25.59 -35.20
N VAL B 427 -54.81 -26.34 -35.94
CA VAL B 427 -54.05 -27.42 -35.35
C VAL B 427 -52.78 -26.96 -34.66
N ASP B 428 -52.58 -25.65 -34.51
CA ASP B 428 -51.57 -25.16 -33.58
C ASP B 428 -52.17 -24.96 -32.19
N VAL B 429 -53.31 -25.60 -31.92
CA VAL B 429 -53.92 -25.56 -30.60
C VAL B 429 -53.05 -26.33 -29.61
N THR B 430 -52.89 -25.77 -28.42
CA THR B 430 -52.13 -26.45 -27.37
C THR B 430 -53.03 -26.81 -26.21
N THR B 431 -52.48 -27.58 -25.28
CA THR B 431 -53.18 -27.88 -24.04
C THR B 431 -52.64 -27.00 -22.92
N ASN B 432 -53.08 -27.32 -21.69
CA ASN B 432 -52.45 -26.72 -20.53
C ASN B 432 -50.99 -27.15 -20.42
N ASP B 433 -50.68 -28.37 -20.84
CA ASP B 433 -49.29 -28.81 -20.88
C ASP B 433 -48.69 -28.65 -22.26
N ASN B 434 -49.16 -27.66 -23.02
CA ASN B 434 -48.54 -27.15 -24.25
C ASN B 434 -48.43 -28.14 -25.41
N TYR B 435 -49.00 -29.34 -25.28
CA TYR B 435 -48.88 -30.32 -26.34
C TYR B 435 -49.83 -30.01 -27.48
N THR B 436 -49.29 -29.89 -28.68
CA THR B 436 -50.14 -29.79 -29.87
C THR B 436 -50.67 -31.17 -30.25
N ALA B 437 -51.40 -31.20 -31.37
CA ALA B 437 -52.02 -32.45 -31.81
C ALA B 437 -50.98 -33.47 -32.26
N LEU B 438 -49.87 -33.00 -32.84
CA LEU B 438 -48.76 -33.90 -33.12
C LEU B 438 -48.12 -34.39 -31.83
N HIS B 439 -48.07 -33.53 -30.82
CA HIS B 439 -47.42 -33.88 -29.57
C HIS B 439 -48.25 -34.83 -28.71
N ILE B 440 -49.42 -35.24 -29.17
CA ILE B 440 -50.21 -36.28 -28.53
C ILE B 440 -50.39 -37.48 -29.46
N ALA B 441 -50.54 -37.21 -30.77
CA ALA B 441 -50.68 -38.29 -31.73
C ALA B 441 -49.39 -39.09 -31.89
N VAL B 442 -48.25 -38.43 -31.70
CA VAL B 442 -46.98 -39.15 -31.72
C VAL B 442 -46.76 -39.89 -30.40
N GLU B 443 -47.35 -39.40 -29.30
CA GLU B 443 -47.32 -40.14 -28.04
C GLU B 443 -48.10 -41.44 -28.14
N SER B 444 -49.15 -41.48 -28.96
CA SER B 444 -49.85 -42.73 -29.21
C SER B 444 -49.34 -43.45 -30.44
N ALA B 445 -48.50 -42.78 -31.24
CA ALA B 445 -47.83 -43.33 -32.43
C ALA B 445 -48.84 -43.83 -33.47
N LYS B 446 -49.92 -43.08 -33.66
CA LYS B 446 -50.90 -43.39 -34.69
C LYS B 446 -50.48 -42.72 -35.99
N PRO B 447 -50.04 -43.48 -37.00
CA PRO B 447 -49.37 -42.88 -38.17
C PRO B 447 -50.24 -42.02 -39.09
N ALA B 448 -51.37 -42.57 -39.54
CA ALA B 448 -52.21 -41.85 -40.49
C ALA B 448 -52.93 -40.68 -39.84
N VAL B 449 -53.07 -40.73 -38.51
CA VAL B 449 -53.50 -39.56 -37.75
C VAL B 449 -52.53 -38.41 -37.94
N VAL B 450 -51.23 -38.70 -37.81
CA VAL B 450 -50.18 -37.70 -38.03
C VAL B 450 -50.15 -37.26 -39.48
N GLU B 451 -50.52 -38.16 -40.41
CA GLU B 451 -50.67 -37.77 -41.80
C GLU B 451 -51.79 -36.75 -41.98
N THR B 452 -52.93 -36.97 -41.31
CA THR B 452 -54.03 -36.02 -41.41
C THR B 452 -53.71 -34.71 -40.69
N LEU B 453 -52.90 -34.76 -39.64
CA LEU B 453 -52.53 -33.54 -38.93
C LEU B 453 -51.53 -32.73 -39.75
N LEU B 454 -50.66 -33.40 -40.50
CA LEU B 454 -49.80 -32.68 -41.43
C LEU B 454 -50.59 -32.15 -42.61
N GLY B 455 -51.65 -32.85 -43.02
CA GLY B 455 -52.51 -32.32 -44.06
C GLY B 455 -53.34 -31.15 -43.58
N PHE B 456 -53.60 -31.09 -42.28
CA PHE B 456 -54.38 -30.00 -41.72
C PHE B 456 -53.56 -28.72 -41.63
N GLY B 457 -52.24 -28.85 -41.49
CA GLY B 457 -51.39 -27.68 -41.43
C GLY B 457 -50.59 -27.52 -40.15
N ALA B 458 -50.20 -28.63 -39.54
CA ALA B 458 -49.41 -28.57 -38.33
C ALA B 458 -47.95 -28.33 -38.66
N ASP B 459 -47.29 -27.50 -37.84
CA ASP B 459 -45.89 -27.17 -37.98
C ASP B 459 -45.07 -28.18 -37.18
N VAL B 460 -44.25 -28.95 -37.88
CA VAL B 460 -43.52 -30.07 -37.29
C VAL B 460 -42.38 -29.69 -36.34
N HIS B 461 -42.13 -28.39 -36.14
CA HIS B 461 -41.00 -28.00 -35.31
C HIS B 461 -41.43 -27.72 -33.88
N VAL B 462 -42.71 -27.41 -33.67
CA VAL B 462 -43.08 -26.25 -32.85
C VAL B 462 -42.54 -26.16 -31.40
N ARG B 463 -43.05 -26.91 -30.41
CA ARG B 463 -42.66 -26.83 -29.00
C ARG B 463 -43.35 -27.94 -28.24
N GLY B 464 -42.80 -28.25 -27.07
CA GLY B 464 -43.39 -29.26 -26.21
C GLY B 464 -43.62 -28.73 -24.83
N GLY B 465 -44.33 -29.53 -24.03
CA GLY B 465 -44.67 -29.09 -22.68
C GLY B 465 -43.66 -29.58 -21.67
N LYS B 466 -43.21 -28.64 -20.82
CA LYS B 466 -42.33 -28.88 -19.66
C LYS B 466 -40.94 -29.47 -19.97
N LEU B 467 -40.64 -29.67 -21.24
CA LEU B 467 -39.33 -30.12 -21.66
C LEU B 467 -38.92 -29.29 -22.87
N ARG B 468 -39.92 -28.60 -23.43
CA ARG B 468 -39.77 -27.71 -24.60
C ARG B 468 -39.20 -28.49 -25.79
N GLU B 469 -39.98 -29.45 -26.29
CA GLU B 469 -39.47 -30.53 -27.12
C GLU B 469 -40.13 -30.55 -28.49
N THR B 470 -39.32 -30.78 -29.52
CA THR B 470 -39.82 -31.10 -30.85
C THR B 470 -40.54 -32.45 -30.81
N PRO B 471 -41.46 -32.72 -31.75
CA PRO B 471 -42.14 -34.03 -31.72
C PRO B 471 -41.25 -35.20 -32.08
N LEU B 472 -40.09 -34.96 -32.71
CA LEU B 472 -39.09 -36.00 -32.89
C LEU B 472 -38.59 -36.51 -31.54
N HIS B 473 -38.48 -35.60 -30.56
CA HIS B 473 -38.12 -36.00 -29.20
C HIS B 473 -39.22 -36.82 -28.55
N ILE B 474 -40.43 -36.80 -29.09
CA ILE B 474 -41.45 -37.77 -28.74
C ILE B 474 -41.37 -39.01 -29.63
N ALA B 475 -41.02 -38.80 -30.90
CA ALA B 475 -40.96 -39.91 -31.85
C ALA B 475 -39.78 -40.82 -31.56
N ALA B 476 -38.73 -40.28 -30.96
CA ALA B 476 -37.60 -41.11 -30.54
C ALA B 476 -37.71 -41.55 -29.09
N ARG B 477 -38.87 -41.36 -28.46
CA ARG B 477 -39.06 -41.75 -27.07
C ARG B 477 -40.17 -42.79 -26.90
N VAL B 478 -41.21 -42.72 -27.72
CA VAL B 478 -42.29 -43.70 -27.67
C VAL B 478 -41.79 -45.02 -28.27
N LYS B 479 -42.35 -46.13 -27.77
CA LYS B 479 -41.84 -47.45 -28.14
C LYS B 479 -42.17 -47.80 -29.59
N ASP B 480 -43.26 -47.26 -30.13
CA ASP B 480 -43.70 -47.56 -31.49
C ASP B 480 -43.43 -46.41 -32.44
N GLY B 481 -42.30 -45.71 -32.28
CA GLY B 481 -42.06 -44.51 -33.05
C GLY B 481 -41.66 -44.74 -34.49
N ASP B 482 -41.18 -45.95 -34.81
CA ASP B 482 -40.62 -46.23 -36.13
C ASP B 482 -41.65 -46.17 -37.24
N ARG B 483 -42.93 -46.43 -36.92
CA ARG B 483 -43.97 -46.29 -37.92
C ARG B 483 -44.27 -44.81 -38.18
N CYS B 484 -44.02 -43.95 -37.19
CA CYS B 484 -44.45 -42.57 -37.25
C CYS B 484 -43.34 -41.57 -37.56
N ALA B 485 -42.10 -41.82 -37.11
CA ALA B 485 -41.04 -40.83 -37.20
C ALA B 485 -40.63 -40.57 -38.63
N LEU B 486 -40.73 -41.59 -39.50
CA LEU B 486 -40.45 -41.40 -40.92
C LEU B 486 -41.47 -40.45 -41.55
N MET B 487 -42.69 -40.47 -41.03
CA MET B 487 -43.70 -39.54 -41.54
C MET B 487 -43.45 -38.14 -41.01
N LEU B 488 -42.68 -38.02 -39.93
CA LEU B 488 -42.16 -36.71 -39.55
C LEU B 488 -41.04 -36.30 -40.49
N LEU B 489 -40.35 -37.27 -41.07
CA LEU B 489 -39.24 -36.96 -41.97
C LEU B 489 -39.65 -37.04 -43.42
N LYS B 490 -40.79 -37.67 -43.71
CA LYS B 490 -41.41 -37.53 -45.03
C LYS B 490 -41.81 -36.08 -45.28
N SER B 491 -42.36 -35.43 -44.25
CA SER B 491 -42.69 -34.02 -44.38
C SER B 491 -41.53 -33.14 -43.95
N GLY B 492 -40.41 -33.76 -43.60
CA GLY B 492 -39.23 -33.00 -43.25
C GLY B 492 -39.30 -32.53 -41.80
N ALA B 493 -38.23 -32.79 -41.08
CA ALA B 493 -38.14 -32.34 -39.71
C ALA B 493 -36.69 -32.06 -39.37
N SER B 494 -36.42 -31.74 -38.12
CA SER B 494 -35.08 -31.30 -37.75
C SER B 494 -34.43 -32.20 -36.71
N PRO B 495 -33.53 -33.09 -37.14
CA PRO B 495 -32.65 -33.82 -36.21
C PRO B 495 -31.50 -32.94 -35.72
N ASN B 496 -31.37 -31.75 -36.31
CA ASN B 496 -30.42 -30.76 -35.80
C ASN B 496 -31.01 -29.99 -34.63
N LEU B 497 -32.33 -30.08 -34.43
CA LEU B 497 -32.99 -29.30 -33.40
C LEU B 497 -32.73 -29.89 -32.02
N THR B 498 -32.16 -29.07 -31.13
CA THR B 498 -31.84 -29.52 -29.80
C THR B 498 -33.05 -29.39 -28.88
N THR B 499 -32.97 -30.01 -27.70
CA THR B 499 -34.00 -29.88 -26.69
C THR B 499 -33.65 -28.70 -25.78
N ASP B 500 -34.35 -28.59 -24.65
CA ASP B 500 -33.97 -27.60 -23.66
C ASP B 500 -32.65 -27.95 -23.00
N ASP B 501 -32.34 -29.24 -22.89
CA ASP B 501 -31.06 -29.71 -22.38
C ASP B 501 -30.01 -29.88 -23.49
N CYS B 502 -30.23 -29.25 -24.66
CA CYS B 502 -29.30 -29.21 -25.78
C CYS B 502 -28.95 -30.61 -26.29
N LEU B 503 -29.95 -31.31 -26.81
CA LEU B 503 -29.76 -32.66 -27.32
C LEU B 503 -30.71 -32.95 -28.48
N THR B 504 -30.15 -33.56 -29.52
CA THR B 504 -30.87 -33.93 -30.72
C THR B 504 -31.85 -35.08 -30.44
N PRO B 505 -32.78 -35.37 -31.35
CA PRO B 505 -33.54 -36.62 -31.19
C PRO B 505 -32.71 -37.88 -31.40
N VAL B 506 -31.53 -37.76 -32.02
CA VAL B 506 -30.56 -38.85 -32.04
C VAL B 506 -30.18 -39.22 -30.62
N HIS B 507 -30.02 -38.22 -29.76
CA HIS B 507 -29.79 -38.47 -28.34
C HIS B 507 -30.98 -39.13 -27.68
N VAL B 508 -32.20 -38.83 -28.15
CA VAL B 508 -33.39 -39.37 -27.51
C VAL B 508 -33.57 -40.84 -27.87
N ALA B 509 -33.37 -41.18 -29.15
CA ALA B 509 -33.38 -42.58 -29.54
C ALA B 509 -32.17 -43.32 -28.99
N ALA B 510 -31.10 -42.59 -28.67
CA ALA B 510 -29.98 -43.18 -27.94
C ALA B 510 -30.39 -43.51 -26.51
N ARG B 511 -31.23 -42.66 -25.91
CA ARG B 511 -31.68 -42.93 -24.54
C ARG B 511 -32.64 -44.11 -24.49
N HIS B 512 -33.76 -44.01 -25.18
CA HIS B 512 -34.91 -44.85 -24.88
C HIS B 512 -34.91 -46.18 -25.63
N GLY B 513 -33.83 -46.53 -26.31
CA GLY B 513 -33.69 -47.89 -26.82
C GLY B 513 -34.46 -48.18 -28.08
N ASN B 514 -34.74 -47.16 -28.90
CA ASN B 514 -35.51 -47.32 -30.12
C ASN B 514 -34.56 -47.48 -31.31
N LEU B 515 -34.60 -48.65 -31.94
CA LEU B 515 -33.64 -49.04 -32.97
C LEU B 515 -33.95 -48.43 -34.33
N ALA B 516 -35.11 -48.77 -34.89
CA ALA B 516 -35.41 -48.41 -36.27
C ALA B 516 -35.66 -46.92 -36.41
N THR B 517 -36.12 -46.28 -35.34
CA THR B 517 -36.25 -44.83 -35.33
C THR B 517 -34.90 -44.17 -35.48
N LEU B 518 -33.90 -44.69 -34.76
CA LEU B 518 -32.54 -44.16 -34.84
C LEU B 518 -31.93 -44.45 -36.21
N MET B 519 -32.32 -45.58 -36.82
CA MET B 519 -31.91 -45.85 -38.20
C MET B 519 -32.51 -44.83 -39.17
N GLN B 520 -33.76 -44.42 -38.92
CA GLN B 520 -34.37 -43.39 -39.76
C GLN B 520 -33.73 -42.03 -39.51
N LEU B 521 -33.31 -41.75 -38.27
CA LEU B 521 -32.69 -40.48 -37.94
C LEU B 521 -31.32 -40.37 -38.59
N LEU B 522 -30.55 -41.47 -38.58
CA LEU B 522 -29.27 -41.44 -39.26
C LEU B 522 -29.42 -41.51 -40.77
N GLU B 523 -30.52 -42.08 -41.26
CA GLU B 523 -30.77 -42.10 -42.70
C GLU B 523 -31.14 -40.72 -43.22
N ASP B 524 -31.72 -39.88 -42.36
CA ASP B 524 -32.17 -38.55 -42.75
C ASP B 524 -31.15 -37.47 -42.45
N GLU B 525 -29.85 -37.81 -42.52
CA GLU B 525 -28.72 -36.89 -42.35
C GLU B 525 -28.69 -36.27 -40.95
N GLY B 526 -29.26 -36.97 -39.97
CA GLY B 526 -29.02 -36.60 -38.59
C GLY B 526 -27.63 -36.98 -38.15
N ASP B 527 -26.90 -36.00 -37.63
CA ASP B 527 -25.50 -36.21 -37.31
C ASP B 527 -25.37 -36.94 -36.00
N PRO B 528 -24.57 -38.02 -35.93
CA PRO B 528 -24.24 -38.62 -34.63
C PRO B 528 -23.15 -37.87 -33.88
N LEU B 529 -22.60 -36.81 -34.47
CA LEU B 529 -21.46 -36.10 -33.93
C LEU B 529 -21.84 -34.92 -33.04
N TYR B 530 -23.11 -34.82 -32.62
CA TYR B 530 -23.49 -33.71 -31.77
C TYR B 530 -22.97 -33.94 -30.34
N LYS B 531 -23.17 -32.92 -29.51
CA LYS B 531 -22.53 -32.87 -28.20
C LYS B 531 -23.50 -32.17 -27.25
N SER B 532 -23.85 -32.84 -26.16
CA SER B 532 -24.86 -32.33 -25.26
C SER B 532 -24.33 -31.19 -24.40
N ASN B 533 -25.19 -30.70 -23.51
CA ASN B 533 -24.77 -29.66 -22.57
C ASN B 533 -23.73 -30.18 -21.58
N THR B 534 -23.84 -31.46 -21.23
CA THR B 534 -22.82 -32.14 -20.45
C THR B 534 -21.73 -32.77 -21.31
N GLY B 535 -21.61 -32.35 -22.57
CA GLY B 535 -20.60 -32.89 -23.46
C GLY B 535 -20.92 -34.26 -24.01
N GLU B 536 -22.10 -34.80 -23.76
CA GLU B 536 -22.40 -36.18 -24.10
C GLU B 536 -22.74 -36.31 -25.58
N THR B 537 -22.01 -37.18 -26.26
CA THR B 537 -22.42 -37.67 -27.57
C THR B 537 -23.60 -38.62 -27.37
N PRO B 538 -24.35 -38.95 -28.45
CA PRO B 538 -25.35 -40.03 -28.30
C PRO B 538 -24.74 -41.40 -28.07
N LEU B 539 -23.43 -41.56 -28.30
CA LEU B 539 -22.75 -42.79 -27.91
C LEU B 539 -22.69 -42.93 -26.39
N HIS B 540 -22.50 -41.82 -25.68
CA HIS B 540 -22.41 -41.85 -24.22
C HIS B 540 -23.73 -42.28 -23.59
N MET B 541 -24.80 -41.52 -23.86
CA MET B 541 -26.08 -41.84 -23.23
C MET B 541 -26.74 -43.02 -23.92
N ALA B 542 -26.30 -43.37 -25.13
CA ALA B 542 -26.68 -44.66 -25.70
C ALA B 542 -26.05 -45.80 -24.91
N CYS B 543 -24.84 -45.58 -24.41
CA CYS B 543 -24.14 -46.65 -23.71
C CYS B 543 -24.60 -46.77 -22.27
N ARG B 544 -24.95 -45.64 -21.64
CA ARG B 544 -25.40 -45.67 -20.26
C ARG B 544 -26.74 -46.37 -20.10
N ALA B 545 -27.61 -46.30 -21.09
CA ALA B 545 -28.89 -46.99 -21.05
C ALA B 545 -28.77 -48.47 -21.43
N CYS B 546 -27.56 -48.94 -21.73
CA CYS B 546 -27.20 -50.32 -22.04
C CYS B 546 -27.97 -50.88 -23.24
N HIS B 547 -27.74 -50.37 -24.44
CA HIS B 547 -28.36 -50.92 -25.63
C HIS B 547 -27.29 -51.31 -26.64
N PRO B 548 -27.15 -52.59 -26.96
CA PRO B 548 -26.01 -53.04 -27.78
C PRO B 548 -26.12 -52.67 -29.26
N ASP B 549 -27.30 -52.83 -29.84
CA ASP B 549 -27.45 -52.63 -31.28
C ASP B 549 -27.42 -51.15 -31.65
N ILE B 550 -27.75 -50.28 -30.69
CA ILE B 550 -27.64 -48.84 -30.93
C ILE B 550 -26.18 -48.42 -30.97
N VAL B 551 -25.40 -48.86 -29.98
CA VAL B 551 -23.97 -48.56 -29.93
C VAL B 551 -23.26 -49.13 -31.15
N ARG B 552 -23.56 -50.39 -31.47
CA ARG B 552 -23.15 -51.08 -32.69
C ARG B 552 -23.45 -50.25 -33.94
N HIS B 553 -24.68 -49.78 -34.05
CA HIS B 553 -25.10 -49.06 -35.25
C HIS B 553 -24.44 -47.69 -35.34
N LEU B 554 -24.24 -47.04 -34.19
CA LEU B 554 -23.59 -45.73 -34.18
C LEU B 554 -22.13 -45.82 -34.60
N ILE B 555 -21.42 -46.83 -34.10
CA ILE B 555 -20.02 -47.00 -34.50
C ILE B 555 -19.94 -47.44 -35.96
N GLU B 556 -20.93 -48.21 -36.43
CA GLU B 556 -20.96 -48.57 -37.85
C GLU B 556 -21.28 -47.39 -38.75
N THR B 557 -21.94 -46.35 -38.25
CA THR B 557 -22.19 -45.19 -39.09
C THR B 557 -21.03 -44.19 -39.04
N VAL B 558 -20.46 -43.96 -37.85
CA VAL B 558 -19.34 -43.02 -37.73
C VAL B 558 -18.10 -43.60 -38.40
N LYS B 559 -17.96 -44.94 -38.40
CA LYS B 559 -16.87 -45.59 -39.10
C LYS B 559 -16.94 -45.37 -40.60
N GLU B 560 -18.14 -45.26 -41.16
CA GLU B 560 -18.28 -44.98 -42.58
C GLU B 560 -18.13 -43.50 -42.88
N LYS B 561 -19.01 -42.67 -42.30
CA LYS B 561 -19.14 -41.29 -42.73
C LYS B 561 -18.06 -40.36 -42.19
N HIS B 562 -17.14 -40.86 -41.36
CA HIS B 562 -16.03 -40.05 -40.92
C HIS B 562 -14.71 -40.82 -40.90
N GLY B 563 -14.71 -42.09 -41.30
CA GLY B 563 -13.51 -42.89 -41.27
C GLY B 563 -13.32 -43.56 -39.93
N PRO B 564 -12.54 -44.66 -39.91
CA PRO B 564 -12.32 -45.39 -38.66
C PRO B 564 -11.46 -44.64 -37.66
N ASP B 565 -10.63 -43.71 -38.10
CA ASP B 565 -9.83 -42.91 -37.17
C ASP B 565 -10.73 -41.96 -36.37
N LYS B 566 -11.63 -41.26 -37.07
CA LYS B 566 -12.60 -40.41 -36.40
C LYS B 566 -13.65 -41.24 -35.67
N ALA B 567 -13.79 -42.52 -36.04
CA ALA B 567 -14.59 -43.42 -35.22
C ALA B 567 -13.90 -43.72 -33.89
N THR B 568 -12.57 -43.88 -33.91
CA THR B 568 -11.84 -44.13 -32.67
C THR B 568 -11.83 -42.89 -31.78
N THR B 569 -11.68 -41.71 -32.38
CA THR B 569 -11.78 -40.50 -31.58
C THR B 569 -13.24 -40.20 -31.19
N TYR B 570 -14.20 -40.76 -31.91
CA TYR B 570 -15.60 -40.62 -31.53
C TYR B 570 -15.94 -41.51 -30.34
N ILE B 571 -15.35 -42.70 -30.28
CA ILE B 571 -15.49 -43.55 -29.10
C ILE B 571 -14.81 -42.90 -27.91
N ASN B 572 -13.62 -42.38 -28.13
CA ASN B 572 -12.85 -41.72 -27.10
C ASN B 572 -13.18 -40.24 -26.96
N SER B 573 -14.32 -39.81 -27.49
CA SER B 573 -14.82 -38.47 -27.27
C SER B 573 -15.13 -38.27 -25.79
N VAL B 574 -14.96 -37.02 -25.35
CA VAL B 574 -14.87 -36.71 -23.93
C VAL B 574 -15.99 -35.76 -23.57
N ASN B 575 -16.86 -36.19 -22.65
CA ASN B 575 -17.93 -35.33 -22.15
C ASN B 575 -17.40 -34.38 -21.09
N GLU B 576 -18.32 -33.69 -20.42
CA GLU B 576 -17.93 -32.84 -19.31
C GLU B 576 -17.43 -33.70 -18.15
N ASP B 577 -16.53 -33.09 -17.35
CA ASP B 577 -15.77 -33.76 -16.28
C ASP B 577 -14.99 -34.97 -16.79
N GLY B 578 -14.48 -34.88 -18.02
CA GLY B 578 -13.54 -35.87 -18.52
C GLY B 578 -14.13 -37.21 -18.89
N ALA B 579 -15.45 -37.34 -18.93
CA ALA B 579 -16.13 -38.62 -19.11
C ALA B 579 -16.11 -39.03 -20.57
N THR B 580 -15.60 -40.23 -20.84
CA THR B 580 -15.71 -40.86 -22.14
C THR B 580 -16.84 -41.88 -22.11
N ALA B 581 -17.05 -42.58 -23.23
CA ALA B 581 -18.10 -43.58 -23.30
C ALA B 581 -17.75 -44.83 -22.51
N LEU B 582 -16.46 -45.10 -22.33
CA LEU B 582 -16.04 -46.21 -21.47
C LEU B 582 -16.41 -45.97 -20.02
N HIS B 583 -16.49 -44.70 -19.61
CA HIS B 583 -16.97 -44.36 -18.29
C HIS B 583 -18.46 -44.67 -18.17
N TYR B 584 -19.22 -44.45 -19.24
CA TYR B 584 -20.65 -44.75 -19.20
C TYR B 584 -20.94 -46.21 -19.49
N THR B 585 -19.93 -47.01 -19.85
CA THR B 585 -20.12 -48.46 -19.81
C THR B 585 -20.36 -48.94 -18.38
N CYS B 586 -19.47 -48.55 -17.48
CA CYS B 586 -19.23 -49.33 -16.27
C CYS B 586 -20.23 -48.98 -15.18
N GLN B 587 -20.93 -47.87 -15.34
CA GLN B 587 -21.75 -47.36 -14.25
C GLN B 587 -23.08 -48.10 -14.13
N ILE B 588 -23.39 -48.96 -15.11
CA ILE B 588 -24.62 -49.75 -15.02
C ILE B 588 -24.40 -50.89 -14.05
N THR B 589 -25.50 -51.44 -13.52
CA THR B 589 -25.44 -52.45 -12.49
C THR B 589 -26.05 -53.75 -12.97
N LYS B 590 -25.98 -54.77 -12.11
CA LYS B 590 -26.54 -56.07 -12.47
C LYS B 590 -28.03 -56.14 -12.19
N GLU B 591 -28.59 -55.10 -11.59
CA GLU B 591 -30.04 -55.05 -11.41
C GLU B 591 -30.70 -54.30 -12.56
N GLU B 592 -30.07 -53.21 -13.02
CA GLU B 592 -30.66 -52.42 -14.09
C GLU B 592 -30.12 -52.82 -15.45
N VAL B 593 -29.67 -54.06 -15.60
CA VAL B 593 -29.13 -54.49 -16.89
C VAL B 593 -30.22 -55.07 -17.79
N LYS B 594 -31.07 -55.95 -17.25
CA LYS B 594 -32.34 -56.47 -17.76
C LYS B 594 -32.25 -57.16 -19.13
N ILE B 595 -31.06 -57.27 -19.71
CA ILE B 595 -30.77 -58.04 -20.92
C ILE B 595 -29.47 -58.77 -20.62
N PRO B 596 -29.41 -60.12 -20.75
CA PRO B 596 -28.34 -60.90 -20.13
C PRO B 596 -26.90 -60.60 -20.54
N GLU B 597 -26.58 -60.68 -21.83
CA GLU B 597 -25.20 -60.51 -22.25
C GLU B 597 -24.99 -59.18 -22.98
N SER B 598 -25.72 -58.15 -22.56
CA SER B 598 -25.67 -56.87 -23.26
C SER B 598 -24.42 -56.07 -22.97
N ASP B 599 -24.06 -55.94 -21.69
CA ASP B 599 -22.96 -55.06 -21.29
C ASP B 599 -21.62 -55.59 -21.79
N LYS B 600 -21.47 -56.91 -21.82
CA LYS B 600 -20.24 -57.54 -22.30
C LYS B 600 -20.02 -57.24 -23.78
N GLN B 601 -21.06 -57.34 -24.59
CA GLN B 601 -20.89 -57.11 -26.02
C GLN B 601 -20.84 -55.62 -26.34
N ILE B 602 -21.39 -54.77 -25.47
CA ILE B 602 -21.15 -53.33 -25.61
C ILE B 602 -19.67 -53.03 -25.39
N VAL B 603 -19.08 -53.62 -24.36
CA VAL B 603 -17.66 -53.44 -24.10
C VAL B 603 -16.82 -54.06 -25.22
N ARG B 604 -17.30 -55.14 -25.83
CA ARG B 604 -16.61 -55.69 -27.00
C ARG B 604 -16.68 -54.74 -28.19
N MET B 605 -17.84 -54.10 -28.39
CA MET B 605 -17.96 -53.17 -29.52
C MET B 605 -17.16 -51.89 -29.29
N LEU B 606 -16.90 -51.54 -28.04
CA LEU B 606 -16.15 -50.31 -27.79
C LEU B 606 -14.65 -50.55 -27.75
N LEU B 607 -14.22 -51.67 -27.14
CA LEU B 607 -12.80 -51.98 -27.12
C LEU B 607 -12.32 -52.45 -28.49
N GLU B 608 -13.15 -53.23 -29.20
CA GLU B 608 -12.75 -53.80 -30.47
C GLU B 608 -12.65 -52.73 -31.57
N ASN B 609 -13.39 -51.64 -31.45
CA ASN B 609 -13.38 -50.59 -32.46
C ASN B 609 -12.47 -49.44 -32.08
N GLY B 610 -11.52 -49.67 -31.19
CA GLY B 610 -10.61 -48.64 -30.76
C GLY B 610 -11.08 -47.96 -29.49
N ALA B 611 -10.16 -47.84 -28.52
CA ALA B 611 -10.49 -47.27 -27.23
C ALA B 611 -9.25 -46.63 -26.63
N ASP B 612 -9.47 -45.82 -25.59
CA ASP B 612 -8.41 -45.18 -24.82
C ASP B 612 -8.42 -45.65 -23.37
N VAL B 613 -8.40 -46.98 -23.19
CA VAL B 613 -8.89 -47.77 -22.06
C VAL B 613 -8.63 -47.16 -20.68
N THR B 614 -7.48 -46.51 -20.50
CA THR B 614 -7.30 -45.70 -19.30
C THR B 614 -8.24 -44.50 -19.32
N LEU B 615 -7.92 -43.50 -20.14
CA LEU B 615 -8.58 -42.19 -20.23
C LEU B 615 -8.88 -41.61 -18.86
N GLN B 616 -7.84 -41.29 -18.12
CA GLN B 616 -7.89 -40.53 -16.87
C GLN B 616 -8.79 -39.31 -16.96
N THR B 617 -9.82 -39.23 -16.10
CA THR B 617 -10.85 -38.21 -16.24
C THR B 617 -10.31 -36.86 -15.77
N LYS B 618 -11.09 -35.80 -16.00
CA LYS B 618 -10.59 -34.44 -15.77
C LYS B 618 -10.57 -34.10 -14.29
N THR B 619 -11.74 -34.10 -13.66
CA THR B 619 -11.88 -33.60 -12.28
C THR B 619 -11.44 -34.63 -11.25
N ALA B 620 -12.11 -35.78 -11.21
CA ALA B 620 -11.97 -36.73 -10.11
C ALA B 620 -10.88 -37.77 -10.34
N LEU B 621 -10.08 -37.62 -11.39
CA LEU B 621 -8.80 -38.28 -11.67
C LEU B 621 -8.96 -39.75 -12.02
N GLU B 622 -10.15 -40.34 -11.84
CA GLU B 622 -10.36 -41.78 -11.89
C GLU B 622 -10.60 -42.22 -13.33
N THR B 623 -10.07 -43.38 -13.68
CA THR B 623 -10.35 -43.95 -14.99
C THR B 623 -11.69 -44.68 -14.99
N ALA B 624 -12.05 -45.21 -16.15
CA ALA B 624 -13.34 -45.90 -16.29
C ALA B 624 -13.31 -47.25 -15.60
N PHE B 625 -12.11 -47.74 -15.32
CA PHE B 625 -11.92 -48.99 -14.60
C PHE B 625 -12.46 -48.88 -13.17
N HIS B 626 -12.23 -47.71 -12.52
CA HIS B 626 -12.71 -47.45 -11.17
C HIS B 626 -14.22 -47.55 -11.06
N TYR B 627 -14.92 -47.16 -12.12
CA TYR B 627 -16.38 -47.18 -12.09
C TYR B 627 -16.91 -48.61 -12.07
N CYS B 628 -16.13 -49.56 -12.60
CA CYS B 628 -16.45 -50.98 -12.46
C CYS B 628 -16.64 -51.37 -11.01
N ALA B 629 -15.65 -51.04 -10.18
CA ALA B 629 -15.68 -51.28 -8.75
C ALA B 629 -16.76 -50.45 -8.06
N VAL B 630 -17.23 -49.38 -8.72
CA VAL B 630 -18.35 -48.63 -8.16
C VAL B 630 -19.62 -49.46 -8.26
N ALA B 631 -19.84 -50.12 -9.39
CA ALA B 631 -21.17 -50.61 -9.72
C ALA B 631 -21.43 -52.05 -9.30
N GLY B 632 -20.64 -52.99 -9.82
CA GLY B 632 -20.95 -54.39 -9.62
C GLY B 632 -21.33 -55.15 -10.88
N ASN B 633 -21.47 -54.48 -12.02
CA ASN B 633 -21.56 -55.16 -13.30
C ASN B 633 -20.21 -55.70 -13.75
N ASN B 634 -19.15 -55.37 -13.03
CA ASN B 634 -17.83 -55.98 -13.11
C ASN B 634 -17.78 -57.41 -12.57
N ASP B 635 -18.92 -58.01 -12.22
CA ASP B 635 -18.99 -59.47 -12.29
C ASP B 635 -18.74 -59.94 -13.71
N VAL B 636 -19.13 -59.16 -14.71
CA VAL B 636 -18.90 -59.47 -16.12
C VAL B 636 -17.85 -58.52 -16.71
N LEU B 637 -17.99 -57.22 -16.41
CA LEU B 637 -17.24 -56.21 -17.16
C LEU B 637 -15.77 -56.18 -16.77
N MET B 638 -15.44 -56.64 -15.56
CA MET B 638 -14.04 -56.71 -15.15
C MET B 638 -13.30 -57.76 -15.97
N GLU B 639 -13.98 -58.87 -16.29
CA GLU B 639 -13.42 -59.83 -17.21
C GLU B 639 -13.24 -59.22 -18.59
N MET B 640 -14.30 -58.60 -19.12
CA MET B 640 -14.33 -58.15 -20.52
C MET B 640 -13.31 -57.05 -20.78
N ILE B 641 -13.15 -56.12 -19.84
CA ILE B 641 -12.08 -55.14 -19.95
C ILE B 641 -10.74 -55.80 -19.65
N SER B 642 -10.76 -56.84 -18.80
CA SER B 642 -9.51 -57.46 -18.38
C SER B 642 -9.04 -58.54 -19.36
N HIS B 643 -9.66 -58.63 -20.54
CA HIS B 643 -9.14 -59.57 -21.54
C HIS B 643 -8.14 -58.92 -22.47
N MET B 644 -8.42 -57.69 -22.91
CA MET B 644 -7.71 -57.17 -24.09
C MET B 644 -6.51 -56.33 -23.70
N ASN B 645 -5.86 -56.64 -22.59
CA ASN B 645 -4.60 -56.01 -22.20
C ASN B 645 -3.66 -57.07 -21.64
N PRO B 646 -2.44 -57.19 -22.14
CA PRO B 646 -1.56 -58.29 -21.71
C PRO B 646 -1.00 -58.15 -20.29
N THR B 647 -0.42 -56.98 -19.98
CA THR B 647 0.21 -56.80 -18.68
C THR B 647 -0.17 -55.45 -18.08
N ASP B 648 -0.57 -54.50 -18.93
CA ASP B 648 -0.86 -53.14 -18.49
C ASP B 648 -2.16 -53.05 -17.69
N ILE B 649 -2.89 -54.17 -17.59
CA ILE B 649 -3.90 -54.38 -16.56
C ILE B 649 -3.37 -53.95 -15.19
N GLN B 650 -2.16 -54.40 -14.84
CA GLN B 650 -1.54 -53.96 -13.59
C GLN B 650 -1.27 -52.46 -13.61
N LYS B 651 -0.89 -51.93 -14.79
CA LYS B 651 -0.73 -50.48 -14.92
C LYS B 651 -2.07 -49.77 -14.79
N ALA B 652 -3.16 -50.46 -15.11
CA ALA B 652 -4.48 -49.92 -14.82
C ALA B 652 -4.81 -50.07 -13.34
N MET B 653 -4.34 -51.15 -12.71
CA MET B 653 -4.78 -51.44 -11.35
C MET B 653 -3.91 -50.75 -10.30
N ASN B 654 -2.78 -50.19 -10.71
CA ASN B 654 -1.88 -49.61 -9.73
C ASN B 654 -2.03 -48.09 -9.67
N ARG B 655 -2.98 -47.55 -10.42
CA ARG B 655 -3.17 -46.11 -10.41
C ARG B 655 -4.18 -45.72 -9.34
N GLN B 656 -4.08 -44.48 -8.87
CA GLN B 656 -4.93 -44.03 -7.79
C GLN B 656 -5.84 -42.90 -8.25
N SER B 657 -6.96 -42.74 -7.54
CA SER B 657 -7.96 -41.73 -7.84
C SER B 657 -7.50 -40.38 -7.29
N SER B 658 -8.40 -39.41 -7.36
CA SER B 658 -8.15 -38.09 -6.77
C SER B 658 -8.13 -38.21 -5.25
N VAL B 659 -9.01 -39.05 -4.74
CA VAL B 659 -8.93 -39.47 -3.34
C VAL B 659 -7.66 -40.25 -3.10
N GLY B 660 -7.28 -41.10 -4.05
CA GLY B 660 -6.13 -41.95 -3.91
C GLY B 660 -6.55 -43.41 -3.95
N TRP B 661 -7.71 -43.65 -4.55
CA TRP B 661 -8.29 -44.99 -4.51
C TRP B 661 -7.96 -45.79 -5.77
N THR B 662 -7.65 -47.05 -5.56
CA THR B 662 -7.55 -48.07 -6.58
C THR B 662 -8.90 -48.78 -6.62
N PRO B 663 -9.25 -49.52 -7.69
CA PRO B 663 -10.51 -50.29 -7.65
C PRO B 663 -10.58 -51.37 -6.59
N LEU B 664 -9.45 -51.80 -6.02
CA LEU B 664 -9.53 -52.59 -4.79
C LEU B 664 -10.14 -51.80 -3.66
N LEU B 665 -9.81 -50.51 -3.57
CA LEU B 665 -10.33 -49.70 -2.48
C LEU B 665 -11.81 -49.40 -2.67
N ILE B 666 -12.27 -49.31 -3.91
CA ILE B 666 -13.67 -49.01 -4.17
C ILE B 666 -14.51 -50.28 -4.04
N ALA B 667 -14.03 -51.39 -4.62
CA ALA B 667 -14.76 -52.65 -4.55
C ALA B 667 -14.77 -53.21 -3.14
N CYS B 668 -13.64 -53.12 -2.44
CA CYS B 668 -13.61 -53.50 -1.03
C CYS B 668 -14.33 -52.47 -0.17
N HIS B 669 -14.46 -51.25 -0.66
CA HIS B 669 -15.29 -50.25 0.03
C HIS B 669 -16.78 -50.54 -0.11
N ARG B 670 -17.20 -51.19 -1.19
CA ARG B 670 -18.61 -51.52 -1.39
C ARG B 670 -18.97 -52.93 -0.97
N GLY B 671 -18.10 -53.89 -1.20
CA GLY B 671 -18.36 -55.25 -0.78
C GLY B 671 -18.81 -56.18 -1.89
N HIS B 672 -18.43 -55.86 -3.13
CA HIS B 672 -18.71 -56.75 -4.26
C HIS B 672 -17.70 -57.88 -4.18
N MET B 673 -18.11 -58.98 -3.52
CA MET B 673 -17.18 -60.00 -3.08
C MET B 673 -16.56 -60.76 -4.24
N GLU B 674 -17.39 -61.16 -5.21
CA GLU B 674 -16.88 -61.86 -6.39
C GLU B 674 -16.00 -60.97 -7.24
N LEU B 675 -16.24 -59.65 -7.20
CA LEU B 675 -15.36 -58.71 -7.88
C LEU B 675 -14.00 -58.62 -7.18
N VAL B 676 -14.01 -58.71 -5.84
CA VAL B 676 -12.73 -58.74 -5.11
C VAL B 676 -11.98 -60.02 -5.43
N ASN B 677 -12.70 -61.14 -5.57
CA ASN B 677 -12.09 -62.37 -6.04
C ASN B 677 -11.59 -62.25 -7.48
N ASN B 678 -12.22 -61.41 -8.29
CA ASN B 678 -11.73 -61.17 -9.65
C ASN B 678 -10.48 -60.31 -9.67
N LEU B 679 -10.41 -59.29 -8.82
CA LEU B 679 -9.27 -58.38 -8.81
C LEU B 679 -8.04 -59.03 -8.17
N LEU B 680 -8.24 -59.86 -7.15
CA LEU B 680 -7.09 -60.50 -6.52
C LEU B 680 -6.59 -61.67 -7.34
N ALA B 681 -7.47 -62.32 -8.12
CA ALA B 681 -6.99 -63.27 -9.11
C ALA B 681 -6.27 -62.55 -10.24
N ASN B 682 -6.59 -61.27 -10.46
CA ASN B 682 -5.86 -60.46 -11.43
C ASN B 682 -4.75 -59.68 -10.73
N HIS B 683 -4.34 -60.13 -9.54
CA HIS B 683 -3.07 -59.80 -8.84
C HIS B 683 -2.83 -58.29 -8.67
N ALA B 684 -3.86 -57.55 -8.29
CA ALA B 684 -3.64 -56.16 -7.93
C ALA B 684 -3.01 -56.06 -6.54
N ARG B 685 -2.21 -55.02 -6.35
CA ARG B 685 -1.42 -54.84 -5.14
C ARG B 685 -2.31 -54.39 -4.00
N VAL B 686 -2.26 -55.12 -2.89
CA VAL B 686 -3.09 -54.83 -1.73
C VAL B 686 -2.51 -53.69 -0.90
N ASP B 687 -1.24 -53.35 -1.13
CA ASP B 687 -0.54 -52.34 -0.32
C ASP B 687 -0.73 -50.93 -0.85
N VAL B 688 -1.84 -50.64 -1.53
CA VAL B 688 -2.17 -49.29 -1.92
C VAL B 688 -2.66 -48.52 -0.71
N PHE B 689 -2.53 -47.19 -0.76
CA PHE B 689 -2.96 -46.34 0.33
C PHE B 689 -3.62 -45.09 -0.23
N ASP B 690 -4.66 -44.62 0.44
CA ASP B 690 -5.38 -43.43 0.01
C ASP B 690 -4.70 -42.19 0.58
N THR B 691 -5.37 -41.04 0.48
CA THR B 691 -4.85 -39.83 1.10
C THR B 691 -4.97 -39.89 2.61
N GLU B 692 -5.91 -40.68 3.12
CA GLU B 692 -6.05 -40.88 4.57
C GLU B 692 -5.21 -42.02 5.10
N GLY B 693 -4.26 -42.53 4.31
CA GLY B 693 -3.40 -43.60 4.76
C GLY B 693 -4.10 -44.91 5.01
N ARG B 694 -5.13 -45.21 4.25
CA ARG B 694 -5.98 -46.36 4.55
C ARG B 694 -5.79 -47.45 3.49
N SER B 695 -5.93 -48.69 3.93
CA SER B 695 -5.87 -49.84 3.05
C SER B 695 -7.27 -50.41 2.89
N ALA B 696 -7.37 -51.50 2.13
CA ALA B 696 -8.67 -52.11 1.86
C ALA B 696 -9.23 -52.81 3.08
N LEU B 697 -8.35 -53.22 4.00
CA LEU B 697 -8.82 -53.74 5.29
C LEU B 697 -9.49 -52.65 6.12
N HIS B 698 -9.06 -51.40 5.96
CA HIS B 698 -9.68 -50.34 6.73
C HIS B 698 -11.01 -49.92 6.12
N LEU B 699 -11.15 -50.03 4.80
CA LEU B 699 -12.42 -49.70 4.18
C LEU B 699 -13.44 -50.80 4.39
N ALA B 700 -13.06 -52.05 4.09
CA ALA B 700 -13.96 -53.18 4.28
C ALA B 700 -14.23 -53.43 5.75
N ALA B 701 -13.25 -53.16 6.61
CA ALA B 701 -13.50 -53.23 8.04
C ALA B 701 -14.34 -52.06 8.52
N GLU B 702 -14.27 -50.93 7.81
CA GLU B 702 -15.10 -49.79 8.18
C GLU B 702 -16.56 -50.03 7.83
N ARG B 703 -16.83 -50.68 6.69
CA ARG B 703 -18.19 -51.04 6.32
C ARG B 703 -18.59 -52.42 6.81
N GLY B 704 -17.67 -53.20 7.33
CA GLY B 704 -18.00 -54.48 7.93
C GLY B 704 -18.43 -55.58 6.99
N TYR B 705 -17.51 -56.06 6.16
CA TYR B 705 -17.76 -57.21 5.30
C TYR B 705 -16.80 -58.33 5.64
N LEU B 706 -17.34 -59.52 5.88
CA LEU B 706 -16.51 -60.64 6.33
C LEU B 706 -15.66 -61.20 5.20
N HIS B 707 -16.30 -61.65 4.12
CA HIS B 707 -15.59 -62.39 3.08
C HIS B 707 -14.74 -61.49 2.20
N VAL B 708 -14.96 -60.18 2.25
CA VAL B 708 -14.07 -59.25 1.57
C VAL B 708 -12.72 -59.21 2.29
N CYS B 709 -12.76 -59.10 3.62
CA CYS B 709 -11.54 -59.14 4.41
C CYS B 709 -10.89 -60.51 4.38
N ASP B 710 -11.70 -61.56 4.32
CA ASP B 710 -11.18 -62.92 4.15
C ASP B 710 -10.48 -63.05 2.81
N ALA B 711 -11.05 -62.47 1.75
CA ALA B 711 -10.42 -62.50 0.44
C ALA B 711 -9.14 -61.68 0.42
N LEU B 712 -9.09 -60.60 1.19
CA LEU B 712 -7.85 -59.82 1.31
C LEU B 712 -6.77 -60.61 2.00
N LEU B 713 -7.10 -61.24 3.13
CA LEU B 713 -6.11 -61.98 3.90
C LEU B 713 -5.68 -63.28 3.25
N THR B 714 -6.48 -63.84 2.34
CA THR B 714 -5.96 -64.89 1.48
C THR B 714 -4.94 -64.35 0.48
N ASN B 715 -5.08 -63.09 0.07
CA ASN B 715 -4.16 -62.44 -0.87
C ASN B 715 -3.01 -61.73 -0.18
N LYS B 716 -2.63 -62.20 1.01
CA LYS B 716 -1.48 -61.70 1.78
C LYS B 716 -1.62 -60.23 2.15
N ALA B 717 -2.81 -59.84 2.59
CA ALA B 717 -2.98 -58.51 3.15
C ALA B 717 -2.32 -58.43 4.51
N PHE B 718 -2.02 -57.21 4.93
CA PHE B 718 -1.32 -56.96 6.19
C PHE B 718 -2.30 -56.41 7.21
N ILE B 719 -2.70 -57.25 8.18
CA ILE B 719 -3.41 -56.73 9.34
C ILE B 719 -2.43 -55.99 10.22
N ASN B 720 -2.99 -55.22 11.17
CA ASN B 720 -2.28 -54.23 11.98
C ASN B 720 -1.55 -53.20 11.12
N SER B 721 -2.15 -52.81 10.00
CA SER B 721 -1.74 -51.58 9.34
C SER B 721 -2.46 -50.40 9.97
N LYS B 722 -1.93 -49.20 9.75
CA LYS B 722 -2.45 -48.04 10.46
C LYS B 722 -2.72 -46.89 9.51
N SER B 723 -3.65 -46.03 9.90
CA SER B 723 -4.03 -44.87 9.11
C SER B 723 -3.24 -43.64 9.58
N ARG B 724 -3.66 -42.46 9.13
CA ARG B 724 -3.09 -41.22 9.62
C ARG B 724 -3.38 -41.02 11.10
N VAL B 725 -4.52 -41.51 11.57
CA VAL B 725 -4.85 -41.54 12.98
C VAL B 725 -4.23 -42.75 13.66
N GLY B 726 -3.61 -43.64 12.89
CA GLY B 726 -3.06 -44.85 13.45
C GLY B 726 -4.07 -45.93 13.71
N ARG B 727 -5.27 -45.82 13.13
CA ARG B 727 -6.34 -46.77 13.39
C ARG B 727 -6.05 -48.08 12.67
N THR B 728 -6.18 -49.19 13.38
CA THR B 728 -6.11 -50.49 12.74
C THR B 728 -7.49 -50.89 12.23
N ALA B 729 -7.55 -52.08 11.61
CA ALA B 729 -8.84 -52.61 11.17
C ALA B 729 -9.69 -53.02 12.36
N LEU B 730 -9.05 -53.47 13.44
CA LEU B 730 -9.76 -53.78 14.67
C LEU B 730 -10.35 -52.52 15.30
N HIS B 731 -9.68 -51.38 15.12
CA HIS B 731 -10.21 -50.12 15.62
C HIS B 731 -11.49 -49.73 14.89
N LEU B 732 -11.53 -49.96 13.59
CA LEU B 732 -12.70 -49.55 12.83
C LEU B 732 -13.85 -50.54 13.00
N ALA B 733 -13.53 -51.83 13.10
CA ALA B 733 -14.56 -52.84 13.34
C ALA B 733 -15.13 -52.70 14.73
N ALA B 734 -14.29 -52.34 15.69
CA ALA B 734 -14.78 -52.03 17.03
C ALA B 734 -15.50 -50.69 17.06
N MET B 735 -15.18 -49.78 16.14
CA MET B 735 -15.88 -48.51 16.09
C MET B 735 -17.28 -48.67 15.51
N ASN B 736 -17.46 -49.57 14.56
CA ASN B 736 -18.67 -49.58 13.75
C ASN B 736 -19.52 -50.83 13.98
N GLY B 737 -19.22 -51.65 14.99
CA GLY B 737 -20.12 -52.71 15.39
C GLY B 737 -20.21 -53.90 14.47
N PHE B 738 -19.12 -54.66 14.34
CA PHE B 738 -19.14 -55.88 13.54
C PHE B 738 -18.43 -56.96 14.36
N THR B 739 -19.20 -57.67 15.18
CA THR B 739 -18.62 -58.62 16.12
C THR B 739 -18.03 -59.83 15.41
N HIS B 740 -18.62 -60.23 14.29
CA HIS B 740 -18.08 -61.35 13.53
C HIS B 740 -16.76 -60.98 12.88
N LEU B 741 -16.58 -59.70 12.56
CA LEU B 741 -15.32 -59.26 11.97
C LEU B 741 -14.25 -59.14 13.05
N VAL B 742 -14.65 -58.82 14.28
CA VAL B 742 -13.70 -58.75 15.39
C VAL B 742 -13.24 -60.15 15.77
N LYS B 743 -14.19 -61.09 15.87
CA LYS B 743 -13.84 -62.51 16.09
C LYS B 743 -13.02 -63.06 14.93
N PHE B 744 -13.29 -62.56 13.72
CA PHE B 744 -12.57 -63.03 12.55
C PHE B 744 -11.12 -62.54 12.58
N LEU B 745 -10.91 -61.29 12.98
CA LEU B 745 -9.55 -60.75 13.04
C LEU B 745 -8.76 -61.38 14.18
N ILE B 746 -9.29 -61.24 15.41
CA ILE B 746 -8.53 -61.66 16.59
C ILE B 746 -8.45 -63.18 16.67
N LYS B 747 -9.57 -63.86 16.43
CA LYS B 747 -9.56 -65.31 16.48
C LYS B 747 -8.95 -65.90 15.20
N ASP B 748 -9.45 -65.47 14.05
CA ASP B 748 -9.08 -66.14 12.80
C ASP B 748 -7.71 -65.72 12.31
N HIS B 749 -7.21 -64.55 12.71
CA HIS B 749 -5.97 -64.05 12.12
C HIS B 749 -5.01 -63.44 13.12
N ASN B 750 -5.27 -63.61 14.44
CA ASN B 750 -4.34 -63.28 15.52
C ASN B 750 -3.95 -61.80 15.53
N ALA B 751 -4.91 -60.92 15.25
CA ALA B 751 -4.66 -59.49 15.36
C ALA B 751 -4.49 -59.09 16.82
N VAL B 752 -3.59 -58.13 17.04
CA VAL B 752 -3.25 -57.68 18.38
C VAL B 752 -4.42 -56.89 18.93
N ILE B 753 -4.73 -57.09 20.21
CA ILE B 753 -5.92 -56.52 20.81
C ILE B 753 -5.67 -55.09 21.26
N ASP B 754 -4.51 -54.85 21.87
CA ASP B 754 -4.24 -53.61 22.57
C ASP B 754 -3.49 -52.60 21.70
N ILE B 755 -3.82 -52.55 20.40
CA ILE B 755 -3.17 -51.62 19.50
C ILE B 755 -3.57 -50.18 19.84
N LEU B 756 -2.58 -49.32 19.99
CA LEU B 756 -2.79 -47.92 20.29
C LEU B 756 -2.88 -47.11 19.01
N THR B 757 -3.67 -46.04 19.04
CA THR B 757 -3.75 -45.11 17.92
C THR B 757 -2.62 -44.09 18.02
N LEU B 758 -2.71 -43.04 17.19
CA LEU B 758 -1.84 -41.88 17.37
C LEU B 758 -2.24 -41.11 18.63
N ARG B 759 -3.50 -41.21 19.02
CA ARG B 759 -3.97 -40.71 20.30
C ARG B 759 -3.87 -41.75 21.41
N LYS B 760 -3.15 -42.84 21.15
CA LYS B 760 -2.84 -43.91 22.11
C LYS B 760 -4.11 -44.55 22.67
N GLN B 761 -4.91 -45.07 21.75
CA GLN B 761 -6.23 -45.59 22.11
C GLN B 761 -6.35 -47.05 21.72
N THR B 762 -6.62 -47.90 22.70
CA THR B 762 -7.03 -49.27 22.45
C THR B 762 -8.46 -49.28 21.91
N PRO B 763 -8.85 -50.29 21.13
CA PRO B 763 -10.21 -50.31 20.59
C PRO B 763 -11.29 -50.65 21.60
N LEU B 764 -10.98 -50.89 22.87
CA LEU B 764 -12.04 -51.07 23.84
C LEU B 764 -12.69 -49.74 24.20
N HIS B 765 -11.91 -48.67 24.34
CA HIS B 765 -12.52 -47.36 24.59
C HIS B 765 -12.63 -46.51 23.34
N LEU B 766 -11.95 -46.88 22.25
CA LEU B 766 -12.37 -46.36 20.96
C LEU B 766 -13.65 -47.04 20.52
N ALA B 767 -13.89 -48.26 21.00
CA ALA B 767 -15.20 -48.88 20.82
C ALA B 767 -16.22 -48.26 21.76
N ALA B 768 -15.81 -47.91 22.97
CA ALA B 768 -16.73 -47.24 23.90
C ALA B 768 -16.93 -45.78 23.53
N ALA B 769 -16.10 -45.25 22.62
CA ALA B 769 -16.32 -43.91 22.11
C ALA B 769 -17.61 -43.85 21.29
N SER B 770 -17.81 -44.79 20.38
CA SER B 770 -19.07 -44.87 19.65
C SER B 770 -20.13 -45.55 20.49
N GLY B 771 -19.73 -46.19 21.59
CA GLY B 771 -20.66 -46.79 22.52
C GLY B 771 -21.35 -48.04 22.05
N GLN B 772 -20.59 -49.04 21.61
CA GLN B 772 -21.20 -50.28 21.13
C GLN B 772 -21.01 -51.39 22.17
N MET B 773 -22.12 -51.77 22.80
CA MET B 773 -22.12 -52.57 24.01
C MET B 773 -21.64 -54.01 23.78
N GLU B 774 -22.22 -54.69 22.79
CA GLU B 774 -21.87 -56.09 22.56
C GLU B 774 -20.46 -56.24 22.01
N VAL B 775 -19.96 -55.21 21.32
CA VAL B 775 -18.59 -55.22 20.83
C VAL B 775 -17.62 -55.16 22.01
N CYS B 776 -17.93 -54.31 22.99
CA CYS B 776 -17.11 -54.23 24.19
C CYS B 776 -17.27 -55.49 25.05
N GLN B 777 -18.44 -56.13 24.99
CA GLN B 777 -18.61 -57.46 25.59
C GLN B 777 -17.69 -58.48 24.93
N LEU B 778 -17.49 -58.35 23.62
CA LEU B 778 -16.62 -59.28 22.90
C LEU B 778 -15.15 -59.00 23.20
N LEU B 779 -14.78 -57.73 23.31
CA LEU B 779 -13.40 -57.38 23.59
C LEU B 779 -13.02 -57.73 25.02
N LEU B 780 -13.94 -57.55 25.96
CA LEU B 780 -13.70 -58.03 27.31
C LEU B 780 -13.79 -59.55 27.42
N GLU B 781 -14.56 -60.18 26.54
CA GLU B 781 -14.55 -61.64 26.47
C GLU B 781 -13.22 -62.15 25.94
N LEU B 782 -12.54 -61.37 25.10
CA LEU B 782 -11.20 -61.69 24.65
C LEU B 782 -10.12 -61.09 25.53
N GLY B 783 -10.43 -60.05 26.29
CA GLY B 783 -9.53 -59.56 27.32
C GLY B 783 -8.45 -58.61 26.82
N ALA B 784 -8.29 -57.49 27.51
CA ALA B 784 -7.26 -56.50 27.20
C ALA B 784 -7.04 -55.65 28.44
N ASN B 785 -6.01 -54.79 28.36
CA ASN B 785 -5.75 -53.83 29.42
C ASN B 785 -6.86 -52.78 29.44
N ILE B 786 -7.72 -52.86 30.46
CA ILE B 786 -8.90 -52.00 30.52
C ILE B 786 -8.49 -50.57 30.78
N ASP B 787 -7.82 -50.33 31.91
CA ASP B 787 -7.52 -48.98 32.38
C ASP B 787 -6.32 -48.34 31.70
N ALA B 788 -5.89 -48.85 30.53
CA ALA B 788 -4.83 -48.25 29.75
C ALA B 788 -5.19 -46.83 29.33
N THR B 789 -4.44 -45.86 29.81
CA THR B 789 -4.78 -44.45 29.61
C THR B 789 -4.50 -44.02 28.18
N ASP B 790 -5.29 -43.06 27.70
CA ASP B 790 -5.14 -42.51 26.36
C ASP B 790 -4.20 -41.30 26.41
N ASP B 791 -4.21 -40.51 25.33
CA ASP B 791 -3.34 -39.34 25.24
C ASP B 791 -3.73 -38.27 26.25
N LEU B 792 -5.00 -38.21 26.62
CA LEU B 792 -5.45 -37.33 27.70
C LEU B 792 -5.48 -38.05 29.05
N GLY B 793 -4.80 -39.20 29.14
CA GLY B 793 -4.84 -40.00 30.34
C GLY B 793 -6.18 -40.65 30.59
N GLN B 794 -6.84 -41.13 29.55
CA GLN B 794 -8.24 -41.51 29.63
C GLN B 794 -8.37 -43.01 29.88
N LYS B 795 -8.78 -43.37 31.10
CA LYS B 795 -9.33 -44.68 31.38
C LYS B 795 -10.68 -44.79 30.64
N PRO B 796 -11.15 -46.01 30.30
CA PRO B 796 -12.18 -46.13 29.26
C PRO B 796 -13.54 -45.52 29.60
N ILE B 797 -13.88 -45.46 30.88
CA ILE B 797 -15.20 -44.96 31.27
C ILE B 797 -15.22 -43.44 31.15
N HIS B 798 -14.06 -42.79 31.09
CA HIS B 798 -14.00 -41.37 30.78
C HIS B 798 -14.48 -41.12 29.35
N VAL B 799 -13.98 -41.92 28.40
CA VAL B 799 -14.39 -41.78 27.00
C VAL B 799 -15.84 -42.24 26.83
N ALA B 800 -16.26 -43.21 27.63
CA ALA B 800 -17.67 -43.60 27.65
C ALA B 800 -18.54 -42.49 28.20
N ALA B 801 -18.00 -41.65 29.09
CA ALA B 801 -18.79 -40.59 29.69
C ALA B 801 -18.76 -39.30 28.88
N GLN B 802 -17.75 -39.12 28.03
CA GLN B 802 -17.74 -37.95 27.15
C GLN B 802 -18.84 -38.03 26.11
N ASN B 803 -19.13 -39.23 25.61
CA ASN B 803 -20.21 -39.44 24.65
C ASN B 803 -21.43 -40.08 25.32
N ASN B 804 -21.48 -40.02 26.65
CA ASN B 804 -22.55 -40.38 27.59
C ASN B 804 -23.39 -41.60 27.21
N TYR B 805 -22.73 -42.71 26.88
CA TYR B 805 -23.40 -43.98 26.66
C TYR B 805 -23.52 -44.69 28.01
N SER B 806 -24.75 -44.77 28.52
CA SER B 806 -24.96 -45.27 29.88
C SER B 806 -24.79 -46.77 29.96
N GLU B 807 -25.23 -47.50 28.93
CA GLU B 807 -25.18 -48.96 28.98
C GLU B 807 -23.77 -49.50 28.87
N VAL B 808 -22.89 -48.74 28.22
CA VAL B 808 -21.49 -49.14 28.12
C VAL B 808 -20.80 -48.99 29.47
N ALA B 809 -21.11 -47.91 30.19
CA ALA B 809 -20.66 -47.78 31.57
C ALA B 809 -21.29 -48.83 32.46
N LYS B 810 -22.52 -49.25 32.14
CA LYS B 810 -23.13 -50.37 32.84
C LYS B 810 -22.44 -51.69 32.51
N LEU B 811 -21.74 -51.76 31.37
CA LEU B 811 -20.95 -52.94 31.07
C LEU B 811 -19.62 -52.93 31.84
N PHE B 812 -18.89 -51.81 31.76
CA PHE B 812 -17.61 -51.72 32.45
C PHE B 812 -17.76 -51.71 33.98
N LEU B 813 -18.93 -51.36 34.48
CA LEU B 813 -19.16 -51.28 35.91
C LEU B 813 -20.02 -52.42 36.45
N GLN B 814 -20.97 -52.94 35.67
CA GLN B 814 -21.78 -54.06 36.13
C GLN B 814 -20.96 -55.35 36.16
N GLN B 815 -20.10 -55.55 35.16
CA GLN B 815 -19.14 -56.65 35.22
C GLN B 815 -18.09 -56.41 36.28
N HIS B 816 -17.72 -55.14 36.47
CA HIS B 816 -16.75 -54.68 37.47
C HIS B 816 -15.41 -55.43 37.45
N PRO B 817 -14.60 -55.28 36.38
CA PRO B 817 -13.33 -56.02 36.37
C PRO B 817 -12.15 -55.24 36.93
N SER B 818 -12.28 -53.93 37.09
CA SER B 818 -11.13 -53.08 37.41
C SER B 818 -11.37 -52.10 38.54
N LEU B 819 -12.60 -52.05 39.08
CA LEU B 819 -12.99 -51.16 40.18
C LEU B 819 -12.72 -49.69 39.85
N VAL B 820 -13.20 -49.28 38.67
CA VAL B 820 -12.85 -47.97 38.12
C VAL B 820 -13.90 -46.91 38.41
N ASN B 821 -14.74 -47.12 39.42
CA ASN B 821 -15.63 -46.05 39.87
C ASN B 821 -14.84 -44.86 40.40
N ALA B 822 -13.75 -45.13 41.12
CA ALA B 822 -12.84 -44.09 41.59
C ALA B 822 -11.67 -43.99 40.61
N THR B 823 -11.99 -43.74 39.35
CA THR B 823 -10.98 -43.61 38.32
C THR B 823 -10.26 -42.28 38.45
N SER B 824 -9.11 -42.17 37.77
CA SER B 824 -8.32 -40.96 37.75
C SER B 824 -7.80 -40.74 36.33
N LYS B 825 -7.95 -39.52 35.84
CA LYS B 825 -7.37 -39.13 34.56
C LYS B 825 -6.38 -38.00 34.80
N ASP B 826 -5.87 -37.45 33.69
CA ASP B 826 -5.01 -36.28 33.80
C ASP B 826 -5.80 -35.06 34.25
N GLY B 827 -7.06 -34.95 33.82
CA GLY B 827 -7.88 -33.84 34.26
C GLY B 827 -8.64 -34.13 35.54
N ASN B 828 -9.46 -35.17 35.54
CA ASN B 828 -10.40 -35.41 36.62
C ASN B 828 -10.86 -36.86 36.68
N THR B 829 -11.95 -37.13 37.39
CA THR B 829 -12.52 -38.47 37.43
C THR B 829 -13.62 -38.59 36.39
N CYS B 830 -14.28 -39.75 36.38
CA CYS B 830 -15.34 -39.99 35.40
C CYS B 830 -16.59 -39.20 35.74
N ALA B 831 -16.88 -39.03 37.02
CA ALA B 831 -18.09 -38.33 37.44
C ALA B 831 -18.02 -36.85 37.11
N HIS B 832 -16.81 -36.29 37.03
CA HIS B 832 -16.66 -34.91 36.62
C HIS B 832 -17.01 -34.73 35.15
N ILE B 833 -16.61 -35.68 34.31
CA ILE B 833 -16.99 -35.66 32.90
C ILE B 833 -18.50 -35.88 32.78
N ALA B 834 -19.06 -36.71 33.66
CA ALA B 834 -20.50 -36.89 33.73
C ALA B 834 -21.20 -35.59 34.12
N ALA B 835 -20.54 -34.75 34.91
CA ALA B 835 -21.08 -33.44 35.21
C ALA B 835 -20.91 -32.49 34.04
N MET B 836 -19.84 -32.66 33.25
CA MET B 836 -19.59 -31.77 32.13
C MET B 836 -20.59 -31.98 31.00
N GLN B 837 -20.97 -33.24 30.76
CA GLN B 837 -21.78 -33.52 29.59
C GLN B 837 -23.26 -33.28 29.83
N GLY B 838 -23.72 -33.43 31.07
CA GLY B 838 -25.15 -33.48 31.30
C GLY B 838 -25.68 -34.87 30.99
N SER B 839 -25.23 -35.84 31.78
CA SER B 839 -25.36 -37.26 31.47
C SER B 839 -26.18 -37.96 32.56
N VAL B 840 -27.39 -37.43 32.82
CA VAL B 840 -28.23 -37.83 33.95
C VAL B 840 -28.52 -39.34 33.96
N LYS B 841 -28.53 -39.98 32.79
CA LYS B 841 -28.62 -41.43 32.76
C LYS B 841 -27.31 -42.08 33.20
N VAL B 842 -26.18 -41.53 32.75
CA VAL B 842 -24.87 -42.11 33.06
C VAL B 842 -24.55 -41.91 34.54
N ILE B 843 -24.78 -40.70 35.04
CA ILE B 843 -24.54 -40.44 36.45
C ILE B 843 -25.67 -41.05 37.30
N GLU B 844 -26.80 -41.39 36.68
CA GLU B 844 -27.81 -42.18 37.38
C GLU B 844 -27.33 -43.61 37.57
N GLU B 845 -26.58 -44.14 36.60
CA GLU B 845 -26.02 -45.48 36.76
C GLU B 845 -24.84 -45.47 37.72
N LEU B 846 -23.97 -44.46 37.62
CA LEU B 846 -22.79 -44.36 38.48
C LEU B 846 -23.19 -44.10 39.92
N MET B 847 -24.12 -43.16 40.12
CA MET B 847 -24.63 -42.91 41.47
C MET B 847 -25.46 -44.08 41.96
N LYS B 848 -26.16 -44.76 41.05
CA LYS B 848 -26.96 -45.92 41.41
C LYS B 848 -26.09 -47.12 41.80
N PHE B 849 -24.82 -47.12 41.41
CA PHE B 849 -23.89 -48.14 41.87
C PHE B 849 -23.15 -47.70 43.13
N ASP B 850 -22.47 -46.56 43.06
CA ASP B 850 -21.52 -46.11 44.07
C ASP B 850 -21.76 -44.65 44.41
N ARG B 851 -23.01 -44.32 44.79
CA ARG B 851 -23.43 -42.94 45.03
C ARG B 851 -22.59 -42.25 46.11
N SER B 852 -22.22 -42.98 47.16
CA SER B 852 -21.40 -42.42 48.23
C SER B 852 -20.01 -42.06 47.73
N GLY B 853 -19.44 -42.89 46.87
CA GLY B 853 -18.15 -42.57 46.28
C GLY B 853 -18.23 -41.69 45.06
N VAL B 854 -19.43 -41.30 44.63
CA VAL B 854 -19.55 -40.49 43.44
C VAL B 854 -19.89 -39.07 43.88
N ILE B 855 -20.37 -38.92 45.13
CA ILE B 855 -20.59 -37.59 45.66
C ILE B 855 -19.26 -36.95 46.08
N SER B 856 -18.38 -37.73 46.71
CA SER B 856 -17.14 -37.22 47.29
C SER B 856 -16.03 -37.00 46.27
N ALA B 857 -16.34 -36.90 44.98
CA ALA B 857 -15.32 -36.75 43.95
C ALA B 857 -14.71 -35.35 44.01
N ARG B 858 -13.58 -35.23 44.70
CA ARG B 858 -12.78 -34.01 44.69
C ARG B 858 -11.63 -34.22 43.72
N ASN B 859 -11.56 -33.36 42.70
CA ASN B 859 -10.48 -33.46 41.72
C ASN B 859 -9.17 -33.05 42.36
N LYS B 860 -8.15 -33.90 42.20
CA LYS B 860 -6.87 -33.66 42.87
C LYS B 860 -6.12 -32.49 42.26
N LEU B 861 -6.48 -32.09 41.04
CA LEU B 861 -5.82 -30.96 40.38
C LEU B 861 -6.54 -29.64 40.58
N THR B 862 -7.82 -29.65 40.97
CA THR B 862 -8.60 -28.42 41.04
C THR B 862 -9.48 -28.29 42.28
N ASP B 863 -9.58 -29.33 43.12
CA ASP B 863 -10.44 -29.37 44.31
C ASP B 863 -11.90 -29.12 43.97
N ALA B 864 -12.32 -29.60 42.80
CA ALA B 864 -13.67 -29.37 42.29
C ALA B 864 -14.57 -30.55 42.59
N THR B 865 -15.87 -30.27 42.72
CA THR B 865 -16.87 -31.29 42.96
C THR B 865 -17.79 -31.39 41.75
N PRO B 866 -18.50 -32.51 41.57
CA PRO B 866 -19.37 -32.62 40.38
C PRO B 866 -20.56 -31.67 40.38
N LEU B 867 -21.01 -31.17 41.53
CA LEU B 867 -22.05 -30.15 41.51
C LEU B 867 -21.53 -28.84 40.94
N GLN B 868 -20.27 -28.55 41.16
CA GLN B 868 -19.70 -27.30 40.67
C GLN B 868 -19.52 -27.35 39.15
N LEU B 869 -19.13 -28.50 38.61
CA LEU B 869 -19.09 -28.64 37.17
C LEU B 869 -20.48 -28.78 36.57
N ALA B 870 -21.45 -29.22 37.37
CA ALA B 870 -22.83 -29.28 36.89
C ALA B 870 -23.42 -27.88 36.77
N ALA B 871 -23.25 -27.06 37.81
CA ALA B 871 -23.77 -25.71 37.77
C ALA B 871 -22.97 -24.81 36.83
N GLU B 872 -21.67 -25.08 36.70
CA GLU B 872 -20.86 -24.39 35.70
C GLU B 872 -21.28 -24.79 34.30
N GLY B 873 -21.64 -26.05 34.09
CA GLY B 873 -22.16 -26.49 32.83
C GLY B 873 -23.62 -26.13 32.66
N GLY B 874 -24.28 -25.83 33.77
CA GLY B 874 -25.68 -25.46 33.73
C GLY B 874 -26.65 -26.60 33.52
N HIS B 875 -26.25 -27.82 33.87
CA HIS B 875 -27.12 -28.98 33.70
C HIS B 875 -27.90 -29.19 35.00
N ALA B 876 -29.18 -28.77 34.97
CA ALA B 876 -29.98 -28.79 36.19
C ALA B 876 -30.36 -30.20 36.60
N ASP B 877 -30.43 -31.13 35.63
CA ASP B 877 -30.87 -32.49 35.95
C ASP B 877 -29.80 -33.25 36.71
N VAL B 878 -28.53 -32.95 36.44
CA VAL B 878 -27.44 -33.54 37.21
C VAL B 878 -27.47 -33.02 38.64
N VAL B 879 -27.88 -31.77 38.80
CA VAL B 879 -28.06 -31.19 40.14
C VAL B 879 -29.23 -31.85 40.85
N LYS B 880 -30.30 -32.18 40.10
CA LYS B 880 -31.43 -32.90 40.69
C LYS B 880 -31.02 -34.31 41.12
N ALA B 881 -30.13 -34.95 40.36
CA ALA B 881 -29.70 -36.29 40.70
C ALA B 881 -28.77 -36.28 41.91
N LEU B 882 -27.76 -35.43 41.90
CA LEU B 882 -26.77 -35.43 42.97
C LEU B 882 -27.31 -34.83 44.26
N VAL B 883 -28.09 -33.75 44.17
CA VAL B 883 -28.79 -33.24 45.34
C VAL B 883 -29.86 -34.21 45.81
N ARG B 884 -30.48 -34.95 44.88
CA ARG B 884 -31.39 -36.03 45.28
C ARG B 884 -30.64 -37.19 45.94
N ALA B 885 -29.32 -37.29 45.73
CA ALA B 885 -28.52 -38.32 46.37
C ALA B 885 -27.77 -37.81 47.60
N GLY B 886 -27.77 -36.50 47.85
CA GLY B 886 -27.00 -35.93 48.93
C GLY B 886 -26.32 -34.65 48.50
N ALA B 887 -24.98 -34.63 48.60
CA ALA B 887 -24.11 -33.64 47.94
C ALA B 887 -24.41 -32.21 48.42
N SER B 888 -24.01 -31.96 49.67
CA SER B 888 -24.07 -30.61 50.23
C SER B 888 -23.23 -29.63 49.39
N CYS B 889 -23.76 -28.41 49.25
CA CYS B 889 -23.21 -27.43 48.34
C CYS B 889 -21.98 -26.71 48.87
N THR B 890 -21.67 -26.84 50.16
CA THR B 890 -20.69 -25.98 50.81
C THR B 890 -19.25 -26.38 50.56
N GLU B 891 -18.98 -27.28 49.62
CA GLU B 891 -17.60 -27.67 49.30
C GLU B 891 -16.95 -26.54 48.50
N GLU B 892 -16.06 -25.80 49.16
CA GLU B 892 -15.38 -24.69 48.50
C GLU B 892 -14.32 -25.21 47.54
N ASN B 893 -14.08 -24.44 46.47
CA ASN B 893 -13.04 -24.79 45.52
C ASN B 893 -11.66 -24.41 46.06
N LYS B 894 -10.65 -24.66 45.23
CA LYS B 894 -9.33 -24.07 45.48
C LYS B 894 -9.39 -22.55 45.39
N ALA B 895 -10.11 -22.03 44.41
CA ALA B 895 -10.45 -20.61 44.41
C ALA B 895 -11.45 -20.30 45.52
N GLY B 896 -12.39 -21.22 45.76
CA GLY B 896 -13.33 -21.11 46.86
C GLY B 896 -14.69 -20.62 46.42
N PHE B 897 -15.61 -21.56 46.22
CA PHE B 897 -16.97 -21.29 45.77
C PHE B 897 -17.86 -22.44 46.19
N THR B 898 -19.09 -22.13 46.56
CA THR B 898 -20.13 -23.14 46.53
C THR B 898 -20.62 -23.28 45.09
N ALA B 899 -21.33 -24.37 44.81
CA ALA B 899 -21.87 -24.58 43.46
C ALA B 899 -22.93 -23.56 43.12
N VAL B 900 -23.60 -23.00 44.15
CA VAL B 900 -24.51 -21.89 43.95
C VAL B 900 -23.77 -20.68 43.41
N HIS B 901 -22.53 -20.49 43.84
CA HIS B 901 -21.74 -19.37 43.33
C HIS B 901 -21.30 -19.59 41.90
N LEU B 902 -21.13 -20.85 41.49
CA LEU B 902 -20.84 -21.10 40.08
C LEU B 902 -22.09 -20.94 39.23
N ALA B 903 -23.27 -21.20 39.83
CA ALA B 903 -24.51 -20.90 39.15
C ALA B 903 -24.70 -19.39 39.01
N ALA B 904 -24.25 -18.64 40.01
CA ALA B 904 -24.32 -17.19 39.93
C ALA B 904 -23.31 -16.64 38.93
N GLN B 905 -22.16 -17.29 38.81
CA GLN B 905 -21.14 -16.84 37.87
C GLN B 905 -21.50 -17.20 36.44
N ASN B 906 -22.20 -18.33 36.26
CA ASN B 906 -22.43 -18.83 34.91
C ASN B 906 -23.82 -18.45 34.40
N GLY B 907 -24.72 -18.06 35.30
CA GLY B 907 -26.03 -17.62 34.87
C GLY B 907 -26.97 -18.74 34.46
N HIS B 908 -27.38 -19.57 35.42
CA HIS B 908 -28.31 -20.65 35.17
C HIS B 908 -29.36 -20.67 36.27
N GLY B 909 -30.50 -20.04 36.01
CA GLY B 909 -31.48 -19.83 37.05
C GLY B 909 -32.27 -21.08 37.41
N GLN B 910 -32.25 -22.08 36.53
CA GLN B 910 -32.88 -23.36 36.84
C GLN B 910 -32.12 -24.07 37.96
N VAL B 911 -30.79 -24.00 37.91
CA VAL B 911 -29.96 -24.53 38.99
C VAL B 911 -30.18 -23.71 40.26
N LEU B 912 -30.45 -22.42 40.10
CA LEU B 912 -30.80 -21.58 41.23
C LEU B 912 -32.17 -21.94 41.81
N ASP B 913 -33.04 -22.54 40.99
CA ASP B 913 -34.32 -22.98 41.49
C ASP B 913 -34.19 -24.30 42.24
N VAL B 914 -33.45 -25.26 41.66
CA VAL B 914 -33.28 -26.57 42.26
C VAL B 914 -32.49 -26.45 43.56
N LEU B 915 -31.48 -25.58 43.56
CA LEU B 915 -30.76 -25.32 44.81
C LEU B 915 -31.53 -24.34 45.69
N LYS B 916 -32.47 -23.61 45.10
CA LYS B 916 -33.32 -22.72 45.90
C LYS B 916 -34.33 -23.51 46.70
N SER B 917 -34.59 -24.76 46.28
CA SER B 917 -35.39 -25.66 47.12
C SER B 917 -34.71 -25.96 48.44
N THR B 918 -33.40 -26.15 48.44
CA THR B 918 -32.71 -26.60 49.65
C THR B 918 -31.97 -25.45 50.33
N ASN B 919 -31.06 -24.80 49.61
CA ASN B 919 -30.09 -23.88 50.23
C ASN B 919 -30.68 -22.56 50.70
N SER B 920 -29.95 -21.88 51.60
CA SER B 920 -30.40 -20.60 52.11
C SER B 920 -29.96 -19.45 51.21
N LEU B 921 -29.08 -19.75 50.26
CA LEU B 921 -28.61 -18.90 49.15
C LEU B 921 -27.86 -17.65 49.60
N ARG B 922 -27.45 -17.54 50.86
CA ARG B 922 -26.53 -16.49 51.32
C ARG B 922 -25.60 -17.12 52.34
N ILE B 923 -24.46 -17.66 51.88
CA ILE B 923 -23.70 -18.58 52.72
C ILE B 923 -22.26 -18.11 52.93
N ASN B 924 -21.51 -17.96 51.84
CA ASN B 924 -20.04 -18.10 51.80
C ASN B 924 -19.18 -17.35 52.81
N SER B 925 -18.33 -18.11 53.51
CA SER B 925 -17.30 -17.55 54.36
C SER B 925 -15.95 -18.17 54.01
N LYS B 926 -15.97 -19.45 53.64
CA LYS B 926 -14.74 -20.19 53.35
C LYS B 926 -14.15 -19.69 52.03
N LYS B 927 -12.96 -19.11 52.11
CA LYS B 927 -12.08 -18.62 51.04
C LYS B 927 -12.61 -17.36 50.36
N LEU B 928 -13.84 -16.97 50.67
CA LEU B 928 -14.49 -15.75 50.21
C LEU B 928 -15.64 -15.47 51.17
N GLY B 929 -15.61 -14.35 51.85
CA GLY B 929 -16.73 -13.98 52.69
C GLY B 929 -17.72 -13.11 51.95
N LEU B 930 -18.74 -13.72 51.37
CA LEU B 930 -19.71 -13.05 50.51
C LEU B 930 -20.94 -13.93 50.36
N THR B 931 -21.82 -13.54 49.45
CA THR B 931 -23.05 -14.26 49.16
C THR B 931 -23.05 -14.60 47.68
N PRO B 932 -23.89 -15.54 47.25
CA PRO B 932 -24.06 -15.73 45.79
C PRO B 932 -24.65 -14.52 45.09
N LEU B 933 -25.38 -13.66 45.80
CA LEU B 933 -25.91 -12.46 45.18
C LEU B 933 -24.78 -11.46 44.90
N HIS B 934 -23.69 -11.54 45.66
CA HIS B 934 -22.49 -10.78 45.32
C HIS B 934 -21.87 -11.27 44.02
N VAL B 935 -21.80 -12.58 43.84
CA VAL B 935 -21.19 -13.15 42.63
C VAL B 935 -22.08 -12.90 41.43
N ALA B 936 -23.39 -13.07 41.61
CA ALA B 936 -24.35 -12.79 40.54
C ALA B 936 -24.38 -11.30 40.21
N ALA B 937 -24.21 -10.44 41.21
CA ALA B 937 -24.16 -9.00 40.96
C ALA B 937 -22.83 -8.60 40.35
N TYR B 938 -21.80 -9.43 40.53
CA TYR B 938 -20.47 -9.06 40.09
C TYR B 938 -20.25 -9.35 38.61
N TYR B 939 -20.62 -10.55 38.17
CA TYR B 939 -20.21 -10.98 36.83
C TYR B 939 -21.23 -10.64 35.76
N GLY B 940 -22.27 -9.88 36.12
CA GLY B 940 -23.28 -9.60 35.12
C GLY B 940 -24.64 -10.15 35.49
N GLN B 941 -25.07 -11.20 34.77
CA GLN B 941 -26.47 -11.58 34.50
C GLN B 941 -27.57 -11.25 35.53
N ALA B 942 -28.63 -10.63 35.03
CA ALA B 942 -29.41 -9.71 35.85
C ALA B 942 -30.72 -10.33 36.33
N ASP B 943 -31.28 -11.27 35.57
CA ASP B 943 -32.53 -11.88 36.02
C ASP B 943 -32.27 -12.92 37.10
N THR B 944 -31.08 -13.52 37.08
CA THR B 944 -30.61 -14.32 38.20
C THR B 944 -30.51 -13.49 39.46
N VAL B 945 -30.00 -12.26 39.29
CA VAL B 945 -29.98 -11.27 40.37
C VAL B 945 -31.39 -10.98 40.86
N ARG B 946 -32.35 -10.87 39.93
CA ARG B 946 -33.75 -10.61 40.31
C ARG B 946 -34.34 -11.74 41.14
N GLU B 947 -34.10 -12.98 40.72
CA GLU B 947 -34.58 -14.13 41.48
C GLU B 947 -33.91 -14.20 42.85
N LEU B 948 -32.64 -13.84 42.92
CA LEU B 948 -31.98 -13.81 44.22
C LEU B 948 -32.45 -12.63 45.06
N LEU B 949 -32.98 -11.57 44.43
CA LEU B 949 -33.65 -10.52 45.20
C LEU B 949 -34.94 -11.05 45.79
N THR B 950 -35.62 -11.94 45.06
CA THR B 950 -36.84 -12.53 45.60
C THR B 950 -36.54 -13.61 46.63
N SER B 951 -35.30 -14.10 46.70
CA SER B 951 -35.00 -15.15 47.68
C SER B 951 -34.13 -14.68 48.84
N VAL B 952 -33.27 -13.69 48.63
CA VAL B 952 -32.29 -13.25 49.62
C VAL B 952 -32.63 -11.80 49.98
N PRO B 953 -32.45 -11.35 51.23
CA PRO B 953 -32.84 -9.99 51.62
C PRO B 953 -32.03 -8.84 51.00
N ALA B 954 -31.16 -9.10 50.03
CA ALA B 954 -30.77 -8.16 48.97
C ALA B 954 -29.81 -7.05 49.39
N THR B 955 -29.52 -6.93 50.68
CA THR B 955 -28.51 -5.98 51.16
C THR B 955 -27.97 -6.54 52.46
N VAL B 956 -26.77 -7.12 52.41
CA VAL B 956 -26.30 -7.91 53.54
C VAL B 956 -24.98 -7.40 54.10
N LYS B 957 -24.17 -6.70 53.27
CA LYS B 957 -22.91 -6.08 53.67
C LYS B 957 -21.93 -7.11 54.24
N SER B 958 -21.48 -7.99 53.35
CA SER B 958 -21.19 -9.38 53.65
C SER B 958 -20.22 -9.71 54.78
N GLU B 959 -18.92 -9.49 54.58
CA GLU B 959 -17.91 -10.12 55.44
C GLU B 959 -16.52 -9.65 55.05
N THR B 960 -15.54 -10.11 55.82
CA THR B 960 -14.15 -10.07 55.44
C THR B 960 -13.79 -11.32 54.64
N PRO B 961 -13.06 -11.16 53.54
CA PRO B 961 -12.59 -12.34 52.79
C PRO B 961 -11.45 -13.02 53.53
N THR B 962 -11.43 -14.35 53.41
CA THR B 962 -10.45 -15.18 54.09
C THR B 962 -9.48 -15.77 53.07
N GLY B 963 -8.19 -15.64 53.36
CA GLY B 963 -7.15 -16.26 52.56
C GLY B 963 -6.77 -15.49 51.30
N GLN B 964 -7.62 -15.56 50.29
CA GLN B 964 -7.33 -14.94 49.00
C GLN B 964 -8.61 -14.34 48.44
N SER B 965 -8.64 -13.02 48.35
CA SER B 965 -9.79 -12.30 47.87
C SER B 965 -9.69 -12.08 46.37
N LEU B 966 -10.80 -11.59 45.81
CA LEU B 966 -10.90 -11.17 44.43
C LEU B 966 -10.57 -9.68 44.40
N PHE B 967 -10.91 -9.00 43.30
CA PHE B 967 -11.15 -7.56 43.16
C PHE B 967 -9.87 -6.77 42.96
N GLY B 968 -8.71 -7.43 42.92
CA GLY B 968 -7.48 -6.74 42.60
C GLY B 968 -6.98 -5.79 43.68
N ASP B 969 -7.14 -4.48 43.43
CA ASP B 969 -6.69 -3.46 44.36
C ASP B 969 -7.37 -3.56 45.71
N LEU B 970 -8.63 -3.93 45.74
CA LEU B 970 -9.31 -4.24 47.00
C LEU B 970 -8.86 -5.64 47.42
N GLY B 971 -7.71 -5.69 48.11
CA GLY B 971 -7.24 -6.95 48.66
C GLY B 971 -8.08 -7.47 49.81
N THR B 972 -8.77 -6.58 50.52
CA THR B 972 -9.68 -6.97 51.58
C THR B 972 -10.67 -5.83 51.79
N GLU B 973 -11.95 -6.14 51.63
CA GLU B 973 -13.02 -5.18 51.90
C GLU B 973 -14.04 -5.85 52.80
N SER B 974 -14.41 -5.16 53.87
CA SER B 974 -15.28 -5.73 54.91
C SER B 974 -16.63 -5.04 54.87
N GLY B 975 -17.62 -5.73 54.32
CA GLY B 975 -18.97 -5.21 54.35
C GLY B 975 -19.44 -4.62 53.05
N MET B 976 -18.97 -5.18 51.94
CA MET B 976 -19.42 -4.71 50.63
C MET B 976 -20.79 -5.29 50.32
N THR B 977 -21.79 -4.41 50.21
CA THR B 977 -23.08 -4.81 49.69
C THR B 977 -22.95 -5.13 48.20
N PRO B 978 -23.86 -5.93 47.63
CA PRO B 978 -23.73 -6.26 46.21
C PRO B 978 -24.01 -5.10 45.25
N LEU B 979 -24.46 -3.95 45.75
CA LEU B 979 -24.48 -2.77 44.91
C LEU B 979 -23.06 -2.30 44.61
N HIS B 980 -22.14 -2.53 45.54
CA HIS B 980 -20.76 -2.10 45.36
C HIS B 980 -20.07 -2.88 44.25
N LEU B 981 -20.29 -4.20 44.22
CA LEU B 981 -19.58 -5.02 43.26
C LEU B 981 -20.13 -4.84 41.85
N ALA B 982 -21.45 -4.65 41.74
CA ALA B 982 -22.03 -4.27 40.47
C ALA B 982 -21.56 -2.89 40.04
N ALA B 983 -21.31 -2.00 41.00
CA ALA B 983 -20.67 -0.73 40.68
C ALA B 983 -19.22 -0.91 40.29
N PHE B 984 -18.62 -2.04 40.69
CA PHE B 984 -17.18 -2.22 40.55
C PHE B 984 -16.83 -2.85 39.21
N SER B 985 -17.48 -3.97 38.87
CA SER B 985 -17.11 -4.68 37.64
C SER B 985 -17.76 -4.05 36.42
N GLY B 986 -18.76 -3.20 36.62
CA GLY B 986 -19.27 -2.38 35.54
C GLY B 986 -20.72 -2.55 35.20
N ASN B 987 -21.20 -3.80 35.05
CA ASN B 987 -22.55 -4.28 35.44
C ASN B 987 -23.71 -3.27 35.48
N GLU B 988 -23.85 -2.45 34.43
CA GLU B 988 -24.65 -1.23 34.53
C GLU B 988 -26.14 -1.54 34.64
N ASN B 989 -26.59 -2.62 34.02
CA ASN B 989 -27.98 -3.03 34.16
C ASN B 989 -28.26 -3.53 35.57
N VAL B 990 -27.27 -4.18 36.17
CA VAL B 990 -27.39 -4.66 37.54
C VAL B 990 -27.37 -3.49 38.50
N VAL B 991 -26.62 -2.45 38.16
CA VAL B 991 -26.67 -1.19 38.90
C VAL B 991 -28.08 -0.60 38.82
N ARG B 992 -28.68 -0.62 37.63
CA ARG B 992 -30.02 -0.07 37.46
C ARG B 992 -31.07 -0.89 38.20
N LEU B 993 -30.83 -2.19 38.36
CA LEU B 993 -31.74 -3.00 39.17
C LEU B 993 -31.56 -2.69 40.65
N LEU B 994 -30.31 -2.63 41.12
CA LEU B 994 -30.07 -2.50 42.54
C LEU B 994 -30.31 -1.09 43.03
N LEU B 995 -30.40 -0.12 42.11
CA LEU B 995 -30.82 1.22 42.48
C LEU B 995 -32.34 1.31 42.57
N ASN B 996 -33.04 0.29 42.10
CA ASN B 996 -34.49 0.24 42.15
C ASN B 996 -35.02 -0.88 43.03
N SER B 997 -34.20 -1.38 43.95
CA SER B 997 -34.55 -2.51 44.80
C SER B 997 -35.10 -2.00 46.12
N ALA B 998 -35.31 -2.90 47.07
CA ALA B 998 -35.94 -2.57 48.35
C ALA B 998 -34.89 -1.86 49.21
N GLY B 999 -33.77 -2.50 49.55
CA GLY B 999 -32.71 -1.82 50.27
C GLY B 999 -31.65 -1.29 49.34
N VAL B 1000 -31.71 0.00 49.00
CA VAL B 1000 -30.76 0.55 48.05
C VAL B 1000 -29.46 0.95 48.75
N GLN B 1001 -29.53 1.91 49.68
CA GLN B 1001 -28.41 2.38 50.52
C GLN B 1001 -27.24 2.87 49.67
N VAL B 1002 -27.52 3.80 48.75
CA VAL B 1002 -26.45 4.37 47.94
C VAL B 1002 -25.67 5.40 48.74
N ASP B 1003 -26.30 5.99 49.76
CA ASP B 1003 -25.69 7.10 50.48
C ASP B 1003 -24.69 6.62 51.51
N ALA B 1004 -25.13 5.77 52.44
CA ALA B 1004 -24.29 5.38 53.56
C ALA B 1004 -23.18 4.42 53.12
N ALA B 1005 -23.57 3.21 52.71
CA ALA B 1005 -22.76 2.29 51.90
C ALA B 1005 -21.39 1.99 52.50
N THR B 1006 -21.33 1.90 53.82
CA THR B 1006 -20.08 1.96 54.55
C THR B 1006 -19.33 0.63 54.51
N ILE B 1007 -18.01 0.74 54.41
CA ILE B 1007 -17.09 -0.39 54.45
C ILE B 1007 -16.11 -0.09 55.59
N GLU B 1008 -15.46 -1.14 56.10
CA GLU B 1008 -14.40 -0.93 57.08
C GLU B 1008 -13.20 -0.25 56.43
N ASN B 1009 -12.97 -0.50 55.14
CA ASN B 1009 -11.98 0.29 54.41
C ASN B 1009 -12.48 1.70 54.15
N GLY B 1010 -13.80 1.88 54.12
CA GLY B 1010 -14.41 3.20 54.13
C GLY B 1010 -15.06 3.66 52.85
N TYR B 1011 -15.09 2.84 51.81
CA TYR B 1011 -15.45 3.33 50.49
C TYR B 1011 -16.97 3.42 50.31
N ASN B 1012 -17.36 4.06 49.21
CA ASN B 1012 -18.72 4.25 48.74
C ASN B 1012 -18.71 3.83 47.27
N PRO B 1013 -19.87 3.43 46.67
CA PRO B 1013 -19.80 2.77 45.35
C PRO B 1013 -19.40 3.68 44.20
N LEU B 1014 -19.45 4.99 44.42
CA LEU B 1014 -18.84 5.90 43.45
C LEU B 1014 -17.33 5.71 43.40
N HIS B 1015 -16.70 5.52 44.55
CA HIS B 1015 -15.27 5.29 44.59
C HIS B 1015 -14.91 3.94 43.98
N LEU B 1016 -15.74 2.94 44.24
CA LEU B 1016 -15.58 1.64 43.62
C LEU B 1016 -15.82 1.68 42.13
N ALA B 1017 -16.60 2.65 41.64
CA ALA B 1017 -16.60 2.92 40.22
C ALA B 1017 -15.33 3.63 39.79
N CYS B 1018 -14.72 4.42 40.68
CA CYS B 1018 -13.50 5.14 40.31
C CYS B 1018 -12.30 4.21 40.22
N PHE B 1019 -12.35 3.03 40.87
CA PHE B 1019 -11.23 2.11 40.79
C PHE B 1019 -11.03 1.55 39.38
N GLY B 1020 -12.10 1.47 38.59
CA GLY B 1020 -11.99 1.28 37.17
C GLY B 1020 -12.37 2.54 36.42
N GLY B 1021 -12.55 2.38 35.11
CA GLY B 1021 -13.11 3.50 34.37
C GLY B 1021 -14.58 3.64 34.70
N HIS B 1022 -15.38 2.71 34.17
CA HIS B 1022 -16.78 2.44 34.52
C HIS B 1022 -17.63 3.71 34.62
N MET B 1023 -17.53 4.53 33.57
CA MET B 1023 -18.09 5.88 33.61
C MET B 1023 -19.60 5.85 33.51
N SER B 1024 -20.15 4.77 32.97
CA SER B 1024 -21.61 4.60 32.92
C SER B 1024 -22.21 4.48 34.31
N VAL B 1025 -21.53 3.75 35.20
CA VAL B 1025 -21.99 3.62 36.58
C VAL B 1025 -21.88 4.96 37.28
N VAL B 1026 -20.89 5.77 36.90
CA VAL B 1026 -20.73 7.10 37.46
C VAL B 1026 -21.87 8.00 37.01
N GLY B 1027 -22.28 7.87 35.75
CA GLY B 1027 -23.46 8.59 35.29
C GLY B 1027 -24.74 8.15 35.99
N LEU B 1028 -24.85 6.84 36.27
CA LEU B 1028 -26.04 6.34 36.96
C LEU B 1028 -26.09 6.80 38.40
N LEU B 1029 -24.96 6.78 39.09
CA LEU B 1029 -24.96 7.12 40.51
C LEU B 1029 -25.03 8.62 40.72
N LEU B 1030 -24.27 9.40 39.96
CA LEU B 1030 -24.36 10.84 40.09
C LEU B 1030 -25.69 11.37 39.56
N SER B 1031 -26.28 10.69 38.58
CA SER B 1031 -27.64 11.03 38.20
C SER B 1031 -28.63 10.65 39.28
N ARG B 1032 -28.37 9.57 40.02
CA ARG B 1032 -29.30 9.11 41.04
C ARG B 1032 -29.17 9.90 42.34
N SER B 1033 -28.00 9.90 42.95
CA SER B 1033 -27.86 10.42 44.30
C SER B 1033 -27.51 11.91 44.32
N ALA B 1034 -26.36 12.27 43.74
CA ALA B 1034 -25.78 13.61 43.59
C ALA B 1034 -25.38 14.26 44.92
N GLU B 1035 -25.60 13.61 46.05
CA GLU B 1035 -24.98 13.98 47.33
C GLU B 1035 -23.77 13.11 47.61
N LEU B 1036 -23.14 12.66 46.54
CA LEU B 1036 -22.07 11.67 46.61
C LEU B 1036 -20.77 12.16 45.99
N LEU B 1037 -20.80 13.27 45.24
CA LEU B 1037 -19.58 13.94 44.78
C LEU B 1037 -18.68 14.34 45.93
N GLN B 1038 -19.26 14.82 47.02
CA GLN B 1038 -18.51 15.29 48.16
C GLN B 1038 -18.46 14.27 49.29
N SER B 1039 -18.83 13.02 49.01
CA SER B 1039 -18.79 11.96 50.00
C SER B 1039 -17.34 11.57 50.24
N GLN B 1040 -16.86 11.77 51.46
CA GLN B 1040 -15.52 11.38 51.83
C GLN B 1040 -15.53 9.99 52.45
N ASP B 1041 -14.41 9.29 52.35
CA ASP B 1041 -14.32 7.95 52.90
C ASP B 1041 -13.84 8.01 54.34
N ARG B 1042 -13.48 6.83 54.87
CA ARG B 1042 -12.93 6.77 56.22
C ARG B 1042 -11.56 7.42 56.29
N ASN B 1043 -10.80 7.35 55.21
CA ASN B 1043 -9.53 8.05 55.11
C ASN B 1043 -9.69 9.46 54.56
N GLY B 1044 -10.91 9.97 54.47
CA GLY B 1044 -11.16 11.32 54.02
C GLY B 1044 -11.10 11.53 52.53
N ARG B 1045 -10.76 10.50 51.75
CA ARG B 1045 -10.60 10.67 50.31
C ARG B 1045 -11.95 10.79 49.62
N THR B 1046 -11.97 11.60 48.56
CA THR B 1046 -13.13 11.68 47.70
C THR B 1046 -12.93 10.81 46.47
N GLY B 1047 -13.90 10.86 45.56
CA GLY B 1047 -13.75 10.14 44.31
C GLY B 1047 -12.72 10.72 43.38
N LEU B 1048 -12.44 12.02 43.49
CA LEU B 1048 -11.49 12.65 42.60
C LEU B 1048 -10.07 12.24 42.96
N HIS B 1049 -9.85 11.93 44.24
CA HIS B 1049 -8.56 11.39 44.68
C HIS B 1049 -8.29 10.04 44.04
N ILE B 1050 -9.28 9.15 44.07
CA ILE B 1050 -9.10 7.79 43.60
C ILE B 1050 -9.04 7.76 42.08
N ALA B 1051 -9.88 8.57 41.43
CA ALA B 1051 -9.81 8.71 39.98
C ALA B 1051 -8.52 9.35 39.54
N ALA B 1052 -7.94 10.20 40.39
CA ALA B 1052 -6.63 10.77 40.10
C ALA B 1052 -5.54 9.71 40.23
N MET B 1053 -5.43 9.08 41.40
CA MET B 1053 -4.32 8.16 41.67
C MET B 1053 -4.46 6.82 40.98
N HIS B 1054 -5.56 6.57 40.26
CA HIS B 1054 -5.60 5.43 39.36
C HIS B 1054 -5.54 5.86 37.90
N GLY B 1055 -5.56 7.16 37.63
CA GLY B 1055 -5.21 7.67 36.31
C GLY B 1055 -6.25 7.52 35.23
N HIS B 1056 -7.51 7.37 35.59
CA HIS B 1056 -8.60 7.28 34.62
C HIS B 1056 -8.97 8.71 34.23
N ILE B 1057 -8.58 9.13 33.03
CA ILE B 1057 -8.56 10.55 32.67
C ILE B 1057 -9.97 11.08 32.49
N GLN B 1058 -10.76 10.42 31.64
CA GLN B 1058 -12.11 10.91 31.34
C GLN B 1058 -13.04 10.71 32.54
N MET B 1059 -12.69 9.78 33.42
CA MET B 1059 -13.35 9.70 34.72
C MET B 1059 -13.15 10.98 35.53
N VAL B 1060 -11.93 11.54 35.49
CA VAL B 1060 -11.70 12.81 36.16
C VAL B 1060 -12.44 13.94 35.44
N GLU B 1061 -12.54 13.84 34.10
CA GLU B 1061 -13.27 14.85 33.33
C GLU B 1061 -14.76 14.87 33.68
N ILE B 1062 -15.36 13.69 33.84
CA ILE B 1062 -16.77 13.61 34.23
C ILE B 1062 -16.94 14.08 35.66
N LEU B 1063 -15.97 13.76 36.52
CA LEU B 1063 -16.11 14.07 37.95
C LEU B 1063 -15.95 15.56 38.19
N LEU B 1064 -15.19 16.25 37.33
CA LEU B 1064 -15.22 17.71 37.33
C LEU B 1064 -16.45 18.23 36.60
N GLY B 1065 -17.00 17.42 35.69
CA GLY B 1065 -18.16 17.87 34.93
C GLY B 1065 -19.41 17.99 35.78
N GLN B 1066 -19.63 17.01 36.67
CA GLN B 1066 -20.70 17.14 37.64
C GLN B 1066 -20.39 18.22 38.66
N GLY B 1067 -19.12 18.48 38.91
CA GLY B 1067 -18.70 19.58 39.75
C GLY B 1067 -18.30 19.17 41.15
N ALA B 1068 -16.99 19.04 41.38
CA ALA B 1068 -16.46 18.69 42.69
C ALA B 1068 -15.43 19.73 43.09
N GLU B 1069 -15.29 19.97 44.40
CA GLU B 1069 -14.24 20.84 44.88
C GLU B 1069 -12.88 20.19 44.66
N ILE B 1070 -12.09 20.81 43.79
CA ILE B 1070 -10.78 20.24 43.45
C ILE B 1070 -9.82 20.38 44.61
N ASN B 1071 -9.69 21.58 45.15
CA ASN B 1071 -8.88 21.81 46.35
C ASN B 1071 -9.64 21.31 47.58
N ALA B 1072 -9.62 19.98 47.73
CA ALA B 1072 -10.28 19.30 48.83
C ALA B 1072 -9.29 18.35 49.50
N THR B 1073 -9.12 18.53 50.80
CA THR B 1073 -8.07 17.85 51.55
C THR B 1073 -8.59 16.49 52.02
N ASP B 1074 -7.67 15.58 52.28
CA ASP B 1074 -8.01 14.40 53.05
C ASP B 1074 -7.90 14.71 54.54
N ARG B 1075 -7.90 13.66 55.35
CA ARG B 1075 -7.60 13.86 56.77
C ARG B 1075 -6.14 14.19 56.99
N ASN B 1076 -5.26 13.86 56.04
CA ASN B 1076 -3.86 14.23 56.16
C ASN B 1076 -3.53 15.45 55.33
N GLY B 1077 -4.55 16.04 54.69
CA GLY B 1077 -4.34 17.24 53.91
C GLY B 1077 -4.00 17.03 52.45
N TRP B 1078 -4.12 15.81 51.95
CA TRP B 1078 -3.85 15.52 50.55
C TRP B 1078 -4.90 16.16 49.66
N THR B 1079 -4.46 17.03 48.77
CA THR B 1079 -5.27 17.40 47.62
C THR B 1079 -5.18 16.22 46.66
N PRO B 1080 -6.15 16.05 45.76
CA PRO B 1080 -6.03 14.97 44.77
C PRO B 1080 -4.90 15.19 43.77
N LEU B 1081 -4.38 16.42 43.66
CA LEU B 1081 -3.21 16.63 42.83
C LEU B 1081 -1.97 16.05 43.48
N HIS B 1082 -1.96 15.94 44.81
CA HIS B 1082 -0.88 15.22 45.48
C HIS B 1082 -0.93 13.74 45.16
N CYS B 1083 -2.13 13.17 45.13
CA CYS B 1083 -2.26 11.75 44.82
C CYS B 1083 -1.96 11.47 43.35
N ALA B 1084 -2.37 12.39 42.47
CA ALA B 1084 -2.07 12.24 41.06
C ALA B 1084 -0.59 12.42 40.78
N ALA B 1085 0.05 13.32 41.52
CA ALA B 1085 1.48 13.53 41.37
C ALA B 1085 2.27 12.36 41.95
N LYS B 1086 1.82 11.82 43.07
CA LYS B 1086 2.48 10.67 43.69
C LYS B 1086 2.35 9.44 42.82
N ALA B 1087 1.18 9.21 42.24
CA ALA B 1087 1.02 8.16 41.26
C ALA B 1087 1.64 8.52 39.92
N GLY B 1088 1.89 9.80 39.67
CA GLY B 1088 2.61 10.24 38.49
C GLY B 1088 1.84 10.17 37.19
N HIS B 1089 0.51 10.22 37.22
CA HIS B 1089 -0.25 10.27 35.99
C HIS B 1089 -0.20 11.69 35.45
N LEU B 1090 0.51 11.88 34.34
CA LEU B 1090 0.86 13.21 33.85
C LEU B 1090 -0.36 13.99 33.36
N GLU B 1091 -1.23 13.33 32.59
CA GLU B 1091 -2.35 14.05 31.99
C GLU B 1091 -3.42 14.38 33.02
N VAL B 1092 -3.49 13.59 34.10
CA VAL B 1092 -4.36 13.95 35.22
C VAL B 1092 -3.85 15.21 35.89
N VAL B 1093 -2.53 15.34 36.01
CA VAL B 1093 -1.93 16.53 36.59
C VAL B 1093 -2.11 17.73 35.67
N LYS B 1094 -2.05 17.51 34.35
CA LYS B 1094 -2.33 18.58 33.39
C LYS B 1094 -3.78 19.02 33.46
N LEU B 1095 -4.68 18.08 33.74
CA LEU B 1095 -6.09 18.42 33.83
C LEU B 1095 -6.39 19.18 35.12
N LEU B 1096 -5.79 18.75 36.23
CA LEU B 1096 -6.06 19.41 37.50
C LEU B 1096 -5.39 20.77 37.60
N CYS B 1097 -4.19 20.88 37.02
CA CYS B 1097 -3.51 22.18 37.00
C CYS B 1097 -4.17 23.13 36.01
N GLU B 1098 -4.51 22.63 34.82
CA GLU B 1098 -5.03 23.47 33.75
C GLU B 1098 -6.42 24.03 34.06
N ALA B 1099 -7.16 23.40 34.98
CA ALA B 1099 -8.50 23.88 35.31
C ALA B 1099 -8.78 23.75 36.80
N GLY B 1100 -7.90 24.28 37.65
CA GLY B 1100 -8.08 24.02 39.06
C GLY B 1100 -6.87 24.20 39.96
N ALA B 1101 -6.57 23.12 40.71
CA ALA B 1101 -5.87 23.13 41.99
C ALA B 1101 -4.57 23.92 42.00
N SER B 1102 -4.31 24.55 43.13
CA SER B 1102 -3.07 25.30 43.33
C SER B 1102 -1.94 24.34 43.67
N PRO B 1103 -0.78 24.45 43.01
CA PRO B 1103 0.37 23.63 43.41
C PRO B 1103 0.92 24.00 44.77
N LYS B 1104 0.87 25.28 45.15
CA LYS B 1104 1.29 25.71 46.48
C LYS B 1104 0.22 25.31 47.48
N SER B 1105 0.29 24.05 47.91
CA SER B 1105 -0.72 23.46 48.78
C SER B 1105 -0.03 22.40 49.64
N GLU B 1106 0.00 22.62 50.94
CA GLU B 1106 0.81 21.81 51.83
C GLU B 1106 0.07 20.52 52.21
N THR B 1107 0.66 19.80 53.16
CA THR B 1107 0.13 18.55 53.68
C THR B 1107 0.30 18.66 55.20
N ASN B 1108 -0.20 17.67 55.96
CA ASN B 1108 -0.10 17.78 57.41
C ASN B 1108 1.22 17.21 57.94
N TYR B 1109 2.24 17.13 57.10
CA TYR B 1109 3.61 17.06 57.57
C TYR B 1109 4.43 18.23 57.06
N GLY B 1110 3.91 18.94 56.07
CA GLY B 1110 4.56 20.06 55.43
C GLY B 1110 5.19 19.58 54.14
N CYS B 1111 4.48 19.76 53.03
CA CYS B 1111 4.88 19.15 51.77
C CYS B 1111 4.40 20.04 50.63
N ALA B 1112 4.47 19.50 49.41
CA ALA B 1112 3.92 20.11 48.22
C ALA B 1112 3.67 19.00 47.22
N ALA B 1113 3.39 19.39 45.98
CA ALA B 1113 3.21 18.39 44.93
C ALA B 1113 4.55 17.90 44.40
N ILE B 1114 5.55 18.79 44.38
CA ILE B 1114 6.84 18.44 43.78
C ILE B 1114 7.63 17.55 44.73
N TRP B 1115 7.27 17.54 46.01
CA TRP B 1115 7.93 16.61 46.93
C TRP B 1115 7.53 15.17 46.63
N PHE B 1116 6.26 14.96 46.28
CA PHE B 1116 5.82 13.62 45.89
C PHE B 1116 6.26 13.30 44.46
N ALA B 1117 6.28 14.32 43.59
CA ALA B 1117 6.72 14.11 42.22
C ALA B 1117 8.22 13.84 42.15
N ALA B 1118 8.96 14.22 43.19
CA ALA B 1118 10.38 13.92 43.25
C ALA B 1118 10.65 12.68 44.06
N SER B 1119 9.77 12.37 45.02
CA SER B 1119 10.03 11.28 45.95
C SER B 1119 9.91 9.91 45.29
N GLU B 1120 9.22 9.80 44.16
CA GLU B 1120 9.06 8.54 43.45
C GLU B 1120 9.14 8.84 41.95
N GLY B 1121 10.35 8.83 41.39
CA GLY B 1121 10.61 8.92 39.97
C GLY B 1121 9.97 10.08 39.24
N HIS B 1122 9.37 9.79 38.08
CA HIS B 1122 8.41 10.65 37.38
C HIS B 1122 9.00 12.01 37.01
N ASN B 1123 9.90 11.97 36.03
CA ASN B 1123 10.57 13.18 35.59
C ASN B 1123 9.61 14.18 34.94
N GLU B 1124 8.62 13.68 34.19
CA GLU B 1124 7.78 14.59 33.39
C GLU B 1124 6.75 15.29 34.25
N VAL B 1125 6.20 14.57 35.24
CA VAL B 1125 5.33 15.20 36.24
C VAL B 1125 6.13 16.23 37.04
N LEU B 1126 7.41 15.93 37.27
CA LEU B 1126 8.27 16.83 38.01
C LEU B 1126 8.59 18.08 37.20
N ARG B 1127 8.68 17.95 35.87
CA ARG B 1127 8.98 19.13 35.07
C ARG B 1127 7.72 19.95 34.82
N TYR B 1128 6.57 19.29 34.75
CA TYR B 1128 5.31 20.02 34.63
C TYR B 1128 4.99 20.79 35.90
N LEU B 1129 5.07 20.11 37.05
CA LEU B 1129 4.83 20.78 38.32
C LEU B 1129 5.94 21.76 38.64
N MET B 1130 7.15 21.47 38.17
CA MET B 1130 8.26 22.37 38.40
C MET B 1130 8.16 23.61 37.53
N ASN B 1131 7.46 23.51 36.40
CA ASN B 1131 7.18 24.70 35.62
C ASN B 1131 6.14 25.60 36.28
N LYS B 1132 5.36 25.05 37.22
CA LYS B 1132 4.34 25.81 37.93
C LYS B 1132 4.97 26.60 39.07
N GLU B 1133 4.13 27.15 39.95
CA GLU B 1133 4.60 27.97 41.06
C GLU B 1133 4.83 27.11 42.30
N HIS B 1134 5.90 27.41 43.02
CA HIS B 1134 6.31 26.67 44.20
C HIS B 1134 7.32 27.48 44.97
N ASP B 1135 7.45 27.18 46.26
CA ASP B 1135 8.36 27.90 47.14
C ASP B 1135 9.66 27.11 47.23
N THR B 1136 10.71 27.62 46.59
CA THR B 1136 11.96 26.89 46.52
C THR B 1136 12.71 26.90 47.85
N TYR B 1137 12.65 28.02 48.57
CA TYR B 1137 13.40 28.13 49.81
C TYR B 1137 12.79 27.28 50.91
N GLY B 1138 11.51 26.97 50.79
CA GLY B 1138 10.93 25.95 51.65
C GLY B 1138 11.29 24.54 51.20
N LEU B 1139 11.70 24.40 49.94
CA LEU B 1139 11.98 23.07 49.40
C LEU B 1139 13.42 22.65 49.66
N MET B 1140 14.35 23.61 49.65
CA MET B 1140 15.76 23.25 49.79
C MET B 1140 16.10 22.91 51.24
N GLU B 1141 15.25 23.31 52.18
CA GLU B 1141 15.50 22.95 53.56
C GLU B 1141 14.99 21.55 53.85
N ASP B 1142 14.10 21.03 53.02
CA ASP B 1142 13.72 19.63 53.08
C ASP B 1142 14.82 18.80 52.45
N LYS B 1143 15.65 18.17 53.28
CA LYS B 1143 16.83 17.48 52.79
C LYS B 1143 16.45 16.21 52.02
N ARG B 1144 15.31 15.62 52.35
CA ARG B 1144 14.83 14.47 51.60
C ARG B 1144 14.43 14.87 50.18
N PHE B 1145 13.86 16.05 50.02
CA PHE B 1145 13.53 16.55 48.70
C PHE B 1145 14.79 16.81 47.88
N VAL B 1146 15.83 17.32 48.54
CA VAL B 1146 17.10 17.58 47.86
C VAL B 1146 17.74 16.27 47.43
N TYR B 1147 17.68 15.26 48.29
CA TYR B 1147 18.26 13.96 47.98
C TYR B 1147 17.49 13.26 46.86
N ASN B 1148 16.17 13.31 46.89
CA ASN B 1148 15.38 12.68 45.84
C ASN B 1148 15.52 13.42 44.51
N LEU B 1149 15.71 14.75 44.57
CA LEU B 1149 15.97 15.51 43.35
C LEU B 1149 17.32 15.13 42.76
N MET B 1150 18.29 14.84 43.63
CA MET B 1150 19.56 14.28 43.15
C MET B 1150 19.36 12.93 42.49
N VAL B 1151 18.50 12.09 43.07
CA VAL B 1151 18.30 10.74 42.55
C VAL B 1151 17.63 10.78 41.18
N VAL B 1152 16.61 11.63 41.02
CA VAL B 1152 15.92 11.75 39.74
C VAL B 1152 16.84 12.38 38.69
N SER B 1153 17.65 13.36 39.11
CA SER B 1153 18.59 13.99 38.20
C SER B 1153 19.69 13.03 37.78
N LYS B 1154 20.00 12.05 38.61
CA LYS B 1154 20.95 11.02 38.21
C LYS B 1154 20.43 10.19 37.05
N ASN B 1155 19.14 9.87 37.08
CA ASN B 1155 18.59 8.98 36.06
C ASN B 1155 18.29 9.73 34.77
N HIS B 1156 17.90 11.00 34.86
CA HIS B 1156 17.35 11.68 33.70
C HIS B 1156 18.27 12.74 33.12
N ASN B 1157 19.57 12.45 33.02
CA ASN B 1157 20.59 13.25 32.34
C ASN B 1157 20.74 14.64 32.94
N ASN B 1158 20.48 14.76 34.26
CA ASN B 1158 20.49 15.98 35.10
C ASN B 1158 19.92 17.22 34.42
N LYS B 1159 18.90 17.02 33.59
CA LYS B 1159 17.98 18.09 33.24
C LYS B 1159 17.08 18.60 34.38
N PRO B 1160 16.49 17.76 35.26
CA PRO B 1160 15.54 18.35 36.24
C PRO B 1160 16.18 19.21 37.32
N ILE B 1161 17.43 18.94 37.68
CA ILE B 1161 18.12 19.80 38.64
C ILE B 1161 18.41 21.16 38.00
N GLN B 1162 18.74 21.15 36.71
CA GLN B 1162 18.85 22.37 35.93
C GLN B 1162 17.53 23.11 35.88
N GLU B 1163 16.43 22.37 35.79
CA GLU B 1163 15.12 23.00 35.76
C GLU B 1163 14.79 23.61 37.11
N PHE B 1164 15.17 22.95 38.20
CA PHE B 1164 14.89 23.49 39.53
C PHE B 1164 15.73 24.71 39.81
N VAL B 1165 16.90 24.81 39.17
CA VAL B 1165 17.65 26.06 39.27
C VAL B 1165 16.99 27.15 38.44
N LEU B 1166 16.69 26.85 37.17
CA LEU B 1166 16.30 27.91 36.24
C LEU B 1166 14.87 28.39 36.44
N VAL B 1167 14.03 27.65 37.16
CA VAL B 1167 12.69 28.13 37.45
C VAL B 1167 12.67 29.12 38.61
N SER B 1168 13.51 28.90 39.62
CA SER B 1168 13.52 29.64 40.88
C SER B 1168 13.71 31.14 40.67
N PRO B 1169 13.16 31.98 41.56
CA PRO B 1169 13.16 33.43 41.28
C PRO B 1169 14.53 34.06 41.33
N ALA B 1170 15.45 33.50 42.13
CA ALA B 1170 16.86 33.86 42.09
C ALA B 1170 17.61 32.58 41.75
N PRO B 1171 17.94 32.37 40.48
CA PRO B 1171 18.56 31.10 40.07
C PRO B 1171 19.96 30.92 40.62
N VAL B 1172 20.70 32.01 40.81
CA VAL B 1172 22.07 31.91 41.27
C VAL B 1172 22.11 31.55 42.75
N ASP B 1173 21.19 32.12 43.53
CA ASP B 1173 21.05 31.73 44.94
C ASP B 1173 20.67 30.27 45.08
N THR B 1174 19.78 29.79 44.21
CA THR B 1174 19.32 28.41 44.34
C THR B 1174 20.40 27.44 43.92
N ALA B 1175 21.13 27.76 42.84
CA ALA B 1175 22.23 26.92 42.39
C ALA B 1175 23.34 26.85 43.42
N ALA B 1176 23.71 28.02 43.97
CA ALA B 1176 24.83 28.08 44.90
C ALA B 1176 24.48 27.45 46.24
N LYS B 1177 23.38 27.90 46.87
CA LYS B 1177 22.97 27.39 48.17
C LYS B 1177 22.64 25.91 48.10
N LEU B 1178 21.99 25.49 47.01
CA LEU B 1178 21.62 24.09 46.86
C LEU B 1178 22.84 23.23 46.58
N SER B 1179 23.86 23.81 45.93
CA SER B 1179 25.12 23.09 45.80
C SER B 1179 25.81 22.92 47.14
N ASN B 1180 25.66 23.89 48.04
CA ASN B 1180 26.21 23.72 49.38
C ASN B 1180 25.45 22.67 50.15
N ILE B 1181 24.13 22.58 49.93
CA ILE B 1181 23.34 21.54 50.57
C ILE B 1181 23.76 20.16 50.07
N TYR B 1182 24.12 20.07 48.79
CA TYR B 1182 24.71 18.86 48.25
C TYR B 1182 26.03 18.50 48.92
N ILE B 1183 26.93 19.47 49.06
CA ILE B 1183 28.24 19.18 49.62
C ILE B 1183 28.16 18.86 51.10
N VAL B 1184 27.24 19.48 51.84
CA VAL B 1184 27.06 19.13 53.24
C VAL B 1184 26.44 17.74 53.38
N LEU B 1185 25.47 17.41 52.51
CA LEU B 1185 24.88 16.07 52.56
C LEU B 1185 25.85 15.00 52.08
N SER B 1186 26.90 15.39 51.36
CA SER B 1186 27.93 14.42 50.98
C SER B 1186 28.66 13.87 52.20
N THR B 1187 28.87 14.71 53.21
CA THR B 1187 29.49 14.24 54.45
C THR B 1187 28.45 13.72 55.44
N LYS B 1188 27.24 14.31 55.42
CA LYS B 1188 26.26 13.98 56.45
C LYS B 1188 25.59 12.64 56.19
N GLU B 1189 25.63 12.17 54.95
CA GLU B 1189 25.05 10.88 54.59
C GLU B 1189 26.12 9.96 54.02
N LYS B 1190 25.77 8.69 53.89
CA LYS B 1190 26.73 7.69 53.43
C LYS B 1190 26.14 6.77 52.38
N GLU B 1191 24.94 7.09 51.90
CA GLU B 1191 24.22 6.30 50.88
C GLU B 1191 25.05 6.34 49.60
N ARG B 1192 25.23 7.50 48.97
CA ARG B 1192 26.15 7.62 47.84
C ARG B 1192 26.76 9.02 47.86
N ALA B 1193 27.99 9.08 48.36
CA ALA B 1193 28.67 10.36 48.48
C ALA B 1193 29.36 10.73 47.18
N LYS B 1194 29.41 9.80 46.22
CA LYS B 1194 30.08 10.08 44.96
C LYS B 1194 29.14 10.83 44.01
N ASP B 1195 27.87 10.94 44.37
CA ASP B 1195 26.88 11.46 43.43
C ASP B 1195 26.31 12.78 43.90
N LEU B 1196 26.27 13.00 45.21
CA LEU B 1196 25.92 14.31 45.75
C LEU B 1196 26.98 15.33 45.40
N VAL B 1197 28.25 14.91 45.37
CA VAL B 1197 29.34 15.81 44.99
C VAL B 1197 29.23 16.20 43.52
N ALA B 1198 28.82 15.25 42.67
CA ALA B 1198 28.68 15.54 41.25
C ALA B 1198 27.55 16.53 40.99
N ALA B 1199 26.48 16.44 41.76
CA ALA B 1199 25.39 17.40 41.63
C ALA B 1199 25.76 18.75 42.21
N GLY B 1200 26.55 18.77 43.29
CA GLY B 1200 27.01 20.03 43.84
C GLY B 1200 27.97 20.74 42.90
N LYS B 1201 28.80 19.98 42.19
CA LYS B 1201 29.67 20.57 41.19
C LYS B 1201 28.88 21.02 39.96
N GLN B 1202 27.80 20.30 39.66
CA GLN B 1202 26.92 20.73 38.57
C GLN B 1202 26.27 22.07 38.87
N CYS B 1203 25.76 22.24 40.09
CA CYS B 1203 25.10 23.50 40.42
C CYS B 1203 26.12 24.60 40.71
N GLU B 1204 27.33 24.24 41.09
CA GLU B 1204 28.39 25.25 41.21
C GLU B 1204 28.75 25.79 39.83
N ALA B 1205 28.94 24.90 38.86
CA ALA B 1205 29.27 25.32 37.50
C ALA B 1205 28.09 26.05 36.86
N MET B 1206 26.87 25.65 37.21
CA MET B 1206 25.69 26.35 36.73
C MET B 1206 25.59 27.73 37.34
N ALA B 1207 26.06 27.89 38.57
CA ALA B 1207 26.14 29.22 39.16
C ALA B 1207 27.20 30.08 38.49
N THR B 1208 28.30 29.46 38.05
CA THR B 1208 29.31 30.20 37.29
C THR B 1208 28.75 30.69 35.97
N GLU B 1209 28.03 29.84 35.25
CA GLU B 1209 27.54 30.22 33.93
C GLU B 1209 26.36 31.18 34.02
N LEU B 1210 25.53 31.05 35.07
CA LEU B 1210 24.43 31.99 35.24
C LEU B 1210 24.92 33.34 35.72
N LEU B 1211 26.00 33.36 36.53
CA LEU B 1211 26.55 34.64 36.90
C LEU B 1211 27.34 35.25 35.75
N ALA B 1212 27.82 34.40 34.84
CA ALA B 1212 28.53 34.91 33.67
C ALA B 1212 27.57 35.52 32.67
N LEU B 1213 26.44 34.86 32.43
CA LEU B 1213 25.44 35.43 31.52
C LEU B 1213 24.70 36.59 32.15
N ALA B 1214 24.42 36.52 33.45
CA ALA B 1214 23.63 37.52 34.15
C ALA B 1214 24.37 38.83 34.37
N ALA B 1215 25.69 38.80 34.50
CA ALA B 1215 26.43 40.03 34.65
C ALA B 1215 26.51 40.81 33.35
N GLY B 1216 26.50 40.13 32.22
CA GLY B 1216 26.58 40.83 30.94
C GLY B 1216 27.95 41.42 30.75
N SER B 1217 27.99 42.74 30.58
CA SER B 1217 29.27 43.43 30.44
C SER B 1217 29.90 43.73 31.81
N ASP B 1218 29.24 44.59 32.60
CA ASP B 1218 29.84 45.12 33.81
C ASP B 1218 28.87 45.22 34.97
N SER B 1219 27.70 44.58 34.86
CA SER B 1219 26.68 44.72 35.88
C SER B 1219 26.87 43.79 37.08
N ALA B 1220 28.09 43.30 37.32
CA ALA B 1220 28.33 42.39 38.42
C ALA B 1220 28.21 43.09 39.77
N GLY B 1221 28.38 44.42 39.80
CA GLY B 1221 28.28 45.14 41.05
C GLY B 1221 26.87 45.14 41.62
N LYS B 1222 25.87 45.17 40.75
CA LYS B 1222 24.49 45.06 41.20
C LYS B 1222 24.19 43.67 41.74
N ILE B 1223 24.65 42.63 41.04
CA ILE B 1223 24.28 41.26 41.39
C ILE B 1223 25.01 40.84 42.66
N LEU B 1224 26.29 41.17 42.75
CA LEU B 1224 27.05 40.80 43.94
C LEU B 1224 26.72 41.74 45.10
N GLN B 1225 26.30 42.97 44.79
CA GLN B 1225 25.89 43.89 45.85
C GLN B 1225 24.42 43.73 46.19
N ALA B 1226 23.73 42.79 45.54
CA ALA B 1226 22.32 42.56 45.83
C ALA B 1226 22.14 41.89 47.18
N THR B 1227 20.95 42.04 47.75
CA THR B 1227 20.64 41.36 49.01
C THR B 1227 20.17 39.94 48.73
N ASP B 1228 19.75 39.26 49.79
CA ASP B 1228 19.24 37.91 49.66
C ASP B 1228 17.82 37.82 50.19
N LYS B 1229 17.32 36.59 50.30
CA LYS B 1229 16.06 36.36 50.99
C LYS B 1229 16.18 36.72 52.47
N ARG B 1230 17.23 36.26 53.13
CA ARG B 1230 17.61 36.83 54.40
C ARG B 1230 18.30 38.18 54.17
N ASN B 1231 18.36 38.99 55.22
CA ASN B 1231 18.87 40.36 55.11
C ASN B 1231 20.40 40.36 55.16
N VAL B 1232 21.00 39.74 54.14
CA VAL B 1232 22.45 39.73 53.96
C VAL B 1232 22.73 39.97 52.49
N GLU B 1233 23.96 40.39 52.20
CA GLU B 1233 24.36 40.60 50.81
C GLU B 1233 24.59 39.27 50.11
N PHE B 1234 24.73 39.33 48.79
CA PHE B 1234 24.89 38.11 48.01
C PHE B 1234 26.31 37.56 48.10
N LEU B 1235 27.30 38.45 48.18
CA LEU B 1235 28.68 37.99 48.17
C LEU B 1235 29.04 37.38 49.51
N ASP B 1236 28.48 37.91 50.60
CA ASP B 1236 28.66 37.30 51.91
C ASP B 1236 28.01 35.92 51.99
N VAL B 1237 26.86 35.76 51.32
CA VAL B 1237 26.33 34.42 51.10
C VAL B 1237 27.36 33.57 50.39
N LEU B 1238 27.86 34.06 49.26
CA LEU B 1238 28.71 33.28 48.36
C LEU B 1238 30.05 32.91 49.00
N ILE B 1239 30.49 33.64 50.02
CA ILE B 1239 31.65 33.18 50.77
C ILE B 1239 31.25 32.21 51.87
N GLU B 1240 30.08 32.41 52.51
CA GLU B 1240 29.60 31.41 53.44
C GLU B 1240 29.03 30.20 52.72
N ASN B 1241 28.74 30.35 51.44
CA ASN B 1241 28.31 29.28 50.57
C ASN B 1241 29.49 28.43 50.13
N GLU B 1242 30.71 28.98 50.22
CA GLU B 1242 31.98 28.31 49.92
C GLU B 1242 32.02 27.80 48.49
N GLN B 1243 31.59 28.67 47.58
CA GLN B 1243 31.54 28.36 46.17
C GLN B 1243 32.81 28.85 45.50
N LYS B 1244 33.89 28.11 45.72
CA LYS B 1244 35.22 28.46 45.25
C LYS B 1244 35.30 28.47 43.73
N GLU B 1245 34.57 27.54 43.09
CA GLU B 1245 34.54 27.50 41.64
C GLU B 1245 33.79 28.70 41.07
N VAL B 1246 32.82 29.22 41.83
CA VAL B 1246 32.10 30.41 41.40
C VAL B 1246 32.94 31.64 41.64
N ILE B 1247 33.58 31.71 42.80
CA ILE B 1247 34.21 32.94 43.23
C ILE B 1247 35.58 33.11 42.59
N ALA B 1248 36.09 32.08 41.92
CA ALA B 1248 37.31 32.20 41.15
C ALA B 1248 37.06 32.48 39.68
N HIS B 1249 35.81 32.59 39.27
CA HIS B 1249 35.50 32.98 37.91
C HIS B 1249 35.88 34.45 37.72
N THR B 1250 36.17 34.82 36.46
CA THR B 1250 36.83 36.10 36.19
C THR B 1250 35.92 37.30 36.42
N VAL B 1251 34.60 37.08 36.43
CA VAL B 1251 33.66 38.20 36.58
C VAL B 1251 33.69 38.73 38.01
N VAL B 1252 33.43 37.85 38.97
CA VAL B 1252 33.48 38.21 40.39
C VAL B 1252 34.91 38.54 40.81
N GLN B 1253 35.90 38.01 40.09
CA GLN B 1253 37.27 38.31 40.42
C GLN B 1253 37.65 39.73 40.00
N ARG B 1254 37.27 40.14 38.78
CA ARG B 1254 37.65 41.48 38.34
C ARG B 1254 36.77 42.54 39.00
N TYR B 1255 35.51 42.20 39.31
CA TYR B 1255 34.73 43.10 40.16
C TYR B 1255 35.33 43.21 41.54
N LEU B 1256 35.82 42.11 42.08
CA LEU B 1256 36.36 42.13 43.44
C LEU B 1256 37.68 42.87 43.48
N GLN B 1257 38.39 42.91 42.35
CA GLN B 1257 39.56 43.78 42.25
C GLN B 1257 39.14 45.24 42.13
N GLU B 1258 37.99 45.50 41.48
CA GLU B 1258 37.48 46.87 41.46
C GLU B 1258 37.03 47.32 42.86
N LEU B 1259 36.47 46.41 43.64
CA LEU B 1259 36.12 46.71 45.02
C LEU B 1259 37.36 46.85 45.87
N TRP B 1260 38.44 46.17 45.49
CA TRP B 1260 39.71 46.31 46.18
C TRP B 1260 40.29 47.70 45.97
N HIS B 1261 40.22 48.24 44.75
CA HIS B 1261 40.66 49.60 44.54
C HIS B 1261 39.69 50.62 45.10
N GLY B 1262 38.40 50.47 44.82
CA GLY B 1262 37.43 51.46 45.26
C GLY B 1262 37.53 52.75 44.49
N SER B 1263 37.75 52.66 43.18
CA SER B 1263 37.99 53.75 42.22
C SER B 1263 39.16 54.63 42.63
N LEU B 1264 40.19 54.06 43.27
CA LEU B 1264 41.36 54.85 43.63
C LEU B 1264 42.20 55.17 42.39
N THR B 1265 42.63 54.13 41.67
CA THR B 1265 43.07 54.19 40.27
C THR B 1265 44.31 55.06 40.05
N TRP B 1266 45.29 54.95 40.94
CA TRP B 1266 46.68 55.18 40.54
C TRP B 1266 47.44 53.96 41.04
N ALA B 1267 47.38 52.88 40.26
CA ALA B 1267 47.39 51.55 40.86
C ALA B 1267 48.80 51.06 41.19
N SER B 1268 49.64 50.88 40.17
CA SER B 1268 50.75 49.95 40.31
C SER B 1268 51.95 50.57 41.03
N TRP B 1269 52.14 51.88 40.89
CA TRP B 1269 53.41 52.49 41.26
C TRP B 1269 53.28 53.51 42.39
N LYS B 1270 52.32 54.43 42.28
CA LYS B 1270 52.21 55.49 43.27
C LYS B 1270 51.65 54.98 44.60
N ILE B 1271 51.02 53.80 44.58
CA ILE B 1271 50.64 53.15 45.84
C ILE B 1271 51.88 52.58 46.51
N LEU B 1272 52.80 52.03 45.72
CA LEU B 1272 54.03 51.48 46.28
C LEU B 1272 54.91 52.57 46.85
N LEU B 1273 54.94 53.74 46.20
CA LEU B 1273 55.56 54.91 46.79
C LEU B 1273 54.77 55.40 48.00
N LEU B 1274 53.44 55.29 47.93
CA LEU B 1274 52.58 55.93 48.91
C LEU B 1274 52.54 55.16 50.22
N LEU B 1275 52.88 53.87 50.19
CA LEU B 1275 53.17 53.11 51.41
C LEU B 1275 54.35 53.71 52.16
N VAL B 1276 55.39 54.07 51.41
CA VAL B 1276 56.54 54.74 52.03
C VAL B 1276 56.12 56.11 52.54
N ALA B 1277 55.18 56.76 51.84
CA ALA B 1277 54.61 58.01 52.33
C ALA B 1277 53.80 57.81 53.61
N PHE B 1278 53.27 56.59 53.84
CA PHE B 1278 52.75 56.29 55.17
C PHE B 1278 53.88 56.08 56.16
N ILE B 1279 54.99 55.48 55.72
CA ILE B 1279 55.92 54.92 56.68
C ILE B 1279 56.90 55.98 57.17
N VAL B 1280 57.10 57.01 56.35
CA VAL B 1280 57.96 58.11 56.73
C VAL B 1280 57.37 58.89 57.90
N CYS B 1281 56.06 59.13 57.83
CA CYS B 1281 55.34 59.86 58.86
C CYS B 1281 54.16 59.06 59.37
N PRO B 1282 54.03 58.96 60.70
CA PRO B 1282 52.78 58.62 61.40
C PRO B 1282 51.66 59.66 61.22
N PRO B 1283 51.99 60.96 61.25
CA PRO B 1283 50.94 61.97 61.12
C PRO B 1283 50.19 61.89 59.80
N VAL B 1284 50.94 61.69 58.71
CA VAL B 1284 50.32 61.55 57.39
C VAL B 1284 49.46 60.29 57.36
N TRP B 1285 49.98 59.20 57.90
CA TRP B 1285 49.20 57.97 58.01
C TRP B 1285 48.03 58.12 58.98
N ILE B 1286 48.22 58.89 60.06
CA ILE B 1286 47.17 59.08 61.05
C ILE B 1286 46.03 59.90 60.44
N GLY B 1287 46.36 60.76 59.46
CA GLY B 1287 45.31 61.45 58.72
C GLY B 1287 44.48 60.50 57.86
N PHE B 1288 45.12 59.53 57.22
CA PHE B 1288 44.38 58.59 56.39
C PHE B 1288 43.58 57.59 57.22
N THR B 1289 43.98 57.36 58.47
CA THR B 1289 43.19 56.47 59.33
C THR B 1289 41.92 57.13 59.83
N PHE B 1290 41.95 58.44 60.03
CA PHE B 1290 40.84 59.12 60.67
C PHE B 1290 39.69 59.34 59.69
N PRO B 1291 38.44 59.14 60.13
CA PRO B 1291 37.31 59.51 59.28
C PRO B 1291 36.87 60.96 59.42
N MET B 1292 37.68 61.80 60.09
CA MET B 1292 37.31 63.21 60.20
C MET B 1292 37.79 64.00 58.99
N GLY B 1293 39.06 63.85 58.61
CA GLY B 1293 39.48 64.23 57.27
C GLY B 1293 39.45 63.04 56.33
N HIS B 1294 38.25 62.50 56.09
CA HIS B 1294 38.01 61.11 55.69
C HIS B 1294 38.62 60.82 54.31
N LYS B 1295 37.96 61.20 53.21
CA LYS B 1295 38.46 61.32 51.84
C LYS B 1295 39.00 60.04 51.19
N PHE B 1296 39.44 59.05 51.99
CA PHE B 1296 39.93 57.78 51.47
C PHE B 1296 39.65 56.62 52.42
N ASN B 1297 38.78 56.79 53.42
CA ASN B 1297 38.71 55.80 54.49
C ASN B 1297 37.73 54.68 54.15
N LYS B 1298 37.25 54.63 52.90
CA LYS B 1298 36.31 53.58 52.52
C LYS B 1298 36.94 52.57 51.57
N VAL B 1299 38.06 52.92 50.95
CA VAL B 1299 38.73 51.97 50.06
C VAL B 1299 39.52 50.99 50.92
N PRO B 1300 39.62 49.71 50.53
CA PRO B 1300 40.27 48.74 51.43
C PRO B 1300 41.77 48.65 51.23
N ILE B 1301 42.30 49.22 50.14
CA ILE B 1301 43.76 49.26 49.97
C ILE B 1301 44.41 50.09 51.06
N ILE B 1302 43.79 51.21 51.42
CA ILE B 1302 44.42 52.11 52.38
C ILE B 1302 44.17 51.62 53.81
N LYS B 1303 43.05 50.95 54.04
CA LYS B 1303 42.83 50.30 55.33
C LYS B 1303 43.80 49.14 55.52
N PHE B 1304 43.96 48.33 54.48
CA PHE B 1304 44.94 47.24 54.48
C PHE B 1304 46.36 47.78 54.65
N MET B 1305 46.62 48.94 54.06
CA MET B 1305 47.91 49.58 54.21
C MET B 1305 48.07 50.10 55.63
N SER B 1306 46.96 50.41 56.30
CA SER B 1306 47.02 50.89 57.67
C SER B 1306 47.36 49.77 58.63
N TYR B 1307 46.79 48.58 58.41
CA TYR B 1307 47.23 47.43 59.21
C TYR B 1307 48.65 47.03 58.84
N LEU B 1308 49.04 47.28 57.59
CA LEU B 1308 50.38 46.94 57.13
C LEU B 1308 51.43 47.79 57.83
N THR B 1309 51.40 49.11 57.63
CA THR B 1309 52.43 49.97 58.22
C THR B 1309 52.25 50.07 59.74
N SER B 1310 51.02 49.83 60.22
CA SER B 1310 50.79 49.64 61.64
C SER B 1310 51.62 48.48 62.18
N HIS B 1311 51.61 47.37 61.46
CA HIS B 1311 52.39 46.22 61.89
C HIS B 1311 53.89 46.45 61.69
N ILE B 1312 54.25 47.28 60.71
CA ILE B 1312 55.66 47.57 60.50
C ILE B 1312 56.20 48.41 61.65
N TYR B 1313 55.43 49.40 62.12
CA TYR B 1313 55.86 50.14 63.29
C TYR B 1313 55.84 49.28 64.54
N LEU B 1314 54.99 48.24 64.57
CA LEU B 1314 55.09 47.24 65.63
C LEU B 1314 56.43 46.49 65.54
N MET B 1315 56.88 46.18 64.32
CA MET B 1315 58.17 45.52 64.14
C MET B 1315 59.32 46.41 64.57
N ILE B 1316 59.24 47.70 64.25
CA ILE B 1316 60.33 48.63 64.58
C ILE B 1316 60.42 48.84 66.08
N HIS B 1317 59.27 49.01 66.75
CA HIS B 1317 59.29 49.18 68.19
C HIS B 1317 59.68 47.91 68.91
N LEU B 1318 59.33 46.74 68.37
CA LEU B 1318 59.87 45.51 68.93
C LEU B 1318 61.38 45.41 68.74
N SER B 1319 61.89 45.92 67.62
CA SER B 1319 63.33 45.88 67.36
C SER B 1319 64.08 46.77 68.33
N ILE B 1320 63.61 48.01 68.51
CA ILE B 1320 64.27 48.97 69.39
C ILE B 1320 64.13 48.59 70.86
N VAL B 1321 63.00 48.03 71.28
CA VAL B 1321 62.88 47.59 72.67
C VAL B 1321 63.74 46.36 72.93
N GLY B 1322 63.52 45.29 72.17
CA GLY B 1322 64.08 44.01 72.56
C GLY B 1322 65.43 43.66 71.96
N ILE B 1323 65.68 44.08 70.71
CA ILE B 1323 66.80 43.55 69.96
C ILE B 1323 67.99 44.51 70.01
N THR B 1324 67.80 45.72 69.49
CA THR B 1324 68.88 46.71 69.39
C THR B 1324 68.51 47.97 70.18
N PRO B 1325 68.75 47.96 71.49
CA PRO B 1325 68.25 49.06 72.33
C PRO B 1325 69.08 50.33 72.24
N ILE B 1326 68.39 51.44 71.97
CA ILE B 1326 69.04 52.74 72.10
C ILE B 1326 69.21 53.08 73.58
N TYR B 1327 68.09 53.22 74.29
CA TYR B 1327 68.02 53.34 75.74
C TYR B 1327 68.54 52.06 76.36
N PRO B 1328 69.71 52.08 77.00
CA PRO B 1328 70.32 50.84 77.48
C PRO B 1328 69.58 50.30 78.70
N VAL B 1329 69.13 49.05 78.58
CA VAL B 1329 68.01 48.60 79.38
C VAL B 1329 68.43 48.29 80.82
N LEU B 1330 69.63 47.75 81.00
CA LEU B 1330 70.13 47.40 82.32
C LEU B 1330 70.48 48.66 83.11
N ARG B 1331 69.54 49.08 83.97
CA ARG B 1331 69.86 50.05 85.01
C ARG B 1331 68.93 49.75 86.18
N LEU B 1332 69.38 50.17 87.37
CA LEU B 1332 68.62 49.92 88.60
C LEU B 1332 67.43 50.88 88.66
N SER B 1333 66.34 50.44 88.02
CA SER B 1333 65.12 51.24 87.96
C SER B 1333 63.94 50.32 87.67
N LEU B 1334 62.83 50.95 87.30
CA LEU B 1334 61.72 50.23 86.69
C LEU B 1334 62.03 49.92 85.23
N VAL B 1335 63.08 50.54 84.70
CA VAL B 1335 63.35 50.83 83.28
C VAL B 1335 62.06 51.12 82.51
N PRO B 1336 61.41 52.27 82.71
CA PRO B 1336 60.40 52.68 81.74
C PRO B 1336 61.02 53.56 80.66
N TYR B 1337 60.33 53.66 79.54
CA TYR B 1337 60.70 54.59 78.47
C TYR B 1337 59.51 54.73 77.53
N TRP B 1338 59.49 55.81 76.74
CA TRP B 1338 58.29 56.18 76.01
C TRP B 1338 58.00 55.24 74.85
N TYR B 1339 59.04 54.64 74.24
CA TYR B 1339 58.72 53.64 73.22
C TYR B 1339 58.36 52.30 73.85
N GLU B 1340 58.74 52.08 75.11
CA GLU B 1340 58.29 50.88 75.80
C GLU B 1340 56.85 51.02 76.25
N VAL B 1341 56.44 52.24 76.61
CA VAL B 1341 55.04 52.49 76.92
C VAL B 1341 54.22 52.47 75.65
N GLY B 1342 54.76 53.01 74.56
CA GLY B 1342 54.05 52.95 73.28
C GLY B 1342 53.94 51.53 72.76
N LEU B 1343 54.98 50.72 72.98
CA LEU B 1343 54.89 49.30 72.67
C LEU B 1343 53.88 48.61 73.56
N LEU B 1344 53.75 49.06 74.82
CA LEU B 1344 52.78 48.48 75.73
C LEU B 1344 51.35 48.80 75.28
N ILE B 1345 51.13 50.00 74.76
CA ILE B 1345 49.80 50.39 74.33
C ILE B 1345 49.54 49.88 72.90
N TRP B 1346 50.59 49.38 72.24
CA TRP B 1346 50.37 48.79 70.92
C TRP B 1346 50.11 47.30 71.02
N LEU B 1347 50.74 46.64 72.00
CA LEU B 1347 50.34 45.27 72.31
C LEU B 1347 48.95 45.24 72.92
N SER B 1348 48.66 46.19 73.82
CA SER B 1348 47.31 46.33 74.35
C SER B 1348 46.33 46.72 73.26
N GLY B 1349 46.77 47.54 72.30
CA GLY B 1349 45.89 47.91 71.20
C GLY B 1349 45.61 46.76 70.26
N LEU B 1350 46.61 45.91 70.03
CA LEU B 1350 46.38 44.75 69.18
C LEU B 1350 45.52 43.71 69.89
N LEU B 1351 45.64 43.62 71.21
CA LEU B 1351 44.69 42.84 71.99
C LEU B 1351 43.28 43.39 71.86
N LEU B 1352 43.16 44.73 71.86
CA LEU B 1352 41.87 45.38 71.65
C LEU B 1352 41.31 45.06 70.27
N PHE B 1353 42.16 45.03 69.25
CA PHE B 1353 41.67 44.76 67.91
C PHE B 1353 41.26 43.30 67.73
N GLU B 1354 42.04 42.37 68.30
CA GLU B 1354 41.68 40.97 68.14
C GLU B 1354 40.48 40.59 69.00
N LEU B 1355 40.27 41.28 70.13
CA LEU B 1355 39.06 41.03 70.90
C LEU B 1355 37.83 41.64 70.23
N THR B 1356 37.98 42.85 69.67
CA THR B 1356 36.85 43.45 68.96
C THR B 1356 36.61 42.77 67.61
N ASN B 1357 37.61 42.72 66.75
CA ASN B 1357 37.49 42.06 65.46
C ASN B 1357 38.26 40.74 65.51
N PRO B 1358 37.57 39.60 65.57
CA PRO B 1358 38.27 38.33 65.74
C PRO B 1358 38.99 37.90 64.46
N SER B 1359 40.09 37.17 64.65
CA SER B 1359 40.85 36.59 63.55
C SER B 1359 41.01 35.10 63.81
N ASP B 1360 40.79 34.30 62.78
CA ASP B 1360 40.69 32.85 62.93
C ASP B 1360 42.07 32.22 63.13
N LYS B 1361 42.04 30.96 63.55
CA LYS B 1361 43.22 30.13 63.74
C LYS B 1361 43.66 29.46 62.42
N SER B 1362 43.06 29.85 61.30
CA SER B 1362 43.30 29.19 60.01
C SER B 1362 44.68 29.57 59.49
N GLY B 1363 45.68 28.86 60.01
CA GLY B 1363 47.05 29.02 59.55
C GLY B 1363 47.73 30.30 60.00
N LEU B 1364 47.98 31.19 59.03
CA LEU B 1364 48.84 32.34 59.28
C LEU B 1364 48.13 33.45 60.06
N GLY B 1365 46.83 33.33 60.32
CA GLY B 1365 46.21 34.19 61.30
C GLY B 1365 46.61 33.82 62.71
N SER B 1366 46.90 32.53 62.94
CA SER B 1366 47.15 32.01 64.28
C SER B 1366 48.37 32.65 64.92
N ILE B 1367 49.41 32.90 64.11
CA ILE B 1367 50.64 33.50 64.62
C ILE B 1367 50.42 34.93 65.07
N LYS B 1368 49.36 35.58 64.58
CA LYS B 1368 48.95 36.88 65.09
C LYS B 1368 48.73 36.82 66.59
N VAL B 1369 47.96 35.81 67.02
CA VAL B 1369 47.75 35.56 68.44
C VAL B 1369 49.08 35.27 69.12
N LEU B 1370 49.96 34.54 68.42
CA LEU B 1370 51.26 34.19 68.99
C LEU B 1370 52.11 35.43 69.22
N VAL B 1371 51.96 36.46 68.37
CA VAL B 1371 52.64 37.72 68.61
C VAL B 1371 52.18 38.31 69.94
N LEU B 1372 50.87 38.31 70.15
CA LEU B 1372 50.34 38.78 71.43
C LEU B 1372 50.54 37.78 72.54
N LEU B 1373 50.96 36.55 72.24
CA LEU B 1373 51.31 35.64 73.31
C LEU B 1373 52.76 35.82 73.73
N LEU B 1374 53.51 36.64 72.99
CA LEU B 1374 54.88 36.88 73.41
C LEU B 1374 55.03 38.23 74.10
N GLY B 1375 54.26 39.22 73.65
CA GLY B 1375 54.19 40.51 74.31
C GLY B 1375 53.66 40.40 75.71
N MET B 1376 52.59 39.61 75.88
CA MET B 1376 52.11 39.24 77.22
C MET B 1376 53.19 38.55 78.03
N ALA B 1377 54.09 37.83 77.36
CA ALA B 1377 55.31 37.41 78.02
C ALA B 1377 56.15 38.62 78.40
N GLY B 1378 56.59 39.39 77.40
CA GLY B 1378 57.73 40.28 77.59
C GLY B 1378 57.40 41.48 78.46
N VAL B 1379 56.29 42.16 78.18
CA VAL B 1379 55.75 43.17 79.09
C VAL B 1379 55.46 42.52 80.44
N GLY B 1380 54.84 41.34 80.40
CA GLY B 1380 54.60 40.53 81.58
C GLY B 1380 55.84 39.92 82.18
N VAL B 1381 57.01 40.20 81.59
CA VAL B 1381 58.26 40.03 82.31
C VAL B 1381 58.60 41.28 83.12
N HIS B 1382 58.72 42.44 82.46
CA HIS B 1382 59.43 43.54 83.12
C HIS B 1382 58.54 44.28 84.11
N VAL B 1383 57.24 44.33 83.83
CA VAL B 1383 56.29 44.77 84.85
C VAL B 1383 56.33 43.81 86.02
N SER B 1384 56.42 42.51 85.73
CA SER B 1384 56.68 41.49 86.75
C SER B 1384 58.13 41.49 87.23
N ALA B 1385 58.98 42.35 86.68
CA ALA B 1385 60.20 42.73 87.36
C ALA B 1385 59.97 43.82 88.39
N PHE B 1386 59.13 44.81 88.10
CA PHE B 1386 58.94 45.89 89.05
C PHE B 1386 57.95 45.51 90.14
N LEU B 1387 56.71 45.18 89.75
CA LEU B 1387 55.63 44.95 90.71
C LEU B 1387 55.78 43.65 91.48
N PHE B 1388 56.59 42.71 91.01
CA PHE B 1388 56.92 41.56 91.82
C PHE B 1388 58.19 41.84 92.62
N VAL B 1389 58.70 40.79 93.27
CA VAL B 1389 59.83 40.96 94.18
C VAL B 1389 61.12 41.21 93.42
N SER B 1390 61.26 40.57 92.25
CA SER B 1390 62.40 40.57 91.30
C SER B 1390 63.59 39.76 91.83
N LYS B 1391 63.56 39.33 93.09
CA LYS B 1391 64.59 38.48 93.73
C LYS B 1391 65.99 39.07 93.56
N GLU B 1392 66.22 40.23 94.20
CA GLU B 1392 67.45 41.02 94.12
C GLU B 1392 67.73 41.51 92.70
N TYR B 1393 66.66 41.66 91.92
CA TYR B 1393 66.65 42.39 90.64
C TYR B 1393 67.65 41.81 89.64
N TRP B 1394 67.35 40.60 89.17
CA TRP B 1394 68.24 39.88 88.27
C TRP B 1394 68.38 40.62 86.93
N PRO B 1395 69.57 40.62 86.33
CA PRO B 1395 69.71 41.15 84.97
C PRO B 1395 69.32 40.15 83.89
N THR B 1396 69.18 38.87 84.24
CA THR B 1396 68.81 37.85 83.27
C THR B 1396 67.36 38.01 82.84
N LEU B 1397 66.55 38.65 83.68
CA LEU B 1397 65.14 38.83 83.37
C LEU B 1397 64.97 39.82 82.23
N VAL B 1398 65.87 40.80 82.16
CA VAL B 1398 65.97 41.70 81.01
C VAL B 1398 66.37 40.92 79.76
N TYR B 1399 67.22 39.91 79.92
CA TYR B 1399 67.59 39.09 78.79
C TYR B 1399 66.40 38.27 78.30
N CYS B 1400 65.58 37.78 79.23
CA CYS B 1400 64.45 36.94 78.84
C CYS B 1400 63.34 37.77 78.20
N ARG B 1401 63.16 39.03 78.63
CA ARG B 1401 62.19 39.86 77.93
C ARG B 1401 62.71 40.27 76.56
N ASN B 1402 64.04 40.36 76.41
CA ASN B 1402 64.60 40.58 75.08
C ASN B 1402 64.41 39.37 74.19
N GLN B 1403 64.42 38.16 74.78
CA GLN B 1403 64.18 36.96 74.01
C GLN B 1403 62.73 36.86 73.56
N CYS B 1404 61.80 37.14 74.47
CA CYS B 1404 60.38 37.06 74.11
C CYS B 1404 60.00 38.12 73.09
N PHE B 1405 60.60 39.31 73.20
CA PHE B 1405 60.39 40.32 72.17
C PHE B 1405 61.08 39.93 70.86
N ALA B 1406 62.14 39.14 70.93
CA ALA B 1406 62.82 38.71 69.72
C ALA B 1406 61.99 37.68 68.95
N LEU B 1407 61.45 36.68 69.66
CA LEU B 1407 60.53 35.74 69.03
C LEU B 1407 59.28 36.44 68.52
N ALA B 1408 58.82 37.47 69.22
CA ALA B 1408 57.76 38.32 68.69
C ALA B 1408 58.19 39.04 67.42
N PHE B 1409 59.48 39.32 67.25
CA PHE B 1409 59.92 39.92 66.00
C PHE B 1409 59.98 38.90 64.87
N LEU B 1410 60.32 37.64 65.20
CA LEU B 1410 60.24 36.55 64.22
C LEU B 1410 58.82 36.37 63.70
N LEU B 1411 57.89 36.15 64.62
CA LEU B 1411 56.51 35.92 64.21
C LEU B 1411 55.88 37.19 63.66
N ALA B 1412 56.45 38.34 63.96
CA ALA B 1412 56.11 39.56 63.23
C ALA B 1412 56.55 39.46 61.78
N CYS B 1413 57.76 38.93 61.53
CA CYS B 1413 58.22 38.80 60.15
C CYS B 1413 57.39 37.77 59.38
N VAL B 1414 56.94 36.72 60.05
CA VAL B 1414 56.07 35.77 59.38
C VAL B 1414 54.67 36.37 59.22
N GLN B 1415 54.31 37.32 60.08
CA GLN B 1415 53.03 37.99 59.91
C GLN B 1415 53.08 38.96 58.72
N ILE B 1416 54.25 39.55 58.43
CA ILE B 1416 54.31 40.31 57.19
C ILE B 1416 54.58 39.41 56.01
N LEU B 1417 54.84 38.12 56.26
CA LEU B 1417 54.66 37.14 55.20
C LEU B 1417 53.17 36.85 54.99
N ASP B 1418 52.35 37.09 56.01
CA ASP B 1418 50.91 36.94 55.84
C ASP B 1418 50.32 38.17 55.15
N PHE B 1419 50.90 39.35 55.37
CA PHE B 1419 50.35 40.55 54.72
C PHE B 1419 50.65 40.61 53.24
N LEU B 1420 51.50 39.73 52.71
CA LEU B 1420 51.71 39.70 51.27
C LEU B 1420 50.75 38.74 50.57
N SER B 1421 49.65 38.38 51.22
CA SER B 1421 48.77 37.35 50.67
C SER B 1421 47.93 37.87 49.51
N PHE B 1422 47.85 39.20 49.35
CA PHE B 1422 46.97 39.76 48.34
C PHE B 1422 47.54 39.59 46.94
N HIS B 1423 48.85 39.37 46.84
CA HIS B 1423 49.51 39.43 45.55
C HIS B 1423 49.53 38.04 44.89
N HIS B 1424 49.42 38.02 43.57
CA HIS B 1424 49.22 36.76 42.85
C HIS B 1424 50.50 35.94 42.79
N LEU B 1425 51.66 36.60 42.76
CA LEU B 1425 52.91 35.88 42.67
C LEU B 1425 53.27 35.24 44.01
N PHE B 1426 52.64 35.69 45.08
CA PHE B 1426 52.94 35.25 46.43
C PHE B 1426 51.78 34.50 47.06
N GLY B 1427 50.60 34.56 46.44
CA GLY B 1427 49.36 34.13 47.04
C GLY B 1427 49.20 32.67 47.40
N PRO B 1428 49.12 31.79 46.39
CA PRO B 1428 48.81 30.38 46.69
C PRO B 1428 49.90 29.63 47.43
N TRP B 1429 51.12 30.18 47.48
CA TRP B 1429 52.21 29.74 48.35
C TRP B 1429 51.77 29.40 49.77
N ALA B 1430 51.12 30.35 50.44
CA ALA B 1430 50.86 30.22 51.88
C ALA B 1430 49.79 29.18 52.18
N ILE B 1431 49.06 28.72 51.17
CA ILE B 1431 48.19 27.57 51.36
C ILE B 1431 49.00 26.29 51.26
N ILE B 1432 49.96 26.27 50.35
CA ILE B 1432 50.75 25.07 50.11
C ILE B 1432 51.80 24.90 51.22
N ILE B 1433 52.00 25.93 52.05
CA ILE B 1433 52.91 25.79 53.18
C ILE B 1433 52.42 24.74 54.18
N GLY B 1434 51.19 24.91 54.70
CA GLY B 1434 50.70 23.98 55.71
C GLY B 1434 50.37 22.61 55.14
N ASP B 1435 49.87 22.61 53.89
CA ASP B 1435 49.82 21.44 53.03
C ASP B 1435 51.13 20.66 53.04
N LEU B 1436 52.26 21.38 52.95
CA LEU B 1436 53.55 20.72 53.02
C LEU B 1436 54.09 20.68 54.44
N LEU B 1437 53.30 21.13 55.41
CA LEU B 1437 53.64 20.84 56.80
C LEU B 1437 53.10 19.47 57.19
N LYS B 1438 52.09 18.99 56.44
CA LYS B 1438 51.74 17.58 56.53
C LYS B 1438 52.92 16.69 56.13
N ASP B 1439 53.51 16.97 54.97
CA ASP B 1439 54.64 16.16 54.51
C ASP B 1439 55.90 16.45 55.30
N LEU B 1440 56.04 17.69 55.80
CA LEU B 1440 57.19 18.02 56.62
C LEU B 1440 57.13 17.30 57.97
N ALA B 1441 55.96 17.22 58.58
CA ALA B 1441 55.83 16.46 59.82
C ALA B 1441 56.00 14.97 59.55
N ARG B 1442 55.46 14.51 58.42
CA ARG B 1442 55.58 13.12 58.01
C ARG B 1442 57.02 12.69 57.84
N PHE B 1443 57.87 13.57 57.32
CA PHE B 1443 59.31 13.40 57.32
C PHE B 1443 59.89 13.47 58.72
N LEU B 1444 59.49 14.50 59.46
CA LEU B 1444 60.28 14.97 60.59
C LEU B 1444 60.14 14.03 61.78
N ALA B 1445 59.05 13.28 61.85
CA ALA B 1445 58.95 12.23 62.84
C ALA B 1445 59.98 11.14 62.58
N VAL B 1446 60.14 10.76 61.31
CA VAL B 1446 61.09 9.72 60.93
C VAL B 1446 62.51 10.18 61.15
N LEU B 1447 62.78 11.45 60.83
CA LEU B 1447 64.09 12.02 61.10
C LEU B 1447 64.38 12.05 62.60
N ALA B 1448 63.36 12.35 63.42
CA ALA B 1448 63.54 12.30 64.87
C ALA B 1448 63.84 10.88 65.34
N ILE B 1449 63.26 9.88 64.68
CA ILE B 1449 63.51 8.50 65.06
C ILE B 1449 64.95 8.09 64.74
N PHE B 1450 65.41 8.39 63.52
CA PHE B 1450 66.75 7.97 63.15
C PHE B 1450 67.84 8.74 63.89
N VAL B 1451 67.65 10.05 64.07
CA VAL B 1451 68.64 10.84 64.80
C VAL B 1451 68.66 10.42 66.27
N PHE B 1452 67.49 10.05 66.81
CA PHE B 1452 67.41 9.55 68.17
C PHE B 1452 68.17 8.23 68.33
N GLY B 1453 67.89 7.27 67.44
CA GLY B 1453 68.52 5.97 67.49
C GLY B 1453 70.03 5.97 67.28
N PHE B 1454 70.48 6.59 66.19
CA PHE B 1454 71.91 6.67 65.93
C PHE B 1454 72.62 7.54 66.96
N SER B 1455 71.91 8.53 67.52
CA SER B 1455 72.48 9.35 68.58
C SER B 1455 72.76 8.52 69.82
N MET B 1456 71.79 7.70 70.22
CA MET B 1456 72.01 6.82 71.36
C MET B 1456 73.06 5.75 71.06
N HIS B 1457 73.23 5.39 69.79
CA HIS B 1457 74.32 4.47 69.44
C HIS B 1457 75.67 5.13 69.63
N ILE B 1458 75.82 6.38 69.20
CA ILE B 1458 77.10 7.05 69.34
C ILE B 1458 77.37 7.39 70.81
N VAL B 1459 76.31 7.49 71.62
CA VAL B 1459 76.49 7.41 73.07
C VAL B 1459 77.08 6.06 73.44
N ALA B 1460 76.55 4.98 72.87
CA ALA B 1460 77.04 3.65 73.20
C ALA B 1460 78.33 3.26 72.48
N LEU B 1461 78.98 4.19 71.78
CA LEU B 1461 80.29 3.92 71.19
C LEU B 1461 81.41 4.53 72.00
N ASN B 1462 81.12 5.61 72.72
CA ASN B 1462 82.14 6.39 73.41
C ASN B 1462 82.53 5.82 74.76
N GLN B 1463 82.10 4.60 75.09
CA GLN B 1463 82.45 3.99 76.36
C GLN B 1463 83.92 3.65 76.41
N SER B 1464 84.63 4.21 77.38
CA SER B 1464 86.05 4.01 77.54
C SER B 1464 86.32 2.59 78.02
N PHE B 1465 87.10 1.84 77.26
CA PHE B 1465 87.47 0.49 77.63
C PHE B 1465 88.88 0.20 77.12
N ALA B 1466 89.64 -0.50 77.94
CA ALA B 1466 90.97 -0.95 77.58
C ALA B 1466 91.19 -2.32 78.19
N ASN B 1467 91.78 -3.22 77.40
CA ASN B 1467 91.92 -4.63 77.74
C ASN B 1467 92.79 -4.80 78.97
N PHE B 1468 92.51 -5.85 79.75
CA PHE B 1468 93.10 -5.99 81.07
C PHE B 1468 94.56 -6.41 81.00
N SER B 1469 95.42 -5.53 81.49
CA SER B 1469 96.73 -5.93 81.95
C SER B 1469 96.57 -6.64 83.28
N PRO B 1470 97.29 -7.76 83.53
CA PRO B 1470 97.13 -8.54 84.77
C PRO B 1470 97.53 -7.76 86.03
N GLU B 1471 98.42 -6.78 85.89
CA GLU B 1471 98.71 -5.88 86.99
C GLU B 1471 97.52 -4.97 87.28
N ASP B 1472 96.74 -4.62 86.26
CA ASP B 1472 95.58 -3.77 86.48
C ASP B 1472 94.42 -4.54 87.07
N LEU B 1473 94.47 -5.87 87.01
CA LEU B 1473 93.50 -6.69 87.75
C LEU B 1473 93.65 -6.51 89.24
N ARG B 1474 94.89 -6.39 89.73
CA ARG B 1474 95.12 -6.21 91.15
C ARG B 1474 94.72 -4.81 91.60
N SER B 1475 94.82 -3.83 90.69
CA SER B 1475 94.45 -2.45 90.98
C SER B 1475 93.02 -2.12 90.58
N PHE B 1476 92.15 -3.12 90.45
CA PHE B 1476 90.82 -2.88 89.90
C PHE B 1476 89.82 -2.48 90.98
N GLU B 1477 89.66 -3.33 92.01
CA GLU B 1477 88.57 -3.13 92.96
C GLU B 1477 88.87 -1.98 93.92
N LYS B 1478 90.15 -1.63 94.09
CA LYS B 1478 90.49 -0.48 94.93
C LYS B 1478 90.11 0.83 94.25
N LYS B 1479 90.26 0.89 92.93
CA LYS B 1479 89.90 2.09 92.20
C LYS B 1479 88.43 2.07 91.76
N ASN B 1480 87.77 0.91 91.93
CA ASN B 1480 86.41 0.76 91.41
C ASN B 1480 85.36 1.12 92.45
N ARG B 1481 85.68 2.03 93.38
CA ARG B 1481 84.71 2.38 94.42
C ARG B 1481 84.27 3.85 94.30
N ASN B 1482 85.01 4.65 93.52
CA ASN B 1482 84.76 6.08 93.48
C ASN B 1482 83.78 6.43 92.35
N ARG B 1483 83.20 5.42 91.72
CA ARG B 1483 82.30 5.63 90.60
C ARG B 1483 80.90 6.03 91.08
N GLY B 1484 80.24 6.88 90.30
CA GLY B 1484 78.98 7.47 90.68
C GLY B 1484 77.78 6.75 90.11
N TYR B 1485 76.70 7.53 89.90
CA TYR B 1485 75.45 6.95 89.42
C TYR B 1485 75.53 6.57 87.95
N PHE B 1486 75.74 7.56 87.08
CA PHE B 1486 75.88 7.33 85.65
C PHE B 1486 77.34 7.46 85.25
N SER B 1487 78.08 6.37 85.37
CA SER B 1487 79.48 6.36 84.98
C SER B 1487 79.56 6.10 83.49
N ASP B 1488 80.80 6.12 82.98
CA ASP B 1488 81.30 5.67 81.66
C ASP B 1488 80.38 5.99 80.48
N VAL B 1489 79.68 7.12 80.51
CA VAL B 1489 78.89 7.50 79.34
C VAL B 1489 79.72 8.35 78.39
N ARG B 1490 80.57 9.23 78.93
CA ARG B 1490 81.56 10.06 78.23
C ARG B 1490 80.94 11.12 77.31
N MET B 1491 79.62 11.13 77.19
CA MET B 1491 78.91 12.07 76.33
C MET B 1491 77.47 12.10 76.79
N HIS B 1492 76.99 13.26 77.19
CA HIS B 1492 75.60 13.44 77.57
C HIS B 1492 74.75 13.24 76.33
N PRO B 1493 73.68 12.44 76.41
CA PRO B 1493 73.04 11.97 75.16
C PRO B 1493 72.29 13.04 74.39
N ILE B 1494 71.89 14.13 75.03
CA ILE B 1494 71.24 15.18 74.26
C ILE B 1494 72.29 16.05 73.58
N ASN B 1495 73.55 15.96 74.01
CA ASN B 1495 74.62 16.54 73.21
C ASN B 1495 74.88 15.68 71.99
N SER B 1496 74.64 14.37 72.11
CA SER B 1496 74.73 13.50 70.94
C SER B 1496 73.57 13.75 69.98
N PHE B 1497 72.39 14.04 70.52
CA PHE B 1497 71.24 14.32 69.67
C PHE B 1497 71.38 15.67 68.99
N GLU B 1498 71.83 16.69 69.74
CA GLU B 1498 72.04 18.00 69.15
C GLU B 1498 73.47 18.14 68.64
N LEU B 1499 74.14 17.01 68.43
CA LEU B 1499 75.41 16.95 67.74
C LEU B 1499 75.19 16.27 66.39
N LEU B 1500 74.59 15.10 66.46
CA LEU B 1500 74.28 14.30 65.29
C LEU B 1500 73.10 14.87 64.51
N PHE B 1501 72.28 15.69 65.15
CA PHE B 1501 71.26 16.43 64.41
C PHE B 1501 71.86 17.44 63.45
N PHE B 1502 73.05 17.97 63.74
CA PHE B 1502 73.73 18.85 62.81
C PHE B 1502 74.61 18.10 61.82
N ALA B 1503 74.58 16.77 61.84
CA ALA B 1503 75.29 16.01 60.81
C ALA B 1503 74.50 16.02 59.51
N VAL B 1504 73.19 16.24 59.59
CA VAL B 1504 72.31 16.15 58.44
C VAL B 1504 72.47 17.43 57.61
N PHE B 1505 73.15 18.41 58.18
CA PHE B 1505 73.45 19.69 57.53
C PHE B 1505 74.90 19.78 57.09
N GLY B 1506 75.66 18.69 57.24
CA GLY B 1506 77.05 18.65 56.86
C GLY B 1506 77.92 19.54 57.72
N GLN B 1507 77.85 19.37 59.05
CA GLN B 1507 78.62 20.22 59.94
C GLN B 1507 79.46 19.45 60.94
N THR B 1508 79.24 18.14 61.09
CA THR B 1508 80.08 17.33 61.97
C THR B 1508 80.82 16.31 61.13
N THR B 1509 82.12 16.22 61.38
CA THR B 1509 83.00 15.50 60.46
C THR B 1509 83.61 14.25 61.05
N THR B 1510 82.88 13.50 61.90
CA THR B 1510 83.17 12.23 62.55
C THR B 1510 84.23 12.41 63.65
N GLU B 1511 84.87 13.56 63.75
CA GLU B 1511 85.84 13.83 64.80
C GLU B 1511 85.25 14.73 65.87
N GLN B 1512 84.12 15.36 65.59
CA GLN B 1512 83.33 16.01 66.62
C GLN B 1512 82.44 15.04 67.36
N THR B 1513 82.44 13.76 66.98
CA THR B 1513 81.66 12.74 67.65
C THR B 1513 82.52 11.90 68.59
N GLN B 1514 83.78 11.67 68.25
CA GLN B 1514 84.66 10.93 69.13
C GLN B 1514 85.10 11.82 70.28
N VAL B 1515 84.80 11.38 71.51
CA VAL B 1515 85.04 12.19 72.70
C VAL B 1515 86.54 12.40 72.93
N ASP B 1516 87.34 11.42 72.52
CA ASP B 1516 88.80 11.55 72.61
C ASP B 1516 89.30 12.65 71.70
N LYS B 1517 88.60 12.89 70.58
CA LYS B 1517 88.99 14.00 69.71
C LYS B 1517 88.22 15.27 70.07
N ILE B 1518 87.16 15.16 70.87
CA ILE B 1518 86.51 16.36 71.40
C ILE B 1518 87.34 16.97 72.50
N LYS B 1519 87.56 16.22 73.58
CA LYS B 1519 88.14 16.76 74.80
C LYS B 1519 89.65 16.67 74.83
N ASN B 1520 90.28 16.35 73.69
CA ASN B 1520 91.72 16.41 73.49
C ASN B 1520 92.47 15.51 74.46
N VAL B 1521 91.97 14.30 74.65
CA VAL B 1521 92.58 13.38 75.60
C VAL B 1521 93.92 12.90 75.04
N ALA B 1522 94.96 12.98 75.87
CA ALA B 1522 96.32 12.79 75.38
C ALA B 1522 96.59 11.32 75.06
N THR B 1523 96.14 10.41 75.91
CA THR B 1523 96.29 8.99 75.66
C THR B 1523 94.96 8.43 75.17
N PRO B 1524 94.94 7.70 74.07
CA PRO B 1524 93.67 7.13 73.60
C PRO B 1524 93.16 6.01 74.49
N THR B 1525 92.09 6.30 75.24
CA THR B 1525 91.50 5.30 76.10
C THR B 1525 90.79 4.22 75.30
N GLN B 1526 90.42 4.53 74.06
CA GLN B 1526 89.87 3.53 73.17
C GLN B 1526 91.01 2.77 72.50
N PRO B 1527 90.75 1.57 71.99
CA PRO B 1527 91.70 0.97 71.04
C PRO B 1527 91.52 1.60 69.68
N TYR B 1528 92.46 1.31 68.78
CA TYR B 1528 92.44 1.94 67.45
C TYR B 1528 91.71 1.05 66.44
N TRP B 1529 90.54 0.58 66.84
CA TRP B 1529 89.67 -0.10 65.90
C TRP B 1529 88.22 0.25 66.13
N VAL B 1530 87.96 1.13 67.10
CA VAL B 1530 86.59 1.62 67.25
C VAL B 1530 86.37 2.82 66.34
N GLU B 1531 87.45 3.45 65.88
CA GLU B 1531 87.33 4.55 64.94
C GLU B 1531 86.79 4.06 63.61
N TYR B 1532 87.08 2.80 63.27
CA TYR B 1532 86.45 2.16 62.14
C TYR B 1532 84.95 2.02 62.36
N LEU B 1533 84.53 1.79 63.61
CA LEU B 1533 83.11 1.71 63.89
C LEU B 1533 82.46 3.09 63.88
N PHE B 1534 83.21 4.14 64.25
CA PHE B 1534 82.69 5.49 64.09
C PHE B 1534 82.49 5.83 62.62
N LYS B 1535 83.43 5.42 61.77
CA LYS B 1535 83.30 5.72 60.36
C LYS B 1535 82.20 4.88 59.70
N ILE B 1536 82.00 3.65 60.17
CA ILE B 1536 80.96 2.81 59.60
C ILE B 1536 79.58 3.29 60.04
N VAL B 1537 79.39 3.47 61.34
CA VAL B 1537 78.07 3.84 61.85
C VAL B 1537 77.71 5.25 61.43
N PHE B 1538 78.66 6.18 61.53
CA PHE B 1538 78.39 7.54 61.09
C PHE B 1538 78.25 7.61 59.58
N GLY B 1539 78.93 6.73 58.86
CA GLY B 1539 78.75 6.66 57.42
C GLY B 1539 77.37 6.18 57.02
N ILE B 1540 76.85 5.17 57.71
CA ILE B 1540 75.51 4.68 57.43
C ILE B 1540 74.46 5.72 57.82
N TYR B 1541 74.69 6.44 58.91
CA TYR B 1541 73.77 7.51 59.28
C TYR B 1541 73.74 8.63 58.25
N MET B 1542 74.92 9.08 57.81
CA MET B 1542 74.98 10.14 56.80
C MET B 1542 74.37 9.69 55.48
N LEU B 1543 74.53 8.41 55.14
CA LEU B 1543 73.91 7.86 53.94
C LEU B 1543 72.40 7.90 54.03
N VAL B 1544 71.86 7.40 55.15
CA VAL B 1544 70.41 7.29 55.31
C VAL B 1544 69.77 8.67 55.36
N SER B 1545 70.29 9.56 56.20
CA SER B 1545 69.72 10.88 56.35
C SER B 1545 69.95 11.74 55.11
N VAL B 1546 71.22 12.02 54.81
CA VAL B 1546 71.57 12.98 53.77
C VAL B 1546 71.26 12.46 52.38
N VAL B 1547 71.50 11.18 52.11
CA VAL B 1547 71.15 10.58 50.84
C VAL B 1547 69.66 10.30 50.73
N VAL B 1548 69.09 9.65 51.74
CA VAL B 1548 67.79 9.00 51.62
C VAL B 1548 66.67 9.89 52.14
N LEU B 1549 66.81 10.39 53.36
CA LEU B 1549 65.66 11.00 54.03
C LEU B 1549 65.34 12.38 53.46
N ILE B 1550 66.36 13.22 53.31
CA ILE B 1550 66.21 14.55 52.76
C ILE B 1550 65.67 14.52 51.34
N GLN B 1551 66.21 13.64 50.51
CA GLN B 1551 65.82 13.64 49.12
C GLN B 1551 64.54 12.90 48.89
N LEU B 1552 64.19 12.04 49.85
CA LEU B 1552 62.84 11.52 49.91
C LEU B 1552 61.83 12.62 50.27
N LEU B 1553 62.24 13.57 51.12
CA LEU B 1553 61.39 14.73 51.38
C LEU B 1553 61.23 15.59 50.14
N ILE B 1554 62.29 15.71 49.33
CA ILE B 1554 62.18 16.47 48.08
C ILE B 1554 61.20 15.79 47.14
N ALA B 1555 61.21 14.45 47.14
CA ALA B 1555 60.24 13.69 46.36
C ALA B 1555 58.82 13.96 46.81
N MET B 1556 58.56 13.93 48.11
CA MET B 1556 57.18 14.06 48.58
C MET B 1556 56.65 15.48 48.43
N MET B 1557 57.51 16.47 48.69
CA MET B 1557 57.10 17.86 48.52
C MET B 1557 56.80 18.19 47.06
N SER B 1558 57.61 17.67 46.14
CA SER B 1558 57.31 17.84 44.72
C SER B 1558 55.99 17.18 44.36
N ASP B 1559 55.82 15.95 44.77
CA ASP B 1559 54.71 15.17 44.26
C ASP B 1559 53.45 15.31 45.09
N THR B 1560 53.41 16.27 46.00
CA THR B 1560 52.11 16.79 46.43
C THR B 1560 51.92 18.23 46.01
N TYR B 1561 53.01 18.93 45.69
CA TYR B 1561 52.87 20.26 45.10
C TYR B 1561 52.23 20.18 43.72
N GLN B 1562 52.50 19.09 43.02
CA GLN B 1562 51.87 18.80 41.74
C GLN B 1562 50.36 18.64 41.85
N ARG B 1563 49.90 17.97 42.90
CA ARG B 1563 48.48 17.73 43.09
C ARG B 1563 47.75 18.99 43.52
N ILE B 1564 48.30 19.72 44.50
CA ILE B 1564 47.51 20.79 45.12
C ILE B 1564 47.91 22.17 44.57
N GLN B 1565 48.71 22.23 43.50
CA GLN B 1565 49.01 23.51 42.85
C GLN B 1565 47.76 24.17 42.29
N ALA B 1566 47.13 23.54 41.29
CA ALA B 1566 46.08 24.20 40.50
C ALA B 1566 44.81 24.38 41.32
N GLN B 1567 44.62 23.56 42.33
CA GLN B 1567 43.48 23.75 43.22
C GLN B 1567 43.81 24.81 44.29
N SER B 1568 45.09 24.94 44.63
CA SER B 1568 45.46 25.95 45.61
C SER B 1568 45.44 27.35 45.01
N ASP B 1569 45.49 27.44 43.68
CA ASP B 1569 45.18 28.72 43.03
C ASP B 1569 43.77 29.18 43.36
N ILE B 1570 42.78 28.31 43.16
CA ILE B 1570 41.38 28.65 43.39
C ILE B 1570 41.13 28.91 44.87
N GLU B 1571 41.77 28.14 45.74
CA GLU B 1571 41.64 28.41 47.17
C GLU B 1571 42.31 29.72 47.57
N TRP B 1572 43.33 30.14 46.80
CA TRP B 1572 43.89 31.46 47.05
C TRP B 1572 42.91 32.55 46.67
N LYS B 1573 42.20 32.38 45.55
CA LYS B 1573 41.22 33.39 45.17
C LYS B 1573 40.06 33.44 46.17
N PHE B 1574 39.71 32.29 46.76
CA PHE B 1574 38.67 32.29 47.79
C PHE B 1574 39.12 32.99 49.06
N GLY B 1575 40.35 32.72 49.51
CA GLY B 1575 40.85 33.38 50.70
C GLY B 1575 41.08 34.87 50.49
N LEU B 1576 41.46 35.24 49.27
CA LEU B 1576 41.54 36.63 48.88
C LEU B 1576 40.17 37.29 48.95
N SER B 1577 39.12 36.55 48.56
CA SER B 1577 37.76 37.10 48.63
C SER B 1577 37.34 37.36 50.07
N LYS B 1578 37.66 36.43 50.97
CA LYS B 1578 37.35 36.66 52.39
C LYS B 1578 38.18 37.82 52.94
N LEU B 1579 39.39 38.03 52.42
CA LEU B 1579 40.20 39.14 52.89
C LEU B 1579 39.62 40.48 52.42
N ILE B 1580 39.22 40.57 51.16
CA ILE B 1580 38.70 41.82 50.61
C ILE B 1580 37.35 42.16 51.24
N ARG B 1581 36.51 41.16 51.51
CA ARG B 1581 35.30 41.40 52.28
C ARG B 1581 35.60 41.88 53.69
N ASN B 1582 36.55 41.23 54.36
CA ASN B 1582 36.79 41.56 55.76
C ASN B 1582 37.58 42.86 55.91
N MET B 1583 38.05 43.43 54.79
CA MET B 1583 38.49 44.81 54.83
C MET B 1583 37.36 45.78 54.50
N HIS B 1584 36.72 45.60 53.34
CA HIS B 1584 35.69 46.52 52.86
C HIS B 1584 34.44 46.54 53.71
N ARG B 1585 33.87 45.38 54.01
CA ARG B 1585 32.58 45.35 54.71
C ARG B 1585 32.76 45.32 56.21
N THR B 1586 33.88 45.82 56.71
CA THR B 1586 34.12 45.97 58.13
C THR B 1586 34.97 47.20 58.37
N THR B 1587 34.31 48.31 58.69
CA THR B 1587 34.99 49.51 59.15
C THR B 1587 35.44 49.26 60.58
N THR B 1588 36.75 49.34 60.79
CA THR B 1588 37.30 48.91 62.07
C THR B 1588 38.46 49.79 62.51
N ALA B 1589 39.21 49.29 63.47
CA ALA B 1589 40.26 50.08 64.09
C ALA B 1589 41.64 49.60 63.64
N PRO B 1590 42.38 50.38 62.85
CA PRO B 1590 43.79 50.05 62.64
C PRO B 1590 44.61 50.25 63.89
N SER B 1591 44.55 49.30 64.83
CA SER B 1591 44.71 49.68 66.21
C SER B 1591 46.01 49.24 66.88
N PRO B 1592 47.12 49.83 66.46
CA PRO B 1592 48.04 50.29 67.49
C PRO B 1592 47.75 51.78 67.70
N LEU B 1593 47.19 52.37 66.64
CA LEU B 1593 46.66 53.72 66.69
C LEU B 1593 45.30 53.74 67.38
N ASN B 1594 44.34 53.00 66.82
CA ASN B 1594 42.94 53.29 67.10
C ASN B 1594 42.41 52.44 68.24
N LEU B 1595 43.27 52.06 69.18
CA LEU B 1595 42.79 51.74 70.52
C LEU B 1595 42.41 53.01 71.26
N VAL B 1596 43.00 54.14 70.86
CA VAL B 1596 42.61 55.45 71.37
C VAL B 1596 41.21 55.79 70.89
N THR B 1597 40.85 55.38 69.66
CA THR B 1597 39.57 55.75 69.09
C THR B 1597 38.41 55.04 69.77
N THR B 1598 38.69 53.94 70.48
CA THR B 1598 37.68 53.36 71.34
C THR B 1598 37.60 54.09 72.67
N TRP B 1599 38.74 54.59 73.17
CA TRP B 1599 38.76 55.27 74.46
C TRP B 1599 38.38 56.74 74.32
N PHE B 1600 38.65 57.34 73.15
CA PHE B 1600 38.22 58.72 72.94
C PHE B 1600 36.75 58.79 72.53
N MET B 1601 36.16 57.63 72.22
CA MET B 1601 34.71 57.57 72.01
C MET B 1601 34.02 57.02 73.25
N TRP B 1602 34.78 56.45 74.16
CA TRP B 1602 34.23 55.89 75.40
C TRP B 1602 35.26 55.92 76.52
N ARG B 1670 15.65 41.12 47.05
CA ARG B 1670 16.13 42.26 46.29
C ARG B 1670 16.87 41.76 45.05
N ILE B 1671 17.45 40.57 45.15
CA ILE B 1671 18.21 39.99 44.04
C ILE B 1671 17.26 39.49 42.95
N GLU B 1672 15.99 39.29 43.30
CA GLU B 1672 15.07 38.58 42.41
C GLU B 1672 14.61 39.46 41.26
N ASN B 1673 14.92 40.76 41.31
CA ASN B 1673 14.56 41.69 40.25
C ASN B 1673 15.68 42.65 39.88
N VAL B 1674 16.95 42.22 39.98
CA VAL B 1674 18.04 43.03 39.44
C VAL B 1674 18.55 42.42 38.14
N ALA B 1675 17.78 41.51 37.58
CA ALA B 1675 18.19 40.90 36.33
C ALA B 1675 17.00 40.36 35.59
N ASP B 1676 17.13 40.17 34.28
CA ASP B 1676 16.05 39.60 33.48
C ASP B 1676 16.17 38.09 33.50
N TRP B 1677 15.84 37.48 34.64
CA TRP B 1677 16.26 36.12 34.93
C TRP B 1677 15.67 35.14 33.94
N GLU B 1678 14.41 35.36 33.59
CA GLU B 1678 13.73 34.50 32.66
C GLU B 1678 14.44 34.53 31.31
N ALA B 1679 14.89 35.71 30.89
CA ALA B 1679 15.55 35.79 29.60
C ALA B 1679 16.95 35.20 29.68
N ILE B 1680 17.58 35.29 30.84
CA ILE B 1680 18.92 34.72 31.04
C ILE B 1680 18.83 33.21 31.07
N ALA B 1681 17.75 32.67 31.64
CA ALA B 1681 17.57 31.22 31.71
C ALA B 1681 17.32 30.64 30.32
N LYS B 1682 16.74 31.44 29.42
CA LYS B 1682 16.66 31.01 28.02
C LYS B 1682 18.03 31.04 27.37
N LYS B 1683 18.88 31.99 27.77
CA LYS B 1683 20.23 32.05 27.23
C LYS B 1683 21.09 30.91 27.75
N TYR B 1684 20.81 30.44 28.97
CA TYR B 1684 21.58 29.34 29.53
C TYR B 1684 21.27 28.04 28.82
N ARG B 1685 20.02 27.86 28.39
CA ARG B 1685 19.66 26.68 27.62
C ARG B 1685 20.16 26.80 26.18
N ALA B 1686 20.48 28.02 25.75
CA ALA B 1686 21.07 28.21 24.43
C ALA B 1686 22.53 27.79 24.42
N LEU B 1687 23.19 27.85 25.57
CA LEU B 1687 24.56 27.34 25.65
C LEU B 1687 24.59 25.82 25.65
N VAL B 1688 23.76 25.20 26.49
CA VAL B 1688 23.86 23.76 26.69
C VAL B 1688 23.07 23.02 25.62
N GLY B 1689 22.18 23.72 24.92
CA GLY B 1689 21.37 23.10 23.89
C GLY B 1689 20.09 22.49 24.41
N MET C 124 -136.33 15.09 7.48
CA MET C 124 -135.26 14.21 7.04
C MET C 124 -135.07 13.05 8.02
N ASN C 125 -134.92 11.84 7.48
CA ASN C 125 -134.74 10.66 8.31
C ASN C 125 -133.80 9.69 7.59
N THR C 126 -132.90 9.08 8.37
CA THR C 126 -131.96 8.11 7.84
C THR C 126 -131.61 7.12 8.94
N GLY C 127 -130.95 6.04 8.53
CA GLY C 127 -130.54 4.99 9.45
C GLY C 127 -129.09 5.13 9.85
N MET C 128 -128.42 3.97 9.93
CA MET C 128 -126.99 3.94 10.22
C MET C 128 -126.15 4.53 9.10
N THR C 129 -126.51 4.24 7.84
CA THR C 129 -125.84 4.87 6.72
C THR C 129 -126.35 6.29 6.47
N PRO C 130 -125.59 7.20 5.88
CA PRO C 130 -126.08 8.57 5.70
C PRO C 130 -126.93 8.75 4.45
N LEU C 131 -127.23 7.66 3.76
CA LEU C 131 -128.06 7.73 2.57
C LEU C 131 -129.52 7.96 2.95
N MET C 132 -130.23 8.66 2.09
CA MET C 132 -131.64 9.01 2.30
C MET C 132 -132.50 8.40 1.20
N TYR C 133 -133.77 8.80 1.17
CA TYR C 133 -134.70 8.28 0.18
C TYR C 133 -134.43 8.83 -1.21
N ALA C 134 -133.68 9.94 -1.31
CA ALA C 134 -133.32 10.48 -2.62
C ALA C 134 -132.27 9.60 -3.30
N THR C 135 -131.25 9.17 -2.56
CA THR C 135 -130.23 8.30 -3.14
C THR C 135 -130.74 6.86 -3.27
N LYS C 136 -131.65 6.45 -2.38
CA LYS C 136 -132.21 5.11 -2.48
C LYS C 136 -133.21 4.99 -3.61
N ASP C 137 -134.02 6.02 -3.82
CA ASP C 137 -134.98 6.00 -4.93
C ASP C 137 -134.32 6.43 -6.24
N ASN C 138 -133.16 7.08 -6.17
CA ASN C 138 -132.47 7.52 -7.38
C ASN C 138 -131.71 6.39 -8.05
N LYS C 139 -131.48 5.28 -7.34
CA LYS C 139 -130.75 4.15 -7.89
C LYS C 139 -131.58 2.88 -7.98
N THR C 140 -132.89 2.96 -7.83
CA THR C 140 -133.75 1.78 -7.86
C THR C 140 -134.74 1.78 -9.00
N ALA C 141 -134.54 2.63 -10.02
CA ALA C 141 -135.41 2.82 -11.19
C ALA C 141 -136.85 3.10 -10.79
N ILE C 142 -137.03 4.09 -9.91
CA ILE C 142 -138.34 4.41 -9.34
C ILE C 142 -138.74 5.83 -9.73
N MET C 143 -138.38 6.22 -10.97
CA MET C 143 -138.43 7.59 -11.50
C MET C 143 -139.73 8.36 -11.29
N ASP C 144 -140.86 7.67 -11.15
CA ASP C 144 -142.09 8.34 -10.74
C ASP C 144 -142.03 8.71 -9.26
N ARG C 145 -141.80 7.72 -8.40
CA ARG C 145 -141.61 7.99 -6.97
C ARG C 145 -140.29 8.68 -6.69
N MET C 146 -139.31 8.56 -7.58
CA MET C 146 -138.09 9.36 -7.48
C MET C 146 -138.27 10.75 -8.09
N ILE C 147 -139.40 10.99 -8.75
CA ILE C 147 -139.73 12.33 -9.23
C ILE C 147 -140.55 13.09 -8.20
N GLU C 148 -141.46 12.39 -7.52
CA GLU C 148 -142.17 13.01 -6.40
C GLU C 148 -141.25 13.14 -5.19
N LEU C 149 -140.55 12.05 -4.85
CA LEU C 149 -139.54 12.12 -3.79
C LEU C 149 -138.32 12.91 -4.23
N GLY C 150 -138.09 13.02 -5.54
CA GLY C 150 -137.09 13.94 -6.05
C GLY C 150 -137.56 15.39 -6.07
N ALA C 151 -138.87 15.62 -5.92
CA ALA C 151 -139.38 16.97 -5.80
C ALA C 151 -139.41 17.43 -4.35
N ASP C 152 -139.85 16.56 -3.44
CA ASP C 152 -139.78 16.88 -2.02
C ASP C 152 -138.32 16.90 -1.54
N VAL C 153 -137.52 15.95 -2.03
CA VAL C 153 -136.09 15.98 -1.75
C VAL C 153 -135.43 17.10 -2.56
N GLY C 154 -136.04 17.47 -3.69
CA GLY C 154 -135.55 18.62 -4.44
C GLY C 154 -135.79 19.94 -3.73
N ALA C 155 -136.78 19.97 -2.84
CA ALA C 155 -136.99 21.16 -2.03
C ALA C 155 -136.23 21.06 -0.71
N ARG C 156 -135.94 19.84 -0.25
CA ARG C 156 -135.28 19.63 1.03
C ARG C 156 -133.77 19.48 0.91
N ASN C 157 -133.31 18.47 0.19
CA ASN C 157 -131.90 18.08 0.17
C ASN C 157 -131.42 17.84 -1.26
N ASN C 158 -131.68 18.80 -2.14
CA ASN C 158 -131.33 18.65 -3.56
C ASN C 158 -129.83 18.65 -3.79
N ASP C 159 -129.09 19.38 -2.94
CA ASP C 159 -127.64 19.45 -3.05
C ASP C 159 -126.93 18.52 -2.06
N ASN C 160 -127.56 17.39 -1.74
CA ASN C 160 -126.99 16.46 -0.78
C ASN C 160 -126.14 15.40 -1.47
N TYR C 161 -125.03 15.03 -0.84
CA TYR C 161 -124.15 13.98 -1.34
C TYR C 161 -124.16 12.79 -0.39
N ASN C 162 -123.55 11.69 -0.83
CA ASN C 162 -123.47 10.50 -0.02
C ASN C 162 -122.27 10.56 0.93
N VAL C 163 -121.97 9.42 1.55
CA VAL C 163 -120.82 9.35 2.46
C VAL C 163 -119.52 9.40 1.69
N LEU C 164 -119.51 8.87 0.46
CA LEU C 164 -118.35 8.95 -0.42
C LEU C 164 -118.47 10.07 -1.45
N HIS C 165 -119.12 11.17 -1.09
CA HIS C 165 -119.39 12.37 -1.88
C HIS C 165 -120.16 12.06 -3.17
N ILE C 166 -120.98 11.01 -3.21
CA ILE C 166 -121.78 10.69 -4.38
C ILE C 166 -123.02 11.57 -4.33
N ALA C 167 -123.01 12.67 -5.08
CA ALA C 167 -124.13 13.61 -5.10
C ALA C 167 -125.26 13.03 -5.94
N ALA C 168 -126.39 13.75 -5.99
CA ALA C 168 -127.55 13.28 -6.73
C ALA C 168 -127.29 13.26 -8.23
N MET C 169 -126.55 14.25 -8.73
CA MET C 169 -126.11 14.21 -10.13
C MET C 169 -125.01 13.18 -10.31
N TYR C 170 -124.19 12.96 -9.29
CA TYR C 170 -123.10 12.00 -9.37
C TYR C 170 -123.58 10.56 -9.24
N SER C 171 -124.43 10.27 -8.25
CA SER C 171 -124.93 8.91 -8.10
C SER C 171 -126.02 8.60 -9.12
N ARG C 172 -126.93 9.56 -9.33
CA ARG C 172 -127.99 9.36 -10.33
C ARG C 172 -127.42 9.32 -11.73
N GLU C 173 -126.45 10.17 -12.05
CA GLU C 173 -125.78 10.07 -13.35
C GLU C 173 -124.72 8.98 -13.34
N ASP C 174 -124.50 8.32 -12.20
CA ASP C 174 -123.53 7.25 -12.12
C ASP C 174 -124.12 5.86 -12.35
N VAL C 175 -125.28 5.56 -11.77
CA VAL C 175 -125.69 4.16 -11.79
C VAL C 175 -126.42 3.78 -13.08
N VAL C 176 -127.65 4.25 -13.29
CA VAL C 176 -128.35 3.94 -14.54
C VAL C 176 -129.15 5.13 -15.05
N LYS C 177 -129.39 6.12 -14.19
CA LYS C 177 -130.49 7.05 -14.36
C LYS C 177 -130.09 8.19 -15.30
N LEU C 178 -130.86 8.35 -16.38
CA LEU C 178 -130.77 9.57 -17.19
C LEU C 178 -131.99 10.45 -16.98
N LEU C 179 -133.14 9.84 -16.67
CA LEU C 179 -134.35 10.61 -16.42
C LEU C 179 -134.31 11.27 -15.05
N LEU C 180 -133.65 10.63 -14.08
CA LEU C 180 -133.50 11.26 -12.76
C LEU C 180 -132.39 12.31 -12.78
N THR C 181 -131.47 12.22 -13.74
CA THR C 181 -130.49 13.29 -13.90
C THR C 181 -131.06 14.46 -14.69
N LYS C 182 -132.00 14.19 -15.60
CA LYS C 182 -132.64 15.26 -16.35
C LYS C 182 -133.70 15.97 -15.52
N ARG C 183 -134.53 15.20 -14.80
CA ARG C 183 -135.55 15.82 -13.94
C ARG C 183 -134.92 16.33 -12.65
N GLY C 184 -133.88 15.64 -12.15
CA GLY C 184 -133.20 16.11 -10.96
C GLY C 184 -132.31 17.31 -11.23
N VAL C 185 -131.70 17.35 -12.42
CA VAL C 185 -130.87 18.48 -12.78
C VAL C 185 -131.72 19.61 -13.37
N ASP C 186 -132.97 19.31 -13.72
CA ASP C 186 -133.85 20.31 -14.28
C ASP C 186 -134.43 21.20 -13.18
N PRO C 187 -134.94 20.61 -12.09
CA PRO C 187 -135.63 21.41 -11.06
C PRO C 187 -134.76 22.38 -10.28
N PHE C 188 -133.72 21.88 -9.61
CA PHE C 188 -132.92 22.72 -8.72
C PHE C 188 -131.42 22.46 -8.78
N SER C 189 -130.96 21.49 -9.57
CA SER C 189 -129.53 21.19 -9.59
C SER C 189 -128.88 21.72 -10.86
N THR C 190 -128.24 22.89 -10.78
CA THR C 190 -127.62 23.53 -11.93
C THR C 190 -126.42 22.75 -12.44
N GLY C 191 -126.03 22.99 -13.68
CA GLY C 191 -124.95 22.25 -14.32
C GLY C 191 -123.58 22.56 -13.75
N GLY C 192 -123.01 21.59 -13.04
CA GLY C 192 -121.71 21.75 -12.43
C GLY C 192 -121.70 21.18 -11.03
N SER C 193 -120.71 20.32 -10.80
CA SER C 193 -120.56 19.67 -9.51
C SER C 193 -119.11 19.27 -9.28
N ARG C 194 -118.80 18.74 -8.10
CA ARG C 194 -117.45 18.30 -7.77
C ARG C 194 -117.52 17.18 -6.74
N SER C 195 -116.79 16.11 -7.03
CA SER C 195 -116.71 14.98 -6.12
C SER C 195 -115.54 15.17 -5.16
N GLN C 196 -115.18 14.11 -4.44
CA GLN C 196 -114.04 14.18 -3.52
C GLN C 196 -112.73 14.24 -4.29
N THR C 197 -112.67 13.56 -5.44
CA THR C 197 -111.51 13.63 -6.33
C THR C 197 -111.71 14.64 -7.46
N ALA C 198 -112.49 15.69 -7.22
CA ALA C 198 -112.84 16.78 -8.15
C ALA C 198 -113.50 16.28 -9.43
N VAL C 199 -114.19 15.13 -9.39
CA VAL C 199 -114.86 14.61 -10.58
C VAL C 199 -116.12 15.43 -10.83
N HIS C 200 -116.08 16.24 -11.89
CA HIS C 200 -117.23 17.05 -12.26
C HIS C 200 -118.34 16.18 -12.85
N LEU C 201 -119.51 16.78 -13.03
CA LEU C 201 -120.66 16.07 -13.59
C LEU C 201 -120.41 15.65 -15.04
N VAL C 202 -119.73 16.49 -15.81
CA VAL C 202 -119.29 16.08 -17.14
C VAL C 202 -118.12 15.11 -17.05
N SER C 203 -117.28 15.28 -16.01
CA SER C 203 -116.11 14.42 -15.87
C SER C 203 -116.50 13.03 -15.36
N SER C 204 -117.30 12.97 -14.30
CA SER C 204 -117.81 11.69 -13.82
C SER C 204 -118.85 11.12 -14.77
N ARG C 205 -119.50 11.98 -15.56
CA ARG C 205 -120.32 11.50 -16.66
C ARG C 205 -119.46 10.87 -17.74
N GLN C 206 -118.25 11.39 -17.96
CA GLN C 206 -117.31 10.76 -18.88
C GLN C 206 -116.54 9.62 -18.23
N THR C 207 -116.45 9.60 -16.89
CA THR C 207 -115.77 8.50 -16.22
C THR C 207 -116.62 7.24 -16.25
N GLY C 208 -117.95 7.38 -16.19
CA GLY C 208 -118.86 6.27 -16.32
C GLY C 208 -119.28 5.94 -17.74
N THR C 209 -118.65 6.58 -18.73
CA THR C 209 -118.90 6.38 -20.17
C THR C 209 -120.37 6.62 -20.54
N ALA C 210 -120.94 7.66 -19.93
CA ALA C 210 -122.33 8.04 -20.21
C ALA C 210 -122.37 8.96 -21.43
N THR C 211 -123.34 8.74 -22.32
CA THR C 211 -123.43 9.52 -23.54
C THR C 211 -124.33 10.75 -23.34
N ASN C 212 -125.51 10.54 -22.77
CA ASN C 212 -126.45 11.65 -22.60
C ASN C 212 -126.06 12.55 -21.45
N ILE C 213 -125.38 12.02 -20.43
CA ILE C 213 -125.00 12.83 -19.28
C ILE C 213 -123.79 13.69 -19.61
N LEU C 214 -122.81 13.13 -20.33
CA LEU C 214 -121.65 13.91 -20.72
C LEU C 214 -121.96 14.79 -21.92
N ARG C 215 -122.94 14.40 -22.73
CA ARG C 215 -123.33 15.22 -23.88
C ARG C 215 -124.18 16.40 -23.44
N ALA C 216 -125.17 16.16 -22.57
CA ALA C 216 -126.00 17.25 -22.05
C ALA C 216 -125.23 18.07 -21.03
N LEU C 217 -124.24 17.46 -20.37
CA LEU C 217 -123.41 18.22 -19.43
C LEU C 217 -122.38 19.06 -20.19
N LEU C 218 -121.86 18.54 -21.30
CA LEU C 218 -120.94 19.33 -22.12
C LEU C 218 -121.67 20.38 -22.93
N ALA C 219 -122.97 20.19 -23.18
CA ALA C 219 -123.76 21.22 -23.84
C ALA C 219 -124.03 22.39 -22.90
N ALA C 220 -124.06 22.14 -21.60
CA ALA C 220 -124.22 23.18 -20.61
C ALA C 220 -122.88 23.84 -20.32
N ALA C 221 -122.93 25.13 -19.96
CA ALA C 221 -121.73 25.93 -19.75
C ALA C 221 -121.30 25.92 -18.29
N GLY C 222 -121.08 24.72 -17.77
CA GLY C 222 -120.48 24.58 -16.45
C GLY C 222 -119.01 24.96 -16.47
N LYS C 223 -118.19 24.18 -17.17
CA LYS C 223 -116.84 24.59 -17.51
C LYS C 223 -116.79 25.30 -18.85
N ASP C 224 -117.79 25.06 -19.71
CA ASP C 224 -118.08 25.80 -20.95
C ASP C 224 -117.08 25.53 -22.08
N ILE C 225 -116.02 24.79 -21.77
CA ILE C 225 -115.06 24.38 -22.79
C ILE C 225 -114.72 22.91 -22.58
N ARG C 226 -115.24 22.32 -21.49
CA ARG C 226 -114.87 21.00 -20.97
C ARG C 226 -113.36 20.83 -20.79
N LEU C 227 -112.66 21.92 -20.44
CA LEU C 227 -111.21 21.87 -20.29
C LEU C 227 -110.77 22.36 -18.92
N LYS C 228 -111.70 22.88 -18.12
CA LYS C 228 -111.42 23.18 -16.72
C LYS C 228 -111.34 21.84 -15.99
N ALA C 229 -110.12 21.32 -15.87
CA ALA C 229 -109.90 19.94 -15.46
C ALA C 229 -110.09 19.77 -13.95
N ASP C 230 -109.89 18.54 -13.49
CA ASP C 230 -110.02 18.19 -12.08
C ASP C 230 -108.71 18.49 -11.36
N GLY C 231 -108.58 17.98 -10.13
CA GLY C 231 -107.35 18.19 -9.38
C GLY C 231 -106.19 17.40 -9.95
N ARG C 232 -106.47 16.23 -10.53
CA ARG C 232 -105.46 15.42 -11.19
C ARG C 232 -105.45 15.61 -12.70
N GLY C 233 -105.96 16.74 -13.18
CA GLY C 233 -106.06 16.96 -14.62
C GLY C 233 -107.16 16.18 -15.30
N LYS C 234 -108.06 15.57 -14.53
CA LYS C 234 -109.09 14.69 -15.07
C LYS C 234 -110.23 15.53 -15.66
N ILE C 235 -109.99 16.02 -16.87
CA ILE C 235 -111.03 16.68 -17.67
C ILE C 235 -111.78 15.59 -18.43
N PRO C 236 -112.76 15.95 -19.27
CA PRO C 236 -113.43 14.92 -20.07
C PRO C 236 -112.53 14.33 -21.15
N LEU C 237 -111.55 15.10 -21.63
CA LEU C 237 -110.61 14.56 -22.62
C LEU C 237 -109.62 13.59 -21.97
N LEU C 238 -109.22 13.87 -20.73
CA LEU C 238 -108.26 13.01 -20.04
C LEU C 238 -108.90 11.70 -19.61
N LEU C 239 -110.05 11.80 -18.91
CA LEU C 239 -110.73 10.60 -18.44
C LEU C 239 -111.37 9.83 -19.59
N ALA C 240 -111.86 10.54 -20.61
CA ALA C 240 -112.43 9.86 -21.77
C ALA C 240 -111.35 9.27 -22.66
N VAL C 241 -110.17 9.89 -22.69
CA VAL C 241 -109.09 9.38 -23.52
C VAL C 241 -108.41 8.19 -22.85
N GLU C 242 -108.31 8.21 -21.52
CA GLU C 242 -107.62 7.14 -20.80
C GLU C 242 -108.43 5.87 -20.69
N SER C 243 -109.75 5.94 -20.85
CA SER C 243 -110.63 4.80 -20.63
C SER C 243 -111.16 4.19 -21.93
N GLY C 244 -110.74 4.70 -23.08
CA GLY C 244 -111.27 4.22 -24.35
C GLY C 244 -112.69 4.70 -24.60
N ASN C 245 -112.97 5.92 -24.15
CA ASN C 245 -114.29 6.54 -24.26
C ASN C 245 -114.33 7.58 -25.38
N GLN C 246 -113.72 7.28 -26.52
CA GLN C 246 -113.61 8.22 -27.63
C GLN C 246 -114.96 8.60 -28.24
N SER C 247 -116.01 7.81 -27.98
CA SER C 247 -117.36 8.21 -28.36
C SER C 247 -117.80 9.41 -27.54
N MET C 248 -117.35 9.50 -26.28
CA MET C 248 -117.58 10.69 -25.48
C MET C 248 -116.52 11.76 -25.70
N CYS C 249 -115.31 11.36 -26.10
CA CYS C 249 -114.24 12.30 -26.40
C CYS C 249 -114.33 12.90 -27.79
N ARG C 250 -115.36 12.56 -28.56
CA ARG C 250 -115.62 13.24 -29.82
C ARG C 250 -116.13 14.66 -29.59
N GLU C 251 -117.24 14.78 -28.85
CA GLU C 251 -117.73 16.11 -28.47
C GLU C 251 -116.97 16.64 -27.26
N LEU C 252 -116.64 15.76 -26.31
CA LEU C 252 -115.92 16.17 -25.11
C LEU C 252 -114.49 16.60 -25.44
N LEU C 253 -113.85 15.92 -26.39
CA LEU C 253 -112.55 16.37 -26.87
C LEU C 253 -112.69 17.24 -28.11
N ALA C 254 -113.91 17.52 -28.54
CA ALA C 254 -114.11 18.55 -29.55
C ALA C 254 -114.14 19.94 -28.91
N ALA C 255 -114.84 20.08 -27.79
CA ALA C 255 -114.72 21.30 -27.00
C ALA C 255 -113.41 21.31 -26.23
N GLN C 256 -113.03 20.18 -25.65
CA GLN C 256 -111.79 20.08 -24.88
C GLN C 256 -110.56 20.11 -25.78
N THR C 257 -110.72 19.86 -27.08
CA THR C 257 -109.65 20.15 -28.02
C THR C 257 -109.84 21.52 -28.68
N ALA C 258 -111.03 22.09 -28.56
CA ALA C 258 -111.23 23.47 -29.00
C ALA C 258 -110.60 24.46 -28.03
N GLU C 259 -110.37 24.03 -26.79
CA GLU C 259 -109.68 24.84 -25.81
C GLU C 259 -108.32 24.26 -25.42
N GLN C 260 -108.24 22.93 -25.29
CA GLN C 260 -107.10 22.24 -24.69
C GLN C 260 -106.66 21.06 -25.56
N LEU C 261 -106.45 21.32 -26.85
CA LEU C 261 -105.91 20.29 -27.74
C LEU C 261 -104.52 19.82 -27.30
N LYS C 262 -103.67 20.76 -26.90
CA LYS C 262 -102.43 20.45 -26.19
C LYS C 262 -102.75 20.25 -24.70
N ALA C 263 -103.29 19.06 -24.40
CA ALA C 263 -103.80 18.74 -23.06
C ALA C 263 -102.61 18.50 -22.14
N THR C 264 -102.16 19.59 -21.51
CA THR C 264 -101.04 19.53 -20.58
C THR C 264 -101.48 18.85 -19.29
N THR C 265 -101.08 17.60 -19.11
CA THR C 265 -101.42 16.83 -17.92
C THR C 265 -100.35 17.05 -16.85
N ALA C 266 -100.41 16.26 -15.79
CA ALA C 266 -99.40 16.35 -14.73
C ALA C 266 -98.12 15.61 -15.12
N ASN C 267 -98.27 14.41 -15.69
CA ASN C 267 -97.14 13.64 -16.17
C ASN C 267 -96.84 13.89 -17.65
N GLY C 268 -97.49 14.89 -18.25
CA GLY C 268 -97.30 15.17 -19.66
C GLY C 268 -98.05 14.26 -20.61
N ASP C 269 -98.80 13.28 -20.09
CA ASP C 269 -99.52 12.33 -20.92
C ASP C 269 -100.79 13.00 -21.44
N THR C 270 -100.68 13.53 -22.66
CA THR C 270 -101.81 14.10 -23.38
C THR C 270 -102.61 12.97 -24.03
N ALA C 271 -103.51 13.32 -24.94
CA ALA C 271 -104.38 12.33 -25.59
C ALA C 271 -103.56 11.38 -26.46
N LEU C 272 -102.65 11.93 -27.27
CA LEU C 272 -101.76 11.09 -28.06
C LEU C 272 -100.66 10.46 -27.22
N HIS C 273 -100.38 11.01 -26.03
CA HIS C 273 -99.29 10.51 -25.20
C HIS C 273 -99.77 9.47 -24.20
N LEU C 274 -100.94 9.68 -23.58
CA LEU C 274 -101.54 8.61 -22.80
C LEU C 274 -102.13 7.53 -23.69
N ALA C 275 -102.57 7.91 -24.90
CA ALA C 275 -102.92 6.92 -25.90
C ALA C 275 -101.69 6.20 -26.42
N ALA C 276 -100.55 6.87 -26.44
CA ALA C 276 -99.31 6.26 -26.90
C ALA C 276 -98.75 5.28 -25.88
N ARG C 277 -98.64 5.71 -24.62
CA ARG C 277 -98.17 4.82 -23.55
C ARG C 277 -99.20 3.75 -23.22
N ARG C 278 -100.49 4.04 -23.44
CA ARG C 278 -101.52 3.04 -23.25
C ARG C 278 -101.72 2.17 -24.48
N ARG C 279 -100.96 2.44 -25.55
CA ARG C 279 -101.01 1.77 -26.85
C ARG C 279 -102.39 1.82 -27.46
N ASP C 280 -103.05 2.97 -27.37
CA ASP C 280 -104.38 3.17 -27.92
C ASP C 280 -104.27 3.75 -29.33
N VAL C 281 -104.75 3.00 -30.32
CA VAL C 281 -104.63 3.44 -31.71
C VAL C 281 -105.87 4.22 -32.15
N ASP C 282 -107.02 3.98 -31.52
CA ASP C 282 -108.24 4.69 -31.88
C ASP C 282 -108.19 6.14 -31.39
N MET C 283 -107.75 6.34 -30.15
CA MET C 283 -107.56 7.68 -29.61
C MET C 283 -106.38 8.41 -30.24
N VAL C 284 -105.44 7.68 -30.83
CA VAL C 284 -104.35 8.31 -31.57
C VAL C 284 -104.81 8.69 -32.98
N ARG C 285 -105.74 7.90 -33.54
CA ARG C 285 -106.29 8.23 -34.84
C ARG C 285 -107.28 9.39 -34.76
N ILE C 286 -108.03 9.47 -33.67
CA ILE C 286 -109.03 10.54 -33.51
C ILE C 286 -108.36 11.77 -32.95
N LEU C 287 -107.48 11.58 -31.96
CA LEU C 287 -106.76 12.71 -31.38
C LEU C 287 -105.74 13.29 -32.35
N VAL C 288 -105.06 12.42 -33.11
CA VAL C 288 -104.18 12.91 -34.16
C VAL C 288 -105.00 13.40 -35.35
N ASP C 289 -106.22 12.89 -35.49
CA ASP C 289 -107.16 13.45 -36.45
C ASP C 289 -107.74 14.78 -35.96
N TYR C 290 -107.67 15.04 -34.65
CA TYR C 290 -108.05 16.34 -34.10
C TYR C 290 -106.94 17.37 -34.19
N GLY C 291 -105.75 16.98 -34.65
CA GLY C 291 -104.66 17.91 -34.80
C GLY C 291 -103.69 17.96 -33.65
N THR C 292 -103.42 16.83 -33.00
CA THR C 292 -102.49 16.81 -31.88
C THR C 292 -101.05 16.85 -32.38
N ASN C 293 -100.12 17.07 -31.45
CA ASN C 293 -98.70 17.13 -31.78
C ASN C 293 -98.17 15.74 -32.11
N VAL C 294 -97.56 15.59 -33.28
CA VAL C 294 -96.97 14.31 -33.66
C VAL C 294 -95.66 14.04 -32.92
N ASP C 295 -95.01 15.09 -32.42
CA ASP C 295 -93.75 14.94 -31.71
C ASP C 295 -93.89 15.49 -30.29
N THR C 296 -94.96 15.10 -29.60
CA THR C 296 -95.27 15.60 -28.27
C THR C 296 -94.21 15.18 -27.26
N GLN C 297 -94.11 15.95 -26.18
CA GLN C 297 -93.07 15.74 -25.18
C GLN C 297 -93.67 15.89 -23.80
N ASN C 298 -93.46 14.89 -22.95
CA ASN C 298 -93.93 14.93 -21.58
C ASN C 298 -92.87 15.61 -20.70
N GLY C 299 -93.03 15.48 -19.38
CA GLY C 299 -92.02 16.00 -18.47
C GLY C 299 -90.71 15.23 -18.53
N GLU C 300 -90.79 13.94 -18.84
CA GLU C 300 -89.60 13.11 -19.03
C GLU C 300 -88.95 13.31 -20.40
N GLY C 301 -89.65 13.93 -21.34
CA GLY C 301 -89.11 14.19 -22.66
C GLY C 301 -89.24 13.06 -23.65
N GLN C 302 -89.68 11.89 -23.22
CA GLN C 302 -89.88 10.76 -24.13
C GLN C 302 -91.08 11.04 -25.02
N THR C 303 -90.89 10.93 -26.33
CA THR C 303 -91.92 11.29 -27.28
C THR C 303 -93.02 10.25 -27.32
N PRO C 304 -94.19 10.60 -27.86
CA PRO C 304 -95.26 9.59 -28.01
C PRO C 304 -94.92 8.52 -29.03
N LEU C 305 -94.19 8.90 -30.09
CA LEU C 305 -93.65 7.88 -30.99
C LEU C 305 -92.51 7.12 -30.32
N HIS C 306 -91.77 7.78 -29.42
CA HIS C 306 -90.77 7.07 -28.63
C HIS C 306 -91.43 6.18 -27.59
N ILE C 307 -92.64 6.53 -27.17
CA ILE C 307 -93.42 5.65 -26.31
C ILE C 307 -94.11 4.57 -27.13
N ALA C 308 -94.16 4.74 -28.45
CA ALA C 308 -94.71 3.71 -29.32
C ALA C 308 -93.65 2.67 -29.66
N ALA C 309 -92.41 3.12 -29.92
CA ALA C 309 -91.32 2.18 -30.12
C ALA C 309 -90.90 1.55 -28.80
N ALA C 310 -90.92 2.34 -27.72
CA ALA C 310 -90.63 1.79 -26.39
C ALA C 310 -91.77 0.93 -25.89
N GLU C 311 -92.99 1.19 -26.35
CA GLU C 311 -94.13 0.34 -26.03
C GLU C 311 -94.13 -0.97 -26.79
N GLY C 312 -93.40 -1.05 -27.91
CA GLY C 312 -93.40 -2.24 -28.73
C GLY C 312 -94.69 -2.40 -29.50
N ASP C 313 -95.31 -1.28 -29.86
CA ASP C 313 -96.58 -1.25 -30.57
C ASP C 313 -96.33 -0.67 -31.96
N GLU C 314 -96.34 -1.52 -32.98
CA GLU C 314 -96.11 -1.06 -34.34
C GLU C 314 -97.34 -0.41 -34.95
N ALA C 315 -98.49 -0.48 -34.28
CA ALA C 315 -99.68 0.20 -34.78
C ALA C 315 -99.55 1.72 -34.62
N LEU C 316 -99.16 2.18 -33.43
CA LEU C 316 -98.92 3.60 -33.22
C LEU C 316 -97.63 4.05 -33.88
N LEU C 317 -96.71 3.12 -34.14
CA LEU C 317 -95.50 3.46 -34.89
C LEU C 317 -95.79 3.68 -36.37
N LYS C 318 -96.70 2.90 -36.95
CA LYS C 318 -97.09 3.12 -38.34
C LYS C 318 -98.06 4.29 -38.44
N TYR C 319 -98.79 4.58 -37.36
CA TYR C 319 -99.69 5.73 -37.36
C TYR C 319 -98.91 7.04 -37.25
N PHE C 320 -97.91 7.07 -36.35
CA PHE C 320 -97.05 8.24 -36.26
C PHE C 320 -96.13 8.33 -37.48
N TYR C 321 -95.79 7.19 -38.07
CA TYR C 321 -95.02 7.20 -39.30
C TYR C 321 -95.86 7.66 -40.48
N GLY C 322 -97.18 7.49 -40.39
CA GLY C 322 -98.06 7.99 -41.43
C GLY C 322 -98.19 9.51 -41.38
N VAL C 323 -98.02 10.09 -40.19
CA VAL C 323 -98.08 11.55 -40.06
C VAL C 323 -96.68 12.15 -40.17
N ARG C 324 -95.68 11.30 -40.43
CA ARG C 324 -94.26 11.68 -40.55
C ARG C 324 -93.76 12.39 -39.28
N ALA C 325 -94.00 11.76 -38.13
CA ALA C 325 -93.59 12.29 -36.84
C ALA C 325 -92.08 12.27 -36.69
N SER C 326 -91.50 13.44 -36.39
CA SER C 326 -90.07 13.52 -36.14
C SER C 326 -89.74 12.86 -34.81
N ALA C 327 -88.66 12.08 -34.80
CA ALA C 327 -88.27 11.30 -33.63
C ALA C 327 -86.90 11.63 -33.09
N SER C 328 -86.27 12.73 -33.52
CA SER C 328 -84.94 13.07 -33.02
C SER C 328 -84.97 13.58 -31.59
N ILE C 329 -86.10 14.09 -31.13
CA ILE C 329 -86.20 14.61 -29.76
C ILE C 329 -86.45 13.44 -28.81
N ALA C 330 -85.39 12.92 -28.22
CA ALA C 330 -85.47 11.81 -27.30
C ALA C 330 -85.78 12.31 -25.90
N ASP C 331 -85.66 11.44 -24.91
CA ASP C 331 -85.91 11.78 -23.51
C ASP C 331 -84.67 12.44 -22.92
N ASN C 332 -84.68 12.62 -21.60
CA ASN C 332 -83.52 13.20 -20.92
C ASN C 332 -82.35 12.22 -20.86
N GLN C 333 -82.63 10.92 -20.90
CA GLN C 333 -81.60 9.89 -20.87
C GLN C 333 -81.17 9.47 -22.27
N ASP C 334 -81.48 10.29 -23.29
CA ASP C 334 -81.09 10.10 -24.69
C ASP C 334 -81.63 8.80 -25.29
N ARG C 335 -82.69 8.24 -24.73
CA ARG C 335 -83.29 7.00 -25.23
C ARG C 335 -84.18 7.35 -26.43
N THR C 336 -83.59 7.28 -27.61
CA THR C 336 -84.28 7.52 -28.88
C THR C 336 -85.15 6.33 -29.25
N PRO C 337 -85.84 6.38 -30.39
CA PRO C 337 -86.81 5.30 -30.72
C PRO C 337 -86.20 3.92 -30.90
N MET C 338 -85.03 3.84 -31.52
CA MET C 338 -84.31 2.57 -31.54
C MET C 338 -83.66 2.29 -30.19
N HIS C 339 -83.32 3.35 -29.44
CA HIS C 339 -82.65 3.14 -28.16
C HIS C 339 -83.64 2.79 -27.06
N LEU C 340 -84.82 3.42 -27.07
CA LEU C 340 -85.85 3.03 -26.11
C LEU C 340 -86.58 1.78 -26.58
N ALA C 341 -86.63 1.54 -27.88
CA ALA C 341 -87.13 0.27 -28.40
C ALA C 341 -86.21 -0.87 -28.03
N ALA C 342 -84.90 -0.58 -27.95
CA ALA C 342 -83.95 -1.56 -27.43
C ALA C 342 -83.96 -1.58 -25.91
N GLU C 343 -84.49 -0.53 -25.28
CA GLU C 343 -84.73 -0.58 -23.85
C GLU C 343 -85.94 -1.45 -23.54
N ASN C 344 -86.82 -1.64 -24.52
CA ASN C 344 -87.87 -2.64 -24.43
C ASN C 344 -87.43 -3.98 -25.00
N GLY C 345 -87.04 -3.99 -26.28
CA GLY C 345 -86.59 -5.20 -26.92
C GLY C 345 -87.27 -5.49 -28.25
N HIS C 346 -88.07 -4.54 -28.72
CA HIS C 346 -88.82 -4.74 -29.96
C HIS C 346 -87.91 -4.60 -31.17
N ALA C 347 -88.22 -5.33 -32.23
CA ALA C 347 -87.43 -5.30 -33.45
C ALA C 347 -88.17 -4.63 -34.61
N HIS C 348 -89.46 -4.90 -34.75
CA HIS C 348 -90.25 -4.25 -35.79
C HIS C 348 -90.48 -2.77 -35.48
N VAL C 349 -90.37 -2.40 -34.20
CA VAL C 349 -90.42 -0.98 -33.85
C VAL C 349 -89.12 -0.29 -34.24
N ILE C 350 -88.00 -1.04 -34.24
CA ILE C 350 -86.74 -0.47 -34.67
C ILE C 350 -86.68 -0.38 -36.19
N GLU C 351 -87.21 -1.38 -36.88
CA GLU C 351 -87.26 -1.34 -38.34
C GLU C 351 -88.26 -0.29 -38.82
N ILE C 352 -89.35 -0.10 -38.06
CA ILE C 352 -90.31 0.95 -38.40
C ILE C 352 -89.76 2.31 -37.99
N LEU C 353 -88.85 2.33 -37.02
CA LEU C 353 -88.11 3.56 -36.74
C LEU C 353 -87.17 3.91 -37.89
N ALA C 354 -86.58 2.88 -38.51
CA ALA C 354 -85.81 3.09 -39.72
C ALA C 354 -86.70 3.50 -40.90
N ASP C 355 -87.96 3.07 -40.87
CA ASP C 355 -88.94 3.61 -41.82
C ASP C 355 -89.26 5.07 -41.50
N LYS C 356 -89.14 5.46 -40.23
CA LYS C 356 -89.19 6.86 -39.86
C LYS C 356 -87.81 7.50 -39.85
N PHE C 357 -86.85 6.87 -40.53
CA PHE C 357 -85.47 7.35 -40.75
C PHE C 357 -84.71 7.57 -39.44
N LYS C 358 -84.78 6.59 -38.53
CA LYS C 358 -83.94 6.65 -37.35
C LYS C 358 -82.50 6.26 -37.72
N ALA C 359 -81.56 7.10 -37.30
CA ALA C 359 -80.16 6.84 -37.59
C ALA C 359 -79.64 5.71 -36.72
N SER C 360 -79.35 4.57 -37.36
CA SER C 360 -78.80 3.40 -36.69
C SER C 360 -77.29 3.47 -36.52
N ILE C 361 -76.66 4.58 -36.92
CA ILE C 361 -75.21 4.71 -36.87
C ILE C 361 -74.84 5.92 -36.03
N PHE C 362 -75.65 6.25 -35.03
CA PHE C 362 -75.51 7.52 -34.32
C PHE C 362 -75.52 7.39 -32.80
N GLU C 363 -75.51 6.17 -32.27
CA GLU C 363 -75.67 5.98 -30.83
C GLU C 363 -74.37 6.30 -30.09
N ARG C 364 -74.36 7.41 -29.35
CA ARG C 364 -73.25 7.79 -28.50
C ARG C 364 -73.81 8.52 -27.28
N THR C 365 -73.23 8.25 -26.11
CA THR C 365 -73.72 8.88 -24.88
C THR C 365 -72.58 9.27 -23.97
N LYS C 366 -71.51 9.82 -24.55
CA LYS C 366 -70.24 10.24 -23.92
C LYS C 366 -69.48 9.08 -23.27
N ASP C 367 -69.91 7.84 -23.47
CA ASP C 367 -69.19 6.66 -22.99
C ASP C 367 -69.20 5.57 -24.05
N GLY C 368 -69.48 5.90 -25.30
CA GLY C 368 -69.62 4.90 -26.34
C GLY C 368 -70.89 4.09 -26.17
N SER C 369 -72.04 4.72 -26.40
CA SER C 369 -73.32 4.03 -26.25
C SER C 369 -73.43 2.87 -27.23
N THR C 370 -73.51 3.18 -28.54
CA THR C 370 -73.35 2.22 -29.65
C THR C 370 -74.29 1.02 -29.50
N LEU C 371 -75.57 1.24 -29.76
CA LEU C 371 -76.69 0.49 -29.16
C LEU C 371 -76.75 -1.04 -29.35
N MET C 372 -75.75 -1.63 -30.00
CA MET C 372 -75.49 -3.06 -29.82
C MET C 372 -75.07 -3.36 -28.37
N HIS C 373 -74.45 -2.39 -27.70
CA HIS C 373 -74.19 -2.49 -26.26
C HIS C 373 -75.51 -2.48 -25.49
N ILE C 374 -76.46 -1.65 -25.96
CA ILE C 374 -77.79 -1.63 -25.35
C ILE C 374 -78.50 -2.96 -25.58
N ALA C 375 -78.31 -3.54 -26.77
CA ALA C 375 -78.78 -4.89 -27.02
C ALA C 375 -77.98 -5.92 -26.23
N SER C 376 -76.79 -5.55 -25.76
CA SER C 376 -76.05 -6.40 -24.84
C SER C 376 -76.37 -6.05 -23.39
N LEU C 377 -76.89 -4.84 -23.13
CA LEU C 377 -77.40 -4.52 -21.80
C LEU C 377 -78.62 -5.37 -21.47
N ASN C 378 -79.65 -5.31 -22.32
CA ASN C 378 -80.94 -5.92 -22.03
C ASN C 378 -81.03 -7.36 -22.53
N GLY C 379 -80.32 -7.69 -23.61
CA GLY C 379 -80.24 -9.08 -24.04
C GLY C 379 -81.36 -9.57 -24.92
N HIS C 380 -81.56 -8.93 -26.07
CA HIS C 380 -82.63 -9.29 -26.99
C HIS C 380 -82.01 -9.69 -28.33
N ALA C 381 -82.08 -10.99 -28.65
CA ALA C 381 -81.42 -11.51 -29.85
C ALA C 381 -82.19 -11.15 -31.10
N GLU C 382 -83.53 -11.18 -31.04
CA GLU C 382 -84.35 -10.76 -32.17
C GLU C 382 -84.18 -9.27 -32.46
N CYS C 383 -83.88 -8.48 -31.43
CA CYS C 383 -83.47 -7.11 -31.66
C CYS C 383 -82.03 -7.03 -32.11
N ALA C 384 -81.22 -8.06 -31.83
CA ALA C 384 -79.80 -8.02 -32.17
C ALA C 384 -79.56 -8.36 -33.63
N THR C 385 -80.45 -9.15 -34.23
CA THR C 385 -80.28 -9.49 -35.64
C THR C 385 -80.69 -8.34 -36.55
N MET C 386 -81.88 -7.79 -36.31
CA MET C 386 -82.31 -6.61 -37.07
C MET C 386 -81.49 -5.38 -36.67
N LEU C 387 -80.96 -5.37 -35.45
CA LEU C 387 -80.04 -4.32 -35.04
C LEU C 387 -78.61 -4.67 -35.47
N PHE C 388 -78.43 -5.80 -36.15
CA PHE C 388 -77.16 -6.07 -36.79
C PHE C 388 -77.20 -5.68 -38.26
N LYS C 389 -78.29 -6.00 -38.94
CA LYS C 389 -78.46 -5.55 -40.32
C LYS C 389 -78.68 -4.04 -40.38
N LYS C 390 -79.35 -3.49 -39.37
CA LYS C 390 -79.58 -2.04 -39.36
C LYS C 390 -78.48 -1.30 -38.60
N GLY C 391 -78.30 -1.61 -37.31
CA GLY C 391 -77.23 -0.98 -36.55
C GLY C 391 -75.90 -1.65 -36.77
N VAL C 392 -75.26 -1.37 -37.90
CA VAL C 392 -74.29 -2.26 -38.56
C VAL C 392 -73.00 -2.42 -37.75
N TYR C 393 -72.77 -1.56 -36.75
CA TYR C 393 -71.50 -1.58 -36.02
C TYR C 393 -71.34 -2.77 -35.09
N LEU C 394 -70.35 -3.60 -35.42
CA LEU C 394 -69.97 -4.74 -34.59
C LEU C 394 -69.36 -4.27 -33.27
N HIS C 395 -68.50 -3.26 -33.33
CA HIS C 395 -67.27 -3.37 -32.60
C HIS C 395 -66.84 -2.13 -31.82
N MET C 396 -67.58 -1.03 -31.94
CA MET C 396 -67.15 0.24 -31.37
C MET C 396 -67.18 0.17 -29.84
N PRO C 397 -66.03 0.28 -29.18
CA PRO C 397 -65.98 0.00 -27.73
C PRO C 397 -66.46 1.16 -26.86
N ASN C 398 -66.55 0.91 -25.57
CA ASN C 398 -66.97 1.91 -24.60
C ASN C 398 -65.83 2.86 -24.31
N LYS C 399 -66.09 3.87 -23.47
CA LYS C 399 -65.02 4.76 -23.03
C LYS C 399 -64.03 4.05 -22.12
N ASP C 400 -64.49 3.00 -21.42
CA ASP C 400 -63.57 2.12 -20.71
C ASP C 400 -62.81 1.21 -21.66
N GLY C 401 -63.29 1.06 -22.89
CA GLY C 401 -62.67 0.19 -23.87
C GLY C 401 -63.37 -1.13 -24.06
N ALA C 402 -64.60 -1.27 -23.59
CA ALA C 402 -65.30 -2.54 -23.60
C ALA C 402 -66.25 -2.62 -24.79
N ARG C 403 -66.17 -3.74 -25.49
CA ARG C 403 -66.95 -4.02 -26.68
C ARG C 403 -68.22 -4.78 -26.28
N SER C 404 -69.01 -5.17 -27.29
CA SER C 404 -70.37 -5.63 -27.04
C SER C 404 -70.39 -6.99 -26.35
N ILE C 405 -69.37 -7.81 -26.60
CA ILE C 405 -69.26 -9.10 -25.92
C ILE C 405 -68.87 -8.88 -24.47
N HIS C 406 -68.20 -7.78 -24.17
CA HIS C 406 -67.79 -7.51 -22.79
C HIS C 406 -68.97 -7.10 -21.93
N THR C 407 -69.91 -6.35 -22.49
CA THR C 407 -71.10 -5.96 -21.74
C THR C 407 -72.17 -7.04 -21.79
N ALA C 408 -72.20 -7.82 -22.86
CA ALA C 408 -73.07 -9.00 -22.90
C ALA C 408 -72.63 -10.04 -21.88
N ALA C 409 -71.32 -10.21 -21.73
CA ALA C 409 -70.79 -11.11 -20.73
C ALA C 409 -70.90 -10.49 -19.33
N ALA C 410 -70.89 -9.16 -19.25
CA ALA C 410 -71.03 -8.48 -17.97
C ALA C 410 -72.43 -8.65 -17.41
N TYR C 411 -73.44 -8.28 -18.20
CA TYR C 411 -74.81 -8.33 -17.71
C TYR C 411 -75.46 -9.68 -17.88
N GLY C 412 -74.74 -10.66 -18.43
CA GLY C 412 -75.18 -12.04 -18.42
C GLY C 412 -76.31 -12.35 -19.38
N HIS C 413 -76.05 -12.24 -20.68
CA HIS C 413 -77.03 -12.57 -21.71
C HIS C 413 -76.34 -13.51 -22.70
N THR C 414 -76.66 -14.80 -22.60
CA THR C 414 -75.91 -15.81 -23.35
C THR C 414 -76.24 -15.80 -24.83
N GLY C 415 -77.49 -15.52 -25.19
CA GLY C 415 -77.89 -15.57 -26.59
C GLY C 415 -77.27 -14.46 -27.41
N ILE C 416 -77.03 -13.30 -26.80
CA ILE C 416 -76.30 -12.22 -27.44
C ILE C 416 -74.86 -12.63 -27.71
N ILE C 417 -74.28 -13.43 -26.82
CA ILE C 417 -72.94 -13.95 -27.05
C ILE C 417 -72.96 -15.03 -28.14
N ASN C 418 -74.07 -15.75 -28.26
CA ASN C 418 -74.21 -16.72 -29.35
C ASN C 418 -74.32 -16.03 -30.69
N THR C 419 -75.00 -14.88 -30.74
CA THR C 419 -75.22 -14.21 -32.03
C THR C 419 -74.03 -13.33 -32.41
N LEU C 420 -73.40 -12.69 -31.43
CA LEU C 420 -72.19 -11.92 -31.71
C LEU C 420 -71.02 -12.84 -32.03
N LEU C 421 -70.93 -13.97 -31.34
CA LEU C 421 -69.93 -14.97 -31.72
C LEU C 421 -70.29 -15.62 -33.04
N GLN C 422 -71.58 -15.69 -33.38
CA GLN C 422 -71.97 -16.19 -34.69
C GLN C 422 -71.59 -15.20 -35.79
N LYS C 423 -71.67 -13.90 -35.51
CA LYS C 423 -71.35 -12.88 -36.50
C LYS C 423 -69.85 -12.68 -36.69
N GLY C 424 -69.03 -13.19 -35.77
CA GLY C 424 -67.59 -13.18 -35.96
C GLY C 424 -66.86 -12.12 -35.16
N GLU C 425 -66.33 -12.54 -34.01
CA GLU C 425 -65.48 -11.69 -33.18
C GLU C 425 -64.73 -12.62 -32.24
N LYS C 426 -63.40 -12.58 -32.29
CA LYS C 426 -62.58 -13.48 -31.51
C LYS C 426 -62.68 -13.16 -30.02
N VAL C 427 -62.84 -14.19 -29.19
CA VAL C 427 -63.00 -13.99 -27.75
C VAL C 427 -61.67 -13.80 -27.03
N ASP C 428 -60.57 -13.67 -27.76
CA ASP C 428 -59.35 -13.14 -27.14
C ASP C 428 -59.29 -11.62 -27.24
N VAL C 429 -60.43 -10.99 -27.47
CA VAL C 429 -60.52 -9.54 -27.50
C VAL C 429 -60.29 -8.99 -26.08
N THR C 430 -59.53 -7.91 -26.00
CA THR C 430 -59.28 -7.26 -24.73
C THR C 430 -59.88 -5.87 -24.71
N THR C 431 -59.87 -5.26 -23.54
CA THR C 431 -60.27 -3.86 -23.41
C THR C 431 -59.04 -2.98 -23.31
N ASN C 432 -59.28 -1.70 -23.00
CA ASN C 432 -58.18 -0.82 -22.64
C ASN C 432 -57.52 -1.28 -21.35
N ASP C 433 -58.29 -1.87 -20.45
CA ASP C 433 -57.71 -2.43 -19.23
C ASP C 433 -57.50 -3.93 -19.37
N ASN C 434 -57.25 -4.41 -20.60
CA ASN C 434 -56.76 -5.75 -20.91
C ASN C 434 -57.66 -6.92 -20.52
N TYR C 435 -58.87 -6.65 -20.03
CA TYR C 435 -59.73 -7.74 -19.60
C TYR C 435 -60.37 -8.41 -20.79
N THR C 436 -60.20 -9.73 -20.89
CA THR C 436 -60.95 -10.50 -21.87
C THR C 436 -62.37 -10.73 -21.40
N ALA C 437 -63.12 -11.50 -22.19
CA ALA C 437 -64.53 -11.75 -21.87
C ALA C 437 -64.68 -12.61 -20.63
N LEU C 438 -63.75 -13.54 -20.40
CA LEU C 438 -63.72 -14.26 -19.14
C LEU C 438 -63.39 -13.32 -17.99
N HIS C 439 -62.50 -12.37 -18.23
CA HIS C 439 -62.06 -11.46 -17.17
C HIS C 439 -63.09 -10.42 -16.81
N ILE C 440 -64.26 -10.43 -17.44
CA ILE C 440 -65.40 -9.61 -17.04
C ILE C 440 -66.58 -10.46 -16.63
N ALA C 441 -66.78 -11.60 -17.30
CA ALA C 441 -67.87 -12.50 -16.96
C ALA C 441 -67.64 -13.17 -15.61
N VAL C 442 -66.37 -13.39 -15.24
CA VAL C 442 -66.07 -13.93 -13.92
C VAL C 442 -66.16 -12.82 -12.87
N GLU C 443 -65.94 -11.56 -13.25
CA GLU C 443 -66.19 -10.44 -12.34
C GLU C 443 -67.66 -10.31 -11.99
N SER C 444 -68.56 -10.68 -12.90
CA SER C 444 -69.98 -10.71 -12.59
C SER C 444 -70.43 -12.09 -12.12
N ALA C 445 -69.57 -13.11 -12.27
CA ALA C 445 -69.80 -14.49 -11.83
C ALA C 445 -71.04 -15.10 -12.45
N LYS C 446 -71.24 -14.84 -13.74
CA LYS C 446 -72.34 -15.43 -14.49
C LYS C 446 -71.87 -16.77 -15.07
N PRO C 447 -72.36 -17.91 -14.58
CA PRO C 447 -71.73 -19.20 -14.90
C PRO C 447 -71.89 -19.69 -16.34
N ALA C 448 -73.12 -19.71 -16.86
CA ALA C 448 -73.37 -20.25 -18.19
C ALA C 448 -72.85 -19.30 -19.26
N VAL C 449 -72.67 -18.03 -18.93
CA VAL C 449 -71.95 -17.09 -19.78
C VAL C 449 -70.52 -17.58 -19.98
N VAL C 450 -69.84 -17.95 -18.89
CA VAL C 450 -68.49 -18.48 -18.95
C VAL C 450 -68.47 -19.82 -19.69
N GLU C 451 -69.56 -20.59 -19.59
CA GLU C 451 -69.69 -21.81 -20.39
C GLU C 451 -69.73 -21.51 -21.88
N THR C 452 -70.48 -20.47 -22.27
CA THR C 452 -70.53 -20.10 -23.67
C THR C 452 -69.23 -19.47 -24.15
N LEU C 453 -68.49 -18.80 -23.26
CA LEU C 453 -67.21 -18.22 -23.65
C LEU C 453 -66.15 -19.30 -23.80
N LEU C 454 -66.23 -20.35 -22.98
CA LEU C 454 -65.36 -21.50 -23.20
C LEU C 454 -65.75 -22.27 -24.45
N GLY C 455 -67.04 -22.29 -24.79
CA GLY C 455 -67.44 -22.91 -26.03
C GLY C 455 -67.03 -22.08 -27.24
N PHE C 456 -66.88 -20.77 -27.06
CA PHE C 456 -66.48 -19.91 -28.16
C PHE C 456 -64.99 -20.05 -28.46
N GLY C 457 -64.20 -20.43 -27.47
CA GLY C 457 -62.78 -20.63 -27.69
C GLY C 457 -61.85 -19.75 -26.87
N ALA C 458 -62.27 -19.37 -25.67
CA ALA C 458 -61.44 -18.54 -24.82
C ALA C 458 -60.38 -19.38 -24.13
N ASP C 459 -59.18 -18.81 -24.02
CA ASP C 459 -58.05 -19.45 -23.36
C ASP C 459 -58.07 -19.07 -21.89
N VAL C 460 -58.24 -20.06 -21.03
CA VAL C 460 -58.44 -19.86 -19.60
C VAL C 460 -57.21 -19.38 -18.82
N HIS C 461 -56.08 -19.21 -19.49
CA HIS C 461 -54.86 -18.85 -18.76
C HIS C 461 -54.63 -17.34 -18.80
N VAL C 462 -55.20 -16.65 -19.79
CA VAL C 462 -54.42 -15.70 -20.58
C VAL C 462 -53.68 -14.55 -19.84
N ARG C 463 -54.34 -13.48 -19.37
CA ARG C 463 -53.71 -12.32 -18.73
C ARG C 463 -54.81 -11.42 -18.18
N GLY C 464 -54.42 -10.56 -17.25
CA GLY C 464 -55.35 -9.61 -16.68
C GLY C 464 -54.80 -8.20 -16.77
N GLY C 465 -55.67 -7.24 -16.45
CA GLY C 465 -55.28 -5.85 -16.57
C GLY C 465 -54.75 -5.30 -15.25
N LYS C 466 -53.59 -4.64 -15.33
CA LYS C 466 -52.93 -3.91 -14.24
C LYS C 466 -52.51 -4.74 -13.02
N LEU C 467 -52.74 -6.05 -13.07
CA LEU C 467 -52.31 -6.95 -12.03
C LEU C 467 -51.70 -8.17 -12.70
N ARG C 468 -51.98 -8.29 -14.01
CA ARG C 468 -51.49 -9.37 -14.87
C ARG C 468 -51.95 -10.73 -14.32
N GLU C 469 -53.26 -10.95 -14.33
CA GLU C 469 -53.89 -11.97 -13.50
C GLU C 469 -54.63 -12.99 -14.35
N THR C 470 -54.51 -14.26 -13.97
CA THR C 470 -55.35 -15.32 -14.48
C THR C 470 -56.79 -15.10 -14.02
N PRO C 471 -57.80 -15.64 -14.73
CA PRO C 471 -59.18 -15.44 -14.27
C PRO C 471 -59.53 -16.16 -12.98
N LEU C 472 -58.73 -17.17 -12.58
CA LEU C 472 -58.88 -17.76 -11.25
C LEU C 472 -58.61 -16.73 -10.17
N HIS C 473 -57.67 -15.82 -10.42
CA HIS C 473 -57.43 -14.71 -9.50
C HIS C 473 -58.60 -13.73 -9.45
N ILE C 474 -59.49 -13.80 -10.42
CA ILE C 474 -60.79 -13.13 -10.32
C ILE C 474 -61.81 -14.06 -9.69
N ALA C 475 -61.72 -15.36 -9.99
CA ALA C 475 -62.70 -16.32 -9.48
C ALA C 475 -62.52 -16.55 -7.99
N ALA C 476 -61.31 -16.34 -7.48
CA ALA C 476 -61.08 -16.43 -6.04
C ALA C 476 -61.14 -15.06 -5.37
N ARG C 477 -61.63 -14.04 -6.07
CA ARG C 477 -61.73 -12.71 -5.50
C ARG C 477 -63.16 -12.20 -5.46
N VAL C 478 -63.98 -12.56 -6.45
CA VAL C 478 -65.38 -12.17 -6.46
C VAL C 478 -66.14 -12.97 -5.41
N LYS C 479 -67.21 -12.38 -4.86
CA LYS C 479 -67.91 -12.98 -3.73
C LYS C 479 -68.70 -14.21 -4.15
N ASP C 480 -69.13 -14.28 -5.40
CA ASP C 480 -69.94 -15.39 -5.90
C ASP C 480 -69.14 -16.31 -6.81
N GLY C 481 -67.86 -16.54 -6.50
CA GLY C 481 -67.00 -17.28 -7.41
C GLY C 481 -67.23 -18.78 -7.42
N ASP C 482 -67.87 -19.32 -6.38
CA ASP C 482 -67.98 -20.77 -6.22
C ASP C 482 -68.86 -21.40 -7.28
N ARG C 483 -69.81 -20.65 -7.83
CA ARG C 483 -70.61 -21.18 -8.93
C ARG C 483 -69.80 -21.22 -10.22
N CYS C 484 -68.80 -20.36 -10.34
CA CYS C 484 -68.08 -20.17 -11.60
C CYS C 484 -66.71 -20.82 -11.64
N ALA C 485 -65.98 -20.87 -10.52
CA ALA C 485 -64.58 -21.29 -10.53
C ALA C 485 -64.44 -22.77 -10.89
N LEU C 486 -65.44 -23.59 -10.51
CA LEU C 486 -65.43 -25.00 -10.89
C LEU C 486 -65.55 -25.15 -12.40
N MET C 487 -66.25 -24.22 -13.05
CA MET C 487 -66.35 -24.26 -14.50
C MET C 487 -65.05 -23.78 -15.14
N LEU C 488 -64.22 -23.07 -14.38
CA LEU C 488 -62.86 -22.83 -14.82
C LEU C 488 -62.02 -24.10 -14.66
N LEU C 489 -62.42 -24.95 -13.72
CA LEU C 489 -61.66 -26.17 -13.47
C LEU C 489 -62.30 -27.38 -14.14
N LYS C 490 -63.57 -27.25 -14.54
CA LYS C 490 -64.16 -28.23 -15.44
C LYS C 490 -63.44 -28.23 -16.78
N SER C 491 -63.09 -27.04 -17.28
CA SER C 491 -62.33 -26.95 -18.51
C SER C 491 -60.84 -26.95 -18.21
N GLY C 492 -60.47 -27.08 -16.95
CA GLY C 492 -59.07 -27.14 -16.59
C GLY C 492 -58.46 -25.75 -16.51
N ALA C 493 -57.79 -25.49 -15.40
CA ALA C 493 -57.10 -24.22 -15.24
C ALA C 493 -55.87 -24.44 -14.38
N SER C 494 -55.18 -23.36 -14.02
CA SER C 494 -53.91 -23.50 -13.34
C SER C 494 -53.91 -22.82 -11.97
N PRO C 495 -54.05 -23.61 -10.90
CA PRO C 495 -53.80 -23.13 -9.54
C PRO C 495 -52.31 -23.05 -9.24
N ASN C 496 -51.50 -23.57 -10.15
CA ASN C 496 -50.06 -23.39 -10.06
C ASN C 496 -49.62 -22.05 -10.61
N LEU C 497 -50.50 -21.38 -11.36
CA LEU C 497 -50.13 -20.14 -12.02
C LEU C 497 -50.10 -18.99 -11.02
N THR C 498 -48.94 -18.33 -10.93
CA THR C 498 -48.76 -17.23 -10.00
C THR C 498 -49.25 -15.93 -10.60
N THR C 499 -49.39 -14.91 -9.77
CA THR C 499 -49.75 -13.58 -10.22
C THR C 499 -48.47 -12.81 -10.53
N ASP C 500 -48.60 -11.48 -10.71
CA ASP C 500 -47.40 -10.65 -10.85
C ASP C 500 -46.65 -10.56 -9.53
N ASP C 501 -47.37 -10.64 -8.40
CA ASP C 501 -46.76 -10.68 -7.08
C ASP C 501 -46.43 -12.09 -6.62
N CYS C 502 -46.38 -13.06 -7.56
CA CYS C 502 -45.99 -14.46 -7.31
C CYS C 502 -46.88 -15.13 -6.27
N LEU C 503 -48.16 -15.28 -6.61
CA LEU C 503 -49.12 -15.91 -5.71
C LEU C 503 -50.21 -16.63 -6.50
N THR C 504 -50.52 -17.83 -6.03
CA THR C 504 -51.52 -18.71 -6.60
C THR C 504 -52.92 -18.14 -6.38
N PRO C 505 -53.95 -18.66 -7.07
CA PRO C 505 -55.32 -18.29 -6.66
C PRO C 505 -55.73 -18.87 -5.32
N VAL C 506 -55.01 -19.87 -4.81
CA VAL C 506 -55.16 -20.31 -3.42
C VAL C 506 -54.87 -19.16 -2.48
N HIS C 507 -53.85 -18.37 -2.80
CA HIS C 507 -53.57 -17.16 -2.04
C HIS C 507 -54.69 -16.13 -2.17
N VAL C 508 -55.37 -16.11 -3.33
CA VAL C 508 -56.40 -15.10 -3.55
C VAL C 508 -57.65 -15.43 -2.75
N ALA C 509 -58.05 -16.72 -2.79
CA ALA C 509 -59.16 -17.16 -1.94
C ALA C 509 -58.78 -17.14 -0.48
N ALA C 510 -57.48 -17.21 -0.18
CA ALA C 510 -57.02 -16.98 1.18
C ALA C 510 -57.21 -15.52 1.58
N ARG C 511 -57.02 -14.60 0.64
CA ARG C 511 -57.20 -13.18 0.94
C ARG C 511 -58.67 -12.83 1.13
N HIS C 512 -59.48 -13.06 0.11
CA HIS C 512 -60.78 -12.40 0.04
C HIS C 512 -61.90 -13.16 0.72
N GLY C 513 -61.60 -14.22 1.46
CA GLY C 513 -62.60 -14.82 2.33
C GLY C 513 -63.60 -15.72 1.64
N ASN C 514 -63.22 -16.31 0.51
CA ASN C 514 -64.11 -17.17 -0.26
C ASN C 514 -63.86 -18.62 0.11
N LEU C 515 -64.88 -19.26 0.68
CA LEU C 515 -64.75 -20.59 1.27
C LEU C 515 -64.81 -21.71 0.24
N ALA C 516 -65.94 -21.82 -0.46
CA ALA C 516 -66.19 -22.96 -1.32
C ALA C 516 -65.30 -22.91 -2.56
N THR C 517 -64.90 -21.71 -2.98
CA THR C 517 -63.93 -21.57 -4.06
C THR C 517 -62.61 -22.19 -3.67
N LEU C 518 -62.17 -21.92 -2.43
CA LEU C 518 -60.92 -22.47 -1.93
C LEU C 518 -61.03 -23.98 -1.74
N MET C 519 -62.23 -24.47 -1.42
CA MET C 519 -62.45 -25.91 -1.38
C MET C 519 -62.33 -26.52 -2.77
N GLN C 520 -62.80 -25.81 -3.80
CA GLN C 520 -62.63 -26.29 -5.16
C GLN C 520 -61.18 -26.22 -5.62
N LEU C 521 -60.44 -25.21 -5.14
CA LEU C 521 -59.03 -25.08 -5.52
C LEU C 521 -58.20 -26.18 -4.87
N LEU C 522 -58.48 -26.52 -3.62
CA LEU C 522 -57.78 -27.63 -3.01
C LEU C 522 -58.27 -28.97 -3.51
N GLU C 523 -59.50 -29.05 -3.99
CA GLU C 523 -59.99 -30.30 -4.58
C GLU C 523 -59.35 -30.56 -5.94
N ASP C 524 -58.93 -29.50 -6.65
CA ASP C 524 -58.35 -29.62 -7.97
C ASP C 524 -56.83 -29.66 -7.95
N GLU C 525 -56.25 -30.23 -6.89
CA GLU C 525 -54.81 -30.44 -6.72
C GLU C 525 -54.03 -29.12 -6.70
N GLY C 526 -54.69 -28.04 -6.28
CA GLY C 526 -53.97 -26.83 -5.97
C GLY C 526 -53.23 -26.97 -4.66
N ASP C 527 -51.93 -26.70 -4.70
CA ASP C 527 -51.09 -26.95 -3.53
C ASP C 527 -51.25 -25.81 -2.53
N PRO C 528 -51.50 -26.11 -1.25
CA PRO C 528 -51.42 -25.06 -0.22
C PRO C 528 -50.01 -24.73 0.21
N LEU C 529 -49.01 -25.41 -0.34
CA LEU C 529 -47.63 -25.30 0.09
C LEU C 529 -46.83 -24.27 -0.70
N TYR C 530 -47.50 -23.41 -1.48
CA TYR C 530 -46.76 -22.41 -2.22
C TYR C 530 -46.27 -21.30 -1.30
N LYS C 531 -45.47 -20.40 -1.86
CA LYS C 531 -44.73 -19.42 -1.09
C LYS C 531 -44.65 -18.14 -1.91
N SER C 532 -45.13 -17.03 -1.35
CA SER C 532 -45.23 -15.79 -2.09
C SER C 532 -43.86 -15.14 -2.26
N ASN C 533 -43.87 -13.95 -2.89
CA ASN C 533 -42.64 -13.19 -3.04
C ASN C 533 -42.13 -12.70 -1.70
N THR C 534 -43.04 -12.39 -0.78
CA THR C 534 -42.69 -12.09 0.60
C THR C 534 -42.63 -13.33 1.48
N GLY C 535 -42.52 -14.51 0.89
CA GLY C 535 -42.44 -15.74 1.65
C GLY C 535 -43.77 -16.22 2.22
N GLU C 536 -44.87 -15.58 1.89
CA GLU C 536 -46.14 -15.85 2.54
C GLU C 536 -46.78 -17.10 1.95
N THR C 537 -47.09 -18.06 2.83
CA THR C 537 -48.00 -19.13 2.49
C THR C 537 -49.42 -18.57 2.42
N PRO C 538 -50.38 -19.31 1.84
CA PRO C 538 -51.78 -18.86 1.96
C PRO C 538 -52.32 -18.95 3.38
N LEU C 539 -51.63 -19.65 4.28
CA LEU C 539 -52.00 -19.61 5.69
C LEU C 539 -51.72 -18.24 6.29
N HIS C 540 -50.63 -17.59 5.86
CA HIS C 540 -50.27 -16.28 6.39
C HIS C 540 -51.31 -15.23 6.00
N MET C 541 -51.52 -15.03 4.71
CA MET C 541 -52.45 -14.00 4.27
C MET C 541 -53.90 -14.45 4.44
N ALA C 542 -54.12 -15.74 4.61
CA ALA C 542 -55.43 -16.21 5.07
C ALA C 542 -55.67 -15.77 6.50
N CYS C 543 -54.61 -15.75 7.31
CA CYS C 543 -54.77 -15.44 8.71
C CYS C 543 -54.84 -13.93 8.93
N ARG C 544 -54.12 -13.15 8.12
CA ARG C 544 -54.13 -11.70 8.26
C ARG C 544 -55.48 -11.09 7.91
N ALA C 545 -56.22 -11.69 6.99
CA ALA C 545 -57.55 -11.22 6.64
C ALA C 545 -58.62 -11.69 7.62
N CYS C 546 -58.23 -12.45 8.65
CA CYS C 546 -59.06 -12.95 9.74
C CYS C 546 -60.23 -13.80 9.25
N HIS C 547 -59.97 -14.98 8.69
CA HIS C 547 -61.05 -15.88 8.29
C HIS C 547 -60.85 -17.23 8.95
N PRO C 548 -61.75 -17.64 9.83
CA PRO C 548 -61.51 -18.86 10.63
C PRO C 548 -61.65 -20.16 9.86
N ASP C 549 -62.66 -20.28 9.01
CA ASP C 549 -62.93 -21.53 8.34
C ASP C 549 -61.91 -21.80 7.22
N ILE C 550 -61.29 -20.75 6.70
CA ILE C 550 -60.24 -20.93 5.72
C ILE C 550 -58.99 -21.49 6.37
N VAL C 551 -58.58 -20.89 7.49
CA VAL C 551 -57.41 -21.36 8.24
C VAL C 551 -57.62 -22.78 8.73
N ARG C 552 -58.80 -23.03 9.30
CA ARG C 552 -59.29 -24.36 9.66
C ARG C 552 -59.17 -25.36 8.52
N HIS C 553 -59.67 -24.98 7.34
CA HIS C 553 -59.69 -25.89 6.21
C HIS C 553 -58.28 -26.14 5.68
N LEU C 554 -57.42 -25.13 5.72
CA LEU C 554 -56.05 -25.28 5.24
C LEU C 554 -55.26 -26.22 6.14
N ILE C 555 -55.40 -26.07 7.45
CA ILE C 555 -54.70 -26.97 8.36
C ILE C 555 -55.28 -28.39 8.27
N GLU C 556 -56.60 -28.50 8.02
CA GLU C 556 -57.19 -29.81 7.81
C GLU C 556 -56.75 -30.47 6.51
N THR C 557 -56.31 -29.70 5.51
CA THR C 557 -55.81 -30.32 4.28
C THR C 557 -54.32 -30.65 4.38
N VAL C 558 -53.52 -29.75 4.95
CA VAL C 558 -52.09 -30.01 5.09
C VAL C 558 -51.84 -31.12 6.10
N LYS C 559 -52.72 -31.23 7.11
CA LYS C 559 -52.63 -32.33 8.08
C LYS C 559 -52.84 -33.68 7.41
N GLU C 560 -53.67 -33.74 6.37
CA GLU C 560 -53.88 -35.00 5.65
C GLU C 560 -52.76 -35.24 4.64
N LYS C 561 -52.62 -34.34 3.67
CA LYS C 561 -51.80 -34.61 2.49
C LYS C 561 -50.30 -34.46 2.74
N HIS C 562 -49.89 -34.06 3.94
CA HIS C 562 -48.47 -34.03 4.25
C HIS C 562 -48.16 -34.54 5.65
N GLY C 563 -49.17 -34.98 6.39
CA GLY C 563 -48.95 -35.44 7.74
C GLY C 563 -49.02 -34.30 8.75
N PRO C 564 -49.30 -34.65 10.01
CA PRO C 564 -49.41 -33.61 11.05
C PRO C 564 -48.08 -32.95 11.40
N ASP C 565 -46.95 -33.63 11.18
CA ASP C 565 -45.66 -33.00 11.43
C ASP C 565 -45.38 -31.89 10.43
N LYS C 566 -45.62 -32.18 9.14
CA LYS C 566 -45.49 -31.13 8.13
C LYS C 566 -46.62 -30.12 8.23
N ALA C 567 -47.72 -30.47 8.92
CA ALA C 567 -48.71 -29.47 9.26
C ALA C 567 -48.19 -28.51 10.33
N THR C 568 -47.44 -29.03 11.30
CA THR C 568 -46.86 -28.18 12.33
C THR C 568 -45.77 -27.29 11.76
N THR C 569 -44.94 -27.83 10.86
CA THR C 569 -43.97 -26.97 10.20
C THR C 569 -44.61 -26.06 9.17
N TYR C 570 -45.80 -26.39 8.69
CA TYR C 570 -46.54 -25.52 7.80
C TYR C 570 -47.15 -24.33 8.54
N ILE C 571 -47.61 -24.57 9.77
CA ILE C 571 -48.06 -23.47 10.63
C ILE C 571 -46.87 -22.58 10.99
N ASN C 572 -45.76 -23.21 11.34
CA ASN C 572 -44.55 -22.49 11.72
C ASN C 572 -43.68 -22.16 10.52
N SER C 573 -44.24 -22.21 9.31
CA SER C 573 -43.54 -21.74 8.12
C SER C 573 -43.27 -20.25 8.23
N VAL C 574 -42.16 -19.83 7.63
CA VAL C 574 -41.56 -18.53 7.90
C VAL C 574 -41.53 -17.72 6.62
N ASN C 575 -42.20 -16.57 6.63
CA ASN C 575 -42.17 -15.67 5.49
C ASN C 575 -40.91 -14.83 5.51
N GLU C 576 -40.86 -13.82 4.64
CA GLU C 576 -39.75 -12.89 4.65
C GLU C 576 -39.78 -12.05 5.93
N ASP C 577 -38.59 -11.61 6.34
CA ASP C 577 -38.34 -10.95 7.62
C ASP C 577 -38.81 -11.77 8.82
N GLY C 578 -38.70 -13.10 8.71
CA GLY C 578 -38.90 -13.97 9.86
C GLY C 578 -40.34 -14.17 10.29
N ALA C 579 -41.29 -13.71 9.48
CA ALA C 579 -42.70 -13.69 9.87
C ALA C 579 -43.32 -15.09 9.72
N THR C 580 -43.90 -15.60 10.79
CA THR C 580 -44.72 -16.80 10.76
C THR C 580 -46.19 -16.40 10.73
N ALA C 581 -47.07 -17.39 10.73
CA ALA C 581 -48.50 -17.13 10.70
C ALA C 581 -49.01 -16.60 12.04
N LEU C 582 -48.32 -16.93 13.13
CA LEU C 582 -48.67 -16.35 14.43
C LEU C 582 -48.40 -14.85 14.45
N HIS C 583 -47.45 -14.38 13.66
CA HIS C 583 -47.24 -12.95 13.52
C HIS C 583 -48.41 -12.29 12.78
N TYR C 584 -48.97 -13.00 11.80
CA TYR C 584 -50.11 -12.45 11.09
C TYR C 584 -51.43 -12.68 11.81
N THR C 585 -51.43 -13.43 12.92
CA THR C 585 -52.59 -13.41 13.81
C THR C 585 -52.78 -12.03 14.41
N CYS C 586 -51.72 -11.50 15.00
CA CYS C 586 -51.87 -10.51 16.07
C CYS C 586 -52.02 -9.12 15.50
N GLN C 587 -51.72 -8.94 14.22
CA GLN C 587 -51.64 -7.60 13.67
C GLN C 587 -53.03 -7.04 13.35
N ILE C 588 -54.07 -7.87 13.43
CA ILE C 588 -55.42 -7.37 13.20
C ILE C 588 -55.89 -6.62 14.42
N THR C 589 -56.88 -5.75 14.23
CA THR C 589 -57.35 -4.87 15.29
C THR C 589 -58.80 -5.16 15.63
N LYS C 590 -59.31 -4.44 16.64
CA LYS C 590 -60.69 -4.64 17.07
C LYS C 590 -61.66 -3.84 16.21
N GLU C 591 -61.13 -3.01 15.31
CA GLU C 591 -62.01 -2.30 14.38
C GLU C 591 -62.15 -3.08 13.07
N GLU C 592 -61.06 -3.68 12.61
CA GLU C 592 -61.10 -4.41 11.34
C GLU C 592 -61.33 -5.90 11.56
N VAL C 593 -61.98 -6.27 12.66
CA VAL C 593 -62.21 -7.69 12.91
C VAL C 593 -63.54 -8.15 12.32
N LYS C 594 -64.61 -7.38 12.54
CA LYS C 594 -65.95 -7.41 11.90
C LYS C 594 -66.68 -8.75 12.02
N ILE C 595 -66.11 -9.73 12.71
CA ILE C 595 -66.74 -11.01 13.04
C ILE C 595 -66.34 -11.25 14.49
N PRO C 596 -67.32 -11.47 15.42
CA PRO C 596 -67.04 -11.33 16.86
C PRO C 596 -65.97 -12.24 17.47
N GLU C 597 -66.11 -13.55 17.34
CA GLU C 597 -65.17 -14.45 18.00
C GLU C 597 -64.24 -15.13 17.01
N SER C 598 -63.87 -14.42 15.94
CA SER C 598 -63.07 -15.01 14.87
C SER C 598 -61.60 -15.15 15.25
N ASP C 599 -60.99 -14.11 15.78
CA ASP C 599 -59.55 -14.10 16.02
C ASP C 599 -59.17 -15.09 17.11
N LYS C 600 -60.04 -15.24 18.11
CA LYS C 600 -59.79 -16.18 19.20
C LYS C 600 -59.75 -17.61 18.70
N GLN C 601 -60.69 -17.98 17.83
CA GLN C 601 -60.71 -19.36 17.35
C GLN C 601 -59.69 -19.59 16.25
N ILE C 602 -59.23 -18.53 15.58
CA ILE C 602 -58.07 -18.67 14.70
C ILE C 602 -56.83 -19.00 15.53
N VAL C 603 -56.65 -18.30 16.64
CA VAL C 603 -55.52 -18.58 17.54
C VAL C 603 -55.67 -19.96 18.17
N ARG C 604 -56.91 -20.41 18.41
CA ARG C 604 -57.10 -21.78 18.89
C ARG C 604 -56.73 -22.82 17.82
N MET C 605 -57.06 -22.53 16.55
CA MET C 605 -56.73 -23.47 15.49
C MET C 605 -55.22 -23.48 15.20
N LEU C 606 -54.52 -22.41 15.51
CA LEU C 606 -53.09 -22.37 15.24
C LEU C 606 -52.27 -22.91 16.41
N LEU C 607 -52.66 -22.58 17.64
CA LEU C 607 -51.95 -23.11 18.80
C LEU C 607 -52.29 -24.59 19.01
N GLU C 608 -53.54 -24.96 18.79
CA GLU C 608 -53.98 -26.34 19.06
C GLU C 608 -53.38 -27.32 18.07
N ASN C 609 -53.05 -26.89 16.85
CA ASN C 609 -52.50 -27.76 15.83
C ASN C 609 -50.98 -27.68 15.75
N GLY C 610 -50.34 -27.22 16.81
CA GLY C 610 -48.89 -27.11 16.83
C GLY C 610 -48.43 -25.71 16.44
N ALA C 611 -47.54 -25.17 17.26
CA ALA C 611 -47.06 -23.80 17.04
C ALA C 611 -45.66 -23.67 17.60
N ASP C 612 -44.99 -22.58 17.22
CA ASP C 612 -43.66 -22.23 17.71
C ASP C 612 -43.70 -20.92 18.47
N VAL C 613 -44.60 -20.83 19.46
CA VAL C 613 -45.24 -19.64 20.03
C VAL C 613 -44.33 -18.43 20.21
N THR C 614 -43.06 -18.65 20.56
CA THR C 614 -42.10 -17.56 20.50
C THR C 614 -41.85 -17.15 19.04
N LEU C 615 -41.09 -18.00 18.31
CA LEU C 615 -40.59 -17.76 16.95
C LEU C 615 -40.08 -16.34 16.77
N GLN C 616 -38.99 -16.02 17.47
CA GLN C 616 -38.21 -14.80 17.31
C GLN C 616 -37.93 -14.48 15.84
N THR C 617 -38.36 -13.30 15.37
CA THR C 617 -38.33 -12.99 13.94
C THR C 617 -36.90 -12.68 13.51
N LYS C 618 -36.68 -12.54 12.19
CA LYS C 618 -35.33 -12.44 11.66
C LYS C 618 -34.74 -11.06 11.89
N THR C 619 -35.36 -10.03 11.31
CA THR C 619 -34.80 -8.69 11.30
C THR C 619 -35.03 -7.94 12.62
N ALA C 620 -36.29 -7.71 12.98
CA ALA C 620 -36.64 -6.81 14.05
C ALA C 620 -36.73 -7.48 15.41
N LEU C 621 -36.33 -8.75 15.51
CA LEU C 621 -36.03 -9.52 16.73
C LEU C 621 -37.28 -9.87 17.54
N GLU C 622 -38.44 -9.29 17.21
CA GLU C 622 -39.63 -9.34 18.05
C GLU C 622 -40.43 -10.60 17.74
N THR C 623 -40.99 -11.19 18.78
CA THR C 623 -41.87 -12.34 18.60
C THR C 623 -43.27 -11.88 18.22
N ALA C 624 -44.17 -12.85 17.99
CA ALA C 624 -45.53 -12.53 17.57
C ALA C 624 -46.34 -11.98 18.74
N PHE C 625 -45.84 -12.19 19.95
CA PHE C 625 -46.46 -11.67 21.15
C PHE C 625 -46.42 -10.14 21.15
N HIS C 626 -45.29 -9.57 20.71
CA HIS C 626 -45.12 -8.11 20.63
C HIS C 626 -46.14 -7.46 19.72
N TYR C 627 -46.56 -8.15 18.67
CA TYR C 627 -47.53 -7.59 17.74
C TYR C 627 -48.89 -7.44 18.38
N CYS C 628 -49.19 -8.28 19.39
CA CYS C 628 -50.41 -8.12 20.19
C CYS C 628 -50.48 -6.72 20.79
N ALA C 629 -49.41 -6.31 21.46
CA ALA C 629 -49.30 -4.98 22.04
C ALA C 629 -49.25 -3.89 20.97
N VAL C 630 -48.93 -4.26 19.74
CA VAL C 630 -49.01 -3.29 18.65
C VAL C 630 -50.46 -2.95 18.35
N ALA C 631 -51.32 -3.97 18.32
CA ALA C 631 -52.62 -3.79 17.67
C ALA C 631 -53.73 -3.40 18.63
N GLY C 632 -54.02 -4.22 19.63
CA GLY C 632 -55.18 -4.00 20.46
C GLY C 632 -56.26 -5.06 20.35
N ASN C 633 -56.11 -6.02 19.43
CA ASN C 633 -56.96 -7.22 19.46
C ASN C 633 -56.57 -8.16 20.58
N ASN C 634 -55.47 -7.88 21.27
CA ASN C 634 -55.07 -8.48 22.53
C ASN C 634 -55.94 -8.07 23.71
N ASP C 635 -57.05 -7.36 23.48
CA ASP C 635 -58.16 -7.48 24.42
C ASP C 635 -58.66 -8.92 24.48
N VAL C 636 -58.56 -9.65 23.37
CA VAL C 636 -58.95 -11.05 23.32
C VAL C 636 -57.71 -11.94 23.17
N LEU C 637 -56.79 -11.54 22.27
CA LEU C 637 -55.74 -12.46 21.85
C LEU C 637 -54.67 -12.65 22.90
N MET C 638 -54.51 -11.67 23.80
CA MET C 638 -53.56 -11.82 24.90
C MET C 638 -54.01 -12.91 25.86
N GLU C 639 -55.32 -13.01 26.08
CA GLU C 639 -55.87 -14.14 26.83
C GLU C 639 -55.61 -15.45 26.10
N MET C 640 -55.97 -15.51 24.81
CA MET C 640 -55.97 -16.76 24.06
C MET C 640 -54.56 -17.33 23.89
N ILE C 641 -53.58 -16.47 23.64
CA ILE C 641 -52.20 -16.91 23.64
C ILE C 641 -51.74 -17.17 25.08
N SER C 642 -52.31 -16.43 26.03
CA SER C 642 -51.86 -16.54 27.41
C SER C 642 -52.54 -17.69 28.15
N HIS C 643 -53.26 -18.56 27.45
CA HIS C 643 -53.83 -19.72 28.14
C HIS C 643 -52.90 -20.92 28.06
N MET C 644 -52.30 -21.16 26.90
CA MET C 644 -51.72 -22.48 26.65
C MET C 644 -50.22 -22.52 26.97
N ASN C 645 -49.78 -21.75 27.96
CA ASN C 645 -48.42 -21.83 28.48
C ASN C 645 -48.46 -21.72 30.00
N PRO C 646 -47.84 -22.65 30.73
CA PRO C 646 -47.97 -22.63 32.19
C PRO C 646 -47.19 -21.53 32.90
N THR C 647 -45.90 -21.38 32.57
CA THR C 647 -45.07 -20.40 33.27
C THR C 647 -44.21 -19.62 32.27
N ASP C 648 -43.98 -20.21 31.09
CA ASP C 648 -43.08 -19.63 30.10
C ASP C 648 -43.69 -18.40 29.42
N ILE C 649 -44.97 -18.10 29.74
CA ILE C 649 -45.55 -16.77 29.54
C ILE C 649 -44.59 -15.68 30.01
N GLN C 650 -44.04 -15.83 31.21
CA GLN C 650 -43.05 -14.88 31.71
C GLN C 650 -41.79 -14.92 30.86
N LYS C 651 -41.41 -16.11 30.38
CA LYS C 651 -40.30 -16.22 29.44
C LYS C 651 -40.62 -15.56 28.12
N ALA C 652 -41.91 -15.49 27.78
CA ALA C 652 -42.31 -14.69 26.62
C ALA C 652 -42.32 -13.20 26.96
N MET C 653 -42.65 -12.86 28.20
CA MET C 653 -42.85 -11.45 28.53
C MET C 653 -41.56 -10.76 28.95
N ASN C 654 -40.49 -11.54 29.18
CA ASN C 654 -39.26 -10.94 29.68
C ASN C 654 -38.26 -10.73 28.56
N ARG C 655 -38.65 -11.05 27.32
CA ARG C 655 -37.73 -10.89 26.21
C ARG C 655 -37.87 -9.50 25.60
N GLN C 656 -36.81 -9.03 24.96
CA GLN C 656 -36.81 -7.69 24.42
C GLN C 656 -36.69 -7.71 22.90
N SER C 657 -37.15 -6.63 22.27
CA SER C 657 -37.13 -6.48 20.83
C SER C 657 -35.74 -6.07 20.37
N SER C 658 -35.64 -5.74 19.09
CA SER C 658 -34.40 -5.21 18.52
C SER C 658 -34.13 -3.83 19.09
N VAL C 659 -35.21 -3.06 19.25
CA VAL C 659 -35.15 -1.82 20.01
C VAL C 659 -34.83 -2.12 21.47
N GLY C 660 -35.41 -3.19 22.01
CA GLY C 660 -35.23 -3.53 23.40
C GLY C 660 -36.57 -3.51 24.10
N TRP C 661 -37.64 -3.64 23.32
CA TRP C 661 -38.97 -3.46 23.87
C TRP C 661 -39.62 -4.78 24.26
N THR C 662 -40.28 -4.78 25.39
CA THR C 662 -41.18 -5.83 25.85
C THR C 662 -42.58 -5.39 25.43
N PRO C 663 -43.58 -6.29 25.39
CA PRO C 663 -44.95 -5.83 25.09
C PRO C 663 -45.56 -4.89 26.12
N LEU C 664 -45.00 -4.80 27.33
CA LEU C 664 -45.36 -3.69 28.21
C LEU C 664 -44.92 -2.36 27.60
N LEU C 665 -43.77 -2.33 26.96
CA LEU C 665 -43.28 -1.07 26.41
C LEU C 665 -44.07 -0.68 25.17
N ILE C 666 -44.57 -1.66 24.41
CA ILE C 666 -45.33 -1.35 23.21
C ILE C 666 -46.78 -1.00 23.57
N ALA C 667 -47.38 -1.78 24.47
CA ALA C 667 -48.76 -1.51 24.88
C ALA C 667 -48.86 -0.23 25.69
N CYS C 668 -47.90 0.00 26.60
CA CYS C 668 -47.85 1.28 27.29
C CYS C 668 -47.39 2.40 26.39
N HIS C 669 -46.70 2.07 25.29
CA HIS C 669 -46.37 3.07 24.28
C HIS C 669 -47.58 3.47 23.47
N ARG C 670 -48.57 2.60 23.30
CA ARG C 670 -49.76 2.92 22.53
C ARG C 670 -50.93 3.36 23.40
N GLY C 671 -51.12 2.77 24.57
CA GLY C 671 -52.17 3.18 25.46
C GLY C 671 -53.38 2.27 25.46
N HIS C 672 -53.18 1.00 25.12
CA HIS C 672 -54.24 0.00 25.19
C HIS C 672 -54.39 -0.36 26.66
N MET C 673 -55.30 0.34 27.34
CA MET C 673 -55.34 0.34 28.80
C MET C 673 -55.74 -1.01 29.37
N GLU C 674 -56.79 -1.62 28.81
CA GLU C 674 -57.23 -2.94 29.25
C GLU C 674 -56.18 -4.00 28.97
N LEU C 675 -55.38 -3.80 27.91
CA LEU C 675 -54.27 -4.70 27.64
C LEU C 675 -53.17 -4.55 28.68
N VAL C 676 -52.93 -3.33 29.15
CA VAL C 676 -51.96 -3.13 30.23
C VAL C 676 -52.47 -3.77 31.51
N ASN C 677 -53.78 -3.69 31.75
CA ASN C 677 -54.37 -4.43 32.87
C ASN C 677 -54.27 -5.93 32.67
N ASN C 678 -54.26 -6.41 31.43
CA ASN C 678 -54.07 -7.83 31.18
C ASN C 678 -52.63 -8.27 31.40
N LEU C 679 -51.66 -7.46 31.01
CA LEU C 679 -50.25 -7.81 31.14
C LEU C 679 -49.77 -7.71 32.57
N LEU C 680 -50.29 -6.75 33.34
CA LEU C 680 -49.85 -6.62 34.72
C LEU C 680 -50.56 -7.63 35.62
N ALA C 681 -51.77 -8.06 35.24
CA ALA C 681 -52.36 -9.22 35.90
C ALA C 681 -51.62 -10.49 35.54
N ASN C 682 -50.95 -10.49 34.38
CA ASN C 682 -50.10 -11.62 34.02
C ASN C 682 -48.65 -11.36 34.41
N HIS C 683 -48.45 -10.43 35.35
CA HIS C 683 -47.23 -10.23 36.17
C HIS C 683 -45.95 -10.09 35.35
N ALA C 684 -45.99 -9.30 34.28
CA ALA C 684 -44.76 -8.97 33.58
C ALA C 684 -43.98 -7.93 34.34
N ARG C 685 -42.66 -7.99 34.22
CA ARG C 685 -41.74 -7.15 34.99
C ARG C 685 -41.75 -5.73 34.43
N VAL C 686 -42.01 -4.76 35.32
CA VAL C 686 -42.08 -3.36 34.92
C VAL C 686 -40.69 -2.75 34.77
N ASP C 687 -39.67 -3.41 35.30
CA ASP C 687 -38.31 -2.87 35.31
C ASP C 687 -37.52 -3.22 34.06
N VAL C 688 -38.20 -3.40 32.93
CA VAL C 688 -37.51 -3.58 31.65
C VAL C 688 -37.01 -2.22 31.17
N PHE C 689 -35.98 -2.24 30.33
CA PHE C 689 -35.41 -1.03 29.79
C PHE C 689 -35.05 -1.25 28.33
N ASP C 690 -35.25 -0.20 27.53
CA ASP C 690 -34.96 -0.26 26.11
C ASP C 690 -33.48 0.08 25.87
N THR C 691 -33.11 0.30 24.60
CA THR C 691 -31.76 0.75 24.30
C THR C 691 -31.55 2.19 24.73
N GLU C 692 -32.62 2.97 24.82
CA GLU C 692 -32.54 4.35 25.30
C GLU C 692 -32.71 4.46 26.80
N GLY C 693 -32.62 3.36 27.53
CA GLY C 693 -32.73 3.39 28.98
C GLY C 693 -34.09 3.80 29.50
N ARG C 694 -35.15 3.47 28.78
CA ARG C 694 -36.47 4.00 29.11
C ARG C 694 -37.36 2.90 29.66
N SER C 695 -38.26 3.29 30.56
CA SER C 695 -39.25 2.38 31.12
C SER C 695 -40.61 2.72 30.54
N ALA C 696 -41.62 1.99 31.00
CA ALA C 696 -42.98 2.19 30.47
C ALA C 696 -43.58 3.49 30.96
N LEU C 697 -43.11 3.99 32.10
CA LEU C 697 -43.50 5.33 32.55
C LEU C 697 -42.97 6.40 31.62
N HIS C 698 -41.82 6.18 30.99
CA HIS C 698 -41.28 7.17 30.08
C HIS C 698 -41.99 7.13 28.74
N LEU C 699 -42.45 5.96 28.31
CA LEU C 699 -43.18 5.87 27.06
C LEU C 699 -44.60 6.38 27.21
N ALA C 700 -45.31 5.90 28.24
CA ALA C 700 -46.68 6.34 28.47
C ALA C 700 -46.72 7.80 28.92
N ALA C 701 -45.70 8.24 29.64
CA ALA C 701 -45.59 9.66 29.96
C ALA C 701 -45.18 10.48 28.75
N GLU C 702 -44.48 9.86 27.80
CA GLU C 702 -44.12 10.57 26.58
C GLU C 702 -45.33 10.78 25.68
N ARG C 703 -46.22 9.79 25.61
CA ARG C 703 -47.45 9.92 24.84
C ARG C 703 -48.61 10.45 25.67
N GLY C 704 -48.46 10.55 26.99
CA GLY C 704 -49.46 11.16 27.83
C GLY C 704 -50.75 10.38 28.01
N TYR C 705 -50.68 9.25 28.69
CA TYR C 705 -51.86 8.49 29.05
C TYR C 705 -51.96 8.37 30.57
N LEU C 706 -53.13 8.73 31.11
CA LEU C 706 -53.31 8.78 32.55
C LEU C 706 -53.39 7.38 33.15
N HIS C 707 -54.37 6.60 32.71
CA HIS C 707 -54.67 5.33 33.37
C HIS C 707 -53.66 4.25 33.03
N VAL C 708 -52.84 4.45 32.00
CA VAL C 708 -51.73 3.54 31.75
C VAL C 708 -50.67 3.71 32.82
N CYS C 709 -50.33 4.96 33.13
CA CYS C 709 -49.37 5.24 34.20
C CYS C 709 -49.95 4.89 35.56
N ASP C 710 -51.26 5.07 35.74
CA ASP C 710 -51.93 4.64 36.95
C ASP C 710 -51.86 3.13 37.11
N ALA C 711 -52.06 2.40 36.01
CA ALA C 711 -51.96 0.95 36.04
C ALA C 711 -50.53 0.50 36.32
N LEU C 712 -49.53 1.25 35.83
CA LEU C 712 -48.14 0.94 36.14
C LEU C 712 -47.85 1.15 37.62
N LEU C 713 -48.28 2.27 38.18
CA LEU C 713 -47.99 2.58 39.58
C LEU C 713 -48.81 1.75 40.55
N THR C 714 -49.93 1.16 40.13
CA THR C 714 -50.52 0.11 40.94
C THR C 714 -49.70 -1.16 40.92
N ASN C 715 -48.97 -1.41 39.84
CA ASN C 715 -48.11 -2.59 39.73
C ASN C 715 -46.68 -2.34 40.20
N LYS C 716 -46.51 -1.40 41.14
CA LYS C 716 -45.23 -1.09 41.78
C LYS C 716 -44.17 -0.62 40.79
N ALA C 717 -44.57 0.25 39.87
CA ALA C 717 -43.60 0.91 39.01
C ALA C 717 -42.81 1.93 39.81
N PHE C 718 -41.63 2.28 39.30
CA PHE C 718 -40.73 3.19 39.97
C PHE C 718 -40.75 4.54 39.26
N ILE C 719 -41.40 5.53 39.87
CA ILE C 719 -41.24 6.90 39.41
C ILE C 719 -39.86 7.39 39.80
N ASN C 720 -39.46 8.52 39.21
CA ASN C 720 -38.11 9.07 39.24
C ASN C 720 -37.08 8.05 38.74
N SER C 721 -37.43 7.27 37.73
CA SER C 721 -36.41 6.57 36.96
C SER C 721 -35.89 7.49 35.87
N LYS C 722 -34.73 7.15 35.32
CA LYS C 722 -34.07 8.07 34.40
C LYS C 722 -33.62 7.36 33.14
N SER C 723 -33.53 8.11 32.06
CA SER C 723 -33.10 7.58 30.76
C SER C 723 -31.60 7.79 30.59
N ARG C 724 -31.13 7.60 29.35
CA ARG C 724 -29.73 7.91 29.03
C ARG C 724 -29.45 9.40 29.15
N VAL C 725 -30.47 10.23 28.88
CA VAL C 725 -30.38 11.66 29.12
C VAL C 725 -30.71 11.99 30.57
N GLY C 726 -31.12 10.99 31.36
CA GLY C 726 -31.52 11.23 32.72
C GLY C 726 -32.89 11.81 32.88
N ARG C 727 -33.72 11.72 31.83
CA ARG C 727 -35.05 12.31 31.87
C ARG C 727 -35.97 11.46 32.73
N THR C 728 -36.71 12.10 33.63
CA THR C 728 -37.74 11.41 34.37
C THR C 728 -39.05 11.43 33.59
N ALA C 729 -40.08 10.81 34.18
CA ALA C 729 -41.40 10.86 33.56
C ALA C 729 -41.99 12.25 33.64
N LEU C 730 -41.66 12.99 34.71
CA LEU C 730 -42.09 14.37 34.82
C LEU C 730 -41.42 15.24 33.77
N HIS C 731 -40.20 14.89 33.37
CA HIS C 731 -39.52 15.62 32.31
C HIS C 731 -40.23 15.44 30.97
N LEU C 732 -40.71 14.23 30.70
CA LEU C 732 -41.35 13.99 29.41
C LEU C 732 -42.78 14.53 29.39
N ALA C 733 -43.49 14.42 30.53
CA ALA C 733 -44.84 14.97 30.62
C ALA C 733 -44.80 16.49 30.57
N ALA C 734 -43.78 17.09 31.18
CA ALA C 734 -43.59 18.52 31.04
C ALA C 734 -43.09 18.90 29.66
N MET C 735 -42.41 17.98 28.97
CA MET C 735 -41.96 18.27 27.60
C MET C 735 -43.11 18.25 26.62
N ASN C 736 -44.11 17.37 26.83
CA ASN C 736 -45.09 17.08 25.80
C ASN C 736 -46.50 17.53 26.16
N GLY C 737 -46.66 18.31 27.23
CA GLY C 737 -47.93 18.96 27.49
C GLY C 737 -49.05 18.07 27.97
N PHE C 738 -48.92 17.51 29.17
CA PHE C 738 -49.99 16.71 29.76
C PHE C 738 -50.12 17.14 31.22
N THR C 739 -50.97 18.14 31.45
CA THR C 739 -51.06 18.75 32.78
C THR C 739 -51.71 17.80 33.78
N HIS C 740 -52.64 16.96 33.32
CA HIS C 740 -53.26 15.99 34.22
C HIS C 740 -52.27 14.91 34.62
N LEU C 741 -51.29 14.63 33.77
CA LEU C 741 -50.27 13.64 34.10
C LEU C 741 -49.26 14.24 35.07
N VAL C 742 -49.02 15.56 34.95
CA VAL C 742 -48.11 16.23 35.87
C VAL C 742 -48.73 16.34 37.26
N LYS C 743 -50.01 16.73 37.32
CA LYS C 743 -50.75 16.72 38.58
C LYS C 743 -50.88 15.31 39.15
N PHE C 744 -50.95 14.32 38.25
CA PHE C 744 -51.07 12.94 38.70
C PHE C 744 -49.77 12.45 39.32
N LEU C 745 -48.64 12.81 38.73
CA LEU C 745 -47.35 12.38 39.27
C LEU C 745 -47.03 13.13 40.56
N ILE C 746 -47.01 14.47 40.51
CA ILE C 746 -46.56 15.26 41.64
C ILE C 746 -47.59 15.21 42.77
N LYS C 747 -48.86 15.38 42.43
CA LYS C 747 -49.90 15.33 43.45
C LYS C 747 -50.21 13.89 43.86
N ASP C 748 -50.47 13.02 42.87
CA ASP C 748 -50.99 11.70 43.20
C ASP C 748 -49.90 10.75 43.67
N HIS C 749 -48.64 11.00 43.31
CA HIS C 749 -47.60 10.02 43.61
C HIS C 749 -46.31 10.64 44.13
N ASN C 750 -46.31 11.92 44.47
CA ASN C 750 -45.22 12.61 45.18
C ASN C 750 -43.89 12.56 44.43
N ALA C 751 -43.95 12.71 43.11
CA ALA C 751 -42.73 12.79 42.32
C ALA C 751 -42.00 14.10 42.60
N VAL C 752 -40.68 14.03 42.61
CA VAL C 752 -39.82 15.16 42.93
C VAL C 752 -39.90 16.16 41.78
N ILE C 753 -39.97 17.44 42.12
CA ILE C 753 -40.21 18.48 41.12
C ILE C 753 -38.91 18.88 40.45
N ASP C 754 -37.85 19.03 41.23
CA ASP C 754 -36.61 19.64 40.76
C ASP C 754 -35.58 18.61 40.29
N ILE C 755 -36.05 17.54 39.64
CA ILE C 755 -35.15 16.51 39.15
C ILE C 755 -34.30 17.05 38.01
N LEU C 756 -32.99 16.87 38.11
CA LEU C 756 -32.04 17.32 37.10
C LEU C 756 -31.80 16.20 36.10
N THR C 757 -31.54 16.59 34.84
CA THR C 757 -31.16 15.63 33.81
C THR C 757 -29.66 15.35 33.89
N LEU C 758 -29.15 14.69 32.85
CA LEU C 758 -27.71 14.59 32.68
C LEU C 758 -27.13 15.94 32.27
N ARG C 759 -27.94 16.77 31.62
CA ARG C 759 -27.59 18.16 31.37
C ARG C 759 -28.05 19.09 32.49
N LYS C 760 -28.42 18.52 33.64
CA LYS C 760 -28.78 19.23 34.87
C LYS C 760 -29.95 20.19 34.64
N GLN C 761 -31.06 19.62 34.20
CA GLN C 761 -32.21 20.40 33.79
C GLN C 761 -33.44 20.00 34.60
N THR C 762 -34.02 20.96 35.31
CA THR C 762 -35.33 20.81 35.90
C THR C 762 -36.38 20.84 34.80
N PRO C 763 -37.54 20.21 35.00
CA PRO C 763 -38.57 20.22 33.95
C PRO C 763 -39.31 21.52 33.79
N LEU C 764 -38.98 22.58 34.55
CA LEU C 764 -39.60 23.87 34.27
C LEU C 764 -38.99 24.52 33.04
N HIS C 765 -37.68 24.42 32.85
CA HIS C 765 -37.07 24.94 31.64
C HIS C 765 -36.80 23.88 30.59
N LEU C 766 -36.86 22.60 30.96
CA LEU C 766 -37.04 21.59 29.93
C LEU C 766 -38.46 21.61 29.41
N ALA C 767 -39.40 22.09 30.24
CA ALA C 767 -40.74 22.37 29.76
C ALA C 767 -40.76 23.65 28.95
N ALA C 768 -39.97 24.64 29.34
CA ALA C 768 -39.89 25.88 28.57
C ALA C 768 -39.05 25.70 27.32
N ALA C 769 -38.33 24.58 27.22
CA ALA C 769 -37.61 24.25 25.99
C ALA C 769 -38.58 23.99 24.86
N SER C 770 -39.59 23.16 25.10
CA SER C 770 -40.63 22.96 24.10
C SER C 770 -41.64 24.09 24.12
N GLY C 771 -41.60 24.92 25.17
CA GLY C 771 -42.44 26.10 25.25
C GLY C 771 -43.90 25.85 25.52
N GLN C 772 -44.23 25.10 26.56
CA GLN C 772 -45.62 24.82 26.87
C GLN C 772 -46.06 25.64 28.08
N MET C 773 -46.93 26.62 27.80
CA MET C 773 -47.25 27.70 28.72
C MET C 773 -48.02 27.23 29.95
N GLU C 774 -49.11 26.48 29.75
CA GLU C 774 -49.94 26.06 30.87
C GLU C 774 -49.26 25.02 31.72
N VAL C 775 -48.34 24.24 31.14
CA VAL C 775 -47.55 23.29 31.90
C VAL C 775 -46.61 24.02 32.85
N CYS C 776 -45.98 25.09 32.36
CA CYS C 776 -45.14 25.90 33.22
C CYS C 776 -45.96 26.68 34.24
N GLN C 777 -47.20 27.04 33.89
CA GLN C 777 -48.14 27.57 34.88
C GLN C 777 -48.41 26.57 35.99
N LEU C 778 -48.49 25.29 35.62
CA LEU C 778 -48.74 24.25 36.62
C LEU C 778 -47.52 23.99 37.49
N LEU C 779 -46.32 24.03 36.88
CA LEU C 779 -45.10 23.78 37.65
C LEU C 779 -44.79 24.95 38.57
N LEU C 780 -45.07 26.18 38.13
CA LEU C 780 -44.96 27.31 39.03
C LEU C 780 -46.09 27.36 40.05
N GLU C 781 -47.26 26.79 39.70
CA GLU C 781 -48.32 26.64 40.69
C GLU C 781 -47.93 25.63 41.77
N LEU C 782 -47.10 24.64 41.41
CA LEU C 782 -46.56 23.71 42.38
C LEU C 782 -45.22 24.15 42.95
N GLY C 783 -44.50 25.04 42.26
CA GLY C 783 -43.34 25.68 42.82
C GLY C 783 -42.05 24.88 42.73
N ALA C 784 -40.99 25.51 42.27
CA ALA C 784 -39.67 24.90 42.17
C ALA C 784 -38.63 26.01 42.12
N ASN C 785 -37.35 25.60 42.18
CA ASN C 785 -36.25 26.53 42.01
C ASN C 785 -36.22 27.03 40.57
N ILE C 786 -36.62 28.29 40.36
CA ILE C 786 -36.75 28.82 39.02
C ILE C 786 -35.39 29.01 38.37
N ASP C 787 -34.53 29.81 39.00
CA ASP C 787 -33.25 30.21 38.41
C ASP C 787 -32.16 29.16 38.56
N ALA C 788 -32.51 27.90 38.83
CA ALA C 788 -31.54 26.80 38.88
C ALA C 788 -30.85 26.63 37.53
N THR C 789 -29.55 26.85 37.51
CA THR C 789 -28.80 26.88 36.26
C THR C 789 -28.61 25.47 35.71
N ASP C 790 -28.54 25.38 34.38
CA ASP C 790 -28.34 24.12 33.69
C ASP C 790 -26.85 23.87 33.49
N ASP C 791 -26.51 22.91 32.61
CA ASP C 791 -25.11 22.58 32.34
C ASP C 791 -24.37 23.72 31.67
N LEU C 792 -25.08 24.54 30.89
CA LEU C 792 -24.51 25.75 30.33
C LEU C 792 -24.74 26.96 31.22
N GLY C 793 -25.12 26.74 32.49
CA GLY C 793 -25.45 27.83 33.37
C GLY C 793 -26.74 28.53 33.02
N GLN C 794 -27.75 27.77 32.60
CA GLN C 794 -28.93 28.34 31.96
C GLN C 794 -30.04 28.55 32.99
N LYS C 795 -30.30 29.80 33.34
CA LYS C 795 -31.55 30.20 33.95
C LYS C 795 -32.67 30.01 32.92
N PRO C 796 -33.94 29.80 33.36
CA PRO C 796 -34.93 29.22 32.43
C PRO C 796 -35.31 30.07 31.24
N ILE C 797 -35.20 31.39 31.36
CA ILE C 797 -35.61 32.26 30.26
C ILE C 797 -34.56 32.25 29.15
N HIS C 798 -33.34 31.80 29.46
CA HIS C 798 -32.35 31.56 28.42
C HIS C 798 -32.79 30.42 27.50
N VAL C 799 -33.25 29.32 28.09
CA VAL C 799 -33.72 28.19 27.29
C VAL C 799 -35.04 28.54 26.61
N ALA C 800 -35.85 29.39 27.25
CA ALA C 800 -37.04 29.91 26.60
C ALA C 800 -36.69 30.81 25.43
N ALA C 801 -35.53 31.47 25.48
CA ALA C 801 -35.15 32.39 24.41
C ALA C 801 -34.38 31.69 23.29
N GLN C 802 -33.77 30.54 23.57
CA GLN C 802 -33.12 29.79 22.51
C GLN C 802 -34.12 29.24 21.51
N ASN C 803 -35.29 28.81 22.00
CA ASN C 803 -36.36 28.31 21.14
C ASN C 803 -37.47 29.34 20.98
N ASN C 804 -37.17 30.60 21.32
CA ASN C 804 -37.93 31.85 21.15
C ASN C 804 -39.44 31.75 21.32
N TYR C 805 -39.88 31.13 22.41
CA TYR C 805 -41.28 31.11 22.80
C TYR C 805 -41.58 32.37 23.59
N SER C 806 -42.34 33.29 23.01
CA SER C 806 -42.53 34.59 23.62
C SER C 806 -43.50 34.53 24.80
N GLU C 807 -44.54 33.69 24.70
CA GLU C 807 -45.56 33.65 25.74
C GLU C 807 -45.04 32.98 27.01
N VAL C 808 -44.05 32.09 26.87
CA VAL C 808 -43.45 31.46 28.04
C VAL C 808 -42.59 32.45 28.80
N ALA C 809 -41.86 33.30 28.07
CA ALA C 809 -41.16 34.41 28.70
C ALA C 809 -42.14 35.43 29.28
N LYS C 810 -43.31 35.56 28.67
CA LYS C 810 -44.38 36.37 29.25
C LYS C 810 -44.95 35.73 30.51
N LEU C 811 -44.80 34.42 30.67
CA LEU C 811 -45.19 33.78 31.91
C LEU C 811 -44.16 34.00 33.00
N PHE C 812 -42.88 33.72 32.70
CA PHE C 812 -41.82 33.89 33.69
C PHE C 812 -41.58 35.34 34.05
N LEU C 813 -41.99 36.27 33.19
CA LEU C 813 -41.77 37.68 33.43
C LEU C 813 -43.03 38.44 33.81
N GLN C 814 -44.19 38.05 33.29
CA GLN C 814 -45.44 38.71 33.69
C GLN C 814 -45.83 38.36 35.11
N GLN C 815 -45.64 37.10 35.51
CA GLN C 815 -45.78 36.74 36.91
C GLN C 815 -44.69 37.34 37.77
N HIS C 816 -43.49 37.46 37.20
CA HIS C 816 -42.31 38.04 37.83
C HIS C 816 -41.97 37.49 39.22
N PRO C 817 -41.57 36.21 39.32
CA PRO C 817 -41.28 35.67 40.66
C PRO C 817 -39.82 35.80 41.07
N SER C 818 -38.91 36.07 40.13
CA SER C 818 -37.48 35.98 40.41
C SER C 818 -36.68 37.18 39.92
N LEU C 819 -37.32 38.14 39.24
CA LEU C 819 -36.69 39.36 38.71
C LEU C 819 -35.53 39.03 37.77
N VAL C 820 -35.80 38.14 36.82
CA VAL C 820 -34.75 37.57 35.97
C VAL C 820 -34.61 38.28 34.65
N ASN C 821 -35.09 39.53 34.54
CA ASN C 821 -34.80 40.33 33.35
C ASN C 821 -33.30 40.59 33.22
N ALA C 822 -32.63 40.85 34.35
CA ALA C 822 -31.17 40.99 34.37
C ALA C 822 -30.55 39.66 34.78
N THR C 823 -30.86 38.62 34.00
CA THR C 823 -30.33 37.30 34.27
C THR C 823 -28.86 37.22 33.86
N SER C 824 -28.19 36.17 34.34
CA SER C 824 -26.81 35.92 34.01
C SER C 824 -26.61 34.44 33.77
N LYS C 825 -25.93 34.09 32.69
CA LYS C 825 -25.55 32.72 32.41
C LYS C 825 -24.04 32.63 32.35
N ASP C 826 -23.54 31.46 31.96
CA ASP C 826 -22.11 31.30 31.76
C ASP C 826 -21.65 32.08 30.54
N GLY C 827 -22.49 32.15 29.51
CA GLY C 827 -22.13 32.93 28.33
C GLY C 827 -22.54 34.38 28.43
N ASN C 828 -23.84 34.63 28.61
CA ASN C 828 -24.39 35.98 28.48
C ASN C 828 -25.73 36.11 29.20
N THR C 829 -26.48 37.16 28.87
CA THR C 829 -27.81 37.34 29.44
C THR C 829 -28.85 36.78 28.48
N CYS C 830 -30.13 36.95 28.84
CA CYS C 830 -31.20 36.42 28.02
C CYS C 830 -31.39 37.24 26.74
N ALA C 831 -31.16 38.55 26.83
CA ALA C 831 -31.35 39.42 25.68
C ALA C 831 -30.31 39.18 24.61
N HIS C 832 -29.14 38.69 25.00
CA HIS C 832 -28.12 38.33 24.02
C HIS C 832 -28.55 37.12 23.21
N ILE C 833 -29.16 36.12 23.88
CA ILE C 833 -29.70 34.97 23.17
C ILE C 833 -30.88 35.40 22.30
N ALA C 834 -31.66 36.38 22.78
CA ALA C 834 -32.71 36.97 21.97
C ALA C 834 -32.14 37.66 20.73
N ALA C 835 -30.93 38.19 20.84
CA ALA C 835 -30.26 38.75 19.66
C ALA C 835 -29.71 37.65 18.76
N MET C 836 -29.32 36.52 19.35
CA MET C 836 -28.75 35.44 18.55
C MET C 836 -29.81 34.75 17.71
N GLN C 837 -31.03 34.60 18.24
CA GLN C 837 -32.01 33.80 17.54
C GLN C 837 -32.76 34.59 16.48
N GLY C 838 -32.89 35.90 16.65
CA GLY C 838 -33.83 36.64 15.82
C GLY C 838 -35.23 36.47 16.34
N SER C 839 -35.47 36.98 17.54
CA SER C 839 -36.66 36.68 18.34
C SER C 839 -37.45 37.94 18.61
N VAL C 840 -37.81 38.66 17.53
CA VAL C 840 -38.40 40.00 17.60
C VAL C 840 -39.68 40.04 18.45
N LYS C 841 -40.40 38.92 18.53
CA LYS C 841 -41.52 38.84 19.46
C LYS C 841 -41.03 38.73 20.90
N VAL C 842 -40.00 37.92 21.13
CA VAL C 842 -39.50 37.70 22.48
C VAL C 842 -38.82 38.94 23.02
N ILE C 843 -37.98 39.56 22.18
CA ILE C 843 -37.33 40.80 22.59
C ILE C 843 -38.32 41.97 22.53
N GLU C 844 -39.44 41.80 21.83
CA GLU C 844 -40.52 42.77 21.92
C GLU C 844 -41.20 42.69 23.28
N GLU C 845 -41.31 41.49 23.84
CA GLU C 845 -41.87 41.36 25.18
C GLU C 845 -40.88 41.81 26.24
N LEU C 846 -39.61 41.44 26.09
CA LEU C 846 -38.57 41.81 27.06
C LEU C 846 -38.32 43.30 27.05
N MET C 847 -38.20 43.89 25.87
CA MET C 847 -38.06 45.34 25.77
C MET C 847 -39.34 46.05 26.18
N LYS C 848 -40.50 45.43 25.91
CA LYS C 848 -41.79 46.00 26.30
C LYS C 848 -41.99 45.96 27.80
N PHE C 849 -41.24 45.13 28.52
CA PHE C 849 -41.28 45.16 29.98
C PHE C 849 -40.19 46.07 30.56
N ASP C 850 -38.94 45.81 30.18
CA ASP C 850 -37.78 46.42 30.82
C ASP C 850 -36.79 46.90 29.75
N ARG C 851 -37.29 47.73 28.82
CA ARG C 851 -36.52 48.20 27.67
C ARG C 851 -35.23 48.92 28.07
N SER C 852 -35.30 49.71 29.15
CA SER C 852 -34.12 50.43 29.63
C SER C 852 -33.05 49.47 30.12
N GLY C 853 -33.47 48.41 30.82
CA GLY C 853 -32.52 47.41 31.27
C GLY C 853 -32.21 46.35 30.23
N VAL C 854 -32.81 46.43 29.05
CA VAL C 854 -32.56 45.41 28.05
C VAL C 854 -31.66 46.03 26.98
N ILE C 855 -31.59 47.36 26.94
CA ILE C 855 -30.65 48.02 26.05
C ILE C 855 -29.22 47.95 26.61
N SER C 856 -29.08 48.15 27.92
CA SER C 856 -27.77 48.26 28.56
C SER C 856 -27.10 46.91 28.83
N ALA C 857 -27.51 45.84 28.16
CA ALA C 857 -26.96 44.51 28.42
C ALA C 857 -25.55 44.42 27.87
N ARG C 858 -24.57 44.64 28.74
CA ARG C 858 -23.16 44.41 28.43
C ARG C 858 -22.78 43.07 29.03
N ASN C 859 -22.33 42.15 28.18
CA ASN C 859 -21.92 40.83 28.65
C ASN C 859 -20.62 40.95 29.43
N LYS C 860 -20.60 40.38 30.64
CA LYS C 860 -19.44 40.53 31.51
C LYS C 860 -18.23 39.76 31.01
N LEU C 861 -18.45 38.78 30.12
CA LEU C 861 -17.35 37.99 29.59
C LEU C 861 -16.82 38.52 28.26
N THR C 862 -17.58 39.34 27.54
CA THR C 862 -17.18 39.78 26.22
C THR C 862 -17.40 41.26 25.92
N ASP C 863 -18.02 42.02 26.83
CA ASP C 863 -18.36 43.45 26.65
C ASP C 863 -19.21 43.68 25.41
N ALA C 864 -20.09 42.73 25.11
CA ALA C 864 -20.91 42.77 23.91
C ALA C 864 -22.29 43.33 24.22
N THR C 865 -22.91 43.94 23.22
CA THR C 865 -24.25 44.49 23.33
C THR C 865 -25.19 43.69 22.43
N PRO C 866 -26.51 43.73 22.67
CA PRO C 866 -27.41 42.95 21.81
C PRO C 866 -27.52 43.44 20.37
N LEU C 867 -27.19 44.70 20.09
CA LEU C 867 -27.14 45.13 18.69
C LEU C 867 -25.98 44.48 17.96
N GLN C 868 -24.89 44.23 18.66
CA GLN C 868 -23.72 43.63 18.03
C GLN C 868 -23.97 42.16 17.71
N LEU C 869 -24.67 41.45 18.59
CA LEU C 869 -25.06 40.09 18.27
C LEU C 869 -26.20 40.05 17.28
N ALA C 870 -26.99 41.13 17.19
CA ALA C 870 -28.03 41.20 16.18
C ALA C 870 -27.43 41.37 14.79
N ALA C 871 -26.51 42.31 14.65
CA ALA C 871 -25.86 42.56 13.36
C ALA C 871 -24.91 41.44 12.99
N GLU C 872 -24.27 40.82 13.99
CA GLU C 872 -23.46 39.63 13.73
C GLU C 872 -24.34 38.46 13.30
N GLY C 873 -25.53 38.34 13.88
CA GLY C 873 -26.46 37.32 13.45
C GLY C 873 -27.20 37.74 12.19
N GLY C 874 -27.18 39.03 11.88
CA GLY C 874 -27.83 39.54 10.69
C GLY C 874 -29.33 39.64 10.78
N HIS C 875 -29.88 39.75 11.98
CA HIS C 875 -31.33 39.85 12.17
C HIS C 875 -31.70 41.32 12.18
N ALA C 876 -32.24 41.80 11.06
CA ALA C 876 -32.51 43.23 10.92
C ALA C 876 -33.69 43.68 11.76
N ASP C 877 -34.62 42.76 12.06
CA ASP C 877 -35.82 43.13 12.80
C ASP C 877 -35.51 43.40 14.26
N VAL C 878 -34.52 42.69 14.81
CA VAL C 878 -34.05 42.97 16.17
C VAL C 878 -33.39 44.34 16.23
N VAL C 879 -32.72 44.70 15.14
CA VAL C 879 -32.13 46.04 15.04
C VAL C 879 -33.22 47.09 14.94
N LYS C 880 -34.32 46.78 14.24
CA LYS C 880 -35.45 47.70 14.16
C LYS C 880 -36.10 47.88 15.53
N ALA C 881 -36.15 46.80 16.33
CA ALA C 881 -36.76 46.89 17.64
C ALA C 881 -35.89 47.66 18.62
N LEU C 882 -34.61 47.31 18.69
CA LEU C 882 -33.73 47.95 19.67
C LEU C 882 -33.36 49.37 19.29
N VAL C 883 -33.10 49.64 18.02
CA VAL C 883 -32.94 51.02 17.56
C VAL C 883 -34.24 51.80 17.67
N ARG C 884 -35.39 51.13 17.49
CA ARG C 884 -36.67 51.77 17.76
C ARG C 884 -36.88 52.05 19.24
N ALA C 885 -36.14 51.35 20.11
CA ALA C 885 -36.21 51.59 21.55
C ALA C 885 -35.08 52.47 22.06
N GLY C 886 -34.09 52.78 21.24
CA GLY C 886 -32.92 53.53 21.69
C GLY C 886 -31.65 52.95 21.13
N ALA C 887 -30.74 52.53 22.02
CA ALA C 887 -29.60 51.66 21.71
C ALA C 887 -28.65 52.30 20.68
N SER C 888 -27.93 53.32 21.14
CA SER C 888 -26.87 53.93 20.35
C SER C 888 -25.81 52.90 19.97
N CYS C 889 -25.30 53.04 18.74
CA CYS C 889 -24.42 52.03 18.14
C CYS C 889 -22.99 52.12 18.63
N THR C 890 -22.60 53.19 19.32
CA THR C 890 -21.19 53.47 19.56
C THR C 890 -20.59 52.68 20.72
N GLU C 891 -21.28 51.66 21.23
CA GLU C 891 -20.73 50.83 22.30
C GLU C 891 -19.66 49.91 21.71
N GLU C 892 -18.39 50.22 21.98
CA GLU C 892 -17.29 49.43 21.46
C GLU C 892 -17.17 48.11 22.23
N ASN C 893 -16.70 47.08 21.53
CA ASN C 893 -16.48 45.78 22.15
C ASN C 893 -15.19 45.80 22.96
N LYS C 894 -14.88 44.63 23.56
CA LYS C 894 -13.55 44.41 24.09
C LYS C 894 -12.51 44.44 22.99
N ALA C 895 -12.81 43.82 21.85
CA ALA C 895 -12.00 44.04 20.65
C ALA C 895 -12.20 45.45 20.12
N GLY C 896 -13.41 45.97 20.20
CA GLY C 896 -13.71 47.34 19.85
C GLY C 896 -14.34 47.47 18.48
N PHE C 897 -15.68 47.58 18.47
CA PHE C 897 -16.46 47.69 17.24
C PHE C 897 -17.79 48.33 17.58
N THR C 898 -18.28 49.16 16.67
CA THR C 898 -19.71 49.45 16.67
C THR C 898 -20.44 48.30 16.01
N ALA C 899 -21.76 48.25 16.21
CA ALA C 899 -22.56 47.19 15.59
C ALA C 899 -22.60 47.32 14.07
N VAL C 900 -22.40 48.55 13.57
CA VAL C 900 -22.24 48.77 12.13
C VAL C 900 -20.99 48.05 11.62
N HIS C 901 -19.95 48.00 12.44
CA HIS C 901 -18.73 47.31 12.04
C HIS C 901 -18.92 45.80 12.04
N LEU C 902 -19.82 45.28 12.90
CA LEU C 902 -20.12 43.85 12.82
C LEU C 902 -20.99 43.55 11.63
N ALA C 903 -21.83 44.52 11.22
CA ALA C 903 -22.57 44.37 9.98
C ALA C 903 -21.64 44.40 8.79
N ALA C 904 -20.58 45.20 8.86
CA ALA C 904 -19.59 45.23 7.80
C ALA C 904 -18.76 43.96 7.78
N GLN C 905 -18.49 43.39 8.96
CA GLN C 905 -17.71 42.17 9.02
C GLN C 905 -18.52 40.96 8.60
N ASN C 906 -19.83 40.98 8.85
CA ASN C 906 -20.64 39.79 8.63
C ASN C 906 -21.39 39.85 7.30
N GLY C 907 -21.50 41.04 6.72
CA GLY C 907 -22.15 41.16 5.42
C GLY C 907 -23.65 41.07 5.45
N HIS C 908 -24.30 42.06 6.04
CA HIS C 908 -25.75 42.12 6.11
C HIS C 908 -26.21 43.54 5.77
N GLY C 909 -26.56 43.75 4.50
CA GLY C 909 -26.82 45.09 4.03
C GLY C 909 -28.16 45.64 4.48
N GLN C 910 -29.07 44.76 4.90
CA GLN C 910 -30.34 45.22 5.46
C GLN C 910 -30.11 45.93 6.80
N VAL C 911 -29.20 45.40 7.61
CA VAL C 911 -28.80 46.06 8.86
C VAL C 911 -28.08 47.36 8.54
N LEU C 912 -27.36 47.38 7.42
CA LEU C 912 -26.72 48.62 6.96
C LEU C 912 -27.75 49.63 6.48
N ASP C 913 -28.93 49.16 6.07
CA ASP C 913 -29.99 50.09 5.69
C ASP C 913 -30.70 50.66 6.91
N VAL C 914 -31.03 49.78 7.87
CA VAL C 914 -31.73 50.22 9.07
C VAL C 914 -30.84 51.12 9.91
N LEU C 915 -29.55 50.80 9.98
CA LEU C 915 -28.61 51.70 10.65
C LEU C 915 -28.21 52.86 9.74
N LYS C 916 -28.43 52.70 8.43
CA LYS C 916 -28.17 53.81 7.51
C LYS C 916 -29.24 54.88 7.63
N SER C 917 -30.39 54.53 8.20
CA SER C 917 -31.38 55.54 8.54
C SER C 917 -30.86 56.51 9.60
N THR C 918 -30.14 56.00 10.60
CA THR C 918 -29.75 56.84 11.72
C THR C 918 -28.28 57.25 11.64
N ASN C 919 -27.37 56.29 11.57
CA ASN C 919 -25.95 56.55 11.76
C ASN C 919 -25.28 57.29 10.61
N SER C 920 -24.12 57.88 10.89
CA SER C 920 -23.36 58.60 9.87
C SER C 920 -22.45 57.66 9.10
N LEU C 921 -22.29 56.42 9.59
CA LEU C 921 -21.62 55.28 8.97
C LEU C 921 -20.12 55.48 8.75
N ARG C 922 -19.49 56.51 9.32
CA ARG C 922 -18.04 56.65 9.35
C ARG C 922 -17.66 57.21 10.72
N ILE C 923 -17.40 56.33 11.68
CA ILE C 923 -17.39 56.77 13.07
C ILE C 923 -16.06 56.46 13.76
N ASN C 924 -15.69 55.18 13.82
CA ASN C 924 -14.84 54.58 14.87
C ASN C 924 -13.51 55.24 15.23
N SER C 925 -13.36 55.53 16.52
CA SER C 925 -12.09 55.96 17.08
C SER C 925 -11.74 55.10 18.29
N LYS C 926 -12.75 54.69 19.04
CA LYS C 926 -12.54 53.93 20.28
C LYS C 926 -12.09 52.52 19.91
N LYS C 927 -10.86 52.18 20.32
CA LYS C 927 -10.18 50.88 20.24
C LYS C 927 -9.76 50.52 18.82
N LEU C 928 -10.22 51.29 17.83
CA LEU C 928 -9.85 51.18 16.42
C LEU C 928 -10.21 52.50 15.76
N GLY C 929 -9.22 53.18 15.22
CA GLY C 929 -9.50 54.41 14.49
C GLY C 929 -9.68 54.14 13.02
N LEU C 930 -10.92 53.95 12.58
CA LEU C 930 -11.25 53.55 11.22
C LEU C 930 -12.73 53.83 10.97
N THR C 931 -13.23 53.32 9.85
CA THR C 931 -14.62 53.48 9.45
C THR C 931 -15.18 52.08 9.23
N PRO C 932 -16.52 51.94 9.19
CA PRO C 932 -17.09 50.65 8.76
C PRO C 932 -16.75 50.28 7.33
N LEU C 933 -16.45 51.26 6.48
CA LEU C 933 -16.05 50.95 5.10
C LEU C 933 -14.66 50.34 5.07
N HIS C 934 -13.83 50.62 6.08
CA HIS C 934 -12.58 49.90 6.24
C HIS C 934 -12.80 48.45 6.59
N VAL C 935 -13.75 48.17 7.49
CA VAL C 935 -14.03 46.80 7.90
C VAL C 935 -14.69 46.03 6.78
N ALA C 936 -15.64 46.68 6.09
CA ALA C 936 -16.29 46.06 4.94
C ALA C 936 -15.31 45.85 3.79
N ALA C 937 -14.35 46.75 3.62
CA ALA C 937 -13.34 46.58 2.59
C ALA C 937 -12.32 45.54 3.00
N TYR C 938 -12.21 45.29 4.30
CA TYR C 938 -11.15 44.40 4.80
C TYR C 938 -11.56 42.93 4.67
N TYR C 939 -12.76 42.59 5.12
CA TYR C 939 -13.09 41.17 5.29
C TYR C 939 -13.75 40.59 4.04
N GLY C 940 -13.80 41.34 2.96
CA GLY C 940 -14.48 40.83 1.80
C GLY C 940 -15.69 41.63 1.38
N GLN C 941 -16.88 41.07 1.60
CA GLN C 941 -18.14 41.31 0.87
C GLN C 941 -18.39 42.70 0.24
N ALA C 942 -18.74 42.67 -1.05
CA ALA C 942 -18.42 43.77 -1.94
C ALA C 942 -19.62 44.66 -2.23
N ASP C 943 -20.83 44.11 -2.18
CA ASP C 943 -21.98 44.97 -2.45
C ASP C 943 -22.33 45.81 -1.24
N THR C 944 -21.99 45.32 -0.04
CA THR C 944 -22.02 46.13 1.16
C THR C 944 -21.06 47.30 1.04
N VAL C 945 -19.87 47.03 0.47
CA VAL C 945 -18.93 48.08 0.15
C VAL C 945 -19.53 49.07 -0.85
N ARG C 946 -20.28 48.59 -1.84
CA ARG C 946 -20.92 49.47 -2.82
C ARG C 946 -21.95 50.40 -2.17
N GLU C 947 -22.77 49.85 -1.28
CA GLU C 947 -23.76 50.67 -0.58
C GLU C 947 -23.07 51.68 0.32
N LEU C 948 -21.96 51.29 0.94
CA LEU C 948 -21.21 52.25 1.75
C LEU C 948 -20.48 53.27 0.88
N LEU C 949 -20.21 52.94 -0.39
CA LEU C 949 -19.72 53.97 -1.31
C LEU C 949 -20.82 54.96 -1.62
N THR C 950 -22.07 54.49 -1.68
CA THR C 950 -23.17 55.41 -1.91
C THR C 950 -23.53 56.20 -0.65
N SER C 951 -23.06 55.78 0.52
CA SER C 951 -23.41 56.51 1.74
C SER C 951 -22.24 57.28 2.35
N VAL C 952 -21.00 56.82 2.16
CA VAL C 952 -19.82 57.39 2.80
C VAL C 952 -18.93 57.94 1.70
N PRO C 953 -18.22 59.06 1.90
CA PRO C 953 -17.39 59.64 0.81
C PRO C 953 -16.17 58.83 0.37
N ALA C 954 -16.00 57.59 0.82
CA ALA C 954 -15.31 56.51 0.12
C ALA C 954 -13.78 56.61 0.11
N THR C 955 -13.21 57.70 0.61
CA THR C 955 -11.76 57.83 0.76
C THR C 955 -11.53 58.80 1.90
N VAL C 956 -11.18 58.27 3.08
CA VAL C 956 -11.19 59.09 4.27
C VAL C 956 -9.83 59.15 4.97
N LYS C 957 -8.98 58.13 4.76
CA LYS C 957 -7.61 58.06 5.28
C LYS C 957 -7.59 58.17 6.81
N SER C 958 -8.12 57.12 7.44
CA SER C 958 -8.88 57.21 8.68
C SER C 958 -8.23 57.88 9.89
N GLU C 959 -7.28 57.22 10.54
CA GLU C 959 -6.88 57.61 11.89
C GLU C 959 -5.71 56.75 12.37
N THR C 960 -5.24 57.07 13.57
CA THR C 960 -4.37 56.21 14.35
C THR C 960 -5.22 55.26 15.19
N PRO C 961 -4.88 53.98 15.22
CA PRO C 961 -5.58 53.05 16.11
C PRO C 961 -5.17 53.27 17.56
N THR C 962 -6.14 53.07 18.44
CA THR C 962 -5.95 53.29 19.88
C THR C 962 -5.97 51.96 20.61
N GLY C 963 -4.97 51.75 21.45
CA GLY C 963 -4.91 50.59 22.31
C GLY C 963 -4.39 49.33 21.66
N GLN C 964 -5.22 48.70 20.83
CA GLN C 964 -4.85 47.44 20.20
C GLN C 964 -5.38 47.42 18.77
N SER C 965 -4.46 47.42 17.82
CA SER C 965 -4.80 47.45 16.41
C SER C 965 -4.91 46.04 15.87
N LEU C 966 -5.40 45.96 14.65
CA LEU C 966 -5.47 44.73 13.87
C LEU C 966 -4.18 44.67 13.04
N PHE C 967 -4.16 43.82 12.01
CA PHE C 967 -3.30 43.86 10.83
C PHE C 967 -1.93 43.23 11.07
N GLY C 968 -1.66 42.73 12.27
CA GLY C 968 -0.42 42.01 12.50
C GLY C 968 0.82 42.89 12.50
N ASP C 969 1.61 42.79 11.43
CA ASP C 969 2.86 43.53 11.30
C ASP C 969 2.64 45.03 11.34
N LEU C 970 1.54 45.51 10.77
CA LEU C 970 1.14 46.91 10.94
C LEU C 970 0.53 47.06 12.31
N GLY C 971 1.39 47.26 13.32
CA GLY C 971 0.90 47.53 14.66
C GLY C 971 0.24 48.87 14.82
N THR C 972 0.59 49.84 13.97
CA THR C 972 -0.05 51.14 13.96
C THR C 972 0.16 51.77 12.59
N GLU C 973 -0.94 52.08 11.90
CA GLU C 973 -0.89 52.78 10.63
C GLU C 973 -1.84 53.96 10.70
N SER C 974 -1.35 55.14 10.31
CA SER C 974 -2.08 56.38 10.45
C SER C 974 -2.50 56.89 9.07
N GLY C 975 -3.76 56.71 8.73
CA GLY C 975 -4.26 57.27 7.48
C GLY C 975 -4.42 56.27 6.38
N MET C 976 -4.75 55.03 6.72
CA MET C 976 -5.00 54.02 5.71
C MET C 976 -6.40 54.21 5.12
N THR C 977 -6.44 54.52 3.83
CA THR C 977 -7.69 54.50 3.08
C THR C 977 -8.16 53.06 2.93
N PRO C 978 -9.45 52.82 2.71
CA PRO C 978 -9.92 51.44 2.59
C PRO C 978 -9.48 50.72 1.32
N LEU C 979 -8.83 51.42 0.39
CA LEU C 979 -8.17 50.71 -0.71
C LEU C 979 -6.98 49.93 -0.18
N HIS C 980 -6.32 50.44 0.86
CA HIS C 980 -5.15 49.78 1.42
C HIS C 980 -5.51 48.46 2.07
N LEU C 981 -6.62 48.43 2.82
CA LEU C 981 -6.95 47.23 3.56
C LEU C 981 -7.50 46.14 2.65
N ALA C 982 -8.24 46.55 1.61
CA ALA C 982 -8.63 45.60 0.58
C ALA C 982 -7.42 45.11 -0.19
N ALA C 983 -6.40 45.96 -0.34
CA ALA C 983 -5.13 45.49 -0.90
C ALA C 983 -4.40 44.58 0.07
N PHE C 984 -4.74 44.67 1.36
CA PHE C 984 -3.96 43.98 2.38
C PHE C 984 -4.48 42.58 2.64
N SER C 985 -5.79 42.44 2.88
CA SER C 985 -6.33 41.14 3.23
C SER C 985 -6.57 40.27 2.00
N GLY C 986 -6.56 40.88 0.82
CA GLY C 986 -6.54 40.11 -0.42
C GLY C 986 -7.69 40.33 -1.36
N ASN C 987 -8.94 40.30 -0.86
CA ASN C 987 -10.07 41.14 -1.30
C ASN C 987 -10.10 41.66 -2.74
N GLU C 988 -9.83 40.78 -3.72
CA GLU C 988 -9.45 41.24 -5.05
C GLU C 988 -10.62 41.88 -5.79
N ASN C 989 -11.84 41.42 -5.53
CA ASN C 989 -13.01 42.04 -6.12
C ASN C 989 -13.25 43.42 -5.52
N VAL C 990 -12.94 43.58 -4.23
CA VAL C 990 -13.06 44.86 -3.57
C VAL C 990 -11.99 45.82 -4.07
N VAL C 991 -10.82 45.27 -4.40
CA VAL C 991 -9.79 46.04 -5.08
C VAL C 991 -10.29 46.53 -6.43
N ARG C 992 -10.97 45.64 -7.18
CA ARG C 992 -11.48 46.02 -8.49
C ARG C 992 -12.60 47.05 -8.39
N LEU C 993 -13.35 47.04 -7.29
CA LEU C 993 -14.34 48.09 -7.08
C LEU C 993 -13.69 49.41 -6.72
N LEU C 994 -12.72 49.37 -5.80
CA LEU C 994 -12.16 50.62 -5.29
C LEU C 994 -11.18 51.23 -6.28
N LEU C 995 -10.74 50.47 -7.28
CA LEU C 995 -9.97 51.05 -8.36
C LEU C 995 -10.88 51.71 -9.40
N ASN C 996 -12.18 51.47 -9.30
CA ASN C 996 -13.15 52.06 -10.21
C ASN C 996 -14.11 53.00 -9.51
N SER C 997 -13.74 53.52 -8.35
CA SER C 997 -14.60 54.37 -7.54
C SER C 997 -14.30 55.83 -7.86
N ALA C 998 -14.89 56.74 -7.08
CA ALA C 998 -14.77 58.18 -7.32
C ALA C 998 -13.38 58.63 -6.87
N GLY C 999 -13.04 58.49 -5.59
CA GLY C 999 -11.70 58.79 -5.14
C GLY C 999 -10.82 57.55 -5.09
N VAL C 1000 -10.00 57.35 -6.12
CA VAL C 1000 -9.19 56.14 -6.16
C VAL C 1000 -7.90 56.32 -5.37
N GLN C 1001 -7.04 57.28 -5.79
CA GLN C 1001 -5.79 57.66 -5.12
C GLN C 1001 -4.85 56.46 -4.95
N VAL C 1002 -4.57 55.76 -6.04
CA VAL C 1002 -3.64 54.65 -5.98
C VAL C 1002 -2.20 55.15 -5.94
N ASP C 1003 -1.96 56.37 -6.44
CA ASP C 1003 -0.60 56.87 -6.59
C ASP C 1003 -0.06 57.44 -5.28
N ALA C 1004 -0.77 58.41 -4.70
CA ALA C 1004 -0.26 59.11 -3.53
C ALA C 1004 -0.32 58.23 -2.29
N ALA C 1005 -1.54 57.93 -1.83
CA ALA C 1005 -1.85 56.83 -0.92
C ALA C 1005 -1.04 56.85 0.38
N THR C 1006 -0.77 58.05 0.88
CA THR C 1006 0.25 58.27 1.88
C THR C 1006 -0.23 57.88 3.28
N ILE C 1007 0.69 57.29 4.05
CA ILE C 1007 0.49 56.92 5.43
C ILE C 1007 1.59 57.63 6.22
N GLU C 1008 1.37 57.81 7.53
CA GLU C 1008 2.43 58.32 8.39
C GLU C 1008 3.57 57.32 8.51
N ASN C 1009 3.25 56.03 8.44
CA ASN C 1009 4.30 55.02 8.33
C ASN C 1009 4.94 55.06 6.95
N GLY C 1010 4.20 55.52 5.93
CA GLY C 1010 4.77 55.83 4.64
C GLY C 1010 4.38 54.92 3.50
N TYR C 1011 3.55 53.92 3.73
CA TYR C 1011 3.37 52.86 2.74
C TYR C 1011 2.41 53.26 1.63
N ASN C 1012 2.38 52.42 0.59
CA ASN C 1012 1.52 52.50 -0.57
C ASN C 1012 0.88 51.12 -0.73
N PRO C 1013 -0.28 50.96 -1.39
CA PRO C 1013 -1.01 49.68 -1.30
C PRO C 1013 -0.34 48.52 -2.01
N LEU C 1014 0.62 48.81 -2.88
CA LEU C 1014 1.47 47.74 -3.41
C LEU C 1014 2.31 47.12 -2.30
N HIS C 1015 2.84 47.94 -1.40
CA HIS C 1015 3.62 47.43 -0.29
C HIS C 1015 2.74 46.66 0.68
N LEU C 1016 1.53 47.15 0.90
CA LEU C 1016 0.56 46.45 1.72
C LEU C 1016 0.10 45.15 1.08
N ALA C 1017 0.18 45.05 -0.25
CA ALA C 1017 0.07 43.74 -0.88
C ALA C 1017 1.32 42.91 -0.66
N CYS C 1018 2.49 43.56 -0.53
CA CYS C 1018 3.72 42.81 -0.33
C CYS C 1018 3.82 42.22 1.08
N PHE C 1019 3.07 42.78 2.05
CA PHE C 1019 3.12 42.23 3.40
C PHE C 1019 2.54 40.83 3.48
N GLY C 1020 1.61 40.49 2.59
CA GLY C 1020 1.23 39.11 2.36
C GLY C 1020 1.73 38.63 1.01
N GLY C 1021 1.21 37.48 0.60
CA GLY C 1021 1.48 37.06 -0.76
C GLY C 1021 0.70 37.92 -1.73
N HIS C 1022 -0.61 37.68 -1.78
CA HIS C 1022 -1.65 38.52 -2.41
C HIS C 1022 -1.27 38.99 -3.81
N MET C 1023 -0.84 38.03 -4.63
CA MET C 1023 -0.22 38.34 -5.90
C MET C 1023 -1.25 38.82 -6.92
N SER C 1024 -2.51 38.47 -6.70
CA SER C 1024 -3.60 38.94 -7.56
C SER C 1024 -3.77 40.45 -7.45
N VAL C 1025 -3.65 40.99 -6.22
CA VAL C 1025 -3.74 42.43 -6.02
C VAL C 1025 -2.55 43.12 -6.65
N VAL C 1026 -1.40 42.43 -6.67
CA VAL C 1026 -0.22 42.97 -7.31
C VAL C 1026 -0.41 43.03 -8.81
N GLY C 1027 -1.06 42.01 -9.38
CA GLY C 1027 -1.40 42.05 -10.80
C GLY C 1027 -2.40 43.15 -11.12
N LEU C 1028 -3.36 43.37 -10.21
CA LEU C 1028 -4.36 44.43 -10.43
C LEU C 1028 -3.74 45.82 -10.34
N LEU C 1029 -2.86 46.02 -9.37
CA LEU C 1029 -2.31 47.36 -9.17
C LEU C 1029 -1.22 47.68 -10.19
N LEU C 1030 -0.33 46.72 -10.46
CA LEU C 1030 0.69 46.95 -11.47
C LEU C 1030 0.09 47.00 -12.87
N SER C 1031 -1.01 46.27 -13.09
CA SER C 1031 -1.73 46.44 -14.33
C SER C 1031 -2.42 47.80 -14.39
N ARG C 1032 -2.86 48.32 -13.25
CA ARG C 1032 -3.58 49.59 -13.23
C ARG C 1032 -2.65 50.78 -13.30
N SER C 1033 -1.74 50.91 -12.34
CA SER C 1033 -0.97 52.14 -12.20
C SER C 1033 0.33 52.11 -12.98
N ALA C 1034 1.21 51.17 -12.65
CA ALA C 1034 2.53 50.89 -13.24
C ALA C 1034 3.56 52.00 -13.01
N GLU C 1035 3.19 53.10 -12.35
CA GLU C 1035 4.15 54.07 -11.83
C GLU C 1035 4.38 53.84 -10.34
N LEU C 1036 4.22 52.58 -9.93
CA LEU C 1036 4.22 52.19 -8.53
C LEU C 1036 5.29 51.16 -8.21
N LEU C 1037 5.92 50.54 -9.23
CA LEU C 1037 7.09 49.70 -9.02
C LEU C 1037 8.23 50.45 -8.35
N GLN C 1038 8.42 51.70 -8.74
CA GLN C 1038 9.51 52.51 -8.20
C GLN C 1038 9.06 53.47 -7.13
N SER C 1039 7.84 53.28 -6.60
CA SER C 1039 7.33 54.14 -5.54
C SER C 1039 8.04 53.79 -4.24
N GLN C 1040 8.76 54.75 -3.70
CA GLN C 1040 9.45 54.57 -2.43
C GLN C 1040 8.57 55.07 -1.29
N ASP C 1041 8.77 54.52 -0.10
CA ASP C 1041 7.99 54.92 1.05
C ASP C 1041 8.66 56.09 1.76
N ARG C 1042 8.17 56.38 2.97
CA ARG C 1042 8.77 57.42 3.80
C ARG C 1042 10.16 57.01 4.26
N ASN C 1043 10.36 55.71 4.48
CA ASN C 1043 11.68 55.19 4.80
C ASN C 1043 12.48 54.82 3.57
N GLY C 1044 12.02 55.22 2.38
CA GLY C 1044 12.73 54.97 1.15
C GLY C 1044 12.60 53.58 0.59
N ARG C 1045 11.91 52.67 1.28
CA ARG C 1045 11.82 51.29 0.84
C ARG C 1045 10.88 51.16 -0.35
N THR C 1046 11.21 50.24 -1.25
CA THR C 1046 10.32 49.88 -2.33
C THR C 1046 9.56 48.60 -1.97
N GLY C 1047 8.76 48.12 -2.92
CA GLY C 1047 8.05 46.87 -2.71
C GLY C 1047 8.95 45.66 -2.72
N LEU C 1048 10.09 45.74 -3.40
CA LEU C 1048 10.97 44.59 -3.49
C LEU C 1048 11.68 44.37 -2.16
N HIS C 1049 11.89 45.46 -1.39
CA HIS C 1049 12.44 45.35 -0.05
C HIS C 1049 11.50 44.59 0.87
N ILE C 1050 10.21 44.94 0.83
CA ILE C 1050 9.25 44.35 1.75
C ILE C 1050 8.92 42.92 1.34
N ALA C 1051 8.83 42.68 0.03
CA ALA C 1051 8.63 41.31 -0.46
C ALA C 1051 9.86 40.46 -0.19
N ALA C 1052 11.04 41.08 -0.13
CA ALA C 1052 12.25 40.37 0.25
C ALA C 1052 12.22 40.01 1.73
N MET C 1053 12.09 41.01 2.60
CA MET C 1053 12.22 40.81 4.03
C MET C 1053 11.00 40.15 4.66
N HIS C 1054 9.95 39.88 3.90
CA HIS C 1054 8.89 38.99 4.37
C HIS C 1054 8.93 37.65 3.66
N GLY C 1055 9.79 37.47 2.68
CA GLY C 1055 10.10 36.15 2.16
C GLY C 1055 9.07 35.52 1.24
N HIS C 1056 8.22 36.32 0.62
CA HIS C 1056 7.23 35.82 -0.33
C HIS C 1056 7.94 35.68 -1.67
N ILE C 1057 8.23 34.44 -2.06
CA ILE C 1057 9.19 34.19 -3.14
C ILE C 1057 8.61 34.58 -4.49
N GLN C 1058 7.43 34.04 -4.82
CA GLN C 1058 6.84 34.30 -6.13
C GLN C 1058 6.35 35.74 -6.24
N MET C 1059 6.10 36.38 -5.09
CA MET C 1059 5.89 37.82 -5.09
C MET C 1059 7.12 38.56 -5.58
N VAL C 1060 8.31 38.11 -5.19
CA VAL C 1060 9.54 38.71 -5.70
C VAL C 1060 9.71 38.39 -7.18
N GLU C 1061 9.29 37.18 -7.59
CA GLU C 1061 9.36 36.79 -9.00
C GLU C 1061 8.48 37.67 -9.89
N ILE C 1062 7.27 37.97 -9.42
CA ILE C 1062 6.38 38.86 -10.18
C ILE C 1062 6.92 40.28 -10.17
N LEU C 1063 7.52 40.69 -9.05
CA LEU C 1063 7.95 42.08 -8.92
C LEU C 1063 9.20 42.33 -9.76
N LEU C 1064 10.00 41.29 -10.00
CA LEU C 1064 11.04 41.39 -11.03
C LEU C 1064 10.44 41.19 -12.42
N GLY C 1065 9.30 40.52 -12.50
CA GLY C 1065 8.69 40.26 -13.80
C GLY C 1065 8.15 41.52 -14.44
N GLN C 1066 7.51 42.37 -13.64
CA GLN C 1066 7.11 43.68 -14.15
C GLN C 1066 8.31 44.58 -14.38
N GLY C 1067 9.39 44.34 -13.63
CA GLY C 1067 10.65 45.02 -13.87
C GLY C 1067 10.91 46.15 -12.89
N ALA C 1068 11.73 45.87 -11.88
CA ALA C 1068 12.12 46.87 -10.88
C ALA C 1068 13.63 46.91 -10.79
N GLU C 1069 14.18 48.08 -10.46
CA GLU C 1069 15.61 48.19 -10.22
C GLU C 1069 15.97 47.43 -8.96
N ILE C 1070 16.75 46.37 -9.12
CA ILE C 1070 17.11 45.54 -7.98
C ILE C 1070 18.10 46.25 -7.08
N ASN C 1071 19.18 46.78 -7.66
CA ASN C 1071 20.13 47.60 -6.92
C ASN C 1071 19.54 48.99 -6.70
N ALA C 1072 18.64 49.06 -5.72
CA ALA C 1072 17.96 50.29 -5.35
C ALA C 1072 18.06 50.48 -3.84
N THR C 1073 18.59 51.63 -3.45
CA THR C 1073 18.94 51.90 -2.07
C THR C 1073 17.72 52.44 -1.33
N ASP C 1074 17.72 52.30 -0.01
CA ASP C 1074 16.81 53.08 0.81
C ASP C 1074 17.45 54.42 1.12
N ARG C 1075 16.86 55.12 2.09
CA ARG C 1075 17.51 56.33 2.58
C ARG C 1075 18.75 56.02 3.39
N ASN C 1076 18.88 54.80 3.91
CA ASN C 1076 20.09 54.41 4.61
C ASN C 1076 21.01 53.58 3.72
N GLY C 1077 20.63 53.39 2.46
CA GLY C 1077 21.46 52.65 1.53
C GLY C 1077 21.21 51.17 1.45
N TRP C 1078 20.14 50.68 2.06
CA TRP C 1078 19.79 49.27 2.00
C TRP C 1078 19.38 48.87 0.60
N THR C 1079 20.09 47.93 0.02
CA THR C 1079 19.59 47.18 -1.12
C THR C 1079 18.58 46.20 -0.54
N PRO C 1080 17.62 45.72 -1.34
CA PRO C 1080 16.71 44.69 -0.82
C PRO C 1080 17.39 43.36 -0.53
N LEU C 1081 18.59 43.13 -1.06
CA LEU C 1081 19.32 41.94 -0.71
C LEU C 1081 19.87 42.05 0.71
N HIS C 1082 20.08 43.27 1.20
CA HIS C 1082 20.42 43.45 2.61
C HIS C 1082 19.25 43.09 3.51
N CYS C 1083 18.03 43.47 3.10
CA CYS C 1083 16.86 43.16 3.90
C CYS C 1083 16.52 41.68 3.84
N ALA C 1084 16.73 41.06 2.67
CA ALA C 1084 16.50 39.63 2.52
C ALA C 1084 17.54 38.83 3.30
N ALA C 1085 18.78 39.33 3.32
CA ALA C 1085 19.83 38.67 4.08
C ALA C 1085 19.63 38.84 5.58
N LYS C 1086 19.19 40.03 5.99
CA LYS C 1086 18.94 40.28 7.41
C LYS C 1086 17.76 39.45 7.91
N ALA C 1087 16.70 39.35 7.11
CA ALA C 1087 15.62 38.43 7.43
C ALA C 1087 15.99 36.98 7.18
N GLY C 1088 17.03 36.74 6.39
CA GLY C 1088 17.56 35.40 6.19
C GLY C 1088 16.72 34.47 5.34
N HIS C 1089 15.89 35.00 4.45
CA HIS C 1089 15.15 34.14 3.53
C HIS C 1089 16.10 33.71 2.42
N LEU C 1090 16.46 32.43 2.42
CA LEU C 1090 17.54 31.92 1.58
C LEU C 1090 17.20 31.96 0.10
N GLU C 1091 15.99 31.54 -0.27
CA GLU C 1091 15.64 31.44 -1.67
C GLU C 1091 15.40 32.80 -2.29
N VAL C 1092 15.03 33.79 -1.47
CA VAL C 1092 14.96 35.17 -1.94
C VAL C 1092 16.36 35.67 -2.27
N VAL C 1093 17.34 35.30 -1.45
CA VAL C 1093 18.72 35.68 -1.70
C VAL C 1093 19.26 34.96 -2.93
N LYS C 1094 18.86 33.70 -3.14
CA LYS C 1094 19.24 32.97 -4.34
C LYS C 1094 18.61 33.61 -5.58
N LEU C 1095 17.41 34.15 -5.44
CA LEU C 1095 16.76 34.78 -6.58
C LEU C 1095 17.39 36.13 -6.90
N LEU C 1096 17.72 36.91 -5.87
CA LEU C 1096 18.29 38.23 -6.12
C LEU C 1096 19.74 38.14 -6.58
N CYS C 1097 20.49 37.16 -6.04
CA CYS C 1097 21.86 36.96 -6.50
C CYS C 1097 21.90 36.34 -7.89
N GLU C 1098 21.05 35.34 -8.14
CA GLU C 1098 21.09 34.60 -9.39
C GLU C 1098 20.64 35.43 -10.58
N ALA C 1099 19.91 36.52 -10.36
CA ALA C 1099 19.46 37.35 -11.46
C ALA C 1099 19.51 38.82 -11.11
N GLY C 1100 20.65 39.31 -10.63
CA GLY C 1100 20.66 40.68 -10.14
C GLY C 1100 21.78 41.06 -9.19
N ALA C 1101 21.35 41.58 -8.03
CA ALA C 1101 22.10 42.51 -7.17
C ALA C 1101 23.53 42.09 -6.85
N SER C 1102 24.41 43.07 -6.78
CA SER C 1102 25.80 42.84 -6.42
C SER C 1102 25.93 42.67 -4.91
N PRO C 1103 26.62 41.64 -4.43
CA PRO C 1103 26.86 41.53 -2.98
C PRO C 1103 27.79 42.62 -2.46
N LYS C 1104 28.76 43.05 -3.26
CA LYS C 1104 29.64 44.15 -2.86
C LYS C 1104 28.86 45.46 -2.99
N SER C 1105 28.10 45.76 -1.95
CA SER C 1105 27.22 46.91 -1.94
C SER C 1105 27.08 47.38 -0.50
N GLU C 1106 27.54 48.59 -0.23
CA GLU C 1106 27.68 49.08 1.13
C GLU C 1106 26.35 49.62 1.66
N THR C 1107 26.41 50.24 2.83
CA THR C 1107 25.28 50.87 3.49
C THR C 1107 25.81 52.20 4.01
N ASN C 1108 24.94 53.04 4.58
CA ASN C 1108 25.41 54.35 5.02
C ASN C 1108 25.97 54.32 6.44
N TYR C 1109 26.39 53.15 6.91
CA TYR C 1109 27.34 53.08 8.00
C TYR C 1109 28.62 52.36 7.58
N GLY C 1110 28.56 51.68 6.44
CA GLY C 1110 29.66 50.91 5.90
C GLY C 1110 29.44 49.46 6.25
N CYS C 1111 28.86 48.70 5.33
CA CYS C 1111 28.41 47.34 5.63
C CYS C 1111 28.49 46.52 4.35
N ALA C 1112 27.88 45.35 4.39
CA ALA C 1112 27.70 44.47 3.24
C ALA C 1112 26.51 43.58 3.54
N ALA C 1113 26.33 42.56 2.71
CA ALA C 1113 25.26 41.60 2.96
C ALA C 1113 25.67 40.58 4.02
N ILE C 1114 26.97 40.23 4.05
CA ILE C 1114 27.42 39.18 4.94
C ILE C 1114 27.50 39.71 6.38
N TRP C 1115 27.54 41.03 6.55
CA TRP C 1115 27.50 41.58 7.90
C TRP C 1115 26.14 41.38 8.53
N PHE C 1116 25.06 41.52 7.74
CA PHE C 1116 23.72 41.23 8.26
C PHE C 1116 23.47 39.74 8.32
N ALA C 1117 24.03 38.99 7.36
CA ALA C 1117 23.86 37.53 7.39
C ALA C 1117 24.63 36.90 8.53
N ALA C 1118 25.63 37.61 9.07
CA ALA C 1118 26.35 37.11 10.22
C ALA C 1118 25.80 37.70 11.52
N SER C 1119 25.22 38.89 11.44
CA SER C 1119 24.80 39.60 12.64
C SER C 1119 23.59 38.96 13.30
N GLU C 1120 22.82 38.17 12.57
CA GLU C 1120 21.64 37.49 13.12
C GLU C 1120 21.57 36.09 12.51
N GLY C 1121 22.24 35.13 13.15
CA GLY C 1121 22.17 33.71 12.82
C GLY C 1121 22.42 33.34 11.37
N HIS C 1122 21.56 32.48 10.83
CA HIS C 1122 21.41 32.23 9.38
C HIS C 1122 22.70 31.74 8.73
N ASN C 1123 23.04 30.49 9.05
CA ASN C 1123 24.27 29.90 8.52
C ASN C 1123 24.21 29.72 7.00
N GLU C 1124 23.04 29.37 6.46
CA GLU C 1124 22.97 28.99 5.06
C GLU C 1124 22.99 30.21 4.15
N VAL C 1125 22.32 31.29 4.59
CA VAL C 1125 22.44 32.58 3.89
C VAL C 1125 23.87 33.07 3.95
N LEU C 1126 24.54 32.80 5.07
CA LEU C 1126 25.94 33.20 5.24
C LEU C 1126 26.86 32.40 4.35
N ARG C 1127 26.53 31.15 4.08
CA ARG C 1127 27.41 30.34 3.23
C ARG C 1127 27.13 30.63 1.76
N TYR C 1128 25.88 30.96 1.43
CA TYR C 1128 25.56 31.35 0.06
C TYR C 1128 26.18 32.70 -0.28
N LEU C 1129 25.99 33.70 0.58
CA LEU C 1129 26.60 35.00 0.36
C LEU C 1129 28.10 34.94 0.50
N MET C 1130 28.59 34.04 1.35
CA MET C 1130 30.02 33.89 1.54
C MET C 1130 30.66 33.18 0.36
N ASN C 1131 29.87 32.40 -0.38
CA ASN C 1131 30.39 31.83 -1.62
C ASN C 1131 30.49 32.90 -2.72
N LYS C 1132 29.79 34.02 -2.58
CA LYS C 1132 29.83 35.10 -3.55
C LYS C 1132 31.06 35.97 -3.33
N GLU C 1133 31.11 37.12 -3.99
CA GLU C 1133 32.25 38.02 -3.91
C GLU C 1133 32.05 39.04 -2.79
N HIS C 1134 33.13 39.31 -2.07
CA HIS C 1134 33.11 40.23 -0.94
C HIS C 1134 34.54 40.61 -0.59
N ASP C 1135 34.68 41.73 0.10
CA ASP C 1135 35.99 42.25 0.49
C ASP C 1135 36.29 41.81 1.90
N THR C 1136 37.21 40.86 2.05
CA THR C 1136 37.49 40.27 3.36
C THR C 1136 38.27 41.23 4.24
N TYR C 1137 39.20 41.99 3.66
CA TYR C 1137 40.05 42.86 4.45
C TYR C 1137 39.28 44.06 4.97
N GLY C 1138 38.18 44.41 4.31
CA GLY C 1138 37.26 45.37 4.89
C GLY C 1138 36.38 44.74 5.96
N LEU C 1139 36.27 43.41 5.94
CA LEU C 1139 35.38 42.73 6.88
C LEU C 1139 36.07 42.42 8.19
N MET C 1140 37.37 42.10 8.14
CA MET C 1140 38.06 41.70 9.35
C MET C 1140 38.35 42.89 10.25
N GLU C 1141 38.30 44.10 9.71
CA GLU C 1141 38.50 45.27 10.54
C GLU C 1141 37.21 45.64 11.27
N ASP C 1142 36.08 45.18 10.77
CA ASP C 1142 34.83 45.30 11.51
C ASP C 1142 34.80 44.25 12.61
N LYS C 1143 35.08 44.69 13.84
CA LYS C 1143 35.24 43.75 14.95
C LYS C 1143 33.91 43.10 15.34
N ARG C 1144 32.81 43.81 15.09
CA ARG C 1144 31.49 43.23 15.34
C ARG C 1144 31.21 42.08 14.38
N PHE C 1145 31.66 42.22 13.13
CA PHE C 1145 31.52 41.13 12.16
C PHE C 1145 32.34 39.93 12.56
N VAL C 1146 33.54 40.17 13.09
CA VAL C 1146 34.41 39.09 13.54
C VAL C 1146 33.78 38.38 14.74
N TYR C 1147 33.21 39.14 15.66
CA TYR C 1147 32.57 38.57 16.84
C TYR C 1147 31.32 37.76 16.48
N ASN C 1148 30.49 38.30 15.58
CA ASN C 1148 29.30 37.57 15.18
C ASN C 1148 29.64 36.35 14.34
N LEU C 1149 30.72 36.40 13.58
CA LEU C 1149 31.18 35.22 12.84
C LEU C 1149 31.65 34.15 13.82
N MET C 1150 32.28 34.56 14.93
CA MET C 1150 32.60 33.62 15.99
C MET C 1150 31.34 33.01 16.58
N VAL C 1151 30.30 33.82 16.77
CA VAL C 1151 29.08 33.34 17.41
C VAL C 1151 28.37 32.33 16.53
N VAL C 1152 28.29 32.60 15.23
CA VAL C 1152 27.64 31.67 14.30
C VAL C 1152 28.47 30.40 14.16
N SER C 1153 29.79 30.55 14.13
CA SER C 1153 30.67 29.38 14.04
C SER C 1153 30.60 28.53 15.30
N LYS C 1154 30.27 29.13 16.43
CA LYS C 1154 30.07 28.34 17.65
C LYS C 1154 28.87 27.42 17.51
N ASN C 1155 27.79 27.91 16.89
CA ASN C 1155 26.57 27.13 16.83
C ASN C 1155 26.63 26.08 15.73
N HIS C 1156 27.32 26.38 14.62
CA HIS C 1156 27.19 25.55 13.44
C HIS C 1156 28.44 24.73 13.13
N ASN C 1157 29.05 24.12 14.16
CA ASN C 1157 30.16 23.16 14.07
C ASN C 1157 31.39 23.75 13.40
N ASN C 1158 31.60 25.07 13.55
CA ASN C 1158 32.67 25.90 12.98
C ASN C 1158 33.05 25.57 11.54
N LYS C 1159 32.04 25.17 10.75
CA LYS C 1159 32.14 25.24 9.30
C LYS C 1159 32.17 26.66 8.71
N PRO C 1160 31.37 27.66 9.16
CA PRO C 1160 31.40 28.95 8.44
C PRO C 1160 32.67 29.75 8.59
N ILE C 1161 33.37 29.61 9.71
CA ILE C 1161 34.66 30.28 9.87
C ILE C 1161 35.69 29.67 8.94
N GLN C 1162 35.62 28.34 8.75
CA GLN C 1162 36.41 27.65 7.75
C GLN C 1162 36.06 28.13 6.36
N GLU C 1163 34.79 28.42 6.12
CA GLU C 1163 34.38 28.92 4.82
C GLU C 1163 34.91 30.33 4.59
N PHE C 1164 34.90 31.16 5.62
CA PHE C 1164 35.41 32.53 5.48
C PHE C 1164 36.91 32.54 5.28
N VAL C 1165 37.60 31.52 5.78
CA VAL C 1165 39.02 31.40 5.45
C VAL C 1165 39.19 30.93 4.01
N LEU C 1166 38.51 29.86 3.63
CA LEU C 1166 38.81 29.19 2.37
C LEU C 1166 38.26 29.94 1.15
N VAL C 1167 37.34 30.88 1.33
CA VAL C 1167 36.87 31.67 0.19
C VAL C 1167 37.84 32.80 -0.14
N SER C 1168 38.44 33.42 0.88
CA SER C 1168 39.25 34.63 0.76
C SER C 1168 40.43 34.45 -0.22
N PRO C 1169 40.86 35.52 -0.89
CA PRO C 1169 41.85 35.35 -1.97
C PRO C 1169 43.22 34.92 -1.48
N ALA C 1170 43.59 35.29 -0.25
CA ALA C 1170 44.77 34.74 0.43
C ALA C 1170 44.26 34.08 1.69
N PRO C 1171 44.03 32.75 1.66
CA PRO C 1171 43.43 32.08 2.82
C PRO C 1171 44.34 32.05 4.03
N VAL C 1172 45.65 32.01 3.83
CA VAL C 1172 46.58 31.93 4.94
C VAL C 1172 46.68 33.26 5.67
N ASP C 1173 46.65 34.37 4.91
CA ASP C 1173 46.59 35.70 5.51
C ASP C 1173 45.32 35.89 6.31
N THR C 1174 44.20 35.39 5.81
CA THR C 1174 42.92 35.59 6.48
C THR C 1174 42.84 34.76 7.74
N ALA C 1175 43.31 33.51 7.66
CA ALA C 1175 43.32 32.62 8.82
C ALA C 1175 44.23 33.16 9.91
N ALA C 1176 45.43 33.60 9.52
CA ALA C 1176 46.42 34.05 10.50
C ALA C 1176 46.02 35.39 11.12
N LYS C 1177 45.77 36.40 10.27
CA LYS C 1177 45.42 37.73 10.76
C LYS C 1177 44.11 37.71 11.53
N LEU C 1178 43.15 36.92 11.06
CA LEU C 1178 41.86 36.84 11.74
C LEU C 1178 41.97 36.07 13.05
N SER C 1179 42.91 35.13 13.12
CA SER C 1179 43.19 34.49 14.39
C SER C 1179 43.81 35.48 15.38
N ASN C 1180 44.62 36.42 14.89
CA ASN C 1180 45.14 37.43 15.79
C ASN C 1180 44.05 38.39 16.24
N ILE C 1181 43.08 38.67 15.36
CA ILE C 1181 41.96 39.50 15.75
C ILE C 1181 41.13 38.80 16.83
N TYR C 1182 41.02 37.47 16.73
CA TYR C 1182 40.40 36.68 17.78
C TYR C 1182 41.16 36.79 19.11
N ILE C 1183 42.47 36.63 19.08
CA ILE C 1183 43.24 36.65 20.31
C ILE C 1183 43.29 38.04 20.94
N VAL C 1184 43.30 39.09 20.12
CA VAL C 1184 43.24 40.45 20.68
C VAL C 1184 41.86 40.72 21.27
N LEU C 1185 40.79 40.27 20.60
CA LEU C 1185 39.45 40.46 21.14
C LEU C 1185 39.20 39.60 22.37
N SER C 1186 40.01 38.55 22.58
CA SER C 1186 39.91 37.77 23.81
C SER C 1186 40.25 38.59 25.03
N THR C 1187 41.21 39.49 24.91
CA THR C 1187 41.54 40.39 26.01
C THR C 1187 40.72 41.66 25.98
N LYS C 1188 40.34 42.13 24.79
CA LYS C 1188 39.70 43.43 24.69
C LYS C 1188 38.22 43.37 25.08
N GLU C 1189 37.63 42.17 25.05
CA GLU C 1189 36.25 41.99 25.44
C GLU C 1189 36.16 41.01 26.61
N LYS C 1190 34.97 40.95 27.22
CA LYS C 1190 34.79 40.10 28.39
C LYS C 1190 33.50 39.31 28.31
N GLU C 1191 32.84 39.32 27.16
CA GLU C 1191 31.59 38.60 26.93
C GLU C 1191 31.87 37.11 27.04
N ARG C 1192 32.68 36.52 26.18
CA ARG C 1192 33.12 35.14 26.35
C ARG C 1192 34.55 35.01 25.79
N ALA C 1193 35.50 35.03 26.72
CA ALA C 1193 36.90 34.94 26.31
C ALA C 1193 37.33 33.50 26.12
N LYS C 1194 36.48 32.55 26.50
CA LYS C 1194 36.84 31.15 26.35
C LYS C 1194 36.56 30.65 24.94
N ASP C 1195 35.89 31.47 24.13
CA ASP C 1195 35.42 30.99 22.83
C ASP C 1195 36.10 31.72 21.70
N LEU C 1196 36.51 32.97 21.92
CA LEU C 1196 37.35 33.67 20.96
C LEU C 1196 38.71 33.00 20.83
N VAL C 1197 39.23 32.47 21.95
CA VAL C 1197 40.51 31.77 21.94
C VAL C 1197 40.40 30.47 21.15
N ALA C 1198 39.26 29.78 21.28
CA ALA C 1198 39.06 28.53 20.54
C ALA C 1198 38.99 28.76 19.04
N ALA C 1199 38.39 29.87 18.64
CA ALA C 1199 38.34 30.21 17.22
C ALA C 1199 39.69 30.69 16.72
N GLY C 1200 40.45 31.40 17.55
CA GLY C 1200 41.79 31.81 17.15
C GLY C 1200 42.73 30.62 17.01
N LYS C 1201 42.55 29.61 17.86
CA LYS C 1201 43.34 28.39 17.72
C LYS C 1201 42.88 27.57 16.52
N GLN C 1202 41.58 27.66 16.20
CA GLN C 1202 41.07 27.00 15.00
C GLN C 1202 41.68 27.59 13.74
N CYS C 1203 41.74 28.93 13.66
CA CYS C 1203 42.30 29.54 12.47
C CYS C 1203 43.82 29.49 12.45
N GLU C 1204 44.44 29.38 13.62
CA GLU C 1204 45.88 29.15 13.66
C GLU C 1204 46.21 27.77 13.11
N ALA C 1205 45.48 26.74 13.55
CA ALA C 1205 45.71 25.38 13.05
C ALA C 1205 45.31 25.27 11.58
N MET C 1206 44.30 26.03 11.17
CA MET C 1206 43.93 26.07 9.77
C MET C 1206 45.00 26.74 8.93
N ALA C 1207 45.69 27.72 9.51
CA ALA C 1207 46.83 28.32 8.81
C ALA C 1207 48.01 27.34 8.72
N THR C 1208 48.17 26.49 9.74
CA THR C 1208 49.21 25.45 9.65
C THR C 1208 48.91 24.46 8.54
N GLU C 1209 47.65 24.02 8.45
CA GLU C 1209 47.32 23.00 7.47
C GLU C 1209 47.27 23.58 6.06
N LEU C 1210 46.87 24.84 5.92
CA LEU C 1210 46.86 25.47 4.59
C LEU C 1210 48.27 25.80 4.13
N LEU C 1211 49.15 26.15 5.07
CA LEU C 1211 50.54 26.37 4.67
C LEU C 1211 51.23 25.04 4.42
N ALA C 1212 50.74 23.97 5.04
CA ALA C 1212 51.31 22.66 4.80
C ALA C 1212 50.91 22.12 3.44
N LEU C 1213 49.63 22.29 3.07
CA LEU C 1213 49.19 21.84 1.75
C LEU C 1213 49.69 22.77 0.66
N ALA C 1214 49.74 24.07 0.92
CA ALA C 1214 50.10 25.06 -0.08
C ALA C 1214 51.57 25.06 -0.42
N ALA C 1215 52.44 24.69 0.51
CA ALA C 1215 53.86 24.63 0.20
C ALA C 1215 54.19 23.44 -0.69
N GLY C 1216 53.44 22.35 -0.58
CA GLY C 1216 53.71 21.18 -1.39
C GLY C 1216 55.00 20.52 -0.96
N SER C 1217 55.95 20.43 -1.90
CA SER C 1217 57.26 19.86 -1.57
C SER C 1217 58.18 20.91 -0.95
N ASP C 1218 58.53 21.94 -1.72
CA ASP C 1218 59.59 22.86 -1.33
C ASP C 1218 59.27 24.30 -1.69
N SER C 1219 58.03 24.61 -2.04
CA SER C 1219 57.68 25.94 -2.50
C SER C 1219 57.39 26.92 -1.36
N ALA C 1220 57.90 26.65 -0.15
CA ALA C 1220 57.64 27.54 0.98
C ALA C 1220 58.36 28.87 0.83
N GLY C 1221 59.44 28.91 0.03
CA GLY C 1221 60.17 30.15 -0.15
C GLY C 1221 59.37 31.20 -0.89
N LYS C 1222 58.55 30.76 -1.85
CA LYS C 1222 57.66 31.69 -2.55
C LYS C 1222 56.58 32.23 -1.61
N ILE C 1223 55.97 31.35 -0.81
CA ILE C 1223 54.82 31.74 -0.01
C ILE C 1223 55.26 32.62 1.15
N LEU C 1224 56.37 32.24 1.79
CA LEU C 1224 56.86 33.05 2.90
C LEU C 1224 57.58 34.29 2.41
N GLN C 1225 58.13 34.23 1.18
CA GLN C 1225 58.75 35.42 0.62
C GLN C 1225 57.75 36.27 -0.15
N ALA C 1226 56.48 35.88 -0.15
CA ALA C 1226 55.45 36.66 -0.83
C ALA C 1226 55.15 37.94 -0.07
N THR C 1227 54.60 38.92 -0.79
CA THR C 1227 54.19 40.15 -0.14
C THR C 1227 52.79 40.00 0.44
N ASP C 1228 52.26 41.10 0.96
CA ASP C 1228 50.92 41.09 1.52
C ASP C 1228 50.03 42.10 0.81
N LYS C 1229 48.84 42.33 1.37
CA LYS C 1229 48.00 43.43 0.90
C LYS C 1229 48.67 44.76 1.17
N ARG C 1230 49.16 44.96 2.39
CA ARG C 1230 50.11 46.03 2.63
C ARG C 1230 51.48 45.63 2.10
N ASN C 1231 52.34 46.63 1.90
CA ASN C 1231 53.64 46.41 1.26
C ASN C 1231 54.66 45.88 2.28
N VAL C 1232 54.38 44.68 2.80
CA VAL C 1232 55.28 43.97 3.69
C VAL C 1232 55.31 42.52 3.26
N GLU C 1233 56.35 41.81 3.70
CA GLU C 1233 56.46 40.40 3.38
C GLU C 1233 55.50 39.59 4.24
N PHE C 1234 55.35 38.32 3.88
CA PHE C 1234 54.39 37.47 4.59
C PHE C 1234 54.95 36.99 5.92
N LEU C 1235 56.25 36.74 5.99
CA LEU C 1235 56.82 36.19 7.21
C LEU C 1235 56.92 37.27 8.29
N ASP C 1236 57.17 38.52 7.88
CA ASP C 1236 57.13 39.63 8.83
C ASP C 1236 55.73 39.88 9.37
N VAL C 1237 54.71 39.68 8.52
CA VAL C 1237 53.34 39.59 9.02
C VAL C 1237 53.25 38.50 10.07
N LEU C 1238 53.68 37.29 9.71
CA LEU C 1238 53.47 36.10 10.54
C LEU C 1238 54.23 36.17 11.86
N ILE C 1239 55.27 37.00 11.96
CA ILE C 1239 55.87 37.23 13.27
C ILE C 1239 55.14 38.35 14.01
N GLU C 1240 54.65 39.38 13.30
CA GLU C 1240 53.82 40.37 13.96
C GLU C 1240 52.41 39.85 14.20
N ASN C 1241 52.05 38.78 13.51
CA ASN C 1241 50.80 38.08 13.70
C ASN C 1241 50.87 37.17 14.92
N GLU C 1242 52.09 36.84 15.38
CA GLU C 1242 52.37 36.05 16.58
C GLU C 1242 51.70 34.68 16.52
N GLN C 1243 51.85 34.04 15.36
CA GLN C 1243 51.29 32.74 15.10
C GLN C 1243 52.33 31.67 15.40
N LYS C 1244 52.54 31.43 16.70
CA LYS C 1244 53.57 30.52 17.18
C LYS C 1244 53.28 29.09 16.77
N GLU C 1245 52.00 28.71 16.72
CA GLU C 1245 51.64 27.37 16.28
C GLU C 1245 51.89 27.20 14.80
N VAL C 1246 51.80 28.29 14.04
CA VAL C 1246 52.09 28.23 12.61
C VAL C 1246 53.59 28.21 12.38
N ILE C 1247 54.31 29.05 13.12
CA ILE C 1247 55.71 29.29 12.82
C ILE C 1247 56.59 28.19 13.41
N ALA C 1248 56.02 27.32 14.23
CA ALA C 1248 56.74 26.16 14.74
C ALA C 1248 56.46 24.90 13.93
N HIS C 1249 55.62 25.00 12.90
CA HIS C 1249 55.41 23.87 12.00
C HIS C 1249 56.68 23.63 11.19
N THR C 1250 56.86 22.38 10.74
CA THR C 1250 58.16 21.96 10.21
C THR C 1250 58.47 22.58 8.86
N VAL C 1251 57.46 23.08 8.14
CA VAL C 1251 57.69 23.62 6.81
C VAL C 1251 58.40 24.96 6.89
N VAL C 1252 57.81 25.90 7.63
CA VAL C 1252 58.41 27.21 7.83
C VAL C 1252 59.68 27.09 8.68
N GLN C 1253 59.78 26.02 9.47
CA GLN C 1253 60.98 25.83 10.27
C GLN C 1253 62.15 25.38 9.42
N ARG C 1254 61.94 24.41 8.52
CA ARG C 1254 63.06 23.95 7.71
C ARG C 1254 63.40 24.95 6.61
N TYR C 1255 62.40 25.68 6.11
CA TYR C 1255 62.72 26.81 5.23
C TYR C 1255 63.50 27.87 5.97
N LEU C 1256 63.14 28.13 7.22
CA LEU C 1256 63.80 29.18 7.97
C LEU C 1256 65.22 28.77 8.35
N GLN C 1257 65.46 27.46 8.44
CA GLN C 1257 66.83 26.99 8.58
C GLN C 1257 67.58 27.12 7.25
N GLU C 1258 66.89 26.96 6.13
CA GLU C 1258 67.53 27.20 4.84
C GLU C 1258 67.88 28.68 4.66
N LEU C 1259 67.01 29.57 5.16
CA LEU C 1259 67.30 31.00 5.14
C LEU C 1259 68.41 31.33 6.13
N TRP C 1260 68.53 30.52 7.19
CA TRP C 1260 69.63 30.71 8.13
C TRP C 1260 70.97 30.37 7.50
N HIS C 1261 71.02 29.31 6.71
CA HIS C 1261 72.26 29.01 6.00
C HIS C 1261 72.49 29.95 4.82
N GLY C 1262 71.47 30.18 4.00
CA GLY C 1262 71.66 30.99 2.81
C GLY C 1262 72.48 30.31 1.75
N SER C 1263 72.27 29.01 1.56
CA SER C 1263 73.01 28.09 0.67
C SER C 1263 74.50 28.08 0.97
N LEU C 1264 74.90 28.26 2.23
CA LEU C 1264 76.32 28.21 2.57
C LEU C 1264 76.83 26.76 2.51
N THR C 1265 76.20 25.88 3.29
CA THR C 1265 76.22 24.42 3.12
C THR C 1265 77.62 23.80 3.26
N TRP C 1266 78.37 24.26 4.26
CA TRP C 1266 79.36 23.38 4.89
C TRP C 1266 79.09 23.50 6.39
N ALA C 1267 78.09 22.73 6.84
CA ALA C 1267 77.27 23.21 7.95
C ALA C 1267 77.91 22.96 9.32
N SER C 1268 78.11 21.70 9.68
CA SER C 1268 78.20 21.36 11.10
C SER C 1268 79.59 21.62 11.68
N TRP C 1269 80.63 21.49 10.87
CA TRP C 1269 81.98 21.39 11.39
C TRP C 1269 82.88 22.54 10.95
N LYS C 1270 82.89 22.86 9.66
CA LYS C 1270 83.80 23.87 9.15
C LYS C 1270 83.36 25.27 9.54
N ILE C 1271 82.09 25.43 9.93
CA ILE C 1271 81.66 26.70 10.52
C ILE C 1271 82.20 26.84 11.93
N LEU C 1272 82.22 25.73 12.67
CA LEU C 1272 82.75 25.76 14.03
C LEU C 1272 84.26 26.01 14.02
N LEU C 1273 84.96 25.46 13.05
CA LEU C 1273 86.36 25.85 12.83
C LEU C 1273 86.46 27.29 12.35
N LEU C 1274 85.50 27.71 11.53
CA LEU C 1274 85.61 28.98 10.81
C LEU C 1274 85.31 30.17 11.72
N LEU C 1275 84.60 29.94 12.83
CA LEU C 1275 84.50 30.92 13.91
C LEU C 1275 85.87 31.20 14.51
N VAL C 1276 86.66 30.14 14.72
CA VAL C 1276 88.02 30.33 15.19
C VAL C 1276 88.85 31.03 14.14
N ALA C 1277 88.55 30.76 12.86
CA ALA C 1277 89.19 31.50 11.77
C ALA C 1277 88.79 32.98 11.77
N PHE C 1278 87.62 33.32 12.32
CA PHE C 1278 87.36 34.73 12.59
C PHE C 1278 88.16 35.22 13.79
N ILE C 1279 88.36 34.36 14.79
CA ILE C 1279 88.77 34.87 16.10
C ILE C 1279 90.29 35.02 16.16
N VAL C 1280 90.98 34.25 15.32
CA VAL C 1280 92.43 34.33 15.25
C VAL C 1280 92.87 35.69 14.68
N CYS C 1281 92.15 36.12 13.64
CA CYS C 1281 92.45 37.38 12.98
C CYS C 1281 91.21 38.25 12.90
N PRO C 1282 91.34 39.52 13.30
CA PRO C 1282 90.44 40.62 12.92
C PRO C 1282 90.41 40.93 11.42
N PRO C 1283 91.58 40.91 10.75
CA PRO C 1283 91.59 41.23 9.32
C PRO C 1283 90.75 40.28 8.49
N VAL C 1284 90.86 38.99 8.77
CA VAL C 1284 90.05 37.99 8.06
C VAL C 1284 88.58 38.21 8.34
N TRP C 1285 88.24 38.46 9.61
CA TRP C 1285 86.87 38.79 9.98
C TRP C 1285 86.43 40.13 9.40
N ILE C 1286 87.35 41.09 9.33
CA ILE C 1286 87.01 42.42 8.80
C ILE C 1286 86.73 42.33 7.30
N GLY C 1287 87.34 41.35 6.63
CA GLY C 1287 87.00 41.08 5.24
C GLY C 1287 85.58 40.56 5.08
N PHE C 1288 85.15 39.65 5.97
CA PHE C 1288 83.80 39.11 5.88
C PHE C 1288 82.75 40.12 6.29
N THR C 1289 83.11 41.12 7.10
CA THR C 1289 82.14 42.15 7.46
C THR C 1289 81.91 43.13 6.33
N PHE C 1290 82.91 43.37 5.50
CA PHE C 1290 82.81 44.43 4.51
C PHE C 1290 82.01 43.96 3.29
N PRO C 1291 81.14 44.81 2.74
CA PRO C 1291 80.48 44.47 1.48
C PRO C 1291 81.27 44.86 0.24
N MET C 1292 82.55 45.22 0.40
CA MET C 1292 83.36 45.53 -0.77
C MET C 1292 83.98 44.27 -1.38
N GLY C 1293 84.62 43.44 -0.55
CA GLY C 1293 84.87 42.06 -0.95
C GLY C 1293 83.79 41.14 -0.44
N HIS C 1294 82.56 41.33 -0.94
CA HIS C 1294 81.31 40.97 -0.26
C HIS C 1294 81.20 39.46 -0.09
N LYS C 1295 80.79 38.70 -1.11
CA LYS C 1295 80.91 37.25 -1.28
C LYS C 1295 80.20 36.38 -0.24
N PHE C 1296 79.94 36.91 0.96
CA PHE C 1296 79.23 36.17 2.01
C PHE C 1296 78.40 37.09 2.91
N ASN C 1297 78.19 38.34 2.53
CA ASN C 1297 77.66 39.31 3.49
C ASN C 1297 76.13 39.29 3.52
N LYS C 1298 75.51 38.31 2.86
CA LYS C 1298 74.05 38.25 2.84
C LYS C 1298 73.52 37.09 3.66
N VAL C 1299 74.37 36.11 3.97
CA VAL C 1299 73.93 34.99 4.79
C VAL C 1299 73.93 35.43 6.24
N PRO C 1300 72.98 34.97 7.07
CA PRO C 1300 72.90 35.49 8.43
C PRO C 1300 73.78 34.74 9.42
N ILE C 1301 74.30 33.57 9.06
CA ILE C 1301 75.24 32.87 9.93
C ILE C 1301 76.50 33.69 10.12
N ILE C 1302 76.99 34.31 9.06
CA ILE C 1302 78.26 35.02 9.15
C ILE C 1302 78.07 36.40 9.75
N LYS C 1303 76.89 37.00 9.55
CA LYS C 1303 76.56 38.25 10.25
C LYS C 1303 76.40 37.99 11.74
N PHE C 1304 75.69 36.92 12.09
CA PHE C 1304 75.55 36.49 13.47
C PHE C 1304 76.89 36.16 14.09
N MET C 1305 77.78 35.58 13.29
CA MET C 1305 79.12 35.28 13.73
C MET C 1305 79.92 36.56 13.92
N SER C 1306 79.55 37.61 13.18
CA SER C 1306 80.24 38.87 13.31
C SER C 1306 79.87 39.58 14.59
N TYR C 1307 78.59 39.52 14.98
CA TYR C 1307 78.21 40.03 16.30
C TYR C 1307 78.77 39.14 17.39
N LEU C 1308 78.94 37.85 17.09
CA LEU C 1308 79.47 36.91 18.07
C LEU C 1308 80.92 37.21 18.40
N THR C 1309 81.82 37.12 17.41
CA THR C 1309 83.24 37.33 17.68
C THR C 1309 83.52 38.80 17.94
N SER C 1310 82.66 39.69 17.45
CA SER C 1310 82.69 41.09 17.86
C SER C 1310 82.51 41.21 19.37
N HIS C 1311 81.53 40.49 19.91
CA HIS C 1311 81.31 40.54 21.35
C HIS C 1311 82.41 39.80 22.11
N ILE C 1312 83.04 38.80 21.49
CA ILE C 1312 84.13 38.10 22.15
C ILE C 1312 85.34 39.01 22.28
N TYR C 1313 85.65 39.78 21.23
CA TYR C 1313 86.72 40.76 21.35
C TYR C 1313 86.36 41.86 22.33
N LEU C 1314 85.07 42.16 22.49
CA LEU C 1314 84.64 43.04 23.57
C LEU C 1314 84.96 42.42 24.94
N MET C 1315 84.76 41.11 25.07
CA MET C 1315 85.08 40.42 26.32
C MET C 1315 86.58 40.44 26.60
N ILE C 1316 87.39 40.25 25.56
CA ILE C 1316 88.83 40.20 25.73
C ILE C 1316 89.38 41.57 26.11
N HIS C 1317 88.90 42.62 25.43
CA HIS C 1317 89.36 43.96 25.77
C HIS C 1317 88.85 44.42 27.14
N LEU C 1318 87.66 43.97 27.54
CA LEU C 1318 87.24 44.23 28.92
C LEU C 1318 88.10 43.49 29.92
N SER C 1319 88.56 42.29 29.56
CA SER C 1319 89.42 41.50 30.45
C SER C 1319 90.78 42.17 30.63
N ILE C 1320 91.41 42.58 29.52
CA ILE C 1320 92.72 43.20 29.57
C ILE C 1320 92.68 44.59 30.19
N VAL C 1321 91.63 45.38 29.97
CA VAL C 1321 91.54 46.68 30.60
C VAL C 1321 91.27 46.54 32.10
N GLY C 1322 90.18 45.84 32.46
CA GLY C 1322 89.70 45.93 33.82
C GLY C 1322 90.20 44.85 34.76
N ILE C 1323 90.39 43.64 34.26
CA ILE C 1323 90.59 42.49 35.13
C ILE C 1323 92.06 42.14 35.27
N THR C 1324 92.71 41.79 34.15
CA THR C 1324 94.11 41.36 34.15
C THR C 1324 94.95 42.30 33.29
N PRO C 1325 95.39 43.42 33.85
CA PRO C 1325 96.04 44.46 33.02
C PRO C 1325 97.48 44.12 32.66
N ILE C 1326 97.78 44.20 31.37
CA ILE C 1326 99.17 44.15 30.94
C ILE C 1326 99.85 45.48 31.26
N TYR C 1327 99.38 46.55 30.66
CA TYR C 1327 99.73 47.93 30.96
C TYR C 1327 99.29 48.24 32.38
N PRO C 1328 100.21 48.40 33.33
CA PRO C 1328 99.81 48.56 34.73
C PRO C 1328 99.21 49.93 34.99
N VAL C 1329 97.98 49.92 35.52
CA VAL C 1329 97.09 51.05 35.33
C VAL C 1329 97.46 52.20 36.27
N LEU C 1330 97.90 51.90 37.48
CA LEU C 1330 98.27 52.91 38.45
C LEU C 1330 99.58 53.58 38.06
N ARG C 1331 99.46 54.75 37.43
CA ARG C 1331 100.59 55.66 37.28
C ARG C 1331 100.03 57.06 37.24
N LEU C 1332 100.88 58.03 37.60
CA LEU C 1332 100.48 59.43 37.66
C LEU C 1332 100.40 59.98 36.23
N SER C 1333 99.23 59.78 35.62
CA SER C 1333 99.00 60.21 34.25
C SER C 1333 97.50 60.34 34.02
N LEU C 1334 97.15 60.44 32.74
CA LEU C 1334 95.77 60.25 32.31
C LEU C 1334 95.41 58.77 32.28
N VAL C 1335 96.44 57.92 32.39
CA VAL C 1335 96.53 56.53 31.94
C VAL C 1335 95.72 56.30 30.65
N PRO C 1336 96.16 56.80 29.50
CA PRO C 1336 95.59 56.30 28.24
C PRO C 1336 96.39 55.11 27.74
N TYR C 1337 95.77 54.33 26.85
CA TYR C 1337 96.45 53.25 26.13
C TYR C 1337 95.56 52.83 24.97
N TRP C 1338 96.17 52.17 23.96
CA TRP C 1338 95.48 51.97 22.69
C TRP C 1338 94.35 50.95 22.81
N TYR C 1339 94.46 49.96 23.70
CA TYR C 1339 93.31 49.08 23.87
C TYR C 1339 92.25 49.73 24.74
N GLU C 1340 92.61 50.73 25.53
CA GLU C 1340 91.60 51.47 26.29
C GLU C 1340 90.85 52.44 25.37
N VAL C 1341 91.55 52.99 24.38
CA VAL C 1341 90.88 53.82 23.38
C VAL C 1341 90.05 52.95 22.45
N GLY C 1342 90.55 51.76 22.11
CA GLY C 1342 89.77 50.84 21.30
C GLY C 1342 88.55 50.31 22.04
N LEU C 1343 88.69 50.10 23.35
CA LEU C 1343 87.55 49.76 24.17
C LEU C 1343 86.58 50.93 24.25
N LEU C 1344 87.10 52.16 24.24
CA LEU C 1344 86.24 53.33 24.28
C LEU C 1344 85.44 53.47 23.00
N ILE C 1345 86.06 53.14 21.85
CA ILE C 1345 85.36 53.25 20.58
C ILE C 1345 84.52 51.99 20.32
N TRP C 1346 84.69 50.96 21.15
CA TRP C 1346 83.83 49.79 21.01
C TRP C 1346 82.60 49.90 21.90
N LEU C 1347 82.75 50.53 23.07
CA LEU C 1347 81.57 50.89 23.85
C LEU C 1347 80.77 51.98 23.13
N SER C 1348 81.47 52.96 22.57
CA SER C 1348 80.81 53.97 21.75
C SER C 1348 80.21 53.34 20.49
N GLY C 1349 80.88 52.34 19.93
CA GLY C 1349 80.33 51.67 18.76
C GLY C 1349 79.10 50.85 19.08
N LEU C 1350 79.09 50.20 20.25
CA LEU C 1350 77.92 49.44 20.65
C LEU C 1350 76.75 50.36 21.00
N LEU C 1351 77.06 51.54 21.55
CA LEU C 1351 76.04 52.57 21.71
C LEU C 1351 75.50 53.00 20.35
N LEU C 1352 76.38 53.12 19.36
CA LEU C 1352 75.96 53.45 18.00
C LEU C 1352 75.06 52.35 17.43
N PHE C 1353 75.37 51.09 17.70
CA PHE C 1353 74.56 50.01 17.15
C PHE C 1353 73.20 49.93 17.83
N GLU C 1354 73.16 50.11 19.15
CA GLU C 1354 71.87 50.02 19.84
C GLU C 1354 71.01 51.24 19.56
N LEU C 1355 71.61 52.40 19.30
CA LEU C 1355 70.80 53.55 18.91
C LEU C 1355 70.31 53.43 17.48
N THR C 1356 71.15 52.92 16.57
CA THR C 1356 70.69 52.71 15.20
C THR C 1356 69.74 51.52 15.09
N ASN C 1357 70.18 50.34 15.52
CA ASN C 1357 69.34 49.16 15.50
C ASN C 1357 68.89 48.84 16.93
N PRO C 1358 67.63 49.09 17.28
CA PRO C 1358 67.21 48.91 18.67
C PRO C 1358 67.08 47.44 19.05
N SER C 1359 67.31 47.16 20.32
CA SER C 1359 67.15 45.83 20.89
C SER C 1359 66.24 45.93 22.10
N ASP C 1360 65.29 45.01 22.19
CA ASP C 1360 64.21 45.11 23.17
C ASP C 1360 64.70 44.75 24.57
N LYS C 1361 63.86 45.07 25.55
CA LYS C 1361 64.07 44.77 26.96
C LYS C 1361 63.59 43.34 27.31
N SER C 1362 63.22 42.54 26.30
CA SER C 1362 62.63 41.23 26.51
C SER C 1362 63.69 40.25 27.01
N GLY C 1363 63.95 40.32 28.31
CA GLY C 1363 64.86 39.39 28.96
C GLY C 1363 66.32 39.62 28.65
N LEU C 1364 66.93 38.69 27.92
CA LEU C 1364 68.37 38.67 27.76
C LEU C 1364 68.88 39.70 26.77
N GLY C 1365 67.99 40.42 26.09
CA GLY C 1365 68.43 41.62 25.39
C GLY C 1365 68.74 42.75 26.33
N SER C 1366 68.04 42.79 27.48
CA SER C 1366 68.12 43.91 28.41
C SER C 1366 69.53 44.07 28.97
N ILE C 1367 70.21 42.96 29.23
CA ILE C 1367 71.56 43.00 29.79
C ILE C 1367 72.55 43.59 28.79
N LYS C 1368 72.22 43.56 27.49
CA LYS C 1368 73.01 44.26 26.48
C LYS C 1368 73.15 45.73 26.84
N VAL C 1369 72.01 46.36 27.16
CA VAL C 1369 72.01 47.73 27.64
C VAL C 1369 72.80 47.85 28.92
N LEU C 1370 72.71 46.83 29.78
CA LEU C 1370 73.43 46.86 31.05
C LEU C 1370 74.93 46.82 30.84
N VAL C 1371 75.38 46.16 29.77
CA VAL C 1371 76.80 46.20 29.42
C VAL C 1371 77.22 47.62 29.12
N LEU C 1372 76.42 48.31 28.32
CA LEU C 1372 76.69 49.71 28.03
C LEU C 1372 76.33 50.62 29.20
N LEU C 1373 75.65 50.11 30.23
CA LEU C 1373 75.45 50.92 31.42
C LEU C 1373 76.63 50.78 32.37
N LEU C 1374 77.55 49.87 32.08
CA LEU C 1374 78.72 49.76 32.94
C LEU C 1374 79.94 50.41 32.32
N GLY C 1375 80.06 50.33 31.00
CA GLY C 1375 81.09 51.04 30.27
C GLY C 1375 80.97 52.55 30.41
N MET C 1376 79.73 53.05 30.31
CA MET C 1376 79.45 54.45 30.65
C MET C 1376 79.83 54.76 32.09
N ALA C 1377 79.75 53.76 32.98
CA ALA C 1377 80.40 53.89 34.27
C ALA C 1377 81.90 54.00 34.11
N GLY C 1378 82.52 52.94 33.57
CA GLY C 1378 83.95 52.76 33.75
C GLY C 1378 84.81 53.75 32.98
N VAL C 1379 84.51 53.94 31.68
CA VAL C 1379 85.08 55.04 30.93
C VAL C 1379 84.72 56.36 31.59
N GLY C 1380 83.45 56.49 31.99
CA GLY C 1380 82.97 57.63 32.74
C GLY C 1380 83.47 57.69 34.17
N VAL C 1381 84.31 56.72 34.55
CA VAL C 1381 85.17 56.91 35.72
C VAL C 1381 86.46 57.61 35.32
N HIS C 1382 87.24 57.01 34.41
CA HIS C 1382 88.64 57.43 34.33
C HIS C 1382 88.82 58.70 33.53
N VAL C 1383 87.94 58.95 32.55
CA VAL C 1383 87.86 60.26 31.94
C VAL C 1383 87.45 61.28 32.99
N SER C 1384 86.51 60.90 33.86
CA SER C 1384 86.16 61.69 35.03
C SER C 1384 87.21 61.60 36.14
N ALA C 1385 88.27 60.82 35.93
CA ALA C 1385 89.50 61.02 36.68
C ALA C 1385 90.36 62.12 36.11
N PHE C 1386 90.45 62.22 34.77
CA PHE C 1386 91.33 63.23 34.19
C PHE C 1386 90.65 64.59 34.14
N LEU C 1387 89.51 64.67 33.43
CA LEU C 1387 88.85 65.94 33.18
C LEU C 1387 88.17 66.53 34.40
N PHE C 1388 87.93 65.75 35.44
CA PHE C 1388 87.48 66.32 36.69
C PHE C 1388 88.70 66.60 37.58
N VAL C 1389 88.40 66.94 38.85
CA VAL C 1389 89.46 67.38 39.76
C VAL C 1389 90.33 66.21 40.20
N SER C 1390 89.71 65.03 40.36
CA SER C 1390 90.23 63.74 40.83
C SER C 1390 90.55 63.73 42.32
N LYS C 1391 90.49 64.89 42.99
CA LYS C 1391 90.69 65.04 44.44
C LYS C 1391 92.00 64.40 44.91
N GLU C 1392 93.12 64.97 44.45
CA GLU C 1392 94.49 64.49 44.70
C GLU C 1392 94.72 63.10 44.11
N TYR C 1393 93.95 62.77 43.07
CA TYR C 1393 94.19 61.63 42.17
C TYR C 1393 94.21 60.30 42.92
N TRP C 1394 93.02 59.91 43.40
CA TRP C 1394 92.90 58.70 44.20
C TRP C 1394 93.23 57.46 43.38
N PRO C 1395 93.87 56.45 43.99
CA PRO C 1395 94.04 55.18 43.29
C PRO C 1395 92.84 54.27 43.39
N THR C 1396 91.90 54.56 44.30
CA THR C 1396 90.70 53.75 44.44
C THR C 1396 89.76 53.91 43.26
N LEU C 1397 89.88 55.02 42.54
CA LEU C 1397 89.02 55.26 41.41
C LEU C 1397 89.38 54.33 40.25
N VAL C 1398 90.67 53.98 40.15
CA VAL C 1398 91.13 52.93 39.25
C VAL C 1398 90.55 51.58 39.66
N TYR C 1399 90.41 51.36 40.96
CA TYR C 1399 89.81 50.12 41.42
C TYR C 1399 88.33 50.07 41.06
N CYS C 1400 87.65 51.21 41.14
CA CYS C 1400 86.22 51.22 40.85
C CYS C 1400 85.95 51.09 39.36
N ARG C 1401 86.84 51.63 38.51
CA ARG C 1401 86.65 51.38 37.08
C ARG C 1401 86.98 49.94 36.73
N ASN C 1402 87.89 49.32 37.49
CA ASN C 1402 88.12 47.89 37.30
C ASN C 1402 86.92 47.07 37.73
N GLN C 1403 86.19 47.54 38.76
CA GLN C 1403 84.99 46.85 39.19
C GLN C 1403 83.88 46.97 38.17
N CYS C 1404 83.66 48.18 37.63
CA CYS C 1404 82.60 48.37 36.65
C CYS C 1404 82.90 47.62 35.36
N PHE C 1405 84.17 47.56 34.97
CA PHE C 1405 84.53 46.74 33.82
C PHE C 1405 84.42 45.25 34.13
N ALA C 1406 84.56 44.88 35.41
CA ALA C 1406 84.43 43.47 35.78
C ALA C 1406 82.97 43.02 35.70
N LEU C 1407 82.05 43.82 36.25
CA LEU C 1407 80.62 43.53 36.10
C LEU C 1407 80.20 43.55 34.64
N ALA C 1408 80.81 44.44 33.84
CA ALA C 1408 80.61 44.39 32.41
C ALA C 1408 81.13 43.09 31.80
N PHE C 1409 82.15 42.47 32.40
CA PHE C 1409 82.59 41.18 31.90
C PHE C 1409 81.63 40.06 32.29
N LEU C 1410 81.02 40.16 33.48
CA LEU C 1410 79.97 39.21 33.88
C LEU C 1410 78.80 39.26 32.92
N LEU C 1411 78.22 40.44 32.73
CA LEU C 1411 77.07 40.57 31.85
C LEU C 1411 77.45 40.36 30.39
N ALA C 1412 78.73 40.50 30.07
CA ALA C 1412 79.24 40.02 28.79
C ALA C 1412 79.12 38.50 28.70
N CYS C 1413 79.46 37.78 29.78
CA CYS C 1413 79.37 36.33 29.76
C CYS C 1413 77.92 35.87 29.68
N VAL C 1414 77.01 36.60 30.31
CA VAL C 1414 75.61 36.25 30.19
C VAL C 1414 75.09 36.66 28.81
N GLN C 1415 75.74 37.65 28.19
CA GLN C 1415 75.34 37.99 26.82
C GLN C 1415 75.81 36.93 25.83
N ILE C 1416 76.94 36.26 26.10
CA ILE C 1416 77.27 35.14 25.23
C ILE C 1416 76.52 33.89 25.68
N LEU C 1417 75.81 33.95 26.81
CA LEU C 1417 74.76 32.97 27.03
C LEU C 1417 73.53 33.32 26.20
N ASP C 1418 73.39 34.60 25.81
CA ASP C 1418 72.30 34.96 24.90
C ASP C 1418 72.65 34.61 23.46
N PHE C 1419 73.94 34.65 23.10
CA PHE C 1419 74.30 34.34 21.71
C PHE C 1419 74.22 32.85 21.41
N LEU C 1420 74.00 32.00 22.42
CA LEU C 1420 73.81 30.59 22.14
C LEU C 1420 72.34 30.23 21.95
N SER C 1421 71.49 31.23 21.67
CA SER C 1421 70.05 30.99 21.64
C SER C 1421 69.63 30.25 20.37
N PHE C 1422 70.50 30.22 19.36
CA PHE C 1422 70.10 29.64 18.07
C PHE C 1422 70.06 28.12 18.15
N HIS C 1423 70.74 27.52 19.13
CA HIS C 1423 70.92 26.08 19.12
C HIS C 1423 69.79 25.40 19.89
N HIS C 1424 69.42 24.21 19.43
CA HIS C 1424 68.21 23.55 19.95
C HIS C 1424 68.43 22.96 21.33
N LEU C 1425 69.67 22.56 21.63
CA LEU C 1425 69.95 21.96 22.93
C LEU C 1425 70.02 23.03 24.01
N PHE C 1426 70.17 24.28 23.61
CA PHE C 1426 70.34 25.39 24.53
C PHE C 1426 69.17 26.37 24.47
N GLY C 1427 68.31 26.23 23.47
CA GLY C 1427 67.33 27.23 23.13
C GLY C 1427 66.23 27.54 24.14
N PRO C 1428 65.32 26.59 24.39
CA PRO C 1428 64.16 26.90 25.24
C PRO C 1428 64.50 27.15 26.70
N TRP C 1429 65.71 26.77 27.14
CA TRP C 1429 66.30 27.13 28.42
C TRP C 1429 66.08 28.60 28.81
N ALA C 1430 66.47 29.52 27.93
CA ALA C 1430 66.54 30.93 28.29
C ALA C 1430 65.15 31.56 28.39
N ILE C 1431 64.11 30.87 27.92
CA ILE C 1431 62.75 31.30 28.20
C ILE C 1431 62.33 30.84 29.59
N ILE C 1432 62.75 29.63 29.95
CA ILE C 1432 62.35 29.05 31.22
C ILE C 1432 63.15 29.67 32.38
N ILE C 1433 64.21 30.43 32.04
CA ILE C 1433 64.96 31.13 33.09
C ILE C 1433 64.10 32.18 33.78
N GLY C 1434 63.53 33.12 33.02
CA GLY C 1434 62.75 34.20 33.66
C GLY C 1434 61.43 33.70 34.20
N ASP C 1435 60.82 32.74 33.49
CA ASP C 1435 59.75 31.90 34.00
C ASP C 1435 60.05 31.37 35.40
N LEU C 1436 61.30 30.92 35.62
CA LEU C 1436 61.67 30.46 36.95
C LEU C 1436 62.31 31.57 37.76
N LEU C 1437 62.34 32.79 37.23
CA LEU C 1437 62.65 33.93 38.08
C LEU C 1437 61.39 34.42 38.77
N LYS C 1438 60.22 34.08 38.22
CA LYS C 1438 58.99 34.21 38.99
C LYS C 1438 59.03 33.35 40.25
N ASP C 1439 59.37 32.07 40.10
CA ASP C 1439 59.42 31.18 41.25
C ASP C 1439 60.63 31.46 42.13
N LEU C 1440 61.72 31.93 41.52
CA LEU C 1440 62.89 32.30 42.30
C LEU C 1440 62.63 33.52 43.17
N ALA C 1441 61.94 34.52 42.63
CA ALA C 1441 61.57 35.66 43.46
C ALA C 1441 60.55 35.28 44.51
N ARG C 1442 59.62 34.40 44.13
CA ARG C 1442 58.60 33.90 45.03
C ARG C 1442 59.19 33.18 46.23
N PHE C 1443 60.27 32.43 46.02
CA PHE C 1443 61.09 31.89 47.08
C PHE C 1443 61.84 32.98 47.85
N LEU C 1444 62.48 33.87 47.11
CA LEU C 1444 63.58 34.64 47.65
C LEU C 1444 63.07 35.74 48.57
N ALA C 1445 61.83 36.17 48.37
CA ALA C 1445 61.22 37.07 49.35
C ALA C 1445 61.04 36.39 50.70
N VAL C 1446 60.60 35.14 50.67
CA VAL C 1446 60.38 34.36 51.89
C VAL C 1446 61.70 34.06 52.57
N LEU C 1447 62.72 33.75 51.78
CA LEU C 1447 64.06 33.54 52.34
C LEU C 1447 64.60 34.81 52.97
N ALA C 1448 64.32 35.97 52.34
CA ALA C 1448 64.72 37.25 52.93
C ALA C 1448 64.00 37.49 54.26
N ILE C 1449 62.75 37.04 54.36
CA ILE C 1449 61.98 37.21 55.59
C ILE C 1449 62.57 36.37 56.71
N PHE C 1450 62.82 35.09 56.44
CA PHE C 1450 63.31 34.21 57.51
C PHE C 1450 64.74 34.53 57.91
N VAL C 1451 65.61 34.85 56.94
CA VAL C 1451 66.98 35.20 57.28
C VAL C 1451 67.02 36.53 58.02
N PHE C 1452 66.11 37.44 57.68
CA PHE C 1452 65.99 38.71 58.39
C PHE C 1452 65.57 38.50 59.83
N GLY C 1453 64.50 37.72 60.04
CA GLY C 1453 63.98 37.47 61.37
C GLY C 1453 64.92 36.71 62.30
N PHE C 1454 65.42 35.55 61.84
CA PHE C 1454 66.36 34.80 62.65
C PHE C 1454 67.68 35.53 62.82
N SER C 1455 68.06 36.37 61.85
CA SER C 1455 69.26 37.18 61.98
C SER C 1455 69.11 38.18 63.12
N MET C 1456 67.97 38.87 63.17
CA MET C 1456 67.73 39.80 64.27
C MET C 1456 67.58 39.07 65.61
N HIS C 1457 67.15 37.80 65.58
CA HIS C 1457 67.12 37.03 66.82
C HIS C 1457 68.52 36.74 67.32
N ILE C 1458 69.43 36.36 66.41
CA ILE C 1458 70.79 36.04 66.84
C ILE C 1458 71.53 37.32 67.23
N VAL C 1459 71.09 38.47 66.71
CA VAL C 1459 71.47 39.74 67.33
C VAL C 1459 70.96 39.80 68.76
N ALA C 1460 69.70 39.40 68.98
CA ALA C 1460 69.13 39.45 70.32
C ALA C 1460 69.54 38.28 71.21
N LEU C 1461 70.48 37.44 70.79
CA LEU C 1461 71.01 36.40 71.65
C LEU C 1461 72.37 36.76 72.22
N ASN C 1462 73.11 37.60 71.51
CA ASN C 1462 74.50 37.89 71.86
C ASN C 1462 74.64 38.97 72.91
N GLN C 1463 73.55 39.36 73.57
CA GLN C 1463 73.62 40.38 74.61
C GLN C 1463 74.35 39.84 75.83
N SER C 1464 75.43 40.53 76.20
CA SER C 1464 76.25 40.13 77.33
C SER C 1464 75.49 40.40 78.63
N PHE C 1465 75.30 39.36 79.43
CA PHE C 1465 74.65 39.49 80.71
C PHE C 1465 75.25 38.48 81.69
N ALA C 1466 75.42 38.91 82.92
CA ALA C 1466 75.88 38.06 83.99
C ALA C 1466 75.17 38.47 85.26
N ASN C 1467 74.74 37.47 86.03
CA ASN C 1467 73.87 37.65 87.20
C ASN C 1467 74.60 38.46 88.26
N PHE C 1468 73.83 39.22 89.04
CA PHE C 1468 74.40 40.22 89.93
C PHE C 1468 75.04 39.59 91.16
N SER C 1469 76.35 39.78 91.27
CA SER C 1469 77.02 39.68 92.55
C SER C 1469 76.70 40.94 93.34
N PRO C 1470 76.40 40.84 94.65
CA PRO C 1470 76.02 42.00 95.46
C PRO C 1470 77.10 43.06 95.58
N GLU C 1471 78.36 42.66 95.45
CA GLU C 1471 79.45 43.62 95.35
C GLU C 1471 79.40 44.39 94.04
N ASP C 1472 78.92 43.74 92.97
CA ASP C 1472 78.82 44.42 91.68
C ASP C 1472 77.63 45.37 91.64
N LEU C 1473 76.68 45.22 92.57
CA LEU C 1473 75.63 46.21 92.72
C LEU C 1473 76.18 47.56 93.15
N ARG C 1474 77.18 47.54 94.04
CA ARG C 1474 77.78 48.79 94.49
C ARG C 1474 78.63 49.43 93.40
N SER C 1475 79.20 48.61 92.52
CA SER C 1475 80.02 49.10 91.42
C SER C 1475 79.24 49.27 90.12
N PHE C 1476 77.91 49.43 90.20
CA PHE C 1476 77.10 49.42 88.99
C PHE C 1476 76.98 50.81 88.39
N GLU C 1477 76.49 51.78 89.17
CA GLU C 1477 76.12 53.07 88.62
C GLU C 1477 77.36 53.92 88.32
N LYS C 1478 78.49 53.62 88.97
CA LYS C 1478 79.71 54.34 88.66
C LYS C 1478 80.26 53.92 87.30
N LYS C 1479 80.12 52.64 86.96
CA LYS C 1479 80.60 52.17 85.66
C LYS C 1479 79.52 52.32 84.59
N ASN C 1480 78.29 52.65 84.99
CA ASN C 1480 77.18 52.66 84.05
C ASN C 1480 76.97 54.05 83.42
N ARG C 1481 78.05 54.84 83.30
CA ARG C 1481 77.90 56.18 82.73
C ARG C 1481 78.64 56.31 81.40
N ASN C 1482 79.54 55.36 81.10
CA ASN C 1482 80.39 55.50 79.93
C ASN C 1482 79.77 54.84 78.70
N ARG C 1483 78.51 54.40 78.82
CA ARG C 1483 77.83 53.72 77.73
C ARG C 1483 77.32 54.71 76.70
N GLY C 1484 77.32 54.28 75.43
CA GLY C 1484 77.02 55.14 74.31
C GLY C 1484 75.57 55.01 73.84
N TYR C 1485 75.39 55.26 72.54
CA TYR C 1485 74.04 55.26 71.97
C TYR C 1485 73.51 53.84 71.83
N PHE C 1486 74.16 53.01 71.03
CA PHE C 1486 73.78 51.62 70.84
C PHE C 1486 74.73 50.72 71.59
N SER C 1487 74.46 50.49 72.86
CA SER C 1487 75.27 49.61 73.67
C SER C 1487 74.82 48.18 73.44
N ASP C 1488 75.53 47.24 74.08
CA ASP C 1488 75.24 45.81 74.32
C ASP C 1488 74.61 45.08 73.14
N VAL C 1489 74.98 45.43 71.91
CA VAL C 1489 74.48 44.67 70.77
C VAL C 1489 75.43 43.52 70.43
N ARG C 1490 76.75 43.75 70.56
CA ARG C 1490 77.83 42.78 70.42
C ARG C 1490 78.00 42.23 69.01
N MET C 1491 77.12 42.60 68.09
CA MET C 1491 77.13 42.12 66.71
C MET C 1491 76.31 43.09 65.89
N HIS C 1492 76.94 43.70 64.90
CA HIS C 1492 76.23 44.59 63.98
C HIS C 1492 75.26 43.74 63.18
N PRO C 1493 74.00 44.15 63.04
CA PRO C 1493 72.96 43.21 62.57
C PRO C 1493 73.07 42.84 61.10
N ILE C 1494 73.75 43.65 60.28
CA ILE C 1494 73.91 43.23 58.90
C ILE C 1494 75.08 42.26 58.78
N ASN C 1495 75.94 42.19 59.79
CA ASN C 1495 76.87 41.08 59.86
C ASN C 1495 76.15 39.81 60.25
N SER C 1496 75.08 39.92 61.04
CA SER C 1496 74.25 38.75 61.33
C SER C 1496 73.46 38.33 60.11
N PHE C 1497 73.01 39.29 59.29
CA PHE C 1497 72.28 38.94 58.08
C PHE C 1497 73.20 38.33 57.04
N GLU C 1498 74.39 38.92 56.86
CA GLU C 1498 75.35 38.37 55.92
C GLU C 1498 76.27 37.36 56.60
N LEU C 1499 75.85 36.86 57.76
CA LEU C 1499 76.48 35.74 58.42
C LEU C 1499 75.56 34.54 58.33
N LEU C 1500 74.32 34.76 58.77
CA LEU C 1500 73.30 33.75 58.75
C LEU C 1500 72.77 33.50 57.36
N PHE C 1501 72.97 34.44 56.43
CA PHE C 1501 72.67 34.18 55.03
C PHE C 1501 73.57 33.12 54.44
N PHE C 1502 74.81 32.97 54.95
CA PHE C 1502 75.67 31.90 54.51
C PHE C 1502 75.49 30.62 55.29
N ALA C 1503 74.52 30.57 56.20
CA ALA C 1503 74.20 29.32 56.86
C ALA C 1503 73.41 28.40 55.95
N VAL C 1504 72.74 28.98 54.96
CA VAL C 1504 71.83 28.23 54.09
C VAL C 1504 72.68 27.48 53.06
N PHE C 1505 73.98 27.80 53.01
CA PHE C 1505 74.94 27.16 52.13
C PHE C 1505 75.86 26.22 52.89
N GLY C 1506 75.60 26.02 54.18
CA GLY C 1506 76.41 25.15 55.01
C GLY C 1506 77.80 25.67 55.23
N GLN C 1507 77.92 26.92 55.69
CA GLN C 1507 79.24 27.51 55.89
C GLN C 1507 79.45 28.07 57.29
N THR C 1508 78.39 28.22 58.09
CA THR C 1508 78.54 28.68 59.46
C THR C 1508 78.11 27.57 60.40
N THR C 1509 78.94 27.30 61.40
CA THR C 1509 78.80 26.08 62.19
C THR C 1509 78.43 26.34 63.64
N THR C 1510 77.60 27.35 63.93
CA THR C 1510 77.01 27.78 65.19
C THR C 1510 78.07 28.42 66.11
N GLU C 1511 79.35 28.33 65.77
CA GLU C 1511 80.41 28.95 66.53
C GLU C 1511 80.91 30.22 65.86
N GLN C 1512 80.56 30.42 64.59
CA GLN C 1512 80.74 31.70 63.94
C GLN C 1512 79.62 32.67 64.25
N THR C 1513 78.62 32.23 65.01
CA THR C 1513 77.51 33.09 65.41
C THR C 1513 77.67 33.60 66.84
N GLN C 1514 78.26 32.80 67.72
CA GLN C 1514 78.49 33.24 69.08
C GLN C 1514 79.68 34.21 69.11
N VAL C 1515 79.44 35.42 69.60
CA VAL C 1515 80.44 36.49 69.55
C VAL C 1515 81.62 36.15 70.46
N ASP C 1516 81.35 35.42 71.55
CA ASP C 1516 82.41 34.96 72.43
C ASP C 1516 83.35 33.99 71.72
N LYS C 1517 82.81 33.23 70.77
CA LYS C 1517 83.67 32.35 69.99
C LYS C 1517 84.17 33.02 68.72
N ILE C 1518 83.58 34.16 68.35
CA ILE C 1518 84.13 34.95 67.26
C ILE C 1518 85.37 35.70 67.72
N LYS C 1519 85.20 36.58 68.70
CA LYS C 1519 86.23 37.52 69.09
C LYS C 1519 87.17 36.99 70.15
N ASN C 1520 87.09 35.68 70.44
CA ASN C 1520 88.03 34.95 71.29
C ASN C 1520 88.10 35.54 72.70
N VAL C 1521 86.93 35.83 73.26
CA VAL C 1521 86.87 36.42 74.59
C VAL C 1521 87.28 35.38 75.62
N ALA C 1522 88.20 35.76 76.50
CA ALA C 1522 88.84 34.80 77.39
C ALA C 1522 87.88 34.31 78.47
N THR C 1523 87.12 35.21 79.07
CA THR C 1523 86.14 34.85 80.07
C THR C 1523 84.76 34.86 79.42
N PRO C 1524 83.97 33.81 79.58
CA PRO C 1524 82.62 33.81 78.99
C PRO C 1524 81.69 34.77 79.70
N THR C 1525 81.36 35.88 79.02
CA THR C 1525 80.42 36.84 79.59
C THR C 1525 79.00 36.30 79.62
N GLN C 1526 78.71 35.31 78.78
CA GLN C 1526 77.44 34.64 78.83
C GLN C 1526 77.48 33.55 79.90
N PRO C 1527 76.35 33.11 80.41
CA PRO C 1527 76.31 31.85 81.15
C PRO C 1527 76.35 30.67 80.18
N TYR C 1528 76.57 29.47 80.72
CA TYR C 1528 76.71 28.29 79.87
C TYR C 1528 75.38 27.58 79.69
N TRP C 1529 74.35 28.37 79.37
CA TRP C 1529 73.08 27.77 78.98
C TRP C 1529 72.44 28.54 77.84
N VAL C 1530 73.12 29.58 77.37
CA VAL C 1530 72.61 30.26 76.18
C VAL C 1530 73.13 29.58 74.93
N GLU C 1531 74.20 28.78 75.06
CA GLU C 1531 74.70 28.01 73.94
C GLU C 1531 73.70 26.95 73.52
N TYR C 1532 72.91 26.46 74.47
CA TYR C 1532 71.78 25.61 74.16
C TYR C 1532 70.75 26.37 73.33
N LEU C 1533 70.59 27.67 73.60
CA LEU C 1533 69.66 28.46 72.80
C LEU C 1533 70.23 28.76 71.41
N PHE C 1534 71.56 28.89 71.31
CA PHE C 1534 72.16 29.00 69.98
C PHE C 1534 71.95 27.75 69.17
N LYS C 1535 72.09 26.58 69.81
CA LYS C 1535 71.91 25.33 69.08
C LYS C 1535 70.45 25.09 68.73
N ILE C 1536 69.52 25.53 69.60
CA ILE C 1536 68.10 25.34 69.32
C ILE C 1536 67.64 26.28 68.21
N VAL C 1537 67.94 27.58 68.36
CA VAL C 1537 67.45 28.56 67.40
C VAL C 1537 68.14 28.40 66.05
N PHE C 1538 69.46 28.18 66.07
CA PHE C 1538 70.17 27.94 64.83
C PHE C 1538 69.79 26.60 64.23
N GLY C 1539 69.44 25.62 65.07
CA GLY C 1539 68.97 24.36 64.55
C GLY C 1539 67.63 24.47 63.84
N ILE C 1540 66.71 25.25 64.40
CA ILE C 1540 65.41 25.47 63.78
C ILE C 1540 65.55 26.27 62.50
N TYR C 1541 66.48 27.24 62.48
CA TYR C 1541 66.73 28.00 61.26
C TYR C 1541 67.29 27.11 60.15
N MET C 1542 68.29 26.28 60.47
CA MET C 1542 68.87 25.39 59.48
C MET C 1542 67.86 24.37 58.99
N LEU C 1543 66.97 23.92 59.87
CA LEU C 1543 65.90 23.01 59.47
C LEU C 1543 64.96 23.66 58.47
N VAL C 1544 64.49 24.87 58.81
CA VAL C 1544 63.50 25.55 57.97
C VAL C 1544 64.08 25.92 56.62
N SER C 1545 65.26 26.55 56.61
CA SER C 1545 65.87 26.97 55.36
C SER C 1545 66.36 25.79 54.56
N VAL C 1546 67.33 25.05 55.11
CA VAL C 1546 68.03 24.01 54.36
C VAL C 1546 67.15 22.81 54.08
N VAL C 1547 66.31 22.40 55.04
CA VAL C 1547 65.38 21.31 54.83
C VAL C 1547 64.17 21.76 54.02
N VAL C 1548 63.56 22.87 54.40
CA VAL C 1548 62.21 23.20 53.95
C VAL C 1548 62.23 24.15 52.76
N LEU C 1549 62.95 25.26 52.88
CA LEU C 1549 62.80 26.34 51.90
C LEU C 1549 63.45 26.01 50.58
N ILE C 1550 64.70 25.54 50.63
CA ILE C 1550 65.44 25.15 49.44
C ILE C 1550 64.75 24.05 48.67
N GLN C 1551 64.28 23.03 49.37
CA GLN C 1551 63.73 21.88 48.70
C GLN C 1551 62.30 22.10 48.29
N LEU C 1552 61.66 23.07 48.93
CA LEU C 1552 60.41 23.61 48.44
C LEU C 1552 60.63 24.37 47.12
N LEU C 1553 61.78 25.06 47.00
CA LEU C 1553 62.11 25.68 45.72
C LEU C 1553 62.36 24.64 44.65
N ILE C 1554 62.96 23.50 45.01
CA ILE C 1554 63.16 22.44 44.05
C ILE C 1554 61.82 21.89 43.58
N ALA C 1555 60.86 21.82 44.50
CA ALA C 1555 59.50 21.40 44.15
C ALA C 1555 58.87 22.38 43.16
N MET C 1556 58.96 23.68 43.41
CA MET C 1556 58.26 24.62 42.56
C MET C 1556 58.91 24.76 41.19
N MET C 1557 60.25 24.74 41.15
CA MET C 1557 60.95 24.80 39.87
C MET C 1557 60.66 23.59 39.00
N SER C 1558 60.62 22.40 39.61
CA SER C 1558 60.23 21.22 38.86
C SER C 1558 58.81 21.34 38.34
N ASP C 1559 57.89 21.71 39.21
CA ASP C 1559 56.50 21.61 38.85
C ASP C 1559 55.95 22.85 38.18
N THR C 1560 56.82 23.77 37.76
CA THR C 1560 56.44 24.67 36.69
C THR C 1560 57.27 24.43 35.43
N TYR C 1561 58.42 23.77 35.58
CA TYR C 1561 59.16 23.35 34.40
C TYR C 1561 58.39 22.31 33.60
N GLN C 1562 57.60 21.49 34.32
CA GLN C 1562 56.70 20.53 33.72
C GLN C 1562 55.62 21.18 32.86
N ARG C 1563 55.08 22.30 33.34
CA ARG C 1563 54.01 22.99 32.63
C ARG C 1563 54.54 23.72 31.41
N ILE C 1564 55.63 24.48 31.57
CA ILE C 1564 56.03 25.39 30.51
C ILE C 1564 57.18 24.82 29.65
N GLN C 1565 57.50 23.53 29.81
CA GLN C 1565 58.48 22.89 28.93
C GLN C 1565 58.02 22.87 27.47
N ALA C 1566 56.93 22.14 27.20
CA ALA C 1566 56.55 21.84 25.82
C ALA C 1566 56.03 23.08 25.10
N GLN C 1567 55.53 24.05 25.85
CA GLN C 1567 55.13 25.31 25.24
C GLN C 1567 56.33 26.22 25.05
N SER C 1568 57.35 26.08 25.91
CA SER C 1568 58.54 26.91 25.76
C SER C 1568 59.40 26.43 24.61
N ASP C 1569 59.21 25.19 24.16
CA ASP C 1569 59.78 24.77 22.88
C ASP C 1569 59.26 25.63 21.72
N ILE C 1570 57.95 25.76 21.62
CA ILE C 1570 57.32 26.51 20.53
C ILE C 1570 57.68 27.99 20.64
N GLU C 1571 57.73 28.52 21.86
CA GLU C 1571 58.15 29.92 22.02
C GLU C 1571 59.63 30.09 21.69
N TRP C 1572 60.43 29.03 21.84
CA TRP C 1572 61.81 29.14 21.37
C TRP C 1572 61.87 29.21 19.85
N LYS C 1573 61.05 28.42 19.17
CA LYS C 1573 61.04 28.49 17.71
C LYS C 1573 60.54 29.85 17.22
N PHE C 1574 59.62 30.46 17.96
CA PHE C 1574 59.15 31.81 17.59
C PHE C 1574 60.24 32.85 17.79
N GLY C 1575 60.94 32.80 18.93
CA GLY C 1575 62.01 33.76 19.16
C GLY C 1575 63.19 33.55 18.23
N LEU C 1576 63.44 32.30 17.86
CA LEU C 1576 64.41 31.99 16.82
C LEU C 1576 64.01 32.60 15.49
N SER C 1577 62.71 32.59 15.19
CA SER C 1577 62.22 33.19 13.95
C SER C 1577 62.45 34.69 13.93
N LYS C 1578 62.19 35.36 15.05
CA LYS C 1578 62.47 36.79 15.13
C LYS C 1578 63.97 37.07 15.04
N LEU C 1579 64.79 36.15 15.54
CA LEU C 1579 66.24 36.34 15.44
C LEU C 1579 66.72 36.21 14.00
N ILE C 1580 66.24 35.19 13.29
CA ILE C 1580 66.69 34.94 11.92
C ILE C 1580 66.19 36.05 10.99
N ARG C 1581 64.98 36.55 11.21
CA ARG C 1581 64.53 37.73 10.48
C ARG C 1581 65.39 38.95 10.78
N ASN C 1582 65.69 39.18 12.06
CA ASN C 1582 66.38 40.41 12.41
C ASN C 1582 67.87 40.31 12.09
N MET C 1583 68.34 39.15 11.66
CA MET C 1583 69.65 39.10 11.01
C MET C 1583 69.53 39.26 9.50
N HIS C 1584 68.73 38.42 8.85
CA HIS C 1584 68.62 38.39 7.40
C HIS C 1584 67.99 39.66 6.81
N ARG C 1585 66.84 40.09 7.33
CA ARG C 1585 66.14 41.21 6.71
C ARG C 1585 66.56 42.54 7.32
N THR C 1586 67.77 42.61 7.86
CA THR C 1586 68.34 43.85 8.35
C THR C 1586 69.84 43.82 8.14
N THR C 1587 70.28 44.41 7.03
CA THR C 1587 71.70 44.66 6.79
C THR C 1587 72.13 45.80 7.71
N THR C 1588 73.09 45.52 8.57
CA THR C 1588 73.42 46.46 9.62
C THR C 1588 74.91 46.49 9.91
N ALA C 1589 75.25 47.06 11.06
CA ALA C 1589 76.65 47.30 11.39
C ALA C 1589 77.09 46.35 12.49
N PRO C 1590 77.98 45.38 12.19
CA PRO C 1590 78.62 44.64 13.28
C PRO C 1590 79.57 45.51 14.06
N SER C 1591 79.05 46.34 14.97
CA SER C 1591 79.74 47.59 15.24
C SER C 1591 80.41 47.70 16.60
N PRO C 1592 81.47 46.92 16.81
CA PRO C 1592 82.64 47.57 17.40
C PRO C 1592 83.57 47.95 16.24
N LEU C 1593 83.41 47.21 15.16
CA LEU C 1593 84.04 47.54 13.89
C LEU C 1593 83.32 48.67 13.18
N ASN C 1594 82.03 48.47 12.90
CA ASN C 1594 81.39 49.27 11.86
C ASN C 1594 80.67 50.48 12.44
N LEU C 1595 81.16 51.01 13.56
CA LEU C 1595 80.92 52.41 13.87
C LEU C 1595 81.75 53.31 12.97
N VAL C 1596 82.86 52.77 12.46
CA VAL C 1596 83.67 53.47 11.47
C VAL C 1596 82.89 53.58 10.15
N THR C 1597 82.10 52.54 9.83
CA THR C 1597 81.39 52.50 8.56
C THR C 1597 80.26 53.53 8.50
N THR C 1598 79.82 54.02 9.66
CA THR C 1598 78.91 55.17 9.66
C THR C 1598 79.70 56.47 9.51
N TRP C 1599 80.91 56.53 10.06
CA TRP C 1599 81.69 57.76 10.00
C TRP C 1599 82.47 57.85 8.69
N PHE C 1600 82.84 56.71 8.10
CA PHE C 1600 83.50 56.73 6.80
C PHE C 1600 82.50 56.92 5.67
N MET C 1601 81.22 56.78 5.97
CA MET C 1601 80.18 57.13 5.00
C MET C 1601 79.60 58.50 5.30
N TRP C 1602 79.88 59.03 6.48
CA TRP C 1602 79.38 60.34 6.88
C TRP C 1602 80.33 61.00 7.88
N ARG C 1670 50.32 40.20 -3.85
CA ARG C 1670 51.29 39.36 -4.56
C ARG C 1670 51.14 37.91 -4.10
N ILE C 1671 50.68 37.72 -2.87
CA ILE C 1671 50.51 36.39 -2.31
C ILE C 1671 49.30 35.70 -2.93
N GLU C 1672 48.39 36.48 -3.52
CA GLU C 1672 47.08 35.97 -3.90
C GLU C 1672 47.16 35.12 -5.17
N ASN C 1673 48.32 35.13 -5.84
CA ASN C 1673 48.51 34.33 -7.03
C ASN C 1673 49.87 33.62 -7.07
N VAL C 1674 50.41 33.22 -5.92
CA VAL C 1674 51.59 32.35 -5.92
C VAL C 1674 51.20 30.93 -5.57
N ALA C 1675 49.91 30.64 -5.61
CA ALA C 1675 49.46 29.29 -5.31
C ALA C 1675 48.12 29.03 -5.94
N ASP C 1676 47.79 27.75 -6.13
CA ASP C 1676 46.50 27.38 -6.69
C ASP C 1676 45.48 27.28 -5.57
N TRP C 1677 45.08 28.41 -5.02
CA TRP C 1677 44.44 28.45 -3.72
C TRP C 1677 43.12 27.71 -3.74
N GLU C 1678 42.38 27.86 -4.83
CA GLU C 1678 41.10 27.20 -4.95
C GLU C 1678 41.29 25.69 -4.93
N ALA C 1679 42.35 25.20 -5.57
CA ALA C 1679 42.55 23.76 -5.58
C ALA C 1679 43.07 23.27 -4.23
N ILE C 1680 43.80 24.13 -3.53
CA ILE C 1680 44.30 23.79 -2.21
C ILE C 1680 43.16 23.76 -1.21
N ALA C 1681 42.19 24.67 -1.38
CA ALA C 1681 41.04 24.70 -0.48
C ALA C 1681 40.15 23.49 -0.67
N LYS C 1682 40.15 22.91 -1.87
CA LYS C 1682 39.48 21.63 -2.06
C LYS C 1682 40.26 20.50 -1.38
N LYS C 1683 41.58 20.62 -1.34
CA LYS C 1683 42.39 19.62 -0.66
C LYS C 1683 42.25 19.71 0.85
N TYR C 1684 41.99 20.93 1.36
CA TYR C 1684 41.83 21.08 2.80
C TYR C 1684 40.51 20.47 3.27
N ARG C 1685 39.48 20.54 2.43
CA ARG C 1685 38.23 19.89 2.78
C ARG C 1685 38.33 18.39 2.58
N ALA C 1686 39.33 17.93 1.82
CA ALA C 1686 39.55 16.50 1.67
C ALA C 1686 40.20 15.92 2.92
N LEU C 1687 40.93 16.74 3.67
CA LEU C 1687 41.48 16.28 4.94
C LEU C 1687 40.40 16.19 6.01
N VAL C 1688 39.59 17.23 6.15
CA VAL C 1688 38.66 17.31 7.26
C VAL C 1688 37.37 16.56 6.92
N GLY C 1689 37.13 16.29 5.64
CA GLY C 1689 35.93 15.60 5.23
C GLY C 1689 34.77 16.53 4.96
N MET D 124 -76.37 57.84 -98.33
CA MET D 124 -76.41 57.01 -97.13
C MET D 124 -76.91 57.79 -95.93
N ASN D 125 -77.80 57.18 -95.15
CA ASN D 125 -78.37 57.82 -93.98
C ASN D 125 -78.60 56.77 -92.90
N THR D 126 -78.30 57.13 -91.66
CA THR D 126 -78.49 56.25 -90.52
C THR D 126 -78.75 57.08 -89.28
N GLY D 127 -79.20 56.41 -88.22
CA GLY D 127 -79.47 57.07 -86.96
C GLY D 127 -78.34 56.92 -85.96
N MET D 128 -78.73 56.69 -84.71
CA MET D 128 -77.75 56.44 -83.66
C MET D 128 -77.04 55.10 -83.83
N THR D 129 -77.76 54.06 -84.25
CA THR D 129 -77.10 52.80 -84.57
C THR D 129 -76.46 52.83 -85.96
N PRO D 130 -75.43 52.04 -86.26
CA PRO D 130 -74.80 52.12 -87.58
C PRO D 130 -75.50 51.28 -88.64
N LEU D 131 -76.64 50.69 -88.29
CA LEU D 131 -77.40 49.90 -89.24
C LEU D 131 -78.10 50.79 -90.25
N MET D 132 -78.25 50.30 -91.48
CA MET D 132 -78.86 51.02 -92.58
C MET D 132 -80.11 50.29 -93.04
N TYR D 133 -80.66 50.75 -94.18
CA TYR D 133 -81.87 50.14 -94.72
C TYR D 133 -81.59 48.78 -95.34
N ALA D 134 -80.33 48.47 -95.63
CA ALA D 134 -79.99 47.15 -96.15
C ALA D 134 -80.09 46.09 -95.06
N THR D 135 -79.58 46.39 -93.87
CA THR D 135 -79.67 45.43 -92.77
C THR D 135 -81.07 45.42 -92.16
N LYS D 136 -81.76 46.55 -92.22
CA LYS D 136 -83.12 46.62 -91.69
C LYS D 136 -84.12 45.93 -92.61
N ASP D 137 -83.95 46.08 -93.92
CA ASP D 137 -84.83 45.39 -94.86
C ASP D 137 -84.38 43.96 -95.11
N ASN D 138 -83.13 43.63 -94.78
CA ASN D 138 -82.64 42.28 -94.98
C ASN D 138 -83.11 41.31 -93.90
N LYS D 139 -83.60 41.84 -92.78
CA LYS D 139 -84.06 41.00 -91.67
C LYS D 139 -85.55 41.16 -91.37
N THR D 140 -86.31 41.79 -92.26
CA THR D 140 -87.73 42.03 -92.02
C THR D 140 -88.64 41.32 -93.02
N ALA D 141 -88.11 40.35 -93.77
CA ALA D 141 -88.80 39.59 -94.83
C ALA D 141 -89.44 40.51 -95.86
N ILE D 142 -88.66 41.44 -96.40
CA ILE D 142 -89.15 42.47 -97.32
C ILE D 142 -88.47 42.31 -98.67
N MET D 143 -88.23 41.05 -99.07
CA MET D 143 -87.38 40.64 -100.20
C MET D 143 -87.63 41.35 -101.53
N ASP D 144 -88.83 41.86 -101.76
CA ASP D 144 -89.06 42.73 -102.91
C ASP D 144 -88.42 44.09 -102.69
N ARG D 145 -88.80 44.76 -101.60
CA ARG D 145 -88.16 46.03 -101.24
C ARG D 145 -86.74 45.85 -100.74
N MET D 146 -86.39 44.65 -100.28
CA MET D 146 -84.99 44.33 -100.00
C MET D 146 -84.24 43.90 -101.25
N ILE D 147 -84.94 43.70 -102.36
CA ILE D 147 -84.29 43.45 -103.64
C ILE D 147 -84.05 44.75 -104.40
N GLU D 148 -85.00 45.68 -104.33
CA GLU D 148 -84.77 47.01 -104.88
C GLU D 148 -83.81 47.80 -104.01
N LEU D 149 -84.06 47.80 -102.70
CA LEU D 149 -83.12 48.42 -101.77
C LEU D 149 -81.84 47.60 -101.62
N GLY D 150 -81.90 46.31 -101.94
CA GLY D 150 -80.71 45.51 -102.06
C GLY D 150 -79.97 45.73 -103.37
N ALA D 151 -80.62 46.37 -104.35
CA ALA D 151 -79.94 46.72 -105.59
C ALA D 151 -79.31 48.10 -105.49
N ASP D 152 -80.02 49.08 -104.91
CA ASP D 152 -79.43 50.39 -104.66
C ASP D 152 -78.36 50.30 -103.57
N VAL D 153 -78.63 49.50 -102.53
CA VAL D 153 -77.61 49.23 -101.52
C VAL D 153 -76.56 48.29 -102.09
N GLY D 154 -76.93 47.49 -103.08
CA GLY D 154 -75.95 46.66 -103.77
C GLY D 154 -75.00 47.47 -104.63
N ALA D 155 -75.42 48.66 -105.06
CA ALA D 155 -74.51 49.55 -105.76
C ALA D 155 -73.79 50.49 -104.79
N ARG D 156 -74.38 50.75 -103.62
CA ARG D 156 -73.83 51.69 -102.67
C ARG D 156 -72.97 51.02 -101.59
N ASN D 157 -73.56 50.13 -100.80
CA ASN D 157 -72.93 49.57 -99.61
C ASN D 157 -73.12 48.05 -99.55
N ASN D 158 -72.78 47.38 -100.66
CA ASN D 158 -72.98 45.93 -100.74
C ASN D 158 -72.05 45.17 -99.82
N ASP D 159 -70.85 45.71 -99.57
CA ASP D 159 -69.87 45.08 -98.69
C ASP D 159 -69.87 45.69 -97.30
N ASN D 160 -71.03 46.16 -96.83
CA ASN D 160 -71.11 46.81 -95.53
C ASN D 160 -71.48 45.80 -94.45
N TYR D 161 -70.89 45.95 -93.27
CA TYR D 161 -71.19 45.12 -92.11
C TYR D 161 -71.84 45.96 -91.03
N ASN D 162 -72.33 45.27 -89.99
CA ASN D 162 -72.97 45.94 -88.88
C ASN D 162 -71.94 46.38 -87.85
N VAL D 163 -72.43 46.80 -86.67
CA VAL D 163 -71.53 47.22 -85.60
C VAL D 163 -70.81 46.01 -85.00
N LEU D 164 -71.46 44.85 -85.00
CA LEU D 164 -70.84 43.61 -84.54
C LEU D 164 -70.34 42.75 -85.69
N HIS D 165 -69.89 43.37 -86.77
CA HIS D 165 -69.37 42.80 -88.01
C HIS D 165 -70.38 41.87 -88.70
N ILE D 166 -71.68 42.08 -88.52
CA ILE D 166 -72.70 41.27 -89.19
C ILE D 166 -72.86 41.82 -90.59
N ALA D 167 -72.21 41.18 -91.56
CA ALA D 167 -72.27 41.60 -92.96
C ALA D 167 -73.62 41.22 -93.56
N ALA D 168 -73.84 41.61 -94.82
CA ALA D 168 -75.11 41.33 -95.49
C ALA D 168 -75.28 39.84 -95.75
N MET D 169 -74.18 39.16 -96.09
CA MET D 169 -74.24 37.70 -96.18
C MET D 169 -74.31 37.07 -94.80
N TYR D 170 -73.71 37.72 -93.81
CA TYR D 170 -73.71 37.18 -92.44
C TYR D 170 -75.04 37.42 -91.73
N SER D 171 -75.58 38.63 -91.81
CA SER D 171 -76.87 38.89 -91.15
C SER D 171 -78.02 38.34 -91.96
N ARG D 172 -77.98 38.52 -93.29
CA ARG D 172 -79.02 37.97 -94.16
C ARG D 172 -79.00 36.45 -94.17
N GLU D 173 -77.81 35.84 -94.20
CA GLU D 173 -77.73 34.38 -94.07
C GLU D 173 -77.84 33.94 -92.62
N ASP D 174 -77.92 34.90 -91.68
CA ASP D 174 -78.05 34.56 -90.27
C ASP D 174 -79.48 34.51 -89.79
N VAL D 175 -80.34 35.46 -90.18
CA VAL D 175 -81.62 35.52 -89.50
C VAL D 175 -82.66 34.57 -90.09
N VAL D 176 -83.17 34.86 -91.30
CA VAL D 176 -84.12 33.94 -91.91
C VAL D 176 -83.90 33.81 -93.42
N LYS D 177 -83.14 34.74 -94.00
CA LYS D 177 -83.23 35.03 -95.43
C LYS D 177 -82.35 34.07 -96.22
N LEU D 178 -82.98 33.36 -97.17
CA LEU D 178 -82.21 32.63 -98.18
C LEU D 178 -82.33 33.32 -99.53
N LEU D 179 -83.45 34.00 -99.78
CA LEU D 179 -83.62 34.72 -101.04
C LEU D 179 -82.83 36.01 -101.06
N LEU D 180 -82.63 36.63 -99.90
CA LEU D 180 -81.79 37.83 -99.84
C LEU D 180 -80.31 37.46 -99.82
N THR D 181 -79.98 36.23 -99.44
CA THR D 181 -78.60 35.76 -99.57
C THR D 181 -78.31 35.29 -101.00
N LYS D 182 -79.31 34.78 -101.70
CA LYS D 182 -79.13 34.37 -103.08
C LYS D 182 -79.12 35.57 -104.03
N ARG D 183 -80.06 36.50 -103.84
CA ARG D 183 -80.07 37.71 -104.67
C ARG D 183 -79.01 38.70 -104.22
N GLY D 184 -78.72 38.75 -102.92
CA GLY D 184 -77.68 39.63 -102.45
C GLY D 184 -76.28 39.11 -102.75
N VAL D 185 -76.12 37.78 -102.73
CA VAL D 185 -74.83 37.20 -103.07
C VAL D 185 -74.70 37.01 -104.57
N ASP D 186 -75.81 37.13 -105.30
CA ASP D 186 -75.79 36.98 -106.75
C ASP D 186 -75.28 38.26 -107.41
N PRO D 187 -75.80 39.43 -107.02
CA PRO D 187 -75.45 40.67 -107.72
C PRO D 187 -74.00 41.12 -107.58
N PHE D 188 -73.53 41.35 -106.34
CA PHE D 188 -72.21 41.91 -106.13
C PHE D 188 -71.43 41.29 -104.98
N SER D 189 -72.01 40.34 -104.24
CA SER D 189 -71.30 39.79 -103.09
C SER D 189 -70.76 38.39 -103.40
N THR D 190 -69.48 38.29 -103.75
CA THR D 190 -68.87 37.02 -104.13
C THR D 190 -68.76 36.07 -102.94
N GLY D 191 -68.62 34.77 -103.22
CA GLY D 191 -68.59 33.76 -102.19
C GLY D 191 -67.35 33.80 -101.33
N GLY D 192 -67.51 34.19 -100.07
CA GLY D 192 -66.41 34.30 -99.14
C GLY D 192 -66.50 35.56 -98.32
N SER D 193 -66.44 35.38 -97.01
CA SER D 193 -66.54 36.50 -96.07
C SER D 193 -65.82 36.15 -94.76
N ARG D 194 -65.74 37.11 -93.85
CA ARG D 194 -65.10 36.90 -92.56
C ARG D 194 -65.73 37.82 -91.52
N SER D 195 -66.09 37.24 -90.40
CA SER D 195 -66.67 38.00 -89.29
C SER D 195 -65.55 38.47 -88.37
N GLN D 196 -65.92 38.96 -87.18
CA GLN D 196 -64.92 39.39 -86.21
C GLN D 196 -64.20 38.19 -85.60
N THR D 197 -64.89 37.07 -85.45
CA THR D 197 -64.30 35.83 -84.98
C THR D 197 -63.95 34.90 -86.14
N ALA D 198 -63.64 35.45 -87.32
CA ALA D 198 -63.29 34.78 -88.58
C ALA D 198 -64.36 33.81 -89.05
N VAL D 199 -65.63 34.03 -88.70
CA VAL D 199 -66.72 33.16 -89.13
C VAL D 199 -67.00 33.43 -90.61
N HIS D 200 -66.61 32.47 -91.46
CA HIS D 200 -66.86 32.59 -92.89
C HIS D 200 -68.35 32.40 -93.20
N LEU D 201 -68.71 32.69 -94.45
CA LEU D 201 -70.11 32.57 -94.88
C LEU D 201 -70.57 31.12 -94.86
N VAL D 202 -69.68 30.18 -95.21
CA VAL D 202 -69.99 28.77 -95.04
C VAL D 202 -69.90 28.38 -93.57
N SER D 203 -69.01 29.03 -92.83
CA SER D 203 -68.84 28.70 -91.41
C SER D 203 -69.99 29.24 -90.57
N SER D 204 -70.32 30.53 -90.75
CA SER D 204 -71.47 31.09 -90.05
C SER D 204 -72.77 30.57 -90.63
N ARG D 205 -72.74 30.11 -91.89
CA ARG D 205 -73.87 29.37 -92.43
C ARG D 205 -74.01 28.02 -91.74
N GLN D 206 -72.89 27.40 -91.37
CA GLN D 206 -72.94 26.17 -90.60
C GLN D 206 -73.12 26.44 -89.11
N THR D 207 -72.78 27.64 -88.64
CA THR D 207 -72.99 27.98 -87.23
C THR D 207 -74.46 28.20 -86.92
N GLY D 208 -75.21 28.73 -87.89
CA GLY D 208 -76.64 28.91 -87.77
C GLY D 208 -77.46 27.73 -88.24
N THR D 209 -76.81 26.60 -88.56
CA THR D 209 -77.44 25.35 -89.02
C THR D 209 -78.30 25.56 -90.27
N ALA D 210 -77.79 26.37 -91.18
CA ALA D 210 -78.47 26.64 -92.44
C ALA D 210 -78.11 25.57 -93.45
N THR D 211 -79.10 25.10 -94.21
CA THR D 211 -78.86 24.04 -95.18
C THR D 211 -78.51 24.60 -96.56
N ASN D 212 -79.31 25.56 -97.03
CA ASN D 212 -79.08 26.11 -98.36
C ASN D 212 -77.91 27.10 -98.38
N ILE D 213 -77.64 27.75 -97.26
CA ILE D 213 -76.54 28.72 -97.22
C ILE D 213 -75.20 28.01 -97.10
N LEU D 214 -75.14 26.96 -96.29
CA LEU D 214 -73.90 26.20 -96.17
C LEU D 214 -73.73 25.23 -97.34
N ARG D 215 -74.83 24.83 -97.97
CA ARG D 215 -74.75 23.95 -99.13
C ARG D 215 -74.35 24.73 -100.38
N ALA D 216 -74.98 25.89 -100.60
CA ALA D 216 -74.61 26.73 -101.74
C ALA D 216 -73.29 27.43 -101.50
N LEU D 217 -72.93 27.65 -100.23
CA LEU D 217 -71.63 28.24 -99.92
C LEU D 217 -70.52 27.21 -100.04
N LEU D 218 -70.80 25.96 -99.67
CA LEU D 218 -69.81 24.90 -99.84
C LEU D 218 -69.71 24.46 -101.29
N ALA D 219 -70.75 24.71 -102.10
CA ALA D 219 -70.66 24.43 -103.53
C ALA D 219 -69.80 25.46 -104.23
N ALA D 220 -69.70 26.66 -103.69
CA ALA D 220 -68.83 27.69 -104.23
C ALA D 220 -67.40 27.50 -103.70
N ALA D 221 -66.43 27.92 -104.51
CA ALA D 221 -65.01 27.70 -104.21
C ALA D 221 -64.42 28.91 -103.48
N GLY D 222 -65.05 29.25 -102.34
CA GLY D 222 -64.45 30.25 -101.47
C GLY D 222 -63.22 29.71 -100.76
N LYS D 223 -63.40 28.72 -99.89
CA LYS D 223 -62.30 27.93 -99.38
C LYS D 223 -62.06 26.69 -100.23
N ASP D 224 -63.07 26.25 -100.98
CA ASP D 224 -63.01 25.24 -102.06
C ASP D 224 -62.81 23.82 -101.54
N ILE D 225 -62.57 23.67 -100.24
CA ILE D 225 -62.46 22.36 -99.61
C ILE D 225 -63.26 22.36 -98.32
N ARG D 226 -63.78 23.54 -97.94
CA ARG D 226 -64.39 23.82 -96.63
C ARG D 226 -63.48 23.42 -95.47
N LEU D 227 -62.17 23.54 -95.64
CA LEU D 227 -61.23 23.14 -94.61
C LEU D 227 -60.28 24.27 -94.24
N LYS D 228 -60.32 25.39 -94.97
CA LYS D 228 -59.62 26.60 -94.58
C LYS D 228 -60.36 27.18 -93.39
N ALA D 229 -59.93 26.82 -92.18
CA ALA D 229 -60.69 27.05 -90.97
C ALA D 229 -60.61 28.52 -90.53
N ASP D 230 -61.27 28.81 -89.41
CA ASP D 230 -61.29 30.15 -88.85
C ASP D 230 -60.05 30.36 -87.97
N GLY D 231 -60.07 31.42 -87.16
CA GLY D 231 -58.96 31.68 -86.27
C GLY D 231 -58.89 30.68 -85.13
N ARG D 232 -60.05 30.19 -84.68
CA ARG D 232 -60.12 29.17 -83.65
C ARG D 232 -60.31 27.77 -84.22
N GLY D 233 -59.93 27.57 -85.49
CA GLY D 233 -60.16 26.29 -86.13
C GLY D 233 -61.60 26.02 -86.52
N LYS D 234 -62.45 27.04 -86.47
CA LYS D 234 -63.88 26.87 -86.72
C LYS D 234 -64.15 26.78 -88.22
N ILE D 235 -63.91 25.59 -88.76
CA ILE D 235 -64.28 25.27 -90.13
C ILE D 235 -65.73 24.78 -90.11
N PRO D 236 -66.28 24.38 -91.26
CA PRO D 236 -67.65 23.83 -91.22
C PRO D 236 -67.74 22.47 -90.54
N LEU D 237 -66.65 21.70 -90.56
CA LEU D 237 -66.64 20.42 -89.87
C LEU D 237 -66.55 20.60 -88.36
N LEU D 238 -65.81 21.62 -87.91
CA LEU D 238 -65.66 21.86 -86.48
C LEU D 238 -66.93 22.45 -85.88
N LEU D 239 -67.45 23.51 -86.50
CA LEU D 239 -68.67 24.14 -85.98
C LEU D 239 -69.89 23.28 -86.22
N ALA D 240 -69.92 22.54 -87.34
CA ALA D 240 -71.04 21.65 -87.59
C ALA D 240 -70.97 20.40 -86.73
N VAL D 241 -69.75 19.96 -86.40
CA VAL D 241 -69.60 18.78 -85.57
C VAL D 241 -69.86 19.09 -84.11
N GLU D 242 -69.50 20.28 -83.65
CA GLU D 242 -69.67 20.64 -82.25
C GLU D 242 -71.10 20.99 -81.88
N SER D 243 -71.94 21.33 -82.86
CA SER D 243 -73.29 21.80 -82.59
C SER D 243 -74.36 20.76 -82.91
N GLY D 244 -73.97 19.56 -83.33
CA GLY D 244 -74.94 18.56 -83.71
C GLY D 244 -75.58 18.88 -85.06
N ASN D 245 -74.78 19.44 -85.95
CA ASN D 245 -75.22 19.86 -87.29
C ASN D 245 -74.73 18.89 -88.36
N GLN D 246 -74.82 17.59 -88.09
CA GLN D 246 -74.30 16.56 -89.00
C GLN D 246 -75.04 16.51 -90.33
N SER D 247 -76.25 17.09 -90.40
CA SER D 247 -76.91 17.26 -91.68
C SER D 247 -76.15 18.25 -92.56
N MET D 248 -75.52 19.24 -91.95
CA MET D 248 -74.62 20.15 -92.68
C MET D 248 -73.21 19.59 -92.78
N CYS D 249 -72.80 18.76 -91.83
CA CYS D 249 -71.48 18.13 -91.84
C CYS D 249 -71.41 16.90 -92.73
N ARG D 250 -72.51 16.55 -93.40
CA ARG D 250 -72.47 15.51 -94.42
C ARG D 250 -71.71 15.99 -95.66
N GLU D 251 -72.18 17.07 -96.28
CA GLU D 251 -71.46 17.67 -97.38
C GLU D 251 -70.30 18.54 -96.90
N LEU D 252 -70.52 19.27 -95.79
CA LEU D 252 -69.48 20.13 -95.24
C LEU D 252 -68.32 19.32 -94.68
N LEU D 253 -68.61 18.17 -94.07
CA LEU D 253 -67.54 17.27 -93.66
C LEU D 253 -67.27 16.21 -94.72
N ALA D 254 -67.97 16.27 -95.86
CA ALA D 254 -67.56 15.45 -97.00
C ALA D 254 -66.44 16.13 -97.78
N ALA D 255 -66.55 17.43 -98.01
CA ALA D 255 -65.41 18.17 -98.54
C ALA D 255 -64.37 18.40 -97.45
N GLN D 256 -64.82 18.75 -96.24
CA GLN D 256 -63.92 19.00 -95.13
C GLN D 256 -63.29 17.72 -94.59
N THR D 257 -63.86 16.55 -94.92
CA THR D 257 -63.15 15.30 -94.69
C THR D 257 -62.43 14.83 -95.94
N ALA D 258 -62.77 15.41 -97.10
CA ALA D 258 -62.01 15.13 -98.31
C ALA D 258 -60.67 15.85 -98.28
N GLU D 259 -60.55 16.90 -97.47
CA GLU D 259 -59.28 17.60 -97.27
C GLU D 259 -58.74 17.42 -95.86
N GLN D 260 -59.62 17.46 -94.85
CA GLN D 260 -59.23 17.56 -93.45
C GLN D 260 -60.00 16.54 -92.60
N LEU D 261 -59.96 15.27 -93.02
CA LEU D 261 -60.56 14.20 -92.22
C LEU D 261 -59.89 14.08 -90.86
N LYS D 262 -58.56 14.18 -90.81
CA LYS D 262 -57.83 14.37 -89.57
C LYS D 262 -57.85 15.86 -89.19
N ALA D 263 -59.00 16.28 -88.65
CA ALA D 263 -59.27 17.69 -88.36
C ALA D 263 -58.46 18.10 -87.14
N THR D 264 -57.24 18.57 -87.40
CA THR D 264 -56.34 19.02 -86.34
C THR D 264 -56.84 20.35 -85.78
N THR D 265 -57.44 20.31 -84.60
CA THR D 265 -57.96 21.50 -83.95
C THR D 265 -56.86 22.11 -83.08
N ALA D 266 -57.23 23.09 -82.24
CA ALA D 266 -56.27 23.70 -81.33
C ALA D 266 -56.06 22.83 -80.10
N ASN D 267 -57.15 22.30 -79.54
CA ASN D 267 -57.09 21.39 -78.40
C ASN D 267 -57.04 19.93 -78.81
N GLY D 268 -56.88 19.66 -80.11
CA GLY D 268 -56.86 18.30 -80.60
C GLY D 268 -58.22 17.65 -80.74
N ASP D 269 -59.29 18.36 -80.43
CA ASP D 269 -60.65 17.81 -80.49
C ASP D 269 -61.10 17.81 -81.94
N THR D 270 -60.91 16.67 -82.61
CA THR D 270 -61.40 16.45 -83.96
C THR D 270 -62.89 16.09 -83.90
N ALA D 271 -63.42 15.59 -85.02
CA ALA D 271 -64.84 15.25 -85.09
C ALA D 271 -65.20 14.10 -84.16
N LEU D 272 -64.39 13.04 -84.17
CA LEU D 272 -64.59 11.94 -83.24
C LEU D 272 -64.13 12.29 -81.83
N HIS D 273 -63.29 13.31 -81.67
CA HIS D 273 -62.76 13.65 -80.36
C HIS D 273 -63.61 14.72 -79.66
N LEU D 274 -64.09 15.72 -80.40
CA LEU D 274 -65.08 16.63 -79.82
C LEU D 274 -66.44 15.96 -79.75
N ALA D 275 -66.71 15.02 -80.66
CA ALA D 275 -67.89 14.17 -80.50
C ALA D 275 -67.72 13.21 -79.34
N ALA D 276 -66.49 12.79 -79.06
CA ALA D 276 -66.23 11.88 -77.95
C ALA D 276 -66.35 12.59 -76.60
N ARG D 277 -65.69 13.74 -76.46
CA ARG D 277 -65.79 14.51 -75.21
C ARG D 277 -67.16 15.13 -75.06
N ARG D 278 -67.84 15.42 -76.18
CA ARG D 278 -69.20 15.94 -76.12
C ARG D 278 -70.23 14.82 -76.03
N ARG D 279 -69.77 13.56 -76.01
CA ARG D 279 -70.58 12.35 -75.97
C ARG D 279 -71.59 12.30 -77.11
N ASP D 280 -71.16 12.66 -78.32
CA ASP D 280 -72.02 12.65 -79.49
C ASP D 280 -71.83 11.33 -80.24
N VAL D 281 -72.90 10.56 -80.34
CA VAL D 281 -72.81 9.25 -80.98
C VAL D 281 -73.15 9.33 -82.46
N ASP D 282 -73.94 10.33 -82.86
CA ASP D 282 -74.30 10.47 -84.27
C ASP D 282 -73.11 10.97 -85.09
N MET D 283 -72.40 11.98 -84.57
CA MET D 283 -71.19 12.47 -85.20
C MET D 283 -70.03 11.49 -85.11
N VAL D 284 -70.07 10.56 -84.15
CA VAL D 284 -69.06 9.50 -84.10
C VAL D 284 -69.42 8.38 -85.08
N ARG D 285 -70.71 8.17 -85.32
CA ARG D 285 -71.12 7.17 -86.30
C ARG D 285 -70.90 7.66 -87.72
N ILE D 286 -71.09 8.96 -87.95
CA ILE D 286 -70.94 9.53 -89.30
C ILE D 286 -69.48 9.86 -89.53
N LEU D 287 -68.82 10.45 -88.53
CA LEU D 287 -67.41 10.77 -88.66
C LEU D 287 -66.54 9.52 -88.66
N VAL D 288 -66.89 8.53 -87.84
CA VAL D 288 -66.20 7.24 -87.91
C VAL D 288 -66.64 6.48 -89.14
N ASP D 289 -67.84 6.76 -89.64
CA ASP D 289 -68.26 6.25 -90.95
C ASP D 289 -67.57 6.98 -92.09
N TYR D 290 -67.04 8.18 -91.84
CA TYR D 290 -66.23 8.89 -92.82
C TYR D 290 -64.78 8.44 -92.81
N GLY D 291 -64.38 7.57 -91.89
CA GLY D 291 -63.03 7.06 -91.86
C GLY D 291 -62.11 7.79 -90.90
N THR D 292 -62.61 8.23 -89.75
CA THR D 292 -61.77 8.92 -88.79
C THR D 292 -60.90 7.93 -88.01
N ASN D 293 -59.94 8.47 -87.28
CA ASN D 293 -59.04 7.64 -86.48
C ASN D 293 -59.77 7.08 -85.27
N VAL D 294 -59.74 5.76 -85.11
CA VAL D 294 -60.37 5.13 -83.95
C VAL D 294 -59.55 5.32 -82.69
N ASP D 295 -58.25 5.60 -82.82
CA ASP D 295 -57.36 5.79 -81.68
C ASP D 295 -56.75 7.19 -81.72
N THR D 296 -57.59 8.20 -81.95
CA THR D 296 -57.13 9.57 -82.11
C THR D 296 -56.51 10.10 -80.81
N GLN D 297 -55.66 11.11 -80.96
CA GLN D 297 -54.90 11.63 -79.82
C GLN D 297 -54.89 13.15 -79.91
N ASN D 298 -55.29 13.81 -78.84
CA ASN D 298 -55.25 15.26 -78.77
C ASN D 298 -53.88 15.72 -78.27
N GLY D 299 -53.78 16.99 -77.89
CA GLY D 299 -52.54 17.49 -77.31
C GLY D 299 -52.27 16.92 -75.93
N GLU D 300 -53.32 16.59 -75.19
CA GLU D 300 -53.18 15.94 -73.89
C GLU D 300 -52.93 14.45 -74.01
N GLY D 301 -53.13 13.86 -75.19
CA GLY D 301 -52.89 12.44 -75.39
C GLY D 301 -54.01 11.52 -75.00
N GLN D 302 -55.05 12.03 -74.35
CA GLN D 302 -56.21 11.20 -73.98
C GLN D 302 -56.98 10.83 -75.22
N THR D 303 -57.23 9.53 -75.41
CA THR D 303 -57.85 9.04 -76.62
C THR D 303 -59.33 9.38 -76.65
N PRO D 304 -59.96 9.31 -77.84
CA PRO D 304 -61.42 9.52 -77.89
C PRO D 304 -62.20 8.40 -77.24
N LEU D 305 -61.68 7.16 -77.33
CA LEU D 305 -62.26 6.08 -76.54
C LEU D 305 -61.93 6.25 -75.06
N HIS D 306 -60.78 6.84 -74.75
CA HIS D 306 -60.46 7.17 -73.37
C HIS D 306 -61.31 8.34 -72.88
N ILE D 307 -61.74 9.19 -73.81
CA ILE D 307 -62.70 10.24 -73.46
C ILE D 307 -64.11 9.67 -73.42
N ALA D 308 -64.31 8.47 -73.97
CA ALA D 308 -65.61 7.82 -73.87
C ALA D 308 -65.75 7.07 -72.56
N ALA D 309 -64.68 6.39 -72.13
CA ALA D 309 -64.68 5.76 -70.81
C ALA D 309 -64.56 6.81 -69.71
N ALA D 310 -63.78 7.86 -69.94
CA ALA D 310 -63.69 8.96 -68.98
C ALA D 310 -64.96 9.80 -68.99
N GLU D 311 -65.66 9.83 -70.12
CA GLU D 311 -66.95 10.51 -70.19
C GLU D 311 -68.07 9.73 -69.53
N GLY D 312 -67.89 8.43 -69.31
CA GLY D 312 -68.93 7.60 -68.74
C GLY D 312 -70.06 7.37 -69.72
N ASP D 313 -69.73 7.31 -71.00
CA ASP D 313 -70.71 7.11 -72.08
C ASP D 313 -70.41 5.77 -72.72
N GLU D 314 -71.28 4.79 -72.45
CA GLU D 314 -71.10 3.45 -73.01
C GLU D 314 -71.56 3.36 -74.46
N ALA D 315 -72.21 4.40 -74.98
CA ALA D 315 -72.60 4.42 -76.39
C ALA D 315 -71.38 4.58 -77.28
N LEU D 316 -70.54 5.57 -76.98
CA LEU D 316 -69.30 5.74 -77.75
C LEU D 316 -68.28 4.68 -77.40
N LEU D 317 -68.40 4.05 -76.23
CA LEU D 317 -67.55 2.93 -75.88
C LEU D 317 -67.90 1.67 -76.67
N LYS D 318 -69.19 1.43 -76.90
CA LYS D 318 -69.59 0.30 -77.73
C LYS D 318 -69.39 0.62 -79.20
N TYR D 319 -69.42 1.90 -79.57
CA TYR D 319 -69.17 2.28 -80.95
C TYR D 319 -67.69 2.17 -81.30
N PHE D 320 -66.83 2.64 -80.41
CA PHE D 320 -65.39 2.45 -80.60
C PHE D 320 -64.99 1.00 -80.42
N TYR D 321 -65.74 0.26 -79.59
CA TYR D 321 -65.50 -1.17 -79.45
C TYR D 321 -65.97 -1.93 -80.68
N GLY D 322 -66.94 -1.37 -81.40
CA GLY D 322 -67.37 -1.99 -82.65
C GLY D 322 -66.35 -1.82 -83.75
N VAL D 323 -65.55 -0.75 -83.68
CA VAL D 323 -64.51 -0.54 -84.69
C VAL D 323 -63.19 -1.12 -84.22
N ARG D 324 -63.20 -1.78 -83.05
CA ARG D 324 -62.03 -2.38 -82.39
C ARG D 324 -60.91 -1.36 -82.17
N ALA D 325 -61.27 -0.24 -81.55
CA ALA D 325 -60.33 0.84 -81.27
C ALA D 325 -59.32 0.42 -80.21
N SER D 326 -58.04 0.54 -80.54
CA SER D 326 -56.99 0.25 -79.58
C SER D 326 -56.95 1.34 -78.51
N ALA D 327 -56.82 0.90 -77.25
CA ALA D 327 -56.87 1.81 -76.12
C ALA D 327 -55.61 1.83 -75.26
N SER D 328 -54.50 1.24 -75.74
CA SER D 328 -53.28 1.23 -74.94
C SER D 328 -52.61 2.59 -74.88
N ILE D 329 -52.86 3.48 -75.85
CA ILE D 329 -52.26 4.81 -75.86
C ILE D 329 -53.06 5.72 -74.94
N ALA D 330 -52.61 5.85 -73.70
CA ALA D 330 -53.27 6.68 -72.71
C ALA D 330 -52.79 8.12 -72.85
N ASP D 331 -53.14 8.96 -71.88
CA ASP D 331 -52.74 10.36 -71.87
C ASP D 331 -51.31 10.50 -71.31
N ASN D 332 -50.90 11.74 -71.06
CA ASN D 332 -49.57 11.96 -70.49
C ASN D 332 -49.51 11.54 -69.03
N GLN D 333 -50.65 11.55 -68.33
CA GLN D 333 -50.71 11.14 -66.93
C GLN D 333 -51.04 9.66 -66.76
N ASP D 334 -50.87 8.87 -67.83
CA ASP D 334 -51.08 7.41 -67.87
C ASP D 334 -52.50 6.99 -67.51
N ARG D 335 -53.47 7.89 -67.66
CA ARG D 335 -54.87 7.57 -67.36
C ARG D 335 -55.46 6.81 -68.54
N THR D 336 -55.39 5.48 -68.46
CA THR D 336 -55.95 4.58 -69.45
C THR D 336 -57.46 4.51 -69.32
N PRO D 337 -58.14 3.70 -70.15
CA PRO D 337 -59.62 3.70 -70.16
C PRO D 337 -60.26 3.24 -68.85
N MET D 338 -59.69 2.22 -68.21
CA MET D 338 -60.14 1.89 -66.86
C MET D 338 -59.62 2.88 -65.84
N HIS D 339 -58.47 3.50 -66.11
CA HIS D 339 -57.89 4.44 -65.15
C HIS D 339 -58.55 5.80 -65.24
N LEU D 340 -58.87 6.26 -66.45
CA LEU D 340 -59.62 7.51 -66.59
C LEU D 340 -61.10 7.29 -66.35
N ALA D 341 -61.60 6.08 -66.61
CA ALA D 341 -62.96 5.73 -66.23
C ALA D 341 -63.09 5.67 -64.71
N ALA D 342 -62.01 5.28 -64.02
CA ALA D 342 -62.00 5.37 -62.56
C ALA D 342 -61.67 6.78 -62.10
N GLU D 343 -61.12 7.62 -62.99
CA GLU D 343 -61.00 9.03 -62.68
C GLU D 343 -62.35 9.72 -62.79
N ASN D 344 -63.28 9.13 -63.54
CA ASN D 344 -64.67 9.56 -63.53
C ASN D 344 -65.47 8.78 -62.48
N GLY D 345 -65.52 7.46 -62.60
CA GLY D 345 -66.24 6.64 -61.65
C GLY D 345 -67.18 5.65 -62.31
N HIS D 346 -67.13 5.55 -63.63
CA HIS D 346 -68.04 4.66 -64.36
C HIS D 346 -67.60 3.21 -64.21
N ALA D 347 -68.58 2.30 -64.23
CA ALA D 347 -68.31 0.88 -64.08
C ALA D 347 -68.56 0.11 -65.38
N HIS D 348 -69.64 0.44 -66.09
CA HIS D 348 -69.91 -0.20 -67.38
C HIS D 348 -68.91 0.25 -68.44
N VAL D 349 -68.29 1.41 -68.25
CA VAL D 349 -67.21 1.82 -69.16
C VAL D 349 -65.95 1.01 -68.87
N ILE D 350 -65.77 0.56 -67.64
CA ILE D 350 -64.62 -0.28 -67.31
C ILE D 350 -64.86 -1.71 -67.80
N GLU D 351 -66.09 -2.20 -67.66
CA GLU D 351 -66.41 -3.53 -68.16
C GLU D 351 -66.41 -3.55 -69.68
N ILE D 352 -66.82 -2.45 -70.30
CA ILE D 352 -66.75 -2.35 -71.77
C ILE D 352 -65.33 -2.11 -72.22
N LEU D 353 -64.49 -1.55 -71.34
CA LEU D 353 -63.05 -1.50 -71.61
C LEU D 353 -62.45 -2.90 -71.57
N ALA D 354 -62.95 -3.74 -70.66
CA ALA D 354 -62.54 -5.14 -70.65
C ALA D 354 -63.10 -5.88 -71.86
N ASP D 355 -64.23 -5.41 -72.40
CA ASP D 355 -64.69 -5.90 -73.70
C ASP D 355 -63.76 -5.42 -74.82
N LYS D 356 -63.12 -4.27 -74.63
CA LYS D 356 -62.06 -3.84 -75.53
C LYS D 356 -60.70 -4.32 -75.04
N PHE D 357 -60.66 -5.33 -74.17
CA PHE D 357 -59.48 -6.02 -73.66
C PHE D 357 -58.54 -5.07 -72.91
N LYS D 358 -59.08 -4.24 -72.02
CA LYS D 358 -58.24 -3.46 -71.14
C LYS D 358 -57.66 -4.34 -70.04
N ALA D 359 -56.34 -4.26 -69.87
CA ALA D 359 -55.68 -5.06 -68.85
C ALA D 359 -55.97 -4.50 -67.47
N SER D 360 -56.74 -5.25 -66.68
CA SER D 360 -57.09 -4.88 -65.32
C SER D 360 -56.01 -5.29 -64.31
N ILE D 361 -54.90 -5.83 -64.78
CA ILE D 361 -53.84 -6.31 -63.89
C ILE D 361 -52.54 -5.61 -64.22
N PHE D 362 -52.60 -4.37 -64.70
CA PHE D 362 -51.43 -3.70 -65.26
C PHE D 362 -51.20 -2.29 -64.73
N GLU D 363 -51.95 -1.86 -63.72
CA GLU D 363 -51.88 -0.47 -63.27
C GLU D 363 -50.63 -0.26 -62.42
N ARG D 364 -49.66 0.48 -62.94
CA ARG D 364 -48.47 0.89 -62.22
C ARG D 364 -48.04 2.25 -62.73
N THR D 365 -47.60 3.12 -61.81
CA THR D 365 -47.19 4.46 -62.20
C THR D 365 -45.95 4.91 -61.44
N LYS D 366 -44.98 4.01 -61.28
CA LYS D 366 -43.71 4.14 -60.54
C LYS D 366 -43.92 4.41 -59.05
N ASP D 367 -45.15 4.32 -58.54
CA ASP D 367 -45.42 4.45 -57.11
C ASP D 367 -46.46 3.43 -56.68
N GLY D 368 -46.67 2.37 -57.47
CA GLY D 368 -47.72 1.42 -57.18
C GLY D 368 -49.09 2.01 -57.42
N SER D 369 -49.44 2.24 -58.69
CA SER D 369 -50.75 2.82 -59.01
C SER D 369 -51.87 1.89 -58.58
N THR D 370 -52.00 0.72 -59.24
CA THR D 370 -52.83 -0.42 -58.79
C THR D 370 -54.28 0.01 -58.55
N LEU D 371 -55.01 0.26 -59.63
CA LEU D 371 -56.15 1.19 -59.68
C LEU D 371 -57.34 0.97 -58.72
N MET D 372 -57.26 -0.04 -57.85
CA MET D 372 -58.09 -0.03 -56.64
C MET D 372 -57.70 1.14 -55.72
N HIS D 373 -56.44 1.59 -55.78
CA HIS D 373 -56.04 2.83 -55.12
C HIS D 373 -56.72 4.02 -55.76
N ILE D 374 -56.84 3.99 -57.09
CA ILE D 374 -57.56 5.04 -57.81
C ILE D 374 -59.05 5.01 -57.44
N ALA D 375 -59.59 3.82 -57.26
CA ALA D 375 -60.95 3.70 -56.72
C ALA D 375 -61.00 4.09 -55.25
N SER D 376 -59.84 4.09 -54.57
CA SER D 376 -59.77 4.65 -53.23
C SER D 376 -59.39 6.12 -53.25
N LEU D 377 -58.82 6.61 -54.35
CA LEU D 377 -58.62 8.05 -54.52
C LEU D 377 -59.96 8.77 -54.64
N ASN D 378 -60.76 8.37 -55.61
CA ASN D 378 -61.98 9.07 -55.96
C ASN D 378 -63.20 8.57 -55.17
N GLY D 379 -63.22 7.30 -54.80
CA GLY D 379 -64.25 6.80 -53.92
C GLY D 379 -65.55 6.37 -54.59
N HIS D 380 -65.47 5.40 -55.50
CA HIS D 380 -66.64 4.92 -56.24
C HIS D 380 -66.82 3.44 -55.95
N ALA D 381 -67.87 3.11 -55.20
CA ALA D 381 -68.08 1.73 -54.77
C ALA D 381 -68.61 0.86 -55.90
N GLU D 382 -69.48 1.42 -56.75
CA GLU D 382 -69.97 0.68 -57.91
C GLU D 382 -68.85 0.42 -58.90
N CYS D 383 -67.85 1.30 -58.94
CA CYS D 383 -66.64 1.00 -59.69
C CYS D 383 -65.74 0.05 -58.92
N ALA D 384 -65.91 -0.03 -57.59
CA ALA D 384 -65.01 -0.85 -56.78
C ALA D 384 -65.42 -2.32 -56.83
N THR D 385 -66.71 -2.59 -57.04
CA THR D 385 -67.16 -3.98 -57.12
C THR D 385 -66.79 -4.62 -58.45
N MET D 386 -67.12 -3.94 -59.56
CA MET D 386 -66.71 -4.43 -60.87
C MET D 386 -65.20 -4.29 -61.05
N LEU D 387 -64.58 -3.36 -60.33
CA LEU D 387 -63.13 -3.27 -60.34
C LEU D 387 -62.54 -4.21 -59.28
N PHE D 388 -63.39 -4.96 -58.59
CA PHE D 388 -62.90 -6.03 -57.74
C PHE D 388 -62.97 -7.36 -58.47
N LYS D 389 -64.07 -7.61 -59.20
CA LYS D 389 -64.16 -8.81 -60.02
C LYS D 389 -63.22 -8.71 -61.21
N LYS D 390 -63.03 -7.50 -61.74
CA LYS D 390 -62.13 -7.33 -62.89
C LYS D 390 -60.71 -7.00 -62.44
N GLY D 391 -60.53 -5.89 -61.73
CA GLY D 391 -59.21 -5.54 -61.23
C GLY D 391 -58.88 -6.27 -59.94
N VAL D 392 -58.51 -7.55 -60.06
CA VAL D 392 -58.65 -8.54 -59.00
C VAL D 392 -57.75 -8.28 -57.79
N TYR D 393 -56.76 -7.41 -57.94
CA TYR D 393 -55.80 -7.18 -56.86
C TYR D 393 -56.34 -6.44 -55.65
N LEU D 394 -56.37 -7.16 -54.53
CA LEU D 394 -56.75 -6.57 -53.25
C LEU D 394 -55.73 -5.55 -52.76
N HIS D 395 -54.46 -5.88 -52.91
CA HIS D 395 -53.57 -5.65 -51.80
C HIS D 395 -52.21 -5.04 -52.14
N MET D 396 -51.93 -4.81 -53.43
CA MET D 396 -50.60 -4.38 -53.84
C MET D 396 -50.32 -2.95 -53.36
N PRO D 397 -49.36 -2.76 -52.47
CA PRO D 397 -49.20 -1.44 -51.83
C PRO D 397 -48.48 -0.41 -52.68
N ASN D 398 -48.44 0.82 -52.18
CA ASN D 398 -47.77 1.92 -52.86
C ASN D 398 -46.26 1.81 -52.66
N LYS D 399 -45.52 2.74 -53.28
CA LYS D 399 -44.08 2.80 -53.06
C LYS D 399 -43.75 3.25 -51.65
N ASP D 400 -44.66 4.01 -51.02
CA ASP D 400 -44.54 4.28 -49.59
C ASP D 400 -44.92 3.08 -48.74
N GLY D 401 -45.61 2.10 -49.32
CA GLY D 401 -46.05 0.94 -48.60
C GLY D 401 -47.51 0.95 -48.22
N ALA D 402 -48.31 1.84 -48.81
CA ALA D 402 -49.69 2.03 -48.39
C ALA D 402 -50.62 1.26 -49.32
N ARG D 403 -51.54 0.52 -48.70
CA ARG D 403 -52.52 -0.30 -49.39
C ARG D 403 -53.81 0.50 -49.58
N SER D 404 -54.82 -0.16 -50.14
CA SER D 404 -55.99 0.55 -50.65
C SER D 404 -56.84 1.12 -49.52
N ILE D 405 -56.82 0.48 -48.36
CA ILE D 405 -57.53 1.00 -47.20
C ILE D 405 -56.80 2.22 -46.65
N HIS D 406 -55.49 2.32 -46.88
CA HIS D 406 -54.73 3.46 -46.38
C HIS D 406 -55.02 4.71 -47.20
N THR D 407 -55.21 4.56 -48.50
CA THR D 407 -55.54 5.72 -49.33
C THR D 407 -57.02 6.02 -49.30
N ALA D 408 -57.86 5.00 -49.11
CA ALA D 408 -59.29 5.23 -48.89
C ALA D 408 -59.51 5.96 -47.58
N ALA D 409 -58.75 5.61 -46.55
CA ALA D 409 -58.84 6.31 -45.28
C ALA D 409 -58.16 7.66 -45.37
N ALA D 410 -57.17 7.80 -46.25
CA ALA D 410 -56.49 9.07 -46.42
C ALA D 410 -57.39 10.11 -47.07
N TYR D 411 -57.96 9.76 -48.23
CA TYR D 411 -58.78 10.72 -48.97
C TYR D 411 -60.22 10.73 -48.51
N GLY D 412 -60.58 9.91 -47.53
CA GLY D 412 -61.87 10.02 -46.87
C GLY D 412 -63.05 9.52 -47.68
N HIS D 413 -63.08 8.22 -47.97
CA HIS D 413 -64.19 7.61 -48.71
C HIS D 413 -64.63 6.40 -47.90
N THR D 414 -65.75 6.54 -47.19
CA THR D 414 -66.16 5.53 -46.23
C THR D 414 -66.70 4.28 -46.90
N GLY D 415 -67.40 4.42 -48.02
CA GLY D 415 -67.99 3.26 -48.67
C GLY D 415 -66.97 2.31 -49.26
N ILE D 416 -65.84 2.86 -49.72
CA ILE D 416 -64.73 2.04 -50.18
C ILE D 416 -64.14 1.24 -49.01
N ILE D 417 -64.15 1.82 -47.81
CA ILE D 417 -63.70 1.08 -46.64
C ILE D 417 -64.73 0.03 -46.23
N ASN D 418 -66.02 0.30 -46.51
CA ASN D 418 -67.04 -0.71 -46.25
C ASN D 418 -66.92 -1.89 -47.22
N THR D 419 -66.54 -1.62 -48.47
CA THR D 419 -66.47 -2.70 -49.44
C THR D 419 -65.15 -3.46 -49.37
N LEU D 420 -64.05 -2.74 -49.10
CA LEU D 420 -62.77 -3.42 -48.93
C LEU D 420 -62.74 -4.19 -47.62
N LEU D 421 -63.36 -3.64 -46.57
CA LEU D 421 -63.51 -4.41 -45.34
C LEU D 421 -64.51 -5.53 -45.51
N GLN D 422 -65.47 -5.38 -46.42
CA GLN D 422 -66.38 -6.47 -46.73
C GLN D 422 -65.67 -7.59 -47.48
N LYS D 423 -64.71 -7.24 -48.34
CA LYS D 423 -63.98 -8.22 -49.13
C LYS D 423 -62.90 -8.93 -48.33
N GLY D 424 -62.53 -8.43 -47.16
CA GLY D 424 -61.63 -9.12 -46.27
C GLY D 424 -60.21 -8.60 -46.28
N GLU D 425 -59.91 -7.74 -45.30
CA GLU D 425 -58.55 -7.24 -45.07
C GLU D 425 -58.53 -6.69 -43.65
N LYS D 426 -57.64 -7.22 -42.82
CA LYS D 426 -57.58 -6.84 -41.41
C LYS D 426 -57.09 -5.41 -41.28
N VAL D 427 -57.76 -4.63 -40.42
CA VAL D 427 -57.41 -3.22 -40.22
C VAL D 427 -56.24 -3.03 -39.28
N ASP D 428 -55.58 -4.10 -38.85
CA ASP D 428 -54.27 -3.97 -38.21
C ASP D 428 -53.16 -4.00 -39.25
N VAL D 429 -53.50 -3.76 -40.52
CA VAL D 429 -52.49 -3.68 -41.58
C VAL D 429 -51.64 -2.44 -41.38
N THR D 430 -50.34 -2.59 -41.59
CA THR D 430 -49.43 -1.47 -41.49
C THR D 430 -48.80 -1.16 -42.85
N THR D 431 -48.09 -0.05 -42.91
CA THR D 431 -47.33 0.29 -44.10
C THR D 431 -45.86 -0.04 -43.86
N ASN D 432 -45.02 0.40 -44.81
CA ASN D 432 -43.58 0.38 -44.58
C ASN D 432 -43.20 1.30 -43.43
N ASP D 433 -43.92 2.41 -43.28
CA ASP D 433 -43.68 3.30 -42.14
C ASP D 433 -44.67 3.01 -41.01
N ASN D 434 -45.12 1.76 -40.89
CA ASN D 434 -45.84 1.22 -39.72
C ASN D 434 -47.19 1.86 -39.41
N TYR D 435 -47.68 2.78 -40.24
CA TYR D 435 -48.93 3.45 -39.93
C TYR D 435 -50.10 2.54 -40.26
N THR D 436 -50.97 2.33 -39.26
CA THR D 436 -52.23 1.64 -39.52
C THR D 436 -53.22 2.60 -40.16
N ALA D 437 -54.44 2.10 -40.38
CA ALA D 437 -55.46 2.91 -41.04
C ALA D 437 -55.93 4.07 -40.17
N LEU D 438 -55.93 3.90 -38.85
CA LEU D 438 -56.15 5.03 -37.96
C LEU D 438 -55.00 6.02 -38.04
N HIS D 439 -53.79 5.51 -38.19
CA HIS D 439 -52.62 6.38 -38.21
C HIS D 439 -52.44 7.15 -39.50
N ILE D 440 -53.36 6.99 -40.45
CA ILE D 440 -53.41 7.81 -41.65
C ILE D 440 -54.72 8.59 -41.72
N ALA D 441 -55.82 7.97 -41.27
CA ALA D 441 -57.11 8.67 -41.26
C ALA D 441 -57.14 9.80 -40.25
N VAL D 442 -56.39 9.66 -39.16
CA VAL D 442 -56.29 10.75 -38.20
C VAL D 442 -55.31 11.81 -38.70
N GLU D 443 -54.34 11.44 -39.54
CA GLU D 443 -53.49 12.44 -40.19
C GLU D 443 -54.28 13.31 -41.16
N SER D 444 -55.34 12.77 -41.77
CA SER D 444 -56.22 13.58 -42.59
C SER D 444 -57.41 14.12 -41.80
N ALA D 445 -57.62 13.60 -40.58
CA ALA D 445 -58.66 14.04 -39.65
C ALA D 445 -60.07 13.89 -40.24
N LYS D 446 -60.29 12.78 -40.94
CA LYS D 446 -61.61 12.45 -41.48
C LYS D 446 -62.39 11.69 -40.42
N PRO D 447 -63.43 12.26 -39.82
CA PRO D 447 -64.04 11.68 -38.61
C PRO D 447 -64.81 10.38 -38.81
N ALA D 448 -65.74 10.35 -39.76
CA ALA D 448 -66.58 9.17 -39.96
C ALA D 448 -65.79 8.03 -40.58
N VAL D 449 -64.68 8.34 -41.24
CA VAL D 449 -63.72 7.32 -41.66
C VAL D 449 -63.18 6.59 -40.44
N VAL D 450 -62.77 7.34 -39.41
CA VAL D 450 -62.29 6.75 -38.17
C VAL D 450 -63.40 6.01 -37.44
N GLU D 451 -64.66 6.45 -37.62
CA GLU D 451 -65.80 5.71 -37.10
C GLU D 451 -65.93 4.35 -37.78
N THR D 452 -65.76 4.31 -39.10
CA THR D 452 -65.84 3.04 -39.81
C THR D 452 -64.63 2.15 -39.51
N LEU D 453 -63.48 2.74 -39.23
CA LEU D 453 -62.30 1.94 -38.89
C LEU D 453 -62.43 1.35 -37.50
N LEU D 454 -63.06 2.09 -36.58
CA LEU D 454 -63.37 1.51 -35.29
C LEU D 454 -64.45 0.46 -35.38
N GLY D 455 -65.38 0.62 -36.32
CA GLY D 455 -66.38 -0.42 -36.54
C GLY D 455 -65.78 -1.65 -37.19
N PHE D 456 -64.69 -1.46 -37.94
CA PHE D 456 -64.05 -2.60 -38.59
C PHE D 456 -63.25 -3.44 -37.59
N GLY D 457 -62.78 -2.82 -36.51
CA GLY D 457 -62.04 -3.57 -35.51
C GLY D 457 -60.62 -3.11 -35.26
N ALA D 458 -60.37 -1.82 -35.44
CA ALA D 458 -59.03 -1.29 -35.21
C ALA D 458 -58.79 -1.08 -33.71
N ASP D 459 -57.57 -1.39 -33.28
CA ASP D 459 -57.16 -1.22 -31.90
C ASP D 459 -56.57 0.16 -31.73
N VAL D 460 -57.21 0.98 -30.90
CA VAL D 460 -56.86 2.40 -30.75
C VAL D 460 -55.56 2.69 -30.03
N HIS D 461 -54.84 1.66 -29.60
CA HIS D 461 -53.61 1.90 -28.83
C HIS D 461 -52.38 1.85 -29.72
N VAL D 462 -52.47 1.17 -30.87
CA VAL D 462 -51.45 0.20 -31.24
C VAL D 462 -49.97 0.67 -31.33
N ARG D 463 -49.52 1.40 -32.34
CA ARG D 463 -48.13 1.82 -32.54
C ARG D 463 -48.07 2.77 -33.72
N GLY D 464 -46.98 3.54 -33.78
CA GLY D 464 -46.78 4.45 -34.88
C GLY D 464 -45.43 4.23 -35.52
N GLY D 465 -45.23 4.89 -36.65
CA GLY D 465 -43.98 4.71 -37.39
C GLY D 465 -42.95 5.76 -37.02
N LYS D 466 -41.74 5.29 -36.73
CA LYS D 466 -40.52 6.09 -36.48
C LYS D 466 -40.59 7.04 -35.27
N LEU D 467 -41.70 7.02 -34.53
CA LEU D 467 -41.83 7.78 -33.31
C LEU D 467 -42.48 6.88 -32.27
N ARG D 468 -43.03 5.75 -32.77
CA ARG D 468 -43.70 4.72 -31.96
C ARG D 468 -44.85 5.33 -31.16
N GLU D 469 -45.87 5.80 -31.88
CA GLU D 469 -46.84 6.75 -31.34
C GLU D 469 -48.25 6.20 -31.39
N THR D 470 -49.00 6.44 -30.31
CA THR D 470 -50.44 6.22 -30.30
C THR D 470 -51.11 7.19 -31.27
N PRO D 471 -52.32 6.88 -31.78
CA PRO D 471 -52.96 7.83 -32.69
C PRO D 471 -53.43 9.12 -32.04
N LEU D 472 -53.56 9.15 -30.71
CA LEU D 472 -53.78 10.40 -30.00
C LEU D 472 -52.63 11.35 -30.21
N HIS D 473 -51.41 10.83 -30.30
CA HIS D 473 -50.24 11.64 -30.62
C HIS D 473 -50.29 12.17 -32.04
N ILE D 474 -51.13 11.59 -32.89
CA ILE D 474 -51.48 12.19 -34.17
C ILE D 474 -52.68 13.12 -34.02
N ALA D 475 -53.63 12.74 -33.16
CA ALA D 475 -54.84 13.53 -32.99
C ALA D 475 -54.56 14.83 -32.27
N ALA D 476 -53.51 14.87 -31.46
CA ALA D 476 -53.10 16.11 -30.82
C ALA D 476 -52.01 16.83 -31.61
N ARG D 477 -51.74 16.40 -32.84
CA ARG D 477 -50.71 17.03 -33.66
C ARG D 477 -51.27 17.63 -34.95
N VAL D 478 -52.29 16.99 -35.53
CA VAL D 478 -52.92 17.51 -36.74
C VAL D 478 -53.77 18.72 -36.36
N LYS D 479 -53.92 19.66 -37.31
CA LYS D 479 -54.55 20.94 -37.03
C LYS D 479 -56.05 20.78 -36.83
N ASP D 480 -56.66 19.78 -37.45
CA ASP D 480 -58.10 19.55 -37.37
C ASP D 480 -58.46 18.37 -36.47
N GLY D 481 -57.71 18.18 -35.38
CA GLY D 481 -57.89 16.98 -34.57
C GLY D 481 -59.12 16.99 -33.69
N ASP D 482 -59.70 18.16 -33.44
CA ASP D 482 -60.79 18.29 -32.47
C ASP D 482 -62.06 17.59 -32.92
N ARG D 483 -62.26 17.46 -34.24
CA ARG D 483 -63.41 16.72 -34.73
C ARG D 483 -63.19 15.22 -34.55
N CYS D 484 -61.93 14.78 -34.51
CA CYS D 484 -61.62 13.35 -34.54
C CYS D 484 -61.20 12.77 -33.20
N ALA D 485 -60.51 13.55 -32.35
CA ALA D 485 -59.92 13.00 -31.13
C ALA D 485 -60.97 12.56 -30.13
N LEU D 486 -62.13 13.23 -30.13
CA LEU D 486 -63.23 12.81 -29.27
C LEU D 486 -63.75 11.44 -29.68
N MET D 487 -63.67 11.14 -30.98
CA MET D 487 -64.09 9.83 -31.44
C MET D 487 -63.04 8.78 -31.12
N LEU D 488 -61.81 9.21 -30.83
CA LEU D 488 -60.85 8.32 -30.21
C LEU D 488 -61.19 8.10 -28.75
N LEU D 489 -61.85 9.07 -28.14
CA LEU D 489 -62.19 8.96 -26.72
C LEU D 489 -63.63 8.52 -26.52
N LYS D 490 -64.46 8.63 -27.56
CA LYS D 490 -65.75 7.96 -27.56
C LYS D 490 -65.57 6.44 -27.47
N SER D 491 -64.60 5.91 -28.21
CA SER D 491 -64.30 4.49 -28.12
C SER D 491 -63.26 4.22 -27.05
N GLY D 492 -62.84 5.26 -26.34
CA GLY D 492 -61.89 5.08 -25.27
C GLY D 492 -60.47 4.99 -25.79
N ALA D 493 -59.59 5.78 -25.20
CA ALA D 493 -58.19 5.74 -25.57
C ALA D 493 -57.36 6.07 -24.34
N SER D 494 -56.06 6.19 -24.53
CA SER D 494 -55.17 6.38 -23.39
C SER D 494 -54.37 7.67 -23.45
N PRO D 495 -54.80 8.68 -22.68
CA PRO D 495 -53.99 9.88 -22.44
C PRO D 495 -52.89 9.61 -21.41
N ASN D 496 -52.93 8.43 -20.79
CA ASN D 496 -51.85 8.00 -19.92
C ASN D 496 -50.71 7.39 -20.73
N LEU D 497 -50.97 7.05 -21.99
CA LEU D 497 -49.97 6.36 -22.81
C LEU D 497 -48.90 7.33 -23.27
N THR D 498 -47.65 7.02 -22.93
CA THR D 498 -46.53 7.86 -23.29
C THR D 498 -46.03 7.55 -24.69
N THR D 499 -45.20 8.43 -25.24
CA THR D 499 -44.57 8.20 -26.52
C THR D 499 -43.25 7.48 -26.30
N ASP D 500 -42.41 7.42 -27.34
CA ASP D 500 -41.06 6.90 -27.17
C ASP D 500 -40.21 7.85 -26.34
N ASP D 501 -40.49 9.15 -26.42
CA ASP D 501 -39.82 10.15 -25.60
C ASP D 501 -40.54 10.39 -24.28
N CYS D 502 -41.40 9.46 -23.86
CA CYS D 502 -42.11 9.48 -22.56
C CYS D 502 -42.95 10.74 -22.38
N LEU D 503 -43.97 10.89 -23.23
CA LEU D 503 -44.85 12.05 -23.17
C LEU D 503 -46.26 11.69 -23.63
N THR D 504 -47.22 12.18 -22.86
CA THR D 504 -48.64 11.97 -23.09
C THR D 504 -49.09 12.71 -24.34
N PRO D 505 -50.29 12.44 -24.88
CA PRO D 505 -50.84 13.34 -25.91
C PRO D 505 -51.22 14.71 -25.39
N VAL D 506 -51.37 14.87 -24.07
CA VAL D 506 -51.48 16.19 -23.45
C VAL D 506 -50.24 17.01 -23.77
N HIS D 507 -49.07 16.37 -23.74
CA HIS D 507 -47.84 17.03 -24.16
C HIS D 507 -47.86 17.37 -25.64
N VAL D 508 -48.54 16.56 -26.46
CA VAL D 508 -48.53 16.77 -27.90
C VAL D 508 -49.42 17.95 -28.26
N ALA D 509 -50.62 18.01 -27.65
CA ALA D 509 -51.48 19.18 -27.83
C ALA D 509 -50.89 20.40 -27.15
N ALA D 510 -50.03 20.20 -26.17
CA ALA D 510 -49.25 21.30 -25.60
C ALA D 510 -48.23 21.81 -26.62
N ARG D 511 -47.65 20.91 -27.40
CA ARG D 511 -46.67 21.33 -28.41
C ARG D 511 -47.34 22.06 -29.56
N HIS D 512 -48.26 21.40 -30.25
CA HIS D 512 -48.64 21.85 -31.58
C HIS D 512 -49.77 22.85 -31.60
N GLY D 513 -50.18 23.38 -30.46
CA GLY D 513 -51.07 24.52 -30.45
C GLY D 513 -52.53 24.20 -30.70
N ASN D 514 -52.96 22.99 -30.37
CA ASN D 514 -54.33 22.57 -30.61
C ASN D 514 -55.15 22.74 -29.33
N LEU D 515 -56.15 23.63 -29.38
CA LEU D 515 -56.90 24.07 -28.22
C LEU D 515 -57.98 23.07 -27.80
N ALA D 516 -58.95 22.83 -28.68
CA ALA D 516 -60.13 22.06 -28.31
C ALA D 516 -59.79 20.58 -28.13
N THR D 517 -58.75 20.11 -28.82
CA THR D 517 -58.25 18.76 -28.60
C THR D 517 -57.74 18.61 -27.17
N LEU D 518 -57.00 19.60 -26.70
CA LEU D 518 -56.47 19.59 -25.34
C LEU D 518 -57.59 19.73 -24.32
N MET D 519 -58.66 20.45 -24.69
CA MET D 519 -59.84 20.50 -23.83
C MET D 519 -60.51 19.14 -23.75
N GLN D 520 -60.52 18.38 -24.85
CA GLN D 520 -61.07 17.03 -24.81
C GLN D 520 -60.17 16.09 -24.03
N LEU D 521 -58.85 16.30 -24.09
CA LEU D 521 -57.92 15.44 -23.36
C LEU D 521 -58.03 15.68 -21.86
N LEU D 522 -58.18 16.94 -21.45
CA LEU D 522 -58.39 17.19 -20.03
C LEU D 522 -59.80 16.83 -19.58
N GLU D 523 -60.77 16.84 -20.50
CA GLU D 523 -62.12 16.41 -20.14
C GLU D 523 -62.19 14.90 -19.94
N ASP D 524 -61.31 14.15 -20.59
CA ASP D 524 -61.30 12.69 -20.53
C ASP D 524 -60.34 12.15 -19.49
N GLU D 525 -60.14 12.90 -18.40
CA GLU D 525 -59.31 12.51 -17.24
C GLU D 525 -57.84 12.31 -17.62
N GLY D 526 -57.41 12.99 -18.68
CA GLY D 526 -55.99 13.07 -18.94
C GLY D 526 -55.31 14.02 -17.97
N ASP D 527 -54.27 13.52 -17.30
CA ASP D 527 -53.65 14.28 -16.23
C ASP D 527 -52.72 15.32 -16.82
N PRO D 528 -52.80 16.58 -16.39
CA PRO D 528 -51.77 17.56 -16.77
C PRO D 528 -50.51 17.46 -15.92
N LEU D 529 -50.48 16.54 -14.96
CA LEU D 529 -49.40 16.44 -13.99
C LEU D 529 -48.31 15.47 -14.42
N TYR D 530 -48.29 15.03 -15.67
CA TYR D 530 -47.24 14.11 -16.09
C TYR D 530 -45.91 14.84 -16.26
N LYS D 531 -44.87 14.06 -16.51
CA LYS D 531 -43.50 14.56 -16.47
C LYS D 531 -42.71 13.83 -17.54
N SER D 532 -42.10 14.58 -18.45
CA SER D 532 -41.42 13.98 -19.59
C SER D 532 -40.09 13.35 -19.18
N ASN D 533 -39.39 12.84 -20.19
CA ASN D 533 -38.06 12.27 -19.95
C ASN D 533 -37.07 13.36 -19.54
N THR D 534 -37.24 14.56 -20.09
CA THR D 534 -36.48 15.72 -19.65
C THR D 534 -37.15 16.46 -18.51
N GLY D 535 -38.07 15.81 -17.78
CA GLY D 535 -38.74 16.44 -16.67
C GLY D 535 -39.83 17.42 -17.04
N GLU D 536 -40.15 17.55 -18.31
CA GLU D 536 -41.04 18.61 -18.78
C GLU D 536 -42.49 18.24 -18.51
N THR D 537 -43.19 19.13 -17.81
CA THR D 537 -44.64 19.10 -17.76
C THR D 537 -45.18 19.59 -19.11
N PRO D 538 -46.46 19.36 -19.42
CA PRO D 538 -47.02 20.01 -20.61
C PRO D 538 -47.13 21.52 -20.49
N LEU D 539 -46.99 22.08 -19.28
CA LEU D 539 -46.89 23.52 -19.13
C LEU D 539 -45.58 24.04 -19.71
N HIS D 540 -44.50 23.27 -19.56
CA HIS D 540 -43.19 23.69 -20.07
C HIS D 540 -43.19 23.77 -21.60
N MET D 541 -43.47 22.66 -22.26
CA MET D 541 -43.42 22.64 -23.72
C MET D 541 -44.66 23.30 -24.31
N ALA D 542 -45.71 23.48 -23.52
CA ALA D 542 -46.79 24.36 -23.93
C ALA D 542 -46.32 25.80 -23.97
N CYS D 543 -45.44 26.16 -23.04
CA CYS D 543 -45.00 27.55 -22.95
C CYS D 543 -43.91 27.85 -23.96
N ARG D 544 -43.06 26.87 -24.26
CA ARG D 544 -41.98 27.06 -25.21
C ARG D 544 -42.49 27.27 -26.63
N ALA D 545 -43.61 26.65 -26.99
CA ALA D 545 -44.21 26.84 -28.29
C ALA D 545 -45.04 28.13 -28.39
N CYS D 546 -45.11 28.91 -27.31
CA CYS D 546 -45.77 30.20 -27.19
C CYS D 546 -47.26 30.13 -27.51
N HIS D 547 -48.07 29.45 -26.71
CA HIS D 547 -49.51 29.44 -26.92
C HIS D 547 -50.21 29.91 -25.66
N PRO D 548 -50.91 31.05 -25.71
CA PRO D 548 -51.45 31.64 -24.49
C PRO D 548 -52.65 30.91 -23.90
N ASP D 549 -53.59 30.49 -24.75
CA ASP D 549 -54.83 29.90 -24.26
C ASP D 549 -54.60 28.49 -23.74
N ILE D 550 -53.54 27.82 -24.20
CA ILE D 550 -53.21 26.50 -23.67
C ILE D 550 -52.66 26.63 -22.26
N VAL D 551 -51.71 27.55 -22.07
CA VAL D 551 -51.12 27.79 -20.75
C VAL D 551 -52.19 28.26 -19.77
N ARG D 552 -53.01 29.22 -20.21
CA ARG D 552 -54.21 29.67 -19.52
C ARG D 552 -55.10 28.52 -19.08
N HIS D 553 -55.41 27.62 -20.03
CA HIS D 553 -56.34 26.53 -19.75
C HIS D 553 -55.72 25.50 -18.81
N LEU D 554 -54.41 25.27 -18.93
CA LEU D 554 -53.73 24.32 -18.05
C LEU D 554 -53.70 24.81 -16.61
N ILE D 555 -53.39 26.10 -16.42
CA ILE D 555 -53.40 26.65 -15.07
C ILE D 555 -54.82 26.71 -14.51
N GLU D 556 -55.81 26.95 -15.37
CA GLU D 556 -57.20 26.91 -14.92
C GLU D 556 -57.67 25.51 -14.56
N THR D 557 -57.05 24.45 -15.11
CA THR D 557 -57.45 23.11 -14.71
C THR D 557 -56.69 22.63 -13.47
N VAL D 558 -55.39 22.92 -13.39
CA VAL D 558 -54.61 22.50 -12.22
C VAL D 558 -55.04 23.30 -10.99
N LYS D 559 -55.46 24.55 -11.19
CA LYS D 559 -55.99 25.36 -10.10
C LYS D 559 -57.26 24.75 -9.50
N GLU D 560 -58.07 24.10 -10.32
CA GLU D 560 -59.27 23.45 -9.81
C GLU D 560 -58.95 22.08 -9.21
N LYS D 561 -58.41 21.17 -10.01
CA LYS D 561 -58.33 19.76 -9.64
C LYS D 561 -57.20 19.45 -8.68
N HIS D 562 -56.37 20.43 -8.32
CA HIS D 562 -55.35 20.19 -7.30
C HIS D 562 -55.21 21.36 -6.34
N GLY D 563 -56.02 22.40 -6.48
CA GLY D 563 -55.92 23.56 -5.62
C GLY D 563 -54.91 24.56 -6.14
N PRO D 564 -55.06 25.83 -5.72
CA PRO D 564 -54.15 26.87 -6.21
C PRO D 564 -52.74 26.76 -5.67
N ASP D 565 -52.54 26.10 -4.53
CA ASP D 565 -51.18 25.88 -4.01
C ASP D 565 -50.41 24.91 -4.89
N LYS D 566 -51.05 23.79 -5.25
CA LYS D 566 -50.45 22.85 -6.18
C LYS D 566 -50.43 23.41 -7.59
N ALA D 567 -51.25 24.42 -7.87
CA ALA D 567 -51.09 25.16 -9.12
C ALA D 567 -49.82 26.00 -9.11
N THR D 568 -49.50 26.60 -7.96
CA THR D 568 -48.27 27.39 -7.87
C THR D 568 -47.04 26.50 -7.92
N THR D 569 -47.09 25.33 -7.28
CA THR D 569 -45.98 24.40 -7.41
C THR D 569 -45.97 23.72 -8.77
N TYR D 570 -47.10 23.71 -9.47
CA TYR D 570 -47.13 23.18 -10.84
C TYR D 570 -46.51 24.16 -11.82
N ILE D 571 -46.71 25.46 -11.60
CA ILE D 571 -46.02 26.46 -12.40
C ILE D 571 -44.53 26.41 -12.11
N ASN D 572 -44.17 26.30 -10.84
CA ASN D 572 -42.78 26.24 -10.43
C ASN D 572 -42.23 24.82 -10.43
N SER D 573 -42.90 23.90 -11.13
CA SER D 573 -42.37 22.57 -11.34
C SER D 573 -41.09 22.63 -12.15
N VAL D 574 -40.19 21.69 -11.89
CA VAL D 574 -38.80 21.79 -12.30
C VAL D 574 -38.48 20.63 -13.22
N ASN D 575 -38.09 20.94 -14.45
CA ASN D 575 -37.66 19.91 -15.39
C ASN D 575 -36.22 19.49 -15.12
N GLU D 576 -35.66 18.72 -16.05
CA GLU D 576 -34.26 18.37 -15.95
C GLU D 576 -33.38 19.60 -16.17
N ASP D 577 -32.19 19.57 -15.55
CA ASP D 577 -31.26 20.70 -15.46
C ASP D 577 -31.91 21.93 -14.85
N GLY D 578 -32.81 21.74 -13.89
CA GLY D 578 -33.33 22.84 -13.09
C GLY D 578 -34.31 23.76 -13.78
N ALA D 579 -34.79 23.39 -14.97
CA ALA D 579 -35.61 24.27 -15.80
C ALA D 579 -37.05 24.28 -15.29
N THR D 580 -37.55 25.47 -15.01
CA THR D 580 -38.97 25.68 -14.73
C THR D 580 -39.65 26.21 -15.99
N ALA D 581 -40.95 26.49 -15.90
CA ALA D 581 -41.70 27.01 -17.04
C ALA D 581 -41.35 28.45 -17.34
N LEU D 582 -40.89 29.21 -16.33
CA LEU D 582 -40.41 30.57 -16.57
C LEU D 582 -39.16 30.57 -17.42
N HIS D 583 -38.37 29.50 -17.35
CA HIS D 583 -37.22 29.35 -18.24
C HIS D 583 -37.67 29.14 -19.67
N TYR D 584 -38.76 28.39 -19.86
CA TYR D 584 -39.27 28.18 -21.20
C TYR D 584 -40.14 29.33 -21.69
N THR D 585 -40.44 30.31 -20.86
CA THR D 585 -40.98 31.57 -21.37
C THR D 585 -39.97 32.27 -22.26
N CYS D 586 -38.76 32.45 -21.75
CA CYS D 586 -37.91 33.54 -22.20
C CYS D 586 -37.13 33.14 -23.45
N GLN D 587 -37.08 31.84 -23.74
CA GLN D 587 -36.18 31.37 -24.78
C GLN D 587 -36.74 31.60 -26.18
N ILE D 588 -38.01 32.02 -26.27
CA ILE D 588 -38.59 32.33 -27.58
C ILE D 588 -38.07 33.67 -28.04
N THR D 589 -38.14 33.91 -29.35
CA THR D 589 -37.57 35.11 -29.96
C THR D 589 -38.65 35.94 -30.61
N LYS D 590 -38.24 37.10 -31.14
CA LYS D 590 -39.19 37.98 -31.80
C LYS D 590 -39.43 37.59 -33.24
N GLU D 591 -38.69 36.59 -33.73
CA GLU D 591 -38.95 36.09 -35.07
C GLU D 591 -39.89 34.89 -35.02
N GLU D 592 -39.72 34.03 -34.03
CA GLU D 592 -40.56 32.84 -33.94
C GLU D 592 -41.74 33.06 -33.00
N VAL D 593 -42.19 34.30 -32.84
CA VAL D 593 -43.31 34.55 -31.94
C VAL D 593 -44.64 34.46 -32.69
N LYS D 594 -44.74 35.10 -33.86
CA LYS D 594 -45.76 35.00 -34.91
C LYS D 594 -47.19 35.31 -34.44
N ILE D 595 -47.39 35.69 -33.18
CA ILE D 595 -48.65 36.18 -32.62
C ILE D 595 -48.24 37.37 -31.76
N PRO D 596 -48.83 38.58 -31.97
CA PRO D 596 -48.23 39.82 -31.47
C PRO D 596 -48.05 39.95 -29.95
N GLU D 597 -49.12 39.81 -29.17
CA GLU D 597 -49.02 40.04 -27.74
C GLU D 597 -49.12 38.74 -26.96
N SER D 598 -48.60 37.65 -27.51
CA SER D 598 -48.75 36.34 -26.89
C SER D 598 -47.81 36.14 -25.71
N ASP D 599 -46.52 36.46 -25.87
CA ASP D 599 -45.53 36.15 -24.85
C ASP D 599 -45.76 36.98 -23.59
N LYS D 600 -46.21 38.22 -23.76
CA LYS D 600 -46.48 39.09 -22.63
C LYS D 600 -47.61 38.55 -21.77
N GLN D 601 -48.69 38.07 -22.40
CA GLN D 601 -49.80 37.57 -21.61
C GLN D 601 -49.54 36.15 -21.09
N ILE D 602 -48.64 35.41 -21.73
CA ILE D 602 -48.17 34.16 -21.12
C ILE D 602 -47.42 34.46 -19.82
N VAL D 603 -46.54 35.46 -19.86
CA VAL D 603 -45.82 35.87 -18.65
C VAL D 603 -46.77 36.44 -17.61
N ARG D 604 -47.85 37.10 -18.04
CA ARG D 604 -48.87 37.55 -17.09
C ARG D 604 -49.60 36.37 -16.46
N MET D 605 -49.90 35.33 -17.24
CA MET D 605 -50.60 34.17 -16.69
C MET D 605 -49.69 33.35 -15.77
N LEU D 606 -48.38 33.44 -15.95
CA LEU D 606 -47.49 32.66 -15.11
C LEU D 606 -47.09 33.42 -13.85
N LEU D 607 -46.83 34.73 -13.98
CA LEU D 607 -46.50 35.51 -12.79
C LEU D 607 -47.72 35.76 -11.94
N GLU D 608 -48.87 36.00 -12.58
CA GLU D 608 -50.08 36.34 -11.84
C GLU D 608 -50.63 35.16 -11.06
N ASN D 609 -50.37 33.93 -11.51
CA ASN D 609 -50.87 32.74 -10.85
C ASN D 609 -49.84 32.11 -9.92
N GLY D 610 -48.85 32.88 -9.49
CA GLY D 610 -47.83 32.36 -8.60
C GLY D 610 -46.60 31.91 -9.37
N ALA D 611 -45.43 32.36 -8.92
CA ALA D 611 -44.19 32.04 -9.60
C ALA D 611 -43.05 32.06 -8.59
N ASP D 612 -41.91 31.51 -9.01
CA ASP D 612 -40.68 31.49 -8.23
C ASP D 612 -39.58 32.27 -8.92
N VAL D 613 -39.89 33.53 -9.29
CA VAL D 613 -39.32 34.36 -10.37
C VAL D 613 -37.81 34.23 -10.55
N THR D 614 -37.07 34.09 -9.45
CA THR D 614 -35.67 33.72 -9.58
C THR D 614 -35.52 32.29 -10.13
N LEU D 615 -35.81 31.30 -9.27
CA LEU D 615 -35.61 29.87 -9.50
C LEU D 615 -34.28 29.58 -10.19
N GLN D 616 -33.19 29.84 -9.48
CA GLN D 616 -31.83 29.45 -9.85
C GLN D 616 -31.74 28.01 -10.32
N THR D 617 -31.28 27.79 -11.56
CA THR D 617 -31.33 26.46 -12.18
C THR D 617 -30.28 25.55 -11.57
N LYS D 618 -30.33 24.26 -11.91
CA LYS D 618 -29.49 23.27 -11.24
C LYS D 618 -28.06 23.34 -11.74
N THR D 619 -27.85 23.07 -13.02
CA THR D 619 -26.50 22.92 -13.57
C THR D 619 -25.82 24.26 -13.85
N ALA D 620 -26.41 25.08 -14.73
CA ALA D 620 -25.73 26.24 -15.27
C ALA D 620 -25.98 27.51 -14.46
N LEU D 621 -26.61 27.39 -13.29
CA LEU D 621 -26.71 28.37 -12.20
C LEU D 621 -27.60 29.57 -12.57
N GLU D 622 -28.00 29.72 -13.82
CA GLU D 622 -28.64 30.93 -14.33
C GLU D 622 -30.14 30.89 -14.07
N THR D 623 -30.71 32.03 -13.73
CA THR D 623 -32.15 32.12 -13.58
C THR D 623 -32.82 32.31 -14.94
N ALA D 624 -34.16 32.38 -14.93
CA ALA D 624 -34.90 32.51 -16.18
C ALA D 624 -34.77 33.91 -16.74
N PHE D 625 -34.33 34.85 -15.91
CA PHE D 625 -34.09 36.22 -16.33
C PHE D 625 -32.96 36.28 -17.35
N HIS D 626 -31.90 35.48 -17.12
CA HIS D 626 -30.75 35.40 -18.03
C HIS D 626 -31.14 34.98 -19.44
N TYR D 627 -32.16 34.11 -19.55
CA TYR D 627 -32.58 33.64 -20.85
C TYR D 627 -33.24 34.74 -21.66
N CYS D 628 -33.80 35.75 -20.99
CA CYS D 628 -34.31 36.95 -21.66
C CYS D 628 -33.21 37.59 -22.50
N ALA D 629 -32.07 37.84 -21.87
CA ALA D 629 -30.90 38.40 -22.54
C ALA D 629 -30.31 37.45 -23.57
N VAL D 630 -30.64 36.16 -23.47
CA VAL D 630 -30.24 35.23 -24.51
C VAL D 630 -31.00 35.50 -25.79
N ALA D 631 -32.31 35.74 -25.68
CA ALA D 631 -33.17 35.63 -26.84
C ALA D 631 -33.40 36.94 -27.58
N GLY D 632 -33.96 37.93 -26.90
CA GLY D 632 -34.38 39.15 -27.58
C GLY D 632 -35.87 39.39 -27.60
N ASN D 633 -36.68 38.44 -27.11
CA ASN D 633 -38.09 38.71 -26.83
C ASN D 633 -38.28 39.56 -25.60
N ASN D 634 -37.20 39.82 -24.86
CA ASN D 634 -37.09 40.81 -23.81
C ASN D 634 -37.11 42.26 -24.32
N ASP D 635 -37.37 42.49 -25.61
CA ASP D 635 -37.97 43.75 -25.99
C ASP D 635 -39.32 43.93 -25.31
N VAL D 636 -40.03 42.83 -25.07
CA VAL D 636 -41.32 42.84 -24.37
C VAL D 636 -41.18 42.21 -22.98
N LEU D 637 -40.50 41.07 -22.92
CA LEU D 637 -40.56 40.23 -21.72
C LEU D 637 -39.76 40.81 -20.56
N MET D 638 -38.76 41.64 -20.87
CA MET D 638 -38.01 42.31 -19.81
C MET D 638 -38.88 43.31 -19.07
N GLU D 639 -39.76 43.98 -19.80
CA GLU D 639 -40.76 44.84 -19.17
C GLU D 639 -41.71 44.00 -18.31
N MET D 640 -42.27 42.94 -18.89
CA MET D 640 -43.34 42.18 -18.25
C MET D 640 -42.87 41.47 -16.99
N ILE D 641 -41.66 40.92 -17.01
CA ILE D 641 -41.08 40.39 -15.77
C ILE D 641 -40.66 41.54 -14.87
N SER D 642 -40.28 42.67 -15.47
CA SER D 642 -39.76 43.78 -14.68
C SER D 642 -40.87 44.68 -14.14
N HIS D 643 -42.13 44.24 -14.22
CA HIS D 643 -43.19 45.04 -13.59
C HIS D 643 -43.48 44.57 -12.17
N MET D 644 -43.50 43.26 -11.94
CA MET D 644 -44.14 42.74 -10.74
C MET D 644 -43.14 42.49 -9.62
N ASN D 645 -42.06 43.29 -9.57
CA ASN D 645 -41.12 43.25 -8.46
C ASN D 645 -40.73 44.69 -8.11
N PRO D 646 -40.83 45.10 -6.84
CA PRO D 646 -40.58 46.51 -6.50
C PRO D 646 -39.11 46.93 -6.52
N THR D 647 -38.23 46.16 -5.88
CA THR D 647 -36.82 46.54 -5.80
C THR D 647 -35.92 45.34 -6.06
N ASP D 648 -36.47 44.13 -5.85
CA ASP D 648 -35.67 42.91 -5.95
C ASP D 648 -35.34 42.56 -7.40
N ILE D 649 -35.87 43.34 -8.36
CA ILE D 649 -35.34 43.43 -9.71
C ILE D 649 -33.81 43.56 -9.69
N GLN D 650 -33.30 44.48 -8.86
CA GLN D 650 -31.86 44.61 -8.71
C GLN D 650 -31.25 43.36 -8.10
N LYS D 651 -31.97 42.71 -7.18
CA LYS D 651 -31.53 41.44 -6.64
C LYS D 651 -31.56 40.35 -7.71
N ALA D 652 -32.42 40.51 -8.72
CA ALA D 652 -32.37 39.63 -9.87
C ALA D 652 -31.22 40.01 -10.79
N MET D 653 -30.91 41.31 -10.89
CA MET D 653 -29.94 41.76 -11.89
C MET D 653 -28.51 41.70 -11.37
N ASN D 654 -28.33 41.49 -10.07
CA ASN D 654 -26.98 41.53 -9.52
C ASN D 654 -26.43 40.13 -9.33
N ARG D 655 -27.18 39.11 -9.74
CA ARG D 655 -26.71 37.74 -9.57
C ARG D 655 -25.93 37.30 -10.80
N GLN D 656 -25.04 36.33 -10.60
CA GLN D 656 -24.18 35.88 -11.69
C GLN D 656 -24.46 34.43 -12.05
N SER D 657 -24.12 34.07 -13.28
CA SER D 657 -24.31 32.73 -13.80
C SER D 657 -23.21 31.81 -13.30
N SER D 658 -23.19 30.60 -13.85
CA SER D 658 -22.12 29.64 -13.55
C SER D 658 -20.82 30.13 -14.15
N VAL D 659 -20.94 30.72 -15.35
CA VAL D 659 -19.83 31.46 -15.94
C VAL D 659 -19.51 32.68 -15.09
N GLY D 660 -20.55 33.34 -14.57
CA GLY D 660 -20.37 34.56 -13.81
C GLY D 660 -21.07 35.71 -14.50
N TRP D 661 -22.03 35.37 -15.35
CA TRP D 661 -22.66 36.37 -16.20
C TRP D 661 -23.95 36.91 -15.60
N THR D 662 -24.12 38.22 -15.70
CA THR D 662 -25.37 38.91 -15.45
C THR D 662 -26.07 39.06 -16.79
N PRO D 663 -27.38 39.35 -16.85
CA PRO D 663 -28.00 39.60 -18.16
C PRO D 663 -27.49 40.83 -18.91
N LEU D 664 -26.80 41.75 -18.24
CA LEU D 664 -26.02 42.74 -18.98
C LEU D 664 -24.92 42.09 -19.79
N LEU D 665 -24.27 41.06 -19.23
CA LEU D 665 -23.18 40.43 -19.93
C LEU D 665 -23.68 39.59 -21.10
N ILE D 666 -24.88 39.03 -20.98
CA ILE D 666 -25.43 38.20 -22.06
C ILE D 666 -26.03 39.09 -23.15
N ALA D 667 -26.79 40.12 -22.75
CA ALA D 667 -27.41 41.01 -23.72
C ALA D 667 -26.35 41.86 -24.43
N CYS D 668 -25.38 42.35 -23.68
CA CYS D 668 -24.26 43.05 -24.32
C CYS D 668 -23.34 42.08 -25.06
N HIS D 669 -23.38 40.80 -24.68
CA HIS D 669 -22.66 39.79 -25.46
C HIS D 669 -23.34 39.50 -26.79
N ARG D 670 -24.66 39.66 -26.88
CA ARG D 670 -25.37 39.41 -28.13
C ARG D 670 -25.62 40.66 -28.95
N GLY D 671 -25.91 41.79 -28.31
CA GLY D 671 -26.10 43.02 -29.04
C GLY D 671 -27.55 43.42 -29.21
N HIS D 672 -28.42 42.97 -28.30
CA HIS D 672 -29.82 43.38 -28.30
C HIS D 672 -29.86 44.78 -27.71
N MET D 673 -29.79 45.79 -28.60
CA MET D 673 -29.49 47.16 -28.19
C MET D 673 -30.61 47.77 -27.36
N GLU D 674 -31.86 47.60 -27.80
CA GLU D 674 -32.99 48.12 -27.05
C GLU D 674 -33.15 47.41 -25.71
N LEU D 675 -32.72 46.15 -25.63
CA LEU D 675 -32.71 45.45 -24.36
C LEU D 675 -31.65 46.02 -23.42
N VAL D 676 -30.50 46.43 -23.97
CA VAL D 676 -29.48 47.07 -23.14
C VAL D 676 -29.99 48.43 -22.65
N ASN D 677 -30.74 49.14 -23.50
CA ASN D 677 -31.41 50.35 -23.06
C ASN D 677 -32.48 50.07 -22.01
N ASN D 678 -33.10 48.88 -22.06
CA ASN D 678 -34.06 48.50 -21.02
C ASN D 678 -33.39 48.17 -19.70
N LEU D 679 -32.25 47.48 -19.72
CA LEU D 679 -31.56 47.07 -18.51
C LEU D 679 -30.86 48.24 -17.84
N LEU D 680 -30.32 49.17 -18.62
CA LEU D 680 -29.65 50.31 -18.00
C LEU D 680 -30.64 51.34 -17.51
N ALA D 681 -31.82 51.42 -18.12
CA ALA D 681 -32.91 52.20 -17.53
C ALA D 681 -33.42 51.53 -16.27
N ASN D 682 -33.24 50.20 -16.16
CA ASN D 682 -33.59 49.50 -14.94
C ASN D 682 -32.35 49.35 -14.04
N HIS D 683 -31.35 50.20 -14.26
CA HIS D 683 -30.23 50.51 -13.36
C HIS D 683 -29.47 49.28 -12.85
N ALA D 684 -29.17 48.35 -13.73
CA ALA D 684 -28.28 47.26 -13.36
C ALA D 684 -26.83 47.74 -13.33
N ARG D 685 -26.05 47.13 -12.44
CA ARG D 685 -24.68 47.54 -12.19
C ARG D 685 -23.77 47.10 -13.33
N VAL D 686 -23.05 48.06 -13.90
CA VAL D 686 -22.16 47.78 -15.04
C VAL D 686 -20.84 47.17 -14.58
N ASP D 687 -20.54 47.24 -13.29
CA ASP D 687 -19.26 46.79 -12.75
C ASP D 687 -19.27 45.31 -12.38
N VAL D 688 -20.10 44.51 -13.02
CA VAL D 688 -20.07 43.06 -12.83
C VAL D 688 -18.86 42.49 -13.57
N PHE D 689 -18.39 41.33 -13.12
CA PHE D 689 -17.26 40.68 -13.74
C PHE D 689 -17.50 39.18 -13.80
N ASP D 690 -17.05 38.55 -14.88
CA ASP D 690 -17.21 37.12 -15.07
C ASP D 690 -16.06 36.38 -14.40
N THR D 691 -15.94 35.08 -14.68
CA THR D 691 -14.80 34.32 -14.18
C THR D 691 -13.52 34.71 -14.91
N GLU D 692 -13.64 35.23 -16.13
CA GLU D 692 -12.48 35.70 -16.88
C GLU D 692 -12.18 37.17 -16.63
N GLY D 693 -12.76 37.77 -15.59
CA GLY D 693 -12.50 39.15 -15.24
C GLY D 693 -12.96 40.15 -16.28
N ARG D 694 -14.05 39.86 -16.97
CA ARG D 694 -14.46 40.68 -18.10
C ARG D 694 -15.72 41.47 -17.77
N SER D 695 -15.82 42.65 -18.37
CA SER D 695 -16.99 43.49 -18.23
C SER D 695 -17.77 43.46 -19.55
N ALA D 696 -18.86 44.23 -19.58
CA ALA D 696 -19.71 44.24 -20.76
C ALA D 696 -19.05 44.98 -21.92
N LEU D 697 -18.13 45.90 -21.61
CA LEU D 697 -17.32 46.52 -22.65
C LEU D 697 -16.40 45.51 -23.32
N HIS D 698 -15.95 44.49 -22.58
CA HIS D 698 -15.08 43.50 -23.19
C HIS D 698 -15.87 42.50 -24.03
N LEU D 699 -17.12 42.23 -23.66
CA LEU D 699 -17.93 41.33 -24.45
C LEU D 699 -18.46 42.01 -25.70
N ALA D 700 -19.05 43.20 -25.53
CA ALA D 700 -19.56 43.95 -26.67
C ALA D 700 -18.44 44.45 -27.56
N ALA D 701 -17.28 44.76 -26.97
CA ALA D 701 -16.12 45.10 -27.78
C ALA D 701 -15.53 43.85 -28.44
N GLU D 702 -15.73 42.68 -27.83
CA GLU D 702 -15.25 41.45 -28.44
C GLU D 702 -16.09 41.07 -29.66
N ARG D 703 -17.40 41.28 -29.59
CA ARG D 703 -18.26 41.04 -30.73
C ARG D 703 -18.47 42.25 -31.61
N GLY D 704 -18.00 43.42 -31.18
CA GLY D 704 -18.03 44.61 -32.02
C GLY D 704 -19.39 45.21 -32.28
N TYR D 705 -20.01 45.77 -31.25
CA TYR D 705 -21.27 46.50 -31.40
C TYR D 705 -21.08 47.94 -30.95
N LEU D 706 -21.45 48.88 -31.80
CA LEU D 706 -21.21 50.29 -31.52
C LEU D 706 -22.16 50.82 -30.44
N HIS D 707 -23.46 50.73 -30.68
CA HIS D 707 -24.43 51.39 -29.82
C HIS D 707 -24.63 50.65 -28.50
N VAL D 708 -24.18 49.41 -28.40
CA VAL D 708 -24.17 48.72 -27.11
C VAL D 708 -23.11 49.33 -26.20
N CYS D 709 -21.91 49.56 -26.76
CA CYS D 709 -20.85 50.21 -25.99
C CYS D 709 -21.19 51.67 -25.73
N ASP D 710 -21.86 52.32 -26.67
CA ASP D 710 -22.34 53.69 -26.46
C ASP D 710 -23.36 53.73 -25.33
N ALA D 711 -24.26 52.74 -25.29
CA ALA D 711 -25.24 52.66 -24.21
C ALA D 711 -24.57 52.38 -22.86
N LEU D 712 -23.49 51.60 -22.88
CA LEU D 712 -22.73 51.36 -21.64
C LEU D 712 -22.07 52.64 -21.15
N LEU D 713 -21.40 53.36 -22.04
CA LEU D 713 -20.69 54.56 -21.65
C LEU D 713 -21.60 55.73 -21.32
N THR D 714 -22.85 55.73 -21.80
CA THR D 714 -23.83 56.65 -21.23
C THR D 714 -24.21 56.27 -19.81
N ASN D 715 -24.15 54.98 -19.46
CA ASN D 715 -24.48 54.50 -18.14
C ASN D 715 -23.26 54.43 -17.21
N LYS D 716 -22.25 55.29 -17.46
CA LYS D 716 -21.05 55.43 -16.64
C LYS D 716 -20.24 54.13 -16.56
N ALA D 717 -20.07 53.47 -17.70
CA ALA D 717 -19.16 52.35 -17.76
C ALA D 717 -17.72 52.85 -17.71
N PHE D 718 -16.82 51.96 -17.32
CA PHE D 718 -15.41 52.29 -17.14
C PHE D 718 -14.61 51.70 -18.30
N ILE D 719 -14.19 52.56 -19.23
CA ILE D 719 -13.19 52.13 -20.20
C ILE D 719 -11.83 52.01 -19.50
N ASN D 720 -10.90 51.36 -20.20
CA ASN D 720 -9.61 50.93 -19.66
C ASN D 720 -9.78 50.03 -18.43
N SER D 721 -10.81 49.19 -18.43
CA SER D 721 -10.83 48.07 -17.50
C SER D 721 -10.06 46.90 -18.11
N LYS D 722 -9.66 45.95 -17.28
CA LYS D 722 -8.77 44.90 -17.75
C LYS D 722 -9.28 43.53 -17.33
N SER D 723 -8.91 42.52 -18.10
CA SER D 723 -9.30 41.15 -17.84
C SER D 723 -8.21 40.44 -17.05
N ARG D 724 -8.30 39.11 -16.97
CA ARG D 724 -7.25 38.31 -16.36
C ARG D 724 -5.95 38.39 -17.16
N VAL D 725 -6.08 38.55 -18.48
CA VAL D 725 -4.92 38.81 -19.34
C VAL D 725 -4.58 40.29 -19.35
N GLY D 726 -5.40 41.12 -18.70
CA GLY D 726 -5.18 42.55 -18.72
C GLY D 726 -5.64 43.22 -19.99
N ARG D 727 -6.46 42.56 -20.79
CA ARG D 727 -6.91 43.11 -22.06
C ARG D 727 -7.92 44.21 -21.83
N THR D 728 -7.73 45.34 -22.49
CA THR D 728 -8.75 46.38 -22.47
C THR D 728 -9.76 46.14 -23.59
N ALA D 729 -10.75 47.02 -23.67
CA ALA D 729 -11.72 46.95 -24.76
C ALA D 729 -11.07 47.31 -26.09
N LEU D 730 -10.09 48.21 -26.07
CA LEU D 730 -9.34 48.54 -27.27
C LEU D 730 -8.51 47.35 -27.73
N HIS D 731 -8.05 46.53 -26.80
CA HIS D 731 -7.32 45.32 -27.17
C HIS D 731 -8.20 44.34 -27.91
N LEU D 732 -9.46 44.20 -27.48
CA LEU D 732 -10.33 43.23 -28.13
C LEU D 732 -10.87 43.76 -29.44
N ALA D 733 -11.17 45.06 -29.50
CA ALA D 733 -11.63 45.67 -30.75
C ALA D 733 -10.52 45.69 -31.78
N ALA D 734 -9.29 45.91 -31.33
CA ALA D 734 -8.15 45.77 -32.23
C ALA D 734 -7.85 44.33 -32.57
N MET D 735 -8.24 43.39 -31.70
CA MET D 735 -8.04 41.97 -32.00
C MET D 735 -9.03 41.48 -33.04
N ASN D 736 -10.25 42.00 -33.03
CA ASN D 736 -11.34 41.39 -33.79
C ASN D 736 -11.85 42.26 -34.93
N GLY D 737 -11.16 43.36 -35.25
CA GLY D 737 -11.46 44.10 -36.47
C GLY D 737 -12.72 44.92 -36.46
N PHE D 738 -12.77 45.96 -35.62
CA PHE D 738 -13.93 46.86 -35.61
C PHE D 738 -13.37 48.27 -35.55
N THR D 739 -13.15 48.86 -36.74
CA THR D 739 -12.48 50.15 -36.83
C THR D 739 -13.36 51.28 -36.31
N HIS D 740 -14.68 51.15 -36.48
CA HIS D 740 -15.59 52.16 -35.95
C HIS D 740 -15.64 52.13 -34.44
N LEU D 741 -15.39 50.96 -33.85
CA LEU D 741 -15.37 50.85 -32.40
C LEU D 741 -14.06 51.40 -31.85
N VAL D 742 -12.97 51.26 -32.62
CA VAL D 742 -11.69 51.82 -32.21
C VAL D 742 -11.71 53.35 -32.28
N LYS D 743 -12.25 53.89 -33.39
CA LYS D 743 -12.46 55.33 -33.49
C LYS D 743 -13.44 55.83 -32.44
N PHE D 744 -14.40 54.99 -32.08
CA PHE D 744 -15.39 55.38 -31.08
C PHE D 744 -14.76 55.45 -29.69
N LEU D 745 -13.88 54.50 -29.37
CA LEU D 745 -13.23 54.51 -28.07
C LEU D 745 -12.20 55.63 -27.97
N ILE D 746 -11.23 55.63 -28.90
CA ILE D 746 -10.11 56.56 -28.81
C ILE D 746 -10.56 57.98 -29.11
N LYS D 747 -11.35 58.15 -30.17
CA LYS D 747 -11.84 59.47 -30.52
C LYS D 747 -12.98 59.89 -29.63
N ASP D 748 -14.01 59.05 -29.49
CA ASP D 748 -15.23 59.48 -28.83
C ASP D 748 -15.10 59.46 -27.31
N HIS D 749 -14.18 58.67 -26.76
CA HIS D 749 -14.14 58.52 -25.31
C HIS D 749 -12.74 58.56 -24.72
N ASN D 750 -11.73 58.94 -25.50
CA ASN D 750 -10.36 59.23 -25.04
C ASN D 750 -9.71 58.04 -24.35
N ALA D 751 -9.92 56.84 -24.88
CA ALA D 751 -9.25 55.67 -24.37
C ALA D 751 -7.76 55.73 -24.71
N VAL D 752 -6.95 55.24 -23.78
CA VAL D 752 -5.49 55.27 -23.89
C VAL D 752 -5.08 54.28 -24.97
N ILE D 753 -4.12 54.67 -25.80
CA ILE D 753 -3.75 53.90 -26.96
C ILE D 753 -2.76 52.80 -26.58
N ASP D 754 -1.78 53.14 -25.75
CA ASP D 754 -0.62 52.29 -25.48
C ASP D 754 -0.81 51.42 -24.24
N ILE D 755 -2.03 50.94 -24.01
CA ILE D 755 -2.31 50.10 -22.85
C ILE D 755 -1.61 48.75 -23.00
N LEU D 756 -0.86 48.37 -21.97
CA LEU D 756 -0.15 47.10 -21.96
C LEU D 756 -1.02 46.02 -21.32
N THR D 757 -0.85 44.79 -21.78
CA THR D 757 -1.52 43.65 -21.18
C THR D 757 -0.73 43.14 -19.98
N LEU D 758 -1.11 41.96 -19.49
CA LEU D 758 -0.27 41.27 -18.52
C LEU D 758 0.99 40.75 -19.19
N ARG D 759 0.92 40.48 -20.49
CA ARG D 759 2.10 40.18 -21.29
C ARG D 759 2.72 41.42 -21.90
N LYS D 760 2.32 42.61 -21.42
CA LYS D 760 2.87 43.92 -21.77
C LYS D 760 2.76 44.18 -23.27
N GLN D 761 1.51 44.15 -23.74
CA GLN D 761 1.25 44.23 -25.17
C GLN D 761 0.33 45.41 -25.47
N THR D 762 0.81 46.33 -26.30
CA THR D 762 -0.03 47.36 -26.88
C THR D 762 -0.93 46.73 -27.94
N PRO D 763 -2.10 47.32 -28.21
CA PRO D 763 -3.00 46.72 -29.21
C PRO D 763 -2.57 46.90 -30.64
N LEU D 764 -1.42 47.53 -30.93
CA LEU D 764 -0.95 47.56 -32.31
C LEU D 764 -0.36 46.22 -32.72
N HIS D 765 0.38 45.56 -31.83
CA HIS D 765 0.89 44.23 -32.15
C HIS D 765 0.06 43.11 -31.54
N LEU D 766 -0.82 43.42 -30.60
CA LEU D 766 -1.90 42.48 -30.33
C LEU D 766 -2.93 42.53 -31.45
N ALA D 767 -3.02 43.66 -32.14
CA ALA D 767 -3.79 43.73 -33.38
C ALA D 767 -3.06 43.04 -34.51
N ALA D 768 -1.73 43.16 -34.55
CA ALA D 768 -0.96 42.47 -35.57
C ALA D 768 -0.81 40.99 -35.26
N ALA D 769 -1.17 40.58 -34.05
CA ALA D 769 -1.21 39.16 -33.71
C ALA D 769 -2.29 38.45 -34.51
N SER D 770 -3.50 39.00 -34.54
CA SER D 770 -4.55 38.44 -35.38
C SER D 770 -4.38 38.91 -36.83
N GLY D 771 -3.52 39.89 -37.06
CA GLY D 771 -3.20 40.34 -38.40
C GLY D 771 -4.27 41.10 -39.12
N GLN D 772 -4.79 42.17 -38.51
CA GLN D 772 -5.83 42.95 -39.14
C GLN D 772 -5.27 44.27 -39.65
N MET D 773 -5.18 44.38 -40.98
CA MET D 773 -4.39 45.41 -41.65
C MET D 773 -4.97 46.81 -41.47
N GLU D 774 -6.27 46.98 -41.75
CA GLU D 774 -6.87 48.31 -41.68
C GLU D 774 -6.99 48.81 -40.24
N VAL D 775 -7.08 47.89 -39.29
CA VAL D 775 -7.10 48.25 -37.87
C VAL D 775 -5.74 48.83 -37.48
N CYS D 776 -4.67 48.20 -37.94
CA CYS D 776 -3.32 48.72 -37.69
C CYS D 776 -3.07 50.01 -38.46
N GLN D 777 -3.70 50.16 -39.63
CA GLN D 777 -3.71 51.44 -40.32
C GLN D 777 -4.38 52.52 -39.49
N LEU D 778 -5.43 52.16 -38.76
CA LEU D 778 -6.13 53.12 -37.93
C LEU D 778 -5.33 53.47 -36.68
N LEU D 779 -4.65 52.46 -36.09
CA LEU D 779 -3.86 52.71 -34.90
C LEU D 779 -2.61 53.51 -35.21
N LEU D 780 -2.00 53.26 -36.37
CA LEU D 780 -0.90 54.11 -36.80
C LEU D 780 -1.38 55.48 -37.28
N GLU D 781 -2.63 55.57 -37.77
CA GLU D 781 -3.21 56.87 -38.07
C GLU D 781 -3.46 57.67 -36.81
N LEU D 782 -3.71 56.99 -35.69
CA LEU D 782 -3.82 57.65 -34.39
C LEU D 782 -2.49 57.71 -33.64
N GLY D 783 -1.54 56.84 -33.98
CA GLY D 783 -0.18 56.97 -33.47
C GLY D 783 0.04 56.37 -32.10
N ALA D 784 1.10 55.58 -31.98
CA ALA D 784 1.50 54.98 -30.71
C ALA D 784 2.96 54.60 -30.79
N ASN D 785 3.51 54.17 -29.66
CA ASN D 785 4.88 53.65 -29.62
C ASN D 785 4.94 52.33 -30.37
N ILE D 786 5.54 52.34 -31.56
CA ILE D 786 5.54 51.16 -32.42
C ILE D 786 6.42 50.06 -31.82
N ASP D 787 7.70 50.37 -31.62
CA ASP D 787 8.70 49.38 -31.23
C ASP D 787 8.69 49.07 -29.74
N ALA D 788 7.61 49.38 -29.02
CA ALA D 788 7.44 49.02 -27.61
C ALA D 788 7.47 47.51 -27.43
N THR D 789 8.48 47.01 -26.73
CA THR D 789 8.72 45.58 -26.63
C THR D 789 7.70 44.93 -25.70
N ASP D 790 7.38 43.67 -25.99
CA ASP D 790 6.43 42.89 -25.19
C ASP D 790 7.19 42.15 -24.09
N ASP D 791 6.52 41.16 -23.48
CA ASP D 791 7.13 40.38 -22.40
C ASP D 791 8.30 39.54 -22.89
N LEU D 792 8.26 39.12 -24.15
CA LEU D 792 9.39 38.45 -24.78
C LEU D 792 10.30 39.42 -25.50
N GLY D 793 10.17 40.71 -25.21
CA GLY D 793 10.95 41.72 -25.92
C GLY D 793 10.53 41.89 -27.36
N GLN D 794 9.23 41.83 -27.64
CA GLN D 794 8.74 41.70 -29.00
C GLN D 794 8.39 43.08 -29.57
N LYS D 795 9.20 43.55 -30.50
CA LYS D 795 8.81 44.61 -31.42
C LYS D 795 7.71 44.05 -32.34
N PRO D 796 6.83 44.91 -32.90
CA PRO D 796 5.56 44.39 -33.44
C PRO D 796 5.67 43.46 -34.63
N ILE D 797 6.72 43.60 -35.43
CA ILE D 797 6.84 42.77 -36.62
C ILE D 797 7.28 41.35 -36.25
N HIS D 798 7.80 41.17 -35.04
CA HIS D 798 8.05 39.83 -34.53
C HIS D 798 6.75 39.08 -34.32
N VAL D 799 5.77 39.74 -33.69
CA VAL D 799 4.47 39.12 -33.46
C VAL D 799 3.71 38.99 -34.78
N ALA D 800 3.94 39.93 -35.71
CA ALA D 800 3.39 39.78 -37.05
C ALA D 800 4.02 38.60 -37.79
N ALA D 801 5.26 38.26 -37.47
CA ALA D 801 5.94 37.17 -38.14
C ALA D 801 5.69 35.82 -37.50
N GLN D 802 5.31 35.80 -36.21
CA GLN D 802 4.95 34.53 -35.58
C GLN D 802 3.67 33.95 -36.16
N ASN D 803 2.72 34.81 -36.49
CA ASN D 803 1.47 34.39 -37.11
C ASN D 803 1.46 34.69 -38.61
N ASN D 804 2.64 34.96 -39.18
CA ASN D 804 3.01 35.14 -40.59
C ASN D 804 1.99 35.85 -41.48
N TYR D 805 1.49 36.99 -41.01
CA TYR D 805 0.65 37.86 -41.82
C TYR D 805 1.54 38.78 -42.63
N SER D 806 1.59 38.56 -43.94
CA SER D 806 2.54 39.27 -44.79
C SER D 806 2.12 40.71 -45.03
N GLU D 807 0.81 40.96 -45.18
CA GLU D 807 0.35 42.30 -45.51
C GLU D 807 0.49 43.25 -44.34
N VAL D 808 0.46 42.71 -43.11
CA VAL D 808 0.65 43.55 -41.93
C VAL D 808 2.10 43.99 -41.82
N ALA D 809 3.03 43.08 -42.14
CA ALA D 809 4.43 43.46 -42.25
C ALA D 809 4.66 44.41 -43.41
N LYS D 810 3.85 44.28 -44.47
CA LYS D 810 3.87 45.25 -45.55
C LYS D 810 3.31 46.59 -45.12
N LEU D 811 2.50 46.62 -44.07
CA LEU D 811 2.06 47.90 -43.53
C LEU D 811 3.13 48.54 -42.66
N PHE D 812 3.68 47.78 -41.71
CA PHE D 812 4.73 48.32 -40.84
C PHE D 812 6.01 48.63 -41.58
N LEU D 813 6.23 48.02 -42.74
CA LEU D 813 7.45 48.23 -43.49
C LEU D 813 7.27 49.09 -44.73
N GLN D 814 6.10 49.02 -45.39
CA GLN D 814 5.86 49.86 -46.55
C GLN D 814 5.66 51.32 -46.14
N GLN D 815 4.97 51.56 -45.03
CA GLN D 815 4.92 52.91 -44.46
C GLN D 815 6.27 53.33 -43.90
N HIS D 816 7.00 52.36 -43.35
CA HIS D 816 8.34 52.54 -42.79
C HIS D 816 8.46 53.68 -41.76
N PRO D 817 7.82 53.57 -40.58
CA PRO D 817 7.92 54.67 -39.63
C PRO D 817 9.05 54.52 -38.62
N SER D 818 9.64 53.33 -38.49
CA SER D 818 10.56 53.06 -37.41
C SER D 818 11.84 52.36 -37.84
N LEU D 819 11.97 52.01 -39.13
CA LEU D 819 13.14 51.35 -39.71
C LEU D 819 13.45 50.04 -39.00
N VAL D 820 12.42 49.20 -38.84
CA VAL D 820 12.51 48.00 -38.01
C VAL D 820 12.83 46.76 -38.80
N ASN D 821 13.40 46.89 -40.00
CA ASN D 821 13.91 45.72 -40.71
C ASN D 821 15.04 45.07 -39.94
N ALA D 822 15.91 45.87 -39.34
CA ALA D 822 16.97 45.36 -38.46
C ALA D 822 16.51 45.45 -37.02
N THR D 823 15.37 44.80 -36.74
CA THR D 823 14.82 44.78 -35.40
C THR D 823 15.64 43.86 -34.49
N SER D 824 15.42 44.01 -33.19
CA SER D 824 16.07 43.18 -32.18
C SER D 824 15.06 42.82 -31.11
N LYS D 825 15.02 41.54 -30.74
CA LYS D 825 14.21 41.08 -29.64
C LYS D 825 15.12 40.47 -28.59
N ASP D 826 14.50 39.88 -27.58
CA ASP D 826 15.28 39.15 -26.58
C ASP D 826 15.88 37.88 -27.17
N GLY D 827 15.16 37.23 -28.08
CA GLY D 827 15.70 36.05 -28.72
C GLY D 827 16.50 36.36 -29.98
N ASN D 828 15.87 37.02 -30.95
CA ASN D 828 16.45 37.17 -32.28
C ASN D 828 15.85 38.33 -33.05
N THR D 829 16.05 38.36 -34.36
CA THR D 829 15.42 39.38 -35.19
C THR D 829 14.13 38.84 -35.78
N CYS D 830 13.50 39.66 -36.63
CA CYS D 830 12.24 39.26 -37.23
C CYS D 830 12.43 38.19 -38.29
N ALA D 831 13.54 38.25 -39.02
CA ALA D 831 13.80 37.29 -40.09
C ALA D 831 14.06 35.90 -39.55
N HIS D 832 14.55 35.81 -38.32
CA HIS D 832 14.74 34.51 -37.69
C HIS D 832 13.40 33.86 -37.38
N ILE D 833 12.43 34.65 -36.90
CA ILE D 833 11.09 34.15 -36.68
C ILE D 833 10.44 33.78 -38.01
N ALA D 834 10.75 34.56 -39.06
CA ALA D 834 10.31 34.22 -40.41
C ALA D 834 10.91 32.90 -40.88
N ALA D 835 12.11 32.57 -40.40
CA ALA D 835 12.69 31.26 -40.70
C ALA D 835 12.05 30.18 -39.85
N MET D 836 11.62 30.52 -38.64
CA MET D 836 11.02 29.53 -37.75
C MET D 836 9.65 29.10 -38.23
N GLN D 837 8.87 30.03 -38.77
CA GLN D 837 7.48 29.71 -39.08
C GLN D 837 7.34 29.04 -40.44
N GLY D 838 8.23 29.31 -41.38
CA GLY D 838 7.98 28.91 -42.75
C GLY D 838 7.04 29.90 -43.41
N SER D 839 7.54 31.13 -43.56
CA SER D 839 6.72 32.29 -43.90
C SER D 839 7.18 32.90 -45.22
N VAL D 840 7.22 32.06 -46.27
CA VAL D 840 7.83 32.40 -47.55
C VAL D 840 7.21 33.66 -48.17
N LYS D 841 5.94 33.95 -47.86
CA LYS D 841 5.36 35.23 -48.28
C LYS D 841 5.92 36.38 -47.45
N VAL D 842 6.05 36.17 -46.14
CA VAL D 842 6.52 37.24 -45.24
C VAL D 842 7.99 37.54 -45.49
N ILE D 843 8.80 36.48 -45.62
CA ILE D 843 10.21 36.68 -45.91
C ILE D 843 10.39 37.04 -47.39
N GLU D 844 9.37 36.80 -48.22
CA GLU D 844 9.41 37.33 -49.58
C GLU D 844 9.21 38.84 -49.58
N GLU D 845 8.39 39.34 -48.66
CA GLU D 845 8.22 40.78 -48.53
C GLU D 845 9.44 41.43 -47.87
N LEU D 846 9.96 40.80 -46.82
CA LEU D 846 11.11 41.35 -46.10
C LEU D 846 12.36 41.31 -46.96
N MET D 847 12.60 40.19 -47.65
CA MET D 847 13.72 40.11 -48.57
C MET D 847 13.49 41.01 -49.79
N LYS D 848 12.23 41.14 -50.21
CA LYS D 848 11.89 42.01 -51.34
C LYS D 848 12.06 43.49 -51.01
N PHE D 849 12.10 43.84 -49.72
CA PHE D 849 12.42 45.20 -49.33
C PHE D 849 13.92 45.38 -49.06
N ASP D 850 14.46 44.57 -48.17
CA ASP D 850 15.81 44.75 -47.63
C ASP D 850 16.56 43.42 -47.63
N ARG D 851 16.63 42.78 -48.81
CA ARG D 851 17.22 41.45 -48.95
C ARG D 851 18.67 41.38 -48.48
N SER D 852 19.44 42.44 -48.75
CA SER D 852 20.84 42.49 -48.32
C SER D 852 20.95 42.53 -46.80
N GLY D 853 20.06 43.27 -46.14
CA GLY D 853 20.05 43.29 -44.69
C GLY D 853 19.27 42.17 -44.06
N VAL D 854 18.67 41.29 -44.87
CA VAL D 854 17.86 40.21 -44.30
C VAL D 854 18.66 38.92 -44.45
N ILE D 855 19.67 38.93 -45.33
CA ILE D 855 20.57 37.78 -45.43
C ILE D 855 21.56 37.77 -44.27
N SER D 856 22.10 38.94 -43.91
CA SER D 856 23.17 39.06 -42.93
C SER D 856 22.69 39.01 -41.49
N ALA D 857 21.49 38.49 -41.23
CA ALA D 857 20.96 38.46 -39.88
C ALA D 857 21.68 37.42 -39.03
N ARG D 858 22.68 37.88 -38.28
CA ARG D 858 23.36 37.06 -37.28
C ARG D 858 22.77 37.41 -35.92
N ASN D 859 22.21 36.41 -35.25
CA ASN D 859 21.63 36.64 -33.92
C ASN D 859 22.74 36.89 -32.92
N LYS D 860 22.60 37.98 -32.15
CA LYS D 860 23.66 38.38 -31.23
C LYS D 860 23.77 37.43 -30.04
N LEU D 861 22.73 36.64 -29.77
CA LEU D 861 22.76 35.70 -28.67
C LEU D 861 23.20 34.29 -29.07
N THR D 862 23.14 33.95 -30.36
CA THR D 862 23.42 32.59 -30.79
C THR D 862 24.29 32.46 -32.04
N ASP D 863 24.63 33.58 -32.71
CA ASP D 863 25.40 33.61 -33.96
C ASP D 863 24.74 32.78 -35.06
N ALA D 864 23.41 32.77 -35.07
CA ALA D 864 22.64 31.96 -36.00
C ALA D 864 22.22 32.78 -37.21
N THR D 865 22.03 32.11 -38.33
CA THR D 865 21.57 32.74 -39.56
C THR D 865 20.19 32.20 -39.91
N PRO D 866 19.41 32.92 -40.74
CA PRO D 866 18.06 32.41 -41.06
C PRO D 866 18.03 31.14 -41.89
N LEU D 867 19.10 30.82 -42.63
CA LEU D 867 19.13 29.52 -43.30
C LEU D 867 19.26 28.38 -42.31
N GLN D 868 19.95 28.62 -41.20
CA GLN D 868 20.12 27.57 -40.21
C GLN D 868 18.83 27.30 -39.46
N LEU D 869 18.05 28.34 -39.17
CA LEU D 869 16.74 28.13 -38.59
C LEU D 869 15.74 27.62 -39.61
N ALA D 870 15.99 27.88 -40.89
CA ALA D 870 15.13 27.32 -41.94
C ALA D 870 15.35 25.82 -42.07
N ALA D 871 16.61 25.39 -42.15
CA ALA D 871 16.92 23.97 -42.28
C ALA D 871 16.65 23.23 -40.98
N GLU D 872 16.83 23.89 -39.84
CA GLU D 872 16.44 23.30 -38.57
C GLU D 872 14.93 23.17 -38.46
N GLY D 873 14.19 24.14 -39.00
CA GLY D 873 12.75 24.03 -39.05
C GLY D 873 12.30 23.15 -40.19
N GLY D 874 13.18 22.92 -41.16
CA GLY D 874 12.85 22.08 -42.30
C GLY D 874 11.97 22.72 -43.34
N HIS D 875 11.96 24.04 -43.42
CA HIS D 875 11.13 24.75 -44.39
C HIS D 875 11.95 24.98 -45.65
N ALA D 876 11.71 24.16 -46.67
CA ALA D 876 12.52 24.18 -47.87
C ALA D 876 12.26 25.42 -48.70
N ASP D 877 11.06 26.00 -48.60
CA ASP D 877 10.71 27.15 -49.43
C ASP D 877 11.44 28.41 -48.98
N VAL D 878 11.69 28.52 -47.67
CA VAL D 878 12.49 29.61 -47.15
C VAL D 878 13.93 29.49 -47.63
N VAL D 879 14.40 28.26 -47.77
CA VAL D 879 15.73 28.01 -48.32
C VAL D 879 15.75 28.36 -49.80
N LYS D 880 14.67 28.10 -50.52
CA LYS D 880 14.58 28.50 -51.92
C LYS D 880 14.57 30.01 -52.07
N ALA D 881 13.94 30.71 -51.13
CA ALA D 881 13.89 32.17 -51.20
C ALA D 881 15.24 32.79 -50.86
N LEU D 882 15.85 32.37 -49.75
CA LEU D 882 17.09 32.99 -49.32
C LEU D 882 18.28 32.57 -50.16
N VAL D 883 18.35 31.30 -50.57
CA VAL D 883 19.36 30.88 -51.53
C VAL D 883 19.10 31.50 -52.89
N ARG D 884 17.83 31.72 -53.25
CA ARG D 884 17.51 32.47 -54.46
C ARG D 884 17.91 33.94 -54.34
N ALA D 885 18.08 34.44 -53.11
CA ALA D 885 18.53 35.81 -52.91
C ALA D 885 20.01 35.92 -52.60
N GLY D 886 20.71 34.80 -52.40
CA GLY D 886 22.10 34.83 -52.03
C GLY D 886 22.39 33.82 -50.94
N ALA D 887 22.88 34.28 -49.79
CA ALA D 887 22.93 33.53 -48.52
C ALA D 887 23.78 32.26 -48.64
N SER D 888 25.09 32.47 -48.73
CA SER D 888 26.05 31.37 -48.68
C SER D 888 25.91 30.58 -47.38
N CYS D 889 26.07 29.27 -47.50
CA CYS D 889 25.79 28.34 -46.42
C CYS D 889 26.89 28.26 -45.37
N THR D 890 28.07 28.81 -45.64
CA THR D 890 29.26 28.53 -44.83
C THR D 890 29.33 29.35 -43.55
N GLU D 891 28.25 30.03 -43.15
CA GLU D 891 28.24 30.77 -41.89
C GLU D 891 28.15 29.79 -40.73
N GLU D 892 29.26 29.61 -40.03
CA GLU D 892 29.30 28.68 -38.90
C GLU D 892 28.57 29.28 -37.70
N ASN D 893 27.98 28.41 -36.88
CA ASN D 893 27.33 28.85 -35.66
C ASN D 893 28.36 29.12 -34.57
N LYS D 894 27.84 29.50 -33.39
CA LYS D 894 28.67 29.49 -32.19
C LYS D 894 29.12 28.09 -31.85
N ALA D 895 28.23 27.11 -31.97
CA ALA D 895 28.65 25.72 -31.94
C ALA D 895 29.43 25.37 -33.19
N GLY D 896 29.03 25.91 -34.34
CA GLY D 896 29.75 25.76 -35.58
C GLY D 896 29.12 24.74 -36.51
N PHE D 897 28.34 25.22 -37.46
CA PHE D 897 27.63 24.37 -38.41
C PHE D 897 27.31 25.20 -39.64
N THR D 898 27.37 24.57 -40.81
CA THR D 898 26.66 25.11 -41.96
C THR D 898 25.20 24.71 -41.84
N ALA D 899 24.35 25.38 -42.62
CA ALA D 899 22.92 25.05 -42.61
C ALA D 899 22.66 23.66 -43.17
N VAL D 900 23.56 23.18 -44.04
CA VAL D 900 23.52 21.80 -44.51
C VAL D 900 23.69 20.83 -43.35
N HIS D 901 24.52 21.21 -42.37
CA HIS D 901 24.72 20.36 -41.21
C HIS D 901 23.50 20.35 -40.30
N LEU D 902 22.73 21.45 -40.27
CA LEU D 902 21.49 21.42 -39.52
C LEU D 902 20.43 20.63 -40.26
N ALA D 903 20.50 20.60 -41.59
CA ALA D 903 19.63 19.71 -42.35
C ALA D 903 20.00 18.27 -42.11
N ALA D 904 21.29 17.98 -41.92
CA ALA D 904 21.72 16.62 -41.61
C ALA D 904 21.33 16.25 -40.19
N GLN D 905 21.35 17.22 -39.27
CA GLN D 905 20.99 16.94 -37.89
C GLN D 905 19.49 16.78 -37.73
N ASN D 906 18.71 17.50 -38.53
CA ASN D 906 17.27 17.54 -38.32
C ASN D 906 16.54 16.58 -39.25
N GLY D 907 17.20 16.13 -40.31
CA GLY D 907 16.57 15.17 -41.21
C GLY D 907 15.54 15.74 -42.15
N HIS D 908 15.96 16.58 -43.09
CA HIS D 908 15.06 17.18 -44.06
C HIS D 908 15.71 17.09 -45.43
N GLY D 909 15.35 16.06 -46.19
CA GLY D 909 16.06 15.78 -47.43
C GLY D 909 15.69 16.72 -48.55
N GLN D 910 14.54 17.41 -48.43
CA GLN D 910 14.18 18.42 -49.41
C GLN D 910 15.14 19.60 -49.36
N VAL D 911 15.52 20.00 -48.14
CA VAL D 911 16.54 21.04 -47.97
C VAL D 911 17.88 20.54 -48.48
N LEU D 912 18.13 19.24 -48.35
CA LEU D 912 19.33 18.64 -48.91
C LEU D 912 19.29 18.62 -50.44
N ASP D 913 18.09 18.66 -51.02
CA ASP D 913 17.99 18.72 -52.47
C ASP D 913 18.20 20.14 -52.96
N VAL D 914 17.56 21.12 -52.31
CA VAL D 914 17.69 22.53 -52.71
C VAL D 914 19.11 23.01 -52.48
N LEU D 915 19.74 22.58 -51.39
CA LEU D 915 21.15 22.91 -51.19
C LEU D 915 22.04 21.97 -51.98
N LYS D 916 21.50 20.83 -52.41
CA LYS D 916 22.27 19.93 -53.28
C LYS D 916 22.38 20.48 -54.69
N SER D 917 21.49 21.42 -55.04
CA SER D 917 21.65 22.15 -56.29
C SER D 917 22.93 22.98 -56.29
N THR D 918 23.25 23.62 -55.17
CA THR D 918 24.36 24.56 -55.16
C THR D 918 25.61 23.97 -54.50
N ASN D 919 25.48 23.51 -53.25
CA ASN D 919 26.65 23.19 -52.43
C ASN D 919 27.36 21.90 -52.83
N SER D 920 28.62 21.77 -52.39
CA SER D 920 29.40 20.57 -52.69
C SER D 920 29.14 19.48 -51.66
N LEU D 921 28.47 19.82 -50.57
CA LEU D 921 27.93 18.94 -49.51
C LEU D 921 29.01 18.19 -48.73
N ARG D 922 30.30 18.55 -48.85
CA ARG D 922 31.35 18.04 -47.97
C ARG D 922 32.31 19.19 -47.70
N ILE D 923 32.06 19.96 -46.63
CA ILE D 923 32.69 21.26 -46.52
C ILE D 923 33.48 21.40 -45.22
N ASN D 924 32.80 21.26 -44.08
CA ASN D 924 33.16 21.90 -42.79
C ASN D 924 34.58 21.77 -42.25
N SER D 925 35.18 22.93 -41.97
CA SER D 925 36.45 23.01 -41.26
C SER D 925 36.32 23.95 -40.07
N LYS D 926 35.54 25.01 -40.24
CA LYS D 926 35.38 26.03 -39.21
C LYS D 926 34.57 25.48 -38.05
N LYS D 927 35.22 25.38 -36.88
CA LYS D 927 34.71 24.99 -35.56
C LYS D 927 34.41 23.49 -35.46
N LEU D 928 34.44 22.79 -36.58
CA LEU D 928 34.29 21.33 -36.69
C LEU D 928 34.87 20.92 -38.03
N GLY D 929 35.90 20.08 -38.01
CA GLY D 929 36.42 19.57 -39.25
C GLY D 929 35.79 18.25 -39.62
N LEU D 930 34.75 18.30 -40.44
CA LEU D 930 33.94 17.14 -40.79
C LEU D 930 33.12 17.46 -42.04
N THR D 931 32.19 16.58 -42.35
CA THR D 931 31.30 16.72 -43.49
C THR D 931 29.87 16.66 -42.99
N PRO D 932 28.89 17.11 -43.77
CA PRO D 932 27.49 16.85 -43.39
C PRO D 932 27.13 15.39 -43.34
N LEU D 933 27.84 14.53 -44.07
CA LEU D 933 27.57 13.11 -44.00
C LEU D 933 28.03 12.52 -42.66
N HIS D 934 29.00 13.17 -42.02
CA HIS D 934 29.34 12.82 -40.65
C HIS D 934 28.21 13.17 -39.68
N VAL D 935 27.59 14.33 -39.85
CA VAL D 935 26.51 14.75 -38.98
C VAL D 935 25.26 13.92 -39.23
N ALA D 936 24.96 13.66 -40.50
CA ALA D 936 23.84 12.80 -40.84
C ALA D 936 24.07 11.36 -40.39
N ALA D 937 25.32 10.89 -40.44
CA ALA D 937 25.62 9.55 -39.95
C ALA D 937 25.63 9.52 -38.44
N TYR D 938 25.79 10.67 -37.79
CA TYR D 938 25.95 10.70 -36.34
C TYR D 938 24.61 10.67 -35.64
N TYR D 939 23.67 11.51 -36.06
CA TYR D 939 22.47 11.72 -35.27
C TYR D 939 21.33 10.78 -35.67
N GLY D 940 21.61 9.82 -36.54
CA GLY D 940 20.53 8.97 -36.99
C GLY D 940 20.23 9.07 -38.47
N GLN D 941 19.10 9.68 -38.81
CA GLN D 941 18.30 9.47 -40.02
C GLN D 941 18.99 9.04 -41.33
N ALA D 942 18.45 7.98 -41.92
CA ALA D 942 19.27 7.08 -42.73
C ALA D 942 19.07 7.30 -44.22
N ASP D 943 17.90 7.77 -44.64
CA ASP D 943 17.69 7.98 -46.06
C ASP D 943 18.35 9.27 -46.52
N THR D 944 18.48 10.23 -45.60
CA THR D 944 19.32 11.41 -45.81
C THR D 944 20.76 10.98 -46.03
N VAL D 945 21.21 10.02 -45.22
CA VAL D 945 22.52 9.41 -45.42
C VAL D 945 22.63 8.76 -46.79
N ARG D 946 21.56 8.09 -47.24
CA ARG D 946 21.57 7.46 -48.57
C ARG D 946 21.72 8.48 -49.68
N GLU D 947 20.97 9.59 -49.59
CA GLU D 947 21.08 10.64 -50.60
C GLU D 947 22.46 11.28 -50.58
N LEU D 948 23.04 11.42 -49.39
CA LEU D 948 24.41 11.94 -49.31
C LEU D 948 25.42 10.92 -49.79
N LEU D 949 25.09 9.62 -49.76
CA LEU D 949 25.94 8.64 -50.40
C LEU D 949 25.89 8.80 -51.92
N THR D 950 24.71 9.18 -52.43
CA THR D 950 24.61 9.41 -53.86
C THR D 950 25.22 10.75 -54.28
N SER D 951 25.49 11.65 -53.33
CA SER D 951 26.05 12.94 -53.70
C SER D 951 27.52 13.12 -53.27
N VAL D 952 27.94 12.47 -52.20
CA VAL D 952 29.28 12.66 -51.62
C VAL D 952 30.01 11.33 -51.72
N PRO D 953 31.33 11.29 -51.96
CA PRO D 953 32.04 10.02 -52.14
C PRO D 953 32.16 9.13 -50.91
N ALA D 954 31.46 9.41 -49.81
CA ALA D 954 30.99 8.46 -48.81
C ALA D 954 32.05 7.90 -47.87
N THR D 955 33.33 8.19 -48.10
CA THR D 955 34.38 7.81 -47.18
C THR D 955 35.50 8.84 -47.35
N VAL D 956 35.61 9.77 -46.41
CA VAL D 956 36.47 10.93 -46.62
C VAL D 956 37.55 11.07 -45.56
N LYS D 957 37.31 10.52 -44.36
CA LYS D 957 38.27 10.49 -43.24
C LYS D 957 38.70 11.91 -42.86
N SER D 958 37.74 12.65 -42.30
CA SER D 958 37.58 14.08 -42.49
C SER D 958 38.76 15.00 -42.16
N GLU D 959 39.05 15.21 -40.88
CA GLU D 959 39.89 16.35 -40.49
C GLU D 959 40.13 16.31 -38.98
N THR D 960 40.94 17.28 -38.53
CA THR D 960 41.05 17.63 -37.14
C THR D 960 40.00 18.68 -36.79
N PRO D 961 39.31 18.53 -35.67
CA PRO D 961 38.37 19.56 -35.24
C PRO D 961 39.11 20.77 -34.68
N THR D 962 38.54 21.95 -34.93
CA THR D 962 39.14 23.21 -34.53
C THR D 962 38.33 23.83 -33.41
N GLY D 963 39.01 24.24 -32.34
CA GLY D 963 38.40 24.97 -31.24
C GLY D 963 37.68 24.09 -30.23
N GLN D 964 36.49 23.61 -30.59
CA GLN D 964 35.67 22.84 -29.68
C GLN D 964 35.00 21.70 -30.44
N SER D 965 35.41 20.47 -30.11
CA SER D 965 34.88 19.30 -30.78
C SER D 965 33.67 18.76 -30.04
N LEU D 966 33.02 17.80 -30.68
CA LEU D 966 31.92 17.04 -30.11
C LEU D 966 32.53 15.81 -29.46
N PHE D 967 31.70 14.80 -29.16
CA PHE D 967 32.02 13.38 -28.97
C PHE D 967 32.50 13.07 -27.56
N GLY D 968 32.60 14.06 -26.69
CA GLY D 968 32.94 13.80 -25.30
C GLY D 968 34.38 13.39 -25.08
N ASP D 969 34.58 12.09 -24.81
CA ASP D 969 35.91 11.54 -24.53
C ASP D 969 36.87 11.73 -25.70
N LEU D 970 36.37 11.63 -26.93
CA LEU D 970 37.17 12.00 -28.10
C LEU D 970 37.17 13.51 -28.19
N GLY D 971 38.10 14.13 -27.47
CA GLY D 971 38.28 15.56 -27.57
C GLY D 971 38.85 16.02 -28.89
N THR D 972 39.59 15.16 -29.58
CA THR D 972 40.12 15.44 -30.91
C THR D 972 40.41 14.12 -31.60
N GLU D 973 39.76 13.91 -32.74
CA GLU D 973 40.03 12.74 -33.57
C GLU D 973 40.27 13.21 -34.99
N SER D 974 41.35 12.72 -35.59
CA SER D 974 41.80 13.17 -36.89
C SER D 974 41.61 12.08 -37.92
N GLY D 975 40.57 12.22 -38.74
CA GLY D 975 40.38 11.26 -39.83
C GLY D 975 39.30 10.25 -39.57
N MET D 976 38.26 10.65 -38.84
CA MET D 976 37.14 9.74 -38.62
C MET D 976 36.24 9.71 -39.85
N THR D 977 36.16 8.54 -40.48
CA THR D 977 35.16 8.32 -41.51
C THR D 977 33.78 8.27 -40.86
N PRO D 978 32.71 8.53 -41.63
CA PRO D 978 31.37 8.52 -41.01
C PRO D 978 30.86 7.16 -40.62
N LEU D 979 31.58 6.08 -40.94
CA LEU D 979 31.26 4.79 -40.34
C LEU D 979 31.58 4.79 -38.86
N HIS D 980 32.61 5.55 -38.47
CA HIS D 980 33.03 5.62 -37.07
C HIS D 980 31.97 6.28 -36.21
N LEU D 981 31.40 7.39 -36.69
CA LEU D 981 30.47 8.14 -35.88
C LEU D 981 29.13 7.44 -35.77
N ALA D 982 28.71 6.77 -36.84
CA ALA D 982 27.54 5.91 -36.76
C ALA D 982 27.80 4.72 -35.84
N ALA D 983 29.05 4.25 -35.79
CA ALA D 983 29.41 3.25 -34.80
C ALA D 983 29.44 3.84 -33.40
N PHE D 984 29.56 5.16 -33.30
CA PHE D 984 29.81 5.79 -32.01
C PHE D 984 28.51 6.15 -31.31
N SER D 985 27.61 6.85 -32.02
CA SER D 985 26.39 7.32 -31.38
C SER D 985 25.33 6.22 -31.31
N GLY D 986 25.52 5.16 -32.07
CA GLY D 986 24.71 3.96 -31.89
C GLY D 986 23.90 3.51 -33.09
N ASN D 987 23.18 4.43 -33.74
CA ASN D 987 22.95 4.49 -35.21
C ASN D 987 22.98 3.18 -36.01
N GLU D 988 22.31 2.13 -35.52
CA GLU D 988 22.60 0.77 -35.97
C GLU D 988 22.14 0.55 -37.42
N ASN D 989 21.06 1.22 -37.82
CA ASN D 989 20.61 1.13 -39.21
C ASN D 989 21.60 1.84 -40.14
N VAL D 990 22.19 2.93 -39.65
CA VAL D 990 23.19 3.65 -40.42
C VAL D 990 24.47 2.84 -40.51
N VAL D 991 24.77 2.07 -39.46
CA VAL D 991 25.86 1.10 -39.50
C VAL D 991 25.57 0.05 -40.58
N ARG D 992 24.33 -0.43 -40.64
CA ARG D 992 23.97 -1.44 -41.64
C ARG D 992 24.01 -0.89 -43.05
N LEU D 993 23.76 0.41 -43.21
CA LEU D 993 23.91 1.01 -44.53
C LEU D 993 25.38 1.17 -44.89
N LEU D 994 26.19 1.68 -43.96
CA LEU D 994 27.58 2.00 -44.29
C LEU D 994 28.44 0.75 -44.36
N LEU D 995 27.94 -0.38 -43.84
CA LEU D 995 28.63 -1.65 -44.05
C LEU D 995 28.28 -2.24 -45.41
N ASN D 996 27.28 -1.68 -46.08
CA ASN D 996 26.87 -2.14 -47.40
C ASN D 996 27.09 -1.09 -48.47
N SER D 997 27.96 -0.12 -48.24
CA SER D 997 28.20 0.98 -49.16
C SER D 997 29.38 0.64 -50.05
N ALA D 998 29.83 1.62 -50.83
CA ALA D 998 30.90 1.43 -51.82
C ALA D 998 32.23 1.36 -51.07
N GLY D 999 32.63 2.42 -50.37
CA GLY D 999 33.83 2.36 -49.56
C GLY D 999 33.52 2.02 -48.11
N VAL D 1000 33.66 0.76 -47.73
CA VAL D 1000 33.32 0.37 -46.37
C VAL D 1000 34.47 0.62 -45.41
N GLN D 1001 35.62 -0.03 -45.62
CA GLN D 1001 36.87 0.15 -44.86
C GLN D 1001 36.65 -0.09 -43.36
N VAL D 1002 36.09 -1.25 -43.03
CA VAL D 1002 35.90 -1.59 -41.62
C VAL D 1002 37.21 -2.05 -41.00
N ASP D 1003 38.14 -2.55 -41.82
CA ASP D 1003 39.35 -3.17 -41.31
C ASP D 1003 40.41 -2.12 -40.95
N ALA D 1004 40.78 -1.28 -41.92
CA ALA D 1004 41.89 -0.35 -41.72
C ALA D 1004 41.49 0.79 -40.79
N ALA D 1005 40.56 1.65 -41.25
CA ALA D 1005 39.76 2.56 -40.43
C ALA D 1005 40.61 3.46 -39.52
N THR D 1006 41.75 3.89 -40.03
CA THR D 1006 42.80 4.46 -39.19
C THR D 1006 42.52 5.91 -38.83
N ILE D 1007 42.86 6.26 -37.58
CA ILE D 1007 42.77 7.61 -37.05
C ILE D 1007 44.17 7.97 -36.58
N GLU D 1008 44.45 9.26 -36.45
CA GLU D 1008 45.71 9.69 -35.85
C GLU D 1008 45.74 9.34 -34.37
N ASN D 1009 44.58 9.34 -33.71
CA ASN D 1009 44.52 8.80 -32.36
C ASN D 1009 44.65 7.28 -32.37
N GLY D 1010 44.29 6.64 -33.48
CA GLY D 1010 44.59 5.24 -33.70
C GLY D 1010 43.43 4.28 -33.66
N TYR D 1011 42.21 4.75 -33.46
CA TYR D 1011 41.11 3.85 -33.14
C TYR D 1011 40.52 3.20 -34.39
N ASN D 1012 39.67 2.20 -34.15
CA ASN D 1012 38.90 1.44 -35.12
C ASN D 1012 37.46 1.46 -34.63
N PRO D 1013 36.43 1.27 -35.50
CA PRO D 1013 35.05 1.56 -35.06
C PRO D 1013 34.48 0.60 -34.04
N LEU D 1014 35.13 -0.56 -33.86
CA LEU D 1014 34.80 -1.41 -32.73
C LEU D 1014 35.14 -0.72 -31.41
N HIS D 1015 36.28 -0.03 -31.36
CA HIS D 1015 36.67 0.69 -30.16
C HIS D 1015 35.75 1.88 -29.92
N LEU D 1016 35.36 2.55 -30.99
CA LEU D 1016 34.40 3.63 -30.91
C LEU D 1016 33.02 3.14 -30.51
N ALA D 1017 32.71 1.88 -30.78
CA ALA D 1017 31.55 1.26 -30.15
C ALA D 1017 31.81 0.98 -28.68
N CYS D 1018 33.06 0.69 -28.31
CA CYS D 1018 33.36 0.39 -26.91
C CYS D 1018 33.32 1.63 -26.03
N PHE D 1019 33.46 2.83 -26.62
CA PHE D 1019 33.38 4.05 -25.82
C PHE D 1019 32.00 4.27 -25.21
N GLY D 1020 30.96 3.77 -25.86
CA GLY D 1020 29.66 3.62 -25.24
C GLY D 1020 29.34 2.17 -24.98
N GLY D 1021 28.08 1.92 -24.64
CA GLY D 1021 27.65 0.54 -24.58
C GLY D 1021 27.55 -0.03 -25.98
N HIS D 1022 26.51 0.40 -26.70
CA HIS D 1022 26.30 0.24 -28.15
C HIS D 1022 26.58 -1.18 -28.64
N MET D 1023 25.98 -2.14 -27.93
CA MET D 1023 26.33 -3.55 -28.12
C MET D 1023 25.78 -4.09 -29.43
N SER D 1024 24.75 -3.44 -29.96
CA SER D 1024 24.19 -3.81 -31.26
C SER D 1024 25.21 -3.57 -32.38
N VAL D 1025 25.93 -2.46 -32.31
CA VAL D 1025 26.97 -2.16 -33.30
C VAL D 1025 28.10 -3.15 -33.16
N VAL D 1026 28.35 -3.62 -31.95
CA VAL D 1026 29.37 -4.63 -31.72
C VAL D 1026 28.95 -5.96 -32.34
N GLY D 1027 27.67 -6.30 -32.23
CA GLY D 1027 27.16 -7.48 -32.91
C GLY D 1027 27.23 -7.36 -34.43
N LEU D 1028 26.98 -6.16 -34.94
CA LEU D 1028 27.03 -5.94 -36.39
C LEU D 1028 28.47 -6.02 -36.91
N LEU D 1029 29.42 -5.43 -36.18
CA LEU D 1029 30.79 -5.38 -36.67
C LEU D 1029 31.49 -6.71 -36.48
N LEU D 1030 31.33 -7.34 -35.30
CA LEU D 1030 31.94 -8.64 -35.09
C LEU D 1030 31.26 -9.72 -35.94
N SER D 1031 29.97 -9.56 -36.23
CA SER D 1031 29.34 -10.44 -37.21
C SER D 1031 29.87 -10.17 -38.60
N ARG D 1032 30.20 -8.93 -38.92
CA ARG D 1032 30.66 -8.58 -40.26
C ARG D 1032 32.12 -8.94 -40.49
N SER D 1033 33.02 -8.37 -39.69
CA SER D 1033 34.44 -8.45 -39.97
C SER D 1033 35.10 -9.67 -39.33
N ALA D 1034 35.07 -9.74 -37.99
CA ALA D 1034 35.60 -10.77 -37.10
C ALA D 1034 37.12 -10.89 -37.12
N GLU D 1035 37.83 -10.10 -37.92
CA GLU D 1035 39.27 -9.90 -37.80
C GLU D 1035 39.57 -8.62 -37.05
N LEU D 1036 38.66 -8.25 -36.16
CA LEU D 1036 38.67 -6.97 -35.48
C LEU D 1036 38.70 -7.11 -33.97
N LEU D 1037 38.44 -8.31 -33.42
CA LEU D 1037 38.64 -8.60 -32.01
C LEU D 1037 40.08 -8.36 -31.58
N GLN D 1038 41.03 -8.72 -32.42
CA GLN D 1038 42.44 -8.60 -32.10
C GLN D 1038 43.08 -7.38 -32.74
N SER D 1039 42.27 -6.46 -33.26
CA SER D 1039 42.78 -5.23 -33.87
C SER D 1039 43.28 -4.31 -32.78
N GLN D 1040 44.58 -4.03 -32.80
CA GLN D 1040 45.17 -3.11 -31.83
C GLN D 1040 45.22 -1.70 -32.43
N ASP D 1041 45.21 -0.70 -31.56
CA ASP D 1041 45.23 0.68 -32.01
C ASP D 1041 46.67 1.15 -32.16
N ARG D 1042 46.84 2.46 -32.33
CA ARG D 1042 48.17 3.06 -32.40
C ARG D 1042 48.89 2.96 -31.05
N ASN D 1043 48.13 3.03 -29.96
CA ASN D 1043 48.67 2.82 -28.63
C ASN D 1043 48.65 1.36 -28.22
N GLY D 1044 48.39 0.45 -29.15
CA GLY D 1044 48.39 -0.97 -28.87
C GLY D 1044 47.17 -1.51 -28.17
N ARG D 1045 46.22 -0.66 -27.79
CA ARG D 1045 45.06 -1.11 -27.04
C ARG D 1045 44.09 -1.87 -27.93
N THR D 1046 43.44 -2.87 -27.34
CA THR D 1046 42.35 -3.56 -28.00
C THR D 1046 41.02 -3.01 -27.53
N GLY D 1047 39.93 -3.61 -28.01
CA GLY D 1047 38.62 -3.23 -27.55
C GLY D 1047 38.31 -3.62 -26.14
N LEU D 1048 38.98 -4.66 -25.63
CA LEU D 1048 38.70 -5.12 -24.27
C LEU D 1048 39.30 -4.15 -23.27
N HIS D 1049 40.39 -3.48 -23.65
CA HIS D 1049 40.97 -2.43 -22.82
C HIS D 1049 40.00 -1.27 -22.64
N ILE D 1050 39.41 -0.82 -23.74
CA ILE D 1050 38.55 0.36 -23.71
C ILE D 1050 37.22 0.03 -23.06
N ALA D 1051 36.68 -1.15 -23.35
CA ALA D 1051 35.47 -1.62 -22.68
C ALA D 1051 35.72 -1.85 -21.20
N ALA D 1052 36.95 -2.20 -20.83
CA ALA D 1052 37.30 -2.32 -19.42
C ALA D 1052 37.34 -0.95 -18.76
N MET D 1053 38.19 -0.05 -19.27
CA MET D 1053 38.44 1.23 -18.63
C MET D 1053 37.31 2.22 -18.78
N HIS D 1054 36.25 1.89 -19.53
CA HIS D 1054 35.02 2.67 -19.47
C HIS D 1054 33.91 1.94 -18.73
N GLY D 1055 34.14 0.70 -18.34
CA GLY D 1055 33.26 0.03 -17.38
C GLY D 1055 31.94 -0.46 -17.89
N HIS D 1056 31.82 -0.69 -19.20
CA HIS D 1056 30.60 -1.23 -19.79
C HIS D 1056 30.67 -2.74 -19.62
N ILE D 1057 29.87 -3.27 -18.70
CA ILE D 1057 30.07 -4.64 -18.21
C ILE D 1057 29.68 -5.66 -19.27
N GLN D 1058 28.45 -5.57 -19.78
CA GLN D 1058 27.96 -6.55 -20.74
C GLN D 1058 28.65 -6.40 -22.08
N MET D 1059 29.21 -5.22 -22.35
CA MET D 1059 30.12 -5.06 -23.47
C MET D 1059 31.36 -5.94 -23.31
N VAL D 1060 31.88 -6.03 -22.09
CA VAL D 1060 33.01 -6.93 -21.84
C VAL D 1060 32.56 -8.38 -21.95
N GLU D 1061 31.32 -8.66 -21.52
CA GLU D 1061 30.78 -10.02 -21.63
C GLU D 1061 30.64 -10.48 -23.08
N ILE D 1062 30.17 -9.58 -23.95
CA ILE D 1062 30.06 -9.93 -25.37
C ILE D 1062 31.45 -10.04 -26.00
N LEU D 1063 32.39 -9.20 -25.55
CA LEU D 1063 33.71 -9.18 -26.17
C LEU D 1063 34.52 -10.41 -25.77
N LEU D 1064 34.23 -10.98 -24.60
CA LEU D 1064 34.74 -12.30 -24.27
C LEU D 1064 33.92 -13.39 -24.95
N GLY D 1065 32.66 -13.08 -25.27
CA GLY D 1065 31.79 -14.07 -25.89
C GLY D 1065 32.21 -14.41 -27.30
N GLN D 1066 32.57 -13.39 -28.07
CA GLN D 1066 33.16 -13.64 -29.40
C GLN D 1066 34.54 -14.26 -29.28
N GLY D 1067 35.24 -13.97 -28.18
CA GLY D 1067 36.50 -14.61 -27.88
C GLY D 1067 37.71 -13.75 -28.19
N ALA D 1068 38.26 -13.13 -27.15
CA ALA D 1068 39.46 -12.31 -27.29
C ALA D 1068 40.49 -12.78 -26.29
N GLU D 1069 41.77 -12.61 -26.63
CA GLU D 1069 42.84 -12.91 -25.69
C GLU D 1069 42.81 -11.90 -24.56
N ILE D 1070 42.51 -12.39 -23.35
CA ILE D 1070 42.39 -11.51 -22.20
C ILE D 1070 43.76 -11.01 -21.78
N ASN D 1071 44.72 -11.92 -21.59
CA ASN D 1071 46.09 -11.54 -21.31
C ASN D 1071 46.77 -11.04 -22.58
N ALA D 1072 46.44 -9.81 -22.94
CA ALA D 1072 46.97 -9.15 -24.12
C ALA D 1072 47.50 -7.79 -23.74
N THR D 1073 48.77 -7.56 -24.06
CA THR D 1073 49.51 -6.39 -23.61
C THR D 1073 49.27 -5.24 -24.57
N ASP D 1074 49.46 -4.02 -24.08
CA ASP D 1074 49.61 -2.88 -24.97
C ASP D 1074 51.06 -2.75 -25.39
N ARG D 1075 51.40 -1.61 -25.96
CA ARG D 1075 52.81 -1.33 -26.22
C ARG D 1075 53.58 -1.06 -24.94
N ASN D 1076 52.88 -0.68 -23.86
CA ASN D 1076 53.56 -0.50 -22.58
C ASN D 1076 53.36 -1.69 -21.67
N GLY D 1077 52.69 -2.74 -22.16
CA GLY D 1077 52.50 -3.94 -21.38
C GLY D 1077 51.24 -3.99 -20.56
N TRP D 1078 50.32 -3.05 -20.76
CA TRP D 1078 49.06 -3.05 -20.03
C TRP D 1078 48.18 -4.22 -20.44
N THR D 1079 47.84 -5.07 -19.48
CA THR D 1079 46.72 -5.97 -19.66
C THR D 1079 45.48 -5.11 -19.47
N PRO D 1080 44.33 -5.52 -20.02
CA PRO D 1080 43.11 -4.75 -19.75
C PRO D 1080 42.65 -4.80 -18.31
N LEU D 1081 43.15 -5.74 -17.52
CA LEU D 1081 42.84 -5.74 -16.09
C LEU D 1081 43.58 -4.61 -15.39
N HIS D 1082 44.72 -4.18 -15.95
CA HIS D 1082 45.39 -2.99 -15.42
C HIS D 1082 44.56 -1.74 -15.70
N CYS D 1083 43.95 -1.66 -16.88
CA CYS D 1083 43.13 -0.50 -17.21
C CYS D 1083 41.83 -0.51 -16.42
N ALA D 1084 41.26 -1.69 -16.21
CA ALA D 1084 40.04 -1.80 -15.42
C ALA D 1084 40.32 -1.51 -13.95
N ALA D 1085 41.49 -1.92 -13.48
CA ALA D 1085 41.86 -1.64 -12.09
C ALA D 1085 42.19 -0.17 -11.90
N LYS D 1086 42.85 0.44 -12.88
CA LYS D 1086 43.18 1.86 -12.81
C LYS D 1086 41.93 2.72 -12.86
N ALA D 1087 40.99 2.36 -13.73
CA ALA D 1087 39.69 3.02 -13.72
C ALA D 1087 38.82 2.58 -12.56
N GLY D 1088 39.15 1.44 -11.94
CA GLY D 1088 38.48 1.01 -10.72
C GLY D 1088 37.08 0.49 -10.89
N HIS D 1089 36.72 -0.02 -12.07
CA HIS D 1089 35.41 -0.64 -12.25
C HIS D 1089 35.46 -2.04 -11.65
N LEU D 1090 34.76 -2.24 -10.53
CA LEU D 1090 34.92 -3.44 -9.71
C LEU D 1090 34.40 -4.69 -10.41
N GLU D 1091 33.22 -4.59 -11.03
CA GLU D 1091 32.61 -5.78 -11.61
C GLU D 1091 33.31 -6.19 -12.89
N VAL D 1092 33.96 -5.25 -13.57
CA VAL D 1092 34.80 -5.60 -14.70
C VAL D 1092 36.02 -6.39 -14.22
N VAL D 1093 36.57 -6.02 -13.07
CA VAL D 1093 37.70 -6.74 -12.49
C VAL D 1093 37.25 -8.11 -12.01
N LYS D 1094 36.03 -8.21 -11.47
CA LYS D 1094 35.49 -9.51 -11.08
C LYS D 1094 35.26 -10.40 -12.29
N LEU D 1095 34.89 -9.80 -13.42
CA LEU D 1095 34.68 -10.59 -14.63
C LEU D 1095 36.00 -11.06 -15.23
N LEU D 1096 37.01 -10.19 -15.25
CA LEU D 1096 38.28 -10.56 -15.84
C LEU D 1096 39.06 -11.53 -14.95
N CYS D 1097 38.96 -11.35 -13.64
CA CYS D 1097 39.61 -12.29 -12.73
C CYS D 1097 38.88 -13.62 -12.68
N GLU D 1098 37.54 -13.59 -12.63
CA GLU D 1098 36.75 -14.80 -12.47
C GLU D 1098 36.79 -15.71 -13.69
N ALA D 1099 37.16 -15.18 -14.85
CA ALA D 1099 37.21 -16.00 -16.06
C ALA D 1099 38.40 -15.62 -16.93
N GLY D 1100 39.60 -15.57 -16.37
CA GLY D 1100 40.71 -15.05 -17.15
C GLY D 1100 41.92 -14.56 -16.40
N ALA D 1101 42.29 -13.30 -16.69
CA ALA D 1101 43.64 -12.74 -16.58
C ALA D 1101 44.32 -13.00 -15.24
N SER D 1102 45.63 -13.19 -15.32
CA SER D 1102 46.45 -13.39 -14.13
C SER D 1102 46.75 -12.03 -13.49
N PRO D 1103 46.56 -11.89 -12.17
CA PRO D 1103 46.96 -10.65 -11.51
C PRO D 1103 48.47 -10.45 -11.48
N LYS D 1104 49.25 -11.52 -11.37
CA LYS D 1104 50.70 -11.44 -11.43
C LYS D 1104 51.11 -11.20 -12.87
N SER D 1105 51.06 -9.94 -13.28
CA SER D 1105 51.32 -9.54 -14.66
C SER D 1105 51.89 -8.14 -14.64
N GLU D 1106 53.13 -8.00 -15.09
CA GLU D 1106 53.87 -6.77 -14.93
C GLU D 1106 53.52 -5.76 -16.02
N THR D 1107 54.28 -4.67 -16.06
CA THR D 1107 54.13 -3.61 -17.04
C THR D 1107 55.55 -3.26 -17.45
N ASN D 1108 55.71 -2.37 -18.44
CA ASN D 1108 57.07 -2.07 -18.90
C ASN D 1108 57.73 -0.95 -18.09
N TYR D 1109 57.27 -0.73 -16.86
CA TYR D 1109 58.07 -0.07 -15.85
C TYR D 1109 58.29 -0.97 -14.65
N GLY D 1110 57.51 -2.03 -14.55
CA GLY D 1110 57.55 -2.97 -13.45
C GLY D 1110 56.43 -2.64 -12.49
N CYS D 1111 55.29 -3.33 -12.63
CA CYS D 1111 54.09 -2.95 -11.92
C CYS D 1111 53.26 -4.20 -11.68
N ALA D 1112 52.02 -3.99 -11.26
CA ALA D 1112 51.02 -5.03 -11.12
C ALA D 1112 49.65 -4.37 -11.20
N ALA D 1113 48.61 -5.11 -10.86
CA ALA D 1113 47.28 -4.54 -10.84
C ALA D 1113 47.06 -3.75 -9.56
N ILE D 1114 47.64 -4.21 -8.45
CA ILE D 1114 47.38 -3.59 -7.16
C ILE D 1114 48.13 -2.28 -7.04
N TRP D 1115 49.15 -2.07 -7.87
CA TRP D 1115 49.82 -0.78 -7.88
C TRP D 1115 48.92 0.31 -8.46
N PHE D 1116 48.15 -0.03 -9.49
CA PHE D 1116 47.19 0.93 -10.03
C PHE D 1116 45.95 1.01 -9.15
N ALA D 1117 45.56 -0.11 -8.54
CA ALA D 1117 44.40 -0.10 -7.66
C ALA D 1117 44.70 0.64 -6.37
N ALA D 1118 45.98 0.82 -6.04
CA ALA D 1118 46.35 1.61 -4.87
C ALA D 1118 46.71 3.03 -5.26
N SER D 1119 47.18 3.23 -6.49
CA SER D 1119 47.68 4.53 -6.90
C SER D 1119 46.57 5.57 -7.06
N GLU D 1120 45.33 5.13 -7.25
CA GLU D 1120 44.19 6.05 -7.39
C GLU D 1120 43.00 5.43 -6.66
N GLY D 1121 42.88 5.74 -5.36
CA GLY D 1121 41.74 5.39 -4.53
C GLY D 1121 41.31 3.93 -4.55
N HIS D 1122 40.00 3.69 -4.68
CA HIS D 1122 39.40 2.40 -5.04
C HIS D 1122 39.74 1.30 -4.05
N ASN D 1123 39.13 1.42 -2.86
CA ASN D 1123 39.39 0.44 -1.80
C ASN D 1123 38.88 -0.96 -2.17
N GLU D 1124 37.74 -1.04 -2.86
CA GLU D 1124 37.11 -2.34 -3.07
C GLU D 1124 37.80 -3.13 -4.18
N VAL D 1125 38.26 -2.43 -5.22
CA VAL D 1125 39.11 -3.05 -6.24
C VAL D 1125 40.42 -3.50 -5.61
N LEU D 1126 40.91 -2.73 -4.64
CA LEU D 1126 42.14 -3.06 -3.94
C LEU D 1126 41.97 -4.28 -3.05
N ARG D 1127 40.78 -4.46 -2.47
CA ARG D 1127 40.58 -5.61 -1.61
C ARG D 1127 40.28 -6.86 -2.43
N TYR D 1128 39.64 -6.69 -3.58
CA TYR D 1128 39.42 -7.82 -4.47
C TYR D 1128 40.72 -8.31 -5.08
N LEU D 1129 41.50 -7.38 -5.63
CA LEU D 1129 42.80 -7.76 -6.19
C LEU D 1129 43.77 -8.18 -5.10
N MET D 1130 43.61 -7.61 -3.92
CA MET D 1130 44.48 -7.96 -2.81
C MET D 1130 44.12 -9.33 -2.26
N ASN D 1131 42.89 -9.78 -2.45
CA ASN D 1131 42.54 -11.14 -2.10
C ASN D 1131 43.13 -12.15 -3.08
N LYS D 1132 43.52 -11.71 -4.28
CA LYS D 1132 44.11 -12.57 -5.30
C LYS D 1132 45.60 -12.78 -4.99
N GLU D 1133 46.31 -13.35 -5.96
CA GLU D 1133 47.73 -13.65 -5.80
C GLU D 1133 48.58 -12.50 -6.30
N HIS D 1134 49.65 -12.20 -5.55
CA HIS D 1134 50.55 -11.10 -5.86
C HIS D 1134 51.83 -11.29 -5.07
N ASP D 1135 52.90 -10.65 -5.54
CA ASP D 1135 54.21 -10.76 -4.92
C ASP D 1135 54.40 -9.57 -3.99
N THR D 1136 54.34 -9.81 -2.69
CA THR D 1136 54.38 -8.74 -1.71
C THR D 1136 55.79 -8.15 -1.59
N TYR D 1137 56.81 -9.00 -1.66
CA TYR D 1137 58.18 -8.54 -1.47
C TYR D 1137 58.66 -7.70 -2.64
N GLY D 1138 58.05 -7.90 -3.82
CA GLY D 1138 58.27 -6.97 -4.91
C GLY D 1138 57.47 -5.70 -4.74
N LEU D 1139 56.43 -5.74 -3.91
CA LEU D 1139 55.57 -4.58 -3.76
C LEU D 1139 56.08 -3.62 -2.69
N MET D 1140 56.70 -4.15 -1.63
CA MET D 1140 57.12 -3.30 -0.52
C MET D 1140 58.37 -2.52 -0.88
N GLU D 1141 59.09 -2.95 -1.92
CA GLU D 1141 60.26 -2.18 -2.34
C GLU D 1141 59.85 -1.03 -3.24
N ASP D 1142 58.66 -1.09 -3.82
CA ASP D 1142 58.10 0.06 -4.50
C ASP D 1142 57.57 1.05 -3.47
N LYS D 1143 58.33 2.11 -3.22
CA LYS D 1143 58.00 3.04 -2.14
C LYS D 1143 56.76 3.85 -2.47
N ARG D 1144 56.49 4.06 -3.75
CA ARG D 1144 55.27 4.75 -4.14
C ARG D 1144 54.04 3.90 -3.84
N PHE D 1145 54.16 2.58 -4.00
CA PHE D 1145 53.06 1.69 -3.64
C PHE D 1145 52.82 1.70 -2.15
N VAL D 1146 53.89 1.77 -1.36
CA VAL D 1146 53.78 1.81 0.09
C VAL D 1146 53.11 3.10 0.52
N TYR D 1147 53.50 4.21 -0.11
CA TYR D 1147 52.93 5.52 0.21
C TYR D 1147 51.46 5.60 -0.17
N ASN D 1148 51.10 5.10 -1.35
CA ASN D 1148 49.70 5.13 -1.77
C ASN D 1148 48.84 4.18 -0.95
N LEU D 1149 49.44 3.07 -0.49
CA LEU D 1149 48.72 2.17 0.40
C LEU D 1149 48.47 2.84 1.75
N MET D 1150 49.42 3.67 2.20
CA MET D 1150 49.18 4.49 3.38
C MET D 1150 48.04 5.47 3.15
N VAL D 1151 48.00 6.07 1.95
CA VAL D 1151 46.99 7.10 1.66
C VAL D 1151 45.59 6.49 1.63
N VAL D 1152 45.45 5.32 1.00
CA VAL D 1152 44.15 4.65 0.92
C VAL D 1152 43.74 4.15 2.30
N SER D 1153 44.71 3.65 3.08
CA SER D 1153 44.42 3.18 4.44
C SER D 1153 44.02 4.33 5.35
N LYS D 1154 44.50 5.55 5.05
CA LYS D 1154 44.06 6.71 5.82
C LYS D 1154 42.58 6.99 5.63
N ASN D 1155 42.10 6.83 4.39
CA ASN D 1155 40.72 7.18 4.10
C ASN D 1155 39.75 6.08 4.53
N HIS D 1156 40.18 4.82 4.46
CA HIS D 1156 39.23 3.72 4.59
C HIS D 1156 39.38 2.94 5.89
N ASN D 1157 39.57 3.64 7.02
CA ASN D 1157 39.58 3.11 8.38
C ASN D 1157 40.66 2.06 8.60
N ASN D 1158 41.78 2.18 7.87
CA ASN D 1158 42.96 1.30 7.83
C ASN D 1158 42.64 -0.19 7.88
N LYS D 1159 41.53 -0.58 7.27
CA LYS D 1159 41.32 -1.96 6.85
C LYS D 1159 42.24 -2.45 5.72
N PRO D 1160 42.54 -1.69 4.63
CA PRO D 1160 43.33 -2.31 3.55
C PRO D 1160 44.78 -2.59 3.89
N ILE D 1161 45.38 -1.82 4.78
CA ILE D 1161 46.74 -2.11 5.22
C ILE D 1161 46.76 -3.38 6.05
N GLN D 1162 45.72 -3.59 6.85
CA GLN D 1162 45.51 -4.84 7.56
C GLN D 1162 45.32 -5.99 6.58
N GLU D 1163 44.64 -5.73 5.47
CA GLU D 1163 44.45 -6.76 4.47
C GLU D 1163 45.76 -7.11 3.78
N PHE D 1164 46.60 -6.10 3.52
CA PHE D 1164 47.88 -6.36 2.86
C PHE D 1164 48.83 -7.09 3.79
N VAL D 1165 48.65 -6.93 5.11
CA VAL D 1165 49.41 -7.76 6.02
C VAL D 1165 48.88 -9.19 6.04
N LEU D 1166 47.57 -9.35 6.21
CA LEU D 1166 47.00 -10.66 6.48
C LEU D 1166 46.91 -11.55 5.25
N VAL D 1167 47.02 -11.00 4.05
CA VAL D 1167 47.05 -11.84 2.85
C VAL D 1167 48.42 -12.46 2.61
N SER D 1168 49.50 -11.70 2.89
CA SER D 1168 50.88 -12.06 2.56
C SER D 1168 51.29 -13.40 3.17
N PRO D 1169 52.20 -14.14 2.52
CA PRO D 1169 52.48 -15.51 2.98
C PRO D 1169 53.17 -15.58 4.33
N ALA D 1170 53.95 -14.56 4.68
CA ALA D 1170 54.47 -14.39 6.04
C ALA D 1170 53.94 -13.06 6.54
N PRO D 1171 52.83 -13.07 7.28
CA PRO D 1171 52.21 -11.80 7.69
C PRO D 1171 53.05 -11.01 8.68
N VAL D 1172 53.84 -11.69 9.52
CA VAL D 1172 54.62 -11.00 10.52
C VAL D 1172 55.81 -10.30 9.88
N ASP D 1173 56.43 -10.93 8.88
CA ASP D 1173 57.48 -10.30 8.10
C ASP D 1173 56.97 -9.07 7.36
N THR D 1174 55.76 -9.16 6.82
CA THR D 1174 55.24 -8.05 6.03
C THR D 1174 54.85 -6.88 6.93
N ALA D 1175 54.24 -7.19 8.07
CA ALA D 1175 53.86 -6.16 9.03
C ALA D 1175 55.09 -5.46 9.58
N ALA D 1176 56.09 -6.24 9.97
CA ALA D 1176 57.28 -5.67 10.61
C ALA D 1176 58.14 -4.89 9.61
N LYS D 1177 58.51 -5.53 8.49
CA LYS D 1177 59.36 -4.89 7.49
C LYS D 1177 58.66 -3.69 6.87
N LEU D 1178 57.36 -3.81 6.63
CA LEU D 1178 56.61 -2.72 6.04
C LEU D 1178 56.42 -1.58 7.03
N SER D 1179 56.37 -1.90 8.32
CA SER D 1179 56.37 -0.85 9.33
C SER D 1179 57.70 -0.12 9.35
N ASN D 1180 58.80 -0.82 9.09
CA ASN D 1180 60.08 -0.14 9.01
C ASN D 1180 60.15 0.73 7.77
N ILE D 1181 59.53 0.29 6.67
CA ILE D 1181 59.48 1.11 5.46
C ILE D 1181 58.68 2.37 5.72
N TYR D 1182 57.62 2.27 6.53
CA TYR D 1182 56.88 3.43 6.98
C TYR D 1182 57.74 4.39 7.80
N ILE D 1183 58.49 3.86 8.77
CA ILE D 1183 59.28 4.73 9.63
C ILE D 1183 60.44 5.37 8.90
N VAL D 1184 61.04 4.65 7.94
CA VAL D 1184 62.10 5.25 7.12
C VAL D 1184 61.53 6.32 6.20
N LEU D 1185 60.35 6.06 5.61
CA LEU D 1185 59.74 7.08 4.76
C LEU D 1185 59.22 8.27 5.55
N SER D 1186 59.04 8.12 6.86
CA SER D 1186 58.68 9.25 7.69
C SER D 1186 59.77 10.30 7.72
N THR D 1187 61.03 9.88 7.70
CA THR D 1187 62.13 10.82 7.63
C THR D 1187 62.51 11.16 6.21
N LYS D 1188 62.35 10.21 5.27
CA LYS D 1188 62.84 10.42 3.92
C LYS D 1188 61.92 11.32 3.11
N GLU D 1189 60.66 11.45 3.53
CA GLU D 1189 59.71 12.32 2.85
C GLU D 1189 59.20 13.39 3.81
N LYS D 1190 58.52 14.40 3.26
CA LYS D 1190 58.05 15.51 4.06
C LYS D 1190 56.61 15.88 3.74
N GLU D 1191 55.93 15.04 2.95
CA GLU D 1191 54.54 15.26 2.53
C GLU D 1191 53.67 15.18 3.79
N ARG D 1192 53.58 14.05 4.47
CA ARG D 1192 52.91 13.99 5.76
C ARG D 1192 53.62 12.94 6.63
N ALA D 1193 54.46 13.45 7.53
CA ALA D 1193 55.22 12.55 8.39
C ALA D 1193 54.42 12.15 9.61
N LYS D 1194 53.26 12.77 9.81
CA LYS D 1194 52.44 12.43 10.97
C LYS D 1194 51.59 11.20 10.71
N ASP D 1195 51.57 10.73 9.46
CA ASP D 1195 50.63 9.69 9.10
C ASP D 1195 51.34 8.41 8.71
N LEU D 1196 52.57 8.52 8.19
CA LEU D 1196 53.41 7.35 7.97
C LEU D 1196 53.79 6.71 9.30
N VAL D 1197 53.99 7.53 10.33
CA VAL D 1197 54.31 7.02 11.66
C VAL D 1197 53.13 6.27 12.25
N ALA D 1198 51.90 6.76 12.00
CA ALA D 1198 50.71 6.10 12.52
C ALA D 1198 50.50 4.74 11.86
N ALA D 1199 50.82 4.64 10.57
CA ALA D 1199 50.71 3.36 9.90
C ALA D 1199 51.83 2.41 10.31
N GLY D 1200 53.03 2.94 10.57
CA GLY D 1200 54.11 2.10 11.07
C GLY D 1200 53.83 1.56 12.46
N LYS D 1201 53.18 2.37 13.29
CA LYS D 1201 52.78 1.89 14.61
C LYS D 1201 51.62 0.91 14.50
N GLN D 1202 50.76 1.09 13.49
CA GLN D 1202 49.68 0.14 13.25
C GLN D 1202 50.24 -1.23 12.88
N CYS D 1203 51.22 -1.26 11.97
CA CYS D 1203 51.77 -2.55 11.56
C CYS D 1203 52.72 -3.12 12.60
N GLU D 1204 53.31 -2.27 13.43
CA GLU D 1204 54.08 -2.77 14.56
C GLU D 1204 53.17 -3.48 15.56
N ALA D 1205 52.06 -2.84 15.91
CA ALA D 1205 51.11 -3.46 16.84
C ALA D 1205 50.44 -4.67 16.23
N MET D 1206 50.24 -4.65 14.92
CA MET D 1206 49.71 -5.82 14.23
C MET D 1206 50.71 -6.96 14.23
N ALA D 1207 52.01 -6.63 14.20
CA ALA D 1207 53.03 -7.66 14.32
C ALA D 1207 53.06 -8.23 15.74
N THR D 1208 52.78 -7.38 16.74
CA THR D 1208 52.68 -7.90 18.12
C THR D 1208 51.52 -8.86 18.26
N GLU D 1209 50.37 -8.51 17.71
CA GLU D 1209 49.19 -9.36 17.90
C GLU D 1209 49.26 -10.62 17.04
N LEU D 1210 49.89 -10.54 15.87
CA LEU D 1210 50.04 -11.73 15.05
C LEU D 1210 51.11 -12.65 15.61
N LEU D 1211 52.15 -12.10 16.23
CA LEU D 1211 53.12 -12.97 16.88
C LEU D 1211 52.55 -13.52 18.18
N ALA D 1212 51.60 -12.82 18.77
CA ALA D 1212 50.96 -13.31 19.99
C ALA D 1212 50.01 -14.44 19.68
N LEU D 1213 49.22 -14.31 18.61
CA LEU D 1213 48.31 -15.39 18.23
C LEU D 1213 49.07 -16.56 17.60
N ALA D 1214 50.10 -16.26 16.83
CA ALA D 1214 50.83 -17.28 16.08
C ALA D 1214 51.72 -18.14 16.95
N ALA D 1215 52.22 -17.61 18.06
CA ALA D 1215 53.03 -18.43 18.96
C ALA D 1215 52.19 -19.43 19.72
N GLY D 1216 50.93 -19.09 20.00
CA GLY D 1216 50.08 -20.01 20.74
C GLY D 1216 50.55 -20.11 22.18
N SER D 1217 50.89 -21.33 22.60
CA SER D 1217 51.40 -21.54 23.95
C SER D 1217 52.91 -21.26 24.03
N ASP D 1218 53.71 -22.05 23.32
CA ASP D 1218 55.15 -22.04 23.51
C ASP D 1218 55.92 -22.17 22.20
N SER D 1219 55.24 -22.03 21.06
CA SER D 1219 55.88 -22.27 19.77
C SER D 1219 56.65 -21.07 19.25
N ALA D 1220 57.06 -20.14 20.12
CA ALA D 1220 57.79 -18.95 19.68
C ALA D 1220 59.19 -19.30 19.20
N GLY D 1221 59.74 -20.43 19.65
CA GLY D 1221 61.07 -20.80 19.23
C GLY D 1221 61.15 -21.16 17.76
N LYS D 1222 60.09 -21.75 17.22
CA LYS D 1222 60.02 -22.04 15.79
C LYS D 1222 59.92 -20.75 14.99
N ILE D 1223 59.06 -19.83 15.42
CA ILE D 1223 58.77 -18.63 14.63
C ILE D 1223 59.94 -17.68 14.67
N LEU D 1224 60.55 -17.51 15.85
CA LEU D 1224 61.69 -16.62 15.96
C LEU D 1224 62.94 -17.28 15.43
N GLN D 1225 63.00 -18.62 15.47
CA GLN D 1225 64.14 -19.33 14.90
C GLN D 1225 63.93 -19.63 13.42
N ALA D 1226 62.82 -19.17 12.85
CA ALA D 1226 62.56 -19.40 11.43
C ALA D 1226 63.46 -18.52 10.57
N THR D 1227 63.66 -18.93 9.32
CA THR D 1227 64.41 -18.12 8.39
C THR D 1227 63.52 -17.07 7.74
N ASP D 1228 64.09 -16.34 6.79
CA ASP D 1228 63.33 -15.33 6.08
C ASP D 1228 63.33 -15.62 4.58
N LYS D 1229 62.84 -14.66 3.80
CA LYS D 1229 62.98 -14.73 2.35
C LYS D 1229 64.45 -14.66 1.96
N ARG D 1230 65.19 -13.70 2.52
CA ARG D 1230 66.64 -13.77 2.47
C ARG D 1230 67.12 -14.80 3.49
N ASN D 1231 68.36 -15.25 3.32
CA ASN D 1231 68.91 -16.32 4.15
C ASN D 1231 69.42 -15.78 5.47
N VAL D 1232 68.47 -15.26 6.27
CA VAL D 1232 68.75 -14.79 7.62
C VAL D 1232 67.62 -15.26 8.52
N GLU D 1233 67.89 -15.28 9.82
CA GLU D 1233 66.87 -15.68 10.78
C GLU D 1233 65.84 -14.57 10.95
N PHE D 1234 64.74 -14.90 11.62
CA PHE D 1234 63.66 -13.94 11.77
C PHE D 1234 63.97 -12.92 12.87
N LEU D 1235 64.65 -13.35 13.92
CA LEU D 1235 64.91 -12.46 15.05
C LEU D 1235 65.99 -11.44 14.69
N ASP D 1236 66.96 -11.85 13.87
CA ASP D 1236 67.95 -10.90 13.36
C ASP D 1236 67.33 -9.88 12.43
N VAL D 1237 66.34 -10.29 11.64
CA VAL D 1237 65.49 -9.33 10.94
C VAL D 1237 64.88 -8.37 11.94
N LEU D 1238 64.20 -8.92 12.96
CA LEU D 1238 63.39 -8.14 13.88
C LEU D 1238 64.22 -7.18 14.72
N ILE D 1239 65.52 -7.44 14.88
CA ILE D 1239 66.37 -6.42 15.51
C ILE D 1239 66.87 -5.42 14.47
N GLU D 1240 67.14 -5.84 13.23
CA GLU D 1240 67.46 -4.88 12.19
C GLU D 1240 66.22 -4.17 11.69
N ASN D 1241 65.06 -4.73 11.98
CA ASN D 1241 63.77 -4.12 11.70
C ASN D 1241 63.44 -3.05 12.72
N GLU D 1242 64.09 -3.09 13.90
CA GLU D 1242 63.96 -2.12 14.98
C GLU D 1242 62.52 -2.00 15.47
N GLN D 1243 61.90 -3.15 15.66
CA GLN D 1243 60.54 -3.25 16.11
C GLN D 1243 60.51 -3.41 17.62
N LYS D 1244 60.76 -2.30 18.31
CA LYS D 1244 60.88 -2.27 19.76
C LYS D 1244 59.56 -2.62 20.42
N GLU D 1245 58.45 -2.20 19.83
CA GLU D 1245 57.14 -2.53 20.37
C GLU D 1245 56.84 -4.02 20.22
N VAL D 1246 57.40 -4.63 19.18
CA VAL D 1246 57.24 -6.07 18.99
C VAL D 1246 58.15 -6.83 19.93
N ILE D 1247 59.40 -6.38 20.05
CA ILE D 1247 60.41 -7.17 20.72
C ILE D 1247 60.33 -6.99 22.23
N ALA D 1248 59.50 -6.06 22.70
CA ALA D 1248 59.24 -5.92 24.13
C ALA D 1248 57.97 -6.62 24.56
N HIS D 1249 57.26 -7.26 23.64
CA HIS D 1249 56.11 -8.07 24.02
C HIS D 1249 56.59 -9.30 24.77
N THR D 1250 55.70 -9.85 25.62
CA THR D 1250 56.12 -10.83 26.61
C THR D 1250 56.47 -12.18 26.00
N VAL D 1251 56.01 -12.45 24.77
CA VAL D 1251 56.26 -13.75 24.14
C VAL D 1251 57.72 -13.86 23.72
N VAL D 1252 58.17 -12.92 22.90
CA VAL D 1252 59.57 -12.88 22.46
C VAL D 1252 60.49 -12.57 23.63
N GLN D 1253 59.97 -11.93 24.68
CA GLN D 1253 60.78 -11.63 25.84
C GLN D 1253 61.03 -12.88 26.67
N ARG D 1254 59.99 -13.68 26.92
CA ARG D 1254 60.21 -14.87 27.74
C ARG D 1254 60.90 -15.97 26.96
N TYR D 1255 60.68 -16.03 25.64
CA TYR D 1255 61.50 -16.90 24.81
C TYR D 1255 62.95 -16.46 24.82
N LEU D 1256 63.18 -15.16 24.77
CA LEU D 1256 64.54 -14.65 24.71
C LEU D 1256 65.25 -14.84 26.05
N GLN D 1257 64.48 -14.90 27.14
CA GLN D 1257 65.06 -15.30 28.41
C GLN D 1257 65.35 -16.80 28.43
N GLU D 1258 64.53 -17.60 27.74
CA GLU D 1258 64.85 -19.03 27.61
C GLU D 1258 66.11 -19.24 26.78
N LEU D 1259 66.30 -18.42 25.74
CA LEU D 1259 67.52 -18.48 24.95
C LEU D 1259 68.69 -17.95 25.75
N TRP D 1260 68.43 -17.05 26.70
CA TRP D 1260 69.49 -16.56 27.57
C TRP D 1260 69.98 -17.67 28.50
N HIS D 1261 69.07 -18.47 29.04
CA HIS D 1261 69.51 -19.60 29.85
C HIS D 1261 70.07 -20.72 29.00
N GLY D 1262 69.38 -21.12 27.94
CA GLY D 1262 69.83 -22.24 27.14
C GLY D 1262 69.65 -23.57 27.85
N SER D 1263 68.52 -23.73 28.54
CA SER D 1263 68.15 -24.86 29.39
C SER D 1263 69.18 -25.14 30.48
N LEU D 1264 69.85 -24.11 31.00
CA LEU D 1264 70.81 -24.32 32.08
C LEU D 1264 70.08 -24.62 33.38
N THR D 1265 69.21 -23.71 33.81
CA THR D 1265 68.12 -23.95 34.78
C THR D 1265 68.61 -24.35 36.17
N TRP D 1266 69.66 -23.69 36.65
CA TRP D 1266 69.82 -23.51 38.09
C TRP D 1266 70.04 -22.01 38.29
N ALA D 1267 68.94 -21.26 38.28
CA ALA D 1267 69.00 -19.90 37.74
C ALA D 1267 69.54 -18.89 38.74
N SER D 1268 68.84 -18.68 39.85
CA SER D 1268 68.97 -17.41 40.56
C SER D 1268 70.18 -17.37 41.47
N TRP D 1269 70.59 -18.52 42.01
CA TRP D 1269 71.52 -18.53 43.13
C TRP D 1269 72.83 -19.23 42.81
N LYS D 1270 72.78 -20.40 42.21
CA LYS D 1270 74.01 -21.17 41.97
C LYS D 1270 74.82 -20.57 40.83
N ILE D 1271 74.19 -19.74 40.00
CA ILE D 1271 74.95 -18.97 39.01
C ILE D 1271 75.72 -17.85 39.69
N LEU D 1272 75.10 -17.22 40.70
CA LEU D 1272 75.77 -16.16 41.43
C LEU D 1272 76.93 -16.70 42.24
N LEU D 1273 76.78 -17.90 42.80
CA LEU D 1273 77.93 -18.59 43.40
C LEU D 1273 78.93 -19.01 42.33
N LEU D 1274 78.42 -19.40 41.15
CA LEU D 1274 79.25 -20.04 40.15
C LEU D 1274 80.12 -19.02 39.41
N LEU D 1275 79.74 -17.75 39.42
CA LEU D 1275 80.62 -16.67 39.01
C LEU D 1275 81.86 -16.60 39.89
N VAL D 1276 81.65 -16.75 41.20
CA VAL D 1276 82.77 -16.80 42.13
C VAL D 1276 83.60 -18.05 41.87
N ALA D 1277 82.92 -19.14 41.48
CA ALA D 1277 83.63 -20.35 41.07
C ALA D 1277 84.45 -20.12 39.80
N PHE D 1278 84.05 -19.17 38.94
CA PHE D 1278 84.96 -18.76 37.88
C PHE D 1278 86.10 -17.92 38.43
N ILE D 1279 85.82 -17.10 39.45
CA ILE D 1279 86.76 -16.03 39.77
C ILE D 1279 87.87 -16.51 40.68
N VAL D 1280 87.58 -17.58 41.43
CA VAL D 1280 88.57 -18.18 42.30
C VAL D 1280 89.70 -18.80 41.49
N CYS D 1281 89.32 -19.48 40.42
CA CYS D 1281 90.28 -20.15 39.55
C CYS D 1281 90.09 -19.72 38.09
N PRO D 1282 91.19 -19.34 37.43
CA PRO D 1282 91.31 -19.31 35.97
C PRO D 1282 91.19 -20.68 35.29
N PRO D 1283 91.78 -21.73 35.88
CA PRO D 1283 91.71 -23.05 35.24
C PRO D 1283 90.28 -23.55 35.09
N VAL D 1284 89.48 -23.40 36.14
CA VAL D 1284 88.08 -23.80 36.08
C VAL D 1284 87.33 -22.99 35.03
N TRP D 1285 87.57 -21.68 35.01
CA TRP D 1285 87.00 -20.81 33.99
C TRP D 1285 87.55 -21.13 32.61
N ILE D 1286 88.84 -21.48 32.53
CA ILE D 1286 89.46 -21.79 31.24
C ILE D 1286 88.88 -23.08 30.67
N GLY D 1287 88.42 -23.98 31.55
CA GLY D 1287 87.69 -25.15 31.09
C GLY D 1287 86.35 -24.81 30.47
N PHE D 1288 85.63 -23.86 31.06
CA PHE D 1288 84.33 -23.48 30.52
C PHE D 1288 84.47 -22.65 29.24
N THR D 1289 85.60 -21.99 29.04
CA THR D 1289 85.79 -21.25 27.80
C THR D 1289 86.10 -22.17 26.62
N PHE D 1290 86.75 -23.30 26.88
CA PHE D 1290 87.23 -24.14 25.79
C PHE D 1290 86.10 -24.99 25.22
N PRO D 1291 86.03 -25.14 23.90
CA PRO D 1291 85.06 -26.09 23.31
C PRO D 1291 85.59 -27.51 23.22
N MET D 1292 86.72 -27.82 23.87
CA MET D 1292 87.22 -29.19 23.83
C MET D 1292 86.57 -30.05 24.93
N GLY D 1293 86.57 -29.55 26.17
CA GLY D 1293 85.65 -30.08 27.16
C GLY D 1293 84.38 -29.25 27.23
N HIS D 1294 83.62 -29.25 26.14
CA HIS D 1294 82.69 -28.18 25.77
C HIS D 1294 81.56 -28.04 26.77
N LYS D 1295 80.52 -28.88 26.72
CA LYS D 1295 79.51 -29.16 27.75
C LYS D 1295 78.64 -27.96 28.19
N PHE D 1296 79.11 -26.73 28.02
CA PHE D 1296 78.35 -25.53 28.35
C PHE D 1296 78.67 -24.34 27.45
N ASN D 1297 79.37 -24.56 26.33
CA ASN D 1297 79.93 -23.43 25.61
C ASN D 1297 78.93 -22.84 24.61
N LYS D 1298 77.66 -23.27 24.68
CA LYS D 1298 76.67 -22.76 23.74
C LYS D 1298 75.66 -21.85 24.44
N VAL D 1299 75.58 -21.93 25.76
CA VAL D 1299 74.65 -21.05 26.49
C VAL D 1299 75.30 -19.69 26.61
N PRO D 1300 74.53 -18.60 26.54
CA PRO D 1300 75.15 -17.27 26.54
C PRO D 1300 75.40 -16.71 27.92
N ILE D 1301 74.81 -17.29 28.97
CA ILE D 1301 75.11 -16.87 30.34
C ILE D 1301 76.57 -17.11 30.67
N ILE D 1302 77.11 -18.25 30.25
CA ILE D 1302 78.47 -18.61 30.63
C ILE D 1302 79.48 -17.90 29.72
N LYS D 1303 79.10 -17.63 28.48
CA LYS D 1303 79.95 -16.80 27.62
C LYS D 1303 79.99 -15.36 28.12
N PHE D 1304 78.82 -14.84 28.50
CA PHE D 1304 78.72 -13.51 29.11
C PHE D 1304 79.50 -13.45 30.41
N MET D 1305 79.48 -14.55 31.16
CA MET D 1305 80.23 -14.64 32.39
C MET D 1305 81.71 -14.70 32.09
N SER D 1306 82.08 -15.20 30.91
CA SER D 1306 83.48 -15.28 30.53
C SER D 1306 84.03 -13.91 30.18
N TYR D 1307 83.24 -13.10 29.48
CA TYR D 1307 83.66 -11.71 29.28
C TYR D 1307 83.61 -10.94 30.59
N LEU D 1308 82.72 -11.34 31.50
CA LEU D 1308 82.60 -10.67 32.80
C LEU D 1308 83.85 -10.88 33.64
N THR D 1309 84.15 -12.14 34.00
CA THR D 1309 85.27 -12.40 34.88
C THR D 1309 86.59 -12.18 34.14
N SER D 1310 86.56 -12.29 32.81
CA SER D 1310 87.69 -11.84 31.99
C SER D 1310 88.00 -10.37 32.23
N HIS D 1311 86.96 -9.54 32.24
CA HIS D 1311 87.16 -8.12 32.50
C HIS D 1311 87.52 -7.86 33.95
N ILE D 1312 87.06 -8.72 34.86
CA ILE D 1312 87.41 -8.55 36.27
C ILE D 1312 88.89 -8.82 36.48
N TYR D 1313 89.41 -9.87 35.84
CA TYR D 1313 90.85 -10.11 35.93
C TYR D 1313 91.63 -9.01 35.21
N LEU D 1314 91.03 -8.38 34.20
CA LEU D 1314 91.63 -7.17 33.63
C LEU D 1314 91.70 -6.05 34.67
N MET D 1315 90.65 -5.91 35.48
CA MET D 1315 90.64 -4.90 36.55
C MET D 1315 91.69 -5.19 37.61
N ILE D 1316 91.85 -6.47 37.97
CA ILE D 1316 92.80 -6.84 39.01
C ILE D 1316 94.22 -6.62 38.54
N HIS D 1317 94.53 -7.03 37.30
CA HIS D 1317 95.87 -6.82 36.78
C HIS D 1317 96.18 -5.34 36.53
N LEU D 1318 95.16 -4.55 36.17
CA LEU D 1318 95.37 -3.10 36.13
C LEU D 1318 95.63 -2.52 37.51
N SER D 1319 94.98 -3.10 38.54
CA SER D 1319 95.17 -2.61 39.90
C SER D 1319 96.58 -2.91 40.39
N ILE D 1320 97.04 -4.15 40.20
CA ILE D 1320 98.36 -4.56 40.66
C ILE D 1320 99.48 -3.91 39.86
N VAL D 1321 99.30 -3.70 38.56
CA VAL D 1321 100.34 -3.00 37.79
C VAL D 1321 100.39 -1.52 38.16
N GLY D 1322 99.26 -0.82 38.03
CA GLY D 1322 99.30 0.62 38.05
C GLY D 1322 99.06 1.26 39.40
N ILE D 1323 98.19 0.67 40.22
CA ILE D 1323 97.67 1.35 41.40
C ILE D 1323 98.43 0.92 42.65
N THR D 1324 98.34 -0.36 42.99
CA THR D 1324 98.95 -0.91 44.20
C THR D 1324 99.98 -1.98 43.86
N PRO D 1325 101.21 -1.56 43.54
CA PRO D 1325 102.20 -2.52 43.03
C PRO D 1325 102.82 -3.40 44.10
N ILE D 1326 102.78 -4.70 43.86
CA ILE D 1326 103.56 -5.62 44.69
C ILE D 1326 105.04 -5.50 44.33
N TYR D 1327 105.37 -5.84 43.09
CA TYR D 1327 106.66 -5.63 42.47
C TYR D 1327 106.92 -4.13 42.38
N PRO D 1328 107.85 -3.58 43.17
CA PRO D 1328 108.01 -2.12 43.21
C PRO D 1328 108.66 -1.60 41.95
N VAL D 1329 107.97 -0.66 41.31
CA VAL D 1329 108.17 -0.45 39.88
C VAL D 1329 109.45 0.34 39.61
N LEU D 1330 109.78 1.29 40.47
CA LEU D 1330 110.98 2.11 40.31
C LEU D 1330 112.23 1.29 40.59
N ARG D 1331 112.86 0.79 39.53
CA ARG D 1331 114.22 0.30 39.60
C ARG D 1331 114.87 0.53 38.25
N LEU D 1332 116.21 0.60 38.27
CA LEU D 1332 116.97 0.86 37.05
C LEU D 1332 117.00 -0.41 36.20
N SER D 1333 115.96 -0.56 35.38
CA SER D 1333 115.81 -1.72 34.52
C SER D 1333 114.87 -1.38 33.38
N LEU D 1334 114.44 -2.44 32.68
CA LEU D 1334 113.30 -2.33 31.77
C LEU D 1334 112.00 -2.30 32.56
N VAL D 1335 112.07 -2.62 33.85
CA VAL D 1335 111.02 -3.13 34.73
C VAL D 1335 110.04 -4.04 33.96
N PRO D 1336 110.44 -5.26 33.57
CA PRO D 1336 109.43 -6.23 33.17
C PRO D 1336 108.98 -7.05 34.36
N TYR D 1337 107.81 -7.69 34.22
CA TYR D 1337 107.32 -8.65 35.19
C TYR D 1337 106.17 -9.42 34.55
N TRP D 1338 105.87 -10.61 35.11
CA TRP D 1338 104.99 -11.55 34.41
C TRP D 1338 103.53 -11.08 34.41
N TYR D 1339 103.10 -10.33 35.43
CA TYR D 1339 101.74 -9.80 35.32
C TYR D 1339 101.71 -8.56 34.43
N GLU D 1340 102.86 -7.92 34.21
CA GLU D 1340 102.89 -6.81 33.26
C GLU D 1340 102.90 -7.34 31.83
N VAL D 1341 103.54 -8.49 31.62
CA VAL D 1341 103.48 -9.14 30.31
C VAL D 1341 102.10 -9.73 30.07
N GLY D 1342 101.49 -10.29 31.12
CA GLY D 1342 100.13 -10.80 30.99
C GLY D 1342 99.12 -9.69 30.77
N LEU D 1343 99.35 -8.53 31.41
CA LEU D 1343 98.54 -7.37 31.12
C LEU D 1343 98.76 -6.87 29.70
N LEU D 1344 99.99 -7.02 29.20
CA LEU D 1344 100.29 -6.61 27.83
C LEU D 1344 99.59 -7.51 26.83
N ILE D 1345 99.50 -8.80 27.12
CA ILE D 1345 98.84 -9.73 26.20
C ILE D 1345 97.33 -9.71 26.43
N TRP D 1346 96.88 -9.06 27.51
CA TRP D 1346 95.44 -8.93 27.70
C TRP D 1346 94.91 -7.65 27.07
N LEU D 1347 95.72 -6.59 27.08
CA LEU D 1347 95.39 -5.41 26.29
C LEU D 1347 95.49 -5.73 24.80
N SER D 1348 96.54 -6.47 24.41
CA SER D 1348 96.65 -6.94 23.03
C SER D 1348 95.52 -7.91 22.70
N GLY D 1349 95.12 -8.73 23.67
CA GLY D 1349 94.01 -9.64 23.41
C GLY D 1349 92.68 -8.94 23.27
N LEU D 1350 92.47 -7.88 24.04
CA LEU D 1350 91.24 -7.12 23.90
C LEU D 1350 91.22 -6.31 22.62
N LEU D 1351 92.40 -5.85 22.17
CA LEU D 1351 92.51 -5.29 20.83
C LEU D 1351 92.18 -6.32 19.77
N LEU D 1352 92.62 -7.57 19.97
CA LEU D 1352 92.27 -8.66 19.08
C LEU D 1352 90.77 -8.91 19.05
N PHE D 1353 90.12 -8.84 20.21
CA PHE D 1353 88.69 -9.10 20.25
C PHE D 1353 87.89 -7.97 19.61
N GLU D 1354 88.29 -6.72 19.85
CA GLU D 1354 87.54 -5.62 19.27
C GLU D 1354 87.80 -5.49 17.77
N LEU D 1355 88.98 -5.90 17.30
CA LEU D 1355 89.19 -5.91 15.86
C LEU D 1355 88.47 -7.07 15.18
N THR D 1356 88.44 -8.25 15.83
CA THR D 1356 87.68 -9.35 15.25
C THR D 1356 86.19 -9.16 15.41
N ASN D 1357 85.71 -8.97 16.64
CA ASN D 1357 84.30 -8.74 16.89
C ASN D 1357 84.09 -7.27 17.24
N PRO D 1358 83.53 -6.47 16.34
CA PRO D 1358 83.43 -5.03 16.59
C PRO D 1358 82.37 -4.70 17.63
N SER D 1359 82.60 -3.61 18.35
CA SER D 1359 81.66 -3.09 19.34
C SER D 1359 81.41 -1.63 19.02
N ASP D 1360 80.13 -1.24 19.06
CA ASP D 1360 79.72 0.07 18.57
C ASP D 1360 80.09 1.17 19.55
N LYS D 1361 79.99 2.41 19.06
CA LYS D 1361 80.21 3.63 19.83
C LYS D 1361 78.95 4.06 20.59
N SER D 1362 77.91 3.22 20.60
CA SER D 1362 76.61 3.58 21.17
C SER D 1362 76.71 3.59 22.69
N GLY D 1363 77.21 4.71 23.21
CA GLY D 1363 77.28 4.94 24.64
C GLY D 1363 78.34 4.14 25.37
N LEU D 1364 77.89 3.17 26.18
CA LEU D 1364 78.78 2.50 27.11
C LEU D 1364 79.65 1.44 26.44
N GLY D 1365 79.44 1.17 25.15
CA GLY D 1365 80.43 0.41 24.41
C GLY D 1365 81.66 1.23 24.11
N SER D 1366 81.49 2.55 23.97
CA SER D 1366 82.57 3.44 23.54
C SER D 1366 83.72 3.45 24.52
N ILE D 1367 83.42 3.39 25.82
CA ILE D 1367 84.44 3.42 26.85
C ILE D 1367 85.30 2.15 26.81
N LYS D 1368 84.78 1.07 26.21
CA LYS D 1368 85.57 -0.14 25.96
C LYS D 1368 86.81 0.22 25.16
N VAL D 1369 86.60 0.97 24.07
CA VAL D 1369 87.70 1.48 23.24
C VAL D 1369 88.59 2.38 24.08
N LEU D 1370 87.98 3.18 24.97
CA LEU D 1370 88.75 4.08 25.81
C LEU D 1370 89.65 3.33 26.77
N VAL D 1371 89.23 2.13 27.21
CA VAL D 1371 90.11 1.29 28.02
C VAL D 1371 91.35 0.93 27.22
N LEU D 1372 91.14 0.52 25.97
CA LEU D 1372 92.27 0.22 25.11
C LEU D 1372 92.96 1.47 24.59
N LEU D 1373 92.37 2.65 24.80
CA LEU D 1373 93.10 3.88 24.47
C LEU D 1373 93.98 4.32 25.63
N LEU D 1374 93.85 3.66 26.78
CA LEU D 1374 94.72 4.03 27.88
C LEU D 1374 95.86 3.04 28.05
N GLY D 1375 95.57 1.76 27.79
CA GLY D 1375 96.60 0.74 27.77
C GLY D 1375 97.64 0.99 26.70
N MET D 1376 97.19 1.37 25.50
CA MET D 1376 98.08 1.86 24.46
C MET D 1376 98.88 3.08 24.93
N ALA D 1377 98.30 3.87 25.83
CA ALA D 1377 99.10 4.85 26.55
C ALA D 1377 100.13 4.14 27.43
N GLY D 1378 99.65 3.36 28.39
CA GLY D 1378 100.49 3.00 29.53
C GLY D 1378 101.59 2.01 29.18
N VAL D 1379 101.24 0.93 28.47
CA VAL D 1379 102.25 0.07 27.86
C VAL D 1379 103.12 0.88 26.91
N GLY D 1380 102.47 1.72 26.10
CA GLY D 1380 103.15 2.65 25.23
C GLY D 1380 103.84 3.80 25.95
N VAL D 1381 103.77 3.80 27.27
CA VAL D 1381 104.72 4.58 28.06
C VAL D 1381 105.99 3.76 28.31
N HIS D 1382 105.86 2.60 28.98
CA HIS D 1382 107.06 2.03 29.60
C HIS D 1382 107.92 1.28 28.59
N VAL D 1383 107.30 0.71 27.56
CA VAL D 1383 108.07 0.23 26.42
C VAL D 1383 108.78 1.41 25.76
N SER D 1384 108.08 2.54 25.65
CA SER D 1384 108.69 3.80 25.23
C SER D 1384 109.55 4.43 26.32
N ALA D 1385 109.63 3.82 27.49
CA ALA D 1385 110.74 4.08 28.39
C ALA D 1385 111.97 3.27 28.04
N PHE D 1386 111.81 2.01 27.64
CA PHE D 1386 112.99 1.20 27.35
C PHE D 1386 113.51 1.45 25.94
N LEU D 1387 112.68 1.22 24.93
CA LEU D 1387 113.12 1.28 23.55
C LEU D 1387 113.37 2.71 23.05
N PHE D 1388 112.86 3.72 23.74
CA PHE D 1388 113.27 5.08 23.42
C PHE D 1388 114.46 5.47 24.29
N VAL D 1389 114.80 6.76 24.25
CA VAL D 1389 116.00 7.24 24.91
C VAL D 1389 115.81 7.27 26.42
N SER D 1390 114.60 7.61 26.87
CA SER D 1390 114.10 7.78 28.25
C SER D 1390 114.64 9.05 28.91
N LYS D 1391 115.59 9.74 28.27
CA LYS D 1391 116.16 11.03 28.73
C LYS D 1391 116.65 10.96 30.18
N GLU D 1392 117.70 10.14 30.39
CA GLU D 1392 118.29 9.85 31.70
C GLU D 1392 117.30 9.14 32.64
N TYR D 1393 116.32 8.45 32.04
CA TYR D 1393 115.46 7.47 32.71
C TYR D 1393 114.67 8.09 33.87
N TRP D 1394 113.72 8.96 33.49
CA TRP D 1394 112.95 9.70 34.48
C TRP D 1394 112.08 8.75 35.31
N PRO D 1395 111.90 9.04 36.60
CA PRO D 1395 110.94 8.26 37.39
C PRO D 1395 109.51 8.75 37.24
N THR D 1396 109.32 9.96 36.69
CA THR D 1396 107.97 10.50 36.50
C THR D 1396 107.22 9.74 35.42
N LEU D 1397 107.94 9.09 34.52
CA LEU D 1397 107.30 8.36 33.44
C LEU D 1397 106.60 7.11 33.98
N VAL D 1398 107.17 6.53 35.04
CA VAL D 1398 106.51 5.46 35.80
C VAL D 1398 105.25 6.00 36.46
N TYR D 1399 105.29 7.25 36.92
CA TYR D 1399 104.09 7.85 37.50
C TYR D 1399 103.02 8.04 36.46
N CYS D 1400 103.41 8.43 35.24
CA CYS D 1400 102.43 8.69 34.19
C CYS D 1400 101.82 7.39 33.66
N ARG D 1401 102.60 6.30 33.64
CA ARG D 1401 101.98 5.03 33.25
C ARG D 1401 101.07 4.51 34.36
N ASN D 1402 101.39 4.86 35.61
CA ASN D 1402 100.46 4.52 36.69
C ASN D 1402 99.18 5.34 36.59
N GLN D 1403 99.27 6.57 36.08
CA GLN D 1403 98.08 7.39 35.90
C GLN D 1403 97.21 6.85 34.77
N CYS D 1404 97.83 6.49 33.64
CA CYS D 1404 97.07 5.98 32.51
C CYS D 1404 96.43 4.64 32.84
N PHE D 1405 97.13 3.80 33.61
CA PHE D 1405 96.52 2.56 34.07
C PHE D 1405 95.44 2.83 35.11
N ALA D 1406 95.54 3.94 35.84
CA ALA D 1406 94.51 4.26 36.82
C ALA D 1406 93.22 4.71 36.15
N LEU D 1407 93.32 5.59 35.16
CA LEU D 1407 92.14 5.97 34.36
C LEU D 1407 91.57 4.77 33.63
N ALA D 1408 92.43 3.85 33.19
CA ALA D 1408 91.94 2.58 32.67
C ALA D 1408 91.20 1.76 33.73
N PHE D 1409 91.55 1.93 35.00
CA PHE D 1409 90.79 1.23 36.03
C PHE D 1409 89.45 1.90 36.29
N LEU D 1410 89.38 3.23 36.16
CA LEU D 1410 88.11 3.94 36.24
C LEU D 1410 87.15 3.49 35.14
N LEU D 1411 87.59 3.57 33.89
CA LEU D 1411 86.74 3.19 32.79
C LEU D 1411 86.51 1.69 32.74
N ALA D 1412 87.38 0.92 33.40
CA ALA D 1412 87.08 -0.47 33.68
C ALA D 1412 85.88 -0.59 34.63
N CYS D 1413 85.83 0.25 35.66
CA CYS D 1413 84.71 0.20 36.60
C CYS D 1413 83.41 0.63 35.93
N VAL D 1414 83.48 1.59 35.02
CA VAL D 1414 82.28 1.98 34.29
C VAL D 1414 81.94 0.91 33.26
N GLN D 1415 82.94 0.14 32.82
CA GLN D 1415 82.62 -0.97 31.91
C GLN D 1415 81.95 -2.11 32.66
N ILE D 1416 82.26 -2.30 33.94
CA ILE D 1416 81.46 -3.28 34.68
C ILE D 1416 80.17 -2.66 35.17
N LEU D 1417 80.02 -1.35 35.00
CA LEU D 1417 78.66 -0.80 35.04
C LEU D 1417 77.93 -1.10 33.74
N ASP D 1418 78.67 -1.35 32.65
CA ASP D 1418 78.02 -1.78 31.41
C ASP D 1418 77.68 -3.27 31.46
N PHE D 1419 78.47 -4.07 32.17
CA PHE D 1419 78.17 -5.50 32.22
C PHE D 1419 76.97 -5.83 33.09
N LEU D 1420 76.45 -4.85 33.85
CA LEU D 1420 75.23 -5.11 34.60
C LEU D 1420 73.98 -4.75 33.81
N SER D 1421 74.08 -4.66 32.48
CA SER D 1421 72.96 -4.18 31.68
C SER D 1421 71.87 -5.23 31.53
N PHE D 1422 72.18 -6.49 31.83
CA PHE D 1422 71.23 -7.56 31.58
C PHE D 1422 70.11 -7.55 32.62
N HIS D 1423 70.34 -6.91 33.77
CA HIS D 1423 69.41 -7.05 34.88
C HIS D 1423 68.35 -5.96 34.83
N HIS D 1424 67.13 -6.31 35.27
CA HIS D 1424 65.99 -5.41 35.07
C HIS D 1424 66.02 -4.24 36.03
N LEU D 1425 66.59 -4.43 37.22
CA LEU D 1425 66.63 -3.36 38.20
C LEU D 1425 67.69 -2.33 37.84
N PHE D 1426 68.61 -2.70 36.95
CA PHE D 1426 69.73 -1.85 36.58
C PHE D 1426 69.66 -1.44 35.12
N GLY D 1427 68.77 -2.06 34.34
CA GLY D 1427 68.78 -1.96 32.90
C GLY D 1427 68.52 -0.62 32.27
N PRO D 1428 67.29 -0.09 32.39
CA PRO D 1428 66.95 1.15 31.67
C PRO D 1428 67.67 2.39 32.15
N TRP D 1429 68.28 2.34 33.34
CA TRP D 1429 69.22 3.33 33.87
C TRP D 1429 70.22 3.84 32.83
N ALA D 1430 70.96 2.92 32.19
CA ALA D 1430 72.10 3.30 31.38
C ALA D 1430 71.67 3.93 30.05
N ILE D 1431 70.38 3.84 29.70
CA ILE D 1431 69.87 4.63 28.58
C ILE D 1431 69.57 6.04 29.04
N ILE D 1432 69.05 6.18 30.26
CA ILE D 1432 68.66 7.47 30.76
C ILE D 1432 69.88 8.27 31.21
N ILE D 1433 71.04 7.62 31.30
CA ILE D 1433 72.28 8.34 31.61
C ILE D 1433 72.63 9.35 30.53
N GLY D 1434 72.77 8.91 29.28
CA GLY D 1434 73.18 9.82 28.22
C GLY D 1434 72.08 10.80 27.84
N ASP D 1435 70.83 10.31 27.89
CA ASP D 1435 69.63 11.14 27.91
C ASP D 1435 69.76 12.30 28.89
N LEU D 1436 70.28 12.03 30.09
CA LEU D 1436 70.50 13.10 31.05
C LEU D 1436 71.90 13.68 30.95
N LEU D 1437 72.69 13.23 29.97
CA LEU D 1437 73.89 13.96 29.64
C LEU D 1437 73.58 15.09 28.68
N LYS D 1438 72.45 14.99 27.98
CA LYS D 1438 71.92 16.17 27.30
C LYS D 1438 71.60 17.28 28.29
N ASP D 1439 70.86 16.96 29.35
CA ASP D 1439 70.50 17.97 30.34
C ASP D 1439 71.69 18.34 31.21
N LEU D 1440 72.60 17.40 31.43
CA LEU D 1440 73.80 17.71 32.19
C LEU D 1440 74.71 18.67 31.44
N ALA D 1441 74.88 18.47 30.13
CA ALA D 1441 75.64 19.43 29.34
C ALA D 1441 74.94 20.78 29.25
N ARG D 1442 73.61 20.72 29.11
CA ARG D 1442 72.77 21.92 29.05
C ARG D 1442 72.91 22.77 30.30
N PHE D 1443 73.01 22.13 31.46
CA PHE D 1443 73.40 22.80 32.70
C PHE D 1443 74.84 23.29 32.68
N LEU D 1444 75.75 22.40 32.26
CA LEU D 1444 77.15 22.54 32.62
C LEU D 1444 77.81 23.64 31.81
N ALA D 1445 77.27 23.94 30.63
CA ALA D 1445 77.74 25.11 29.88
C ALA D 1445 77.43 26.38 30.65
N VAL D 1446 76.22 26.46 31.20
CA VAL D 1446 75.80 27.65 31.96
C VAL D 1446 76.59 27.78 33.24
N LEU D 1447 76.86 26.65 33.90
CA LEU D 1447 77.70 26.67 35.09
C LEU D 1447 79.11 27.11 34.75
N ALA D 1448 79.63 26.69 33.60
CA ALA D 1448 80.95 27.15 33.17
C ALA D 1448 80.94 28.66 32.91
N ILE D 1449 79.83 29.19 32.42
CA ILE D 1449 79.73 30.62 32.15
C ILE D 1449 79.75 31.41 33.46
N PHE D 1450 78.92 31.01 34.43
CA PHE D 1450 78.84 31.77 35.68
C PHE D 1450 80.10 31.64 36.53
N VAL D 1451 80.67 30.43 36.59
CA VAL D 1451 81.91 30.25 37.37
C VAL D 1451 83.05 31.00 36.69
N PHE D 1452 83.04 31.05 35.36
CA PHE D 1452 84.05 31.81 34.62
C PHE D 1452 83.93 33.31 34.91
N GLY D 1453 82.72 33.86 34.80
CA GLY D 1453 82.49 35.27 35.04
C GLY D 1453 82.76 35.75 36.45
N PHE D 1454 82.15 35.08 37.43
CA PHE D 1454 82.39 35.45 38.82
C PHE D 1454 83.83 35.16 39.24
N SER D 1455 84.46 34.16 38.62
CA SER D 1455 85.86 33.88 38.90
C SER D 1455 86.76 35.04 38.45
N MET D 1456 86.51 35.54 37.24
CA MET D 1456 87.27 36.69 36.77
C MET D 1456 86.94 37.95 37.57
N HIS D 1457 85.74 38.02 38.15
CA HIS D 1457 85.43 39.14 39.03
C HIS D 1457 86.24 39.08 40.31
N ILE D 1458 86.35 37.90 40.90
CA ILE D 1458 87.11 37.78 42.15
C ILE D 1458 88.61 37.93 41.88
N VAL D 1459 89.04 37.66 40.64
CA VAL D 1459 90.34 38.16 40.20
C VAL D 1459 90.37 39.68 40.25
N ALA D 1460 89.31 40.32 39.75
CA ALA D 1460 89.27 41.77 39.74
C ALA D 1460 88.89 42.40 41.08
N LEU D 1461 88.80 41.62 42.15
CA LEU D 1461 88.58 42.18 43.48
C LEU D 1461 89.85 42.23 44.30
N ASN D 1462 90.80 41.34 44.00
CA ASN D 1462 91.99 41.15 44.81
C ASN D 1462 93.10 42.14 44.49
N GLN D 1463 92.81 43.17 43.69
CA GLN D 1463 93.82 44.16 43.34
C GLN D 1463 94.18 45.00 44.56
N SER D 1464 95.46 44.97 44.92
CA SER D 1464 95.96 45.71 46.07
C SER D 1464 95.95 47.20 45.77
N PHE D 1465 95.26 47.96 46.60
CA PHE D 1465 95.20 49.40 46.46
C PHE D 1465 95.07 50.03 47.84
N ALA D 1466 95.77 51.15 48.02
CA ALA D 1466 95.70 51.93 49.24
C ALA D 1466 95.81 53.39 48.86
N ASN D 1467 94.97 54.21 49.49
CA ASN D 1467 94.80 55.62 49.14
C ASN D 1467 96.09 56.39 49.38
N PHE D 1468 96.32 57.42 48.58
CA PHE D 1468 97.60 58.09 48.53
C PHE D 1468 97.84 58.97 49.76
N SER D 1469 98.86 58.60 50.52
CA SER D 1469 99.50 59.53 51.41
C SER D 1469 100.38 60.45 50.58
N PRO D 1470 100.41 61.76 50.84
CA PRO D 1470 101.18 62.72 50.02
C PRO D 1470 102.69 62.48 50.05
N GLU D 1471 103.18 61.87 51.13
CA GLU D 1471 104.57 61.43 51.15
C GLU D 1471 104.81 60.26 50.20
N ASP D 1472 103.78 59.42 50.01
CA ASP D 1472 103.93 58.29 49.10
C ASP D 1472 103.83 58.73 47.64
N LEU D 1473 103.31 59.94 47.39
CA LEU D 1473 103.36 60.51 46.06
C LEU D 1473 104.81 60.77 45.63
N ARG D 1474 105.64 61.23 46.56
CA ARG D 1474 107.03 61.49 46.24
C ARG D 1474 107.81 60.19 46.04
N SER D 1475 107.40 59.12 46.72
CA SER D 1475 108.04 57.82 46.60
C SER D 1475 107.37 56.92 45.57
N PHE D 1476 106.64 57.48 44.61
CA PHE D 1476 105.83 56.66 43.72
C PHE D 1476 106.63 56.21 42.50
N GLU D 1477 107.17 57.17 41.75
CA GLU D 1477 107.76 56.85 40.45
C GLU D 1477 109.11 56.15 40.60
N LYS D 1478 109.78 56.33 41.74
CA LYS D 1478 111.03 55.62 41.96
C LYS D 1478 110.79 54.14 42.22
N LYS D 1479 109.69 53.81 42.90
CA LYS D 1479 109.37 52.41 43.15
C LYS D 1479 108.53 51.81 42.02
N ASN D 1480 108.07 52.67 41.10
CA ASN D 1480 107.15 52.19 40.07
C ASN D 1480 107.87 51.75 38.81
N ARG D 1481 109.12 51.29 38.93
CA ARG D 1481 109.86 50.87 37.74
C ARG D 1481 110.15 49.36 37.75
N ASN D 1482 109.97 48.72 38.90
CA ASN D 1482 110.38 47.31 39.03
C ASN D 1482 109.22 46.38 38.70
N ARG D 1483 108.11 46.93 38.21
CA ARG D 1483 106.93 46.14 37.89
C ARG D 1483 107.08 45.42 36.56
N GLY D 1484 106.49 44.22 36.49
CA GLY D 1484 106.66 43.33 35.36
C GLY D 1484 105.53 43.42 34.36
N TYR D 1485 105.30 42.30 33.68
CA TYR D 1485 104.29 42.25 32.62
C TYR D 1485 102.88 42.25 33.20
N PHE D 1486 102.54 41.23 33.96
CA PHE D 1486 101.23 41.12 34.60
C PHE D 1486 101.38 41.43 36.09
N SER D 1487 101.31 42.70 36.43
CA SER D 1487 101.38 43.11 37.83
C SER D 1487 100.00 43.00 38.43
N ASP D 1488 99.93 43.29 39.74
CA ASP D 1488 98.76 43.56 40.60
C ASP D 1488 97.55 42.65 40.34
N VAL D 1489 97.77 41.39 39.97
CA VAL D 1489 96.64 40.48 39.83
C VAL D 1489 96.36 39.76 41.14
N ARG D 1490 97.41 39.41 41.90
CA ARG D 1490 97.38 38.83 43.24
C ARG D 1490 96.77 37.43 43.32
N MET D 1491 96.28 36.92 42.20
CA MET D 1491 95.63 35.61 42.13
C MET D 1491 95.61 35.20 40.68
N HIS D 1492 96.24 34.07 40.37
CA HIS D 1492 96.23 33.52 39.03
C HIS D 1492 94.79 33.10 38.72
N PRO D 1493 94.25 33.45 37.55
CA PRO D 1493 92.79 33.34 37.39
C PRO D 1493 92.26 31.93 37.27
N ILE D 1494 93.11 30.95 36.92
CA ILE D 1494 92.60 29.59 36.91
C ILE D 1494 92.63 29.00 38.30
N ASN D 1495 93.36 29.63 39.22
CA ASN D 1495 93.19 29.30 40.64
C ASN D 1495 91.88 29.87 41.15
N SER D 1496 91.43 30.99 40.60
CA SER D 1496 90.12 31.52 40.93
C SER D 1496 89.02 30.65 40.33
N PHE D 1497 89.25 30.10 39.14
CA PHE D 1497 88.24 29.23 38.53
C PHE D 1497 88.18 27.89 39.25
N GLU D 1498 89.34 27.32 39.58
CA GLU D 1498 89.35 26.07 40.33
C GLU D 1498 89.37 26.32 41.83
N LEU D 1499 89.00 27.52 42.24
CA LEU D 1499 88.75 27.85 43.62
C LEU D 1499 87.26 28.05 43.80
N LEU D 1500 86.70 28.92 42.97
CA LEU D 1500 85.29 29.24 42.98
C LEU D 1500 84.46 28.12 42.38
N PHE D 1501 85.06 27.23 41.59
CA PHE D 1501 84.38 26.03 41.16
C PHE D 1501 84.07 25.10 42.32
N PHE D 1502 84.87 25.11 43.37
CA PHE D 1502 84.57 24.33 44.56
C PHE D 1502 83.69 25.07 45.55
N ALA D 1503 83.22 26.27 45.21
CA ALA D 1503 82.26 26.94 46.07
C ALA D 1503 80.88 26.34 45.90
N VAL D 1504 80.63 25.69 44.75
CA VAL D 1504 79.31 25.18 44.41
C VAL D 1504 79.09 23.88 45.18
N PHE D 1505 80.16 23.37 45.80
CA PHE D 1505 80.13 22.16 46.62
C PHE D 1505 80.21 22.48 48.10
N GLY D 1506 80.18 23.77 48.46
CA GLY D 1506 80.26 24.20 49.83
C GLY D 1506 81.60 23.92 50.47
N GLN D 1507 82.69 24.37 49.84
CA GLN D 1507 84.02 24.10 50.36
C GLN D 1507 84.87 25.34 50.52
N THR D 1508 84.47 26.48 49.95
CA THR D 1508 85.20 27.71 50.15
C THR D 1508 84.31 28.70 50.91
N THR D 1509 84.90 29.30 51.94
CA THR D 1509 84.09 30.04 52.92
C THR D 1509 84.36 31.54 52.93
N THR D 1510 84.61 32.15 51.77
CA THR D 1510 84.82 33.57 51.46
C THR D 1510 86.18 34.06 52.00
N GLU D 1511 86.87 33.26 52.80
CA GLU D 1511 88.18 33.61 53.29
C GLU D 1511 89.28 32.86 52.56
N GLN D 1512 88.92 31.83 51.82
CA GLN D 1512 89.83 31.21 50.86
C GLN D 1512 89.86 31.95 49.55
N THR D 1513 89.06 33.01 49.40
CA THR D 1513 89.05 33.84 48.20
C THR D 1513 89.83 35.13 48.38
N GLN D 1514 89.83 35.69 49.59
CA GLN D 1514 90.61 36.89 49.84
C GLN D 1514 92.08 36.53 49.98
N VAL D 1515 92.92 37.13 49.11
CA VAL D 1515 94.33 36.76 49.04
C VAL D 1515 95.06 37.17 50.32
N ASP D 1516 94.59 38.23 50.96
CA ASP D 1516 95.16 38.64 52.25
C ASP D 1516 94.90 37.59 53.33
N LYS D 1517 93.80 36.87 53.22
CA LYS D 1517 93.54 35.79 54.16
C LYS D 1517 94.08 34.46 53.65
N ILE D 1518 94.42 34.39 52.35
CA ILE D 1518 95.12 33.21 51.85
C ILE D 1518 96.57 33.22 52.29
N LYS D 1519 97.32 34.24 51.87
CA LYS D 1519 98.76 34.25 52.03
C LYS D 1519 99.21 34.87 53.34
N ASN D 1520 98.28 35.10 54.27
CA ASN D 1520 98.56 35.51 55.64
C ASN D 1520 99.33 36.82 55.70
N VAL D 1521 98.91 37.79 54.89
CA VAL D 1521 99.60 39.07 54.84
C VAL D 1521 99.33 39.83 56.13
N ALA D 1522 100.42 40.33 56.74
CA ALA D 1522 100.32 40.87 58.10
C ALA D 1522 99.59 42.21 58.13
N THR D 1523 99.88 43.08 57.17
CA THR D 1523 99.19 44.36 57.06
C THR D 1523 98.16 44.27 55.95
N PRO D 1524 96.92 44.65 56.20
CA PRO D 1524 95.91 44.60 55.13
C PRO D 1524 96.15 45.65 54.06
N THR D 1525 96.58 45.19 52.88
CA THR D 1525 96.81 46.11 51.77
C THR D 1525 95.49 46.63 51.22
N GLN D 1526 94.41 45.91 51.45
CA GLN D 1526 93.09 46.40 51.08
C GLN D 1526 92.57 47.32 52.18
N PRO D 1527 91.61 48.20 51.88
CA PRO D 1527 90.84 48.84 52.95
C PRO D 1527 89.80 47.86 53.49
N TYR D 1528 89.19 48.23 54.61
CA TYR D 1528 88.24 47.32 55.28
C TYR D 1528 86.82 47.63 54.83
N TRP D 1529 86.65 47.74 53.52
CA TRP D 1529 85.30 47.81 52.97
C TRP D 1529 85.19 47.04 51.67
N VAL D 1530 86.28 46.39 51.26
CA VAL D 1530 86.18 45.51 50.10
C VAL D 1530 85.74 44.12 50.54
N GLU D 1531 85.89 43.82 51.84
CA GLU D 1531 85.42 42.55 52.37
C GLU D 1531 83.91 42.47 52.31
N TYR D 1532 83.25 43.63 52.40
CA TYR D 1532 81.81 43.71 52.15
C TYR D 1532 81.51 43.36 50.70
N LEU D 1533 82.41 43.73 49.78
CA LEU D 1533 82.20 43.36 48.38
C LEU D 1533 82.49 41.88 48.14
N PHE D 1534 83.42 41.30 48.91
CA PHE D 1534 83.60 39.85 48.82
C PHE D 1534 82.37 39.12 49.32
N LYS D 1535 81.76 39.60 50.39
CA LYS D 1535 80.58 38.94 50.91
C LYS D 1535 79.37 39.15 50.00
N ILE D 1536 79.28 40.30 49.35
CA ILE D 1536 78.15 40.55 48.46
C ILE D 1536 78.29 39.75 47.18
N VAL D 1537 79.45 39.84 46.53
CA VAL D 1537 79.64 39.17 45.23
C VAL D 1537 79.66 37.66 45.41
N PHE D 1538 80.37 37.18 46.44
CA PHE D 1538 80.40 35.75 46.71
C PHE D 1538 79.04 35.26 47.20
N GLY D 1539 78.29 36.13 47.88
CA GLY D 1539 76.95 35.76 48.29
C GLY D 1539 76.00 35.60 47.11
N ILE D 1540 76.09 36.51 46.14
CA ILE D 1540 75.26 36.41 44.94
C ILE D 1540 75.65 35.21 44.10
N TYR D 1541 76.96 34.89 44.04
CA TYR D 1541 77.40 33.71 43.32
C TYR D 1541 76.87 32.43 43.98
N MET D 1542 77.00 32.32 45.31
CA MET D 1542 76.51 31.14 46.01
C MET D 1542 75.01 31.00 45.90
N LEU D 1543 74.29 32.13 45.87
CA LEU D 1543 72.85 32.12 45.69
C LEU D 1543 72.49 31.57 44.30
N VAL D 1544 73.13 32.10 43.26
CA VAL D 1544 72.79 31.73 41.89
C VAL D 1544 73.13 30.27 41.63
N SER D 1545 74.36 29.86 41.97
CA SER D 1545 74.79 28.50 41.71
C SER D 1545 74.07 27.51 42.61
N VAL D 1546 74.30 27.63 43.93
CA VAL D 1546 73.83 26.62 44.88
C VAL D 1546 72.31 26.64 45.04
N VAL D 1547 71.69 27.81 45.05
CA VAL D 1547 70.25 27.92 45.11
C VAL D 1547 69.61 27.63 43.76
N VAL D 1548 70.09 28.26 42.70
CA VAL D 1548 69.35 28.35 41.46
C VAL D 1548 69.79 27.29 40.46
N LEU D 1549 71.09 27.18 40.21
CA LEU D 1549 71.55 26.38 39.07
C LEU D 1549 71.45 24.90 39.34
N ILE D 1550 71.94 24.47 40.50
CA ILE D 1550 71.88 23.06 40.91
C ILE D 1550 70.45 22.56 40.98
N GLN D 1551 69.58 23.33 41.58
CA GLN D 1551 68.23 22.85 41.81
C GLN D 1551 67.35 23.01 40.58
N LEU D 1552 67.79 23.89 39.69
CA LEU D 1552 67.25 23.91 38.34
C LEU D 1552 67.66 22.65 37.57
N LEU D 1553 68.87 22.15 37.82
CA LEU D 1553 69.27 20.86 37.24
C LEU D 1553 68.43 19.72 37.79
N ILE D 1554 68.08 19.79 39.08
CA ILE D 1554 67.23 18.76 39.66
C ILE D 1554 65.85 18.80 39.01
N ALA D 1555 65.37 20.01 38.70
CA ALA D 1555 64.12 20.16 37.98
C ALA D 1555 64.18 19.52 36.59
N MET D 1556 65.24 19.78 35.84
CA MET D 1556 65.28 19.30 34.46
C MET D 1556 65.50 17.79 34.40
N MET D 1557 66.35 17.25 35.29
CA MET D 1557 66.57 15.82 35.32
C MET D 1557 65.31 15.06 35.71
N SER D 1558 64.57 15.59 36.68
CA SER D 1558 63.28 14.98 37.02
C SER D 1558 62.32 15.02 35.84
N ASP D 1559 62.20 16.18 35.23
CA ASP D 1559 61.13 16.35 34.27
C ASP D 1559 61.52 15.99 32.86
N THR D 1560 62.66 15.32 32.68
CA THR D 1560 62.83 14.51 31.48
C THR D 1560 62.92 13.03 31.82
N TYR D 1561 63.23 12.71 33.09
CA TYR D 1561 63.14 11.33 33.51
C TYR D 1561 61.70 10.83 33.48
N GLN D 1562 60.77 11.73 33.73
CA GLN D 1562 59.34 11.46 33.63
C GLN D 1562 58.92 11.10 32.20
N ARG D 1563 59.48 11.79 31.22
CA ARG D 1563 59.13 11.56 29.82
C ARG D 1563 59.73 10.26 29.31
N ILE D 1564 61.03 10.05 29.57
CA ILE D 1564 61.72 8.96 28.88
C ILE D 1564 61.87 7.72 29.77
N GLN D 1565 61.18 7.69 30.93
CA GLN D 1565 61.15 6.47 31.75
C GLN D 1565 60.51 5.29 31.03
N ALA D 1566 59.21 5.39 30.72
CA ALA D 1566 58.45 4.25 30.27
C ALA D 1566 58.84 3.82 28.86
N GLN D 1567 59.38 4.75 28.09
CA GLN D 1567 59.90 4.40 26.77
C GLN D 1567 61.30 3.82 26.89
N SER D 1568 62.05 4.24 27.91
CA SER D 1568 63.40 3.70 28.08
C SER D 1568 63.37 2.29 28.64
N ASP D 1569 62.23 1.88 29.23
CA ASP D 1569 62.02 0.46 29.53
C ASP D 1569 62.06 -0.37 28.25
N ILE D 1570 61.27 0.02 27.24
CA ILE D 1570 61.16 -0.73 26.00
C ILE D 1570 62.49 -0.68 25.25
N GLU D 1571 63.17 0.46 25.28
CA GLU D 1571 64.49 0.52 24.66
C GLU D 1571 65.52 -0.33 25.41
N TRP D 1572 65.30 -0.54 26.71
CA TRP D 1572 66.18 -1.48 27.41
C TRP D 1572 65.93 -2.90 26.96
N LYS D 1573 64.67 -3.27 26.74
CA LYS D 1573 64.39 -4.62 26.25
C LYS D 1573 64.95 -4.83 24.85
N PHE D 1574 64.95 -3.77 24.02
CA PHE D 1574 65.54 -3.87 22.69
C PHE D 1574 67.05 -4.04 22.76
N GLY D 1575 67.72 -3.25 23.60
CA GLY D 1575 69.17 -3.37 23.71
C GLY D 1575 69.59 -4.68 24.36
N LEU D 1576 68.76 -5.19 25.27
CA LEU D 1576 68.93 -6.52 25.83
C LEU D 1576 68.82 -7.58 24.74
N SER D 1577 67.90 -7.38 23.79
CA SER D 1577 67.74 -8.33 22.70
C SER D 1577 68.97 -8.37 21.81
N LYS D 1578 69.54 -7.19 21.50
CA LYS D 1578 70.77 -7.15 20.73
C LYS D 1578 71.93 -7.77 21.50
N LEU D 1579 71.91 -7.66 22.84
CA LEU D 1579 72.97 -8.26 23.63
C LEU D 1579 72.87 -9.79 23.62
N ILE D 1580 71.66 -10.33 23.78
CA ILE D 1580 71.48 -11.77 23.84
C ILE D 1580 71.75 -12.41 22.48
N ARG D 1581 71.36 -11.72 21.40
CA ARG D 1581 71.77 -12.18 20.06
C ARG D 1581 73.28 -12.16 19.89
N ASN D 1582 73.92 -11.07 20.31
CA ASN D 1582 75.34 -10.95 20.03
C ASN D 1582 76.17 -11.80 20.99
N MET D 1583 75.54 -12.42 21.98
CA MET D 1583 76.21 -13.50 22.68
C MET D 1583 75.92 -14.85 22.04
N HIS D 1584 74.64 -15.21 21.89
CA HIS D 1584 74.23 -16.52 21.40
C HIS D 1584 74.62 -16.78 19.95
N ARG D 1585 74.29 -15.85 19.05
CA ARG D 1585 74.50 -16.10 17.62
C ARG D 1585 75.87 -15.64 17.16
N THR D 1586 76.83 -15.57 18.08
CA THR D 1586 78.22 -15.27 17.76
C THR D 1586 79.13 -16.03 18.70
N THR D 1587 79.60 -17.19 18.26
CA THR D 1587 80.65 -17.91 18.95
C THR D 1587 81.96 -17.17 18.73
N THR D 1588 82.58 -16.72 19.82
CA THR D 1588 83.71 -15.82 19.70
C THR D 1588 84.77 -16.11 20.75
N ALA D 1589 85.65 -15.15 20.93
CA ALA D 1589 86.80 -15.35 21.78
C ALA D 1589 86.65 -14.54 23.07
N PRO D 1590 86.47 -15.19 24.22
CA PRO D 1590 86.59 -14.44 25.49
C PRO D 1590 88.01 -14.02 25.74
N SER D 1591 88.47 -12.95 25.10
CA SER D 1591 89.89 -12.88 24.78
C SER D 1591 90.71 -11.87 25.55
N PRO D 1592 90.89 -12.11 26.85
CA PRO D 1592 92.25 -11.95 27.35
C PRO D 1592 92.88 -13.34 27.37
N LEU D 1593 91.99 -14.34 27.45
CA LEU D 1593 92.37 -15.72 27.27
C LEU D 1593 92.55 -16.07 25.80
N ASN D 1594 91.51 -15.87 25.00
CA ASN D 1594 91.44 -16.56 23.72
C ASN D 1594 91.97 -15.69 22.57
N LEU D 1595 92.93 -14.82 22.88
CA LEU D 1595 93.85 -14.36 21.83
C LEU D 1595 94.85 -15.46 21.51
N VAL D 1596 95.07 -16.37 22.46
CA VAL D 1596 95.88 -17.56 22.22
C VAL D 1596 95.16 -18.48 21.25
N THR D 1597 93.82 -18.54 21.33
CA THR D 1597 93.05 -19.47 20.51
C THR D 1597 93.05 -19.07 19.04
N THR D 1598 93.37 -17.80 18.75
CA THR D 1598 93.61 -17.41 17.37
C THR D 1598 95.03 -17.77 16.94
N TRP D 1599 95.98 -17.71 17.87
CA TRP D 1599 97.37 -18.00 17.53
C TRP D 1599 97.66 -19.49 17.59
N PHE D 1600 96.94 -20.23 18.44
CA PHE D 1600 97.11 -21.67 18.48
C PHE D 1600 96.33 -22.35 17.35
N MET D 1601 95.45 -21.60 16.68
CA MET D 1601 94.83 -22.11 15.47
C MET D 1601 95.50 -21.55 14.24
N TRP D 1602 96.33 -20.52 14.41
CA TRP D 1602 97.05 -19.91 13.29
C TRP D 1602 98.36 -19.31 13.77
N ARG D 1670 61.11 -20.14 4.69
CA ARG D 1670 60.98 -21.20 5.70
C ARG D 1670 59.94 -20.79 6.74
N ILE D 1671 59.77 -19.47 6.92
CA ILE D 1671 58.81 -18.97 7.90
C ILE D 1671 57.38 -19.12 7.38
N GLU D 1672 57.23 -19.30 6.07
CA GLU D 1672 55.92 -19.20 5.44
C GLU D 1672 55.08 -20.44 5.70
N ASN D 1673 55.69 -21.49 6.26
CA ASN D 1673 54.97 -22.71 6.59
C ASN D 1673 55.33 -23.29 7.96
N VAL D 1674 55.65 -22.44 8.93
CA VAL D 1674 55.80 -22.92 10.31
C VAL D 1674 54.59 -22.51 11.14
N ALA D 1675 53.52 -22.08 10.47
CA ALA D 1675 52.32 -21.70 11.19
C ALA D 1675 51.12 -21.81 10.29
N ASP D 1676 49.94 -21.93 10.90
CA ASP D 1676 48.70 -21.99 10.13
C ASP D 1676 48.20 -20.58 9.85
N TRP D 1677 48.89 -19.86 8.98
CA TRP D 1677 48.79 -18.42 8.91
C TRP D 1677 47.38 -17.99 8.54
N GLU D 1678 46.77 -18.71 7.62
CA GLU D 1678 45.43 -18.40 7.19
C GLU D 1678 44.46 -18.52 8.37
N ALA D 1679 44.66 -19.52 9.22
CA ALA D 1679 43.75 -19.68 10.33
C ALA D 1679 44.03 -18.64 11.41
N ILE D 1680 45.29 -18.21 11.52
CA ILE D 1680 45.65 -17.18 12.48
C ILE D 1680 45.11 -15.84 12.04
N ALA D 1681 45.11 -15.59 10.72
CA ALA D 1681 44.57 -14.33 10.20
C ALA D 1681 43.06 -14.24 10.39
N LYS D 1682 42.39 -15.38 10.44
CA LYS D 1682 40.98 -15.37 10.82
C LYS D 1682 40.82 -15.08 12.30
N LYS D 1683 41.78 -15.53 13.12
CA LYS D 1683 41.72 -15.25 14.55
C LYS D 1683 42.04 -13.79 14.82
N TYR D 1684 42.86 -13.15 13.98
CA TYR D 1684 43.19 -11.75 14.18
C TYR D 1684 42.00 -10.86 13.88
N ARG D 1685 41.18 -11.25 12.90
CA ARG D 1685 39.97 -10.50 12.62
C ARG D 1685 38.90 -10.79 13.65
N ALA D 1686 39.05 -11.89 14.40
CA ALA D 1686 38.13 -12.18 15.49
C ALA D 1686 38.41 -11.28 16.70
N LEU D 1687 39.65 -10.81 16.84
CA LEU D 1687 39.95 -9.86 17.90
C LEU D 1687 39.42 -8.48 17.57
N VAL D 1688 39.68 -8.00 16.35
CA VAL D 1688 39.37 -6.61 16.01
C VAL D 1688 37.91 -6.50 15.57
N GLY D 1689 37.29 -7.61 15.23
CA GLY D 1689 35.90 -7.59 14.78
C GLY D 1689 35.76 -7.37 13.29
P PCF E . 43.03 10.13 64.96
O11 PCF E . 44.05 10.55 66.13
O12 PCF E . 42.54 11.29 64.19
O13 PCF E . 41.85 9.28 65.66
O14 PCF E . 43.85 9.09 64.04
C1 PCF E . 45.43 10.79 65.82
C2 PCF E . 46.22 10.96 67.12
C3 PCF E . 46.45 9.60 67.77
O31 PCF E . 45.26 8.81 67.71
O32 PCF E . 44.52 7.12 69.05
C31 PCF E . 45.37 7.59 68.29
C32 PCF E . 46.63 6.77 67.93
C33 PCF E . 47.71 7.04 68.98
C34 PCF E . 49.06 6.55 68.48
C35 PCF E . 50.14 7.05 69.43
C36 PCF E . 51.53 6.69 68.90
C37 PCF E . 52.57 7.30 69.84
C38 PCF E . 53.97 6.90 69.39
C39 PCF E . 54.99 7.53 70.35
C40 PCF E . 56.40 7.11 69.97
C41 PCF E . 57.40 7.73 70.95
C42 PCF E . 58.81 7.28 70.59
O21 PCF E . 47.50 11.60 66.88
O22 PCF E . 48.12 10.73 64.85
C21 PCF E . 48.32 10.89 66.06
C22 PCF E . 49.56 10.26 66.71
C23 PCF E . 50.78 11.13 66.41
C24 PCF E . 52.04 10.31 66.66
C25 PCF E . 53.29 11.19 66.53
C26 PCF E . 54.52 10.29 66.65
C27 PCF E . 55.78 11.14 66.84
C28 PCF E . 56.97 10.20 67.02
C29 PCF E . 58.17 10.99 67.54
C30 PCF E . 59.15 10.30 68.50
C47 PCF E . 60.35 11.07 69.05
C48 PCF E . 61.45 10.08 69.43
C49 PCF E . 62.61 10.84 70.08
P PCF F . 45.11 16.39 69.55
O11 PCF F . 46.67 16.57 69.17
O12 PCF F . 44.73 14.97 69.77
O13 PCF F . 44.24 17.12 68.41
O14 PCF F . 44.91 17.28 70.90
C1 PCF F . 47.09 16.32 67.82
C2 PCF F . 48.61 16.55 67.71
C3 PCF F . 48.87 18.06 67.75
O31 PCF F . 50.27 18.31 67.54
O32 PCF F . 49.77 20.19 66.35
C31 PCF F . 50.47 19.60 67.16
C32 PCF F . 51.67 20.30 67.81
C33 PCF F . 52.90 20.13 66.91
C34 PCF F . 54.10 20.78 67.57
C35 PCF F . 55.34 20.54 66.71
C36 PCF F . 56.57 21.15 67.38
C37 PCF F . 56.37 22.67 67.53
O21 PCF F . 49.27 15.88 68.78
O22 PCF F . 48.51 13.86 67.92
C21 PCF F . 49.26 14.52 68.64
C22 PCF F . 50.32 13.81 69.47
C23 PCF F . 51.62 14.63 69.51
C24 PCF F . 52.70 13.79 70.17
C25 PCF F . 54.04 14.54 70.13
C26 PCF F . 55.13 13.61 70.68
C27 PCF F . 56.48 14.31 70.60
C28 PCF F . 57.57 13.36 71.09
C29 PCF F . 58.93 14.05 71.02
N PCF G . 103.73 28.56 41.16
P PCF G . 99.21 28.92 39.61
O11 PCF G . 98.60 27.67 40.44
O12 PCF G . 99.77 28.48 38.31
O13 PCF G . 100.26 29.65 40.58
O14 PCF G . 97.96 29.94 39.41
C11 PCF G . 101.66 29.58 40.29
C12 PCF G . 102.41 29.09 41.52
C13 PCF G . 103.58 27.40 40.27
C14 PCF G . 104.52 29.60 40.49
C15 PCF G . 104.44 28.13 42.38
C1 PCF G . 97.22 27.30 40.28
C2 PCF G . 97.10 26.32 39.12
C3 PCF G . 95.63 25.97 38.92
O31 PCF G . 95.32 24.76 39.63
O32 PCF G . 93.13 24.17 39.90
C31 PCF G . 94.14 24.25 39.20
C32 PCF G . 94.12 23.77 37.75
C33 PCF G . 92.68 23.65 37.26
C34 PCF G . 91.95 22.58 38.06
C35 PCF G . 90.68 23.16 38.69
C36 PCF G . 89.60 23.27 37.63
C37 PCF G . 88.65 22.07 37.74
C38 PCF G . 87.94 21.86 36.41
C39 PCF G . 87.18 20.53 36.44
C40 PCF G . 86.91 20.08 35.01
C41 PCF G . 85.61 19.28 34.97
C42 PCF G . 85.23 18.98 33.51
C43 PCF G . 83.77 18.55 33.43
O21 PCF G . 97.61 26.94 37.93
O22 PCF G . 99.51 26.49 36.74
C21 PCF G . 98.41 26.14 37.17
C22 PCF G . 97.88 24.74 36.87
C23 PCF G . 97.65 24.59 35.36
C24 PCF G . 96.25 24.03 35.11
C25 PCF G . 96.21 23.38 33.72
C26 PCF G . 94.79 23.46 33.17
C27 PCF G . 94.10 22.12 33.37
C28 PCF G . 93.22 21.80 32.16
C44 PCF G . 83.66 17.25 32.65
C45 PCF G . 82.79 16.26 33.43
C46 PCF G . 82.52 15.03 32.58
N PCF H . 93.90 -8.25 71.63
P PCF H . 89.17 -9.06 70.75
O11 PCF H . 88.33 -9.05 69.37
O12 PCF H . 88.38 -8.55 71.90
O13 PCF H . 90.53 -8.23 70.48
O14 PCF H . 89.61 -10.59 70.97
C11 PCF H . 91.79 -8.90 70.48
C12 PCF H . 92.92 -7.87 70.60
C13 PCF H . 93.25 -8.23 72.96
C14 PCF H . 94.41 -9.60 71.36
C15 PCF H . 95.01 -7.30 71.63
C1 PCF H . 88.00 -7.83 68.70
C2 PCF H . 88.74 -7.77 67.36
C3 PCF H . 88.10 -8.74 66.36
O31 PCF H . 87.75 -9.96 67.03
O32 PCF H . 88.59 -12.05 66.63
C31 PCF H . 87.94 -11.07 66.27
C32 PCF H . 87.28 -11.04 64.89
C33 PCF H . 85.85 -10.48 65.01
C34 PCF H . 85.46 -9.79 63.70
C35 PCF H . 84.27 -8.87 63.95
C36 PCF H . 82.98 -9.68 63.89
C37 PCF H . 82.68 -10.06 62.45
C38 PCF H . 81.17 -9.90 62.19
O21 PCF H . 88.69 -6.44 66.83
O22 PCF H . 90.79 -6.05 66.03
C21 PCF H . 89.60 -6.30 65.84
C22 PCF H . 89.05 -6.47 64.42
C23 PCF H . 88.54 -5.12 63.90
C24 PCF H . 87.10 -5.30 63.39
C25 PCF H . 86.94 -4.54 62.08
C26 PCF H . 85.73 -3.62 62.17
C27 PCF H . 84.48 -4.46 62.48
C28 PCF H . 83.45 -4.26 61.37
C29 PCF H . 82.09 -3.96 61.99
C30 PCF H . 80.82 -4.37 61.26
N PCF I . 100.08 -0.21 53.23
P PCF I . 97.31 -2.75 50.55
O11 PCF I . 95.75 -2.49 50.27
O12 PCF I . 97.77 -4.03 49.95
O13 PCF I . 97.55 -2.67 52.14
O14 PCF I . 98.06 -1.47 49.90
C11 PCF I . 98.01 -1.45 52.73
C12 PCF I . 99.51 -1.54 53.00
C13 PCF I . 99.89 0.62 52.03
C14 PCF I . 99.40 0.43 54.37
C15 PCF I . 101.51 -0.32 53.52
C1 PCF I . 95.11 -3.11 49.16
C2 PCF I . 93.71 -3.58 49.57
C3 PCF I . 92.88 -3.86 48.32
O31 PCF I . 93.47 -4.92 47.57
O32 PCF I . 95.20 -3.81 46.54
C31 PCF I . 94.17 -4.48 46.48
C32 PCF I . 93.60 -4.91 45.13
C33 PCF I . 92.20 -4.29 44.96
C34 PCF I . 91.74 -4.45 43.51
C35 PCF I . 90.30 -4.96 43.50
C36 PCF I . 89.81 -5.09 42.05
C37 PCF I . 88.36 -5.58 42.04
O21 PCF I . 93.84 -4.77 50.35
O22 PCF I . 95.58 -4.53 51.80
C21 PCF I . 94.37 -4.47 51.56
C22 PCF I . 93.37 -4.05 52.63
C23 PCF I . 92.77 -5.29 53.27
C24 PCF I . 91.25 -5.28 53.10
C25 PCF I . 90.59 -5.19 54.48
C26 PCF I . 89.09 -5.50 54.34
C27 PCF I . 88.49 -4.57 53.28
C28 PCF I . 88.20 -5.37 52.01
C29 PCF I . 86.68 -5.49 51.82
C30 PCF I . 85.77 -5.68 53.03
P PCF J . 88.40 -14.76 72.02
O11 PCF J . 88.40 -14.82 70.40
O12 PCF J . 87.24 -14.02 72.56
O13 PCF J . 89.82 -14.15 72.45
O14 PCF J . 88.40 -16.31 72.48
C1 PCF J . 87.67 -13.83 69.65
C2 PCF J . 86.65 -14.53 68.75
C3 PCF J . 85.52 -15.10 69.60
O31 PCF J . 84.94 -14.06 70.38
O32 PCF J . 84.56 -15.27 72.29
C31 PCF J . 84.14 -14.59 71.34
C32 PCF J . 82.64 -14.32 71.17
C33 PCF J . 81.92 -15.62 70.83
C34 PCF J . 80.53 -15.30 70.29
C35 PCF J . 80.01 -16.48 69.48
O21 PCF J . 86.13 -13.59 67.82
O22 PCF J . 84.65 -13.62 66.06
C21 PCF J . 85.34 -14.21 66.89
P PCF K . 58.90 -2.32 52.90
O11 PCF K . 60.21 -2.63 53.80
O12 PCF K . 57.72 -1.97 53.72
O13 PCF K . 58.69 -3.60 51.94
O14 PCF K . 59.34 -1.09 51.93
C1 PCF K . 61.14 -1.58 54.09
C2 PCF K . 62.33 -2.15 54.87
C3 PCF K . 63.07 -3.19 54.07
O31 PCF K . 62.19 -4.22 53.61
O32 PCF K . 62.48 -6.46 53.39
C31 PCF K . 62.83 -5.31 53.11
C32 PCF K . 64.01 -5.07 52.17
C33 PCF K . 65.29 -5.01 53.00
C34 PCF K . 66.33 -4.13 52.30
C35 PCF K . 67.45 -3.81 53.30
C36 PCF K . 68.41 -2.79 52.69
C37 PCF K . 69.50 -2.45 53.70
O21 PCF K . 63.28 -1.11 55.15
O22 PCF K . 61.81 0.58 55.73
C21 PCF K . 62.78 -0.14 55.94
C22 PCF K . 63.63 0.17 57.17
C23 PCF K . 65.08 -0.24 56.91
C24 PCF K . 65.91 0.11 58.14
C25 PCF K . 67.37 -0.23 57.91
C26 PCF K . 68.17 0.31 59.09
C27 PCF K . 69.65 0.02 58.89
C28 PCF K . 70.42 0.64 60.06
C29 PCF K . 71.92 0.33 59.92
C30 PCF K . 72.80 0.26 61.17
C47 PCF K . 74.29 -0.04 61.03
N PCF L . 61.44 -6.21 47.16
P PCF L . 64.71 -5.64 45.49
O11 PCF L . 66.00 -4.80 45.01
O12 PCF L . 63.95 -6.19 44.34
O13 PCF L . 63.86 -4.64 46.44
O14 PCF L . 65.38 -6.78 46.42
C11 PCF L . 63.53 -5.02 47.78
C12 PCF L . 62.76 -6.35 47.79
C13 PCF L . 60.68 -5.06 47.68
C14 PCF L . 61.49 -6.16 45.70
C15 PCF L . 60.68 -7.42 47.52
C1 PCF L . 66.50 -3.75 45.85
C2 PCF L . 67.56 -4.28 46.81
C3 PCF L . 68.86 -4.59 46.07
O31 PCF L . 68.68 -5.62 45.11
O32 PCF L . 70.12 -7.24 44.50
C31 PCF L . 69.90 -6.05 44.67
C32 PCF L . 71.05 -5.05 44.35
C33 PCF L . 71.89 -4.89 45.61
C34 PCF L . 72.98 -3.85 45.41
C35 PCF L . 73.67 -3.61 46.75
C36 PCF L . 74.85 -2.66 46.57
C37 PCF L . 75.53 -2.44 47.91
C38 PCF L . 76.77 -1.57 47.70
C39 PCF L . 77.44 -1.32 49.04
O21 PCF L . 67.84 -3.27 47.74
O22 PCF L . 65.70 -3.50 48.61
C21 PCF L . 66.84 -3.07 48.64
C22 PCF L . 67.24 -2.15 49.81
C23 PCF L . 68.77 -2.07 49.97
C24 PCF L . 69.12 -0.99 50.99
C25 PCF L . 70.64 -0.89 51.10
N PCF M . 70.91 31.42 89.45
P PCF M . 67.05 32.30 86.62
O11 PCF M . 66.20 31.33 85.64
O12 PCF M . 67.16 33.68 86.08
O13 PCF M . 68.48 31.60 86.86
O14 PCF M . 66.27 32.26 88.02
C11 PCF M . 68.81 31.09 88.17
C12 PCF M . 70.32 30.84 88.24
C13 PCF M . 70.79 32.89 89.41
C14 PCF M . 70.20 30.91 90.65
C15 PCF M . 72.32 31.05 89.54
C1 PCF M . 66.72 30.89 84.38
C2 PCF M . 66.96 29.38 84.43
C3 PCF M . 65.62 28.64 84.37
O31 PCF M . 64.65 29.33 85.17
O32 PCF M . 63.59 28.54 87.03
C31 PCF M . 63.80 28.49 85.83
C32 PCF M . 63.09 27.46 84.95
C33 PCF M . 62.59 28.13 83.66
C34 PCF M . 62.55 27.08 82.54
C35 PCF M . 62.50 27.80 81.19
C36 PCF M . 61.06 28.18 80.87
C37 PCF M . 60.27 26.94 80.49
C38 PCF M . 59.35 27.26 79.31
O21 PCF M . 67.78 28.99 83.33
O22 PCF M . 69.26 27.47 84.21
C21 PCF M . 68.26 27.72 83.53
C22 PCF M . 67.46 26.60 82.86
C23 PCF M . 67.99 26.38 81.44
C24 PCF M . 66.82 26.41 80.46
C25 PCF M . 66.98 25.30 79.43
C26 PCF M . 66.87 25.88 78.03
C27 PCF M . 65.53 26.58 77.86
C28 PCF M . 64.76 25.95 76.72
C29 PCF M . 64.22 27.03 75.79
C30 PCF M . 62.94 26.80 75.00
N PCF N . 76.75 12.46 82.53
P PCF N . 72.51 10.86 81.63
O11 PCF N . 71.61 11.20 80.33
O12 PCF N . 71.74 10.07 82.62
O13 PCF N . 73.06 12.26 82.20
O14 PCF N . 73.79 10.05 81.06
C11 PCF N . 74.38 12.70 81.85
C12 PCF N . 75.35 12.39 82.99
C13 PCF N . 76.96 11.46 81.47
C14 PCF N . 77.01 13.81 81.98
C15 PCF N . 77.66 12.21 83.65
C1 PCF N . 70.50 10.36 80.00
C2 PCF N . 69.35 11.23 79.51
C3 PCF N . 68.32 10.38 78.77
O31 PCF N . 67.78 9.40 79.67
O32 PCF N . 69.48 7.87 79.74
C31 PCF N . 68.31 8.15 79.51
C32 PCF N . 67.32 7.10 79.02
C33 PCF N . 66.84 7.48 77.62
C34 PCF N . 66.09 6.30 76.99
C35 PCF N . 64.79 6.79 76.37
C36 PCF N . 64.06 5.62 75.70
C37 PCF N . 62.76 6.13 75.06
O21 PCF N . 68.73 11.85 80.64
O22 PCF N . 70.36 12.58 82.07
C21 PCF N . 69.56 12.79 81.17
C22 PCF N . 69.46 14.18 80.52
C23 PCF N . 68.30 14.94 81.17
C24 PCF N . 67.28 15.35 80.10
C25 PCF N . 67.21 16.87 80.02
C26 PCF N . 65.99 17.27 79.19
C27 PCF N . 66.03 16.56 77.84
C28 PCF N . 64.98 15.45 77.82
C29 PCF N . 63.87 15.82 76.84
C30 PCF N . 63.41 17.27 76.72
P PCF O . 62.68 33.47 90.39
O11 PCF O . 62.28 31.97 89.94
O12 PCF O . 62.58 34.44 89.27
O13 PCF O . 64.14 33.39 91.05
O14 PCF O . 61.65 33.84 91.59
C1 PCF O . 62.36 31.60 88.56
C2 PCF O . 60.99 31.09 88.10
C3 PCF O . 60.03 32.28 87.99
O31 PCF O . 60.58 33.27 87.12
O32 PCF O . 59.87 35.11 88.27
C31 PCF O . 59.87 34.42 87.25
C32 PCF O . 59.06 34.83 86.02
C33 PCF O . 57.57 34.72 86.32
C34 PCF O . 56.78 34.75 85.02
C35 PCF O . 55.41 34.12 85.25
O21 PCF O . 61.13 30.47 86.82
O22 PCF O . 59.76 29.39 85.33
C21 PCF O . 59.97 29.87 86.44
P PCF P . 48.32 27.22 56.55
O11 PCF P . 49.15 27.56 57.90
O12 PCF P . 47.98 28.44 55.77
O13 PCF P . 47.04 26.34 57.00
O14 PCF P . 49.28 26.22 55.71
C1 PCF P . 50.57 27.53 57.89
C2 PCF P . 51.11 27.79 59.30
C3 PCF P . 50.66 26.72 60.26
O31 PCF P . 49.24 26.57 60.25
O32 PCF P . 47.75 26.15 61.91
C31 PCF P . 48.75 25.82 61.27
C32 PCF P . 49.49 24.51 61.61
C33 PCF P . 50.56 24.81 62.67
C34 PCF P . 51.72 23.84 62.53
C35 PCF P . 52.89 24.36 63.36
C36 PCF P . 54.13 23.49 63.12
C37 PCF P . 55.30 24.05 63.92
O21 PCF P . 52.54 27.75 59.30
O22 PCF P . 52.95 28.92 57.34
C21 PCF P . 53.10 28.72 58.54
C22 PCF P . 54.15 29.57 59.27
C23 PCF P . 54.73 28.77 60.43
C24 PCF P . 55.80 29.62 61.11
C25 PCF P . 56.45 28.85 62.24
C26 PCF P . 57.62 29.68 62.76
C27 PCF P . 58.34 28.94 63.88
C28 PCF P . 59.54 29.77 64.32
C29 PCF P . 60.26 29.07 65.47
C30 PCF P . 61.06 29.90 66.48
C47 PCF P . 61.79 29.22 67.64
N PCF Q . 45.88 20.77 59.18
P PCF Q . 48.07 18.04 60.46
O11 PCF Q . 49.42 17.16 60.60
O12 PCF Q . 46.92 17.22 59.98
O13 PCF Q . 48.45 19.27 59.50
O14 PCF Q . 47.88 18.59 61.96
C11 PCF Q . 48.24 20.62 59.94
C12 PCF Q . 46.79 20.85 60.33
C13 PCF Q . 46.35 21.58 58.04
C14 PCF Q . 45.64 19.38 58.73
C15 PCF Q . 44.59 21.31 59.61
C1 PCF Q . 50.68 17.80 60.45
C2 PCF Q . 51.21 18.28 61.81
C3 PCF Q . 51.67 17.09 62.66
O31 PCF Q . 50.58 16.21 62.96
O32 PCF Q . 50.22 15.04 64.85
C31 PCF Q . 50.97 15.33 63.93
C32 PCF Q . 52.37 14.67 63.91
C33 PCF Q . 53.32 15.54 64.74
C34 PCF Q . 54.74 15.00 64.69
C35 PCF Q . 55.66 16.01 65.39
C36 PCF Q . 57.07 15.45 65.46
C37 PCF Q . 57.97 16.45 66.17
C38 PCF Q . 59.36 15.84 66.34
C39 PCF Q . 60.28 16.86 67.02
O21 PCF Q . 52.32 19.09 61.58
O22 PCF Q . 50.95 20.67 60.57
C21 PCF Q . 52.01 20.30 61.06
C22 PCF Q . 53.20 21.28 61.04
C23 PCF Q . 54.29 20.88 62.04
C24 PCF Q . 55.53 21.74 61.85
C25 PCF Q . 56.62 21.30 62.82
P PCF R . 49.97 44.69 40.87
O11 PCF R . 51.21 45.41 41.62
O12 PCF R . 50.34 44.20 39.53
O13 PCF R . 48.75 45.73 40.88
O14 PCF R . 49.54 43.49 41.86
C1 PCF R . 52.20 44.62 42.29
C2 PCF R . 53.14 45.54 43.07
C3 PCF R . 52.44 46.01 44.34
O31 PCF R . 51.08 46.36 44.07
O32 PCF R . 49.67 47.80 45.15
C31 PCF R . 50.39 46.80 45.17
C32 PCF R . 50.53 45.97 46.45
C33 PCF R . 51.66 46.56 47.30
C34 PCF R . 52.07 45.57 48.39
C35 PCF R . 53.35 46.08 49.05
C36 PCF R . 53.86 45.06 50.07
C37 PCF R . 55.19 45.57 50.63
C38 PCF R . 55.71 44.61 51.69
C39 PCF R . 57.04 45.16 52.22
C40 PCF R . 57.56 44.26 53.33
C41 PCF R . 58.87 44.83 53.87
C42 PCF R . 59.38 43.95 55.02
O21 PCF R . 54.38 44.87 43.42
O22 PCF R . 53.69 42.72 43.82
C21 PCF R . 54.20 43.77 44.21
C22 PCF R . 54.69 43.90 45.66
C23 PCF R . 56.05 43.21 45.80
C24 PCF R . 56.32 42.94 47.28
C25 PCF R . 57.75 42.40 47.46
C26 PCF R . 57.91 42.00 48.93
C27 PCF R . 59.39 41.76 49.24
C28 PCF R . 59.52 41.45 50.73
C29 PCF R . 60.98 41.52 51.16
C30 PCF R . 61.34 42.02 52.55
C47 PCF R . 62.80 42.12 52.99
C48 PCF R . 62.87 42.02 54.52
C49 PCF R . 64.33 42.23 54.96
P PCF S . 56.92 48.44 39.34
O11 PCF S . 57.97 47.51 40.15
O12 PCF S . 55.69 48.72 40.12
O13 PCF S . 56.64 47.72 37.93
O14 PCF S . 57.75 49.79 39.00
C1 PCF S . 57.76 46.10 40.20
C2 PCF S . 58.89 45.43 41.02
C3 PCF S . 60.17 45.44 40.18
O31 PCF S . 61.21 44.74 40.88
O32 PCF S . 61.98 43.89 38.90
C31 PCF S . 62.19 44.36 40.01
C32 PCF S . 63.62 44.55 40.53
C33 PCF S . 64.09 43.27 41.19
C34 PCF S . 65.50 43.45 41.75
C35 PCF S . 65.93 42.19 42.49
C36 PCF S . 67.32 42.38 43.08
C37 PCF S . 68.31 42.66 41.95
O21 PCF S . 59.07 46.16 42.23
O22 PCF S . 56.91 45.57 42.86
C21 PCF S . 58.04 45.98 43.12
C22 PCF S . 58.39 46.33 44.57
C23 PCF S . 59.84 45.92 44.87
C24 PCF S . 60.08 46.10 46.37
C25 PCF S . 61.47 45.60 46.73
C26 PCF S . 61.63 45.67 48.26
C27 PCF S . 63.00 45.11 48.66
C28 PCF S . 63.13 45.14 50.18
C29 PCF S . 64.49 44.59 50.58
N PCF T . 97.49 1.46 61.48
P PCF T . 94.46 1.70 57.76
O11 PCF T . 93.35 2.63 58.47
O12 PCF T . 94.23 0.26 58.06
O13 PCF T . 95.90 2.24 58.25
O14 PCF T . 94.34 2.02 56.18
C11 PCF T . 96.69 1.45 59.14
C12 PCF T . 97.10 2.30 60.34
C13 PCF T . 96.36 0.63 61.90
C14 PCF T . 98.62 0.59 61.09
C15 PCF T . 97.92 2.31 62.59
C1 PCF T . 92.15 2.97 57.76
C2 PCF T . 91.10 1.90 58.01
C3 PCF T . 89.84 2.24 57.21
O31 PCF T . 88.92 2.95 58.05
O32 PCF T . 87.12 3.98 57.10
C31 PCF T . 87.69 2.97 57.49
C32 PCF T . 87.01 1.60 57.39
C33 PCF T . 85.87 1.67 56.36
C34 PCF T . 84.79 2.62 56.86
C35 PCF T . 84.53 3.70 55.80
C36 PCF T . 83.66 3.11 54.69
C37 PCF T . 82.20 3.52 54.92
C38 PCF T . 81.28 2.53 54.21
C39 PCF T . 79.85 2.78 54.62
C40 PCF T . 79.01 1.53 54.33
C41 PCF T . 77.57 1.93 54.01
C42 PCF T . 76.80 0.70 53.52
C43 PCF T . 75.51 1.15 52.82
O21 PCF T . 91.61 0.63 57.57
O22 PCF T . 92.26 -1.20 58.77
C21 PCF T . 91.39 -0.41 58.43
C22 PCF T . 89.95 -0.55 58.94
C23 PCF T . 89.38 -1.88 58.45
C24 PCF T . 87.99 -1.63 57.83
C25 PCF T . 87.19 -2.92 57.84
C26 PCF T . 86.20 -2.92 56.68
C27 PCF T . 84.82 -2.54 57.20
C28 PCF T . 83.75 -3.37 56.48
C44 PCF T . 74.32 0.40 53.41
C45 PCF T . 73.21 1.40 53.76
C46 PCF T . 71.94 0.64 54.17
N PCF U . 78.08 21.16 82.15
P PCF U . 75.46 18.83 78.84
O11 PCF U . 75.57 19.95 77.69
O12 PCF U . 74.33 19.12 79.77
O13 PCF U . 76.90 18.79 79.58
O14 PCF U . 75.27 17.43 78.07
C11 PCF U . 77.04 19.28 80.91
C12 PCF U . 78.19 20.28 80.96
C13 PCF U . 76.82 21.92 82.09
C14 PCF U . 78.09 20.34 83.36
C15 PCF U . 79.22 22.08 82.18
C1 PCF U . 74.89 19.75 76.44
C2 PCF U . 73.46 20.32 76.56
C3 PCF U . 72.72 20.07 75.25
O31 PCF U . 72.82 21.21 74.41
O32 PCF U . 72.20 21.03 72.22
C31 PCF U . 71.91 21.15 73.41
C32 PCF U . 70.45 21.23 73.86
C33 PCF U . 69.54 20.70 72.75
C34 PCF U . 69.64 21.61 71.53
C35 PCF U . 70.02 20.78 70.30
C36 PCF U . 68.78 20.04 69.79
C37 PCF U . 68.19 20.81 68.61
C38 PCF U . 66.71 20.43 68.46
C39 PCF U . 66.04 21.36 67.47
C40 PCF U . 64.54 21.33 67.68
C41 PCF U . 63.82 21.57 66.36
C42 PCF U . 62.31 21.36 66.55
C43 PCF U . 61.64 21.20 65.17
O21 PCF U . 72.78 19.65 77.64
O22 PCF U . 72.16 20.44 79.68
C21 PCF U . 72.07 20.48 78.46
C22 PCF U . 71.16 21.47 77.76
C23 PCF U . 69.70 21.17 78.13
C24 PCF U . 68.85 21.12 76.86
C25 PCF U . 67.39 21.35 77.22
C26 PCF U . 66.49 20.64 76.21
C27 PCF U . 65.98 21.65 75.18
C28 PCF U . 64.53 21.34 74.83
C44 PCF U . 60.45 22.15 65.06
C45 PCF U . 60.53 22.94 63.75
C46 PCF U . 59.25 23.74 63.55
N PCF V . 89.04 58.00 52.15
P PCF V . 86.55 56.82 48.13
O11 PCF V . 85.07 56.18 47.94
O12 PCF V . 87.51 56.34 47.10
O13 PCF V . 87.02 56.49 49.64
O14 PCF V . 86.33 58.42 48.06
C11 PCF V . 87.16 57.56 50.58
C12 PCF V . 87.96 57.06 51.79
C13 PCF V . 90.03 58.05 51.05
C14 PCF V . 88.49 59.34 52.38
C15 PCF V . 89.71 57.54 53.37
C1 PCF V . 84.81 54.81 48.22
C2 PCF V . 83.87 54.70 49.43
C3 PCF V . 82.45 55.11 49.02
O31 PCF V . 82.50 56.24 48.14
O32 PCF V . 81.67 58.33 48.52
C31 PCF V . 81.50 57.13 48.33
C32 PCF V . 80.08 56.54 48.31
C33 PCF V . 79.96 55.56 47.15
C34 PCF V . 78.92 54.49 47.50
C35 PCF V . 79.11 53.28 46.58
C36 PCF V . 78.38 53.54 45.26
C37 PCF V . 76.88 53.42 45.47
C38 PCF V . 76.25 52.68 44.29
O21 PCF V . 83.86 53.36 49.91
O22 PCF V . 83.92 53.57 52.19
C21 PCF V . 83.30 53.32 51.16
C22 PCF V . 81.82 52.94 51.19
C23 PCF V . 81.68 51.43 51.28
C24 PCF V . 80.72 50.95 50.18
C25 PCF V . 79.78 49.90 50.75
C26 PCF V . 79.83 48.65 49.87
C27 PCF V . 79.43 49.03 48.44
C28 PCF V . 78.21 48.22 48.02
C29 PCF V . 78.45 47.60 46.64
C30 PCF V . 77.27 47.33 45.71
N PCF W . 77.46 48.62 66.96
P PCF W . 73.35 49.29 64.96
O11 PCF W . 72.72 48.43 63.75
O12 PCF W . 72.51 50.46 65.28
O13 PCF W . 74.85 49.67 64.55
O14 PCF W . 73.45 48.26 66.20
C11 PCF W . 75.96 48.88 65.01
C12 PCF W . 76.61 49.57 66.21
C13 PCF W . 76.63 47.52 67.48
C14 PCF W . 78.48 48.07 66.06
C15 PCF W . 78.11 49.31 68.08
C1 PCF W . 71.32 48.50 63.49
C2 PCF W . 71.10 48.51 61.98
C3 PCF W . 69.64 48.16 61.65
O31 PCF W . 68.78 49.16 62.23
O32 PCF W . 68.79 48.53 64.43
C31 PCF W . 68.18 48.77 63.39
C32 PCF W . 66.66 48.62 63.31
C33 PCF W . 66.30 47.52 62.30
C34 PCF W . 64.83 47.16 62.43
C35 PCF W . 64.20 47.09 61.04
C36 PCF W . 62.74 46.69 61.16
C37 PCF W . 62.11 46.60 59.76
O21 PCF W . 71.40 49.81 61.48
O22 PCF W . 73.31 50.57 62.49
C21 PCF W . 72.74 50.03 61.54
C22 PCF W . 73.54 49.53 60.33
C23 PCF W . 73.48 50.59 59.23
C24 PCF W . 72.89 49.99 57.96
C25 PCF W . 73.93 50.00 56.85
C26 PCF W . 73.25 49.71 55.51
C27 PCF W . 72.45 48.41 55.62
C28 PCF W . 70.96 48.73 55.68
C29 PCF W . 70.29 48.24 54.40
C30 PCF W . 71.02 48.36 53.06
P PCF X . 85.43 61.99 45.53
O11 PCF X . 83.98 61.65 46.16
O12 PCF X . 85.82 61.03 44.47
O13 PCF X . 86.46 62.05 46.76
O14 PCF X . 85.29 63.50 44.95
C1 PCF X . 83.44 60.33 46.06
C2 PCF X . 82.08 60.38 45.36
C3 PCF X . 82.29 60.68 43.87
O31 PCF X . 83.18 59.72 43.30
O32 PCF X . 84.33 61.13 41.91
C31 PCF X . 83.60 60.15 42.09
C32 PCF X . 83.09 59.33 40.90
C33 PCF X . 82.12 60.15 40.07
C34 PCF X . 81.33 59.23 39.14
C35 PCF X . 80.03 59.92 38.72
O21 PCF X . 81.43 59.12 45.50
O22 PCF X . 79.42 58.20 44.89
C21 PCF X . 80.16 59.18 45.03
P PCF Y . 63.95 35.63 30.23
O11 PCF Y . 65.04 36.59 30.94
O12 PCF Y . 64.44 35.08 28.94
O13 PCF Y . 62.59 36.48 30.11
O14 PCF Y . 63.66 34.46 31.30
C1 PCF Y . 65.94 36.05 31.91
C2 PCF Y . 66.80 37.16 32.51
C3 PCF Y . 65.94 38.19 33.23
O31 PCF Y . 64.91 38.69 32.38
O32 PCF Y . 64.01 40.77 32.17
C31 PCF Y . 64.28 39.79 32.87
C32 PCF Y . 63.87 39.78 34.35
C33 PCF Y . 65.03 40.37 35.17
C34 PCF Y . 65.03 39.78 36.57
C35 PCF Y . 66.36 40.15 37.24
C36 PCF Y . 66.47 39.42 38.58
C37 PCF Y . 67.82 39.74 39.24
O21 PCF Y . 67.69 36.64 33.49
O22 PCF Y . 68.37 34.72 32.38
C21 PCF Y . 68.59 35.77 32.97
C22 PCF Y . 70.04 36.10 33.30
C23 PCF Y . 70.11 36.93 34.58
C24 PCF Y . 71.57 37.19 34.91
C25 PCF Y . 71.68 37.98 36.22
C26 PCF Y . 73.16 38.06 36.58
C27 PCF Y . 73.34 38.80 37.90
C28 PCF Y . 74.82 38.79 38.26
C29 PCF Y . 75.04 39.57 39.56
C30 PCF Y . 76.39 40.25 39.82
C47 PCF Y . 76.62 41.02 41.12
N PCF Z . 58.27 38.70 33.79
P PCF Z . 57.98 38.96 37.49
O11 PCF Z . 58.25 38.56 39.04
O12 PCF Z . 56.54 38.90 37.16
O13 PCF Z . 58.91 37.98 36.61
O14 PCF Z . 58.61 40.46 37.44
C11 PCF Z . 59.87 38.52 35.70
C12 PCF Z . 59.17 39.44 34.68
C13 PCF Z . 58.91 37.50 33.21
C14 PCF Z . 57.00 38.32 34.45
C15 PCF Z . 57.92 39.60 32.68
C1 PCF Z . 59.51 37.98 39.41
C2 PCF Z . 60.49 39.07 39.82
C3 PCF Z . 60.12 39.64 41.19
O31 PCF Z . 58.84 40.29 41.16
O32 PCF Z . 58.18 42.13 42.28
C31 PCF Z . 58.67 41.00 42.31
C32 PCF Z . 59.09 40.44 43.70
C33 PCF Z . 60.52 40.90 43.97
C34 PCF Z . 61.05 40.30 45.27
C35 PCF Z . 62.53 40.67 45.40
C36 PCF Z . 63.05 40.17 46.75
C37 PCF Z . 64.53 40.54 46.88
C38 PCF Z . 65.03 40.15 48.27
C39 PCF Z . 66.51 40.49 48.38
O21 PCF Z . 61.76 38.49 39.94
O22 PCF Z . 61.79 38.12 37.66
C21 PCF Z . 62.32 38.16 38.76
C22 PCF Z . 63.80 37.74 38.87
C23 PCF Z . 64.43 38.26 40.17
C24 PCF Z . 65.83 37.65 40.35
C25 PCF Z . 66.42 38.13 41.66
P PCF AA . 74.00 21.88 14.38
O11 PCF AA . 75.50 22.15 14.93
O12 PCF AA . 73.59 20.47 14.55
O13 PCF AA . 73.96 22.40 12.86
O14 PCF AA . 73.07 22.88 15.23
C1 PCF AA . 75.72 22.35 16.33
C2 PCF AA . 77.18 22.78 16.55
C3 PCF AA . 77.34 24.25 16.16
O31 PCF AA . 76.64 24.52 14.94
O32 PCF AA . 76.99 26.12 13.35
C31 PCF AA . 76.75 25.81 14.51
C32 PCF AA . 76.52 26.91 15.57
C33 PCF AA . 77.87 27.30 16.17
C34 PCF AA . 77.66 28.11 17.46
C35 PCF AA . 79.01 28.27 18.15
C36 PCF AA . 78.84 28.97 19.50
C37 PCF AA . 80.20 29.01 20.19
C38 PCF AA . 80.09 29.75 21.52
C39 PCF AA . 81.46 29.78 22.17
C40 PCF AA . 81.40 30.57 23.48
C41 PCF AA . 82.79 30.61 24.12
C42 PCF AA . 82.74 31.44 25.40
O21 PCF AA . 77.58 22.61 17.93
O22 PCF AA . 75.66 23.12 19.07
C21 PCF AA . 76.84 23.34 18.82
C22 PCF AA . 77.57 24.51 19.49
C23 PCF AA . 77.99 24.09 20.90
C24 PCF AA . 78.31 25.35 21.72
C25 PCF AA . 78.87 24.96 23.09
C26 PCF AA . 79.03 26.22 23.92
C27 PCF AA . 79.89 25.96 25.15
C28 PCF AA . 80.06 27.27 25.91
C29 PCF AA . 81.18 27.12 26.94
C30 PCF AA . 82.08 28.32 27.27
C47 PCF AA . 83.20 28.19 28.30
C48 PCF AA . 83.52 29.56 28.88
C49 PCF AA . 84.71 29.44 29.82
P PCF BA . 80.92 18.08 15.90
O11 PCF BA . 81.11 18.38 17.48
O12 PCF BA . 80.50 19.28 15.14
O13 PCF BA . 79.91 16.83 15.78
O14 PCF BA . 82.36 17.53 15.40
C1 PCF BA . 79.97 18.43 18.33
C2 PCF BA . 80.41 18.73 19.77
C3 PCF BA . 81.07 17.47 20.35
O31 PCF BA . 81.40 17.70 21.73
O32 PCF BA . 80.84 15.53 22.22
C31 PCF BA . 81.57 16.50 22.37
C32 PCF BA . 82.76 16.46 23.35
C33 PCF BA . 82.28 16.84 24.75
C34 PCF BA . 83.46 16.84 25.71
C35 PCF BA . 82.99 17.29 27.09
C36 PCF BA . 84.17 17.33 28.05
C37 PCF BA . 84.77 15.93 28.18
O21 PCF BA . 81.31 19.84 19.76
O22 PCF BA . 79.61 21.18 18.95
C21 PCF BA . 80.71 21.03 19.49
C22 PCF BA . 81.51 22.25 19.92
C23 PCF BA . 82.23 21.97 21.24
C24 PCF BA . 82.84 23.28 21.73
C25 PCF BA . 83.47 23.07 23.12
C26 PCF BA . 83.96 24.42 23.64
C27 PCF BA . 84.54 24.26 25.04
C28 PCF BA . 84.98 25.62 25.57
C29 PCF BA . 85.57 25.46 26.98
N PCF CA . 84.57 48.13 61.79
P PCF CA . 80.44 45.94 60.65
O11 PCF CA . 81.06 44.87 59.63
O12 PCF CA . 80.12 47.22 59.98
O13 PCF CA . 81.50 46.09 61.87
O14 PCF CA . 79.12 45.24 61.26
C11 PCF CA . 82.25 47.29 62.01
C12 PCF CA . 83.74 46.96 62.10
C13 PCF CA . 84.30 48.58 60.41
C14 PCF CA . 84.25 49.23 62.72
C15 PCF CA . 85.99 47.78 61.93
C1 PCF CA . 80.19 43.97 58.93
C2 PCF CA . 79.71 44.63 57.64
C3 PCF CA . 78.75 43.67 56.93
O31 PCF CA . 79.46 42.89 55.96
O32 PCF CA . 78.43 41.09 55.01
C31 PCF CA . 78.59 42.31 55.09
C32 PCF CA . 77.82 43.27 54.20
C33 PCF CA . 76.59 42.54 53.63
C34 PCF CA . 77.05 41.42 52.71
C35 PCF CA . 76.40 40.11 53.17
C36 PCF CA . 74.95 40.05 52.70
C37 PCF CA . 74.86 39.21 51.43
C38 PCF CA . 73.59 39.61 50.66
C39 PCF CA . 73.61 38.97 49.28
C40 PCF CA . 72.66 39.72 48.36
C41 PCF CA . 72.08 38.77 47.31
C42 PCF CA . 70.99 39.48 46.52
C43 PCF CA . 70.14 38.46 45.78
O21 PCF CA . 79.03 45.84 57.95
O22 PCF CA . 79.65 48.01 57.60
C21 PCF CA . 79.36 46.90 57.16
C22 PCF CA . 79.33 46.64 55.66
C23 PCF CA . 78.25 47.51 55.01
C24 PCF CA . 77.37 46.64 54.10
C25 PCF CA . 76.67 47.53 53.07
C26 PCF CA . 75.35 46.89 52.66
C27 PCF CA . 75.53 46.17 51.32
C28 PCF CA . 74.27 46.36 50.47
C44 PCF CA . 70.03 38.83 44.30
C45 PCF CA . 70.36 37.63 43.43
C46 PCF CA . 70.07 37.94 41.97
N PCF DA . 111.68 18.51 34.37
P PCF DA . 108.32 15.65 32.31
O11 PCF DA . 106.84 15.98 31.72
O12 PCF DA . 108.37 14.31 32.95
O13 PCF DA . 108.71 16.85 33.31
O14 PCF DA . 109.31 15.75 31.05
C11 PCF DA . 109.79 17.73 32.97
C12 PCF DA . 110.22 18.53 34.20
C13 PCF DA . 112.13 17.13 34.65
C14 PCF DA . 112.34 19.00 33.16
C15 PCF DA . 112.06 19.37 35.51
C1 PCF DA . 105.74 16.26 32.58
C2 PCF DA . 105.32 17.73 32.41
C3 PCF DA . 104.59 17.90 31.07
O31 PCF DA . 105.25 17.13 30.06
O32 PCF DA . 106.30 17.91 28.18
C31 PCF DA . 105.28 17.74 28.84
C32 PCF DA . 103.92 18.21 28.31
C33 PCF DA . 102.87 17.12 28.55
C34 PCF DA . 101.50 17.78 28.72
C35 PCF DA . 100.54 16.79 29.38
C36 PCF DA . 99.96 15.85 28.33
C37 PCF DA . 98.94 16.60 27.48
C38 PCF DA . 97.73 15.69 27.22
O21 PCF DA . 104.44 18.11 33.48
O22 PCF DA . 105.13 20.21 34.07
C21 PCF DA . 104.32 19.46 33.51
C22 PCF DA . 103.09 20.03 32.81
C23 PCF DA . 101.92 20.08 33.79
C24 PCF DA . 100.71 19.39 33.15
C25 PCF DA . 99.45 20.21 33.43
C26 PCF DA . 98.39 19.31 34.05
C27 PCF DA . 98.09 18.16 33.10
C28 PCF DA . 96.60 18.18 32.71
C29 PCF DA . 96.01 16.78 32.88
C30 PCF DA . 94.85 16.34 32.00
N PCF EA . 100.57 36.02 37.74
P PCF EA . 97.92 35.74 33.97
O11 PCF EA . 96.63 34.80 33.77
O12 PCF EA . 98.29 36.41 32.70
O13 PCF EA . 99.10 34.81 34.57
O14 PCF EA . 97.52 36.79 35.12
C11 PCF EA . 99.34 34.79 35.97
C12 PCF EA . 100.52 35.70 36.30
C13 PCF EA . 99.35 36.74 38.10
C14 PCF EA . 100.64 34.78 38.51
C15 PCF EA . 101.74 36.85 38.03
C1 PCF EA . 95.70 35.08 32.72
C2 PCF EA . 95.23 33.76 32.10
C3 PCF EA . 93.96 33.99 31.29
O31 PCF EA . 94.24 34.90 30.21
O32 PCF EA . 94.28 36.90 31.32
C31 PCF EA . 93.82 36.18 30.45
C32 PCF EA . 92.70 36.66 29.52
C33 PCF EA . 91.45 35.80 29.74
C34 PCF EA . 90.25 36.45 29.05
C35 PCF EA . 89.49 35.39 28.25
C36 PCF EA . 88.26 36.02 27.60
C37 PCF EA . 87.49 34.96 26.83
O21 PCF EA . 96.26 33.25 31.26
O22 PCF EA . 98.27 33.53 32.30
C21 PCF EA . 97.31 32.83 32.01
C22 PCF EA . 97.20 31.39 32.50
C23 PCF EA . 97.70 30.44 31.40
C24 PCF EA . 96.58 29.46 31.04
C25 PCF EA . 97.04 28.04 31.38
C26 PCF EA . 96.08 27.04 30.73
C27 PCF EA . 94.64 27.37 31.13
C28 PCF EA . 93.91 27.99 29.94
C29 PCF EA . 92.84 27.03 29.44
C30 PCF EA . 93.11 25.53 29.43
P PCF FA . 110.75 13.94 27.23
O11 PCF FA . 109.69 15.05 26.70
O12 PCF FA . 110.07 12.77 27.81
O13 PCF FA . 111.74 14.71 28.24
O14 PCF FA . 111.63 13.55 25.93
C1 PCF FA . 108.36 15.09 27.22
C2 PCF FA . 107.35 14.93 26.08
C3 PCF FA . 107.39 13.51 25.55
O31 PCF FA . 107.15 12.59 26.62
O32 PCF FA . 108.60 10.96 25.98
C31 PCF FA . 107.46 11.33 26.23
C32 PCF FA . 106.27 10.38 26.10
C33 PCF FA . 106.05 10.02 24.64
C34 PCF FA . 104.67 9.40 24.47
C35 PCF FA . 104.22 9.54 23.01
O21 PCF FA . 106.05 15.25 26.56
O22 PCF FA . 103.94 15.38 25.69
C21 PCF FA . 105.15 15.29 25.54
P PCF GA . 74.26 6.30 26.55
O11 PCF GA . 75.82 6.62 26.83
O12 PCF GA . 73.90 4.90 26.85
O13 PCF GA . 73.95 6.75 25.03
O14 PCF GA . 73.46 7.34 27.50
C1 PCF GA . 76.23 7.15 28.09
C2 PCF GA . 77.73 7.44 28.07
C3 PCF GA . 78.07 8.49 27.02
O31 PCF GA . 77.58 8.11 25.73
O32 PCF GA . 78.44 8.37 23.65
C31 PCF GA . 78.07 8.86 24.71
C32 PCF GA . 78.12 10.38 24.91
C33 PCF GA . 79.48 10.75 25.51
C34 PCF GA . 79.37 12.02 26.35
C35 PCF GA . 80.65 12.16 27.18
C36 PCF GA . 80.49 13.32 28.17
C37 PCF GA . 81.75 13.43 29.02
O21 PCF GA . 78.15 7.99 29.32
O22 PCF GA . 76.96 6.60 30.74
C21 PCF GA . 78.00 7.12 30.35
C22 PCF GA . 79.25 6.91 31.18
C23 PCF GA . 80.18 8.12 31.04
C24 PCF GA . 81.41 7.89 31.92
C25 PCF GA . 82.33 9.10 31.86
C26 PCF GA . 83.44 8.89 32.89
C27 PCF GA . 84.38 10.09 32.90
C28 PCF GA . 85.43 9.87 33.98
C29 PCF GA . 86.42 11.03 33.99
C30 PCF GA . 87.84 10.82 34.49
C47 PCF GA . 88.85 11.97 34.50
N PCF HA . 73.54 11.89 21.79
P PCF HA . 74.37 15.45 22.56
O11 PCF HA . 74.59 16.75 23.47
O12 PCF HA . 73.31 15.67 21.54
O13 PCF HA . 74.06 14.23 23.57
O14 PCF HA . 75.83 15.24 21.92
C11 PCF HA . 74.88 13.05 23.54
C12 PCF HA . 74.87 12.42 22.15
C13 PCF HA . 72.97 11.05 22.85
C14 PCF HA . 72.59 12.95 21.42
C15 PCF HA . 73.72 11.05 20.61
C1 PCF HA . 75.07 16.60 24.82
C2 PCF HA . 76.59 16.67 24.84
C3 PCF HA . 77.06 18.11 24.63
O31 PCF HA . 76.69 18.60 23.34
O32 PCF HA . 77.83 19.98 21.97
C31 PCF HA . 77.35 19.76 23.08
C32 PCF HA . 77.51 20.86 24.16
C33 PCF HA . 78.85 20.61 24.88
C34 PCF HA . 79.05 21.58 26.03
C35 PCF HA . 80.30 21.18 26.80
C36 PCF HA . 80.59 22.20 27.89
C37 PCF HA . 81.84 21.79 28.65
C38 PCF HA . 82.20 22.87 29.66
C39 PCF HA . 83.44 22.44 30.44
O21 PCF HA . 77.02 16.28 26.11
O22 PCF HA . 76.28 14.13 25.69
C21 PCF HA . 76.89 14.94 26.35
C22 PCF HA . 77.59 14.49 27.64
C23 PCF HA . 78.66 15.47 28.10
C24 PCF HA . 79.17 15.09 29.49
C25 PCF HA . 80.19 16.12 29.95
P PCF IA . 67.32 -12.79 38.40
O11 PCF IA . 68.62 -12.83 39.37
O12 PCF IA . 66.07 -12.55 39.15
O13 PCF IA . 67.34 -14.17 37.57
O14 PCF IA . 67.63 -11.61 37.34
C1 PCF IA . 69.22 -11.60 39.80
C2 PCF IA . 70.53 -11.90 40.53
C3 PCF IA . 71.62 -12.26 39.51
O31 PCF IA . 71.09 -13.13 38.50
O32 PCF IA . 72.12 -14.65 37.16
C31 PCF IA . 72.00 -13.50 37.55
C32 PCF IA . 72.88 -12.38 36.97
C33 PCF IA . 74.18 -12.30 37.76
C34 PCF IA . 74.91 -10.99 37.46
C35 PCF IA . 76.06 -10.83 38.45
C36 PCF IA . 76.75 -9.49 38.25
C37 PCF IA . 77.82 -9.34 39.34
C38 PCF IA . 78.59 -8.03 39.14
C39 PCF IA . 79.65 -7.92 40.23
C40 PCF IA . 80.46 -6.65 40.03
C41 PCF IA . 81.54 -6.57 41.12
C42 PCF IA . 82.40 -5.32 40.90
O21 PCF IA . 70.97 -10.78 41.32
O22 PCF IA . 70.34 -8.98 40.05
C21 PCF IA . 71.23 -9.64 40.60
C22 PCF IA . 72.69 -9.23 40.48
C23 PCF IA . 72.97 -8.10 41.47
C24 PCF IA . 74.26 -7.39 41.05
C25 PCF IA . 74.66 -6.35 42.10
C26 PCF IA . 75.87 -5.58 41.58
C27 PCF IA . 76.51 -4.77 42.71
C28 PCF IA . 77.75 -4.06 42.15
C29 PCF IA . 78.59 -3.52 43.29
C30 PCF IA . 80.11 -3.49 43.16
C47 PCF IA . 80.98 -2.95 44.30
C48 PCF IA . 82.31 -2.46 43.74
C49 PCF IA . 83.21 -2.04 44.90
P PCF JA . 69.42 -14.11 46.06
O11 PCF JA . 70.11 -12.70 46.44
O12 PCF JA . 69.84 -14.60 44.72
O13 PCF JA . 67.84 -13.91 46.19
O14 PCF JA . 69.86 -15.13 47.24
C1 PCF JA . 69.60 -11.48 45.90
C2 PCF JA . 70.42 -10.29 46.42
C3 PCF JA . 70.07 -10.06 47.88
O31 PCF JA . 70.75 -8.89 48.36
O32 PCF JA . 68.93 -8.33 49.63
C31 PCF JA . 70.15 -8.41 49.49
C32 PCF JA . 71.10 -7.95 50.58
C33 PCF JA . 71.37 -6.45 50.43
C34 PCF JA . 72.35 -6.00 51.50
C35 PCF JA . 72.67 -4.52 51.29
C36 PCF JA . 73.70 -4.05 52.33
C37 PCF JA . 73.10 -4.23 53.72
O21 PCF JA . 71.81 -10.58 46.26
O22 PCF JA . 71.49 -10.65 43.96
C21 PCF JA . 72.22 -10.56 44.95
C22 PCF JA . 73.72 -10.40 44.77
C23 PCF JA . 74.28 -9.45 45.83
C24 PCF JA . 75.74 -9.15 45.49
C25 PCF JA . 76.31 -8.11 46.45
C26 PCF JA . 77.72 -7.74 46.01
C27 PCF JA . 78.29 -6.66 46.93
C28 PCF JA . 79.67 -6.26 46.43
C29 PCF JA . 80.25 -5.18 47.35
#